data_8SHE
#
_entry.id   8SHE
#
_cell.length_a   1.00
_cell.length_b   1.00
_cell.length_c   1.00
_cell.angle_alpha   90.00
_cell.angle_beta   90.00
_cell.angle_gamma   90.00
#
_symmetry.space_group_name_H-M   'P 1'
#
loop_
_entity.id
_entity.type
_entity.pdbx_description
1 polymer 'Guanine nucleotide-binding protein subunit beta-5'
2 polymer 'T-complex protein 1 subunit alpha'
3 polymer 'T-complex protein 1 subunit beta'
4 polymer 'T-complex protein 1 subunit delta'
5 polymer 'T-complex protein 1 subunit epsilon'
6 polymer 'T-complex protein 1 subunit gamma'
7 polymer 'T-complex protein 1 subunit eta, N-terminally processed'
8 polymer 'T-complex protein 1 subunit theta'
9 polymer 'T-complex protein 1 subunit zeta'
10 non-polymer "ADENOSINE-5'-DIPHOSPHATE"
11 non-polymer 'MAGNESIUM ION'
12 non-polymer 'ALUMINUM FLUORIDE'
13 water water
#
loop_
_entity_poly.entity_id
_entity_poly.type
_entity_poly.pdbx_seq_one_letter_code
_entity_poly.pdbx_strand_id
1 'polypeptide(L)'
;MCDQTFLVNVFGSCDKCFKQRALRPVFKKSQQLSYCSTCAEIMATEGLHENETLASLKSEAESLKGKLEEERAKLHDVEL
HQVAERVEALGQFVMKTRRTLKGHGNKVLCMDWCKDKRRIVSSSQDGKVIVWDSFTTNKEHAVTMPCTWVMACAYAPSGC
AIACGGLDNKCSVYPLTFDKNENMAAKKKSVAMHTNYLSACSFTNSDMQILTASGDGTCALWDVESGQLLQSFHGHGADV
LCLDLAPSETGNTFVSGGCDKKAMVWDMRSGQCVQAFETHESDINSVRYYPSGDAFASGSDDATCRLYDLRADREVAIYS
KESIIFGASSVDFSLSGRLLFAGYNDYTINVWDVLKGSRVSILFGHENRVSTLRVSPDGTAFCSGSWDHTLRVWA
;
N
2 'polypeptide(L)'
;EGPLSVFGDRSTGETIRSQNVMAAASIANIVKSSLGPVGLDKMLVDDIGDVTITNDGATILKLLEVEHPAAKVLCELADL
QDKEVGDGTTSVVIIAAELLKNADELVKQKIHPTSVISGYRLACKEAVRYINENLIVNTDELGRDCLINAAKTSMSSKII
GINGDFFANMVVDAVLAIKYTDIRGQPRYPVNSVNILKAHGRSQMESMLISGYALNCVVGSQGMPKRIVNAKIACLDFSL
QKTKMKLGVQVVITDPEKLDQIRQRESDITKERIQKILATGANVILTTGGIDDMCLKYFVEAGAMAVRRVLKRDLKRIAK
ASGATILSTLANLEGEETFEAAMLGQAEEVVQERICDDELILIKNTKARTSASIILRGANDFMCDEMERSLHDALCVVKR
VLESKSVVPGGGAVEAALSIYLENYATSMGSREQLAIAEFARSLLVIPNTLAVNAAQDSTDLVAKLRAFHNEAQVNPERK
NLKWIGLDLSNGKPRDNKQAGVFEPTIVKVKSLKFATEAAITILRIDDLIKLHPES
;
A,a
3 'polypeptide(L)'
;ASLSLAPVNIFKAGADEERAETARLTSFIGAIAIGDLVKSTLGPKGMDKILLSSGRDASLMVTNDGATILKNIGVDNPAA
KVLVDMSRVQDDEVGDGTTSVTVLAAELLREAESLIAKKIHPQTIIAGWREATKAAREALLSSAVDHGSDEVKFRQDLMN
IAGTTLSSKLLTHHKDHFTKLAVEAVLRLKGSGNLEAIHIIKKLGGSLADSYLDEGFLLDKKIGVNQPKRIENAKILIAN
TGMDTDKIKIFGSRVRVDSTAKVAEIEHAEKEKMKEKVERILKHGINCFINRQLIYNYPEQLFGAAGVMAIEHADFAGVE
RLALVTGGEIASTFDHPELVKLGSCKLIEEVMIGEDKLIHFSGVALGEACTIVLRGATQQILDEAERSLHDALCVLAQTV
KDSRTVYGGGCSEMLMAHAVTQLANRTPGKEAVAMESYAKALRMLPTIIADNAGYDSADLVAQLRAAHSEGNTTAGLDMR
EGTIGDMAILGITESFQVKRQVLLSAAEAAEVILRVDNIIKAAPRK
;
B,b
4 'polypeptide(L)'
;RGKGAYQDRDKPAQIRFSNISAAKAVADAIRTSLGPKGMDKMIQDGKGDVTITNDGATILKQMQVLHPAARMLVELSKAQ
DIEAGDGTTSVVIIAGSLLDSCTKLLQKGIHPTIISESFQKALEKGIEILTDMSRPVELSDRETLLNSATTSLNSKVVSQ
YSSLLSPMSVNAVMKVIDPATATSVDLRDIKIVKKLGGTIDDCELVEGLVLTQKVSNSGITRVEKAKIGLIQFCLSAPKT
DMDNQIVVSDYAQMDRVLREERAYILNLVKQIKKTGCNVLLIQKSILRDALSDLALHFLNKMKIMVIKDIEREDIEFICK
TIGTKPVAHIDQFTADMLGSAELAEEVNLNGSGKLLKITGCASPGKTVTIVVRGSNKLVIEEAERSIHDALCVIRCLVKK
RALIAGGGAPEIELALRLTEYSRTLSGMESYCVRAFADAMEVIPSTLAENAGLNPISTVTELRNRHAQGEKTAGINVRKG
GISNILEELVVQPLLVSVSALTLATETVRSILKIDDVVNT
;
D,d
5 'polypeptide(L)'
;ASMGTLAFDEYGRPFLIIKDQDRKSRLMGLEALKSHIMAAKAVANTMRTSLGPNGLDKMMVDKDGDVTVTNDGATILSMM
DVDHQIAKLMVELSKSQDDEIGDGTTGVVVLAGALLEEAEQLLDRGIHPIRIADGYEQAARVAIEHLDKISDSVLVDIKD
TEPLIQTAKTTLGSKVVNSCHRQMAEIAVNAVLTVADMERRDVDFELIKVEGKVGGRLEDTKLIKGVIVDKDFSHPQMPK
KVEDAKIAILTCPFEPPKPKTKHKLDVTSVEDYKALQKYEKEKFEEMIQQIKETGANLAICQWGFDDEANHLLLQNNLPA
VRWVGGPEIELIAIATGGRIVPRFSELTAEKLGFAGLVQEISFGTTKDKMLVIEQCKNSRAVTIFIRGGNKMIIEEAKRS
LHDALCVIRNLIRDNRVVYGGGAAEISCALAVSQEADKCPTLEQYAMRAFADALEVIPMALSENSGMNPIQTMTEVRARQ
VKEMNPALGIDCLHKGTNDMKQQHVIETLIGKKQQISLATQMVRMILKIDDIRKPGESEE
;
E,e
6 'polypeptide(L)'
;GHRPVLVLSQNTKRESGRKVQSGNINAAKTIADIIRTCLGPKSMMKMLLDPMGGIVMTNDGNAILREIQVQHPAAKSMIE
ISRTQDEEVGDGTTSVIILAGEMLSVAEHFLEQQMHPTVVISAYRKALDDMISTLKKISIPVDISDSDMMLNIINSSITT
KAISRWSSLACNIALDAVKMVQFEENGRKEIDIKKYARVEKIPGGIIEDSCVLRGVMINKDVTHPRMRRYIKNPRIVLLD
SSLEYKKGESQTDIEITREEDFTRILQMEEEYIQQLCEDIIQLKPDVVITEKGISDLAQHYLMRANITAIRRVRKTDNNR
IARACGARIVSRPEELREDDVGTGAGLLEIKKIGDEYFTFITDCKDPKACTILLRGASKEILSEVERNLQDAMQVCRNVL
LDPQLVPGGGASEMAVAHALTEKSKAMTGVEQWPYRAVAQALEVIPRTLIQNCGASTIRLLTSLRAKHTQENCETWGVNG
ETGTLVDMKELGIWEPLAVKLQTYKTAVETAVLLLRIDDIVSGHKKKG
;
G,g
7 'polypeptide(L)'
;MMPTPVILLKEGTDSSQGIPQLVSNISACQVIAEAVRTTLGPRGMDKLIVDGRGKATISNDGATILKLLDVVHPAAKTLV
DIAKSQDAEVGDGTTSVTLLAAEFLKQVKPYVEEGLHPQIIIRAFRTATQLAVNKIKEIAVTVKKADKVEQRKLLEKCAM
TALSSKLISQQKAFFAKMVVDAVMMLDDLLQLKMIGIKKVQGGALEDSQLVAGVAFKKTFSYAGFEMQPKKYHNPKIALL
NVELELKAEKDNAEIRVHTVEDYQAIVDAEWNILYDKLEKIHHSGAKVVLSKLPIGDVATQYFADRDMFCAGRVPEEDLK
RTMMACGGSIQTSVNALSADVLGRCQVFEETQIGGERYNFFTGCPKAKTCTFILRGGAEQFMEETERSLHDAIMIVRRAI
KNDSVVAGGGAIEMELSKYLRDYSRTIPGKQQLLIGAYAKALEIIPRQLCDNAGFDATNILNKLRARHAQGGTWYGVDIN
NEDIADNFEAFVWEPAMVRINALTAASEAACLIVSVDETIKNPRSTVD
;
H,h
8 'polypeptide(L)'
;ALHVPKAPGFAQMLKEGAKHFSGLEEAVYRNIQACKELAQTTRTAYGPNGMNKMVINHLEKLFVTNDAATILRELEVQHP
AAKMIVMASHMQEQEVGDGTNFVLVFAGALLELAEELLRIGLSVSEVIEGYEIACRKAHEILPNLVCCSAKNLRDIDEVS
SLLRTSIMSKQYGNEVFLAKLIAQACVSIFPDSGHFNVDNIRVCKILGSGISSSSVLHGMVFKKETEGDVTSVKDAKIAV
YSCPFDGMITETKGTVLIKTAEELMNFSKGEENLMDAQVKAIADTGANVVVTGGKVADMALHYANKYNIMLVRLNSKWDL
RRLCKTVGATALPRLTPPVLEEMGHCDSVYLSEVGDTQVVVFKHEKEDGAISTIVLRGSTDNLMDDIERAVDDGVNTFKV
LTRDKRLVPGGGATEIELAKQITSYGETCPGLEQYAIKKFAEAFEAIPRALAENSGVKANEVISKLYAVHQEGNKNVGLD
IEAEVPAVKDMLEAGILDTYLGKYWAIKLATNAAVTVLRVDQIIMAKPAGGPKPPSGK
;
Q,q
9 'polypeptide(L)'
;MAAVKTLNPKAEVARAQAALAVNISAARGLQDVLRTNLGPKGTMKMLVSGAGDIKLTKDGNVLLHEMQIQHPTASLIAKV
ATAQDDITGDGTTSNVLIIGELLKQADLYISEGLHPRIITEGFEAAKEKALQFLEEVKVSREMDRETLIDVARTSLRTKV
HAELADVLTEAVVDSILAIKKQDEPIDLFMIEIMEMKHKSETDTSLIRGLVLDHGARHPDMKKRVEDAYILTCNVSLEYE
KTEVNSGFFYKSAEEREKLVKAERKFIEDRVKKIIELKRKVCGDSDKGFVVINQKGIDPFSLDALSKEGIVALRRAKRRN
MERLTLACGGVALNSFDDLSPDCLGHAGLVYEYTLGEEKFTFIEKCNNPRSVTLLIKGPNKHTLTQIKDAVRDGLRAVKN
AIDDGCVVPGAGAVEVAMAEALIKHKPSVKGRAQLGVQAFADALLIIPKVLAQNSGFDLQETLVKIQAEHSESGQLVGVD
LNTGEPMVAAEVGVWDNYCVKKQLLHSCTVIATNILLVDEIMRAGMS
;
Z,z
#
loop_
_chem_comp.id
_chem_comp.type
_chem_comp.name
_chem_comp.formula
ADP non-polymer ADENOSINE-5'-DIPHOSPHATE 'C10 H15 N5 O10 P2'
AF3 non-polymer 'ALUMINUM FLUORIDE' 'Al F3'
MG non-polymer 'MAGNESIUM ION' 'Mg 2'
#
# COMPACT_ATOMS: atom_id res chain seq x y z
N LEU A 167 14.17 -3.39 17.62
CA LEU A 167 13.73 -3.48 16.24
C LEU A 167 14.91 -3.40 15.27
N ASP A 168 15.44 -2.18 15.10
CA ASP A 168 16.50 -1.97 14.13
C ASP A 168 17.81 -2.61 14.58
N ASN A 169 18.10 -2.62 15.88
CA ASN A 169 19.39 -3.13 16.33
C ASN A 169 19.40 -4.66 16.42
N LYS A 170 18.60 -5.22 17.33
CA LYS A 170 18.55 -6.66 17.59
C LYS A 170 19.94 -7.27 17.75
N CYS A 171 20.93 -6.46 18.11
CA CYS A 171 22.29 -6.93 18.30
C CYS A 171 23.00 -6.27 19.47
N SER A 172 22.30 -5.51 20.32
CA SER A 172 22.94 -4.82 21.42
C SER A 172 23.69 -5.80 22.33
N VAL A 173 23.15 -7.01 22.50
CA VAL A 173 23.86 -8.06 23.22
C VAL A 173 24.72 -8.81 22.20
N TYR A 174 25.87 -8.22 21.90
CA TYR A 174 26.83 -8.81 20.98
C TYR A 174 28.00 -9.31 21.82
N PRO A 175 29.03 -9.97 21.24
CA PRO A 175 30.08 -10.57 22.07
C PRO A 175 30.87 -9.59 22.93
N LEU A 176 30.45 -8.32 22.97
CA LEU A 176 31.06 -7.28 23.81
C LEU A 176 31.42 -7.80 25.20
N THR A 177 30.63 -8.71 25.75
CA THR A 177 30.89 -9.23 27.09
C THR A 177 32.24 -9.97 27.14
N PHE A 178 32.52 -10.80 26.13
CA PHE A 178 33.77 -11.55 26.04
C PHE A 178 34.09 -12.27 27.35
N ASP A 179 33.08 -12.95 27.89
CA ASP A 179 33.23 -13.64 29.17
C ASP A 179 33.95 -14.96 28.95
N LYS A 180 35.16 -15.07 29.48
CA LYS A 180 35.92 -16.31 29.43
C LYS A 180 36.59 -16.57 30.77
N ASN A 181 37.49 -17.54 30.83
CA ASN A 181 38.22 -17.88 32.05
C ASN A 181 39.60 -17.23 32.09
N GLU A 182 39.76 -16.07 31.44
CA GLU A 182 41.02 -15.33 31.41
C GLU A 182 42.16 -16.20 30.86
N ASN A 183 42.01 -16.57 29.58
CA ASN A 183 42.93 -17.47 28.91
C ASN A 183 43.88 -16.74 27.97
N MET A 184 44.35 -15.56 28.37
CA MET A 184 45.35 -14.75 27.66
C MET A 184 44.77 -14.07 26.41
N ALA A 185 43.54 -14.39 26.01
CA ALA A 185 42.94 -13.78 24.84
C ALA A 185 42.11 -12.56 25.17
N ALA A 186 42.03 -12.17 26.45
CA ALA A 186 41.21 -11.04 26.85
C ALA A 186 41.81 -9.71 26.42
N LYS A 187 43.05 -9.70 25.97
CA LYS A 187 43.72 -8.47 25.54
C LYS A 187 43.33 -8.16 24.09
N LYS A 188 42.08 -7.73 23.94
CA LYS A 188 41.54 -7.33 22.65
C LYS A 188 41.78 -5.86 22.33
N LYS A 189 42.31 -5.09 23.28
CA LYS A 189 42.63 -3.69 23.10
C LYS A 189 41.39 -2.85 22.83
N SER A 190 40.83 -2.97 21.63
CA SER A 190 39.61 -2.24 21.23
C SER A 190 39.81 -0.74 21.41
N VAL A 191 40.71 -0.20 20.58
CA VAL A 191 41.10 1.21 20.69
C VAL A 191 39.86 2.10 20.67
N ALA A 192 39.20 2.18 19.52
CA ALA A 192 37.97 2.95 19.36
C ALA A 192 38.09 4.39 19.88
N MET A 193 39.28 4.96 19.92
CA MET A 193 39.43 6.34 20.38
C MET A 193 38.85 7.33 19.37
N HIS A 194 39.18 7.16 18.09
CA HIS A 194 38.73 8.10 17.07
C HIS A 194 37.23 8.06 16.83
N THR A 195 36.53 7.03 17.33
CA THR A 195 35.10 6.84 17.12
C THR A 195 34.77 6.88 15.63
N ASN A 196 33.83 7.76 15.24
CA ASN A 196 33.39 7.87 13.85
C ASN A 196 32.96 6.52 13.29
N TYR A 197 33.56 6.12 12.17
CA TYR A 197 33.25 4.85 11.52
C TYR A 197 34.55 4.09 11.30
N LEU A 198 34.60 2.86 11.81
CA LEU A 198 35.77 2.00 11.65
C LEU A 198 35.59 1.22 10.35
N SER A 199 36.02 1.83 9.24
CA SER A 199 35.83 1.21 7.93
C SER A 199 36.60 -0.09 7.80
N ALA A 200 37.85 -0.11 8.27
CA ALA A 200 38.68 -1.30 8.16
C ALA A 200 39.60 -1.36 9.36
N CYS A 201 39.35 -2.33 10.25
CA CYS A 201 40.16 -2.53 11.45
C CYS A 201 41.16 -3.67 11.27
N SER A 202 41.72 -3.80 10.07
CA SER A 202 42.60 -4.92 9.77
C SER A 202 43.83 -4.91 10.67
N PHE A 203 44.16 -6.09 11.20
CA PHE A 203 45.35 -6.27 12.02
C PHE A 203 46.55 -6.54 11.11
N THR A 204 47.64 -5.82 11.36
CA THR A 204 48.85 -6.02 10.57
C THR A 204 49.41 -7.42 10.81
N ASN A 205 50.04 -7.97 9.78
CA ASN A 205 50.70 -9.27 9.90
C ASN A 205 51.62 -9.30 11.11
N SER A 206 52.42 -8.25 11.28
CA SER A 206 53.07 -8.01 12.56
C SER A 206 52.06 -7.36 13.49
N ASP A 207 51.70 -8.05 14.56
CA ASP A 207 50.59 -7.62 15.42
C ASP A 207 50.90 -6.34 16.19
N MET A 208 52.02 -5.69 15.90
CA MET A 208 52.38 -4.47 16.61
C MET A 208 51.46 -3.31 16.26
N GLN A 209 50.95 -3.27 15.03
CA GLN A 209 50.30 -2.09 14.49
C GLN A 209 48.90 -2.41 13.99
N ILE A 210 48.03 -1.41 14.03
CA ILE A 210 46.67 -1.51 13.52
C ILE A 210 46.44 -0.40 12.51
N LEU A 211 45.90 -0.75 11.35
CA LEU A 211 45.47 0.22 10.35
C LEU A 211 43.97 0.41 10.45
N THR A 212 43.53 1.65 10.54
CA THR A 212 42.11 1.99 10.59
C THR A 212 41.81 3.09 9.60
N ALA A 213 40.65 3.00 8.95
CA ALA A 213 40.18 4.00 8.01
C ALA A 213 38.87 4.57 8.51
N SER A 214 38.72 5.88 8.43
CA SER A 214 37.54 6.58 8.92
C SER A 214 36.80 7.24 7.76
N GLY A 215 35.60 7.74 8.06
CA GLY A 215 34.78 8.37 7.04
C GLY A 215 35.36 9.67 6.50
N ASP A 216 36.31 10.26 7.20
CA ASP A 216 36.96 11.48 6.72
C ASP A 216 37.88 11.23 5.54
N GLY A 217 38.17 9.98 5.21
CA GLY A 217 39.05 9.66 4.10
C GLY A 217 40.51 9.56 4.46
N THR A 218 40.85 9.42 5.74
CA THR A 218 42.22 9.34 6.20
C THR A 218 42.48 7.97 6.79
N CYS A 219 43.51 7.28 6.31
CA CYS A 219 43.94 6.03 6.90
C CYS A 219 44.79 6.29 8.12
N ALA A 220 44.47 5.59 9.22
CA ALA A 220 45.13 5.81 10.49
C ALA A 220 45.87 4.55 10.92
N LEU A 221 47.11 4.73 11.37
CA LEU A 221 47.94 3.63 11.86
C LEU A 221 48.14 3.80 13.36
N TRP A 222 47.80 2.78 14.12
CA TRP A 222 47.92 2.80 15.58
C TRP A 222 48.84 1.68 16.03
N ASP A 223 49.44 1.89 17.21
CA ASP A 223 50.28 0.89 17.85
C ASP A 223 49.51 0.28 19.01
N VAL A 224 49.43 -1.05 19.05
CA VAL A 224 48.63 -1.71 20.07
C VAL A 224 49.24 -1.51 21.45
N GLU A 225 50.57 -1.52 21.54
CA GLU A 225 51.21 -1.43 22.86
C GLU A 225 51.10 -0.03 23.42
N SER A 226 51.64 0.96 22.71
CA SER A 226 51.58 2.34 23.19
C SER A 226 50.17 2.89 23.12
N GLY A 227 49.41 2.54 22.09
CA GLY A 227 48.07 3.08 21.93
C GLY A 227 48.02 4.44 21.28
N GLN A 228 49.11 4.87 20.63
CA GLN A 228 49.19 6.19 20.03
C GLN A 228 49.08 6.11 18.52
N LEU A 229 48.48 7.14 17.93
CA LEU A 229 48.29 7.24 16.49
C LEU A 229 49.64 7.51 15.83
N LEU A 230 50.20 6.49 15.19
CA LEU A 230 51.49 6.65 14.53
C LEU A 230 51.41 7.67 13.40
N GLN A 231 50.63 7.35 12.36
CA GLN A 231 50.51 8.21 11.20
C GLN A 231 49.08 8.19 10.68
N SER A 232 48.59 9.36 10.28
CA SER A 232 47.30 9.48 9.61
C SER A 232 47.58 9.71 8.14
N PHE A 233 47.15 8.77 7.31
CA PHE A 233 47.44 8.80 5.88
C PHE A 233 46.29 9.51 5.15
N HIS A 234 46.57 10.70 4.65
CA HIS A 234 45.59 11.51 3.95
C HIS A 234 46.05 11.75 2.52
N GLY A 235 45.08 11.93 1.62
CA GLY A 235 45.36 12.12 0.22
C GLY A 235 44.32 11.47 -0.67
N HIS A 236 43.51 10.60 -0.09
CA HIS A 236 42.42 9.99 -0.81
C HIS A 236 41.34 11.04 -1.12
N GLY A 237 40.78 10.96 -2.32
CA GLY A 237 39.74 11.91 -2.70
C GLY A 237 38.48 11.77 -1.88
N ALA A 238 38.07 10.53 -1.60
CA ALA A 238 36.88 10.27 -0.81
C ALA A 238 37.21 9.35 0.36
N ASP A 239 36.19 8.93 1.10
CA ASP A 239 36.43 8.03 2.23
C ASP A 239 36.95 6.68 1.74
N VAL A 240 37.89 6.11 2.50
CA VAL A 240 38.55 4.87 2.14
C VAL A 240 37.67 3.73 2.64
N LEU A 241 36.96 3.08 1.72
CA LEU A 241 36.06 2.00 2.11
C LEU A 241 36.82 0.75 2.53
N CYS A 242 37.94 0.46 1.86
CA CYS A 242 38.67 -0.77 2.10
C CYS A 242 40.17 -0.51 2.03
N LEU A 243 40.92 -1.34 2.74
CA LEU A 243 42.37 -1.32 2.67
C LEU A 243 42.90 -2.71 2.97
N ASP A 244 44.14 -2.96 2.56
CA ASP A 244 44.77 -4.26 2.73
C ASP A 244 46.12 -4.07 3.42
N LEU A 245 46.92 -5.14 3.42
CA LEU A 245 48.23 -5.14 4.04
C LEU A 245 49.28 -5.53 3.01
N ALA A 246 50.54 -5.48 3.43
CA ALA A 246 51.66 -5.82 2.57
C ALA A 246 51.65 -7.32 2.26
N PRO A 247 52.51 -7.79 1.32
CA PRO A 247 52.56 -9.23 1.05
C PRO A 247 52.83 -10.05 2.30
N SER A 248 53.96 -9.83 2.97
CA SER A 248 54.14 -10.37 4.31
C SER A 248 54.31 -9.27 5.35
N GLU A 249 55.41 -8.52 5.31
CA GLU A 249 55.51 -7.28 6.07
C GLU A 249 55.96 -6.12 5.19
N THR A 250 57.11 -6.29 4.54
CA THR A 250 57.68 -5.38 3.54
C THR A 250 57.40 -3.90 3.86
N GLY A 251 57.63 -3.52 5.11
CA GLY A 251 57.34 -2.16 5.54
C GLY A 251 55.89 -1.78 5.48
N ASN A 252 55.00 -2.75 5.34
CA ASN A 252 53.56 -2.54 5.24
C ASN A 252 53.20 -1.52 4.16
N THR A 253 53.62 -1.83 2.94
CA THR A 253 53.21 -1.06 1.77
C THR A 253 51.79 -1.48 1.42
N PHE A 254 50.80 -0.78 1.96
CA PHE A 254 49.41 -1.20 1.89
C PHE A 254 48.64 -0.36 0.88
N VAL A 255 47.70 -0.99 0.20
CA VAL A 255 46.79 -0.29 -0.68
C VAL A 255 45.60 0.24 0.12
N SER A 256 44.87 1.16 -0.49
CA SER A 256 43.71 1.78 0.15
C SER A 256 42.69 2.10 -0.94
N GLY A 257 41.58 1.36 -0.96
CA GLY A 257 40.53 1.59 -1.92
C GLY A 257 39.35 2.30 -1.27
N GLY A 258 38.90 3.37 -1.93
CA GLY A 258 37.81 4.16 -1.39
C GLY A 258 36.72 4.47 -2.39
N CYS A 259 35.92 5.49 -2.11
CA CYS A 259 34.83 5.89 -2.98
C CYS A 259 35.27 6.78 -4.13
N ASP A 260 36.53 7.22 -4.12
CA ASP A 260 37.04 8.11 -5.16
C ASP A 260 37.58 7.37 -6.37
N LYS A 261 37.18 6.11 -6.57
CA LYS A 261 37.53 5.32 -7.74
C LYS A 261 39.03 5.08 -7.89
N LYS A 262 39.82 5.44 -6.88
CA LYS A 262 41.27 5.40 -6.96
C LYS A 262 41.83 4.44 -5.92
N ALA A 263 42.83 3.68 -6.31
CA ALA A 263 43.57 2.79 -5.42
C ALA A 263 45.02 3.22 -5.41
N MET A 264 45.56 3.44 -4.21
CA MET A 264 46.92 3.93 -4.07
C MET A 264 47.63 3.19 -2.93
N VAL A 265 48.95 3.23 -2.96
CA VAL A 265 49.80 2.50 -2.02
C VAL A 265 50.53 3.50 -1.16
N TRP A 266 50.64 3.20 0.14
CA TRP A 266 51.31 4.08 1.09
C TRP A 266 52.48 3.34 1.74
N ASP A 267 53.46 4.12 2.20
CA ASP A 267 54.67 3.58 2.80
C ASP A 267 55.02 4.41 4.03
N MET A 268 54.97 3.79 5.21
CA MET A 268 55.28 4.54 6.44
C MET A 268 56.74 4.92 6.54
N ARG A 269 57.64 4.25 5.83
CA ARG A 269 59.03 4.68 5.84
C ARG A 269 59.19 6.09 5.29
N SER A 270 58.20 6.57 4.53
CA SER A 270 58.17 7.94 4.06
C SER A 270 56.83 8.63 4.28
N GLY A 271 55.76 7.90 4.53
CA GLY A 271 54.46 8.51 4.73
C GLY A 271 53.92 9.20 3.49
N GLN A 272 54.08 8.58 2.33
CA GLN A 272 53.66 9.19 1.08
C GLN A 272 52.96 8.15 0.21
N CYS A 273 52.12 8.64 -0.70
CA CYS A 273 51.47 7.81 -1.70
C CYS A 273 52.50 7.42 -2.75
N VAL A 274 53.06 6.21 -2.62
CA VAL A 274 54.14 5.81 -3.51
C VAL A 274 53.62 5.54 -4.92
N GLN A 275 52.49 4.86 -5.05
CA GLN A 275 51.91 4.56 -6.34
C GLN A 275 50.42 4.80 -6.31
N ALA A 276 49.85 5.04 -7.49
CA ALA A 276 48.41 5.29 -7.63
C ALA A 276 47.91 4.64 -8.91
N PHE A 277 46.64 4.25 -8.90
CA PHE A 277 45.99 3.64 -10.06
C PHE A 277 44.58 4.18 -10.19
N GLU A 278 44.17 4.46 -11.42
CA GLU A 278 42.80 4.93 -11.68
C GLU A 278 42.39 4.43 -13.07
N THR A 279 41.74 3.28 -13.11
CA THR A 279 41.15 2.78 -14.35
C THR A 279 39.81 2.08 -14.15
N HIS A 280 39.29 2.03 -12.92
CA HIS A 280 38.06 1.29 -12.64
C HIS A 280 36.86 1.86 -13.37
N ASP A 283 33.55 2.35 -6.94
CA ASP A 283 34.38 2.35 -5.75
C ASP A 283 34.99 0.97 -5.50
N ILE A 284 36.28 0.95 -5.16
CA ILE A 284 36.97 -0.30 -4.88
C ILE A 284 36.67 -0.72 -3.45
N ASN A 285 36.27 -1.98 -3.27
CA ASN A 285 35.90 -2.47 -1.95
C ASN A 285 36.44 -3.86 -1.64
N SER A 286 37.19 -4.49 -2.54
CA SER A 286 37.63 -5.87 -2.34
C SER A 286 39.11 -6.02 -2.71
N VAL A 287 39.95 -5.13 -2.17
CA VAL A 287 41.39 -5.23 -2.42
C VAL A 287 41.92 -6.50 -1.77
N ARG A 288 42.89 -7.14 -2.42
CA ARG A 288 43.53 -8.34 -1.89
C ARG A 288 44.85 -8.53 -2.61
N TYR A 289 45.93 -8.62 -1.85
CA TYR A 289 47.25 -8.76 -2.45
C TYR A 289 47.44 -10.14 -3.06
N TYR A 290 48.17 -10.17 -4.17
CA TYR A 290 48.63 -11.43 -4.72
C TYR A 290 49.63 -12.07 -3.75
N PRO A 291 49.67 -13.40 -3.68
CA PRO A 291 50.61 -14.05 -2.76
C PRO A 291 52.06 -13.65 -3.00
N SER A 292 52.45 -13.42 -4.25
CA SER A 292 53.81 -12.96 -4.53
C SER A 292 54.00 -11.51 -4.08
N GLY A 293 52.98 -10.67 -4.26
CA GLY A 293 53.06 -9.26 -3.93
C GLY A 293 53.28 -8.34 -5.11
N ASP A 294 53.56 -8.90 -6.29
CA ASP A 294 53.76 -8.07 -7.48
C ASP A 294 52.46 -7.50 -8.02
N ALA A 295 51.31 -7.94 -7.51
CA ALA A 295 50.02 -7.45 -7.97
C ALA A 295 49.03 -7.56 -6.82
N PHE A 296 47.80 -7.09 -7.06
CA PHE A 296 46.76 -7.18 -6.05
C PHE A 296 45.41 -7.13 -6.73
N ALA A 297 44.46 -7.90 -6.20
CA ALA A 297 43.11 -7.88 -6.72
C ALA A 297 42.46 -6.52 -6.45
N SER A 298 41.71 -6.03 -7.42
CA SER A 298 41.09 -4.72 -7.35
C SER A 298 39.58 -4.80 -7.54
N GLY A 299 38.95 -5.77 -6.88
CA GLY A 299 37.51 -5.97 -7.01
C GLY A 299 36.68 -4.81 -6.51
N ARG A 306 39.66 -6.21 -10.76
CA ARG A 306 40.75 -6.08 -11.72
C ARG A 306 42.06 -6.58 -11.12
N LEU A 307 43.17 -6.21 -11.76
CA LEU A 307 44.49 -6.63 -11.30
C LEU A 307 45.51 -5.59 -11.74
N TYR A 308 46.10 -4.89 -10.77
CA TYR A 308 47.11 -3.89 -11.04
C TYR A 308 48.50 -4.49 -10.78
N ASP A 309 49.42 -4.26 -11.71
CA ASP A 309 50.77 -4.80 -11.60
C ASP A 309 51.68 -3.77 -10.95
N LEU A 310 52.31 -4.15 -9.84
CA LEU A 310 53.23 -3.25 -9.16
C LEU A 310 54.45 -2.94 -10.03
N ARG A 311 54.99 -3.95 -10.71
CA ARG A 311 56.22 -3.78 -11.47
C ARG A 311 56.02 -2.99 -12.75
N ALA A 312 54.79 -2.74 -13.16
CA ALA A 312 54.52 -1.99 -14.37
C ALA A 312 53.58 -0.80 -14.18
N ASP A 313 53.01 -0.62 -12.99
CA ASP A 313 52.11 0.49 -12.69
C ASP A 313 50.94 0.55 -13.66
N GLU B 1 11.21 27.42 15.65
CA GLU B 1 10.38 27.42 16.85
C GLU B 1 10.84 28.55 17.77
N GLY B 2 11.38 29.59 17.17
CA GLY B 2 11.85 30.74 17.92
C GLY B 2 13.27 31.13 17.54
N PRO B 3 13.85 32.05 18.30
CA PRO B 3 15.20 32.53 17.96
C PRO B 3 16.32 31.69 18.55
N LEU B 4 16.01 30.84 19.54
CA LEU B 4 17.03 29.97 20.11
C LEU B 4 17.58 29.00 19.08
N SER B 5 16.71 28.39 18.29
CA SER B 5 17.10 27.45 17.25
C SER B 5 17.93 26.29 17.83
N VAL B 6 17.28 25.52 18.68
CA VAL B 6 17.83 24.28 19.22
C VAL B 6 16.86 23.16 18.87
N PHE B 7 17.40 22.02 18.42
CA PHE B 7 16.59 20.90 17.97
C PHE B 7 16.16 20.08 19.19
N GLY B 8 15.23 20.65 19.94
CA GLY B 8 14.72 20.00 21.14
C GLY B 8 13.71 20.88 21.82
N ASP B 9 13.13 20.33 22.88
CA ASP B 9 12.10 21.03 23.65
C ASP B 9 12.74 21.79 24.82
N ARG B 10 11.94 22.66 25.43
CA ARG B 10 12.42 23.49 26.53
C ARG B 10 11.27 23.85 27.44
N SER B 11 11.49 23.71 28.74
CA SER B 11 10.51 24.08 29.76
C SER B 11 11.19 24.92 30.82
N THR B 12 10.58 26.03 31.19
CA THR B 12 11.22 27.01 32.06
C THR B 12 10.23 27.46 33.13
N GLY B 13 10.78 27.78 34.31
CA GLY B 13 9.99 28.37 35.37
C GLY B 13 9.12 27.38 36.11
N GLU B 14 7.91 27.82 36.49
CA GLU B 14 7.02 26.95 37.24
C GLU B 14 6.58 25.74 36.43
N THR B 15 6.70 25.79 35.11
CA THR B 15 6.33 24.64 34.29
C THR B 15 7.20 23.44 34.60
N ILE B 16 8.51 23.65 34.75
CA ILE B 16 9.40 22.53 35.00
C ILE B 16 9.54 22.24 36.50
N ARG B 17 9.38 23.24 37.36
CA ARG B 17 9.44 23.00 38.79
C ARG B 17 8.30 22.09 39.24
N SER B 18 7.08 22.35 38.76
CA SER B 18 5.96 21.51 39.11
C SER B 18 6.09 20.12 38.47
N GLN B 19 6.62 20.06 37.25
CA GLN B 19 6.82 18.77 36.60
C GLN B 19 7.84 17.93 37.37
N ASN B 20 8.91 18.56 37.85
CA ASN B 20 9.88 17.82 38.66
C ASN B 20 9.24 17.31 39.94
N VAL B 21 8.40 18.13 40.58
CA VAL B 21 7.71 17.69 41.78
C VAL B 21 6.75 16.55 41.46
N MET B 22 6.12 16.60 40.28
CA MET B 22 5.27 15.50 39.84
C MET B 22 6.04 14.19 39.82
N ALA B 23 7.20 14.18 39.17
CA ALA B 23 7.96 12.95 39.01
C ALA B 23 8.43 12.42 40.36
N ALA B 24 8.90 13.30 41.23
CA ALA B 24 9.31 12.87 42.56
C ALA B 24 8.14 12.30 43.34
N ALA B 25 6.98 12.95 43.25
CA ALA B 25 5.80 12.45 43.94
C ALA B 25 5.32 11.14 43.36
N SER B 26 5.47 10.94 42.05
CA SER B 26 5.02 9.70 41.43
C SER B 26 5.79 8.51 41.97
N ILE B 27 7.11 8.65 42.15
CA ILE B 27 7.90 7.54 42.67
C ILE B 27 7.51 7.24 44.11
N ALA B 28 7.33 8.27 44.93
CA ALA B 28 6.95 8.05 46.32
C ALA B 28 5.61 7.35 46.43
N ASN B 29 4.64 7.75 45.61
CA ASN B 29 3.33 7.12 45.64
C ASN B 29 3.39 5.65 45.27
N ILE B 30 4.42 5.24 44.53
CA ILE B 30 4.56 3.82 44.20
C ILE B 30 4.86 3.01 45.46
N VAL B 31 5.82 3.48 46.26
CA VAL B 31 6.29 2.73 47.42
C VAL B 31 5.63 3.18 48.71
N LYS B 32 4.79 4.21 48.68
CA LYS B 32 4.20 4.72 49.90
C LYS B 32 3.28 3.71 50.58
N SER B 33 2.76 2.75 49.84
CA SER B 33 1.84 1.76 50.38
C SER B 33 2.55 0.57 51.03
N SER B 34 3.88 0.54 51.00
CA SER B 34 4.65 -0.57 51.52
C SER B 34 5.55 -0.13 52.66
N LEU B 35 5.04 0.76 53.52
CA LEU B 35 5.79 1.28 54.64
C LEU B 35 5.07 0.93 55.93
N GLY B 36 5.81 0.39 56.90
CA GLY B 36 5.26 0.10 58.20
C GLY B 36 4.79 -1.33 58.33
N PRO B 37 4.55 -1.77 59.56
CA PRO B 37 4.13 -3.16 59.78
C PRO B 37 2.84 -3.51 59.09
N VAL B 38 2.00 -2.53 58.79
CA VAL B 38 0.74 -2.77 58.10
C VAL B 38 0.89 -2.49 56.62
N GLY B 39 2.14 -2.46 56.14
CA GLY B 39 2.37 -2.35 54.72
C GLY B 39 2.16 -3.67 54.01
N LEU B 40 2.03 -3.59 52.68
CA LEU B 40 1.75 -4.77 51.87
C LEU B 40 2.76 -4.86 50.74
N ASP B 41 3.05 -6.10 50.34
CA ASP B 41 4.03 -6.35 49.28
C ASP B 41 3.43 -5.99 47.93
N LYS B 42 4.23 -6.20 46.87
CA LYS B 42 3.82 -5.90 45.51
C LYS B 42 4.27 -6.99 44.57
N MET B 43 3.50 -7.20 43.50
CA MET B 43 3.91 -8.05 42.40
C MET B 43 4.54 -7.19 41.31
N LEU B 44 5.57 -7.73 40.66
CA LEU B 44 6.28 -7.03 39.60
C LEU B 44 6.45 -8.00 38.44
N VAL B 45 5.49 -8.01 37.53
CA VAL B 45 5.57 -8.89 36.37
C VAL B 45 6.53 -8.27 35.36
N ASP B 46 7.48 -9.07 34.88
CA ASP B 46 8.62 -8.58 34.10
C ASP B 46 8.43 -8.78 32.60
N ASP B 47 7.20 -8.59 32.10
CA ASP B 47 6.87 -8.53 30.67
C ASP B 47 7.05 -9.89 30.00
N ILE B 48 7.60 -10.88 30.69
CA ILE B 48 7.75 -12.22 30.12
C ILE B 48 7.14 -13.21 31.10
N GLY B 49 6.35 -12.72 32.04
CA GLY B 49 5.72 -13.56 33.03
C GLY B 49 6.51 -13.75 34.30
N ASP B 50 7.74 -13.25 34.37
CA ASP B 50 8.52 -13.36 35.59
C ASP B 50 7.86 -12.54 36.70
N VAL B 51 7.74 -13.12 37.88
CA VAL B 51 7.06 -12.51 39.01
C VAL B 51 8.07 -12.23 40.10
N THR B 52 7.97 -11.04 40.70
CA THR B 52 8.86 -10.63 41.79
C THR B 52 8.00 -10.02 42.89
N ILE B 53 7.74 -10.80 43.94
CA ILE B 53 6.95 -10.34 45.07
C ILE B 53 7.90 -9.74 46.10
N THR B 54 7.77 -8.46 46.37
CA THR B 54 8.73 -7.80 47.24
C THR B 54 8.07 -6.67 48.01
N ASN B 55 8.71 -6.33 49.13
CA ASN B 55 8.36 -5.16 49.93
C ASN B 55 9.52 -4.17 50.03
N ASP B 56 10.72 -4.55 49.62
CA ASP B 56 11.87 -3.68 49.71
C ASP B 56 11.71 -2.49 48.77
N GLY B 57 12.01 -1.30 49.27
CA GLY B 57 11.89 -0.11 48.44
C GLY B 57 12.89 -0.07 47.31
N ALA B 58 14.14 -0.47 47.58
CA ALA B 58 15.16 -0.43 46.53
C ALA B 58 14.83 -1.41 45.42
N THR B 59 14.38 -2.62 45.78
CA THR B 59 14.09 -3.63 44.76
C THR B 59 12.98 -3.19 43.84
N ILE B 60 11.97 -2.50 44.38
CA ILE B 60 10.86 -2.03 43.54
C ILE B 60 11.37 -1.04 42.51
N LEU B 61 12.18 -0.07 42.94
CA LEU B 61 12.65 0.96 42.03
C LEU B 61 13.72 0.46 41.08
N LYS B 62 14.46 -0.59 41.46
CA LYS B 62 15.44 -1.17 40.54
C LYS B 62 14.76 -1.78 39.33
N LEU B 63 13.66 -2.48 39.54
CA LEU B 63 12.96 -3.15 38.45
C LEU B 63 12.02 -2.24 37.67
N LEU B 64 11.69 -1.07 38.21
CA LEU B 64 10.80 -0.17 37.49
C LEU B 64 11.53 0.51 36.34
N GLU B 65 10.79 0.79 35.27
CA GLU B 65 11.30 1.50 34.11
C GLU B 65 10.93 2.97 34.26
N VAL B 66 11.86 3.76 34.77
CA VAL B 66 11.66 5.18 34.98
C VAL B 66 12.34 5.94 33.86
N GLU B 67 11.70 7.02 33.41
CA GLU B 67 12.21 7.82 32.31
C GLU B 67 12.50 9.26 32.67
N HIS B 68 11.73 9.85 33.57
CA HIS B 68 11.96 11.24 33.94
C HIS B 68 13.29 11.38 34.67
N PRO B 69 14.12 12.36 34.32
CA PRO B 69 15.40 12.50 35.01
C PRO B 69 15.27 12.74 36.50
N ALA B 70 14.26 13.49 36.93
CA ALA B 70 14.07 13.73 38.35
C ALA B 70 13.67 12.47 39.09
N ALA B 71 12.84 11.63 38.46
CA ALA B 71 12.47 10.37 39.08
C ALA B 71 13.67 9.45 39.23
N LYS B 72 14.54 9.42 38.22
CA LYS B 72 15.75 8.61 38.30
C LYS B 72 16.63 9.03 39.46
N VAL B 73 16.56 10.31 39.84
CA VAL B 73 17.34 10.78 40.99
C VAL B 73 16.89 10.06 42.26
N LEU B 74 15.57 9.95 42.46
CA LEU B 74 15.06 9.28 43.65
C LEU B 74 15.28 7.77 43.57
N CYS B 75 15.13 7.19 42.37
CA CYS B 75 15.36 5.76 42.23
C CYS B 75 16.80 5.40 42.56
N GLU B 76 17.75 6.23 42.13
CA GLU B 76 19.14 6.01 42.51
C GLU B 76 19.38 6.35 43.97
N LEU B 77 18.56 7.24 44.54
CA LEU B 77 18.69 7.57 45.96
C LEU B 77 18.38 6.35 46.83
N ALA B 78 17.35 5.59 46.46
CA ALA B 78 17.02 4.39 47.22
C ALA B 78 18.15 3.37 47.14
N ASP B 79 18.75 3.21 45.95
CA ASP B 79 19.84 2.27 45.80
C ASP B 79 21.03 2.65 46.67
N LEU B 80 21.35 3.94 46.74
CA LEU B 80 22.47 4.39 47.57
C LEU B 80 22.23 4.08 49.03
N GLN B 81 21.00 4.28 49.51
CA GLN B 81 20.69 3.97 50.90
C GLN B 81 20.86 2.50 51.19
N ASP B 82 20.48 1.64 50.23
CA ASP B 82 20.63 0.21 50.41
C ASP B 82 22.09 -0.18 50.55
N LYS B 83 22.96 0.38 49.70
CA LYS B 83 24.38 0.01 49.75
C LYS B 83 25.03 0.46 51.05
N GLU B 84 24.73 1.67 51.50
CA GLU B 84 25.48 2.24 52.61
C GLU B 84 24.81 2.00 53.97
N VAL B 85 23.52 1.66 54.00
CA VAL B 85 22.86 1.37 55.25
C VAL B 85 22.21 -0.01 55.19
N GLY B 86 21.33 -0.21 54.22
CA GLY B 86 20.63 -1.47 54.07
C GLY B 86 19.18 -1.45 54.52
N ASP B 87 18.78 -0.43 55.28
CA ASP B 87 17.39 -0.29 55.73
C ASP B 87 16.98 1.16 55.57
N GLY B 88 15.69 1.42 55.76
CA GLY B 88 15.19 2.76 55.58
C GLY B 88 15.10 3.18 54.13
N THR B 89 15.09 2.23 53.20
CA THR B 89 15.09 2.55 51.78
C THR B 89 13.77 3.17 51.36
N THR B 90 12.65 2.64 51.84
CA THR B 90 11.36 3.24 51.51
C THR B 90 11.19 4.60 52.16
N SER B 91 11.69 4.76 53.39
CA SER B 91 11.52 6.02 54.09
C SER B 91 12.24 7.16 53.39
N VAL B 92 13.46 6.91 52.92
CA VAL B 92 14.25 7.98 52.33
C VAL B 92 13.62 8.50 51.05
N VAL B 93 12.99 7.63 50.26
CA VAL B 93 12.31 8.09 49.05
C VAL B 93 11.09 8.91 49.43
N ILE B 94 10.34 8.46 50.43
CA ILE B 94 9.15 9.18 50.86
C ILE B 94 9.53 10.57 51.39
N ILE B 95 10.56 10.63 52.23
CA ILE B 95 10.96 11.90 52.83
C ILE B 95 11.44 12.86 51.76
N ALA B 96 12.27 12.38 50.82
CA ALA B 96 12.82 13.26 49.81
C ALA B 96 11.73 13.84 48.93
N ALA B 97 10.76 13.02 48.52
CA ALA B 97 9.66 13.52 47.71
C ALA B 97 8.83 14.53 48.49
N GLU B 98 8.58 14.25 49.77
CA GLU B 98 7.84 15.20 50.59
C GLU B 98 8.63 16.48 50.78
N LEU B 99 9.95 16.38 50.96
CA LEU B 99 10.78 17.57 51.10
C LEU B 99 10.70 18.44 49.86
N LEU B 100 10.76 17.81 48.69
CA LEU B 100 10.69 18.57 47.44
C LEU B 100 9.32 19.18 47.24
N LYS B 101 8.26 18.45 47.59
CA LYS B 101 6.91 18.96 47.42
C LYS B 101 6.67 20.20 48.26
N ASN B 102 7.08 20.16 49.53
CA ASN B 102 6.87 21.31 50.40
C ASN B 102 7.79 22.46 50.05
N ALA B 103 9.00 22.17 49.56
CA ALA B 103 9.90 23.23 49.12
C ALA B 103 9.35 23.98 47.93
N ASP B 104 8.74 23.25 46.97
CA ASP B 104 8.18 23.91 45.80
C ASP B 104 7.03 24.81 46.16
N GLU B 105 6.29 24.49 47.23
CA GLU B 105 5.23 25.38 47.69
C GLU B 105 5.79 26.73 48.09
N LEU B 106 6.93 26.73 48.78
CA LEU B 106 7.58 27.98 49.13
C LEU B 106 8.04 28.74 47.90
N VAL B 107 8.60 28.03 46.92
CA VAL B 107 9.11 28.69 45.72
C VAL B 107 7.96 29.34 44.96
N LYS B 108 6.80 28.70 44.93
CA LYS B 108 5.63 29.32 44.30
C LYS B 108 5.21 30.59 45.01
N GLN B 109 5.55 30.74 46.29
CA GLN B 109 5.26 31.95 47.04
C GLN B 109 6.36 32.99 46.92
N LYS B 110 7.14 32.95 45.84
CA LYS B 110 8.20 33.92 45.58
C LYS B 110 9.27 33.92 46.66
N ILE B 111 9.51 32.76 47.26
CA ILE B 111 10.67 32.56 48.10
C ILE B 111 11.78 31.99 47.23
N HIS B 112 12.95 32.60 47.27
CA HIS B 112 14.02 32.19 46.38
C HIS B 112 14.49 30.78 46.75
N PRO B 113 14.79 29.94 45.75
CA PRO B 113 15.27 28.59 46.05
C PRO B 113 16.53 28.56 46.89
N THR B 114 17.40 29.56 46.77
CA THR B 114 18.60 29.60 47.60
C THR B 114 18.23 29.72 49.07
N SER B 115 17.21 30.52 49.39
CA SER B 115 16.75 30.62 50.76
C SER B 115 16.18 29.29 51.24
N VAL B 116 15.40 28.63 50.40
CA VAL B 116 14.84 27.32 50.77
C VAL B 116 15.95 26.30 50.94
N ILE B 117 16.93 26.30 50.02
CA ILE B 117 18.04 25.36 50.12
C ILE B 117 18.84 25.63 51.38
N SER B 118 19.11 26.90 51.67
CA SER B 118 19.86 27.25 52.88
C SER B 118 19.09 26.81 54.12
N GLY B 119 17.78 27.00 54.13
CA GLY B 119 16.99 26.55 55.27
C GLY B 119 17.00 25.05 55.44
N TYR B 120 16.87 24.32 54.32
CA TYR B 120 16.89 22.87 54.40
C TYR B 120 18.22 22.36 54.92
N ARG B 121 19.32 22.97 54.48
CA ARG B 121 20.64 22.56 54.94
C ARG B 121 20.81 22.80 56.44
N LEU B 122 20.32 23.93 56.94
CA LEU B 122 20.40 24.19 58.38
C LEU B 122 19.57 23.20 59.17
N ALA B 123 18.35 22.90 58.69
CA ALA B 123 17.48 21.99 59.42
C ALA B 123 18.08 20.59 59.46
N CYS B 124 18.68 20.15 58.35
CA CYS B 124 19.29 18.83 58.33
C CYS B 124 20.44 18.73 59.32
N LYS B 125 21.23 19.80 59.44
CA LYS B 125 22.33 19.80 60.41
C LYS B 125 21.81 19.73 61.83
N GLU B 126 20.76 20.49 62.15
CA GLU B 126 20.25 20.50 63.51
C GLU B 126 19.46 19.24 63.83
N ALA B 127 18.78 18.67 62.83
CA ALA B 127 18.09 17.40 63.07
C ALA B 127 19.08 16.31 63.44
N VAL B 128 20.20 16.24 62.74
CA VAL B 128 21.23 15.27 63.08
C VAL B 128 21.81 15.57 64.46
N ARG B 129 22.06 16.84 64.75
CA ARG B 129 22.61 17.20 66.06
C ARG B 129 21.61 16.89 67.17
N TYR B 130 20.32 17.16 66.94
CA TYR B 130 19.32 16.87 67.95
C TYR B 130 19.20 15.38 68.21
N ILE B 131 19.24 14.57 67.15
CA ILE B 131 19.11 13.13 67.30
C ILE B 131 20.26 12.58 68.13
N ASN B 132 21.48 13.01 67.82
CA ASN B 132 22.66 12.49 68.50
C ASN B 132 22.75 12.93 69.96
N GLU B 133 21.92 13.89 70.39
CA GLU B 133 22.02 14.41 71.75
C GLU B 133 20.84 14.07 72.63
N ASN B 134 19.68 13.74 72.07
CA ASN B 134 18.48 13.55 72.87
C ASN B 134 17.68 12.31 72.52
N LEU B 135 17.93 11.64 71.41
CA LEU B 135 17.09 10.55 70.96
C LEU B 135 17.84 9.23 70.78
N ILE B 136 19.09 9.15 71.23
CA ILE B 136 19.87 7.93 71.09
C ILE B 136 19.82 7.15 72.39
N VAL B 137 19.80 5.83 72.28
CA VAL B 137 19.84 4.94 73.43
C VAL B 137 21.07 4.06 73.32
N ASN B 138 21.88 4.04 74.37
CA ASN B 138 23.08 3.22 74.36
C ASN B 138 22.69 1.75 74.51
N THR B 139 23.15 0.92 73.56
CA THR B 139 22.75 -0.48 73.56
C THR B 139 23.34 -1.26 74.72
N ASP B 140 24.42 -0.78 75.33
CA ASP B 140 25.02 -1.47 76.46
C ASP B 140 24.06 -1.56 77.64
N GLU B 141 23.05 -0.69 77.69
CA GLU B 141 22.07 -0.71 78.77
C GLU B 141 20.94 -1.70 78.52
N LEU B 142 20.93 -2.38 77.38
CA LEU B 142 19.86 -3.31 77.03
C LEU B 142 20.33 -4.74 76.82
N GLY B 143 21.59 -4.95 76.47
CA GLY B 143 22.10 -6.31 76.30
C GLY B 143 21.66 -6.94 75.00
N ARG B 144 21.51 -8.26 75.03
CA ARG B 144 21.15 -9.01 73.83
C ARG B 144 19.74 -8.70 73.37
N ASP B 145 18.84 -8.33 74.29
CA ASP B 145 17.46 -8.04 73.91
C ASP B 145 17.38 -6.87 72.93
N CYS B 146 18.34 -5.96 72.97
CA CYS B 146 18.34 -4.86 72.02
C CYS B 146 18.55 -5.35 70.60
N LEU B 147 19.47 -6.28 70.39
CA LEU B 147 19.72 -6.80 69.05
C LEU B 147 18.50 -7.53 68.52
N ILE B 148 17.83 -8.32 69.35
CA ILE B 148 16.64 -9.03 68.91
C ILE B 148 15.52 -8.06 68.57
N ASN B 149 15.31 -7.06 69.42
CA ASN B 149 14.28 -6.07 69.15
C ASN B 149 14.59 -5.27 67.90
N ALA B 150 15.87 -4.91 67.71
CA ALA B 150 16.25 -4.22 66.49
C ALA B 150 16.02 -5.09 65.27
N ALA B 151 16.38 -6.37 65.36
CA ALA B 151 16.11 -7.29 64.25
C ALA B 151 14.62 -7.51 64.05
N LYS B 152 13.87 -7.66 65.15
CA LYS B 152 12.44 -7.88 65.04
C LYS B 152 11.74 -6.69 64.39
N THR B 153 12.15 -5.48 64.76
CA THR B 153 11.53 -4.28 64.19
C THR B 153 11.72 -4.24 62.69
N SER B 154 12.91 -4.56 62.20
CA SER B 154 13.15 -4.58 60.77
C SER B 154 12.30 -5.64 60.08
N MET B 155 12.12 -6.79 60.72
CA MET B 155 11.37 -7.88 60.09
C MET B 155 9.88 -7.58 60.00
N SER B 156 9.36 -6.66 60.80
CA SER B 156 7.99 -6.21 60.58
C SER B 156 7.88 -5.57 59.21
N SER B 157 6.72 -5.73 58.59
CA SER B 157 6.40 -5.33 57.22
C SER B 157 6.97 -6.32 56.21
N LYS B 158 7.70 -7.33 56.66
CA LYS B 158 8.26 -8.34 55.77
C LYS B 158 7.49 -9.64 55.93
N ILE B 159 7.68 -10.53 54.95
CA ILE B 159 6.99 -11.81 54.95
C ILE B 159 7.42 -12.69 56.11
N ILE B 160 8.47 -12.32 56.82
CA ILE B 160 8.95 -13.07 57.99
C ILE B 160 8.59 -12.28 59.24
N GLY B 161 7.53 -11.48 59.16
CA GLY B 161 7.16 -10.59 60.23
C GLY B 161 6.63 -11.28 61.48
N ILE B 162 5.47 -11.93 61.36
CA ILE B 162 4.85 -12.55 62.53
C ILE B 162 5.76 -13.61 63.12
N ASN B 163 6.47 -14.34 62.26
CA ASN B 163 7.40 -15.36 62.70
C ASN B 163 8.78 -14.76 63.03
N GLY B 164 8.81 -13.45 63.32
CA GLY B 164 10.06 -12.79 63.65
C GLY B 164 10.65 -13.22 64.97
N ASP B 165 9.83 -13.79 65.87
CA ASP B 165 10.34 -14.27 67.15
C ASP B 165 11.42 -15.33 66.93
N PHE B 166 11.18 -16.22 65.97
CA PHE B 166 12.14 -17.28 65.65
C PHE B 166 13.20 -16.79 64.67
N PHE B 167 12.81 -15.91 63.74
CA PHE B 167 13.75 -15.44 62.72
C PHE B 167 14.80 -14.50 63.28
N ALA B 168 14.43 -13.67 64.26
CA ALA B 168 15.39 -12.75 64.85
C ALA B 168 16.51 -13.49 65.55
N ASN B 169 16.23 -14.67 66.09
CA ASN B 169 17.27 -15.41 66.79
C ASN B 169 18.36 -15.88 65.86
N MET B 170 18.01 -16.35 64.65
CA MET B 170 19.04 -16.75 63.71
C MET B 170 19.90 -15.57 63.28
N VAL B 171 19.26 -14.43 63.00
CA VAL B 171 20.00 -13.28 62.50
C VAL B 171 21.01 -12.81 63.54
N VAL B 172 20.60 -12.73 64.81
CA VAL B 172 21.53 -12.33 65.86
C VAL B 172 22.64 -13.36 66.00
N ASP B 173 22.29 -14.65 66.00
CA ASP B 173 23.30 -15.69 66.16
C ASP B 173 24.21 -15.76 64.94
N ALA B 174 23.66 -15.58 63.74
CA ALA B 174 24.48 -15.64 62.54
C ALA B 174 25.49 -14.50 62.49
N VAL B 175 25.06 -13.28 62.85
CA VAL B 175 25.97 -12.15 62.81
C VAL B 175 27.06 -12.31 63.85
N LEU B 176 26.70 -12.74 65.06
CA LEU B 176 27.70 -12.94 66.11
C LEU B 176 28.69 -14.03 65.75
N ALA B 177 28.31 -14.97 64.89
CA ALA B 177 29.22 -16.06 64.53
C ALA B 177 30.35 -15.58 63.65
N ILE B 178 30.07 -14.66 62.73
CA ILE B 178 31.06 -14.23 61.74
C ILE B 178 31.83 -13.02 62.27
N LYS B 179 31.65 -12.69 63.53
CA LYS B 179 32.34 -11.55 64.11
C LYS B 179 33.84 -11.82 64.18
N TYR B 180 34.63 -10.82 63.82
CA TYR B 180 36.08 -10.91 63.93
C TYR B 180 36.64 -9.52 64.17
N THR B 181 37.84 -9.48 64.72
CA THR B 181 38.52 -8.24 65.05
C THR B 181 39.66 -8.00 64.08
N ASP B 182 39.99 -6.73 63.87
CA ASP B 182 41.02 -6.30 62.94
C ASP B 182 42.08 -5.51 63.69
N ILE B 183 42.96 -4.86 62.91
CA ILE B 183 43.93 -3.94 63.50
C ILE B 183 43.20 -2.86 64.30
N ARG B 184 43.93 -2.25 65.24
CA ARG B 184 43.45 -1.26 66.19
C ARG B 184 42.25 -1.77 66.99
N GLY B 185 42.05 -3.09 66.98
CA GLY B 185 41.05 -3.72 67.82
C GLY B 185 39.63 -3.26 67.61
N GLN B 186 39.18 -3.16 66.36
CA GLN B 186 37.82 -2.74 66.08
C GLN B 186 37.00 -3.95 65.68
N PRO B 187 36.05 -4.40 66.50
CA PRO B 187 35.23 -5.55 66.11
C PRO B 187 34.35 -5.24 64.92
N ARG B 188 34.63 -5.89 63.79
CA ARG B 188 33.88 -5.67 62.55
C ARG B 188 33.13 -6.93 62.16
N TYR B 189 31.93 -6.74 61.63
CA TYR B 189 31.05 -7.85 61.29
C TYR B 189 30.88 -7.95 59.79
N PRO B 190 31.58 -8.83 59.11
CA PRO B 190 31.47 -8.93 57.65
C PRO B 190 30.19 -9.62 57.21
N VAL B 191 29.06 -8.96 57.48
CA VAL B 191 27.78 -9.44 56.99
C VAL B 191 27.86 -9.55 55.46
N ASN B 192 27.11 -10.51 54.92
CA ASN B 192 27.09 -11.04 53.55
C ASN B 192 28.18 -12.09 53.36
N SER B 193 29.00 -12.37 54.38
CA SER B 193 29.75 -13.61 54.42
C SER B 193 28.90 -14.76 54.91
N VAL B 194 27.69 -14.48 55.39
CA VAL B 194 26.73 -15.51 55.78
C VAL B 194 26.02 -15.97 54.51
N ASN B 195 26.46 -17.09 53.95
CA ASN B 195 25.84 -17.61 52.74
C ASN B 195 24.39 -17.93 53.00
N ILE B 196 23.52 -17.48 52.10
CA ILE B 196 22.09 -17.68 52.21
C ILE B 196 21.64 -18.55 51.05
N LEU B 197 21.06 -19.70 51.37
CA LEU B 197 20.59 -20.64 50.36
C LEU B 197 19.07 -20.72 50.41
N LYS B 198 18.45 -20.68 49.24
CA LYS B 198 17.00 -20.73 49.11
C LYS B 198 16.60 -22.08 48.54
N ALA B 199 15.61 -22.72 49.17
CA ALA B 199 15.12 -24.01 48.71
C ALA B 199 13.70 -24.18 49.24
N HIS B 200 12.73 -24.25 48.34
CA HIS B 200 11.35 -24.41 48.77
C HIS B 200 11.16 -25.77 49.43
N GLY B 201 9.95 -25.99 49.93
CA GLY B 201 9.67 -27.23 50.64
C GLY B 201 8.92 -27.02 51.94
N ARG B 202 9.56 -27.35 53.06
CA ARG B 202 8.91 -27.29 54.36
C ARG B 202 8.53 -25.87 54.73
N SER B 203 7.89 -25.71 55.88
CA SER B 203 7.44 -24.39 56.31
C SER B 203 8.63 -23.48 56.61
N GLN B 204 8.30 -22.21 56.87
CA GLN B 204 9.34 -21.24 57.22
C GLN B 204 10.04 -21.61 58.52
N MET B 205 9.32 -22.26 59.43
CA MET B 205 9.89 -22.64 60.72
C MET B 205 11.03 -23.63 60.58
N GLU B 206 11.11 -24.36 59.48
CA GLU B 206 12.18 -25.30 59.25
C GLU B 206 13.41 -24.66 58.62
N SER B 207 13.47 -23.33 58.56
CA SER B 207 14.70 -22.67 58.14
C SER B 207 15.82 -23.01 59.12
N MET B 208 16.98 -23.37 58.58
CA MET B 208 18.07 -23.89 59.37
C MET B 208 19.23 -22.90 59.38
N LEU B 209 19.82 -22.70 60.55
CA LEU B 209 21.05 -21.93 60.71
C LEU B 209 22.20 -22.91 60.83
N ILE B 210 23.04 -22.99 59.81
CA ILE B 210 24.14 -23.93 59.77
C ILE B 210 25.30 -23.37 60.58
N SER B 211 25.77 -24.13 61.57
CA SER B 211 26.94 -23.76 62.34
C SER B 211 28.19 -24.20 61.57
N GLY B 212 28.37 -23.57 60.42
CA GLY B 212 29.44 -23.92 59.51
C GLY B 212 29.28 -23.19 58.19
N TYR B 213 29.36 -23.93 57.08
CA TYR B 213 29.13 -23.34 55.78
C TYR B 213 28.31 -24.30 54.92
N ALA B 214 27.50 -23.73 54.04
CA ALA B 214 26.67 -24.49 53.12
C ALA B 214 27.08 -24.16 51.69
N LEU B 215 27.39 -25.20 50.92
CA LEU B 215 27.79 -25.04 49.53
C LEU B 215 26.65 -25.46 48.63
N ASN B 216 26.32 -24.62 47.64
CA ASN B 216 25.34 -24.99 46.65
C ASN B 216 25.98 -25.83 45.55
N CYS B 217 26.68 -26.89 45.96
CA CYS B 217 27.41 -27.75 45.04
C CYS B 217 27.27 -29.19 45.48
N VAL B 218 27.66 -30.10 44.60
CA VAL B 218 27.60 -31.54 44.84
C VAL B 218 28.96 -32.14 44.49
N VAL B 219 29.15 -33.39 44.91
CA VAL B 219 30.38 -34.09 44.59
C VAL B 219 30.43 -34.38 43.10
N GLY B 220 31.66 -34.46 42.57
CA GLY B 220 31.82 -34.61 41.13
C GLY B 220 31.34 -35.95 40.61
N SER B 221 31.62 -37.02 41.33
CA SER B 221 31.35 -38.37 40.88
C SER B 221 30.52 -39.12 41.92
N GLN B 222 29.68 -40.03 41.45
CA GLN B 222 28.82 -40.79 42.36
C GLN B 222 29.61 -41.82 43.16
N GLY B 223 30.80 -42.18 42.72
CA GLY B 223 31.58 -43.17 43.44
C GLY B 223 32.24 -42.68 44.70
N MET B 224 32.32 -41.37 44.90
CA MET B 224 32.96 -40.84 46.09
C MET B 224 32.03 -40.95 47.30
N PRO B 225 32.60 -41.05 48.50
CA PRO B 225 31.76 -41.00 49.70
C PRO B 225 31.08 -39.65 49.82
N LYS B 226 29.91 -39.66 50.45
CA LYS B 226 29.11 -38.46 50.62
C LYS B 226 29.11 -37.97 52.07
N ARG B 227 30.06 -38.41 52.88
CA ARG B 227 30.14 -37.99 54.27
C ARG B 227 31.54 -38.28 54.79
N ILE B 228 32.19 -37.25 55.33
CA ILE B 228 33.51 -37.39 55.95
C ILE B 228 33.41 -36.82 57.36
N VAL B 229 33.91 -37.58 58.34
CA VAL B 229 33.80 -37.16 59.72
C VAL B 229 34.88 -36.15 60.08
N ASN B 230 36.15 -36.54 59.95
CA ASN B 230 37.25 -35.63 60.29
C ASN B 230 37.82 -35.12 58.97
N ALA B 231 37.23 -34.05 58.46
CA ALA B 231 37.57 -33.56 57.14
C ALA B 231 38.88 -32.77 57.18
N LYS B 232 39.77 -33.09 56.26
CA LYS B 232 40.97 -32.31 55.99
C LYS B 232 40.75 -31.64 54.65
N ILE B 233 40.36 -30.38 54.69
CA ILE B 233 39.92 -29.67 53.49
C ILE B 233 41.13 -29.04 52.80
N ALA B 234 41.27 -29.30 51.51
CA ALA B 234 42.29 -28.68 50.67
C ALA B 234 41.57 -27.82 49.63
N CYS B 235 41.87 -26.53 49.63
CA CYS B 235 41.24 -25.58 48.71
C CYS B 235 42.22 -25.23 47.61
N LEU B 236 41.81 -25.43 46.36
CA LEU B 236 42.66 -25.20 45.20
C LEU B 236 41.99 -24.23 44.25
N ASP B 237 42.79 -23.43 43.56
CA ASP B 237 42.30 -22.42 42.64
C ASP B 237 42.58 -22.79 41.19
N PHE B 238 42.91 -24.05 40.92
CA PHE B 238 43.26 -24.49 39.58
C PHE B 238 42.52 -25.77 39.24
N SER B 239 42.32 -26.00 37.95
CA SER B 239 41.65 -27.20 37.48
C SER B 239 42.57 -28.41 37.59
N LEU B 240 41.96 -29.58 37.73
CA LEU B 240 42.65 -30.86 37.73
C LEU B 240 42.27 -31.57 36.43
N GLN B 241 43.00 -31.27 35.37
CA GLN B 241 42.71 -31.80 34.04
C GLN B 241 43.98 -32.35 33.43
N LYS B 242 43.85 -32.93 32.24
CA LYS B 242 45.02 -33.39 31.50
C LYS B 242 45.91 -32.20 31.17
N THR B 243 47.22 -32.40 31.29
CA THR B 243 48.16 -31.31 31.06
C THR B 243 48.25 -31.01 29.57
N LYS B 244 48.10 -29.73 29.23
CA LYS B 244 48.20 -29.27 27.85
C LYS B 244 49.19 -28.11 27.80
N MET B 245 50.15 -28.19 26.88
CA MET B 245 51.19 -27.18 26.81
C MET B 245 50.62 -25.84 26.36
N LYS B 246 51.30 -24.76 26.75
CA LYS B 246 50.82 -23.42 26.49
C LYS B 246 50.95 -23.08 25.00
N LEU B 247 50.58 -21.84 24.66
CA LEU B 247 50.61 -21.42 23.26
C LEU B 247 52.04 -21.39 22.73
N GLY B 248 52.99 -20.95 23.53
CA GLY B 248 54.35 -20.83 23.06
C GLY B 248 55.12 -22.11 22.96
N VAL B 249 54.48 -23.24 23.22
CA VAL B 249 55.13 -24.54 23.21
C VAL B 249 54.46 -25.42 22.16
N GLN B 250 55.26 -26.06 21.32
CA GLN B 250 54.79 -26.98 20.30
C GLN B 250 55.48 -28.32 20.46
N VAL B 251 54.78 -29.38 20.11
CA VAL B 251 55.33 -30.72 20.14
C VAL B 251 55.56 -31.15 18.69
N VAL B 252 56.82 -31.35 18.33
CA VAL B 252 57.19 -31.77 16.99
C VAL B 252 57.97 -33.08 17.12
N ILE B 253 57.50 -34.12 16.44
CA ILE B 253 58.05 -35.47 16.58
C ILE B 253 58.84 -35.79 15.32
N THR B 254 60.11 -36.13 15.50
CA THR B 254 60.94 -36.62 14.41
C THR B 254 61.26 -38.11 14.55
N ASP B 255 61.45 -38.59 15.76
CA ASP B 255 61.58 -40.01 16.01
C ASP B 255 60.25 -40.54 16.51
N PRO B 256 59.58 -41.42 15.78
CA PRO B 256 58.22 -41.85 16.18
C PRO B 256 58.18 -42.56 17.52
N GLU B 257 59.30 -43.09 18.00
CA GLU B 257 59.30 -43.82 19.27
C GLU B 257 58.96 -42.93 20.46
N LYS B 258 59.22 -41.62 20.37
CA LYS B 258 58.97 -40.74 21.50
C LYS B 258 57.52 -40.32 21.63
N LEU B 259 56.66 -40.68 20.66
CA LEU B 259 55.28 -40.19 20.69
C LEU B 259 54.51 -40.75 21.87
N ASP B 260 54.65 -42.04 22.15
CA ASP B 260 53.84 -42.66 23.19
C ASP B 260 54.19 -42.12 24.57
N GLN B 261 55.47 -41.95 24.86
CA GLN B 261 55.87 -41.45 26.17
C GLN B 261 55.38 -40.03 26.41
N ILE B 262 55.37 -39.21 25.36
CA ILE B 262 54.92 -37.83 25.50
C ILE B 262 53.45 -37.81 25.89
N ARG B 263 52.62 -38.63 25.23
CA ARG B 263 51.21 -38.67 25.55
C ARG B 263 50.98 -39.16 26.98
N GLN B 264 51.85 -40.03 27.48
CA GLN B 264 51.73 -40.49 28.85
C GLN B 264 51.89 -39.35 29.84
N ARG B 265 52.85 -38.46 29.59
CA ARG B 265 53.07 -37.34 30.49
C ARG B 265 51.92 -36.36 30.51
N GLU B 266 51.11 -36.30 29.45
CA GLU B 266 49.97 -35.41 29.44
C GLU B 266 49.00 -35.73 30.55
N SER B 267 48.94 -37.00 30.96
CA SER B 267 48.04 -37.42 32.02
C SER B 267 48.74 -37.74 33.33
N ASP B 268 50.03 -38.09 33.30
CA ASP B 268 50.73 -38.41 34.54
C ASP B 268 51.07 -37.16 35.35
N ILE B 269 51.22 -36.01 34.70
CA ILE B 269 51.55 -34.79 35.43
C ILE B 269 50.45 -34.45 36.41
N THR B 270 49.20 -34.50 35.95
CA THR B 270 48.08 -34.25 36.85
C THR B 270 47.97 -35.33 37.90
N LYS B 271 48.23 -36.59 37.52
CA LYS B 271 48.18 -37.68 38.48
C LYS B 271 49.19 -37.48 39.59
N GLU B 272 50.40 -37.04 39.25
CA GLU B 272 51.41 -36.79 40.27
C GLU B 272 51.00 -35.68 41.21
N ARG B 273 50.36 -34.63 40.67
CA ARG B 273 49.87 -33.56 41.53
C ARG B 273 48.81 -34.07 42.50
N ILE B 274 47.88 -34.88 42.00
CA ILE B 274 46.82 -35.39 42.87
C ILE B 274 47.38 -36.33 43.93
N GLN B 275 48.37 -37.14 43.55
CA GLN B 275 48.99 -38.03 44.52
C GLN B 275 49.68 -37.25 45.63
N LYS B 276 50.33 -36.14 45.28
CA LYS B 276 50.94 -35.30 46.31
C LYS B 276 49.90 -34.72 47.25
N ILE B 277 48.77 -34.26 46.71
CA ILE B 277 47.72 -33.70 47.54
C ILE B 277 47.12 -34.77 48.44
N LEU B 278 46.86 -35.95 47.90
CA LEU B 278 46.24 -37.01 48.69
C LEU B 278 47.21 -37.61 49.70
N ALA B 279 48.52 -37.51 49.45
CA ALA B 279 49.48 -38.13 50.33
C ALA B 279 49.53 -37.49 51.71
N THR B 280 49.06 -36.26 51.84
CA THR B 280 49.10 -35.55 53.10
C THR B 280 47.87 -35.78 53.96
N GLY B 281 46.94 -36.63 53.51
CA GLY B 281 45.77 -36.97 54.28
C GLY B 281 44.53 -36.16 53.99
N ALA B 282 44.50 -35.40 52.89
CA ALA B 282 43.33 -34.60 52.57
C ALA B 282 42.14 -35.50 52.27
N ASN B 283 40.99 -35.15 52.83
CA ASN B 283 39.75 -35.86 52.59
C ASN B 283 38.80 -35.13 51.66
N VAL B 284 38.78 -33.81 51.71
CA VAL B 284 37.89 -32.99 50.88
C VAL B 284 38.76 -32.09 50.00
N ILE B 285 38.51 -32.13 48.70
CA ILE B 285 39.24 -31.30 47.75
C ILE B 285 38.22 -30.40 47.06
N LEU B 286 38.34 -29.10 47.30
CA LEU B 286 37.46 -28.09 46.71
C LEU B 286 38.28 -27.26 45.74
N THR B 287 37.80 -27.17 44.50
CA THR B 287 38.51 -26.44 43.46
C THR B 287 37.53 -25.56 42.68
N THR B 288 38.03 -24.42 42.22
CA THR B 288 37.22 -23.52 41.42
C THR B 288 37.16 -23.92 39.96
N GLY B 289 38.05 -24.80 39.52
CA GLY B 289 38.06 -25.27 38.15
C GLY B 289 37.42 -26.64 38.01
N GLY B 290 37.37 -27.11 36.77
CA GLY B 290 36.82 -28.41 36.49
C GLY B 290 37.76 -29.53 36.86
N ILE B 291 37.20 -30.74 36.91
CA ILE B 291 37.96 -31.96 37.18
C ILE B 291 37.61 -32.97 36.09
N ASP B 292 38.62 -33.49 35.40
CA ASP B 292 38.36 -34.46 34.37
C ASP B 292 37.92 -35.79 34.98
N ASP B 293 37.35 -36.64 34.13
CA ASP B 293 36.85 -37.92 34.59
C ASP B 293 37.98 -38.80 35.13
N MET B 294 39.13 -38.81 34.45
CA MET B 294 40.23 -39.64 34.91
C MET B 294 40.84 -39.11 36.20
N CYS B 295 40.70 -37.82 36.47
CA CYS B 295 41.15 -37.28 37.75
C CYS B 295 40.20 -37.61 38.89
N LEU B 296 38.90 -37.66 38.61
CA LEU B 296 37.93 -37.98 39.66
C LEU B 296 38.14 -39.39 40.20
N LYS B 297 38.65 -40.30 39.37
CA LYS B 297 38.83 -41.67 39.82
C LYS B 297 39.86 -41.76 40.93
N TYR B 298 40.87 -40.89 40.91
CA TYR B 298 41.87 -40.92 41.98
C TYR B 298 41.25 -40.59 43.32
N PHE B 299 40.35 -39.61 43.35
CA PHE B 299 39.62 -39.33 44.59
C PHE B 299 38.65 -40.45 44.93
N VAL B 300 38.05 -41.08 43.91
CA VAL B 300 37.13 -42.18 44.16
C VAL B 300 37.86 -43.34 44.82
N GLU B 301 39.02 -43.71 44.28
CA GLU B 301 39.76 -44.85 44.83
C GLU B 301 40.32 -44.55 46.20
N ALA B 302 40.62 -43.28 46.48
CA ALA B 302 41.17 -42.89 47.78
C ALA B 302 40.10 -42.64 48.82
N GLY B 303 38.82 -42.73 48.46
CA GLY B 303 37.75 -42.46 49.41
C GLY B 303 37.69 -41.02 49.85
N ALA B 304 37.83 -40.07 48.93
CA ALA B 304 37.86 -38.66 49.26
C ALA B 304 36.79 -37.92 48.47
N MET B 305 36.21 -36.89 49.09
CA MET B 305 35.23 -36.05 48.42
C MET B 305 35.95 -35.01 47.57
N ALA B 306 35.47 -34.82 46.35
CA ALA B 306 36.01 -33.80 45.46
C ALA B 306 34.86 -33.03 44.84
N VAL B 307 34.90 -31.71 44.96
CA VAL B 307 33.86 -30.82 44.43
C VAL B 307 34.53 -29.87 43.46
N ARG B 308 33.93 -29.72 42.28
CA ARG B 308 34.48 -28.88 41.23
C ARG B 308 33.57 -27.69 40.98
N ARG B 309 34.15 -26.68 40.30
CA ARG B 309 33.42 -25.46 39.95
C ARG B 309 32.87 -24.75 41.18
N VAL B 310 33.64 -24.77 42.27
CA VAL B 310 33.26 -24.05 43.47
C VAL B 310 33.45 -22.55 43.23
N LEU B 311 32.47 -21.76 43.64
CA LEU B 311 32.55 -20.31 43.47
C LEU B 311 33.74 -19.76 44.23
N LYS B 312 34.40 -18.75 43.63
CA LYS B 312 35.61 -18.21 44.23
C LYS B 312 35.32 -17.56 45.57
N ARG B 313 34.21 -16.82 45.67
CA ARG B 313 33.87 -16.21 46.95
C ARG B 313 33.49 -17.26 47.99
N ASP B 314 32.83 -18.33 47.56
CA ASP B 314 32.51 -19.41 48.48
C ASP B 314 33.77 -20.10 48.99
N LEU B 315 34.75 -20.33 48.11
CA LEU B 315 35.98 -20.98 48.52
C LEU B 315 36.78 -20.10 49.48
N LYS B 316 36.77 -18.78 49.25
CA LYS B 316 37.51 -17.88 50.13
C LYS B 316 36.93 -17.93 51.55
N ARG B 317 35.61 -17.96 51.67
CA ARG B 317 34.99 -18.03 52.99
C ARG B 317 35.29 -19.35 53.67
N ILE B 318 35.24 -20.46 52.91
CA ILE B 318 35.54 -21.76 53.49
C ILE B 318 37.00 -21.83 53.92
N ALA B 319 37.91 -21.33 53.10
CA ALA B 319 39.32 -21.33 53.46
C ALA B 319 39.57 -20.49 54.70
N LYS B 320 38.94 -19.31 54.77
CA LYS B 320 39.09 -18.47 55.95
C LYS B 320 38.49 -19.15 57.18
N ALA B 321 37.33 -19.78 57.02
CA ALA B 321 36.66 -20.39 58.16
C ALA B 321 37.38 -21.65 58.62
N SER B 322 37.79 -22.50 57.69
CA SER B 322 38.37 -23.80 58.04
C SER B 322 39.86 -23.73 58.32
N GLY B 323 40.50 -22.57 58.12
CA GLY B 323 41.93 -22.48 58.34
C GLY B 323 42.78 -22.98 57.20
N ALA B 324 42.20 -23.20 56.03
CA ALA B 324 42.96 -23.68 54.89
C ALA B 324 43.63 -22.51 54.18
N THR B 325 44.35 -22.82 53.10
CA THR B 325 45.03 -21.81 52.30
C THR B 325 44.73 -22.04 50.83
N ILE B 326 44.30 -20.99 50.15
CA ILE B 326 44.02 -21.10 48.73
C ILE B 326 45.35 -21.24 47.97
N LEU B 327 45.43 -22.25 47.12
CA LEU B 327 46.62 -22.48 46.30
C LEU B 327 46.24 -22.41 44.83
N SER B 328 46.72 -21.38 44.15
CA SER B 328 46.55 -21.32 42.71
C SER B 328 47.52 -22.23 41.98
N THR B 329 48.57 -22.70 42.64
CA THR B 329 49.53 -23.60 42.03
C THR B 329 50.28 -24.33 43.13
N LEU B 330 50.82 -25.49 42.76
CA LEU B 330 51.71 -26.25 43.63
C LEU B 330 53.13 -25.88 43.23
N ALA B 331 53.73 -24.94 43.96
CA ALA B 331 55.07 -24.49 43.64
C ALA B 331 55.65 -23.79 44.87
N ASN B 332 56.70 -24.36 45.44
CA ASN B 332 57.34 -23.77 46.60
C ASN B 332 58.38 -22.75 46.13
N LEU B 333 59.15 -22.22 47.08
CA LEU B 333 60.20 -21.26 46.76
C LEU B 333 61.51 -21.93 46.40
N GLU B 334 61.56 -23.26 46.38
CA GLU B 334 62.73 -23.99 45.95
C GLU B 334 62.62 -24.45 44.51
N GLY B 335 61.61 -24.00 43.79
CA GLY B 335 61.41 -24.39 42.41
C GLY B 335 60.78 -25.74 42.21
N GLU B 336 60.45 -26.45 43.28
CA GLU B 336 59.87 -27.77 43.18
C GLU B 336 58.34 -27.65 43.14
N GLU B 337 57.66 -28.78 43.24
CA GLU B 337 56.21 -28.84 43.16
C GLU B 337 55.74 -29.73 44.31
N THR B 338 55.32 -29.10 45.40
CA THR B 338 55.05 -29.82 46.64
C THR B 338 53.77 -29.29 47.29
N PHE B 339 53.22 -30.12 48.17
CA PHE B 339 52.04 -29.78 48.96
C PHE B 339 52.30 -30.12 50.42
N GLU B 340 51.91 -29.24 51.31
CA GLU B 340 52.21 -29.37 52.73
C GLU B 340 50.94 -29.58 53.55
N ALA B 341 51.10 -30.28 54.66
CA ALA B 341 49.96 -30.51 55.55
C ALA B 341 49.50 -29.24 56.23
N ALA B 342 50.40 -28.27 56.40
CA ALA B 342 50.05 -27.02 57.06
C ALA B 342 49.05 -26.20 56.27
N MET B 343 48.83 -26.53 55.00
CA MET B 343 47.89 -25.82 54.15
C MET B 343 46.55 -26.55 54.06
N LEU B 344 46.17 -27.27 55.10
CA LEU B 344 44.94 -28.05 55.13
C LEU B 344 43.98 -27.46 56.15
N GLY B 345 42.76 -27.17 55.73
CA GLY B 345 41.72 -26.81 56.66
C GLY B 345 41.12 -28.02 57.33
N GLN B 346 40.33 -27.76 58.38
CA GLN B 346 39.70 -28.85 59.12
C GLN B 346 38.25 -28.49 59.42
N ALA B 347 37.44 -29.53 59.57
CA ALA B 347 36.04 -29.38 59.93
C ALA B 347 35.58 -30.64 60.64
N GLU B 348 34.50 -30.51 61.41
CA GLU B 348 34.01 -31.63 62.20
C GLU B 348 33.14 -32.59 61.39
N GLU B 349 32.72 -32.20 60.18
CA GLU B 349 31.90 -33.04 59.33
C GLU B 349 31.72 -32.36 57.99
N VAL B 350 31.60 -33.16 56.93
CA VAL B 350 31.19 -32.69 55.61
C VAL B 350 30.15 -33.67 55.09
N VAL B 351 28.97 -33.16 54.74
CA VAL B 351 27.83 -34.01 54.41
C VAL B 351 27.23 -33.59 53.08
N GLN B 352 26.81 -34.58 52.30
CA GLN B 352 26.04 -34.36 51.07
C GLN B 352 24.56 -34.39 51.47
N GLU B 353 24.10 -33.27 52.03
CA GLU B 353 22.73 -33.21 52.52
C GLU B 353 21.74 -33.10 51.36
N ARG B 354 20.53 -33.61 51.57
CA ARG B 354 19.46 -33.56 50.58
C ARG B 354 18.38 -32.61 51.06
N ILE B 355 18.03 -31.66 50.20
CA ILE B 355 17.07 -30.60 50.54
C ILE B 355 16.05 -30.52 49.41
N CYS B 356 14.90 -31.16 49.61
CA CYS B 356 13.74 -31.05 48.70
C CYS B 356 14.13 -31.43 47.27
N ASP B 357 14.45 -32.72 47.12
CA ASP B 357 14.78 -33.32 45.83
C ASP B 357 16.03 -32.70 45.21
N ASP B 358 16.82 -32.00 46.02
CA ASP B 358 18.09 -31.44 45.59
C ASP B 358 19.10 -31.63 46.71
N GLU B 359 20.38 -31.55 46.37
CA GLU B 359 21.44 -31.87 47.30
C GLU B 359 22.45 -30.74 47.37
N LEU B 360 23.12 -30.64 48.52
CA LEU B 360 24.11 -29.60 48.75
C LEU B 360 25.09 -30.07 49.81
N ILE B 361 26.22 -29.38 49.89
CA ILE B 361 27.31 -29.73 50.81
C ILE B 361 27.15 -28.91 52.09
N LEU B 362 27.28 -29.57 53.22
CA LEU B 362 27.27 -28.93 54.53
C LEU B 362 28.62 -29.14 55.19
N ILE B 363 29.43 -28.08 55.27
CA ILE B 363 30.68 -28.12 56.01
C ILE B 363 30.37 -27.68 57.42
N LYS B 364 30.22 -28.65 58.33
CA LYS B 364 29.71 -28.40 59.67
C LYS B 364 30.86 -28.22 60.65
N ASN B 365 30.78 -27.16 61.45
CA ASN B 365 31.67 -26.92 62.58
C ASN B 365 33.14 -26.85 62.14
N THR B 366 33.43 -25.84 61.33
CA THR B 366 34.79 -25.55 60.94
C THR B 366 35.60 -25.09 62.14
N LYS B 367 36.89 -25.38 62.12
CA LYS B 367 37.78 -25.03 63.21
C LYS B 367 38.59 -23.80 62.86
N ALA B 368 39.14 -23.17 63.91
CA ALA B 368 40.00 -21.98 63.81
C ALA B 368 39.23 -20.73 63.44
N ARG B 369 37.93 -20.87 63.14
CA ARG B 369 37.06 -19.75 62.88
C ARG B 369 35.63 -20.27 62.79
N THR B 370 34.69 -19.49 63.30
CA THR B 370 33.27 -19.87 63.26
C THR B 370 32.60 -19.13 62.11
N SER B 371 31.93 -19.88 61.25
CA SER B 371 31.17 -19.34 60.14
C SER B 371 29.69 -19.64 60.35
N ALA B 372 28.87 -19.19 59.42
CA ALA B 372 27.44 -19.39 59.52
C ALA B 372 26.82 -19.34 58.13
N SER B 373 25.76 -20.13 57.95
CA SER B 373 24.97 -20.10 56.73
C SER B 373 23.52 -20.35 57.10
N ILE B 374 22.62 -19.85 56.28
CA ILE B 374 21.18 -19.95 56.52
C ILE B 374 20.52 -20.55 55.30
N ILE B 375 19.67 -21.55 55.52
CA ILE B 375 18.87 -22.15 54.46
C ILE B 375 17.42 -21.74 54.70
N LEU B 376 16.82 -21.08 53.72
CA LEU B 376 15.46 -20.59 53.82
C LEU B 376 14.52 -21.55 53.10
N ARG B 377 13.43 -21.92 53.77
CA ARG B 377 12.43 -22.81 53.22
C ARG B 377 11.11 -22.07 53.11
N GLY B 378 10.45 -22.19 51.96
CA GLY B 378 9.20 -21.50 51.75
C GLY B 378 8.29 -22.29 50.83
N ALA B 379 7.14 -21.70 50.53
CA ALA B 379 6.15 -22.35 49.67
C ALA B 379 6.69 -22.52 48.25
N ASN B 380 7.34 -21.51 47.71
CA ASN B 380 7.81 -21.57 46.34
C ASN B 380 8.98 -20.61 46.17
N ASP B 381 9.46 -20.50 44.94
CA ASP B 381 10.62 -19.66 44.66
C ASP B 381 10.31 -18.19 44.86
N PHE B 382 9.09 -17.76 44.51
CA PHE B 382 8.72 -16.36 44.69
C PHE B 382 8.78 -15.97 46.15
N MET B 383 8.29 -16.84 47.03
CA MET B 383 8.30 -16.54 48.46
C MET B 383 9.70 -16.70 49.06
N CYS B 384 10.46 -17.70 48.61
CA CYS B 384 11.81 -17.87 49.10
C CYS B 384 12.70 -16.70 48.70
N ASP B 385 12.48 -16.15 47.52
CA ASP B 385 13.25 -15.01 47.07
C ASP B 385 13.02 -13.81 47.98
N GLU B 386 11.78 -13.60 48.41
CA GLU B 386 11.48 -12.45 49.24
C GLU B 386 12.07 -12.59 50.64
N MET B 387 12.10 -13.81 51.18
CA MET B 387 12.68 -13.99 52.51
C MET B 387 14.16 -13.62 52.52
N GLU B 388 14.87 -13.94 51.43
CA GLU B 388 16.28 -13.57 51.35
C GLU B 388 16.47 -12.05 51.39
N ARG B 389 15.63 -11.32 50.65
CA ARG B 389 15.72 -9.87 50.70
C ARG B 389 15.35 -9.34 52.07
N SER B 390 14.32 -9.90 52.68
CA SER B 390 13.92 -9.47 54.02
C SER B 390 15.00 -9.80 55.04
N LEU B 391 15.61 -10.98 54.93
CA LEU B 391 16.67 -11.35 55.86
C LEU B 391 17.90 -10.49 55.68
N HIS B 392 18.16 -10.03 54.46
CA HIS B 392 19.31 -9.18 54.22
C HIS B 392 19.19 -7.86 54.99
N ASP B 393 17.98 -7.29 55.03
CA ASP B 393 17.76 -6.09 55.82
C ASP B 393 18.06 -6.35 57.29
N ALA B 394 17.56 -7.47 57.82
CA ALA B 394 17.78 -7.78 59.23
C ALA B 394 19.25 -7.97 59.54
N LEU B 395 19.99 -8.64 58.64
CA LEU B 395 21.42 -8.78 58.84
C LEU B 395 22.12 -7.44 58.84
N CYS B 396 21.71 -6.55 57.94
CA CYS B 396 22.30 -5.21 57.89
C CYS B 396 21.96 -4.42 59.15
N VAL B 397 20.71 -4.51 59.62
CA VAL B 397 20.29 -3.73 60.78
C VAL B 397 21.08 -4.13 62.01
N VAL B 398 21.24 -5.43 62.23
CA VAL B 398 22.00 -5.89 63.39
C VAL B 398 23.47 -5.49 63.25
N LYS B 399 23.99 -5.49 62.03
CA LYS B 399 25.38 -5.08 61.82
C LYS B 399 25.60 -3.64 62.26
N ARG B 400 24.67 -2.75 61.93
CA ARG B 400 24.83 -1.34 62.32
C ARG B 400 24.74 -1.18 63.83
N VAL B 401 23.85 -1.92 64.49
CA VAL B 401 23.69 -1.78 65.93
C VAL B 401 24.92 -2.28 66.66
N LEU B 402 25.54 -3.35 66.16
CA LEU B 402 26.73 -3.86 66.83
C LEU B 402 27.94 -2.98 66.57
N GLU B 403 27.98 -2.29 65.43
CA GLU B 403 29.09 -1.38 65.15
C GLU B 403 28.94 -0.08 65.92
N SER B 404 27.86 0.65 65.66
CA SER B 404 27.52 1.84 66.43
C SER B 404 26.50 1.42 67.49
N LYS B 405 26.84 1.65 68.76
CA LYS B 405 26.08 1.09 69.87
C LYS B 405 24.90 1.96 70.28
N SER B 406 24.36 2.75 69.36
CA SER B 406 23.24 3.62 69.64
C SER B 406 22.04 3.24 68.78
N VAL B 407 20.84 3.34 69.36
CA VAL B 407 19.61 3.08 68.64
C VAL B 407 18.63 4.21 68.93
N VAL B 408 17.61 4.32 68.09
CA VAL B 408 16.58 5.34 68.22
C VAL B 408 15.22 4.66 68.28
N PRO B 409 14.25 5.22 69.00
CA PRO B 409 12.90 4.64 69.00
C PRO B 409 12.28 4.71 67.63
N GLY B 410 11.51 3.66 67.28
CA GLY B 410 10.88 3.57 65.99
C GLY B 410 9.43 4.04 66.02
N GLY B 411 8.73 3.76 64.93
CA GLY B 411 7.32 4.11 64.83
C GLY B 411 7.05 5.60 64.79
N GLY B 412 7.87 6.37 64.07
CA GLY B 412 7.64 7.78 63.95
C GLY B 412 7.99 8.60 65.16
N ALA B 413 8.65 8.02 66.16
CA ALA B 413 9.04 8.78 67.34
C ALA B 413 10.04 9.88 66.98
N VAL B 414 11.00 9.56 66.12
CA VAL B 414 12.04 10.53 65.78
C VAL B 414 11.45 11.69 64.98
N GLU B 415 10.64 11.38 63.96
CA GLU B 415 10.05 12.44 63.15
C GLU B 415 9.13 13.33 63.97
N ALA B 416 8.33 12.74 64.85
CA ALA B 416 7.47 13.55 65.70
C ALA B 416 8.28 14.45 66.61
N ALA B 417 9.34 13.92 67.22
CA ALA B 417 10.18 14.74 68.09
C ALA B 417 10.87 15.84 67.30
N LEU B 418 11.38 15.52 66.11
CA LEU B 418 12.08 16.50 65.30
C LEU B 418 11.14 17.61 64.84
N SER B 419 9.92 17.27 64.48
CA SER B 419 8.99 18.27 63.96
C SER B 419 8.69 19.32 65.02
N ILE B 420 8.53 18.91 66.28
CA ILE B 420 8.29 19.86 67.35
C ILE B 420 9.51 20.74 67.56
N TYR B 421 10.69 20.14 67.60
CA TYR B 421 11.89 20.90 67.93
C TYR B 421 12.28 21.85 66.80
N LEU B 422 12.25 21.35 65.57
CA LEU B 422 12.70 22.17 64.44
C LEU B 422 11.80 23.38 64.24
N GLU B 423 10.48 23.20 64.37
CA GLU B 423 9.59 24.33 64.16
C GLU B 423 9.76 25.37 65.27
N ASN B 424 10.14 24.95 66.47
CA ASN B 424 10.46 25.91 67.52
C ASN B 424 11.82 26.55 67.28
N TYR B 425 12.79 25.77 66.82
CA TYR B 425 14.11 26.29 66.53
C TYR B 425 14.12 27.19 65.32
N ALA B 426 13.17 27.04 64.41
CA ALA B 426 13.13 27.86 63.21
C ALA B 426 12.91 29.33 63.54
N THR B 427 12.22 29.63 64.64
CA THR B 427 11.91 31.00 65.00
C THR B 427 13.15 31.79 65.42
N SER B 428 14.29 31.14 65.63
CA SER B 428 15.50 31.81 66.10
C SER B 428 16.61 31.83 65.04
N MET B 429 16.26 31.63 63.77
CA MET B 429 17.25 31.58 62.70
C MET B 429 16.76 32.42 61.52
N GLY B 430 17.29 33.63 61.40
CA GLY B 430 16.99 34.46 60.25
C GLY B 430 15.53 34.90 60.21
N SER B 431 15.12 35.36 59.03
CA SER B 431 13.76 35.79 58.79
C SER B 431 13.14 35.13 57.57
N ARG B 432 13.94 34.87 56.53
CA ARG B 432 13.44 34.20 55.33
C ARG B 432 13.65 32.70 55.39
N GLU B 433 14.70 32.25 56.07
CA GLU B 433 14.93 30.82 56.24
C GLU B 433 13.97 30.21 57.25
N GLN B 434 13.23 31.02 58.01
CA GLN B 434 12.31 30.48 59.00
C GLN B 434 11.25 29.61 58.35
N LEU B 435 10.70 30.06 57.22
CA LEU B 435 9.71 29.25 56.52
C LEU B 435 10.31 27.96 56.00
N ALA B 436 11.54 28.02 55.48
CA ALA B 436 12.18 26.83 54.94
C ALA B 436 12.42 25.78 56.01
N ILE B 437 12.89 26.20 57.18
CA ILE B 437 13.13 25.26 58.27
C ILE B 437 11.81 24.69 58.78
N ALA B 438 10.78 25.52 58.87
CA ALA B 438 9.48 25.05 59.32
C ALA B 438 8.92 23.99 58.37
N GLU B 439 9.08 24.21 57.07
CA GLU B 439 8.62 23.21 56.10
C GLU B 439 9.42 21.93 56.18
N PHE B 440 10.70 22.01 56.54
CA PHE B 440 11.48 20.80 56.80
C PHE B 440 10.89 20.01 57.95
N ALA B 441 10.50 20.71 59.03
CA ALA B 441 9.88 20.03 60.16
C ALA B 441 8.54 19.41 59.77
N ARG B 442 7.74 20.12 58.98
CA ARG B 442 6.46 19.58 58.56
C ARG B 442 6.63 18.36 57.67
N SER B 443 7.63 18.39 56.79
CA SER B 443 7.80 17.30 55.84
C SER B 443 8.17 15.99 56.53
N LEU B 444 8.82 16.05 57.69
CA LEU B 444 9.18 14.84 58.40
C LEU B 444 7.97 14.07 58.91
N LEU B 445 6.83 14.73 59.07
CA LEU B 445 5.63 14.07 59.57
C LEU B 445 5.01 13.13 58.56
N VAL B 446 5.52 13.06 57.33
CA VAL B 446 4.97 12.15 56.34
C VAL B 446 5.19 10.70 56.73
N ILE B 447 6.19 10.41 57.57
CA ILE B 447 6.45 9.03 57.97
C ILE B 447 5.37 8.58 58.94
N PRO B 448 5.14 9.23 60.08
CA PRO B 448 4.02 8.80 60.94
C PRO B 448 2.67 8.92 60.26
N ASN B 449 2.49 9.88 59.36
CA ASN B 449 1.24 9.98 58.63
C ASN B 449 1.00 8.75 57.76
N THR B 450 2.04 8.28 57.08
CA THR B 450 1.88 7.12 56.19
C THR B 450 1.64 5.85 56.98
N LEU B 451 2.28 5.70 58.14
CA LEU B 451 2.07 4.52 58.95
C LEU B 451 0.61 4.41 59.37
N ALA B 452 0.02 5.52 59.81
CA ALA B 452 -1.37 5.50 60.25
C ALA B 452 -2.31 5.26 59.08
N VAL B 453 -2.00 5.83 57.90
CA VAL B 453 -2.87 5.65 56.75
C VAL B 453 -2.90 4.18 56.32
N ASN B 454 -1.73 3.54 56.30
CA ASN B 454 -1.67 2.15 55.87
C ASN B 454 -2.47 1.23 56.79
N ALA B 455 -2.66 1.62 58.04
CA ALA B 455 -3.43 0.83 58.99
C ALA B 455 -4.91 1.17 58.95
N ALA B 456 -5.33 2.03 58.03
CA ALA B 456 -6.73 2.46 57.91
C ALA B 456 -7.23 3.07 59.22
N GLN B 457 -6.39 3.90 59.83
CA GLN B 457 -6.73 4.57 61.07
C GLN B 457 -6.70 6.08 60.85
N ASP B 458 -7.20 6.80 61.85
CA ASP B 458 -7.25 8.26 61.78
C ASP B 458 -5.85 8.82 61.91
N SER B 459 -5.24 9.15 60.77
CA SER B 459 -3.88 9.71 60.79
C SER B 459 -3.87 11.09 61.43
N THR B 460 -4.91 11.88 61.23
CA THR B 460 -4.94 13.23 61.78
C THR B 460 -4.91 13.20 63.31
N ASP B 461 -5.71 12.33 63.92
CA ASP B 461 -5.75 12.28 65.39
C ASP B 461 -4.49 11.67 65.97
N LEU B 462 -4.02 10.56 65.40
CA LEU B 462 -2.85 9.89 65.95
C LEU B 462 -1.62 10.79 65.92
N VAL B 463 -1.40 11.47 64.80
CA VAL B 463 -0.26 12.36 64.69
C VAL B 463 -0.40 13.53 65.66
N ALA B 464 -1.61 14.08 65.78
CA ALA B 464 -1.84 15.16 66.72
C ALA B 464 -1.60 14.71 68.15
N LYS B 465 -2.11 13.54 68.52
CA LYS B 465 -1.84 13.00 69.85
C LYS B 465 -0.36 12.72 70.04
N LEU B 466 0.28 12.14 69.01
CA LEU B 466 1.71 11.87 69.09
C LEU B 466 2.50 13.17 69.22
N ARG B 467 2.12 14.19 68.45
CA ARG B 467 2.82 15.47 68.53
C ARG B 467 2.58 16.14 69.88
N ALA B 468 1.38 15.97 70.44
CA ALA B 468 1.08 16.57 71.74
C ALA B 468 1.99 16.00 72.82
N PHE B 469 2.21 14.68 72.81
CA PHE B 469 3.11 14.07 73.78
C PHE B 469 4.53 14.59 73.62
N HIS B 470 5.00 14.69 72.37
CA HIS B 470 6.36 15.16 72.14
C HIS B 470 6.51 16.63 72.48
N ASN B 471 5.47 17.43 72.24
CA ASN B 471 5.52 18.83 72.63
C ASN B 471 5.68 18.96 74.14
N GLU B 472 4.96 18.13 74.90
CA GLU B 472 5.07 18.18 76.36
C GLU B 472 6.46 17.83 76.83
N ALA B 473 7.09 16.84 76.18
CA ALA B 473 8.42 16.42 76.60
C ALA B 473 9.44 17.54 76.45
N GLN B 474 9.33 18.31 75.38
CA GLN B 474 10.31 19.37 75.13
C GLN B 474 10.10 20.57 76.03
N VAL B 475 8.85 20.93 76.32
CA VAL B 475 8.59 22.11 77.14
C VAL B 475 8.61 21.81 78.64
N ASN B 476 8.38 20.56 79.03
CA ASN B 476 8.38 20.19 80.44
C ASN B 476 9.64 19.41 80.77
N PRO B 477 10.56 19.95 81.56
CA PRO B 477 11.83 19.25 81.82
C PRO B 477 11.67 17.94 82.57
N GLU B 478 10.57 17.74 83.29
CA GLU B 478 10.37 16.53 84.07
C GLU B 478 9.55 15.47 83.35
N ARG B 479 9.16 15.72 82.10
CA ARG B 479 8.43 14.76 81.29
C ARG B 479 9.26 14.29 80.10
N LYS B 480 10.57 14.14 80.31
CA LYS B 480 11.46 13.78 79.23
C LYS B 480 11.29 12.33 78.78
N ASN B 481 10.56 11.51 79.53
CA ASN B 481 10.33 10.13 79.11
C ASN B 481 9.40 10.02 77.93
N LEU B 482 8.73 11.10 77.54
CA LEU B 482 7.80 11.05 76.43
C LEU B 482 8.48 11.10 75.07
N LYS B 483 9.80 11.28 75.04
CA LYS B 483 10.52 11.26 73.76
C LYS B 483 10.37 9.90 73.08
N TRP B 484 10.22 8.83 73.85
CA TRP B 484 10.16 7.49 73.29
C TRP B 484 8.80 7.12 72.73
N ILE B 485 7.79 7.98 72.90
CA ILE B 485 6.45 7.63 72.45
C ILE B 485 6.40 7.64 70.93
N GLY B 486 5.93 6.53 70.36
CA GLY B 486 5.76 6.42 68.93
C GLY B 486 4.34 6.06 68.54
N LEU B 487 4.17 5.10 67.64
CA LEU B 487 2.85 4.66 67.23
C LEU B 487 2.71 3.16 67.45
N ASP B 488 1.56 2.75 67.98
CA ASP B 488 1.21 1.34 68.10
C ASP B 488 0.17 1.05 67.02
N LEU B 489 0.66 0.54 65.88
CA LEU B 489 -0.22 0.38 64.73
C LEU B 489 -1.26 -0.71 64.95
N SER B 490 -0.99 -1.67 65.83
CA SER B 490 -1.93 -2.74 66.08
C SER B 490 -3.21 -2.21 66.70
N ASN B 491 -3.10 -1.29 67.65
CA ASN B 491 -4.26 -0.74 68.35
C ASN B 491 -4.59 0.69 67.94
N GLY B 492 -3.66 1.39 67.30
CA GLY B 492 -3.91 2.76 66.89
C GLY B 492 -3.92 3.74 68.04
N LYS B 493 -2.80 3.83 68.76
CA LYS B 493 -2.67 4.77 69.86
C LYS B 493 -1.19 4.96 70.16
N PRO B 494 -0.81 6.10 70.74
CA PRO B 494 0.60 6.30 71.08
C PRO B 494 1.07 5.29 72.13
N ARG B 495 2.35 4.95 72.06
CA ARG B 495 2.91 3.94 72.94
C ARG B 495 4.40 4.20 73.10
N ASP B 496 4.91 3.97 74.31
CA ASP B 496 6.34 4.13 74.57
C ASP B 496 7.07 3.05 73.78
N ASN B 497 7.69 3.44 72.68
CA ASN B 497 8.34 2.47 71.79
C ASN B 497 9.67 1.97 72.34
N LYS B 498 10.34 2.75 73.20
CA LYS B 498 11.55 2.24 73.83
C LYS B 498 11.24 1.04 74.72
N GLN B 499 10.15 1.11 75.48
CA GLN B 499 9.74 -0.04 76.28
C GLN B 499 9.16 -1.13 75.39
N ALA B 500 8.43 -0.75 74.34
CA ALA B 500 7.82 -1.71 73.44
C ALA B 500 8.84 -2.45 72.60
N GLY B 501 10.10 -2.03 72.60
CA GLY B 501 11.11 -2.72 71.84
C GLY B 501 11.10 -2.44 70.36
N VAL B 502 10.69 -1.26 69.95
CA VAL B 502 10.69 -0.87 68.54
C VAL B 502 11.88 0.06 68.35
N PHE B 503 13.02 -0.52 67.97
CA PHE B 503 14.26 0.20 67.83
C PHE B 503 14.71 0.22 66.37
N GLU B 504 15.53 1.22 66.05
CA GLU B 504 16.21 1.31 64.78
C GLU B 504 17.63 1.76 65.03
N PRO B 505 18.57 1.37 64.17
CA PRO B 505 19.93 1.91 64.27
C PRO B 505 19.90 3.42 64.04
N THR B 506 20.74 4.13 64.77
CA THR B 506 20.79 5.58 64.63
C THR B 506 21.21 5.99 63.23
N ILE B 507 22.08 5.19 62.61
CA ILE B 507 22.57 5.54 61.28
C ILE B 507 21.47 5.48 60.22
N VAL B 508 20.38 4.75 60.48
CA VAL B 508 19.32 4.66 59.49
C VAL B 508 18.61 6.00 59.35
N LYS B 509 18.27 6.63 60.47
CA LYS B 509 17.61 7.92 60.42
C LYS B 509 18.58 9.01 59.99
N VAL B 510 19.81 8.98 60.49
CA VAL B 510 20.77 10.05 60.21
C VAL B 510 21.13 10.06 58.73
N LYS B 511 21.46 8.91 58.16
CA LYS B 511 21.81 8.86 56.75
C LYS B 511 20.61 9.14 55.86
N SER B 512 19.41 8.78 56.31
CA SER B 512 18.22 9.08 55.52
C SER B 512 18.00 10.58 55.39
N LEU B 513 18.18 11.33 56.48
CA LEU B 513 18.00 12.77 56.43
C LEU B 513 19.04 13.43 55.55
N LYS B 514 20.30 13.00 55.64
CA LYS B 514 21.35 13.61 54.84
C LYS B 514 21.14 13.33 53.36
N PHE B 515 20.83 12.08 53.01
CA PHE B 515 20.67 11.73 51.60
C PHE B 515 19.42 12.35 51.00
N ALA B 516 18.32 12.35 51.75
CA ALA B 516 17.09 12.93 51.23
C ALA B 516 17.24 14.42 51.01
N THR B 517 17.91 15.12 51.92
CA THR B 517 18.09 16.56 51.77
C THR B 517 18.90 16.89 50.53
N GLU B 518 20.00 16.17 50.30
CA GLU B 518 20.82 16.44 49.12
C GLU B 518 20.06 16.13 47.85
N ALA B 519 19.30 15.03 47.83
CA ALA B 519 18.50 14.72 46.64
C ALA B 519 17.45 15.79 46.41
N ALA B 520 16.79 16.25 47.47
CA ALA B 520 15.80 17.32 47.32
C ALA B 520 16.47 18.62 46.88
N ILE B 521 17.65 18.91 47.41
CA ILE B 521 18.36 20.12 47.05
C ILE B 521 18.74 20.09 45.57
N THR B 522 19.17 18.92 45.08
CA THR B 522 19.60 18.83 43.69
C THR B 522 18.47 19.16 42.73
N ILE B 523 17.27 18.62 42.97
CA ILE B 523 16.15 18.90 42.09
C ILE B 523 15.70 20.34 42.25
N LEU B 524 15.70 20.84 43.48
CA LEU B 524 15.24 22.22 43.74
C LEU B 524 16.12 23.25 43.06
N ARG B 525 17.35 22.87 42.71
CA ARG B 525 18.28 23.80 42.06
C ARG B 525 17.96 24.03 40.59
N ILE B 526 17.10 23.22 40.01
CA ILE B 526 16.79 23.28 38.57
C ILE B 526 15.59 24.19 38.35
N ASP B 527 15.65 25.01 37.30
CA ASP B 527 14.49 25.78 36.87
C ASP B 527 14.34 25.81 35.36
N ASP B 528 15.15 25.08 34.61
CA ASP B 528 15.10 25.08 33.16
C ASP B 528 15.51 23.70 32.66
N LEU B 529 14.74 23.16 31.72
CA LEU B 529 15.04 21.85 31.16
C LEU B 529 15.09 21.96 29.65
N ILE B 530 16.20 21.54 29.06
CA ILE B 530 16.35 21.44 27.61
C ILE B 530 16.46 19.96 27.28
N LYS B 531 15.52 19.46 26.48
CA LYS B 531 15.46 18.05 26.13
C LYS B 531 15.73 17.91 24.63
N LEU B 532 16.98 17.63 24.28
CA LEU B 532 17.35 17.49 22.89
C LEU B 532 16.69 16.24 22.29
N HIS B 533 16.14 16.40 21.10
CA HIS B 533 15.51 15.28 20.44
C HIS B 533 16.56 14.25 20.01
N PRO B 534 16.24 12.96 20.07
CA PRO B 534 17.22 11.95 19.67
C PRO B 534 17.59 12.08 18.20
N GLU B 535 18.83 11.72 17.89
CA GLU B 535 19.34 11.87 16.53
C GLU B 535 18.60 10.94 15.56
N SER B 536 18.21 9.76 16.03
CA SER B 536 17.54 8.79 15.18
C SER B 536 16.10 9.21 14.91
N ALA C 1 18.90 19.81 -38.42
CA ALA C 1 18.20 19.49 -37.17
C ALA C 1 19.19 19.34 -36.03
N SER C 2 18.67 19.27 -34.81
CA SER C 2 19.48 19.22 -33.61
C SER C 2 19.55 17.80 -33.06
N LEU C 3 20.55 17.57 -32.21
CA LEU C 3 20.73 16.26 -31.62
C LEU C 3 19.63 15.92 -30.62
N SER C 4 18.99 16.94 -30.06
CA SER C 4 17.89 16.74 -29.13
C SER C 4 16.53 17.09 -29.70
N LEU C 5 16.44 18.09 -30.57
CA LEU C 5 15.18 18.48 -31.19
C LEU C 5 14.97 17.76 -32.52
N ALA C 6 15.10 16.44 -32.51
CA ALA C 6 14.90 15.63 -33.69
C ALA C 6 13.88 14.54 -33.39
N PRO C 7 13.11 14.11 -34.39
CA PRO C 7 12.07 13.10 -34.11
C PRO C 7 12.61 11.82 -33.51
N VAL C 8 13.79 11.36 -33.93
CA VAL C 8 14.43 10.20 -33.33
C VAL C 8 15.22 10.66 -32.11
N ASN C 9 15.15 9.88 -31.03
CA ASN C 9 15.85 10.23 -29.81
C ASN C 9 17.23 9.58 -29.79
N ILE C 10 18.27 10.40 -29.78
CA ILE C 10 19.64 9.92 -29.75
C ILE C 10 20.23 10.42 -28.43
N PHE C 11 19.99 9.66 -27.35
CA PHE C 11 20.51 9.88 -26.01
C PHE C 11 20.01 8.75 -25.14
N LYS C 12 20.70 8.54 -24.03
CA LYS C 12 20.19 7.64 -23.00
C LYS C 12 19.23 8.41 -22.09
N ALA C 13 18.59 7.68 -21.19
CA ALA C 13 17.68 8.31 -20.24
C ALA C 13 18.48 9.18 -19.28
N GLY C 14 18.21 10.48 -19.29
CA GLY C 14 18.91 11.43 -18.45
C GLY C 14 19.97 12.23 -19.16
N ALA C 15 20.42 11.77 -20.33
CA ALA C 15 21.36 12.57 -21.11
C ALA C 15 20.67 13.81 -21.67
N ASP C 16 21.43 14.89 -21.77
CA ASP C 16 20.86 16.17 -22.14
C ASP C 16 21.95 16.97 -22.84
N GLU C 17 21.55 17.78 -23.81
CA GLU C 17 22.46 18.68 -24.51
C GLU C 17 21.82 20.04 -24.62
N GLU C 18 22.67 21.07 -24.67
CA GLU C 18 22.21 22.45 -24.68
C GLU C 18 22.91 23.20 -25.81
N ARG C 19 22.13 23.67 -26.78
CA ARG C 19 22.65 24.32 -27.96
C ARG C 19 23.02 25.78 -27.71
N ALA C 20 23.20 26.54 -28.79
CA ALA C 20 23.84 27.85 -28.74
C ALA C 20 23.25 28.74 -27.64
N GLU C 21 21.96 29.09 -27.74
CA GLU C 21 21.37 29.96 -26.73
C GLU C 21 21.53 29.37 -25.35
N THR C 22 21.11 28.12 -25.18
CA THR C 22 21.07 27.53 -23.84
C THR C 22 22.48 27.36 -23.29
N ALA C 23 23.43 26.93 -24.11
CA ALA C 23 24.80 26.76 -23.63
C ALA C 23 25.39 28.09 -23.21
N ARG C 24 25.29 29.11 -24.07
CA ARG C 24 25.85 30.41 -23.73
C ARG C 24 25.16 31.00 -22.51
N LEU C 25 23.84 30.85 -22.43
CA LEU C 25 23.09 31.38 -21.30
C LEU C 25 23.52 30.71 -20.01
N THR C 26 23.62 29.39 -20.00
CA THR C 26 24.02 28.68 -18.79
C THR C 26 25.43 29.07 -18.38
N SER C 27 26.35 29.15 -19.34
CA SER C 27 27.72 29.54 -19.02
C SER C 27 27.77 30.94 -18.41
N PHE C 28 27.09 31.90 -19.05
CA PHE C 28 27.12 33.26 -18.56
C PHE C 28 26.46 33.39 -17.20
N ILE C 29 25.33 32.71 -16.99
CA ILE C 29 24.66 32.77 -15.69
C ILE C 29 25.54 32.19 -14.61
N GLY C 30 26.15 31.03 -14.88
CA GLY C 30 27.01 30.42 -13.88
C GLY C 30 28.21 31.29 -13.53
N ALA C 31 28.88 31.81 -14.55
CA ALA C 31 30.07 32.63 -14.31
C ALA C 31 29.71 33.92 -13.58
N ILE C 32 28.62 34.57 -13.99
CA ILE C 32 28.24 35.83 -13.37
C ILE C 32 27.78 35.59 -11.93
N ALA C 33 27.08 34.48 -11.68
CA ALA C 33 26.69 34.16 -10.32
C ALA C 33 27.91 33.93 -9.44
N ILE C 34 28.91 33.21 -9.96
CA ILE C 34 30.13 32.99 -9.19
C ILE C 34 30.82 34.31 -8.89
N GLY C 35 30.95 35.17 -9.91
CA GLY C 35 31.61 36.45 -9.69
C GLY C 35 30.88 37.33 -8.71
N ASP C 36 29.55 37.36 -8.78
CA ASP C 36 28.77 38.13 -7.83
C ASP C 36 28.90 37.58 -6.42
N LEU C 37 28.94 36.26 -6.29
CA LEU C 37 29.08 35.66 -4.97
C LEU C 37 30.43 36.00 -4.35
N VAL C 38 31.51 35.85 -5.12
CA VAL C 38 32.83 36.02 -4.51
C VAL C 38 33.17 37.49 -4.35
N LYS C 39 32.62 38.37 -5.17
CA LYS C 39 32.82 39.79 -4.98
C LYS C 39 32.07 40.24 -3.73
N SER C 40 32.22 41.52 -3.39
CA SER C 40 31.81 42.11 -2.11
C SER C 40 32.68 41.63 -0.97
N THR C 41 33.61 40.72 -1.21
CA THR C 41 34.67 40.36 -0.28
C THR C 41 36.01 40.88 -0.77
N LEU C 42 35.99 41.93 -1.57
CA LEU C 42 37.15 42.45 -2.28
C LEU C 42 37.53 43.83 -1.73
N GLY C 43 38.82 44.08 -1.63
CA GLY C 43 39.30 45.38 -1.20
C GLY C 43 39.34 45.51 0.31
N PRO C 44 39.87 46.63 0.79
CA PRO C 44 40.00 46.80 2.24
C PRO C 44 38.68 46.76 2.98
N LYS C 45 37.58 47.10 2.33
CA LYS C 45 36.27 47.12 2.97
C LYS C 45 35.44 45.90 2.62
N GLY C 46 36.07 44.84 2.12
CA GLY C 46 35.34 43.61 1.87
C GLY C 46 34.89 42.94 3.16
N MET C 47 33.83 42.16 3.06
CA MET C 47 33.26 41.47 4.21
C MET C 47 33.49 39.97 4.10
N ASP C 48 33.12 39.26 5.17
CA ASP C 48 33.34 37.82 5.26
C ASP C 48 32.03 37.08 5.12
N LYS C 49 32.14 35.81 4.72
CA LYS C 49 30.99 34.94 4.55
C LYS C 49 30.94 33.90 5.66
N ILE C 50 29.84 33.15 5.68
CA ILE C 50 29.68 32.00 6.57
C ILE C 50 29.41 30.78 5.71
N LEU C 51 30.18 29.72 5.92
CA LEU C 51 30.04 28.48 5.17
C LEU C 51 29.53 27.40 6.12
N LEU C 52 28.25 27.06 5.99
CA LEU C 52 27.63 26.02 6.79
C LEU C 52 27.63 24.72 6.00
N SER C 53 28.43 23.76 6.45
CA SER C 53 28.38 22.43 5.86
C SER C 53 27.07 21.75 6.25
N SER C 54 26.48 21.04 5.30
CA SER C 54 25.23 20.32 5.52
C SER C 54 25.46 18.88 5.97
N GLY C 55 26.72 18.47 6.13
CA GLY C 55 27.02 17.10 6.50
C GLY C 55 26.75 16.82 7.97
N ARG C 56 27.18 15.64 8.41
CA ARG C 56 26.98 15.23 9.79
C ARG C 56 27.70 16.17 10.76
N ASP C 57 28.95 16.51 10.45
CA ASP C 57 29.72 17.37 11.34
C ASP C 57 29.18 18.80 11.33
N ALA C 58 28.62 19.24 10.21
CA ALA C 58 28.13 20.62 10.05
C ALA C 58 29.21 21.63 10.41
N SER C 59 30.36 21.50 9.74
CA SER C 59 31.49 22.37 10.02
C SER C 59 31.17 23.81 9.71
N LEU C 60 31.58 24.71 10.60
CA LEU C 60 31.35 26.13 10.46
C LEU C 60 32.64 26.83 10.11
N MET C 61 32.58 27.74 9.15
CA MET C 61 33.79 28.36 8.63
C MET C 61 33.42 29.76 8.12
N VAL C 62 33.94 30.79 8.77
CA VAL C 62 33.80 32.16 8.29
C VAL C 62 35.11 32.56 7.64
N THR C 63 35.04 33.15 6.46
CA THR C 63 36.27 33.43 5.73
C THR C 63 36.06 34.58 4.76
N ASN C 64 37.18 35.18 4.38
CA ASN C 64 37.24 36.21 3.34
C ASN C 64 37.96 35.74 2.09
N ASP C 65 38.63 34.59 2.16
CA ASP C 65 39.41 34.10 1.03
C ASP C 65 38.49 33.64 -0.09
N GLY C 66 38.75 34.11 -1.30
CA GLY C 66 37.91 33.72 -2.43
C GLY C 66 38.04 32.24 -2.77
N ALA C 67 39.26 31.72 -2.75
CA ALA C 67 39.48 30.32 -3.11
C ALA C 67 38.76 29.38 -2.14
N THR C 68 38.84 29.68 -0.85
CA THR C 68 38.15 28.82 0.12
C THR C 68 36.65 28.93 0.01
N ILE C 69 36.13 30.12 -0.32
CA ILE C 69 34.70 30.27 -0.54
C ILE C 69 34.25 29.43 -1.72
N LEU C 70 34.99 29.50 -2.83
CA LEU C 70 34.58 28.80 -4.03
C LEU C 70 34.82 27.29 -3.91
N LYS C 71 35.76 26.88 -3.08
CA LYS C 71 36.07 25.46 -2.97
C LYS C 71 34.98 24.70 -2.24
N ASN C 72 34.49 25.25 -1.13
CA ASN C 72 33.51 24.57 -0.28
C ASN C 72 32.08 24.98 -0.61
N ILE C 73 31.68 24.89 -1.88
CA ILE C 73 30.30 25.09 -2.28
C ILE C 73 29.89 24.02 -3.25
N GLY C 74 28.60 23.75 -3.31
CA GLY C 74 28.09 22.76 -4.23
C GLY C 74 27.81 23.36 -5.59
N VAL C 75 28.73 23.17 -6.52
CA VAL C 75 28.65 23.78 -7.84
C VAL C 75 28.30 22.69 -8.83
N ASP C 76 27.22 22.91 -9.59
CA ASP C 76 26.82 22.00 -10.65
C ASP C 76 26.91 22.63 -12.04
N ASN C 77 26.96 23.94 -12.14
CA ASN C 77 27.11 24.60 -13.43
C ASN C 77 28.54 24.42 -13.91
N PRO C 78 28.76 23.85 -15.10
CA PRO C 78 30.14 23.56 -15.53
C PRO C 78 31.02 24.79 -15.69
N ALA C 79 30.48 25.91 -16.17
CA ALA C 79 31.30 27.12 -16.27
C ALA C 79 31.72 27.60 -14.88
N ALA C 80 30.83 27.49 -13.91
CA ALA C 80 31.20 27.80 -12.54
C ALA C 80 32.29 26.87 -12.04
N LYS C 81 32.26 25.61 -12.47
CA LYS C 81 33.35 24.69 -12.14
C LYS C 81 34.66 25.17 -12.74
N VAL C 82 34.63 25.68 -13.97
CA VAL C 82 35.84 26.20 -14.60
C VAL C 82 36.40 27.35 -13.76
N LEU C 83 35.53 28.27 -13.35
CA LEU C 83 36.00 29.41 -12.56
C LEU C 83 36.53 28.97 -11.20
N VAL C 84 35.87 27.99 -10.57
CA VAL C 84 36.35 27.50 -9.29
C VAL C 84 37.74 26.89 -9.43
N ASP C 85 37.95 26.08 -10.46
CA ASP C 85 39.26 25.48 -10.67
C ASP C 85 40.30 26.55 -10.98
N MET C 86 39.93 27.58 -11.73
CA MET C 86 40.86 28.67 -12.00
C MET C 86 41.28 29.36 -10.71
N SER C 87 40.32 29.62 -9.82
CA SER C 87 40.64 30.24 -8.54
C SER C 87 41.55 29.35 -7.71
N ARG C 88 41.28 28.05 -7.70
CA ARG C 88 42.13 27.12 -6.95
C ARG C 88 43.56 27.12 -7.49
N VAL C 89 43.71 27.11 -8.81
CA VAL C 89 45.04 27.14 -9.41
C VAL C 89 45.74 28.44 -9.08
N GLN C 90 45.01 29.56 -9.10
CA GLN C 90 45.60 30.84 -8.73
C GLN C 90 46.09 30.81 -7.30
N ASP C 91 45.33 30.19 -6.40
CA ASP C 91 45.77 30.03 -5.02
C ASP C 91 47.03 29.18 -4.94
N ASP C 92 47.09 28.10 -5.73
CA ASP C 92 48.26 27.24 -5.70
C ASP C 92 49.51 27.96 -6.19
N GLU C 93 49.38 28.74 -7.27
CA GLU C 93 50.54 29.38 -7.86
C GLU C 93 51.06 30.51 -6.98
N VAL C 94 50.16 31.39 -6.52
CA VAL C 94 50.51 32.47 -5.61
C VAL C 94 49.44 32.56 -4.54
N GLY C 95 49.82 33.14 -3.40
CA GLY C 95 48.91 33.14 -2.26
C GLY C 95 47.66 33.96 -2.47
N ASP C 96 47.81 35.16 -3.02
CA ASP C 96 46.72 36.12 -3.11
C ASP C 96 46.12 36.14 -4.51
N GLY C 97 45.17 37.03 -4.72
CA GLY C 97 44.56 37.22 -6.01
C GLY C 97 43.46 36.26 -6.36
N THR C 98 43.03 35.40 -5.43
CA THR C 98 41.99 34.43 -5.73
C THR C 98 40.66 35.12 -6.04
N THR C 99 40.32 36.16 -5.29
CA THR C 99 39.07 36.88 -5.54
C THR C 99 39.17 37.73 -6.80
N SER C 100 40.31 38.39 -7.00
CA SER C 100 40.45 39.29 -8.12
C SER C 100 40.34 38.56 -9.45
N VAL C 101 40.96 37.39 -9.56
CA VAL C 101 40.92 36.65 -10.83
C VAL C 101 39.49 36.21 -11.13
N THR C 102 38.76 35.74 -10.12
CA THR C 102 37.39 35.32 -10.34
C THR C 102 36.50 36.49 -10.74
N VAL C 103 36.66 37.63 -10.08
CA VAL C 103 35.86 38.79 -10.43
C VAL C 103 36.18 39.27 -11.84
N LEU C 104 37.46 39.28 -12.19
CA LEU C 104 37.86 39.70 -13.53
C LEU C 104 37.29 38.77 -14.59
N ALA C 105 37.35 37.46 -14.36
CA ALA C 105 36.81 36.52 -15.33
C ALA C 105 35.30 36.69 -15.46
N ALA C 106 34.60 36.89 -14.35
CA ALA C 106 33.15 37.10 -14.41
C ALA C 106 32.80 38.36 -15.19
N GLU C 107 33.53 39.45 -14.94
CA GLU C 107 33.26 40.68 -15.67
C GLU C 107 33.55 40.52 -17.15
N LEU C 108 34.63 39.82 -17.49
CA LEU C 108 34.94 39.56 -18.88
C LEU C 108 33.82 38.78 -19.55
N LEU C 109 33.30 37.76 -18.88
CA LEU C 109 32.23 36.96 -19.47
C LEU C 109 30.94 37.76 -19.58
N ARG C 110 30.68 38.67 -18.64
CA ARG C 110 29.51 39.54 -18.76
C ARG C 110 29.63 40.45 -19.98
N GLU C 111 30.82 41.03 -20.18
CA GLU C 111 31.04 41.84 -21.37
C GLU C 111 30.91 41.00 -22.63
N ALA C 112 31.36 39.75 -22.58
CA ALA C 112 31.20 38.85 -23.71
C ALA C 112 29.74 38.60 -24.01
N GLU C 113 28.92 38.44 -22.97
CA GLU C 113 27.49 38.27 -23.17
C GLU C 113 26.89 39.49 -23.86
N SER C 114 27.28 40.69 -23.42
CA SER C 114 26.80 41.90 -24.07
C SER C 114 27.23 41.94 -25.53
N LEU C 115 28.48 41.58 -25.81
CA LEU C 115 28.97 41.61 -27.19
C LEU C 115 28.24 40.60 -28.06
N ILE C 116 27.97 39.41 -27.53
CA ILE C 116 27.20 38.41 -28.27
C ILE C 116 25.81 38.95 -28.56
N ALA C 117 25.19 39.60 -27.58
CA ALA C 117 23.92 40.26 -27.81
C ALA C 117 24.03 41.30 -28.92
N LYS C 118 25.19 41.94 -29.05
CA LYS C 118 25.41 42.91 -30.12
C LYS C 118 25.75 42.26 -31.46
N LYS C 119 25.55 40.95 -31.58
CA LYS C 119 25.79 40.21 -32.83
C LYS C 119 27.26 40.33 -33.28
N ILE C 120 28.15 39.87 -32.40
CA ILE C 120 29.58 39.82 -32.69
C ILE C 120 30.03 38.37 -32.52
N HIS C 121 30.68 37.83 -33.54
CA HIS C 121 31.09 36.44 -33.50
C HIS C 121 32.09 36.23 -32.36
N PRO C 122 31.92 35.18 -31.55
CA PRO C 122 32.81 34.99 -30.40
C PRO C 122 34.28 34.83 -30.77
N GLN C 123 34.57 34.37 -32.00
CA GLN C 123 35.96 34.32 -32.42
C GLN C 123 36.57 35.70 -32.52
N THR C 124 35.78 36.68 -33.01
CA THR C 124 36.26 38.06 -33.03
C THR C 124 36.51 38.58 -31.62
N ILE C 125 35.61 38.26 -30.70
CA ILE C 125 35.81 38.66 -29.30
C ILE C 125 37.10 38.06 -28.76
N ILE C 126 37.34 36.79 -29.05
CA ILE C 126 38.53 36.13 -28.54
C ILE C 126 39.80 36.76 -29.11
N ALA C 127 39.78 37.07 -30.42
CA ALA C 127 40.96 37.70 -31.02
C ALA C 127 41.22 39.06 -30.40
N GLY C 128 40.17 39.87 -30.25
CA GLY C 128 40.34 41.17 -29.63
C GLY C 128 40.84 41.05 -28.20
N TRP C 129 40.33 40.07 -27.45
CA TRP C 129 40.77 39.88 -26.08
C TRP C 129 42.22 39.42 -26.01
N ARG C 130 42.65 38.59 -26.95
CA ARG C 130 44.05 38.18 -26.98
C ARG C 130 44.96 39.37 -27.22
N GLU C 131 44.60 40.22 -28.18
CA GLU C 131 45.41 41.42 -28.42
C GLU C 131 45.40 42.33 -27.21
N ALA C 132 44.25 42.51 -26.58
CA ALA C 132 44.16 43.35 -25.39
C ALA C 132 45.01 42.79 -24.26
N THR C 133 44.98 41.47 -24.07
CA THR C 133 45.78 40.85 -23.02
C THR C 133 47.26 41.07 -23.28
N LYS C 134 47.69 40.92 -24.53
CA LYS C 134 49.09 41.18 -24.85
C LYS C 134 49.47 42.61 -24.51
N ALA C 135 48.64 43.57 -24.91
CA ALA C 135 48.94 44.97 -24.65
C ALA C 135 48.99 45.27 -23.16
N ALA C 136 48.00 44.76 -22.41
CA ALA C 136 47.95 45.00 -20.98
C ALA C 136 49.12 44.37 -20.26
N ARG C 137 49.49 43.15 -20.65
CA ARG C 137 50.64 42.50 -20.04
C ARG C 137 51.93 43.27 -20.31
N GLU C 138 52.09 43.76 -21.54
CA GLU C 138 53.27 44.56 -21.84
C GLU C 138 53.30 45.83 -21.00
N ALA C 139 52.16 46.51 -20.86
CA ALA C 139 52.12 47.72 -20.06
C ALA C 139 52.44 47.44 -18.60
N LEU C 140 51.86 46.37 -18.04
CA LEU C 140 52.12 46.03 -16.65
C LEU C 140 53.58 45.70 -16.42
N LEU C 141 54.19 44.96 -17.35
CA LEU C 141 55.62 44.68 -17.22
C LEU C 141 56.44 45.96 -17.30
N SER C 142 56.07 46.87 -18.21
CA SER C 142 56.81 48.12 -18.32
C SER C 142 56.67 48.98 -17.08
N SER C 143 55.57 48.82 -16.35
CA SER C 143 55.33 49.63 -15.16
C SER C 143 55.96 49.05 -13.90
N ALA C 144 56.49 47.83 -13.95
CA ALA C 144 57.01 47.19 -12.75
C ALA C 144 58.26 47.91 -12.26
N VAL C 145 58.43 47.93 -10.95
CA VAL C 145 59.60 48.53 -10.32
C VAL C 145 60.26 47.49 -9.42
N ASP C 146 61.58 47.40 -9.49
CA ASP C 146 62.34 46.40 -8.74
C ASP C 146 63.18 47.11 -7.70
N HIS C 147 63.18 46.57 -6.48
CA HIS C 147 63.96 47.13 -5.38
C HIS C 147 64.81 46.07 -4.70
N GLY C 148 65.02 44.92 -5.35
CA GLY C 148 65.72 43.82 -4.72
C GLY C 148 67.18 44.11 -4.42
N SER C 149 67.75 45.15 -5.02
CA SER C 149 69.15 45.48 -4.75
C SER C 149 69.30 46.12 -3.38
N ASP C 150 68.61 47.25 -3.16
CA ASP C 150 68.72 47.96 -1.89
C ASP C 150 68.02 47.19 -0.79
N GLU C 151 68.71 47.00 0.34
CA GLU C 151 68.16 46.21 1.43
C GLU C 151 67.03 46.95 2.14
N VAL C 152 67.24 48.22 2.47
CA VAL C 152 66.24 48.97 3.23
C VAL C 152 65.01 49.22 2.38
N LYS C 153 65.19 49.55 1.10
CA LYS C 153 64.05 49.77 0.22
C LYS C 153 63.28 48.46 0.01
N PHE C 154 63.99 47.34 -0.12
CA PHE C 154 63.32 46.06 -0.26
C PHE C 154 62.54 45.71 0.99
N ARG C 155 63.09 46.00 2.16
CA ARG C 155 62.35 45.74 3.39
C ARG C 155 61.10 46.61 3.46
N GLN C 156 61.20 47.87 3.03
CA GLN C 156 60.02 48.72 2.97
C GLN C 156 58.98 48.16 2.02
N ASP C 157 59.43 47.64 0.87
CA ASP C 157 58.50 47.03 -0.07
C ASP C 157 57.84 45.79 0.52
N LEU C 158 58.60 45.00 1.28
CA LEU C 158 58.01 43.83 1.95
C LEU C 158 56.96 44.27 2.97
N MET C 159 57.26 45.31 3.74
CA MET C 159 56.27 45.88 4.66
C MET C 159 55.00 46.26 3.92
N ASN C 160 55.14 47.01 2.83
CA ASN C 160 53.97 47.50 2.11
C ASN C 160 53.18 46.35 1.50
N ILE C 161 53.87 45.36 0.95
CA ILE C 161 53.20 44.23 0.34
C ILE C 161 52.42 43.43 1.39
N ALA C 162 53.03 43.17 2.53
CA ALA C 162 52.32 42.46 3.59
C ALA C 162 51.12 43.24 4.07
N GLY C 163 51.27 44.56 4.23
CA GLY C 163 50.15 45.37 4.65
C GLY C 163 49.02 45.37 3.65
N THR C 164 49.34 45.48 2.37
CA THR C 164 48.31 45.47 1.33
C THR C 164 47.60 44.13 1.28
N THR C 165 48.35 43.04 1.42
CA THR C 165 47.72 41.72 1.40
C THR C 165 46.82 41.53 2.61
N LEU C 166 47.23 42.03 3.78
CA LEU C 166 46.43 41.83 4.99
C LEU C 166 45.30 42.84 5.13
N SER C 167 45.28 43.90 4.31
CA SER C 167 44.32 44.97 4.52
C SER C 167 42.87 44.50 4.37
N SER C 168 42.63 43.53 3.50
CA SER C 168 41.27 43.07 3.25
C SER C 168 40.82 41.96 4.19
N LYS C 169 41.71 41.42 5.01
CA LYS C 169 41.39 40.30 5.88
C LYS C 169 41.04 40.78 7.28
N LEU C 170 40.62 39.83 8.12
CA LEU C 170 40.24 40.16 9.48
C LEU C 170 41.42 40.67 10.30
N LEU C 171 42.64 40.35 9.88
CA LEU C 171 43.83 40.84 10.57
C LEU C 171 44.05 42.34 10.38
N THR C 172 43.22 43.01 9.58
CA THR C 172 43.39 44.44 9.39
C THR C 172 43.22 45.23 10.68
N HIS C 173 42.62 44.61 11.71
CA HIS C 173 42.52 45.27 13.01
C HIS C 173 43.89 45.53 13.61
N HIS C 174 44.80 44.56 13.47
CA HIS C 174 46.16 44.68 14.00
C HIS C 174 47.19 44.59 12.87
N LYS C 175 46.78 45.07 11.69
CA LYS C 175 47.62 45.09 10.49
C LYS C 175 49.09 45.37 10.75
N ASP C 176 49.42 46.37 11.56
CA ASP C 176 50.84 46.69 11.76
C ASP C 176 51.56 45.56 12.48
N HIS C 177 50.98 45.08 13.58
CA HIS C 177 51.59 43.99 14.34
C HIS C 177 51.73 42.74 13.48
N PHE C 178 50.68 42.40 12.73
CA PHE C 178 50.73 41.19 11.92
C PHE C 178 51.64 41.35 10.71
N THR C 179 51.80 42.57 10.21
CA THR C 179 52.73 42.82 9.11
C THR C 179 54.16 42.61 9.56
N LYS C 180 54.52 43.18 10.71
CA LYS C 180 55.83 42.91 11.29
C LYS C 180 56.03 41.42 11.50
N LEU C 181 55.00 40.76 12.03
CA LEU C 181 55.05 39.33 12.29
C LEU C 181 55.38 38.55 11.02
N ALA C 182 54.62 38.78 9.96
CA ALA C 182 54.78 38.01 8.72
C ALA C 182 56.11 38.31 8.04
N VAL C 183 56.51 39.58 8.01
CA VAL C 183 57.77 39.92 7.35
C VAL C 183 58.93 39.29 8.10
N GLU C 184 58.92 39.33 9.43
CA GLU C 184 59.98 38.69 10.19
C GLU C 184 60.00 37.19 9.94
N ALA C 185 58.82 36.57 9.91
CA ALA C 185 58.76 35.12 9.68
C ALA C 185 59.36 34.75 8.33
N VAL C 186 59.03 35.52 7.28
CA VAL C 186 59.56 35.20 5.96
C VAL C 186 61.06 35.46 5.90
N LEU C 187 61.51 36.60 6.45
CA LEU C 187 62.92 36.91 6.41
C LEU C 187 63.76 35.90 7.20
N ARG C 188 63.16 35.24 8.19
CA ARG C 188 63.90 34.22 8.92
C ARG C 188 64.17 32.98 8.08
N LEU C 189 63.54 32.84 6.91
CA LEU C 189 63.76 31.68 6.06
C LEU C 189 65.09 31.73 5.33
N LYS C 190 65.80 32.87 5.37
CA LYS C 190 67.11 33.01 4.74
C LYS C 190 67.04 32.69 3.24
N GLY C 191 65.99 33.17 2.58
CA GLY C 191 65.86 33.04 1.15
C GLY C 191 65.24 31.74 0.68
N SER C 192 65.10 30.75 1.55
CA SER C 192 64.46 29.51 1.16
C SER C 192 62.97 29.75 0.93
N GLY C 193 62.42 28.99 -0.02
CA GLY C 193 61.01 29.09 -0.32
C GLY C 193 60.13 28.14 0.46
N ASN C 194 60.68 27.44 1.44
CA ASN C 194 59.92 26.40 2.14
C ASN C 194 58.89 27.00 3.07
N LEU C 195 57.66 27.16 2.57
CA LEU C 195 56.59 27.66 3.42
C LEU C 195 56.18 26.67 4.49
N GLU C 196 56.53 25.39 4.32
CA GLU C 196 56.28 24.42 5.37
C GLU C 196 57.19 24.61 6.57
N ALA C 197 58.30 25.30 6.40
CA ALA C 197 59.21 25.57 7.51
C ALA C 197 58.63 26.57 8.49
N ILE C 198 57.53 27.24 8.15
CA ILE C 198 56.86 28.17 9.04
C ILE C 198 55.64 27.46 9.62
N HIS C 199 55.65 27.24 10.92
CA HIS C 199 54.59 26.50 11.60
C HIS C 199 53.68 27.49 12.33
N ILE C 200 52.38 27.36 12.10
CA ILE C 200 51.38 28.22 12.72
C ILE C 200 50.63 27.38 13.74
N ILE C 201 50.69 27.79 15.01
CA ILE C 201 50.06 27.08 16.11
C ILE C 201 48.87 27.91 16.58
N LYS C 202 47.68 27.34 16.48
CA LYS C 202 46.45 28.02 16.85
C LYS C 202 46.03 27.56 18.24
N LYS C 203 46.13 28.46 19.22
CA LYS C 203 45.73 28.18 20.59
C LYS C 203 44.58 29.09 20.96
N LEU C 204 43.47 28.51 21.39
CA LEU C 204 42.30 29.29 21.75
C LEU C 204 42.57 30.14 22.97
N GLY C 205 41.71 31.14 23.18
CA GLY C 205 41.87 32.07 24.28
C GLY C 205 42.77 33.23 23.90
N GLY C 206 42.77 34.25 24.76
CA GLY C 206 43.57 35.43 24.52
C GLY C 206 43.09 36.26 23.35
N SER C 207 43.58 37.48 23.24
CA SER C 207 43.19 38.35 22.15
C SER C 207 44.01 38.05 20.91
N LEU C 208 43.55 38.60 19.78
CA LEU C 208 44.29 38.42 18.52
C LEU C 208 45.62 39.13 18.56
N ALA C 209 45.71 40.24 19.29
CA ALA C 209 46.97 40.97 19.40
C ALA C 209 48.00 40.23 20.25
N ASP C 210 47.60 39.18 20.95
CA ASP C 210 48.55 38.38 21.71
C ASP C 210 49.38 37.44 20.83
N SER C 211 49.01 37.30 19.56
CA SER C 211 49.78 36.45 18.67
C SER C 211 51.19 36.99 18.49
N TYR C 212 52.15 36.09 18.35
CA TYR C 212 53.54 36.49 18.30
C TYR C 212 54.34 35.44 17.54
N LEU C 213 55.54 35.83 17.13
CA LEU C 213 56.50 34.94 16.50
C LEU C 213 57.54 34.56 17.54
N ASP C 214 57.64 33.27 17.84
CA ASP C 214 58.61 32.84 18.83
C ASP C 214 60.01 33.07 18.30
N GLU C 215 60.87 33.63 19.16
CA GLU C 215 62.26 33.88 18.78
C GLU C 215 63.01 32.60 18.48
N GLY C 216 62.53 31.47 18.99
CA GLY C 216 63.15 30.19 18.67
C GLY C 216 62.21 29.25 17.95
N PHE C 217 61.80 28.17 18.62
CA PHE C 217 60.89 27.20 18.04
C PHE C 217 60.06 26.59 19.16
N LEU C 218 58.84 26.17 18.81
CA LEU C 218 57.94 25.55 19.76
C LEU C 218 57.50 24.19 19.23
N LEU C 219 57.63 23.16 20.06
CA LEU C 219 57.24 21.81 19.72
C LEU C 219 56.11 21.38 20.65
N ASP C 220 55.13 20.66 20.09
CA ASP C 220 53.96 20.23 20.84
C ASP C 220 54.03 18.77 21.23
N LYS C 221 55.22 18.29 21.56
CA LYS C 221 55.43 16.91 21.99
C LYS C 221 55.74 16.88 23.47
N LYS C 222 56.05 15.69 23.97
CA LYS C 222 56.25 15.47 25.40
C LYS C 222 57.64 14.90 25.68
N ILE C 223 58.13 15.18 26.86
CA ILE C 223 59.40 14.65 27.35
C ILE C 223 59.12 13.35 28.09
N GLY C 224 60.12 12.46 28.13
CA GLY C 224 59.99 11.20 28.83
C GLY C 224 59.76 11.34 30.32
N VAL C 225 59.67 10.23 31.02
CA VAL C 225 59.26 10.26 32.42
C VAL C 225 60.39 10.77 33.32
N ASN C 226 61.51 10.06 33.34
CA ASN C 226 62.60 10.39 34.25
C ASN C 226 63.61 11.35 33.64
N GLN C 227 63.39 11.79 32.40
CA GLN C 227 64.35 12.65 31.73
C GLN C 227 64.25 14.08 32.25
N PRO C 228 65.33 14.86 32.11
CA PRO C 228 65.29 16.25 32.58
C PRO C 228 64.29 17.08 31.78
N LYS C 229 63.74 18.09 32.45
CA LYS C 229 62.74 18.97 31.87
C LYS C 229 63.31 20.33 31.47
N ARG C 230 64.62 20.49 31.50
CA ARG C 230 65.23 21.79 31.20
C ARG C 230 66.70 21.56 30.88
N ILE C 231 67.12 22.00 29.70
CA ILE C 231 68.49 21.79 29.22
C ILE C 231 69.07 23.14 28.82
N GLU C 232 70.27 23.43 29.30
CA GLU C 232 71.00 24.63 28.91
C GLU C 232 72.20 24.24 28.06
N ASN C 233 72.44 25.00 27.00
CA ASN C 233 73.46 24.68 26.01
C ASN C 233 73.26 23.27 25.45
N ALA C 234 72.09 23.08 24.86
CA ALA C 234 71.69 21.77 24.37
C ALA C 234 72.53 21.33 23.18
N LYS C 235 72.74 20.02 23.07
CA LYS C 235 73.43 19.40 21.96
C LYS C 235 72.46 18.41 21.34
N ILE C 236 71.73 18.86 20.33
CA ILE C 236 70.62 18.11 19.77
C ILE C 236 71.14 17.00 18.87
N LEU C 237 70.45 15.87 18.88
CA LEU C 237 70.68 14.78 17.93
C LEU C 237 69.32 14.34 17.40
N ILE C 238 69.01 14.77 16.18
CA ILE C 238 67.72 14.46 15.56
C ILE C 238 67.85 13.14 14.81
N ALA C 239 66.95 12.21 15.10
CA ALA C 239 67.04 10.86 14.58
C ALA C 239 65.72 10.43 13.97
N ASN C 240 65.79 9.40 13.13
CA ASN C 240 64.63 8.78 12.50
C ASN C 240 64.75 7.26 12.56
N THR C 241 65.07 6.75 13.75
CA THR C 241 65.23 5.32 13.94
C THR C 241 64.01 4.71 14.61
N GLY C 242 64.01 3.39 14.71
CA GLY C 242 62.92 2.67 15.33
C GLY C 242 62.85 2.93 16.82
N MET C 243 63.89 2.51 17.54
CA MET C 243 63.99 2.73 18.98
C MET C 243 62.78 2.20 19.73
N ASP C 244 62.14 1.17 19.16
CA ASP C 244 60.98 0.55 19.79
C ASP C 244 60.90 -0.87 19.31
N THR C 245 60.93 -1.84 20.24
CA THR C 245 60.89 -3.27 19.96
C THR C 245 61.63 -3.58 18.67
N ASP C 246 62.84 -3.03 18.53
CA ASP C 246 63.50 -2.95 17.24
C ASP C 246 63.79 -4.35 16.71
N LYS C 247 63.02 -4.78 15.73
CA LYS C 247 63.12 -6.13 15.20
C LYS C 247 64.06 -6.15 14.00
N ILE C 248 64.79 -7.25 13.85
CA ILE C 248 65.72 -7.38 12.74
C ILE C 248 64.93 -7.43 11.44
N LYS C 249 65.44 -6.73 10.43
CA LYS C 249 64.74 -6.66 9.15
C LYS C 249 64.73 -7.99 8.40
N ILE C 250 65.35 -9.03 8.94
CA ILE C 250 65.21 -10.36 8.37
C ILE C 250 63.86 -10.92 8.77
N PHE C 251 62.92 -10.92 7.84
CA PHE C 251 61.52 -11.08 8.16
C PHE C 251 61.10 -12.53 8.37
N GLY C 252 61.85 -13.47 7.83
CA GLY C 252 61.59 -14.87 8.10
C GLY C 252 62.21 -15.40 9.36
N SER C 253 62.95 -14.55 10.09
CA SER C 253 63.64 -14.98 11.29
C SER C 253 62.66 -15.29 12.42
N ARG C 254 63.02 -16.27 13.24
CA ARG C 254 62.19 -16.68 14.35
C ARG C 254 63.07 -17.38 15.38
N VAL C 255 62.55 -17.49 16.60
CA VAL C 255 63.26 -18.16 17.69
C VAL C 255 62.64 -19.54 17.86
N ARG C 256 63.43 -20.58 17.58
CA ARG C 256 62.97 -21.95 17.69
C ARG C 256 63.97 -22.72 18.55
N VAL C 257 63.69 -22.80 19.85
CA VAL C 257 64.56 -23.50 20.79
C VAL C 257 63.76 -24.59 21.48
N ASP C 258 64.41 -25.31 22.40
CA ASP C 258 63.79 -26.45 23.06
C ASP C 258 63.66 -26.25 24.57
N SER C 259 63.76 -25.01 25.05
CA SER C 259 63.65 -24.76 26.47
C SER C 259 63.35 -23.29 26.69
N THR C 260 62.70 -22.98 27.82
CA THR C 260 62.42 -21.59 28.15
C THR C 260 63.67 -20.84 28.63
N ALA C 261 64.70 -21.56 29.09
CA ALA C 261 65.95 -20.89 29.43
C ALA C 261 66.54 -20.21 28.22
N LYS C 262 66.49 -20.88 27.07
CA LYS C 262 67.00 -20.27 25.84
C LYS C 262 66.15 -19.08 25.43
N VAL C 263 64.84 -19.16 25.63
CA VAL C 263 63.99 -18.01 25.30
C VAL C 263 64.33 -16.82 26.17
N ALA C 264 64.56 -17.06 27.47
CA ALA C 264 64.96 -15.98 28.35
C ALA C 264 66.30 -15.41 27.94
N GLU C 265 67.24 -16.27 27.52
CA GLU C 265 68.53 -15.79 27.05
C GLU C 265 68.38 -14.91 25.81
N ILE C 266 67.52 -15.31 24.88
CA ILE C 266 67.31 -14.51 23.67
C ILE C 266 66.66 -13.18 24.03
N GLU C 267 65.73 -13.19 24.98
CA GLU C 267 65.11 -11.93 25.41
C GLU C 267 66.12 -10.99 26.03
N HIS C 268 67.01 -11.53 26.87
CA HIS C 268 68.07 -10.70 27.42
C HIS C 268 69.00 -10.21 26.32
N ALA C 269 69.22 -11.01 25.29
CA ALA C 269 70.05 -10.57 24.16
C ALA C 269 69.40 -9.40 23.43
N GLU C 270 68.08 -9.45 23.24
CA GLU C 270 67.37 -8.33 22.62
C GLU C 270 67.48 -7.07 23.46
N LYS C 271 67.30 -7.20 24.77
CA LYS C 271 67.42 -6.04 25.64
C LYS C 271 68.83 -5.48 25.60
N GLU C 272 69.83 -6.35 25.58
CA GLU C 272 71.22 -5.91 25.47
C GLU C 272 71.46 -5.21 24.15
N LYS C 273 70.83 -5.68 23.07
CA LYS C 273 70.97 -5.02 21.78
C LYS C 273 70.42 -3.60 21.83
N MET C 274 69.26 -3.42 22.45
CA MET C 274 68.71 -2.07 22.59
C MET C 274 69.61 -1.21 23.47
N LYS C 275 70.17 -1.79 24.53
CA LYS C 275 71.08 -1.03 25.38
C LYS C 275 72.32 -0.58 24.60
N GLU C 276 72.85 -1.47 23.76
CA GLU C 276 73.99 -1.10 22.92
C GLU C 276 73.62 -0.01 21.93
N LYS C 277 72.41 -0.09 21.37
CA LYS C 277 71.90 0.97 20.52
C LYS C 277 71.91 2.32 21.24
N VAL C 278 71.38 2.34 22.46
CA VAL C 278 71.32 3.58 23.23
C VAL C 278 72.72 4.06 23.58
N GLU C 279 73.63 3.13 23.88
CA GLU C 279 75.01 3.52 24.17
C GLU C 279 75.67 4.15 22.95
N ARG C 280 75.43 3.58 21.77
CA ARG C 280 75.97 4.16 20.55
C ARG C 280 75.41 5.55 20.32
N ILE C 281 74.12 5.74 20.58
CA ILE C 281 73.52 7.06 20.44
C ILE C 281 74.16 8.04 21.42
N LEU C 282 74.34 7.61 22.68
CA LEU C 282 74.89 8.48 23.71
C LEU C 282 76.36 8.81 23.48
N LYS C 283 77.06 7.97 22.72
CA LYS C 283 78.48 8.23 22.47
C LYS C 283 78.70 9.50 21.65
N HIS C 284 77.66 10.06 21.05
CA HIS C 284 77.79 11.34 20.36
C HIS C 284 77.97 12.50 21.32
N GLY C 285 77.77 12.31 22.62
CA GLY C 285 77.89 13.38 23.58
C GLY C 285 76.78 14.40 23.43
N ILE C 286 75.56 14.00 23.75
CA ILE C 286 74.39 14.82 23.49
C ILE C 286 73.63 15.04 24.80
N ASN C 287 72.81 16.10 24.79
CA ASN C 287 71.90 16.39 25.88
C ASN C 287 70.44 16.12 25.54
N CYS C 288 70.08 16.25 24.27
CA CYS C 288 68.71 16.05 23.83
C CYS C 288 68.69 15.07 22.66
N PHE C 289 67.54 14.44 22.46
CA PHE C 289 67.40 13.43 21.41
C PHE C 289 65.96 13.46 20.92
N ILE C 290 65.76 13.84 19.66
CA ILE C 290 64.45 13.85 19.03
C ILE C 290 64.40 12.71 18.03
N ASN C 291 63.43 11.82 18.20
CA ASN C 291 63.20 10.70 17.29
C ASN C 291 61.88 10.90 16.58
N ARG C 292 61.86 10.60 15.28
CA ARG C 292 60.62 10.74 14.53
C ARG C 292 59.57 9.74 14.99
N GLN C 293 59.98 8.52 15.30
CA GLN C 293 59.08 7.46 15.67
C GLN C 293 58.98 7.36 17.19
N LEU C 294 58.30 6.33 17.68
CA LEU C 294 58.06 6.19 19.11
C LEU C 294 59.32 5.72 19.84
N ILE C 295 59.36 6.00 21.14
CA ILE C 295 60.42 5.53 22.03
C ILE C 295 59.75 4.76 23.15
N TYR C 296 60.04 3.46 23.24
CA TYR C 296 59.39 2.61 24.23
C TYR C 296 60.02 2.81 25.60
N ASN C 297 59.56 2.00 26.55
CA ASN C 297 59.87 2.24 27.96
C ASN C 297 61.34 1.95 28.27
N TYR C 298 61.90 0.88 27.70
CA TYR C 298 63.30 0.57 28.02
C TYR C 298 64.26 1.64 27.53
N PRO C 299 64.25 2.05 26.25
CA PRO C 299 65.12 3.17 25.86
C PRO C 299 64.79 4.45 26.59
N GLU C 300 63.52 4.67 26.94
CA GLU C 300 63.14 5.86 27.69
C GLU C 300 63.83 5.89 29.05
N GLN C 301 63.81 4.76 29.75
CA GLN C 301 64.47 4.74 31.06
C GLN C 301 65.99 4.81 30.90
N LEU C 302 66.53 4.25 29.81
CA LEU C 302 67.96 4.38 29.58
C LEU C 302 68.36 5.84 29.39
N PHE C 303 67.58 6.57 28.60
CA PHE C 303 67.85 7.99 28.41
C PHE C 303 67.68 8.76 29.70
N GLY C 304 66.66 8.42 30.49
CA GLY C 304 66.49 9.08 31.77
C GLY C 304 67.65 8.86 32.71
N ALA C 305 68.15 7.63 32.76
CA ALA C 305 69.32 7.33 33.60
C ALA C 305 70.55 8.07 33.08
N ALA C 306 70.69 8.19 31.77
CA ALA C 306 71.80 8.95 31.19
C ALA C 306 71.65 10.44 31.40
N GLY C 307 70.49 10.90 31.87
CA GLY C 307 70.25 12.33 31.99
C GLY C 307 70.13 13.03 30.66
N VAL C 308 69.49 12.39 29.68
CA VAL C 308 69.34 12.93 28.34
C VAL C 308 67.86 13.07 28.04
N MET C 309 67.45 14.25 27.61
CA MET C 309 66.04 14.51 27.33
C MET C 309 65.68 13.97 25.97
N ALA C 310 64.79 12.99 25.93
CA ALA C 310 64.40 12.32 24.70
C ALA C 310 62.97 12.68 24.35
N ILE C 311 62.77 13.19 23.14
CA ILE C 311 61.45 13.57 22.64
C ILE C 311 61.05 12.57 21.57
N GLU C 312 59.89 11.95 21.75
CA GLU C 312 59.45 10.87 20.87
C GLU C 312 58.32 11.36 19.97
N HIS C 313 58.17 10.67 18.84
CA HIS C 313 57.06 10.85 17.93
C HIS C 313 56.92 12.29 17.45
N ALA C 314 58.00 12.80 16.85
CA ALA C 314 57.96 14.06 16.12
C ALA C 314 57.90 13.71 14.64
N ASP C 315 56.78 14.02 13.99
CA ASP C 315 56.55 13.55 12.63
C ASP C 315 57.58 14.11 11.65
N PHE C 316 57.48 13.70 10.39
CA PHE C 316 58.45 14.12 9.38
C PHE C 316 58.59 15.64 9.35
N ALA C 317 57.46 16.35 9.42
CA ALA C 317 57.51 17.80 9.47
C ALA C 317 58.26 18.27 10.71
N GLY C 318 58.04 17.62 11.85
CA GLY C 318 58.70 18.04 13.06
C GLY C 318 60.20 17.91 12.99
N VAL C 319 60.69 16.76 12.52
CA VAL C 319 62.13 16.56 12.45
C VAL C 319 62.75 17.46 11.38
N GLU C 320 62.05 17.67 10.26
CA GLU C 320 62.56 18.59 9.26
C GLU C 320 62.69 20.00 9.82
N ARG C 321 61.66 20.47 10.54
CA ARG C 321 61.71 21.81 11.11
C ARG C 321 62.79 21.92 12.17
N LEU C 322 62.97 20.88 12.99
CA LEU C 322 64.03 20.91 14.00
C LEU C 322 65.39 20.97 13.34
N ALA C 323 65.59 20.21 12.26
CA ALA C 323 66.85 20.26 11.54
C ALA C 323 67.09 21.65 10.95
N LEU C 324 66.03 22.26 10.43
CA LEU C 324 66.18 23.61 9.87
C LEU C 324 66.46 24.66 10.94
N VAL C 325 65.91 24.48 12.13
CA VAL C 325 66.05 25.50 13.16
C VAL C 325 67.32 25.33 13.99
N THR C 326 67.86 24.12 14.09
CA THR C 326 69.01 23.86 14.92
C THR C 326 70.25 23.43 14.14
N GLY C 327 70.10 23.04 12.88
CA GLY C 327 71.23 22.64 12.08
C GLY C 327 71.66 21.20 12.23
N GLY C 328 70.93 20.39 12.98
CA GLY C 328 71.29 19.00 13.14
C GLY C 328 71.01 18.19 11.90
N GLU C 329 71.60 17.00 11.85
CA GLU C 329 71.43 16.08 10.73
C GLU C 329 70.50 14.95 11.17
N ILE C 330 69.46 14.70 10.39
CA ILE C 330 68.51 13.64 10.71
C ILE C 330 69.18 12.30 10.44
N ALA C 331 69.61 11.62 11.50
CA ALA C 331 70.41 10.42 11.37
C ALA C 331 69.58 9.18 11.65
N SER C 332 69.92 8.09 10.97
CA SER C 332 69.28 6.81 11.21
C SER C 332 70.26 5.70 11.55
N THR C 333 71.56 5.96 11.47
CA THR C 333 72.58 5.02 11.89
C THR C 333 73.62 5.75 12.71
N PHE C 334 74.19 5.06 13.70
CA PHE C 334 75.07 5.70 14.67
C PHE C 334 76.37 4.93 14.80
N ASP C 335 76.95 4.52 13.68
CA ASP C 335 78.26 3.89 13.67
C ASP C 335 79.38 4.90 13.38
N HIS C 336 79.05 6.18 13.24
CA HIS C 336 80.04 7.20 12.93
C HIS C 336 79.63 8.50 13.61
N PRO C 337 79.96 8.67 14.90
CA PRO C 337 79.58 9.90 15.60
C PRO C 337 80.20 11.15 14.98
N GLU C 338 81.40 11.05 14.43
CA GLU C 338 82.08 12.23 13.92
C GLU C 338 81.53 12.71 12.59
N LEU C 339 80.75 11.90 11.89
CA LEU C 339 80.20 12.27 10.60
C LEU C 339 78.79 12.83 10.69
N VAL C 340 78.26 13.02 11.88
CA VAL C 340 76.90 13.51 12.08
C VAL C 340 76.96 14.84 12.81
N LYS C 341 76.32 15.85 12.24
CA LYS C 341 76.28 17.18 12.83
C LYS C 341 75.17 17.26 13.87
N LEU C 342 75.46 17.91 14.99
CA LEU C 342 74.52 18.04 16.09
C LEU C 342 73.93 19.44 16.14
N GLY C 343 72.63 19.51 16.41
CA GLY C 343 71.99 20.80 16.60
C GLY C 343 72.37 21.43 17.92
N SER C 344 72.06 22.71 18.05
CA SER C 344 72.43 23.45 19.24
C SER C 344 71.42 24.57 19.51
N CYS C 345 71.16 24.82 20.78
CA CYS C 345 70.33 25.94 21.19
C CYS C 345 70.69 26.30 22.63
N LYS C 346 70.42 27.56 22.98
CA LYS C 346 70.81 28.06 24.29
C LYS C 346 70.04 27.36 25.41
N LEU C 347 68.75 27.12 25.22
CA LEU C 347 67.91 26.62 26.30
C LEU C 347 66.74 25.84 25.72
N ILE C 348 66.38 24.76 26.39
CA ILE C 348 65.14 24.03 26.12
C ILE C 348 64.37 23.92 27.42
N GLU C 349 63.08 24.25 27.38
CA GLU C 349 62.25 24.20 28.56
C GLU C 349 60.80 24.00 28.13
N GLU C 350 59.92 23.86 29.11
CA GLU C 350 58.50 23.69 28.88
C GLU C 350 57.76 24.96 29.23
N VAL C 351 56.84 25.37 28.37
CA VAL C 351 56.10 26.61 28.54
C VAL C 351 54.62 26.34 28.50
N MET C 352 53.85 27.20 29.17
CA MET C 352 52.40 27.12 29.18
C MET C 352 51.84 28.12 28.18
N ILE C 353 51.00 27.63 27.26
CA ILE C 353 50.26 28.48 26.33
C ILE C 353 48.80 28.12 26.49
N GLY C 354 48.04 28.99 27.15
CA GLY C 354 46.67 28.66 27.49
C GLY C 354 46.64 27.63 28.59
N GLU C 355 46.21 26.42 28.28
CA GLU C 355 46.19 25.31 29.23
C GLU C 355 47.03 24.14 28.76
N ASP C 356 47.88 24.32 27.76
CA ASP C 356 48.68 23.25 27.19
C ASP C 356 50.16 23.53 27.40
N LYS C 357 50.93 22.47 27.50
CA LYS C 357 52.37 22.56 27.73
C LYS C 357 53.10 22.23 26.43
N LEU C 358 54.05 23.08 26.07
CA LEU C 358 54.82 22.92 24.84
C LEU C 358 56.31 22.99 25.16
N ILE C 359 57.12 22.40 24.29
CA ILE C 359 58.56 22.42 24.43
C ILE C 359 59.11 23.62 23.67
N HIS C 360 59.90 24.43 24.34
CA HIS C 360 60.38 25.69 23.79
C HIS C 360 61.88 25.59 23.53
N PHE C 361 62.29 25.85 22.30
CA PHE C 361 63.70 25.92 21.93
C PHE C 361 64.09 27.39 21.83
N SER C 362 65.06 27.81 22.64
CA SER C 362 65.46 29.20 22.71
C SER C 362 66.92 29.35 22.33
N GLY C 363 67.24 30.48 21.69
CA GLY C 363 68.59 30.74 21.24
C GLY C 363 69.04 29.74 20.19
N VAL C 364 68.19 29.49 19.21
CA VAL C 364 68.48 28.47 18.21
C VAL C 364 69.70 28.85 17.39
N ALA C 365 70.33 27.83 16.81
CA ALA C 365 71.58 28.04 16.09
C ALA C 365 71.33 28.70 14.72
N LEU C 366 70.55 28.03 13.87
CA LEU C 366 70.26 28.56 12.54
C LEU C 366 68.99 29.38 12.54
N GLY C 367 67.87 28.77 12.94
CA GLY C 367 66.61 29.48 12.99
C GLY C 367 65.89 29.62 11.67
N GLU C 368 66.24 28.79 10.68
CA GLU C 368 65.52 28.84 9.40
C GLU C 368 64.24 28.03 9.49
N ALA C 369 63.46 28.26 10.54
CA ALA C 369 62.18 27.63 10.75
C ALA C 369 61.47 28.38 11.87
N CYS C 370 60.22 28.76 11.65
CA CYS C 370 59.51 29.65 12.55
C CYS C 370 58.28 28.97 13.10
N THR C 371 57.93 29.33 14.34
CA THR C 371 56.67 28.94 14.94
C THR C 371 55.89 30.21 15.26
N ILE C 372 54.67 30.29 14.76
CA ILE C 372 53.80 31.44 14.98
C ILE C 372 52.62 30.99 15.83
N VAL C 373 52.45 31.63 16.98
CA VAL C 373 51.35 31.32 17.88
C VAL C 373 50.20 32.26 17.58
N LEU C 374 49.01 31.71 17.39
CA LEU C 374 47.82 32.49 17.10
C LEU C 374 46.83 32.34 18.24
N ARG C 375 46.43 33.46 18.83
CA ARG C 375 45.44 33.49 19.89
C ARG C 375 44.20 34.21 19.39
N GLY C 376 43.03 33.63 19.66
CA GLY C 376 41.80 34.22 19.19
C GLY C 376 40.64 33.84 20.09
N ALA C 377 39.57 34.62 19.98
CA ALA C 377 38.40 34.42 20.83
C ALA C 377 37.56 33.23 20.38
N THR C 378 37.58 32.87 19.10
CA THR C 378 36.81 31.75 18.62
C THR C 378 37.65 30.91 17.67
N GLN C 379 37.18 29.69 17.41
CA GLN C 379 37.88 28.82 16.48
C GLN C 379 37.84 29.39 15.06
N GLN C 380 36.72 29.96 14.66
CA GLN C 380 36.62 30.55 13.34
C GLN C 380 37.58 31.71 13.17
N ILE C 381 37.73 32.52 14.22
CA ILE C 381 38.71 33.61 14.19
C ILE C 381 40.11 33.06 14.00
N LEU C 382 40.44 31.99 14.71
CA LEU C 382 41.77 31.38 14.58
C LEU C 382 42.00 30.86 13.17
N ASP C 383 41.01 30.17 12.61
CA ASP C 383 41.17 29.64 11.26
C ASP C 383 41.35 30.76 10.24
N GLU C 384 40.55 31.82 10.36
CA GLU C 384 40.67 32.91 9.40
C GLU C 384 42.00 33.64 9.55
N ALA C 385 42.48 33.78 10.79
CA ALA C 385 43.79 34.37 10.98
C ALA C 385 44.88 33.51 10.34
N GLU C 386 44.77 32.19 10.48
CA GLU C 386 45.75 31.31 9.86
C GLU C 386 45.71 31.43 8.34
N ARG C 387 44.51 31.49 7.76
CA ARG C 387 44.41 31.66 6.31
C ARG C 387 45.01 32.98 5.85
N SER C 388 44.73 34.06 6.60
CA SER C 388 45.28 35.37 6.25
C SER C 388 46.79 35.37 6.32
N LEU C 389 47.36 34.78 7.38
CA LEU C 389 48.81 34.67 7.46
C LEU C 389 49.36 33.81 6.33
N HIS C 390 48.64 32.76 5.94
CA HIS C 390 49.12 31.95 4.83
C HIS C 390 49.21 32.78 3.56
N ASP C 391 48.18 33.59 3.29
CA ASP C 391 48.21 34.46 2.11
C ASP C 391 49.40 35.42 2.19
N ALA C 392 49.56 36.07 3.35
CA ALA C 392 50.64 37.05 3.48
C ALA C 392 52.01 36.41 3.33
N LEU C 393 52.21 35.24 3.94
CA LEU C 393 53.49 34.56 3.85
C LEU C 393 53.77 34.13 2.42
N CYS C 394 52.75 33.63 1.72
CA CYS C 394 52.95 33.22 0.33
C CYS C 394 53.35 34.39 -0.54
N VAL C 395 52.66 35.52 -0.38
CA VAL C 395 52.98 36.69 -1.21
C VAL C 395 54.37 37.21 -0.87
N LEU C 396 54.74 37.22 0.42
CA LEU C 396 56.06 37.68 0.79
C LEU C 396 57.15 36.76 0.24
N ALA C 397 56.92 35.45 0.27
CA ALA C 397 57.89 34.52 -0.29
C ALA C 397 58.03 34.72 -1.79
N GLN C 398 56.91 34.95 -2.49
CA GLN C 398 56.99 35.24 -3.92
C GLN C 398 57.78 36.51 -4.18
N THR C 399 57.54 37.56 -3.38
CA THR C 399 58.27 38.81 -3.55
C THR C 399 59.75 38.61 -3.30
N VAL C 400 60.11 37.78 -2.31
CA VAL C 400 61.51 37.46 -2.10
C VAL C 400 62.09 36.76 -3.31
N LYS C 401 61.34 35.82 -3.89
CA LYS C 401 61.80 35.12 -5.08
C LYS C 401 61.91 36.06 -6.27
N ASP C 402 60.91 36.92 -6.48
CA ASP C 402 60.89 37.89 -7.57
C ASP C 402 60.53 39.24 -7.00
N SER C 403 61.49 40.15 -6.98
CA SER C 403 61.34 41.41 -6.25
C SER C 403 60.59 42.48 -7.02
N ARG C 404 60.17 42.21 -8.25
CA ARG C 404 59.42 43.19 -9.01
C ARG C 404 58.08 43.47 -8.35
N THR C 405 57.72 44.75 -8.23
CA THR C 405 56.49 45.16 -7.57
C THR C 405 55.74 46.14 -8.46
N VAL C 406 54.41 46.09 -8.36
CA VAL C 406 53.53 47.03 -9.04
C VAL C 406 52.59 47.63 -8.00
N TYR C 407 52.05 48.80 -8.33
CA TYR C 407 51.21 49.53 -7.40
C TYR C 407 49.80 48.97 -7.41
N GLY C 408 49.19 48.90 -6.23
CA GLY C 408 47.86 48.38 -6.06
C GLY C 408 46.82 49.47 -5.97
N GLY C 409 45.70 49.15 -5.32
CA GLY C 409 44.61 50.11 -5.21
C GLY C 409 43.98 50.48 -6.52
N GLY C 410 43.97 49.56 -7.48
CA GLY C 410 43.41 49.84 -8.78
C GLY C 410 44.33 50.54 -9.74
N CYS C 411 45.54 50.91 -9.32
CA CYS C 411 46.46 51.60 -10.20
C CYS C 411 46.86 50.72 -11.38
N SER C 412 47.18 49.46 -11.11
CA SER C 412 47.55 48.54 -12.19
C SER C 412 46.40 48.32 -13.15
N GLU C 413 45.19 48.18 -12.62
CA GLU C 413 44.03 47.97 -13.48
C GLU C 413 43.78 49.18 -14.38
N MET C 414 43.87 50.39 -13.82
CA MET C 414 43.74 51.59 -14.64
C MET C 414 44.82 51.66 -15.69
N LEU C 415 46.06 51.31 -15.34
CA LEU C 415 47.14 51.41 -16.32
C LEU C 415 46.95 50.41 -17.46
N MET C 416 46.64 49.16 -17.12
CA MET C 416 46.40 48.17 -18.16
C MET C 416 45.21 48.53 -19.02
N ALA C 417 44.14 49.04 -18.39
CA ALA C 417 42.96 49.43 -19.15
C ALA C 417 43.27 50.61 -20.07
N HIS C 418 44.07 51.56 -19.61
CA HIS C 418 44.44 52.69 -20.46
C HIS C 418 45.26 52.22 -21.65
N ALA C 419 46.19 51.30 -21.43
CA ALA C 419 46.96 50.76 -22.55
C ALA C 419 46.06 50.03 -23.53
N VAL C 420 45.10 49.25 -23.01
CA VAL C 420 44.18 48.53 -23.88
C VAL C 420 43.32 49.50 -24.68
N THR C 421 42.86 50.57 -24.04
CA THR C 421 42.05 51.56 -24.73
C THR C 421 42.86 52.26 -25.82
N GLN C 422 44.12 52.58 -25.53
CA GLN C 422 44.98 53.18 -26.53
C GLN C 422 45.16 52.25 -27.72
N LEU C 423 45.35 50.96 -27.46
CA LEU C 423 45.45 50.00 -28.55
C LEU C 423 44.16 49.93 -29.35
N ALA C 424 43.02 49.92 -28.66
CA ALA C 424 41.73 49.80 -29.34
C ALA C 424 41.46 51.00 -30.22
N ASN C 425 41.85 52.19 -29.78
CA ASN C 425 41.57 53.39 -30.56
C ASN C 425 42.24 53.38 -31.92
N ARG C 426 43.29 52.58 -32.10
CA ARG C 426 43.97 52.47 -33.37
C ARG C 426 43.61 51.20 -34.13
N THR C 427 42.68 50.41 -33.62
CA THR C 427 42.33 49.13 -34.23
C THR C 427 40.97 49.24 -34.92
N PRO C 428 40.88 48.96 -36.22
CA PRO C 428 39.59 48.99 -36.89
C PRO C 428 38.82 47.69 -36.74
N GLY C 429 37.51 47.79 -36.86
CA GLY C 429 36.64 46.63 -36.79
C GLY C 429 36.05 46.42 -35.41
N LYS C 430 35.25 45.36 -35.30
CA LYS C 430 34.62 45.02 -34.03
C LYS C 430 35.62 44.52 -32.99
N GLU C 431 36.84 44.18 -33.41
CA GLU C 431 37.89 43.90 -32.45
C GLU C 431 38.11 45.08 -31.52
N ALA C 432 37.91 46.30 -32.03
CA ALA C 432 37.99 47.48 -31.17
C ALA C 432 36.92 47.43 -30.09
N VAL C 433 35.70 47.00 -30.45
CA VAL C 433 34.64 46.88 -29.46
C VAL C 433 35.00 45.85 -28.41
N ALA C 434 35.55 44.70 -28.85
CA ALA C 434 35.95 43.68 -27.89
C ALA C 434 37.04 44.19 -26.96
N MET C 435 38.02 44.92 -27.49
CA MET C 435 39.08 45.48 -26.67
C MET C 435 38.51 46.47 -25.66
N GLU C 436 37.54 47.28 -26.09
CA GLU C 436 36.93 48.24 -25.17
C GLU C 436 36.18 47.52 -24.06
N SER C 437 35.53 46.40 -24.37
CA SER C 437 34.88 45.63 -23.31
C SER C 437 35.91 45.06 -22.34
N TYR C 438 37.04 44.60 -22.86
CA TYR C 438 38.14 44.16 -22.00
C TYR C 438 38.54 45.27 -21.03
N ALA C 439 38.73 46.47 -21.55
CA ALA C 439 39.08 47.61 -20.71
C ALA C 439 37.98 47.91 -19.70
N LYS C 440 36.72 47.75 -20.11
CA LYS C 440 35.61 47.98 -19.19
C LYS C 440 35.67 47.03 -18.00
N ALA C 441 35.97 45.76 -18.26
CA ALA C 441 36.11 44.81 -17.14
C ALA C 441 37.29 45.20 -16.24
N LEU C 442 38.42 45.54 -16.86
CA LEU C 442 39.59 45.91 -16.07
C LEU C 442 39.28 47.10 -15.16
N ARG C 443 38.54 48.08 -15.68
CA ARG C 443 38.15 49.21 -14.84
C ARG C 443 37.05 48.85 -13.86
N MET C 444 36.24 47.85 -14.18
CA MET C 444 35.19 47.41 -13.27
C MET C 444 35.77 46.81 -12.00
N LEU C 445 36.99 46.27 -12.08
CA LEU C 445 37.61 45.74 -10.87
C LEU C 445 37.75 46.78 -9.76
N PRO C 446 38.48 47.90 -9.94
CA PRO C 446 38.50 48.91 -8.87
C PRO C 446 37.17 49.57 -8.63
N THR C 447 36.25 49.53 -9.60
CA THR C 447 34.91 50.00 -9.36
C THR C 447 34.25 49.18 -8.25
N ILE C 448 34.41 47.86 -8.30
CA ILE C 448 33.90 47.01 -7.23
C ILE C 448 34.64 47.27 -5.94
N ILE C 449 35.95 47.52 -6.02
CA ILE C 449 36.71 47.83 -4.81
C ILE C 449 36.10 49.04 -4.10
N ALA C 450 35.82 50.10 -4.87
CA ALA C 450 35.26 51.31 -4.28
C ALA C 450 33.81 51.11 -3.84
N ASP C 451 33.05 50.32 -4.59
CA ASP C 451 31.65 50.07 -4.24
C ASP C 451 31.55 49.35 -2.91
N ASN C 452 32.46 48.41 -2.65
CA ASN C 452 32.44 47.70 -1.37
C ASN C 452 32.64 48.64 -0.19
N ALA C 453 33.22 49.81 -0.42
CA ALA C 453 33.47 50.78 0.64
C ALA C 453 32.36 51.80 0.80
N GLY C 454 31.30 51.72 -0.01
CA GLY C 454 30.25 52.70 0.05
C GLY C 454 30.60 54.03 -0.59
N TYR C 455 31.70 54.11 -1.32
CA TYR C 455 32.14 55.36 -1.91
C TYR C 455 31.39 55.63 -3.20
N ASP C 456 31.70 56.75 -3.85
CA ASP C 456 31.14 57.08 -5.15
C ASP C 456 32.03 56.44 -6.20
N SER C 457 31.68 55.21 -6.58
CA SER C 457 32.55 54.42 -7.45
C SER C 457 32.72 55.08 -8.81
N ALA C 458 31.62 55.58 -9.39
CA ALA C 458 31.69 56.13 -10.74
C ALA C 458 32.60 57.35 -10.79
N ASP C 459 32.44 58.26 -9.83
CA ASP C 459 33.26 59.48 -9.82
C ASP C 459 34.72 59.15 -9.60
N LEU C 460 35.02 58.26 -8.66
CA LEU C 460 36.41 57.92 -8.38
C LEU C 460 37.05 57.23 -9.57
N VAL C 461 36.32 56.33 -10.23
CA VAL C 461 36.87 55.64 -11.39
C VAL C 461 37.09 56.61 -12.54
N ALA C 462 36.17 57.57 -12.71
CA ALA C 462 36.37 58.59 -13.75
C ALA C 462 37.60 59.43 -13.45
N GLN C 463 37.80 59.81 -12.19
CA GLN C 463 38.98 60.56 -11.82
C GLN C 463 40.25 59.76 -12.07
N LEU C 464 40.23 58.47 -11.74
CA LEU C 464 41.38 57.62 -11.99
C LEU C 464 41.68 57.52 -13.48
N ARG C 465 40.64 57.35 -14.30
CA ARG C 465 40.83 57.26 -15.74
C ARG C 465 41.41 58.56 -16.29
N ALA C 466 40.90 59.70 -15.83
CA ALA C 466 41.45 60.98 -16.27
C ALA C 466 42.90 61.14 -15.87
N ALA C 467 43.23 60.77 -14.63
CA ALA C 467 44.61 60.90 -14.17
C ALA C 467 45.54 60.00 -14.96
N HIS C 468 45.12 58.77 -15.26
CA HIS C 468 45.97 57.86 -16.00
C HIS C 468 46.12 58.27 -17.46
N SER C 469 45.06 58.83 -18.06
CA SER C 469 45.20 59.34 -19.41
C SER C 469 46.10 60.57 -19.46
N GLU C 470 46.06 61.40 -18.42
CA GLU C 470 46.90 62.59 -18.38
C GLU C 470 48.37 62.22 -18.32
N GLY C 471 48.72 61.20 -17.53
CA GLY C 471 50.11 60.81 -17.40
C GLY C 471 50.49 60.46 -15.98
N ASN C 472 49.58 60.67 -15.04
CA ASN C 472 49.81 60.32 -13.64
C ASN C 472 49.69 58.80 -13.52
N THR C 473 50.80 58.11 -13.72
CA THR C 473 50.78 56.66 -13.83
C THR C 473 50.72 55.96 -12.48
N THR C 474 50.83 56.68 -11.36
CA THR C 474 50.81 56.08 -10.04
C THR C 474 49.55 56.40 -9.26
N ALA C 475 48.56 57.03 -9.89
CA ALA C 475 47.33 57.36 -9.19
C ALA C 475 46.55 56.09 -8.87
N GLY C 476 45.90 56.09 -7.71
CA GLY C 476 45.12 54.95 -7.28
C GLY C 476 44.11 55.35 -6.24
N LEU C 477 43.30 54.38 -5.83
CA LEU C 477 42.26 54.65 -4.84
C LEU C 477 42.87 54.80 -3.45
N ASP C 478 42.46 55.84 -2.74
CA ASP C 478 42.87 56.06 -1.36
C ASP C 478 41.69 55.70 -0.46
N MET C 479 41.70 54.48 0.06
CA MET C 479 40.58 53.98 0.84
C MET C 479 40.49 54.58 2.23
N ARG C 480 41.49 55.37 2.65
CA ARG C 480 41.41 55.97 3.98
C ARG C 480 40.23 56.92 4.09
N GLU C 481 40.00 57.74 3.07
CA GLU C 481 38.89 58.68 3.06
C GLU C 481 37.97 58.53 1.87
N GLY C 482 38.48 58.14 0.71
CA GLY C 482 37.64 57.96 -0.46
C GLY C 482 37.98 58.89 -1.60
N THR C 483 39.26 59.26 -1.71
CA THR C 483 39.74 60.08 -2.81
C THR C 483 40.79 59.30 -3.58
N ILE C 484 41.40 59.95 -4.55
CA ILE C 484 42.53 59.37 -5.28
C ILE C 484 43.81 59.90 -4.69
N GLY C 485 44.88 59.12 -4.82
CA GLY C 485 46.15 59.51 -4.25
C GLY C 485 47.30 58.81 -4.94
N ASP C 486 48.50 59.17 -4.52
CA ASP C 486 49.72 58.59 -5.08
C ASP C 486 50.00 57.27 -4.38
N MET C 487 49.90 56.16 -5.12
CA MET C 487 50.14 54.86 -4.52
C MET C 487 51.59 54.69 -4.10
N ALA C 488 52.52 55.32 -4.81
CA ALA C 488 53.92 55.25 -4.41
C ALA C 488 54.13 55.92 -3.05
N ILE C 489 53.53 57.09 -2.84
CA ILE C 489 53.67 57.78 -1.57
C ILE C 489 52.91 57.05 -0.47
N LEU C 490 51.68 56.64 -0.76
CA LEU C 490 50.84 56.00 0.25
C LEU C 490 51.27 54.59 0.59
N GLY C 491 52.20 54.01 -0.17
CA GLY C 491 52.72 52.69 0.15
C GLY C 491 51.75 51.54 -0.01
N ILE C 492 50.94 51.56 -1.07
CA ILE C 492 50.14 50.40 -1.44
C ILE C 492 50.80 49.78 -2.65
N THR C 493 51.55 48.70 -2.42
CA THR C 493 52.24 48.00 -3.49
C THR C 493 51.80 46.54 -3.50
N GLU C 494 52.03 45.88 -4.64
CA GLU C 494 51.64 44.50 -4.81
C GLU C 494 52.70 43.78 -5.63
N SER C 495 52.75 42.47 -5.49
CA SER C 495 53.70 41.67 -6.24
C SER C 495 53.33 41.67 -7.72
N PHE C 496 54.32 41.97 -8.57
CA PHE C 496 54.09 41.94 -10.01
C PHE C 496 53.67 40.56 -10.47
N GLN C 497 54.23 39.52 -9.87
CA GLN C 497 53.85 38.16 -10.20
C GLN C 497 52.37 37.93 -9.97
N VAL C 498 51.84 38.41 -8.85
CA VAL C 498 50.45 38.17 -8.51
C VAL C 498 49.52 38.84 -9.52
N LYS C 499 49.79 40.10 -9.84
CA LYS C 499 48.92 40.81 -10.78
C LYS C 499 49.01 40.22 -12.18
N ARG C 500 50.22 39.87 -12.62
CA ARG C 500 50.37 39.25 -13.93
C ARG C 500 49.62 37.93 -13.99
N GLN C 501 49.74 37.12 -12.93
CA GLN C 501 49.03 35.84 -12.91
C GLN C 501 47.52 36.06 -12.93
N VAL C 502 47.03 37.05 -12.18
CA VAL C 502 45.60 37.33 -12.17
C VAL C 502 45.13 37.67 -13.58
N LEU C 503 45.82 38.60 -14.24
CA LEU C 503 45.45 38.98 -15.60
C LEU C 503 45.44 37.78 -16.54
N LEU C 504 46.54 37.03 -16.55
CA LEU C 504 46.69 35.96 -17.53
C LEU C 504 45.67 34.85 -17.28
N SER C 505 45.50 34.43 -16.04
CA SER C 505 44.55 33.37 -15.74
C SER C 505 43.13 33.79 -16.05
N ALA C 506 42.75 35.02 -15.68
CA ALA C 506 41.39 35.47 -15.96
C ALA C 506 41.12 35.52 -17.45
N ALA C 507 42.05 36.09 -18.22
CA ALA C 507 41.86 36.16 -19.66
C ALA C 507 41.78 34.77 -20.28
N GLU C 508 42.66 33.87 -19.85
CA GLU C 508 42.67 32.52 -20.41
C GLU C 508 41.38 31.78 -20.10
N ALA C 509 40.88 31.87 -18.87
CA ALA C 509 39.66 31.16 -18.52
C ALA C 509 38.44 31.76 -19.22
N ALA C 510 38.41 33.08 -19.35
CA ALA C 510 37.32 33.70 -20.11
C ALA C 510 37.34 33.23 -21.55
N GLU C 511 38.53 33.15 -22.15
CA GLU C 511 38.63 32.65 -23.52
C GLU C 511 38.18 31.20 -23.61
N VAL C 512 38.55 30.38 -22.63
CA VAL C 512 38.18 28.97 -22.66
C VAL C 512 36.66 28.81 -22.59
N ILE C 513 36.02 29.54 -21.67
CA ILE C 513 34.57 29.42 -21.51
C ILE C 513 33.85 29.99 -22.73
N LEU C 514 34.38 31.08 -23.30
CA LEU C 514 33.70 31.72 -24.41
C LEU C 514 33.64 30.82 -25.65
N ARG C 515 34.63 29.96 -25.85
CA ARG C 515 34.69 29.11 -27.03
C ARG C 515 33.58 28.06 -27.06
N VAL C 516 32.87 27.86 -25.96
CA VAL C 516 31.87 26.79 -25.88
C VAL C 516 30.58 27.25 -26.53
N ASP C 517 30.04 26.41 -27.41
CA ASP C 517 28.73 26.67 -28.01
C ASP C 517 27.73 25.56 -27.74
N ASN C 518 28.12 24.50 -27.04
CA ASN C 518 27.24 23.37 -26.80
C ASN C 518 27.69 22.67 -25.54
N ILE C 519 26.74 22.33 -24.67
CA ILE C 519 27.00 21.63 -23.43
C ILE C 519 26.25 20.31 -23.48
N ILE C 520 26.97 19.20 -23.35
CA ILE C 520 26.38 17.87 -23.39
C ILE C 520 26.71 17.16 -22.08
N LYS C 521 25.67 16.65 -21.42
CA LYS C 521 25.80 16.01 -20.12
C LYS C 521 25.41 14.55 -20.22
N ALA C 522 26.25 13.67 -19.71
CA ALA C 522 25.87 12.27 -19.61
C ALA C 522 24.88 12.07 -18.46
N ALA C 523 24.23 10.91 -18.46
CA ALA C 523 23.26 10.62 -17.43
C ALA C 523 23.97 10.48 -16.08
N PRO C 524 23.53 11.21 -15.06
CA PRO C 524 24.22 11.15 -13.77
C PRO C 524 24.10 9.79 -13.12
N ARG C 525 25.09 9.45 -12.30
CA ARG C 525 25.09 8.17 -11.60
C ARG C 525 23.93 8.07 -10.63
N LYS C 526 23.69 9.13 -9.86
CA LYS C 526 22.64 9.12 -8.85
C LYS C 526 21.30 9.52 -9.44
N ARG D 1 25.51 66.58 -4.84
CA ARG D 1 25.59 65.68 -3.70
C ARG D 1 24.23 65.05 -3.41
N GLY D 2 23.61 65.46 -2.31
CA GLY D 2 22.32 64.94 -1.92
C GLY D 2 22.38 63.48 -1.52
N LYS D 3 21.80 62.61 -2.35
CA LYS D 3 21.77 61.19 -2.03
C LYS D 3 23.14 60.56 -2.19
N GLY D 4 23.37 59.47 -1.47
CA GLY D 4 24.58 58.70 -1.54
C GLY D 4 24.40 57.40 -2.29
N ALA D 5 25.20 56.41 -1.93
CA ALA D 5 25.08 55.10 -2.56
C ALA D 5 23.73 54.48 -2.22
N TYR D 6 23.11 53.87 -3.23
CA TYR D 6 21.77 53.31 -3.03
C TYR D 6 21.79 52.18 -2.01
N GLN D 7 22.78 51.29 -2.09
CA GLN D 7 22.80 50.04 -1.35
C GLN D 7 21.61 49.17 -1.73
N ASP D 8 21.62 48.72 -2.99
CA ASP D 8 20.52 47.95 -3.53
C ASP D 8 20.35 46.61 -2.81
N ARG D 9 21.46 45.93 -2.51
CA ARG D 9 21.37 44.62 -1.87
C ARG D 9 20.92 44.76 -0.43
N ASP D 10 19.94 43.95 -0.03
CA ASP D 10 19.42 43.96 1.33
C ASP D 10 19.85 42.75 2.14
N LYS D 11 20.42 41.73 1.50
CA LYS D 11 20.82 40.53 2.23
C LYS D 11 21.82 40.79 3.35
N PRO D 12 22.86 41.61 3.19
CA PRO D 12 23.78 41.83 4.33
C PRO D 12 23.09 42.33 5.58
N ALA D 13 22.13 43.25 5.44
CA ALA D 13 21.41 43.73 6.61
C ALA D 13 20.62 42.61 7.27
N GLN D 14 19.96 41.77 6.47
CA GLN D 14 19.21 40.67 7.04
C GLN D 14 20.11 39.70 7.77
N ILE D 15 21.29 39.43 7.20
CA ILE D 15 22.23 38.51 7.84
C ILE D 15 22.69 39.08 9.18
N ARG D 16 23.03 40.37 9.20
CA ARG D 16 23.45 40.99 10.45
C ARG D 16 22.35 40.92 11.49
N PHE D 17 21.11 41.22 11.09
CA PHE D 17 20.00 41.20 12.02
C PHE D 17 19.75 39.79 12.57
N SER D 18 19.84 38.78 11.71
CA SER D 18 19.65 37.41 12.17
C SER D 18 20.75 36.99 13.13
N ASN D 19 22.01 37.36 12.83
CA ASN D 19 23.09 37.04 13.75
C ASN D 19 22.86 37.69 15.10
N ILE D 20 22.47 38.96 15.11
CA ILE D 20 22.22 39.64 16.37
C ILE D 20 21.07 38.98 17.13
N SER D 21 20.00 38.62 16.43
CA SER D 21 18.86 38.01 17.08
C SER D 21 19.24 36.68 17.72
N ALA D 22 20.03 35.86 17.01
CA ALA D 22 20.46 34.59 17.58
C ALA D 22 21.34 34.79 18.81
N ALA D 23 22.28 35.74 18.73
CA ALA D 23 23.14 35.98 19.88
C ALA D 23 22.34 36.48 21.08
N LYS D 24 21.39 37.39 20.84
CA LYS D 24 20.55 37.88 21.92
C LYS D 24 19.71 36.76 22.51
N ALA D 25 19.22 35.85 21.67
CA ALA D 25 18.44 34.73 22.18
C ALA D 25 19.28 33.85 23.10
N VAL D 26 20.52 33.57 22.71
CA VAL D 26 21.38 32.74 23.56
C VAL D 26 21.66 33.45 24.88
N ALA D 27 21.98 34.74 24.81
CA ALA D 27 22.26 35.48 26.04
C ALA D 27 21.06 35.50 26.97
N ASP D 28 19.87 35.74 26.42
CA ASP D 28 18.67 35.75 27.25
C ASP D 28 18.37 34.38 27.81
N ALA D 29 18.68 33.32 27.05
CA ALA D 29 18.48 31.97 27.56
C ALA D 29 19.35 31.71 28.78
N ILE D 30 20.62 32.13 28.74
CA ILE D 30 21.51 31.81 29.86
C ILE D 30 21.55 32.91 30.92
N ARG D 31 20.78 33.99 30.76
CA ARG D 31 20.80 35.06 31.76
C ARG D 31 20.32 34.57 33.12
N THR D 32 19.35 33.65 33.14
CA THR D 32 18.73 33.24 34.40
C THR D 32 19.72 32.51 35.31
N SER D 33 20.83 32.01 34.77
CA SER D 33 21.79 31.21 35.51
C SER D 33 23.03 32.01 35.89
N LEU D 34 22.86 33.27 36.26
CA LEU D 34 23.99 34.15 36.58
C LEU D 34 23.88 34.65 38.00
N GLY D 35 25.01 34.67 38.70
CA GLY D 35 25.09 35.27 40.01
C GLY D 35 24.75 34.31 41.13
N PRO D 36 24.91 34.75 42.37
CA PRO D 36 24.64 33.88 43.52
C PRO D 36 23.20 33.43 43.63
N LYS D 37 22.27 34.14 42.98
CA LYS D 37 20.87 33.77 42.99
C LYS D 37 20.44 33.08 41.70
N GLY D 38 21.40 32.63 40.91
CA GLY D 38 21.08 31.95 39.67
C GLY D 38 20.87 30.45 39.88
N MET D 39 19.95 29.90 39.11
CA MET D 39 19.61 28.49 39.19
C MET D 39 20.27 27.71 38.06
N ASP D 40 20.24 26.39 38.18
CA ASP D 40 20.91 25.52 37.23
C ASP D 40 19.93 25.03 36.16
N LYS D 41 20.50 24.51 35.08
CA LYS D 41 19.74 23.97 33.98
C LYS D 41 19.97 22.47 33.87
N MET D 42 18.93 21.74 33.52
CA MET D 42 19.03 20.30 33.27
C MET D 42 18.94 20.07 31.78
N ILE D 43 19.95 19.45 31.21
CA ILE D 43 20.03 19.21 29.77
C ILE D 43 20.07 17.71 29.55
N GLN D 44 19.14 17.21 28.75
CA GLN D 44 19.05 15.79 28.43
C GLN D 44 19.45 15.60 26.98
N ASP D 45 20.51 14.84 26.74
CA ASP D 45 21.02 14.64 25.40
C ASP D 45 20.08 13.76 24.59
N GLY D 46 20.39 13.65 23.30
CA GLY D 46 19.65 12.71 22.46
C GLY D 46 19.81 11.28 22.90
N LYS D 47 21.01 10.93 23.38
CA LYS D 47 21.25 9.59 23.92
C LYS D 47 20.54 9.35 25.24
N GLY D 48 20.05 10.39 25.89
CA GLY D 48 19.37 10.26 27.16
C GLY D 48 20.18 10.67 28.37
N ASP D 49 21.47 10.92 28.20
CA ASP D 49 22.30 11.33 29.33
C ASP D 49 21.85 12.70 29.85
N VAL D 50 21.83 12.82 31.18
CA VAL D 50 21.31 14.00 31.85
C VAL D 50 22.45 14.69 32.58
N THR D 51 22.50 16.01 32.46
CA THR D 51 23.47 16.82 33.18
C THR D 51 22.76 18.01 33.82
N ILE D 52 23.18 18.36 35.03
CA ILE D 52 22.70 19.53 35.75
C ILE D 52 23.88 20.44 35.96
N THR D 53 23.76 21.69 35.53
CA THR D 53 24.93 22.56 35.60
C THR D 53 24.53 24.01 35.65
N ASN D 54 25.41 24.82 36.25
CA ASN D 54 25.34 26.27 36.23
C ASN D 54 26.46 26.88 35.41
N ASP D 55 27.45 26.08 34.99
CA ASP D 55 28.58 26.58 34.23
C ASP D 55 28.12 27.00 32.84
N GLY D 56 28.54 28.19 32.42
CA GLY D 56 28.12 28.69 31.11
C GLY D 56 28.67 27.86 29.96
N ALA D 57 29.95 27.49 30.04
CA ALA D 57 30.56 26.69 28.98
C ALA D 57 29.87 25.34 28.84
N THR D 58 29.60 24.68 29.96
CA THR D 58 28.91 23.40 29.90
C THR D 58 27.51 23.55 29.35
N ILE D 59 26.78 24.58 29.77
CA ILE D 59 25.43 24.79 29.28
C ILE D 59 25.45 24.99 27.77
N LEU D 60 26.35 25.83 27.29
CA LEU D 60 26.40 26.12 25.86
C LEU D 60 26.85 24.90 25.05
N LYS D 61 27.79 24.12 25.58
CA LYS D 61 28.24 22.93 24.86
C LYS D 61 27.15 21.88 24.79
N GLN D 62 26.46 21.64 25.90
CA GLN D 62 25.49 20.54 25.95
C GLN D 62 24.33 20.79 25.00
N MET D 63 23.80 22.01 25.00
CA MET D 63 22.70 22.35 24.10
C MET D 63 23.25 22.60 22.72
N GLN D 64 22.74 21.87 21.73
CA GLN D 64 23.26 21.93 20.37
C GLN D 64 22.60 23.11 19.67
N VAL D 65 23.25 24.26 19.74
CA VAL D 65 22.77 25.45 19.03
C VAL D 65 23.11 25.32 17.56
N LEU D 66 22.19 25.76 16.70
CA LEU D 66 22.32 25.57 15.27
C LEU D 66 22.66 26.84 14.50
N HIS D 67 22.23 28.00 14.97
CA HIS D 67 22.58 29.23 14.29
C HIS D 67 24.08 29.49 14.39
N PRO D 68 24.72 29.91 13.30
CA PRO D 68 26.17 30.13 13.35
C PRO D 68 26.62 31.10 14.42
N ALA D 69 25.84 32.17 14.66
CA ALA D 69 26.21 33.13 15.70
C ALA D 69 26.24 32.47 17.07
N ALA D 70 25.28 31.60 17.34
CA ALA D 70 25.29 30.86 18.60
C ALA D 70 26.49 29.93 18.69
N ARG D 71 26.88 29.32 17.57
CA ARG D 71 28.07 28.47 17.57
C ARG D 71 29.31 29.28 17.93
N MET D 72 29.44 30.48 17.36
CA MET D 72 30.58 31.31 17.71
C MET D 72 30.51 31.80 19.15
N LEU D 73 29.30 32.00 19.69
CA LEU D 73 29.21 32.30 21.12
C LEU D 73 29.68 31.13 21.96
N VAL D 74 29.36 29.90 21.54
CA VAL D 74 29.85 28.72 22.25
C VAL D 74 31.37 28.69 22.21
N GLU D 75 31.95 28.97 21.05
CA GLU D 75 33.40 29.00 20.95
C GLU D 75 34.00 30.09 21.84
N LEU D 76 33.36 31.25 21.89
CA LEU D 76 33.81 32.32 22.76
C LEU D 76 33.78 31.89 24.22
N SER D 77 32.73 31.19 24.62
CA SER D 77 32.64 30.67 25.98
C SER D 77 33.75 29.68 26.26
N LYS D 78 34.06 28.80 25.30
CA LYS D 78 35.17 27.88 25.47
C LYS D 78 36.48 28.63 25.66
N ALA D 79 36.70 29.67 24.87
CA ALA D 79 37.94 30.43 24.98
C ALA D 79 38.05 31.13 26.33
N GLN D 80 36.94 31.69 26.81
CA GLN D 80 36.97 32.32 28.13
C GLN D 80 37.24 31.29 29.22
N ASP D 81 36.67 30.09 29.08
CA ASP D 81 36.96 29.02 30.01
C ASP D 81 38.44 28.66 30.00
N ILE D 82 39.04 28.61 28.80
CA ILE D 82 40.44 28.24 28.68
C ILE D 82 41.32 29.30 29.32
N GLU D 83 41.09 30.57 29.01
CA GLU D 83 42.02 31.61 29.45
C GLU D 83 41.82 31.97 30.92
N ALA D 84 40.58 31.99 31.40
CA ALA D 84 40.31 32.42 32.76
C ALA D 84 39.74 31.31 33.63
N GLY D 85 38.67 30.65 33.19
CA GLY D 85 38.02 29.61 33.96
C GLY D 85 36.76 30.05 34.68
N ASP D 86 36.57 31.34 34.87
CA ASP D 86 35.33 31.89 35.40
C ASP D 86 34.87 33.03 34.51
N GLY D 87 33.71 33.58 34.81
CA GLY D 87 33.14 34.57 33.92
C GLY D 87 32.68 34.01 32.61
N THR D 88 32.41 32.71 32.56
CA THR D 88 32.04 32.06 31.31
C THR D 88 30.64 32.47 30.87
N THR D 89 29.74 32.68 31.82
CA THR D 89 28.41 33.19 31.49
C THR D 89 28.42 34.68 31.20
N SER D 90 29.24 35.42 31.96
CA SER D 90 29.27 36.87 31.83
C SER D 90 29.73 37.30 30.45
N VAL D 91 30.73 36.61 29.90
CA VAL D 91 31.24 37.01 28.58
C VAL D 91 30.18 36.81 27.52
N VAL D 92 29.43 35.72 27.59
CA VAL D 92 28.36 35.49 26.62
C VAL D 92 27.27 36.55 26.77
N ILE D 93 26.92 36.89 28.00
CA ILE D 93 25.90 37.92 28.21
C ILE D 93 26.37 39.25 27.66
N ILE D 94 27.65 39.57 27.86
CA ILE D 94 28.22 40.82 27.36
C ILE D 94 28.17 40.86 25.83
N ALA D 95 28.55 39.75 25.19
CA ALA D 95 28.51 39.72 23.73
C ALA D 95 27.09 39.88 23.21
N GLY D 96 26.13 39.21 23.85
CA GLY D 96 24.74 39.36 23.43
C GLY D 96 24.25 40.79 23.57
N SER D 97 24.58 41.43 24.69
CA SER D 97 24.17 42.82 24.87
C SER D 97 24.82 43.73 23.85
N LEU D 98 26.09 43.49 23.54
CA LEU D 98 26.78 44.30 22.54
C LEU D 98 26.09 44.21 21.19
N LEU D 99 25.77 42.99 20.76
CA LEU D 99 25.10 42.85 19.47
C LEU D 99 23.69 43.44 19.51
N ASP D 100 23.00 43.33 20.63
CA ASP D 100 21.70 43.97 20.77
C ASP D 100 21.81 45.48 20.56
N SER D 101 22.86 46.10 21.10
CA SER D 101 23.09 47.51 20.84
C SER D 101 23.40 47.76 19.37
N CYS D 102 24.18 46.86 18.76
CA CYS D 102 24.50 47.00 17.35
C CYS D 102 23.25 47.02 16.49
N THR D 103 22.18 46.37 16.92
CA THR D 103 20.94 46.44 16.15
C THR D 103 20.47 47.89 15.96
N LYS D 104 20.33 48.62 17.08
CA LYS D 104 19.89 50.00 16.98
C LYS D 104 20.92 50.86 16.27
N LEU D 105 22.20 50.58 16.50
CA LEU D 105 23.24 51.36 15.82
C LEU D 105 23.14 51.20 14.31
N LEU D 106 22.93 49.98 13.82
CA LEU D 106 22.78 49.75 12.39
C LEU D 106 21.49 50.38 11.87
N GLN D 107 20.41 50.30 12.64
CA GLN D 107 19.16 50.90 12.20
C GLN D 107 19.29 52.41 12.06
N LYS D 108 20.12 53.03 12.89
CA LYS D 108 20.35 54.47 12.76
C LYS D 108 21.12 54.83 11.50
N GLY D 109 21.69 53.85 10.80
CA GLY D 109 22.41 54.11 9.57
C GLY D 109 23.89 54.31 9.77
N ILE D 110 24.52 53.40 10.52
CA ILE D 110 25.95 53.45 10.82
C ILE D 110 26.59 52.22 10.20
N HIS D 111 27.71 52.43 9.52
CA HIS D 111 28.40 51.32 8.88
C HIS D 111 28.97 50.39 9.94
N PRO D 112 28.94 49.08 9.72
CA PRO D 112 29.44 48.14 10.73
C PRO D 112 30.91 48.33 11.06
N THR D 113 31.73 48.76 10.09
CA THR D 113 33.15 48.97 10.37
C THR D 113 33.35 50.09 11.39
N ILE D 114 32.56 51.16 11.26
CA ILE D 114 32.63 52.25 12.23
C ILE D 114 32.25 51.75 13.62
N ILE D 115 31.21 50.90 13.69
CA ILE D 115 30.81 50.33 14.97
C ILE D 115 31.95 49.51 15.56
N SER D 116 32.61 48.69 14.74
CA SER D 116 33.69 47.86 15.25
C SER D 116 34.86 48.70 15.75
N GLU D 117 35.22 49.74 15.01
CA GLU D 117 36.32 50.60 15.45
C GLU D 117 35.96 51.30 16.76
N SER D 118 34.74 51.80 16.87
CA SER D 118 34.32 52.47 18.10
C SER D 118 34.31 51.49 19.27
N PHE D 119 33.87 50.26 19.02
CA PHE D 119 33.88 49.25 20.07
C PHE D 119 35.30 48.92 20.49
N GLN D 120 36.24 48.89 19.55
CA GLN D 120 37.64 48.68 19.92
C GLN D 120 38.15 49.81 20.81
N LYS D 121 37.83 51.06 20.47
CA LYS D 121 38.22 52.17 21.31
C LYS D 121 37.61 52.06 22.71
N ALA D 122 36.33 51.70 22.76
CA ALA D 122 35.67 51.52 24.05
C ALA D 122 36.31 50.41 24.85
N LEU D 123 36.71 49.32 24.18
CA LEU D 123 37.35 48.22 24.88
C LEU D 123 38.70 48.64 25.45
N GLU D 124 39.48 49.43 24.70
CA GLU D 124 40.75 49.90 25.22
C GLU D 124 40.55 50.79 26.44
N LYS D 125 39.59 51.72 26.35
CA LYS D 125 39.31 52.58 27.50
C LYS D 125 38.82 51.76 28.69
N GLY D 126 37.99 50.75 28.43
CA GLY D 126 37.48 49.93 29.51
C GLY D 126 38.54 49.11 30.19
N ILE D 127 39.48 48.58 29.41
CA ILE D 127 40.60 47.86 29.99
C ILE D 127 41.42 48.79 30.88
N GLU D 128 41.64 50.02 30.40
CA GLU D 128 42.35 50.99 31.24
C GLU D 128 41.60 51.25 32.54
N ILE D 129 40.27 51.43 32.46
CA ILE D 129 39.48 51.71 33.65
C ILE D 129 39.54 50.56 34.64
N LEU D 130 39.35 49.34 34.14
CA LEU D 130 39.37 48.16 35.00
C LEU D 130 40.73 47.99 35.66
N THR D 131 41.80 48.20 34.91
CA THR D 131 43.13 48.13 35.49
C THR D 131 43.31 49.19 36.57
N ASP D 132 42.78 50.39 36.33
CA ASP D 132 42.93 51.46 37.31
C ASP D 132 42.19 51.16 38.60
N MET D 133 41.00 50.56 38.51
CA MET D 133 40.18 50.37 39.70
C MET D 133 40.56 49.14 40.51
N SER D 134 41.50 48.32 40.03
CA SER D 134 41.89 47.12 40.74
C SER D 134 42.98 47.42 41.76
N ARG D 135 43.33 46.41 42.55
CA ARG D 135 44.37 46.52 43.56
C ARG D 135 45.26 45.29 43.50
N PRO D 136 46.53 45.43 43.88
CA PRO D 136 47.44 44.29 43.82
C PRO D 136 47.21 43.31 44.97
N VAL D 137 47.67 42.08 44.76
CA VAL D 137 47.54 41.02 45.75
C VAL D 137 48.87 40.27 45.87
N GLU D 138 49.05 39.61 47.00
CA GLU D 138 50.20 38.78 47.26
C GLU D 138 49.73 37.36 47.55
N LEU D 139 50.46 36.38 47.03
CA LEU D 139 50.06 34.99 47.23
C LEU D 139 50.16 34.55 48.68
N SER D 140 50.90 35.29 49.51
CA SER D 140 50.97 34.98 50.94
C SER D 140 49.74 35.44 51.70
N ASP D 141 48.87 36.24 51.08
CA ASP D 141 47.65 36.71 51.72
C ASP D 141 46.57 35.66 51.52
N ARG D 142 46.40 34.78 52.49
CA ARG D 142 45.46 33.67 52.34
C ARG D 142 44.02 34.15 52.33
N GLU D 143 43.71 35.23 53.04
CA GLU D 143 42.33 35.70 53.13
C GLU D 143 41.80 36.09 51.76
N THR D 144 42.60 36.77 50.95
CA THR D 144 42.17 37.16 49.62
C THR D 144 41.87 35.93 48.76
N LEU D 145 42.73 34.92 48.84
CA LEU D 145 42.50 33.70 48.08
C LEU D 145 41.23 33.00 48.52
N LEU D 146 40.99 32.93 49.82
CA LEU D 146 39.78 32.31 50.32
C LEU D 146 38.54 33.07 49.86
N ASN D 147 38.59 34.40 49.90
CA ASN D 147 37.45 35.19 49.46
C ASN D 147 37.20 35.01 47.98
N SER D 148 38.26 34.94 47.17
CA SER D 148 38.08 34.72 45.75
C SER D 148 37.45 33.36 45.48
N ALA D 149 37.91 32.33 46.18
CA ALA D 149 37.32 31.00 45.99
C ALA D 149 35.86 30.97 46.43
N THR D 150 35.55 31.62 47.55
CA THR D 150 34.17 31.66 48.01
C THR D 150 33.28 32.40 47.02
N THR D 151 33.76 33.52 46.48
CA THR D 151 33.00 34.26 45.48
C THR D 151 32.80 33.41 44.23
N SER D 152 33.80 32.61 43.86
CA SER D 152 33.64 31.70 42.75
C SER D 152 32.56 30.67 43.02
N LEU D 153 32.49 30.19 44.26
CA LEU D 153 31.58 29.11 44.62
C LEU D 153 30.19 29.57 45.03
N ASN D 154 29.95 30.88 45.16
CA ASN D 154 28.64 31.34 45.59
C ASN D 154 27.54 30.94 44.62
N SER D 155 27.80 31.07 43.32
CA SER D 155 26.75 30.84 42.34
C SER D 155 26.46 29.36 42.10
N LYS D 156 27.34 28.46 42.53
CA LYS D 156 27.20 27.06 42.22
C LYS D 156 26.38 26.33 43.28
N VAL D 157 26.11 25.05 43.01
CA VAL D 157 25.31 24.25 43.94
C VAL D 157 26.06 24.02 45.25
N VAL D 158 27.38 23.99 45.20
CA VAL D 158 28.19 23.80 46.42
C VAL D 158 28.45 25.20 46.96
N SER D 159 27.45 25.73 47.66
CA SER D 159 27.58 27.01 48.35
C SER D 159 27.50 26.85 49.86
N GLN D 160 26.68 25.93 50.34
CA GLN D 160 26.69 25.61 51.76
C GLN D 160 27.94 24.85 52.16
N TYR D 161 28.59 24.20 51.21
CA TYR D 161 29.86 23.51 51.46
C TYR D 161 31.07 24.37 51.16
N SER D 162 30.86 25.64 50.81
CA SER D 162 31.99 26.50 50.46
C SER D 162 32.97 26.63 51.62
N SER D 163 32.48 26.58 52.86
CA SER D 163 33.36 26.63 54.01
C SER D 163 34.34 25.47 54.03
N LEU D 164 34.03 24.38 53.34
CA LEU D 164 34.92 23.24 53.21
C LEU D 164 35.73 23.26 51.92
N LEU D 165 35.14 23.72 50.81
CA LEU D 165 35.80 23.65 49.52
C LEU D 165 36.75 24.81 49.25
N SER D 166 36.43 26.02 49.71
CA SER D 166 37.32 27.15 49.45
C SER D 166 38.71 26.96 50.05
N PRO D 167 38.87 26.66 51.34
CA PRO D 167 40.22 26.36 51.83
C PRO D 167 40.83 25.17 51.14
N MET D 168 40.00 24.20 50.77
CA MET D 168 40.49 23.00 50.09
C MET D 168 41.07 23.38 48.73
N SER D 169 40.37 24.22 47.97
CA SER D 169 40.89 24.65 46.67
C SER D 169 42.15 25.49 46.82
N VAL D 170 42.18 26.40 47.79
CA VAL D 170 43.36 27.24 47.98
C VAL D 170 44.56 26.36 48.34
N ASN D 171 44.37 25.40 49.24
CA ASN D 171 45.45 24.49 49.60
C ASN D 171 45.90 23.68 48.39
N ALA D 172 44.95 23.21 47.58
CA ALA D 172 45.31 22.41 46.42
C ALA D 172 46.17 23.20 45.45
N VAL D 173 45.81 24.47 45.21
CA VAL D 173 46.60 25.26 44.28
C VAL D 173 47.96 25.60 44.87
N MET D 174 48.01 25.96 46.15
CA MET D 174 49.29 26.32 46.76
C MET D 174 50.24 25.12 46.86
N LYS D 175 49.70 23.90 46.96
CA LYS D 175 50.56 22.74 47.15
C LYS D 175 51.24 22.28 45.87
N VAL D 176 50.80 22.74 44.71
CA VAL D 176 51.33 22.28 43.43
C VAL D 176 52.19 23.31 42.74
N ILE D 177 52.41 24.48 43.34
CA ILE D 177 53.19 25.54 42.74
C ILE D 177 54.18 26.08 43.76
N ASP D 178 55.13 26.87 43.26
CA ASP D 178 56.04 27.61 44.13
C ASP D 178 55.61 29.06 44.16
N PRO D 179 55.06 29.55 45.27
CA PRO D 179 54.47 30.90 45.26
C PRO D 179 55.46 31.99 44.90
N ALA D 180 56.74 31.83 45.22
CA ALA D 180 57.73 32.87 44.98
C ALA D 180 58.18 32.94 43.53
N THR D 181 57.89 31.94 42.71
CA THR D 181 58.43 31.91 41.36
C THR D 181 57.37 31.57 40.32
N ALA D 182 56.28 30.93 40.74
CA ALA D 182 55.29 30.44 39.80
C ALA D 182 54.65 31.59 39.03
N THR D 183 54.57 31.43 37.71
CA THR D 183 53.88 32.38 36.85
C THR D 183 52.64 31.78 36.19
N SER D 184 52.43 30.48 36.34
CA SER D 184 51.23 29.81 35.85
C SER D 184 51.04 28.52 36.62
N VAL D 185 49.83 27.99 36.57
CA VAL D 185 49.47 26.77 37.29
C VAL D 185 49.04 25.73 36.27
N ASP D 186 49.64 24.55 36.34
CA ASP D 186 49.25 23.42 35.51
C ASP D 186 48.22 22.62 36.29
N LEU D 187 46.94 22.78 35.92
CA LEU D 187 45.87 22.12 36.65
C LEU D 187 45.89 20.61 36.50
N ARG D 188 46.66 20.07 35.55
CA ARG D 188 46.80 18.63 35.46
C ARG D 188 47.60 18.05 36.61
N ASP D 189 48.26 18.89 37.41
CA ASP D 189 48.91 18.43 38.62
C ASP D 189 47.94 18.19 39.77
N ILE D 190 46.67 18.56 39.59
CA ILE D 190 45.63 18.32 40.59
C ILE D 190 44.68 17.29 40.00
N LYS D 191 44.64 16.12 40.60
CA LYS D 191 43.80 15.02 40.13
C LYS D 191 42.51 14.99 40.93
N ILE D 192 41.39 14.89 40.22
CA ILE D 192 40.07 14.87 40.83
C ILE D 192 39.47 13.48 40.61
N VAL D 193 39.07 12.84 41.70
CA VAL D 193 38.52 11.48 41.67
C VAL D 193 37.07 11.55 42.14
N LYS D 194 36.16 11.05 41.31
CA LYS D 194 34.74 11.05 41.62
C LYS D 194 34.31 9.67 42.05
N LYS D 195 33.83 9.56 43.29
CA LYS D 195 33.33 8.30 43.83
C LYS D 195 31.91 8.54 44.33
N LEU D 196 30.98 7.71 43.86
CA LEU D 196 29.59 7.83 44.29
C LEU D 196 29.45 7.48 45.76
N GLY D 197 28.41 8.02 46.37
CA GLY D 197 28.12 7.72 47.75
C GLY D 197 28.53 8.85 48.69
N GLY D 198 28.03 8.78 49.91
CA GLY D 198 28.36 9.81 50.86
C GLY D 198 27.72 11.14 50.50
N THR D 199 28.31 12.19 51.04
CA THR D 199 27.83 13.56 50.82
C THR D 199 29.03 14.43 50.48
N ILE D 200 28.77 15.57 49.81
CA ILE D 200 29.84 16.48 49.45
C ILE D 200 30.63 16.93 50.66
N ASP D 201 30.04 16.82 51.86
CA ASP D 201 30.80 17.06 53.08
C ASP D 201 31.95 16.08 53.23
N ASP D 202 31.91 14.96 52.53
CA ASP D 202 32.95 13.94 52.62
C ASP D 202 34.08 14.16 51.63
N CYS D 203 34.05 15.25 50.87
CA CYS D 203 35.14 15.54 49.95
C CYS D 203 36.44 15.70 50.73
N GLU D 204 37.51 15.09 50.22
CA GLU D 204 38.77 15.01 50.92
C GLU D 204 39.91 15.42 50.02
N LEU D 205 40.92 16.06 50.61
CA LEU D 205 42.15 16.45 49.91
C LEU D 205 43.25 15.48 50.35
N VAL D 206 43.69 14.65 49.43
CA VAL D 206 44.71 13.65 49.71
C VAL D 206 46.07 14.21 49.29
N GLU D 207 47.00 14.25 50.23
CA GLU D 207 48.34 14.76 49.94
C GLU D 207 49.20 13.76 49.18
N GLY D 208 48.72 12.53 48.99
CA GLY D 208 49.49 11.53 48.29
C GLY D 208 48.89 11.13 46.96
N LEU D 209 48.78 9.82 46.74
CA LEU D 209 48.28 9.28 45.49
C LEU D 209 47.05 8.43 45.74
N VAL D 210 46.04 8.59 44.89
CA VAL D 210 44.80 7.82 44.97
C VAL D 210 44.65 7.05 43.67
N LEU D 211 44.54 5.73 43.78
CA LEU D 211 44.40 4.86 42.62
C LEU D 211 43.08 4.11 42.73
N THR D 212 42.33 4.06 41.63
CA THR D 212 41.07 3.34 41.60
C THR D 212 41.24 1.86 41.32
N GLN D 213 42.46 1.41 41.04
CA GLN D 213 42.70 0.00 40.75
C GLN D 213 42.55 -0.84 42.01
N LYS D 214 42.25 -2.12 41.80
CA LYS D 214 42.04 -3.07 42.88
C LYS D 214 43.32 -3.85 43.15
N VAL D 215 43.55 -4.16 44.43
CA VAL D 215 44.73 -4.94 44.80
C VAL D 215 44.52 -6.38 44.38
N SER D 216 45.48 -6.92 43.62
CA SER D 216 45.39 -8.31 43.18
C SER D 216 45.49 -9.28 44.35
N ASN D 217 46.35 -8.98 45.32
CA ASN D 217 46.50 -9.84 46.48
C ASN D 217 45.24 -9.83 47.33
N SER D 218 44.96 -10.97 47.95
CA SER D 218 43.90 -11.09 48.94
C SER D 218 44.55 -11.34 50.29
N GLY D 219 44.18 -10.53 51.28
CA GLY D 219 44.73 -10.62 52.61
C GLY D 219 45.80 -9.59 52.93
N ILE D 220 46.38 -8.96 51.91
CA ILE D 220 47.32 -7.87 52.11
C ILE D 220 46.66 -6.61 51.57
N THR D 221 46.23 -5.73 52.47
CA THR D 221 45.56 -4.50 52.08
C THR D 221 46.09 -3.27 52.81
N ARG D 222 47.11 -3.41 53.64
CA ARG D 222 47.64 -2.27 54.39
C ARG D 222 49.11 -2.52 54.65
N VAL D 223 49.97 -1.67 54.08
CA VAL D 223 51.41 -1.77 54.24
C VAL D 223 51.93 -0.47 54.84
N GLU D 224 52.63 -0.57 55.96
CA GLU D 224 53.27 0.57 56.59
C GLU D 224 54.75 0.60 56.25
N LYS D 225 55.29 1.81 56.14
CA LYS D 225 56.66 2.03 55.68
C LYS D 225 56.86 1.38 54.31
N ALA D 226 55.96 1.68 53.39
CA ALA D 226 55.96 1.06 52.08
C ALA D 226 57.15 1.50 51.25
N LYS D 227 57.56 0.64 50.32
CA LYS D 227 58.60 0.92 49.35
C LYS D 227 58.01 0.56 47.98
N ILE D 228 57.35 1.53 47.36
CA ILE D 228 56.61 1.28 46.13
C ILE D 228 57.58 1.18 44.96
N GLY D 229 57.36 0.18 44.11
CA GLY D 229 58.12 0.03 42.88
C GLY D 229 57.20 -0.02 41.68
N LEU D 230 57.57 0.70 40.63
CA LEU D 230 56.80 0.77 39.41
C LEU D 230 57.47 -0.07 38.34
N ILE D 231 56.71 -0.98 37.73
CA ILE D 231 57.22 -1.94 36.76
C ILE D 231 56.54 -1.71 35.43
N GLN D 232 57.33 -1.69 34.36
CA GLN D 232 56.81 -1.54 33.01
C GLN D 232 57.03 -2.79 32.17
N PHE D 233 57.55 -3.86 32.76
CA PHE D 233 57.67 -5.14 32.07
C PHE D 233 56.65 -6.12 32.64
N CYS D 234 56.66 -7.33 32.09
CA CYS D 234 55.65 -8.34 32.39
C CYS D 234 56.26 -9.45 33.22
N LEU D 235 55.53 -9.89 34.25
CA LEU D 235 55.95 -11.01 35.09
C LEU D 235 55.22 -12.27 34.63
N SER D 236 55.65 -12.80 33.49
CA SER D 236 55.05 -13.99 32.93
C SER D 236 56.15 -14.80 32.24
N ALA D 237 55.74 -15.82 31.49
CA ALA D 237 56.70 -16.68 30.82
C ALA D 237 57.52 -15.87 29.82
N PRO D 238 58.79 -16.20 29.64
CA PRO D 238 59.63 -15.42 28.73
C PRO D 238 59.08 -15.41 27.31
N LYS D 239 59.17 -14.25 26.67
CA LYS D 239 58.61 -14.08 25.33
C LYS D 239 59.39 -12.97 24.63
N THR D 240 60.10 -13.32 23.57
CA THR D 240 60.88 -12.34 22.83
C THR D 240 60.00 -11.55 21.87
N ASP D 241 60.52 -10.42 21.41
CA ASP D 241 59.80 -9.63 20.43
C ASP D 241 59.65 -10.39 19.13
N MET D 242 60.69 -11.11 18.71
CA MET D 242 60.60 -11.97 17.54
C MET D 242 59.67 -13.14 17.83
N ASP D 243 59.21 -13.78 16.75
CA ASP D 243 58.39 -14.97 16.90
C ASP D 243 59.20 -16.06 17.59
N ASN D 244 58.60 -16.68 18.61
CA ASN D 244 59.29 -17.69 19.38
C ASN D 244 58.37 -18.87 19.64
N GLN D 245 58.89 -20.08 19.42
CA GLN D 245 58.20 -21.30 19.78
C GLN D 245 59.18 -22.23 20.48
N ILE D 246 58.68 -23.04 21.40
CA ILE D 246 59.47 -24.06 22.06
C ILE D 246 59.08 -25.39 21.47
N VAL D 247 60.05 -26.10 20.91
CA VAL D 247 59.82 -27.37 20.23
C VAL D 247 60.17 -28.49 21.20
N VAL D 248 59.21 -29.38 21.44
CA VAL D 248 59.37 -30.49 22.37
C VAL D 248 59.44 -31.77 21.55
N SER D 249 60.49 -32.56 21.79
CA SER D 249 60.67 -33.84 21.11
C SER D 249 60.77 -35.02 22.05
N ASP D 250 61.00 -34.79 23.34
CA ASP D 250 61.10 -35.86 24.32
C ASP D 250 60.14 -35.58 25.47
N TYR D 251 59.81 -36.64 26.21
CA TYR D 251 58.94 -36.48 27.37
C TYR D 251 59.62 -35.64 28.44
N ALA D 252 60.94 -35.77 28.59
CA ALA D 252 61.65 -35.02 29.62
C ALA D 252 61.61 -33.52 29.33
N GLN D 253 61.53 -33.14 28.06
CA GLN D 253 61.49 -31.72 27.73
C GLN D 253 60.25 -31.05 28.28
N MET D 254 59.15 -31.80 28.44
CA MET D 254 57.91 -31.20 28.93
C MET D 254 58.10 -30.65 30.34
N ASP D 255 58.42 -31.52 31.29
CA ASP D 255 58.59 -31.03 32.64
C ASP D 255 59.86 -30.19 32.79
N ARG D 256 60.83 -30.33 31.89
CA ARG D 256 61.94 -29.37 31.90
C ARG D 256 61.45 -27.98 31.56
N VAL D 257 60.57 -27.85 30.57
CA VAL D 257 59.97 -26.56 30.25
C VAL D 257 59.21 -26.00 31.44
N LEU D 258 58.39 -26.84 32.06
CA LEU D 258 57.60 -26.38 33.21
C LEU D 258 58.51 -25.90 34.33
N ARG D 259 59.53 -26.69 34.67
CA ARG D 259 60.43 -26.33 35.76
C ARG D 259 61.20 -25.06 35.45
N GLU D 260 61.68 -24.91 34.21
CA GLU D 260 62.47 -23.74 33.87
C GLU D 260 61.62 -22.48 33.85
N GLU D 261 60.38 -22.58 33.39
CA GLU D 261 59.50 -21.43 33.46
C GLU D 261 59.23 -21.03 34.91
N ARG D 262 58.99 -22.03 35.77
CA ARG D 262 58.80 -21.72 37.19
C ARG D 262 60.05 -21.06 37.78
N ALA D 263 61.23 -21.55 37.42
CA ALA D 263 62.46 -20.98 37.93
C ALA D 263 62.64 -19.54 37.45
N TYR D 264 62.30 -19.27 36.20
CA TYR D 264 62.42 -17.93 35.66
C TYR D 264 61.51 -16.95 36.42
N ILE D 265 60.25 -17.35 36.63
CA ILE D 265 59.34 -16.48 37.36
C ILE D 265 59.83 -16.28 38.78
N LEU D 266 60.29 -17.35 39.42
CA LEU D 266 60.77 -17.25 40.80
C LEU D 266 61.97 -16.33 40.90
N ASN D 267 62.87 -16.39 39.91
CA ASN D 267 64.04 -15.51 39.93
C ASN D 267 63.62 -14.06 39.76
N LEU D 268 62.66 -13.79 38.88
CA LEU D 268 62.16 -12.42 38.75
C LEU D 268 61.61 -11.91 40.08
N VAL D 269 60.78 -12.72 40.73
CA VAL D 269 60.16 -12.28 41.98
C VAL D 269 61.22 -12.11 43.06
N LYS D 270 62.21 -13.00 43.11
CA LYS D 270 63.27 -12.88 44.10
C LYS D 270 64.09 -11.62 43.89
N GLN D 271 64.40 -11.30 42.63
CA GLN D 271 65.14 -10.07 42.35
C GLN D 271 64.33 -8.85 42.76
N ILE D 272 63.02 -8.89 42.53
CA ILE D 272 62.18 -7.78 42.96
C ILE D 272 62.19 -7.65 44.47
N LYS D 273 62.07 -8.76 45.19
CA LYS D 273 61.97 -8.72 46.64
C LYS D 273 63.28 -8.33 47.29
N LYS D 274 64.41 -8.68 46.67
CA LYS D 274 65.71 -8.42 47.27
C LYS D 274 65.97 -6.94 47.48
N THR D 275 65.30 -6.07 46.74
CA THR D 275 65.50 -4.63 46.87
C THR D 275 64.75 -4.03 48.06
N GLY D 276 63.97 -4.82 48.78
CA GLY D 276 63.18 -4.31 49.88
C GLY D 276 61.81 -3.81 49.49
N CYS D 277 61.43 -3.92 48.23
CA CYS D 277 60.11 -3.47 47.80
C CYS D 277 59.03 -4.31 48.45
N ASN D 278 57.92 -3.65 48.83
CA ASN D 278 56.78 -4.34 49.40
C ASN D 278 55.45 -3.95 48.76
N VAL D 279 55.38 -2.86 48.02
CA VAL D 279 54.21 -2.51 47.23
C VAL D 279 54.65 -2.41 45.78
N LEU D 280 53.94 -3.13 44.91
CA LEU D 280 54.34 -3.24 43.52
C LEU D 280 53.22 -2.75 42.62
N LEU D 281 53.53 -1.82 41.73
CA LEU D 281 52.59 -1.33 40.74
C LEU D 281 53.04 -1.81 39.37
N ILE D 282 52.14 -2.50 38.66
CA ILE D 282 52.45 -3.09 37.37
C ILE D 282 51.68 -2.33 36.29
N GLN D 283 52.41 -1.79 35.33
CA GLN D 283 51.77 -1.07 34.23
C GLN D 283 50.95 -2.02 33.38
N LYS D 284 49.83 -1.50 32.86
CA LYS D 284 48.97 -2.31 32.01
C LYS D 284 49.73 -2.77 30.78
N SER D 285 49.65 -4.06 30.47
CA SER D 285 50.38 -4.64 29.36
C SER D 285 49.44 -5.37 28.43
N ILE D 286 49.69 -5.25 27.13
CA ILE D 286 48.96 -5.98 26.10
C ILE D 286 49.98 -6.80 25.33
N LEU D 287 49.48 -7.85 24.66
CA LEU D 287 50.29 -8.79 23.88
C LEU D 287 51.15 -9.67 24.78
N ARG D 288 51.14 -9.41 26.08
CA ARG D 288 51.87 -10.24 27.03
C ARG D 288 51.23 -10.07 28.39
N ASP D 289 51.04 -11.18 29.10
CA ASP D 289 50.41 -11.15 30.41
C ASP D 289 51.30 -10.38 31.38
N ALA D 290 50.80 -9.24 31.88
CA ALA D 290 51.58 -8.44 32.80
C ALA D 290 51.87 -9.18 34.08
N LEU D 291 50.87 -9.90 34.61
CA LEU D 291 50.98 -10.58 35.89
C LEU D 291 50.45 -12.01 35.72
N SER D 292 51.35 -12.97 35.66
CA SER D 292 50.95 -14.36 35.64
C SER D 292 50.41 -14.77 37.00
N ASP D 293 49.51 -15.76 37.00
CA ASP D 293 48.95 -16.24 38.25
C ASP D 293 50.02 -16.86 39.14
N LEU D 294 50.97 -17.58 38.53
CA LEU D 294 52.08 -18.13 39.30
C LEU D 294 52.95 -17.02 39.87
N ALA D 295 53.18 -15.97 39.09
CA ALA D 295 53.91 -14.81 39.60
C ALA D 295 53.16 -14.15 40.75
N LEU D 296 51.84 -14.03 40.63
CA LEU D 296 51.04 -13.47 41.72
C LEU D 296 51.15 -14.33 42.96
N HIS D 297 51.14 -15.65 42.79
CA HIS D 297 51.27 -16.54 43.94
C HIS D 297 52.62 -16.36 44.63
N PHE D 298 53.70 -16.29 43.85
CA PHE D 298 55.02 -16.08 44.43
C PHE D 298 55.11 -14.73 45.14
N LEU D 299 54.55 -13.69 44.53
CA LEU D 299 54.59 -12.37 45.17
C LEU D 299 53.78 -12.37 46.46
N ASN D 300 52.62 -13.01 46.46
CA ASN D 300 51.80 -13.08 47.67
C ASN D 300 52.51 -13.85 48.77
N LYS D 301 53.21 -14.93 48.40
CA LYS D 301 53.93 -15.71 49.40
C LYS D 301 55.11 -14.93 49.99
N MET D 302 55.55 -13.87 49.31
CA MET D 302 56.65 -13.04 49.80
C MET D 302 56.16 -11.75 50.45
N LYS D 303 54.86 -11.65 50.73
CA LYS D 303 54.29 -10.50 51.43
C LYS D 303 54.56 -9.19 50.68
N ILE D 304 54.02 -9.11 49.47
CA ILE D 304 54.14 -7.92 48.64
C ILE D 304 52.77 -7.59 48.07
N MET D 305 52.28 -6.39 48.33
CA MET D 305 51.04 -5.94 47.69
C MET D 305 51.29 -5.72 46.20
N VAL D 306 50.36 -6.20 45.37
CA VAL D 306 50.49 -6.12 43.93
C VAL D 306 49.28 -5.38 43.38
N ILE D 307 49.52 -4.32 42.62
CA ILE D 307 48.48 -3.58 41.91
C ILE D 307 48.87 -3.56 40.45
N LYS D 308 47.97 -4.02 39.58
CA LYS D 308 48.26 -4.14 38.16
C LYS D 308 47.31 -3.26 37.36
N ASP D 309 47.44 -3.34 36.04
CA ASP D 309 46.60 -2.60 35.11
C ASP D 309 46.71 -1.09 35.32
N ILE D 310 47.92 -0.62 35.63
CA ILE D 310 48.15 0.81 35.76
C ILE D 310 48.18 1.43 34.37
N GLU D 311 47.42 2.49 34.17
CA GLU D 311 47.31 3.11 32.87
C GLU D 311 48.61 3.80 32.47
N ARG D 312 48.88 3.79 31.16
CA ARG D 312 50.11 4.40 30.66
C ARG D 312 50.13 5.91 30.89
N GLU D 313 48.98 6.56 30.73
CA GLU D 313 48.92 8.01 30.89
C GLU D 313 49.18 8.46 32.32
N ASP D 314 49.05 7.55 33.29
CA ASP D 314 49.19 7.89 34.69
C ASP D 314 50.61 7.67 35.22
N ILE D 315 51.51 7.16 34.40
CA ILE D 315 52.87 6.88 34.87
C ILE D 315 53.56 8.16 35.30
N GLU D 316 53.44 9.21 34.49
CA GLU D 316 54.08 10.48 34.83
C GLU D 316 53.53 11.04 36.13
N PHE D 317 52.21 11.00 36.31
CA PHE D 317 51.61 11.50 37.53
C PHE D 317 52.06 10.69 38.74
N ILE D 318 52.09 9.37 38.62
CA ILE D 318 52.50 8.54 39.75
C ILE D 318 53.95 8.81 40.12
N CYS D 319 54.83 8.89 39.11
CA CYS D 319 56.25 9.13 39.37
C CYS D 319 56.47 10.50 39.99
N LYS D 320 55.73 11.50 39.52
CA LYS D 320 55.86 12.84 40.09
C LYS D 320 55.32 12.87 41.52
N THR D 321 54.31 12.05 41.81
CA THR D 321 53.69 12.08 43.13
C THR D 321 54.54 11.37 44.16
N ILE D 322 54.79 10.08 43.97
CA ILE D 322 55.43 9.27 45.01
C ILE D 322 56.93 9.11 44.79
N GLY D 323 57.48 9.78 43.79
CA GLY D 323 58.93 9.76 43.59
C GLY D 323 59.48 8.40 43.21
N THR D 324 58.80 7.69 42.32
CA THR D 324 59.22 6.38 41.85
C THR D 324 59.72 6.50 40.41
N LYS D 325 60.89 5.93 40.13
CA LYS D 325 61.40 5.88 38.77
C LYS D 325 60.94 4.59 38.11
N PRO D 326 60.25 4.66 36.97
CA PRO D 326 59.76 3.44 36.34
C PRO D 326 60.90 2.53 35.90
N VAL D 327 60.64 1.22 35.97
CA VAL D 327 61.62 0.21 35.61
C VAL D 327 61.07 -0.61 34.45
N ALA D 328 61.83 -0.70 33.37
CA ALA D 328 61.39 -1.43 32.19
C ALA D 328 62.11 -2.75 31.98
N HIS D 329 63.26 -2.96 32.61
CA HIS D 329 63.96 -4.24 32.58
C HIS D 329 64.40 -4.59 33.99
N ILE D 330 64.30 -5.88 34.32
CA ILE D 330 64.59 -6.33 35.68
C ILE D 330 66.04 -6.05 36.07
N ASP D 331 66.93 -5.92 35.10
CA ASP D 331 68.33 -5.66 35.41
C ASP D 331 68.51 -4.30 36.09
N GLN D 332 67.73 -3.31 35.67
CA GLN D 332 67.83 -1.97 36.24
C GLN D 332 67.00 -1.79 37.50
N PHE D 333 66.27 -2.82 37.94
CA PHE D 333 65.43 -2.71 39.12
C PHE D 333 66.31 -2.77 40.36
N THR D 334 66.46 -1.64 41.03
CA THR D 334 67.27 -1.55 42.23
C THR D 334 66.52 -0.75 43.30
N ALA D 335 67.11 -0.69 44.49
CA ALA D 335 66.46 -0.03 45.61
C ALA D 335 66.33 1.47 45.38
N ASP D 336 67.32 2.10 44.74
CA ASP D 336 67.31 3.53 44.58
C ASP D 336 66.20 4.02 43.67
N MET D 337 65.54 3.13 42.94
CA MET D 337 64.43 3.51 42.08
C MET D 337 63.08 3.25 42.74
N LEU D 338 63.07 2.97 44.03
CA LEU D 338 61.84 2.78 44.78
C LEU D 338 61.38 4.10 45.38
N GLY D 339 60.07 4.23 45.56
CA GLY D 339 59.51 5.41 46.19
C GLY D 339 59.03 5.13 47.59
N SER D 340 59.77 5.60 48.59
CA SER D 340 59.40 5.38 49.98
C SER D 340 58.14 6.19 50.32
N ALA D 341 57.25 5.57 51.08
CA ALA D 341 56.01 6.22 51.49
C ALA D 341 55.68 5.80 52.91
N GLU D 342 54.89 6.63 53.58
CA GLU D 342 54.56 6.37 54.98
C GLU D 342 53.56 5.23 55.12
N LEU D 343 52.53 5.20 54.28
CA LEU D 343 51.48 4.22 54.41
C LEU D 343 50.77 4.06 53.07
N ALA D 344 50.54 2.81 52.68
CA ALA D 344 49.80 2.49 51.46
C ALA D 344 48.74 1.45 51.82
N GLU D 345 47.48 1.90 51.87
CA GLU D 345 46.39 1.02 52.28
C GLU D 345 45.22 1.20 51.33
N GLU D 346 44.37 0.19 51.27
CA GLU D 346 43.14 0.23 50.49
C GLU D 346 41.98 0.43 51.43
N VAL D 347 41.26 1.53 51.25
CA VAL D 347 40.15 1.88 52.10
C VAL D 347 38.85 1.55 51.37
N ASN D 348 37.78 1.37 52.15
CA ASN D 348 36.46 1.07 51.63
C ASN D 348 35.53 2.23 51.92
N LEU D 349 34.78 2.65 50.90
CA LEU D 349 33.90 3.82 51.01
C LEU D 349 32.49 3.43 51.42
N ASN D 350 32.37 2.68 52.51
CA ASN D 350 31.10 2.27 53.07
C ASN D 350 30.22 1.59 52.02
N GLY D 351 30.77 0.57 51.40
CA GLY D 351 30.01 -0.20 50.43
C GLY D 351 29.75 0.51 49.12
N SER D 352 30.47 1.59 48.84
CA SER D 352 30.35 2.30 47.57
C SER D 352 31.61 2.17 46.74
N GLY D 353 32.42 1.16 47.00
CA GLY D 353 33.65 0.93 46.27
C GLY D 353 34.85 0.93 47.19
N LYS D 354 36.03 0.83 46.58
CA LYS D 354 37.29 0.83 47.28
C LYS D 354 38.26 1.78 46.62
N LEU D 355 39.16 2.35 47.42
CA LEU D 355 40.19 3.26 46.93
C LEU D 355 41.51 2.89 47.55
N LEU D 356 42.58 3.00 46.77
CA LEU D 356 43.94 2.76 47.24
C LEU D 356 44.60 4.12 47.45
N LYS D 357 44.93 4.43 48.70
CA LYS D 357 45.49 5.72 49.06
C LYS D 357 46.90 5.52 49.59
N ILE D 358 47.86 6.23 48.97
CA ILE D 358 49.24 6.20 49.44
C ILE D 358 49.59 7.56 50.01
N THR D 359 49.40 7.73 51.31
CA THR D 359 49.52 9.02 51.97
C THR D 359 50.82 9.07 52.76
N GLY D 360 51.57 10.15 52.56
CA GLY D 360 52.81 10.34 53.28
C GLY D 360 53.97 9.84 52.45
N CYS D 361 54.73 10.74 51.85
CA CYS D 361 55.80 10.38 50.94
C CYS D 361 57.06 11.13 51.30
N ALA D 362 58.21 10.49 51.09
CA ALA D 362 59.48 11.13 51.40
C ALA D 362 59.74 12.31 50.49
N SER D 363 59.22 12.29 49.27
CA SER D 363 59.43 13.36 48.29
C SER D 363 58.09 13.76 47.71
N PRO D 364 57.27 14.50 48.46
CA PRO D 364 55.95 14.94 47.96
C PRO D 364 56.07 16.12 47.00
N GLY D 365 56.36 15.81 45.74
CA GLY D 365 56.68 16.85 44.79
C GLY D 365 55.53 17.39 43.96
N LYS D 366 54.97 18.51 44.41
CA LYS D 366 54.08 19.36 43.62
C LYS D 366 52.97 18.56 42.93
N THR D 367 52.16 17.90 43.75
CA THR D 367 51.05 17.10 43.23
C THR D 367 50.08 16.80 44.36
N VAL D 368 48.79 17.02 44.12
CA VAL D 368 47.76 16.79 45.12
C VAL D 368 46.56 16.14 44.45
N THR D 369 45.76 15.43 45.25
CA THR D 369 44.59 14.73 44.77
C THR D 369 43.35 15.18 45.54
N ILE D 370 42.24 15.33 44.83
CA ILE D 370 40.96 15.72 45.41
C ILE D 370 39.95 14.61 45.16
N VAL D 371 39.33 14.13 46.23
CA VAL D 371 38.31 13.10 46.15
C VAL D 371 36.96 13.77 46.31
N VAL D 372 36.10 13.62 45.30
CA VAL D 372 34.78 14.24 45.28
C VAL D 372 33.74 13.14 45.45
N ARG D 373 32.86 13.32 46.43
CA ARG D 373 31.83 12.34 46.74
C ARG D 373 30.49 13.05 46.89
N GLY D 374 29.42 12.33 46.59
CA GLY D 374 28.09 12.92 46.66
C GLY D 374 27.02 11.84 46.62
N SER D 375 25.79 12.28 46.83
CA SER D 375 24.67 11.34 46.91
C SER D 375 24.38 10.70 45.57
N ASN D 376 24.32 11.49 44.51
CA ASN D 376 24.05 10.98 43.18
C ASN D 376 25.04 11.56 42.19
N LYS D 377 25.03 11.02 40.98
CA LYS D 377 26.08 11.32 40.01
C LYS D 377 26.01 12.77 39.53
N LEU D 378 24.81 13.32 39.38
CA LEU D 378 24.67 14.66 38.83
C LEU D 378 25.31 15.70 39.74
N VAL D 379 25.07 15.60 41.04
CA VAL D 379 25.66 16.59 41.94
C VAL D 379 27.16 16.39 42.02
N ILE D 380 27.65 15.16 41.84
CA ILE D 380 29.10 14.94 41.83
C ILE D 380 29.73 15.63 40.63
N GLU D 381 29.11 15.50 39.46
CA GLU D 381 29.65 16.17 38.29
C GLU D 381 29.63 17.68 38.47
N GLU D 382 28.54 18.21 39.01
CA GLU D 382 28.47 19.66 39.22
C GLU D 382 29.49 20.12 40.26
N ALA D 383 29.72 19.32 41.30
CA ALA D 383 30.74 19.65 42.28
C ALA D 383 32.13 19.65 41.66
N GLU D 384 32.40 18.70 40.78
CA GLU D 384 33.68 18.70 40.08
C GLU D 384 33.86 19.95 39.25
N ARG D 385 32.81 20.34 38.52
CA ARG D 385 32.88 21.55 37.70
C ARG D 385 33.11 22.79 38.58
N SER D 386 32.44 22.86 39.72
CA SER D 386 32.58 24.01 40.60
C SER D 386 33.97 24.08 41.21
N ILE D 387 34.51 22.94 41.65
CA ILE D 387 35.86 22.92 42.19
C ILE D 387 36.85 23.31 41.11
N HIS D 388 36.62 22.88 39.88
CA HIS D 388 37.47 23.30 38.78
C HIS D 388 37.42 24.81 38.58
N ASP D 389 36.23 25.39 38.71
CA ASP D 389 36.10 26.84 38.61
C ASP D 389 36.91 27.54 39.68
N ALA D 390 36.85 27.04 40.92
CA ALA D 390 37.62 27.65 42.00
C ALA D 390 39.12 27.55 41.74
N LEU D 391 39.58 26.38 41.29
CA LEU D 391 40.99 26.22 40.96
C LEU D 391 41.40 27.17 39.85
N CYS D 392 40.54 27.34 38.84
CA CYS D 392 40.85 28.25 37.74
C CYS D 392 40.93 29.69 38.23
N VAL D 393 40.09 30.06 39.20
CA VAL D 393 40.15 31.41 39.73
C VAL D 393 41.45 31.64 40.47
N ILE D 394 41.87 30.67 41.30
CA ILE D 394 43.17 30.84 41.97
C ILE D 394 44.29 30.86 40.95
N ARG D 395 44.15 30.10 39.86
CA ARG D 395 45.13 30.17 38.78
C ARG D 395 45.19 31.57 38.17
N CYS D 396 44.03 32.19 38.00
CA CYS D 396 43.98 33.56 37.50
C CYS D 396 44.72 34.50 38.44
N LEU D 397 44.51 34.36 39.75
CA LEU D 397 45.27 35.16 40.71
C LEU D 397 46.77 34.93 40.55
N VAL D 398 47.17 33.68 40.32
CA VAL D 398 48.60 33.39 40.15
C VAL D 398 49.14 34.09 38.91
N LYS D 399 48.40 34.03 37.80
CA LYS D 399 48.87 34.62 36.55
C LYS D 399 48.95 36.14 36.65
N LYS D 400 47.89 36.77 37.14
CA LYS D 400 47.80 38.22 37.21
C LYS D 400 47.48 38.63 38.64
N ARG D 401 48.43 39.27 39.31
CA ARG D 401 48.28 39.64 40.71
C ARG D 401 47.51 40.95 40.80
N ALA D 402 46.20 40.86 40.57
CA ALA D 402 45.33 42.02 40.64
C ALA D 402 43.93 41.57 41.04
N LEU D 403 43.34 42.30 41.98
CA LEU D 403 42.04 41.98 42.51
C LEU D 403 41.07 43.14 42.28
N ILE D 404 39.84 42.79 41.91
CA ILE D 404 38.81 43.78 41.64
C ILE D 404 37.56 43.39 42.40
N ALA D 405 36.74 44.39 42.72
CA ALA D 405 35.50 44.14 43.44
C ALA D 405 34.50 43.42 42.53
N GLY D 406 33.51 42.81 43.16
CA GLY D 406 32.51 42.06 42.42
C GLY D 406 31.11 42.60 42.61
N GLY D 407 30.11 41.77 42.32
CA GLY D 407 28.73 42.19 42.47
C GLY D 407 28.30 43.28 41.53
N GLY D 408 28.82 43.28 40.29
CA GLY D 408 28.44 44.27 39.31
C GLY D 408 29.14 45.60 39.43
N ALA D 409 30.01 45.77 40.42
CA ALA D 409 30.73 47.04 40.56
C ALA D 409 31.60 47.35 39.35
N PRO D 410 32.43 46.43 38.82
CA PRO D 410 33.18 46.77 37.61
C PRO D 410 32.30 47.13 36.44
N GLU D 411 31.16 46.46 36.27
CA GLU D 411 30.29 46.78 35.14
C GLU D 411 29.65 48.15 35.29
N ILE D 412 29.18 48.49 36.49
CA ILE D 412 28.58 49.82 36.70
C ILE D 412 29.63 50.91 36.49
N GLU D 413 30.81 50.72 37.07
CA GLU D 413 31.86 51.72 36.89
C GLU D 413 32.24 51.85 35.43
N LEU D 414 32.32 50.72 34.73
CA LEU D 414 32.68 50.75 33.32
C LEU D 414 31.63 51.48 32.51
N ALA D 415 30.35 51.22 32.77
CA ALA D 415 29.29 51.90 32.05
C ALA D 415 29.31 53.40 32.29
N LEU D 416 29.47 53.82 33.54
CA LEU D 416 29.50 55.24 33.86
C LEU D 416 30.69 55.93 33.20
N ARG D 417 31.88 55.34 33.35
CA ARG D 417 33.06 55.97 32.79
C ARG D 417 33.05 55.97 31.27
N LEU D 418 32.50 54.91 30.65
CA LEU D 418 32.44 54.88 29.20
C LEU D 418 31.40 55.86 28.67
N THR D 419 30.30 56.07 29.38
CA THR D 419 29.38 57.13 29.00
C THR D 419 30.07 58.49 29.05
N GLU D 420 30.81 58.74 30.13
CA GLU D 420 31.52 60.01 30.24
C GLU D 420 32.54 60.16 29.12
N TYR D 421 33.25 59.10 28.78
CA TYR D 421 34.22 59.13 27.69
C TYR D 421 33.53 59.40 26.35
N SER D 422 32.39 58.77 26.13
CA SER D 422 31.64 59.00 24.90
C SER D 422 31.17 60.44 24.79
N ARG D 423 30.91 61.09 25.93
CA ARG D 423 30.53 62.49 25.88
C ARG D 423 31.63 63.40 25.36
N THR D 424 32.87 62.92 25.29
CA THR D 424 33.98 63.68 24.73
C THR D 424 34.38 63.19 23.34
N LEU D 425 33.53 62.40 22.69
CA LEU D 425 33.88 61.80 21.40
C LEU D 425 32.90 62.24 20.32
N SER D 426 32.64 63.54 20.24
CA SER D 426 31.61 64.06 19.35
C SER D 426 31.81 63.54 17.92
N GLY D 427 30.71 63.14 17.31
CA GLY D 427 30.73 62.55 15.99
C GLY D 427 29.67 61.47 15.86
N MET D 428 29.91 60.47 15.02
CA MET D 428 28.99 59.36 14.90
C MET D 428 29.42 58.16 15.74
N GLU D 429 30.69 58.11 16.16
CA GLU D 429 31.15 57.04 17.02
C GLU D 429 30.74 57.23 18.48
N SER D 430 30.36 58.44 18.87
CA SER D 430 29.89 58.65 20.24
C SER D 430 28.65 57.83 20.51
N TYR D 431 27.77 57.70 19.52
CA TYR D 431 26.61 56.83 19.68
C TYR D 431 27.04 55.39 19.91
N CYS D 432 28.05 54.93 19.19
CA CYS D 432 28.52 53.55 19.36
C CYS D 432 29.10 53.34 20.75
N VAL D 433 29.88 54.31 21.24
CA VAL D 433 30.46 54.15 22.58
C VAL D 433 29.38 54.21 23.64
N ARG D 434 28.35 55.04 23.45
CA ARG D 434 27.23 55.07 24.38
C ARG D 434 26.50 53.73 24.38
N ALA D 435 26.32 53.13 23.20
CA ALA D 435 25.71 51.81 23.13
C ALA D 435 26.57 50.77 23.84
N PHE D 436 27.89 50.88 23.70
CA PHE D 436 28.80 49.98 24.40
C PHE D 436 28.61 50.09 25.91
N ALA D 437 28.54 51.32 26.41
CA ALA D 437 28.35 51.52 27.85
C ALA D 437 27.02 50.95 28.32
N ASP D 438 25.95 51.21 27.56
CA ASP D 438 24.65 50.69 27.93
C ASP D 438 24.63 49.17 27.93
N ALA D 439 25.35 48.56 26.99
CA ALA D 439 25.44 47.10 26.96
C ALA D 439 26.21 46.58 28.16
N MET D 440 27.27 47.28 28.58
CA MET D 440 27.96 46.87 29.80
C MET D 440 27.10 47.08 31.03
N GLU D 441 26.09 47.92 30.94
CA GLU D 441 25.16 48.07 32.08
C GLU D 441 24.20 46.87 32.24
N VAL D 442 24.37 45.72 31.60
CA VAL D 442 23.39 44.64 31.66
C VAL D 442 23.67 43.69 32.81
N ILE D 443 24.95 43.38 33.07
CA ILE D 443 25.27 42.42 34.13
C ILE D 443 24.68 42.84 35.48
N PRO D 444 24.82 44.08 35.94
CA PRO D 444 24.14 44.46 37.18
C PRO D 444 22.64 44.32 37.11
N SER D 445 22.05 44.60 35.95
CA SER D 445 20.61 44.44 35.80
C SER D 445 20.21 42.98 35.98
N THR D 446 20.97 42.06 35.37
CA THR D 446 20.67 40.65 35.53
C THR D 446 20.86 40.20 36.97
N LEU D 447 21.90 40.70 37.63
CA LEU D 447 22.11 40.37 39.04
C LEU D 447 20.94 40.84 39.89
N ALA D 448 20.46 42.05 39.65
CA ALA D 448 19.32 42.56 40.40
C ALA D 448 18.05 41.75 40.10
N GLU D 449 17.84 41.38 38.84
CA GLU D 449 16.68 40.56 38.48
C GLU D 449 16.72 39.22 39.19
N ASN D 450 17.88 38.57 39.19
CA ASN D 450 17.97 37.25 39.82
C ASN D 450 17.87 37.35 41.34
N ALA D 451 18.38 38.44 41.92
CA ALA D 451 18.31 38.61 43.36
C ALA D 451 16.90 38.90 43.85
N GLY D 452 15.95 39.14 42.95
CA GLY D 452 14.59 39.48 43.33
C GLY D 452 14.37 40.96 43.60
N LEU D 453 15.38 41.80 43.42
CA LEU D 453 15.23 43.22 43.61
C LEU D 453 14.59 43.86 42.38
N ASN D 454 14.32 45.15 42.46
CA ASN D 454 13.81 45.88 41.31
C ASN D 454 14.99 46.34 40.47
N PRO D 455 15.12 45.82 39.24
CA PRO D 455 16.33 46.11 38.45
C PRO D 455 16.55 47.58 38.15
N ILE D 456 15.49 48.31 37.79
CA ILE D 456 15.66 49.71 37.40
C ILE D 456 16.14 50.54 38.57
N SER D 457 15.46 50.44 39.71
CA SER D 457 15.85 51.23 40.88
C SER D 457 17.22 50.80 41.39
N THR D 458 17.48 49.49 41.43
CA THR D 458 18.77 49.02 41.92
C THR D 458 19.91 49.51 41.03
N VAL D 459 19.74 49.42 39.71
CA VAL D 459 20.81 49.83 38.81
C VAL D 459 21.02 51.34 38.87
N THR D 460 19.93 52.11 38.95
CA THR D 460 20.12 53.55 39.03
C THR D 460 20.74 53.97 40.35
N GLU D 461 20.44 53.25 41.44
CA GLU D 461 21.10 53.54 42.71
C GLU D 461 22.59 53.20 42.63
N LEU D 462 22.92 52.08 42.00
CA LEU D 462 24.32 51.74 41.79
C LEU D 462 25.04 52.84 41.01
N ARG D 463 24.43 53.28 39.92
CA ARG D 463 25.06 54.31 39.10
C ARG D 463 25.24 55.60 39.88
N ASN D 464 24.24 56.00 40.65
CA ASN D 464 24.36 57.22 41.44
C ASN D 464 25.46 57.10 42.48
N ARG D 465 25.51 55.98 43.19
CA ARG D 465 26.51 55.81 44.24
C ARG D 465 27.91 55.74 43.65
N HIS D 466 28.06 55.12 42.48
CA HIS D 466 29.36 55.11 41.82
C HIS D 466 29.75 56.52 41.39
N ALA D 467 28.80 57.29 40.86
CA ALA D 467 29.07 58.67 40.49
C ALA D 467 29.44 59.52 41.69
N GLN D 468 28.97 59.13 42.87
CA GLN D 468 29.35 59.86 44.09
C GLN D 468 30.85 59.76 44.33
N GLY D 469 31.43 58.60 44.06
CA GLY D 469 32.86 58.44 44.23
C GLY D 469 33.27 57.08 44.77
N GLU D 470 32.31 56.35 45.33
CA GLU D 470 32.60 55.03 45.88
C GLU D 470 32.48 53.99 44.77
N LYS D 471 33.62 53.44 44.37
CA LYS D 471 33.66 52.47 43.29
C LYS D 471 33.53 51.03 43.76
N THR D 472 33.67 50.76 45.06
CA THR D 472 33.47 49.43 45.60
C THR D 472 32.04 49.26 46.13
N ALA D 473 31.06 49.55 45.27
CA ALA D 473 29.65 49.41 45.63
C ALA D 473 28.97 48.51 44.62
N GLY D 474 28.26 47.51 45.12
CA GLY D 474 27.63 46.54 44.23
C GLY D 474 26.36 45.94 44.79
N ILE D 475 25.86 44.89 44.12
CA ILE D 475 24.67 44.20 44.60
C ILE D 475 24.99 43.46 45.88
N ASN D 476 24.17 43.65 46.90
CA ASN D 476 24.31 42.94 48.17
C ASN D 476 23.07 42.06 48.33
N VAL D 477 23.18 40.81 47.89
CA VAL D 477 22.04 39.89 47.94
C VAL D 477 21.67 39.58 49.38
N ARG D 478 22.66 39.47 50.27
CA ARG D 478 22.38 39.17 51.66
C ARG D 478 21.63 40.32 52.33
N LYS D 479 22.14 41.54 52.18
CA LYS D 479 21.46 42.70 52.76
C LYS D 479 20.16 43.00 52.03
N GLY D 480 20.11 42.74 50.73
CA GLY D 480 18.94 43.04 49.94
C GLY D 480 18.97 44.38 49.22
N GLY D 481 20.12 45.02 49.14
CA GLY D 481 20.21 46.30 48.47
C GLY D 481 21.60 46.61 47.96
N ILE D 482 22.02 47.86 48.10
CA ILE D 482 23.33 48.32 47.64
C ILE D 482 24.18 48.66 48.86
N SER D 483 25.41 48.18 48.87
CA SER D 483 26.34 48.45 49.96
C SER D 483 27.74 48.30 49.44
N ASN D 484 28.73 48.58 50.30
CA ASN D 484 30.12 48.36 49.95
C ASN D 484 30.34 46.87 49.77
N ILE D 485 30.56 46.43 48.53
CA ILE D 485 30.64 45.01 48.25
C ILE D 485 31.86 44.36 48.90
N LEU D 486 32.94 45.12 49.11
CA LEU D 486 34.11 44.57 49.77
C LEU D 486 33.84 44.18 51.21
N GLU D 487 32.82 44.76 51.84
CA GLU D 487 32.43 44.34 53.18
C GLU D 487 31.87 42.92 53.17
N GLU D 488 31.25 42.52 52.06
CA GLU D 488 30.73 41.17 51.90
C GLU D 488 31.79 40.18 51.42
N LEU D 489 33.03 40.64 51.22
CA LEU D 489 34.12 39.80 50.76
C LEU D 489 33.80 39.15 49.41
N VAL D 490 33.24 39.95 48.50
CA VAL D 490 32.94 39.51 47.14
C VAL D 490 33.98 40.14 46.24
N VAL D 491 35.02 39.37 45.91
CA VAL D 491 36.11 39.84 45.07
C VAL D 491 36.36 38.81 43.98
N GLN D 492 37.05 39.24 42.93
CA GLN D 492 37.41 38.36 41.83
C GLN D 492 38.66 38.90 41.17
N PRO D 493 39.44 38.06 40.52
CA PRO D 493 40.65 38.54 39.85
C PRO D 493 40.31 39.48 38.71
N LEU D 494 41.21 40.46 38.51
CA LEU D 494 41.02 41.39 37.40
C LEU D 494 41.12 40.68 36.06
N LEU D 495 41.87 39.57 36.01
CA LEU D 495 42.05 38.86 34.75
C LEU D 495 40.73 38.36 34.21
N VAL D 496 39.82 37.92 35.08
CA VAL D 496 38.54 37.39 34.62
C VAL D 496 37.77 38.47 33.86
N SER D 497 37.63 39.64 34.46
CA SER D 497 36.89 40.72 33.80
C SER D 497 37.59 41.19 32.54
N VAL D 498 38.91 41.36 32.61
CA VAL D 498 39.64 41.86 31.44
C VAL D 498 39.52 40.90 30.27
N SER D 499 39.73 39.61 30.53
CA SER D 499 39.64 38.63 29.45
C SER D 499 38.22 38.52 28.92
N ALA D 500 37.22 38.55 29.80
CA ALA D 500 35.84 38.47 29.34
C ALA D 500 35.51 39.63 28.42
N LEU D 501 35.88 40.85 28.83
CA LEU D 501 35.59 42.02 28.01
C LEU D 501 36.32 41.95 26.68
N THR D 502 37.61 41.61 26.71
CA THR D 502 38.40 41.58 25.48
C THR D 502 37.87 40.54 24.51
N LEU D 503 37.58 39.34 25.01
CA LEU D 503 37.10 38.28 24.14
C LEU D 503 35.72 38.59 23.58
N ALA D 504 34.83 39.14 24.41
CA ALA D 504 33.51 39.51 23.90
C ALA D 504 33.62 40.57 22.82
N THR D 505 34.47 41.58 23.03
CA THR D 505 34.63 42.62 22.03
C THR D 505 35.19 42.06 20.73
N GLU D 506 36.18 41.17 20.83
CA GLU D 506 36.75 40.58 19.62
C GLU D 506 35.71 39.75 18.87
N THR D 507 34.91 38.98 19.59
CA THR D 507 33.87 38.20 18.93
C THR D 507 32.86 39.09 18.24
N VAL D 508 32.45 40.18 18.90
CA VAL D 508 31.49 41.09 18.28
C VAL D 508 32.09 41.73 17.03
N ARG D 509 33.36 42.14 17.11
CA ARG D 509 34.02 42.72 15.95
C ARG D 509 34.08 41.74 14.79
N SER D 510 34.37 40.48 15.09
CA SER D 510 34.40 39.47 14.03
C SER D 510 33.00 39.28 13.44
N ILE D 511 31.97 39.31 14.29
CA ILE D 511 30.60 39.15 13.80
C ILE D 511 30.23 40.28 12.86
N LEU D 512 30.59 41.52 13.21
CA LEU D 512 30.18 42.66 12.41
C LEU D 512 30.78 42.65 11.01
N LYS D 513 31.81 41.85 10.77
CA LYS D 513 32.43 41.75 9.46
C LYS D 513 31.73 40.74 8.55
N ILE D 514 30.74 40.03 9.06
CA ILE D 514 30.05 39.00 8.29
C ILE D 514 28.83 39.62 7.63
N ASP D 515 28.64 39.33 6.34
CA ASP D 515 27.50 39.89 5.62
C ASP D 515 26.81 38.88 4.71
N ASP D 516 27.14 37.60 4.80
CA ASP D 516 26.49 36.61 3.95
C ASP D 516 26.68 35.23 4.54
N VAL D 517 25.71 34.36 4.26
CA VAL D 517 25.75 32.96 4.68
C VAL D 517 25.59 32.10 3.45
N VAL D 518 26.52 31.16 3.25
CA VAL D 518 26.51 30.25 2.12
C VAL D 518 26.41 28.83 2.65
N ASN D 519 25.45 28.08 2.13
CA ASN D 519 25.25 26.69 2.55
C ASN D 519 26.10 25.79 1.67
N THR D 520 27.06 25.12 2.28
CA THR D 520 27.96 24.23 1.55
C THR D 520 27.21 22.99 1.06
N ALA E 1 3.86 -2.59 -38.43
CA ALA E 1 5.10 -1.92 -38.83
C ALA E 1 6.07 -1.84 -37.68
N SER E 2 5.54 -1.94 -36.46
CA SER E 2 6.34 -1.89 -35.24
C SER E 2 6.03 -3.11 -34.39
N MET E 3 6.96 -3.43 -33.50
CA MET E 3 6.83 -4.50 -32.51
C MET E 3 6.95 -5.86 -33.18
N GLY E 4 6.97 -5.89 -34.51
CA GLY E 4 7.10 -7.12 -35.26
C GLY E 4 5.76 -7.60 -35.79
N THR E 5 5.44 -8.87 -35.54
CA THR E 5 4.21 -9.48 -36.00
C THR E 5 3.36 -9.90 -34.81
N LEU E 6 2.04 -9.88 -34.98
CA LEU E 6 1.12 -10.27 -33.93
C LEU E 6 -0.16 -10.78 -34.58
N ALA E 7 -0.39 -12.08 -34.48
CA ALA E 7 -1.58 -12.69 -35.05
C ALA E 7 -2.36 -13.53 -34.07
N PHE E 8 -1.69 -14.22 -33.15
CA PHE E 8 -2.31 -15.16 -32.21
C PHE E 8 -3.09 -16.23 -32.96
N ASP E 9 -2.63 -16.56 -34.17
CA ASP E 9 -3.14 -17.64 -35.00
C ASP E 9 -4.56 -17.40 -35.50
N GLU E 10 -4.89 -17.98 -36.65
CA GLU E 10 -6.22 -17.87 -37.21
C GLU E 10 -7.22 -18.80 -36.53
N TYR E 11 -6.77 -19.68 -35.65
CA TYR E 11 -7.65 -20.56 -34.90
C TYR E 11 -7.85 -20.09 -33.47
N GLY E 12 -7.38 -18.90 -33.13
CA GLY E 12 -7.53 -18.35 -31.80
C GLY E 12 -6.53 -18.85 -30.77
N ARG E 13 -5.97 -20.04 -30.96
CA ARG E 13 -4.99 -20.55 -30.02
C ARG E 13 -3.71 -19.72 -30.07
N PRO E 14 -2.95 -19.68 -28.99
CA PRO E 14 -1.79 -18.78 -28.93
C PRO E 14 -0.77 -19.07 -30.02
N PHE E 15 -0.15 -18.00 -30.51
CA PHE E 15 0.83 -18.06 -31.60
C PHE E 15 2.01 -17.19 -31.17
N LEU E 16 2.95 -17.78 -30.44
CA LEU E 16 4.10 -17.08 -29.91
C LEU E 16 5.37 -17.75 -30.43
N ILE E 17 6.24 -16.95 -31.04
CA ILE E 17 7.42 -17.46 -31.72
C ILE E 17 8.70 -17.03 -31.03
N ILE E 18 8.82 -15.75 -30.71
CA ILE E 18 10.03 -15.19 -30.14
C ILE E 18 9.74 -14.81 -28.69
N LYS E 19 10.70 -15.11 -27.80
CA LYS E 19 10.53 -14.78 -26.40
C LYS E 19 10.36 -13.28 -26.22
N ASP E 20 9.38 -12.89 -25.40
CA ASP E 20 9.08 -11.49 -25.12
C ASP E 20 8.83 -10.70 -26.40
N GLN E 21 8.17 -11.34 -27.38
CA GLN E 21 7.95 -10.68 -28.65
C GLN E 21 7.04 -9.47 -28.50
N ASP E 22 6.16 -9.46 -27.51
CA ASP E 22 5.30 -8.33 -27.27
C ASP E 22 6.04 -7.15 -26.63
N ARG E 23 7.25 -7.37 -26.12
CA ARG E 23 8.04 -6.31 -25.52
C ARG E 23 9.17 -5.82 -26.43
N LYS E 24 9.32 -6.40 -27.61
CA LYS E 24 10.38 -6.01 -28.52
C LYS E 24 9.84 -5.14 -29.64
N SER E 25 10.76 -4.53 -30.39
CA SER E 25 10.43 -3.60 -31.45
C SER E 25 11.12 -4.03 -32.74
N ARG E 26 10.55 -3.58 -33.86
CA ARG E 26 11.11 -3.92 -35.16
C ARG E 26 10.83 -2.81 -36.16
N LEU E 27 11.88 -2.32 -36.80
CA LEU E 27 11.78 -1.38 -37.91
C LEU E 27 12.30 -2.05 -39.18
N MET E 28 11.57 -1.91 -40.27
CA MET E 28 11.89 -2.61 -41.50
C MET E 28 11.84 -1.66 -42.69
N GLY E 29 12.57 -2.03 -43.74
CA GLY E 29 12.40 -1.38 -45.01
C GLY E 29 12.98 0.03 -45.04
N LEU E 30 12.28 0.92 -45.74
CA LEU E 30 12.81 2.25 -46.02
C LEU E 30 12.77 3.15 -44.79
N GLU E 31 11.76 2.99 -43.93
CA GLU E 31 11.67 3.88 -42.79
C GLU E 31 12.79 3.64 -41.78
N ALA E 32 13.30 2.41 -41.71
CA ALA E 32 14.49 2.17 -40.89
C ALA E 32 15.68 2.96 -41.43
N LEU E 33 15.87 2.94 -42.75
CA LEU E 33 16.94 3.72 -43.35
C LEU E 33 16.75 5.21 -43.09
N LYS E 34 15.52 5.69 -43.18
CA LYS E 34 15.26 7.11 -42.94
C LYS E 34 15.57 7.48 -41.49
N SER E 35 15.20 6.62 -40.55
CA SER E 35 15.52 6.89 -39.15
C SER E 35 17.02 6.92 -38.92
N HIS E 36 17.75 5.97 -39.50
CA HIS E 36 19.20 5.94 -39.35
C HIS E 36 19.83 7.18 -39.96
N ILE E 37 19.37 7.58 -41.15
CA ILE E 37 19.92 8.76 -41.79
C ILE E 37 19.63 10.00 -40.95
N MET E 38 18.44 10.07 -40.35
CA MET E 38 18.11 11.20 -39.51
C MET E 38 19.00 11.27 -38.28
N ALA E 39 19.26 10.12 -37.63
CA ALA E 39 20.13 10.12 -36.47
C ALA E 39 21.56 10.51 -36.84
N ALA E 40 22.09 9.95 -37.94
CA ALA E 40 23.44 10.29 -38.35
C ALA E 40 23.54 11.76 -38.74
N LYS E 41 22.51 12.29 -39.40
CA LYS E 41 22.50 13.70 -39.75
C LYS E 41 22.51 14.56 -38.50
N ALA E 42 21.76 14.16 -37.46
CA ALA E 42 21.78 14.92 -36.22
C ALA E 42 23.18 14.95 -35.62
N VAL E 43 23.85 13.79 -35.58
CA VAL E 43 25.19 13.74 -35.01
C VAL E 43 26.15 14.61 -35.81
N ALA E 44 26.11 14.49 -37.13
CA ALA E 44 27.03 15.25 -37.97
C ALA E 44 26.77 16.75 -37.87
N ASN E 45 25.51 17.16 -37.81
CA ASN E 45 25.20 18.57 -37.69
C ASN E 45 25.60 19.11 -36.33
N THR E 46 25.50 18.30 -35.29
CA THR E 46 26.05 18.69 -34.00
C THR E 46 27.56 18.91 -34.09
N MET E 47 28.25 18.01 -34.79
CA MET E 47 29.70 18.09 -34.81
C MET E 47 30.25 19.17 -35.73
N ARG E 48 29.50 19.56 -36.76
CA ARG E 48 30.08 20.37 -37.82
C ARG E 48 30.41 21.79 -37.39
N THR E 49 29.86 22.27 -36.26
CA THR E 49 30.19 23.62 -35.83
C THR E 49 31.59 23.72 -35.24
N SER E 50 32.25 22.59 -34.99
CA SER E 50 33.60 22.57 -34.42
C SER E 50 34.63 22.21 -35.47
N LEU E 51 34.45 22.71 -36.69
CA LEU E 51 35.30 22.38 -37.82
C LEU E 51 36.01 23.63 -38.29
N GLY E 52 37.34 23.59 -38.30
CA GLY E 52 38.13 24.69 -38.79
C GLY E 52 38.70 25.58 -37.70
N PRO E 53 39.48 26.59 -38.10
CA PRO E 53 40.06 27.50 -37.10
C PRO E 53 39.02 28.23 -36.29
N ASN E 54 37.87 28.56 -36.88
CA ASN E 54 36.79 29.23 -36.18
C ASN E 54 35.81 28.26 -35.56
N GLY E 55 36.20 27.00 -35.37
CA GLY E 55 35.34 26.06 -34.70
C GLY E 55 35.19 26.41 -33.23
N LEU E 56 34.08 25.96 -32.65
CA LEU E 56 33.76 26.25 -31.26
C LEU E 56 33.77 24.95 -30.46
N ASP E 57 34.30 25.04 -29.25
CA ASP E 57 34.45 23.86 -28.41
C ASP E 57 33.10 23.37 -27.91
N LYS E 58 33.07 22.11 -27.50
CA LYS E 58 31.92 21.52 -26.83
C LYS E 58 32.31 21.20 -25.39
N MET E 59 31.44 21.54 -24.46
CA MET E 59 31.71 21.37 -23.04
C MET E 59 31.02 20.10 -22.57
N MET E 60 31.81 19.04 -22.40
CA MET E 60 31.28 17.71 -22.10
C MET E 60 31.33 17.48 -20.60
N VAL E 61 30.22 17.00 -20.05
CA VAL E 61 30.12 16.66 -18.63
C VAL E 61 29.77 15.19 -18.51
N ASP E 62 30.57 14.45 -17.75
CA ASP E 62 30.38 13.02 -17.62
C ASP E 62 29.39 12.73 -16.49
N LYS E 63 29.26 11.45 -16.13
CA LYS E 63 28.31 11.06 -15.10
C LYS E 63 28.70 11.55 -13.71
N ASP E 64 29.98 11.82 -13.49
CA ASP E 64 30.46 12.27 -12.19
C ASP E 64 30.50 13.79 -12.06
N GLY E 65 30.07 14.53 -13.09
CA GLY E 65 30.09 15.97 -13.05
C GLY E 65 31.38 16.61 -13.54
N ASP E 66 32.40 15.81 -13.87
CA ASP E 66 33.65 16.37 -14.35
C ASP E 66 33.47 16.97 -15.74
N VAL E 67 34.10 18.11 -15.97
CA VAL E 67 33.91 18.90 -17.18
C VAL E 67 35.12 18.74 -18.08
N THR E 68 34.87 18.55 -19.38
CA THR E 68 35.91 18.40 -20.39
C THR E 68 35.60 19.33 -21.55
N VAL E 69 36.22 20.51 -21.55
CA VAL E 69 36.07 21.45 -22.66
C VAL E 69 37.04 21.03 -23.76
N THR E 70 36.51 20.69 -24.92
CA THR E 70 37.35 20.12 -25.96
C THR E 70 36.83 20.45 -27.34
N ASN E 71 37.73 20.34 -28.32
CA ASN E 71 37.40 20.50 -29.72
C ASN E 71 37.63 19.22 -30.53
N ASP E 72 38.31 18.23 -29.96
CA ASP E 72 38.60 16.99 -30.68
C ASP E 72 37.30 16.23 -30.93
N GLY E 73 37.08 15.84 -32.17
CA GLY E 73 35.84 15.14 -32.51
C GLY E 73 35.75 13.78 -31.86
N ALA E 74 36.84 13.01 -31.88
CA ALA E 74 36.83 11.68 -31.31
C ALA E 74 36.53 11.74 -29.82
N THR E 75 37.14 12.68 -29.11
CA THR E 75 36.89 12.81 -27.68
C THR E 75 35.44 13.20 -27.40
N ILE E 76 34.91 14.15 -28.18
CA ILE E 76 33.53 14.58 -27.98
C ILE E 76 32.58 13.41 -28.16
N LEU E 77 32.77 12.66 -29.25
CA LEU E 77 31.87 11.54 -29.49
C LEU E 77 32.07 10.41 -28.51
N SER E 78 33.30 10.22 -28.02
CA SER E 78 33.54 9.20 -27.02
C SER E 78 32.84 9.51 -25.71
N MET E 79 32.84 10.78 -25.30
CA MET E 79 32.19 11.16 -24.06
C MET E 79 30.71 11.40 -24.21
N MET E 80 30.17 11.26 -25.42
CA MET E 80 28.76 11.51 -25.66
C MET E 80 27.95 10.27 -25.30
N ASP E 81 26.90 10.47 -24.49
CA ASP E 81 26.09 9.37 -23.96
C ASP E 81 24.93 9.12 -24.92
N VAL E 82 25.17 8.28 -25.93
CA VAL E 82 24.18 8.00 -26.96
C VAL E 82 23.58 6.62 -26.74
N ASP E 83 22.35 6.45 -27.20
CA ASP E 83 21.67 5.17 -27.16
C ASP E 83 21.35 4.62 -28.54
N HIS E 84 21.21 5.49 -29.54
CA HIS E 84 20.98 5.04 -30.90
C HIS E 84 22.20 4.28 -31.42
N GLN E 85 21.95 3.19 -32.14
CA GLN E 85 23.05 2.36 -32.62
C GLN E 85 23.85 3.06 -33.72
N ILE E 86 23.17 3.82 -34.57
CA ILE E 86 23.89 4.54 -35.62
C ILE E 86 24.79 5.62 -35.04
N ALA E 87 24.35 6.25 -33.95
CA ALA E 87 25.24 7.18 -33.26
C ALA E 87 26.48 6.47 -32.72
N LYS E 88 26.30 5.25 -32.20
CA LYS E 88 27.45 4.47 -31.77
C LYS E 88 28.37 4.15 -32.94
N LEU E 89 27.79 3.91 -34.12
CA LEU E 89 28.61 3.71 -35.31
C LEU E 89 29.42 4.97 -35.65
N MET E 90 28.80 6.14 -35.51
CA MET E 90 29.52 7.39 -35.71
C MET E 90 30.67 7.53 -34.72
N VAL E 91 30.41 7.20 -33.46
CA VAL E 91 31.46 7.27 -32.44
C VAL E 91 32.61 6.35 -32.79
N GLU E 92 32.29 5.13 -33.22
CA GLU E 92 33.33 4.18 -33.59
C GLU E 92 34.10 4.65 -34.81
N LEU E 93 33.42 5.31 -35.75
CA LEU E 93 34.12 5.87 -36.90
C LEU E 93 35.12 6.93 -36.48
N SER E 94 34.73 7.82 -35.56
CA SER E 94 35.66 8.81 -35.06
C SER E 94 36.84 8.16 -34.35
N LYS E 95 36.56 7.14 -33.54
CA LYS E 95 37.65 6.46 -32.85
C LYS E 95 38.60 5.80 -33.84
N SER E 96 38.06 5.24 -34.93
CA SER E 96 38.89 4.63 -35.95
C SER E 96 39.79 5.65 -36.61
N GLN E 97 39.23 6.81 -36.95
CA GLN E 97 40.04 7.86 -37.56
C GLN E 97 41.12 8.33 -36.60
N ASP E 98 40.79 8.46 -35.31
CA ASP E 98 41.78 8.87 -34.32
C ASP E 98 42.90 7.83 -34.21
N ASP E 99 42.54 6.55 -34.20
CA ASP E 99 43.56 5.52 -34.02
C ASP E 99 44.45 5.40 -35.24
N GLU E 100 43.88 5.44 -36.44
CA GLU E 100 44.68 5.24 -37.65
C GLU E 100 45.54 6.46 -37.96
N ILE E 101 44.99 7.67 -37.80
CA ILE E 101 45.64 8.90 -38.22
C ILE E 101 45.94 9.81 -37.04
N GLY E 102 44.94 10.10 -36.22
CA GLY E 102 45.07 11.00 -35.11
C GLY E 102 44.53 12.40 -35.37
N ASP E 103 44.28 12.74 -36.63
CA ASP E 103 43.71 14.04 -36.99
C ASP E 103 42.58 13.81 -37.98
N GLY E 104 41.71 14.80 -38.09
CA GLY E 104 40.57 14.68 -38.98
C GLY E 104 39.41 13.90 -38.41
N THR E 105 39.38 13.70 -37.09
CA THR E 105 38.31 12.95 -36.47
C THR E 105 36.96 13.66 -36.55
N THR E 106 36.95 14.96 -36.86
CA THR E 106 35.70 15.67 -37.05
C THR E 106 35.26 15.69 -38.50
N GLY E 107 36.21 15.72 -39.43
CA GLY E 107 35.84 15.72 -40.84
C GLY E 107 35.15 14.46 -41.27
N VAL E 108 35.53 13.31 -40.70
CA VAL E 108 34.90 12.04 -41.08
C VAL E 108 33.42 12.05 -40.75
N VAL E 109 33.06 12.57 -39.58
CA VAL E 109 31.66 12.57 -39.18
C VAL E 109 30.84 13.47 -40.07
N VAL E 110 31.34 14.66 -40.37
CA VAL E 110 30.62 15.57 -41.24
C VAL E 110 30.48 14.98 -42.64
N LEU E 111 31.54 14.35 -43.14
CA LEU E 111 31.48 13.73 -44.46
C LEU E 111 30.46 12.60 -44.49
N ALA E 112 30.44 11.76 -43.46
CA ALA E 112 29.47 10.68 -43.41
C ALA E 112 28.04 11.21 -43.32
N GLY E 113 27.83 12.25 -42.52
CA GLY E 113 26.51 12.84 -42.45
C GLY E 113 26.06 13.41 -43.78
N ALA E 114 26.96 14.10 -44.49
CA ALA E 114 26.62 14.63 -45.80
C ALA E 114 26.29 13.52 -46.79
N LEU E 115 27.09 12.44 -46.76
CA LEU E 115 26.84 11.33 -47.66
C LEU E 115 25.48 10.70 -47.40
N LEU E 116 25.14 10.48 -46.14
CA LEU E 116 23.84 9.90 -45.82
C LEU E 116 22.70 10.86 -46.15
N GLU E 117 22.91 12.16 -45.97
CA GLU E 117 21.89 13.13 -46.32
C GLU E 117 21.59 13.11 -47.82
N GLU E 118 22.64 13.04 -48.64
CA GLU E 118 22.41 12.92 -50.08
C GLU E 118 21.75 11.59 -50.43
N ALA E 119 22.19 10.51 -49.79
CA ALA E 119 21.59 9.21 -50.05
C ALA E 119 20.11 9.20 -49.70
N GLU E 120 19.69 10.05 -48.76
CA GLU E 120 18.27 10.12 -48.43
C GLU E 120 17.45 10.56 -49.65
N GLN E 121 17.84 11.67 -50.28
CA GLN E 121 17.11 12.13 -51.44
C GLN E 121 17.29 11.20 -52.63
N LEU E 122 18.40 10.47 -52.68
CA LEU E 122 18.54 9.45 -53.71
C LEU E 122 17.57 8.30 -53.50
N LEU E 123 17.37 7.89 -52.24
CA LEU E 123 16.43 6.82 -51.93
C LEU E 123 15.01 7.25 -52.22
N ASP E 124 14.69 8.51 -51.94
CA ASP E 124 13.33 8.99 -52.19
C ASP E 124 12.93 8.89 -53.66
N ARG E 125 13.90 8.79 -54.56
CA ARG E 125 13.63 8.67 -55.98
C ARG E 125 13.66 7.23 -56.47
N GLY E 126 13.68 6.26 -55.56
CA GLY E 126 13.54 4.88 -55.95
C GLY E 126 14.82 4.20 -56.39
N ILE E 127 15.96 4.58 -55.84
CA ILE E 127 17.23 3.93 -56.13
C ILE E 127 17.55 2.96 -55.01
N HIS E 128 17.94 1.74 -55.38
CA HIS E 128 18.29 0.75 -54.38
C HIS E 128 19.50 1.22 -53.57
N PRO E 129 19.48 1.08 -52.25
CA PRO E 129 20.61 1.55 -51.45
C PRO E 129 21.94 0.91 -51.81
N ILE E 130 21.93 -0.35 -52.27
CA ILE E 130 23.18 -0.98 -52.70
C ILE E 130 23.75 -0.24 -53.90
N ARG E 131 22.89 0.24 -54.79
CA ARG E 131 23.37 1.05 -55.90
C ARG E 131 24.03 2.32 -55.41
N ILE E 132 23.44 2.95 -54.40
CA ILE E 132 24.04 4.16 -53.83
C ILE E 132 25.40 3.84 -53.24
N ALA E 133 25.51 2.73 -52.52
CA ALA E 133 26.80 2.35 -51.94
C ALA E 133 27.84 2.08 -53.01
N ASP E 134 27.45 1.40 -54.10
CA ASP E 134 28.39 1.14 -55.18
C ASP E 134 28.85 2.43 -55.84
N GLY E 135 27.92 3.35 -56.08
CA GLY E 135 28.31 4.63 -56.65
C GLY E 135 29.23 5.41 -55.72
N TYR E 136 28.96 5.36 -54.42
CA TYR E 136 29.83 6.03 -53.46
C TYR E 136 31.23 5.43 -53.49
N GLU E 137 31.32 4.10 -53.59
CA GLU E 137 32.63 3.45 -53.65
C GLU E 137 33.37 3.87 -54.90
N GLN E 138 32.69 3.92 -56.04
CA GLN E 138 33.33 4.34 -57.29
C GLN E 138 33.84 5.77 -57.18
N ALA E 139 33.01 6.67 -56.66
CA ALA E 139 33.42 8.06 -56.52
C ALA E 139 34.56 8.20 -55.51
N ALA E 140 34.56 7.39 -54.45
CA ALA E 140 35.64 7.43 -53.49
C ALA E 140 36.96 6.99 -54.12
N ARG E 141 36.92 5.96 -54.95
CA ARG E 141 38.12 5.56 -55.68
C ARG E 141 38.62 6.69 -56.56
N VAL E 142 37.70 7.35 -57.27
CA VAL E 142 38.11 8.46 -58.13
C VAL E 142 38.74 9.58 -57.30
N ALA E 143 38.13 9.91 -56.16
CA ALA E 143 38.64 11.00 -55.33
C ALA E 143 40.00 10.66 -54.75
N ILE E 144 40.20 9.41 -54.33
CA ILE E 144 41.49 9.02 -53.78
C ILE E 144 42.57 9.09 -54.85
N GLU E 145 42.26 8.63 -56.07
CA GLU E 145 43.22 8.76 -57.16
C GLU E 145 43.54 10.23 -57.42
N HIS E 146 42.53 11.10 -57.38
CA HIS E 146 42.79 12.51 -57.59
C HIS E 146 43.67 13.10 -56.51
N LEU E 147 43.43 12.72 -55.25
CA LEU E 147 44.29 13.18 -54.16
C LEU E 147 45.73 12.76 -54.38
N ASP E 148 45.93 11.49 -54.76
CA ASP E 148 47.29 11.05 -55.07
C ASP E 148 47.88 11.87 -56.20
N LYS E 149 47.06 12.25 -57.17
CA LYS E 149 47.56 13.01 -58.31
C LYS E 149 48.00 14.41 -57.90
N ILE E 150 47.21 15.09 -57.08
CA ILE E 150 47.45 16.50 -56.79
C ILE E 150 48.28 16.66 -55.52
N SER E 151 48.77 15.55 -54.98
CA SER E 151 49.54 15.62 -53.75
C SER E 151 50.89 16.25 -54.00
N ASP E 152 51.52 16.72 -52.92
CA ASP E 152 52.84 17.33 -52.97
C ASP E 152 53.70 16.72 -51.89
N SER E 153 55.00 16.65 -52.16
CA SER E 153 55.96 16.02 -51.26
C SER E 153 56.75 17.09 -50.50
N VAL E 154 57.08 16.77 -49.25
CA VAL E 154 57.85 17.66 -48.40
C VAL E 154 59.05 16.90 -47.85
N LEU E 155 60.06 17.66 -47.46
CA LEU E 155 61.29 17.09 -46.89
C LEU E 155 61.13 16.90 -45.39
N VAL E 156 61.57 15.74 -44.91
CA VAL E 156 61.39 15.40 -43.50
C VAL E 156 62.77 15.32 -42.86
N ASP E 157 63.70 16.14 -43.34
CA ASP E 157 65.02 16.20 -42.77
C ASP E 157 65.01 16.96 -41.45
N ILE E 158 65.98 16.66 -40.59
CA ILE E 158 66.08 17.32 -39.30
C ILE E 158 66.78 18.67 -39.39
N LYS E 159 67.46 18.95 -40.50
CA LYS E 159 68.12 20.24 -40.67
C LYS E 159 67.21 21.29 -41.26
N ASP E 160 65.98 20.95 -41.64
CA ASP E 160 65.02 21.92 -42.13
C ASP E 160 63.62 21.42 -41.73
N THR E 161 63.08 22.01 -40.68
CA THR E 161 61.79 21.60 -40.13
C THR E 161 60.66 22.53 -40.53
N GLU E 162 60.88 23.43 -41.49
CA GLU E 162 59.85 24.39 -41.85
C GLU E 162 58.58 23.74 -42.38
N PRO E 163 58.62 22.82 -43.35
CA PRO E 163 57.35 22.17 -43.75
C PRO E 163 56.70 21.39 -42.62
N LEU E 164 57.49 20.73 -41.77
CA LEU E 164 56.92 20.03 -40.63
C LEU E 164 56.28 21.01 -39.66
N ILE E 165 56.93 22.14 -39.42
CA ILE E 165 56.37 23.16 -38.53
C ILE E 165 55.07 23.68 -39.09
N GLN E 166 55.02 23.90 -40.41
CA GLN E 166 53.80 24.39 -41.03
C GLN E 166 52.67 23.38 -40.91
N THR E 167 52.98 22.10 -41.11
CA THR E 167 51.94 21.08 -40.97
C THR E 167 51.42 21.00 -39.53
N ALA E 168 52.32 21.05 -38.56
CA ALA E 168 51.89 21.03 -37.16
C ALA E 168 51.09 22.27 -36.82
N LYS E 169 51.47 23.42 -37.36
CA LYS E 169 50.70 24.64 -37.13
C LYS E 169 49.30 24.52 -37.71
N THR E 170 49.19 23.96 -38.91
CA THR E 170 47.88 23.76 -39.51
C THR E 170 47.03 22.84 -38.64
N THR E 171 47.64 21.78 -38.10
CA THR E 171 46.89 20.88 -37.23
C THR E 171 46.43 21.58 -35.97
N LEU E 172 47.29 22.42 -35.38
CA LEU E 172 46.99 23.08 -34.12
C LEU E 172 46.11 24.31 -34.28
N GLY E 173 45.91 24.80 -35.50
CA GLY E 173 45.22 26.06 -35.68
C GLY E 173 43.82 26.09 -35.11
N SER E 174 43.15 24.94 -35.08
CA SER E 174 41.78 24.87 -34.60
C SER E 174 41.67 24.70 -33.09
N LYS E 175 42.79 24.56 -32.39
CA LYS E 175 42.78 24.27 -30.97
C LYS E 175 43.01 25.54 -30.15
N VAL E 176 42.80 25.42 -28.85
CA VAL E 176 42.90 26.58 -27.96
C VAL E 176 44.35 27.03 -27.79
N VAL E 177 45.32 26.21 -28.19
CA VAL E 177 46.72 26.53 -28.00
C VAL E 177 47.22 27.37 -29.17
N ASN E 178 46.31 27.85 -30.02
CA ASN E 178 46.73 28.70 -31.12
C ASN E 178 47.36 30.01 -30.62
N SER E 179 47.17 30.36 -29.36
CA SER E 179 47.89 31.49 -28.79
C SER E 179 49.40 31.22 -28.76
N CYS E 180 49.80 30.01 -28.36
CA CYS E 180 51.18 29.59 -28.38
C CYS E 180 51.51 28.74 -29.61
N HIS E 181 50.69 28.87 -30.65
CA HIS E 181 50.75 28.12 -31.90
C HIS E 181 52.14 27.71 -32.38
N ARG E 182 53.04 28.67 -32.59
CA ARG E 182 54.33 28.32 -33.17
C ARG E 182 55.17 27.53 -32.18
N GLN E 183 55.15 27.91 -30.90
CA GLN E 183 55.91 27.17 -29.90
C GLN E 183 55.40 25.74 -29.78
N MET E 184 54.08 25.57 -29.80
CA MET E 184 53.50 24.23 -29.72
C MET E 184 53.92 23.38 -30.92
N ALA E 185 53.84 23.96 -32.13
CA ALA E 185 54.26 23.23 -33.30
C ALA E 185 55.74 22.87 -33.24
N GLU E 186 56.56 23.81 -32.78
CA GLU E 186 57.99 23.57 -32.66
C GLU E 186 58.28 22.40 -31.72
N ILE E 187 57.65 22.41 -30.55
CA ILE E 187 57.95 21.35 -29.58
C ILE E 187 57.42 20.01 -30.06
N ALA E 188 56.26 20.00 -30.73
CA ALA E 188 55.75 18.74 -31.26
C ALA E 188 56.68 18.17 -32.32
N VAL E 189 57.14 19.02 -33.24
CA VAL E 189 58.05 18.56 -34.28
C VAL E 189 59.34 18.04 -33.69
N ASN E 190 59.91 18.77 -32.73
CA ASN E 190 61.17 18.34 -32.12
C ASN E 190 60.98 17.05 -31.35
N ALA E 191 59.86 16.90 -30.66
CA ALA E 191 59.60 15.66 -29.92
C ALA E 191 59.53 14.48 -30.86
N VAL E 192 58.77 14.60 -31.95
CA VAL E 192 58.64 13.46 -32.87
C VAL E 192 59.98 13.16 -33.52
N LEU E 193 60.69 14.20 -33.97
CA LEU E 193 61.96 13.96 -34.66
C LEU E 193 63.02 13.38 -33.74
N THR E 194 62.98 13.73 -32.45
CA THR E 194 63.97 13.19 -31.52
C THR E 194 63.79 11.70 -31.32
N VAL E 195 62.56 11.25 -31.09
CA VAL E 195 62.30 9.84 -30.86
C VAL E 195 61.61 9.23 -32.08
N ALA E 196 62.41 8.72 -33.00
CA ALA E 196 61.88 8.13 -34.22
C ALA E 196 63.00 7.37 -34.90
N ASP E 197 62.63 6.33 -35.64
CA ASP E 197 63.58 5.54 -36.40
C ASP E 197 63.61 6.10 -37.82
N MET E 198 64.76 6.64 -38.23
CA MET E 198 64.82 7.53 -39.38
C MET E 198 64.49 6.84 -40.70
N GLU E 199 64.63 5.52 -40.81
CA GLU E 199 64.36 4.90 -42.09
C GLU E 199 62.86 4.74 -42.32
N ARG E 200 62.12 5.86 -42.22
CA ARG E 200 60.68 5.90 -42.44
C ARG E 200 59.95 4.87 -41.60
N ARG E 201 60.56 4.46 -40.49
CA ARG E 201 59.99 3.45 -39.63
C ARG E 201 59.04 4.12 -38.64
N ASP E 202 58.61 3.37 -37.64
CA ASP E 202 57.57 3.83 -36.74
C ASP E 202 58.11 4.87 -35.76
N VAL E 203 57.18 5.54 -35.09
CA VAL E 203 57.48 6.46 -34.00
C VAL E 203 56.82 5.90 -32.74
N ASP E 204 57.63 5.58 -31.74
CA ASP E 204 57.12 4.93 -30.54
C ASP E 204 56.63 6.01 -29.58
N PHE E 205 55.32 6.17 -29.50
CA PHE E 205 54.75 7.18 -28.61
C PHE E 205 54.97 6.88 -27.14
N GLU E 206 55.39 5.67 -26.79
CA GLU E 206 55.77 5.40 -25.40
C GLU E 206 57.04 6.15 -25.01
N LEU E 207 57.84 6.57 -25.99
CA LEU E 207 59.03 7.37 -25.71
C LEU E 207 58.74 8.85 -25.57
N ILE E 208 57.50 9.28 -25.79
CA ILE E 208 57.08 10.65 -25.58
C ILE E 208 56.19 10.67 -24.35
N LYS E 209 56.65 11.29 -23.28
CA LYS E 209 55.88 11.42 -22.05
C LYS E 209 55.26 12.81 -22.04
N VAL E 210 53.93 12.86 -21.98
CA VAL E 210 53.20 14.12 -21.90
C VAL E 210 52.75 14.29 -20.46
N GLU E 211 53.30 15.29 -19.79
CA GLU E 211 53.06 15.53 -18.37
C GLU E 211 52.48 16.93 -18.20
N GLY E 212 51.43 17.04 -17.40
CA GLY E 212 50.77 18.32 -17.16
C GLY E 212 50.78 18.67 -15.69
N LYS E 213 50.90 19.96 -15.41
CA LYS E 213 50.87 20.46 -14.03
C LYS E 213 50.28 21.86 -14.04
N VAL E 214 49.34 22.11 -13.15
CA VAL E 214 48.65 23.40 -13.11
C VAL E 214 49.61 24.48 -12.64
N GLY E 215 49.23 25.73 -12.81
CA GLY E 215 50.08 26.86 -12.47
C GLY E 215 50.93 27.30 -13.64
N GLY E 216 51.63 28.42 -13.43
CA GLY E 216 52.39 28.97 -14.52
C GLY E 216 51.48 29.50 -15.61
N ARG E 217 52.03 29.59 -16.80
CA ARG E 217 51.30 30.05 -17.98
C ARG E 217 51.43 29.01 -19.08
N LEU E 218 50.48 29.03 -20.01
CA LEU E 218 50.51 28.08 -21.11
C LEU E 218 51.77 28.23 -21.94
N GLU E 219 52.32 29.44 -22.01
CA GLU E 219 53.56 29.67 -22.74
C GLU E 219 54.76 28.98 -22.09
N ASP E 220 54.64 28.56 -20.84
CA ASP E 220 55.74 27.90 -20.15
C ASP E 220 55.92 26.45 -20.57
N THR E 221 55.00 25.90 -21.36
CA THR E 221 55.14 24.54 -21.84
C THR E 221 56.42 24.41 -22.65
N LYS E 222 57.21 23.39 -22.34
CA LYS E 222 58.51 23.23 -22.97
C LYS E 222 58.78 21.76 -23.22
N LEU E 223 59.66 21.49 -24.18
CA LEU E 223 60.13 20.14 -24.45
C LEU E 223 61.43 19.92 -23.71
N ILE E 224 61.51 18.82 -22.96
CA ILE E 224 62.66 18.49 -22.14
C ILE E 224 63.28 17.22 -22.70
N LYS E 225 64.54 17.31 -23.10
CA LYS E 225 65.25 16.18 -23.69
C LYS E 225 65.76 15.24 -22.60
N GLY E 226 64.82 14.78 -21.79
CA GLY E 226 65.11 13.88 -20.69
C GLY E 226 63.84 13.32 -20.11
N VAL E 227 63.79 13.15 -18.79
CA VAL E 227 62.63 12.61 -18.11
C VAL E 227 62.27 13.53 -16.95
N ILE E 228 60.98 13.81 -16.81
CA ILE E 228 60.46 14.58 -15.69
C ILE E 228 59.72 13.61 -14.78
N VAL E 229 60.23 13.43 -13.56
CA VAL E 229 59.72 12.44 -12.63
C VAL E 229 58.93 13.15 -11.54
N ASP E 230 57.84 12.52 -11.11
CA ASP E 230 56.95 13.08 -10.11
C ASP E 230 57.44 12.78 -8.69
N LYS E 231 58.74 12.54 -8.52
CA LYS E 231 59.31 12.20 -7.24
C LYS E 231 60.34 13.26 -6.83
N ASP E 232 61.04 12.98 -5.73
CA ASP E 232 62.04 13.89 -5.21
C ASP E 232 63.03 13.10 -4.37
N PHE E 233 64.12 13.76 -3.99
CA PHE E 233 65.14 13.10 -3.19
C PHE E 233 64.57 12.59 -1.88
N SER E 234 64.93 11.36 -1.52
CA SER E 234 64.28 10.70 -0.39
C SER E 234 64.59 11.40 0.93
N HIS E 235 65.84 11.75 1.16
CA HIS E 235 66.17 12.42 2.41
C HIS E 235 66.00 13.93 2.26
N PRO E 236 65.31 14.59 3.18
CA PRO E 236 65.10 16.04 3.02
C PRO E 236 66.37 16.86 3.05
N GLN E 237 67.47 16.33 3.56
CA GLN E 237 68.71 17.07 3.65
C GLN E 237 69.65 16.80 2.49
N MET E 238 69.22 16.02 1.50
CA MET E 238 70.04 15.80 0.33
C MET E 238 70.09 17.06 -0.54
N PRO E 239 71.19 17.28 -1.25
CA PRO E 239 71.27 18.44 -2.14
C PRO E 239 70.21 18.37 -3.23
N LYS E 240 69.69 19.54 -3.61
CA LYS E 240 68.59 19.62 -4.55
C LYS E 240 69.04 19.65 -6.00
N LYS E 241 70.35 19.71 -6.27
CA LYS E 241 70.84 19.79 -7.63
C LYS E 241 72.15 19.02 -7.74
N VAL E 242 72.23 18.12 -8.72
CA VAL E 242 73.44 17.36 -9.00
C VAL E 242 73.79 17.57 -10.46
N GLU E 243 75.04 17.93 -10.73
CA GLU E 243 75.52 18.21 -12.07
C GLU E 243 76.52 17.14 -12.51
N ASP E 244 76.48 16.80 -13.79
CA ASP E 244 77.30 15.72 -14.34
C ASP E 244 77.08 14.43 -13.55
N ALA E 245 75.84 14.15 -13.23
CA ALA E 245 75.51 13.03 -12.36
C ALA E 245 75.73 11.71 -13.07
N LYS E 246 76.45 10.80 -12.40
CA LYS E 246 76.57 9.42 -12.87
C LYS E 246 75.45 8.62 -12.21
N ILE E 247 74.49 8.20 -13.01
CA ILE E 247 73.22 7.69 -12.54
C ILE E 247 73.28 6.17 -12.45
N ALA E 248 72.86 5.63 -11.31
CA ALA E 248 72.75 4.19 -11.12
C ALA E 248 71.27 3.83 -11.01
N ILE E 249 70.75 3.12 -12.01
CA ILE E 249 69.37 2.68 -12.01
C ILE E 249 69.31 1.30 -11.36
N LEU E 250 68.45 1.15 -10.35
CA LEU E 250 68.35 -0.09 -9.61
C LEU E 250 66.88 -0.47 -9.43
N THR E 251 66.62 -1.77 -9.47
CA THR E 251 65.29 -2.30 -9.20
C THR E 251 65.24 -3.13 -7.93
N CYS E 252 66.32 -3.13 -7.14
CA CYS E 252 66.36 -3.88 -5.89
C CYS E 252 66.13 -2.94 -4.74
N PRO E 253 65.12 -3.17 -3.89
CA PRO E 253 64.94 -2.30 -2.73
C PRO E 253 66.14 -2.37 -1.81
N PHE E 254 66.49 -1.22 -1.21
CA PHE E 254 67.68 -1.15 -0.36
C PHE E 254 67.31 -1.69 1.02
N GLU E 255 67.11 -2.99 1.07
CA GLU E 255 66.73 -3.72 2.27
C GLU E 255 67.51 -5.02 2.30
N PRO E 256 67.59 -5.67 3.46
CA PRO E 256 68.22 -6.99 3.53
C PRO E 256 67.53 -7.96 2.60
N PRO E 257 68.28 -8.83 1.94
CA PRO E 257 67.69 -9.70 0.92
C PRO E 257 66.67 -10.65 1.51
N LYS E 258 65.67 -11.00 0.70
CA LYS E 258 64.61 -11.89 1.12
C LYS E 258 64.32 -12.92 0.02
N PRO E 259 64.45 -14.20 0.31
CA PRO E 259 64.12 -15.22 -0.69
C PRO E 259 62.64 -15.19 -1.05
N LYS E 260 62.35 -15.53 -2.31
CA LYS E 260 60.96 -15.58 -2.75
C LYS E 260 60.23 -16.78 -2.17
N THR E 261 60.91 -17.92 -2.07
CA THR E 261 60.30 -19.12 -1.55
C THR E 261 60.00 -18.97 -0.06
N LYS E 262 58.97 -19.68 0.40
CA LYS E 262 58.65 -19.70 1.82
C LYS E 262 59.87 -20.13 2.63
N HIS E 263 60.39 -19.22 3.44
CA HIS E 263 61.63 -19.45 4.15
C HIS E 263 61.46 -19.09 5.62
N LYS E 264 62.09 -19.87 6.49
CA LYS E 264 62.15 -19.58 7.91
C LYS E 264 63.59 -19.67 8.36
N LEU E 265 64.10 -18.61 8.99
CA LEU E 265 65.44 -18.59 9.54
C LEU E 265 65.34 -18.78 11.05
N ASP E 266 66.01 -19.81 11.56
CA ASP E 266 65.90 -20.18 12.96
C ASP E 266 67.02 -19.54 13.77
N VAL E 267 66.66 -18.85 14.83
CA VAL E 267 67.61 -18.32 15.79
C VAL E 267 67.52 -19.20 17.03
N THR E 268 68.59 -19.94 17.31
CA THR E 268 68.58 -20.94 18.36
C THR E 268 69.51 -20.63 19.52
N SER E 269 70.22 -19.51 19.49
CA SER E 269 71.14 -19.17 20.57
C SER E 269 71.41 -17.67 20.52
N VAL E 270 72.01 -17.17 21.60
CA VAL E 270 72.39 -15.76 21.65
C VAL E 270 73.39 -15.45 20.55
N GLU E 271 74.32 -16.37 20.29
CA GLU E 271 75.28 -16.17 19.22
C GLU E 271 74.58 -16.04 17.87
N ASP E 272 73.52 -16.81 17.67
CA ASP E 272 72.74 -16.68 16.45
C ASP E 272 72.13 -15.30 16.33
N TYR E 273 71.59 -14.77 17.43
CA TYR E 273 71.02 -13.43 17.41
C TYR E 273 72.06 -12.38 17.07
N LYS E 274 73.24 -12.48 17.70
CA LYS E 274 74.30 -11.52 17.41
C LYS E 274 74.75 -11.62 15.95
N ALA E 275 74.87 -12.86 15.44
CA ALA E 275 75.25 -13.04 14.05
C ALA E 275 74.21 -12.44 13.11
N LEU E 276 72.94 -12.61 13.43
CA LEU E 276 71.89 -12.02 12.60
C LEU E 276 71.95 -10.51 12.58
N GLN E 277 72.16 -9.91 13.76
CA GLN E 277 72.26 -8.45 13.84
C GLN E 277 73.45 -7.95 13.03
N LYS E 278 74.61 -8.61 13.18
CA LYS E 278 75.78 -8.22 12.41
C LYS E 278 75.54 -8.40 10.92
N TYR E 279 74.81 -9.45 10.54
CA TYR E 279 74.52 -9.68 9.13
C TYR E 279 73.66 -8.55 8.56
N GLU E 280 72.65 -8.12 9.31
CA GLU E 280 71.85 -6.97 8.88
C GLU E 280 72.72 -5.75 8.66
N LYS E 281 73.51 -5.39 9.67
CA LYS E 281 74.32 -4.17 9.58
C LYS E 281 75.30 -4.26 8.41
N GLU E 282 75.95 -5.41 8.25
CA GLU E 282 76.93 -5.59 7.19
C GLU E 282 76.28 -5.55 5.82
N LYS E 283 75.07 -6.09 5.67
CA LYS E 283 74.40 -6.02 4.37
C LYS E 283 74.09 -4.57 4.01
N PHE E 284 73.61 -3.80 4.97
CA PHE E 284 73.35 -2.38 4.67
C PHE E 284 74.63 -1.67 4.24
N GLU E 285 75.69 -1.81 5.04
CA GLU E 285 76.94 -1.14 4.72
C GLU E 285 77.49 -1.62 3.39
N GLU E 286 77.36 -2.92 3.10
CA GLU E 286 77.93 -3.48 1.89
C GLU E 286 77.19 -3.00 0.66
N MET E 287 75.86 -2.95 0.71
CA MET E 287 75.12 -2.46 -0.45
C MET E 287 75.45 -0.99 -0.72
N ILE E 288 75.54 -0.19 0.34
CA ILE E 288 75.87 1.22 0.11
C ILE E 288 77.28 1.37 -0.46
N GLN E 289 78.23 0.60 0.07
CA GLN E 289 79.61 0.69 -0.43
C GLN E 289 79.71 0.19 -1.86
N GLN E 290 78.92 -0.82 -2.21
CA GLN E 290 78.91 -1.32 -3.58
C GLN E 290 78.37 -0.27 -4.54
N ILE E 291 77.32 0.44 -4.13
CA ILE E 291 76.81 1.54 -4.95
C ILE E 291 77.88 2.61 -5.10
N LYS E 292 78.58 2.93 -4.01
CA LYS E 292 79.58 4.00 -4.03
C LYS E 292 80.79 3.62 -4.88
N GLU E 293 81.14 2.34 -4.94
CA GLU E 293 82.39 1.94 -5.58
C GLU E 293 82.37 2.22 -7.08
N THR E 294 81.19 2.21 -7.70
CA THR E 294 81.09 2.42 -9.14
C THR E 294 81.37 3.87 -9.53
N GLY E 295 81.48 4.78 -8.58
CA GLY E 295 81.65 6.18 -8.89
C GLY E 295 80.38 6.94 -9.14
N ALA E 296 79.22 6.34 -8.84
CA ALA E 296 77.95 6.98 -9.12
C ALA E 296 77.75 8.20 -8.23
N ASN E 297 77.07 9.20 -8.78
CA ASN E 297 76.71 10.41 -8.06
C ASN E 297 75.24 10.45 -7.67
N LEU E 298 74.43 9.56 -8.21
CA LEU E 298 73.00 9.57 -7.97
C LEU E 298 72.45 8.18 -8.19
N ALA E 299 71.52 7.77 -7.33
CA ALA E 299 70.92 6.45 -7.39
C ALA E 299 69.41 6.57 -7.52
N ILE E 300 68.84 5.79 -8.42
CA ILE E 300 67.39 5.72 -8.61
C ILE E 300 66.97 4.28 -8.35
N CYS E 301 66.01 4.11 -7.44
CA CYS E 301 65.44 2.82 -7.12
C CYS E 301 63.97 2.80 -7.52
N GLN E 302 63.41 1.59 -7.60
CA GLN E 302 62.03 1.41 -7.98
C GLN E 302 61.12 1.01 -6.84
N TRP E 303 61.66 0.40 -5.78
CA TRP E 303 60.84 -0.20 -4.73
C TRP E 303 61.05 0.42 -3.36
N GLY E 304 61.67 1.59 -3.28
CA GLY E 304 61.81 2.25 -2.00
C GLY E 304 62.76 1.51 -1.09
N PHE E 305 62.95 2.08 0.09
CA PHE E 305 63.94 1.57 1.03
C PHE E 305 63.71 2.20 2.40
N ASP E 306 64.53 1.80 3.36
CA ASP E 306 64.29 2.06 4.77
C ASP E 306 65.34 3.02 5.34
N ASP E 307 65.20 3.27 6.64
CA ASP E 307 65.87 4.41 7.27
C ASP E 307 67.39 4.27 7.23
N GLU E 308 67.91 3.07 7.52
CA GLU E 308 69.35 2.88 7.55
C GLU E 308 69.97 3.17 6.19
N ALA E 309 69.35 2.65 5.12
CA ALA E 309 69.85 2.93 3.79
C ALA E 309 69.75 4.40 3.46
N ASN E 310 68.67 5.06 3.89
CA ASN E 310 68.51 6.49 3.63
C ASN E 310 69.65 7.28 4.26
N HIS E 311 69.93 7.03 5.53
CA HIS E 311 70.99 7.79 6.19
C HIS E 311 72.36 7.42 5.66
N LEU E 312 72.57 6.16 5.28
CA LEU E 312 73.86 5.80 4.68
C LEU E 312 74.04 6.51 3.33
N LEU E 313 72.98 6.61 2.54
CA LEU E 313 73.07 7.34 1.28
C LEU E 313 73.37 8.80 1.51
N LEU E 314 72.72 9.42 2.51
CA LEU E 314 72.99 10.81 2.81
C LEU E 314 74.42 11.00 3.31
N GLN E 315 74.91 10.06 4.12
CA GLN E 315 76.22 10.20 4.75
C GLN E 315 77.35 10.12 3.74
N ASN E 316 77.14 9.44 2.62
CA ASN E 316 78.19 9.21 1.63
C ASN E 316 78.09 10.14 0.44
N ASN E 317 77.31 11.22 0.55
CA ASN E 317 77.13 12.19 -0.52
C ASN E 317 76.60 11.49 -1.78
N LEU E 318 75.58 10.66 -1.59
CA LEU E 318 74.94 9.92 -2.67
C LEU E 318 73.48 10.31 -2.72
N PRO E 319 73.11 11.35 -3.46
CA PRO E 319 71.69 11.67 -3.63
C PRO E 319 70.95 10.50 -4.26
N ALA E 320 69.73 10.26 -3.79
CA ALA E 320 68.96 9.13 -4.25
C ALA E 320 67.48 9.47 -4.26
N VAL E 321 66.73 8.77 -5.10
CA VAL E 321 65.28 8.90 -5.20
C VAL E 321 64.68 7.50 -5.22
N ARG E 322 63.55 7.35 -4.54
CA ARG E 322 62.93 6.05 -4.36
C ARG E 322 61.54 6.01 -4.96
N TRP E 323 61.02 4.79 -5.11
CA TRP E 323 59.65 4.55 -5.57
C TRP E 323 59.39 5.17 -6.94
N VAL E 324 60.38 5.09 -7.81
CA VAL E 324 60.21 5.55 -9.19
C VAL E 324 59.51 4.44 -9.98
N GLY E 325 58.46 4.83 -10.70
CA GLY E 325 57.65 3.84 -11.40
C GLY E 325 58.43 3.15 -12.51
N GLY E 326 57.92 1.97 -12.89
CA GLY E 326 58.54 1.15 -13.91
C GLY E 326 58.75 1.84 -15.24
N PRO E 327 57.68 2.41 -15.80
CA PRO E 327 57.86 3.18 -17.04
C PRO E 327 58.85 4.32 -16.90
N GLU E 328 58.86 4.99 -15.76
CA GLU E 328 59.83 6.06 -15.54
C GLU E 328 61.24 5.51 -15.44
N ILE E 329 61.41 4.34 -14.82
CA ILE E 329 62.71 3.69 -14.81
C ILE E 329 63.18 3.41 -16.23
N GLU E 330 62.29 2.88 -17.07
CA GLU E 330 62.65 2.60 -18.45
C GLU E 330 63.04 3.88 -19.19
N LEU E 331 62.27 4.95 -19.00
CA LEU E 331 62.56 6.21 -19.68
C LEU E 331 63.90 6.77 -19.23
N ILE E 332 64.19 6.72 -17.93
CA ILE E 332 65.45 7.22 -17.41
C ILE E 332 66.62 6.41 -17.98
N ALA E 333 66.45 5.08 -18.01
CA ALA E 333 67.50 4.24 -18.57
C ALA E 333 67.75 4.55 -20.03
N ILE E 334 66.68 4.77 -20.80
CA ILE E 334 66.85 5.08 -22.21
C ILE E 334 67.53 6.42 -22.39
N ALA E 335 67.08 7.44 -21.65
CA ALA E 335 67.59 8.78 -21.86
C ALA E 335 69.04 8.91 -21.42
N THR E 336 69.36 8.41 -20.23
CA THR E 336 70.70 8.58 -19.67
C THR E 336 71.72 7.64 -20.27
N GLY E 337 71.29 6.63 -21.04
CA GLY E 337 72.23 5.68 -21.59
C GLY E 337 72.78 4.70 -20.60
N GLY E 338 72.08 4.45 -19.49
CA GLY E 338 72.51 3.51 -18.49
C GLY E 338 71.58 2.32 -18.42
N ARG E 339 72.13 1.17 -18.07
CA ARG E 339 71.34 -0.05 -18.00
C ARG E 339 70.59 -0.13 -16.69
N ILE E 340 69.63 -1.04 -16.62
CA ILE E 340 68.87 -1.32 -15.41
C ILE E 340 69.52 -2.51 -14.72
N VAL E 341 69.91 -2.34 -13.46
CA VAL E 341 70.66 -3.34 -12.72
C VAL E 341 69.73 -3.95 -11.69
N PRO E 342 69.56 -5.28 -11.67
CA PRO E 342 68.60 -5.89 -10.74
C PRO E 342 69.12 -6.08 -9.33
N ARG E 343 70.43 -6.05 -9.11
CA ARG E 343 70.96 -6.18 -7.76
C ARG E 343 72.34 -5.52 -7.69
N PHE E 344 72.75 -5.20 -6.46
CA PHE E 344 73.96 -4.41 -6.27
C PHE E 344 75.20 -5.14 -6.77
N SER E 345 75.27 -6.45 -6.56
CA SER E 345 76.45 -7.20 -6.95
C SER E 345 76.72 -7.13 -8.44
N GLU E 346 75.70 -6.86 -9.25
CA GLU E 346 75.85 -6.74 -10.69
C GLU E 346 76.08 -5.32 -11.15
N LEU E 347 76.20 -4.37 -10.23
CA LEU E 347 76.35 -2.97 -10.59
C LEU E 347 77.81 -2.67 -10.90
N THR E 348 78.08 -2.18 -12.10
CA THR E 348 79.41 -1.78 -12.51
C THR E 348 79.37 -0.38 -13.10
N ALA E 349 80.55 0.18 -13.35
CA ALA E 349 80.64 1.55 -13.86
C ALA E 349 80.03 1.67 -15.24
N GLU E 350 80.23 0.68 -16.09
CA GLU E 350 79.76 0.76 -17.47
C GLU E 350 78.24 0.74 -17.58
N LYS E 351 77.54 0.35 -16.52
CA LYS E 351 76.09 0.35 -16.52
C LYS E 351 75.49 1.66 -16.02
N LEU E 352 76.32 2.64 -15.70
CA LEU E 352 75.83 3.90 -15.17
C LEU E 352 75.38 4.83 -16.30
N GLY E 353 74.23 5.46 -16.10
CA GLY E 353 73.80 6.50 -17.01
C GLY E 353 74.47 7.82 -16.70
N PHE E 354 74.31 8.76 -17.62
CA PHE E 354 74.88 10.09 -17.46
C PHE E 354 73.81 11.14 -17.70
N ALA E 355 73.75 12.11 -16.81
CA ALA E 355 72.85 13.25 -16.94
C ALA E 355 73.62 14.52 -16.63
N GLY E 356 73.50 15.52 -17.50
CA GLY E 356 74.22 16.76 -17.28
C GLY E 356 73.71 17.56 -16.10
N LEU E 357 72.47 17.34 -15.70
CA LEU E 357 71.88 18.09 -14.60
C LEU E 357 70.66 17.35 -14.09
N VAL E 358 70.62 17.10 -12.78
CA VAL E 358 69.45 16.56 -12.11
C VAL E 358 69.05 17.56 -11.04
N GLN E 359 67.79 17.99 -11.08
CA GLN E 359 67.34 19.06 -10.21
C GLN E 359 65.97 18.73 -9.64
N GLU E 360 65.67 19.29 -8.47
CA GLU E 360 64.36 19.21 -7.87
C GLU E 360 63.65 20.53 -8.08
N ILE E 361 62.41 20.48 -8.56
CA ILE E 361 61.68 21.65 -9.01
C ILE E 361 60.48 21.87 -8.10
N SER E 362 60.35 23.08 -7.58
CA SER E 362 59.19 23.49 -6.81
C SER E 362 58.20 24.21 -7.73
N PHE E 363 56.95 24.32 -7.25
CA PHE E 363 55.86 24.84 -8.06
C PHE E 363 55.05 25.88 -7.29
N GLY E 364 55.75 26.84 -6.69
CA GLY E 364 55.08 27.90 -5.98
C GLY E 364 54.70 27.51 -4.57
N THR E 365 53.51 27.91 -4.15
CA THR E 365 53.04 27.65 -2.79
C THR E 365 52.28 26.32 -2.71
N THR E 366 52.90 25.25 -3.19
CA THR E 366 52.20 23.98 -3.32
C THR E 366 52.88 22.79 -2.67
N LYS E 367 54.13 22.93 -2.21
CA LYS E 367 54.84 21.89 -1.46
C LYS E 367 55.16 20.68 -2.33
N ASP E 368 54.69 20.67 -3.57
CA ASP E 368 54.95 19.57 -4.47
C ASP E 368 56.31 19.74 -5.14
N LYS E 369 57.06 18.65 -5.21
CA LYS E 369 58.37 18.65 -5.83
C LYS E 369 58.40 17.60 -6.92
N MET E 370 59.04 17.93 -8.05
CA MET E 370 59.10 17.05 -9.19
C MET E 370 60.53 17.04 -9.73
N LEU E 371 61.07 15.85 -9.96
CA LEU E 371 62.46 15.72 -10.37
C LEU E 371 62.61 15.92 -11.87
N VAL E 372 63.75 16.50 -12.26
CA VAL E 372 64.05 16.78 -13.65
C VAL E 372 65.41 16.18 -13.98
N ILE E 373 65.45 15.36 -15.03
CA ILE E 373 66.69 14.80 -15.55
C ILE E 373 66.81 15.23 -16.99
N GLU E 374 67.91 15.89 -17.33
CA GLU E 374 68.05 16.48 -18.66
C GLU E 374 69.54 16.62 -18.98
N GLN E 375 69.82 17.28 -20.10
CA GLN E 375 71.18 17.48 -20.59
C GLN E 375 71.91 16.14 -20.79
N CYS E 376 71.16 15.14 -21.25
CA CYS E 376 71.77 13.87 -21.60
C CYS E 376 72.57 14.00 -22.89
N LYS E 377 73.45 13.04 -23.12
CA LYS E 377 74.34 13.10 -24.27
C LYS E 377 73.57 12.98 -25.58
N ASN E 378 72.90 11.85 -25.77
CA ASN E 378 72.17 11.54 -26.99
C ASN E 378 70.81 10.97 -26.67
N SER E 379 70.06 11.67 -25.83
CA SER E 379 68.81 11.14 -25.29
C SER E 379 67.86 10.72 -26.39
N ARG E 380 67.31 9.51 -26.24
CA ARG E 380 66.33 8.95 -27.16
C ARG E 380 64.94 8.95 -26.53
N ALA E 381 64.67 9.89 -25.64
CA ALA E 381 63.38 10.00 -24.99
C ALA E 381 63.16 11.47 -24.61
N VAL E 382 61.91 11.90 -24.69
CA VAL E 382 61.55 13.28 -24.44
C VAL E 382 60.35 13.34 -23.50
N THR E 383 60.15 14.50 -22.90
CA THR E 383 59.00 14.75 -22.05
C THR E 383 58.47 16.14 -22.35
N ILE E 384 57.16 16.24 -22.55
CA ILE E 384 56.50 17.51 -22.79
C ILE E 384 55.81 17.92 -21.50
N PHE E 385 56.32 18.96 -20.85
CA PHE E 385 55.79 19.45 -19.59
C PHE E 385 54.84 20.61 -19.89
N ILE E 386 53.55 20.39 -19.64
CA ILE E 386 52.51 21.34 -19.99
C ILE E 386 52.08 22.08 -18.72
N ARG E 387 52.11 23.40 -18.78
CA ARG E 387 51.59 24.25 -17.72
C ARG E 387 50.31 24.93 -18.18
N GLY E 388 49.59 25.52 -17.24
CA GLY E 388 48.36 26.21 -17.58
C GLY E 388 47.73 26.82 -16.35
N GLY E 389 46.61 27.51 -16.59
CA GLY E 389 45.88 28.18 -15.54
C GLY E 389 44.74 27.38 -14.93
N ASN E 390 44.38 26.25 -15.53
CA ASN E 390 43.38 25.35 -14.97
C ASN E 390 43.54 24.00 -15.64
N LYS E 391 43.00 22.97 -14.98
CA LYS E 391 43.23 21.61 -15.44
C LYS E 391 42.61 21.38 -16.81
N MET E 392 41.56 22.13 -17.14
CA MET E 392 40.79 21.86 -18.35
C MET E 392 41.58 22.23 -19.59
N ILE E 393 42.21 23.42 -19.57
CA ILE E 393 43.07 23.78 -20.68
C ILE E 393 44.29 22.88 -20.73
N ILE E 394 44.70 22.31 -19.59
CA ILE E 394 45.83 21.39 -19.59
C ILE E 394 45.46 20.12 -20.35
N GLU E 395 44.28 19.57 -20.09
CA GLU E 395 43.84 18.39 -20.82
C GLU E 395 43.66 18.70 -22.30
N GLU E 396 43.10 19.87 -22.61
CA GLU E 396 42.93 20.23 -24.02
C GLU E 396 44.27 20.39 -24.71
N ALA E 397 45.24 21.00 -24.03
CA ALA E 397 46.58 21.11 -24.59
C ALA E 397 47.22 19.74 -24.78
N LYS E 398 46.96 18.82 -23.85
CA LYS E 398 47.47 17.47 -23.99
C LYS E 398 46.96 16.82 -25.27
N ARG E 399 45.65 16.88 -25.50
CA ARG E 399 45.13 16.22 -26.70
C ARG E 399 45.51 16.98 -27.98
N SER E 400 45.66 18.30 -27.91
CA SER E 400 46.11 19.04 -29.09
C SER E 400 47.55 18.69 -29.44
N LEU E 401 48.43 18.60 -28.43
CA LEU E 401 49.79 18.17 -28.69
C LEU E 401 49.82 16.74 -29.22
N HIS E 402 48.92 15.88 -28.72
CA HIS E 402 48.85 14.54 -29.27
C HIS E 402 48.47 14.55 -30.74
N ASP E 403 47.53 15.42 -31.12
CA ASP E 403 47.17 15.56 -32.52
C ASP E 403 48.37 15.99 -33.35
N ALA E 404 49.13 16.97 -32.87
CA ALA E 404 50.30 17.43 -33.61
C ALA E 404 51.34 16.34 -33.76
N LEU E 405 51.59 15.59 -32.68
CA LEU E 405 52.54 14.49 -32.74
C LEU E 405 52.09 13.43 -33.73
N CYS E 406 50.79 13.11 -33.73
CA CYS E 406 50.27 12.12 -34.66
C CYS E 406 50.43 12.59 -36.09
N VAL E 407 50.21 13.87 -36.35
CA VAL E 407 50.37 14.38 -37.70
C VAL E 407 51.81 14.29 -38.16
N ILE E 408 52.76 14.66 -37.30
CA ILE E 408 54.16 14.54 -37.69
C ILE E 408 54.54 13.07 -37.87
N ARG E 409 53.98 12.17 -37.08
CA ARG E 409 54.21 10.74 -37.27
C ARG E 409 53.71 10.30 -38.65
N ASN E 410 52.52 10.76 -39.04
CA ASN E 410 52.01 10.41 -40.36
C ASN E 410 52.91 10.95 -41.45
N LEU E 411 53.44 12.16 -41.27
CA LEU E 411 54.39 12.69 -42.24
C LEU E 411 55.64 11.82 -42.30
N ILE E 412 56.07 11.29 -41.15
CA ILE E 412 57.21 10.37 -41.14
C ILE E 412 56.90 9.14 -41.97
N ARG E 413 55.71 8.58 -41.81
CA ARG E 413 55.34 7.41 -42.59
C ARG E 413 55.30 7.71 -44.08
N ASP E 414 54.59 8.77 -44.46
CA ASP E 414 54.50 9.18 -45.86
C ASP E 414 54.62 10.70 -45.92
N ASN E 415 55.50 11.18 -46.80
CA ASN E 415 55.83 12.60 -46.86
C ASN E 415 55.07 13.33 -47.97
N ARG E 416 53.86 12.88 -48.29
CA ARG E 416 53.04 13.51 -49.30
C ARG E 416 51.92 14.30 -48.63
N VAL E 417 51.77 15.56 -49.03
CA VAL E 417 50.82 16.46 -48.38
C VAL E 417 49.87 17.03 -49.43
N VAL E 418 48.69 17.43 -48.95
CA VAL E 418 47.68 18.09 -49.77
C VAL E 418 47.23 19.34 -49.04
N TYR E 419 47.12 20.44 -49.76
CA TYR E 419 46.77 21.71 -49.15
C TYR E 419 45.32 21.71 -48.70
N GLY E 420 45.09 22.08 -47.45
CA GLY E 420 43.77 22.01 -46.87
C GLY E 420 42.91 23.22 -47.15
N GLY E 421 42.16 23.68 -46.14
CA GLY E 421 41.25 24.78 -46.34
C GLY E 421 40.10 24.46 -47.25
N GLY E 422 39.80 23.19 -47.46
CA GLY E 422 38.76 22.79 -48.38
C GLY E 422 39.18 22.69 -49.83
N ALA E 423 40.43 23.02 -50.15
CA ALA E 423 40.89 22.93 -51.53
C ALA E 423 40.88 21.49 -52.02
N ALA E 424 41.36 20.56 -51.19
CA ALA E 424 41.39 19.16 -51.58
C ALA E 424 39.99 18.64 -51.84
N GLU E 425 39.04 18.97 -50.96
CA GLU E 425 37.67 18.50 -51.16
C GLU E 425 37.05 19.08 -52.41
N ILE E 426 37.30 20.37 -52.68
CA ILE E 426 36.74 20.99 -53.87
C ILE E 426 37.31 20.36 -55.13
N SER E 427 38.62 20.13 -55.16
CA SER E 427 39.23 19.51 -56.33
C SER E 427 38.73 18.08 -56.51
N CYS E 428 38.57 17.34 -55.41
CA CYS E 428 38.03 15.99 -55.51
C CYS E 428 36.60 16.01 -56.03
N ALA E 429 35.80 16.97 -55.58
CA ALA E 429 34.43 17.08 -56.08
C ALA E 429 34.42 17.39 -57.57
N LEU E 430 35.33 18.26 -58.02
CA LEU E 430 35.42 18.56 -59.44
C LEU E 430 35.81 17.32 -60.24
N ALA E 431 36.79 16.56 -59.75
CA ALA E 431 37.20 15.35 -60.45
C ALA E 431 36.07 14.33 -60.50
N VAL E 432 35.34 14.17 -59.40
CA VAL E 432 34.23 13.24 -59.36
C VAL E 432 33.14 13.67 -60.33
N SER E 433 32.85 14.97 -60.38
CA SER E 433 31.84 15.47 -61.31
C SER E 433 32.26 15.23 -62.75
N GLN E 434 33.53 15.46 -63.06
CA GLN E 434 34.01 15.22 -64.42
C GLN E 434 33.92 13.74 -64.79
N GLU E 435 34.27 12.86 -63.85
CA GLU E 435 34.20 11.44 -64.12
C GLU E 435 32.76 10.93 -64.15
N ALA E 436 31.83 11.67 -63.54
CA ALA E 436 30.43 11.26 -63.57
C ALA E 436 29.79 11.52 -64.92
N ASP E 437 30.29 12.52 -65.67
CA ASP E 437 29.74 12.80 -66.98
C ASP E 437 29.97 11.64 -67.94
N LYS E 438 31.14 11.01 -67.89
CA LYS E 438 31.40 9.86 -68.73
C LYS E 438 30.69 8.61 -68.23
N CYS E 439 30.23 8.61 -66.99
CA CYS E 439 29.58 7.43 -66.43
C CYS E 439 28.21 7.22 -67.06
N PRO E 440 27.77 5.98 -67.18
CA PRO E 440 26.37 5.73 -67.54
C PRO E 440 25.43 6.36 -66.53
N THR E 441 24.23 6.71 -67.00
CA THR E 441 23.36 7.61 -66.26
C THR E 441 23.02 7.11 -64.86
N LEU E 442 22.92 5.79 -64.68
CA LEU E 442 22.35 5.28 -63.44
C LEU E 442 23.26 5.55 -62.23
N GLU E 443 24.56 5.29 -62.37
CA GLU E 443 25.49 5.60 -61.28
C GLU E 443 25.86 7.07 -61.24
N GLN E 444 25.47 7.84 -62.25
CA GLN E 444 25.78 9.26 -62.28
C GLN E 444 25.15 9.97 -61.08
N TYR E 445 23.94 9.59 -60.69
CA TYR E 445 23.30 10.23 -59.56
C TYR E 445 24.08 10.00 -58.27
N ALA E 446 24.54 8.76 -58.06
CA ALA E 446 25.31 8.49 -56.85
C ALA E 446 26.63 9.27 -56.87
N MET E 447 27.29 9.35 -58.02
CA MET E 447 28.55 10.08 -58.08
C MET E 447 28.34 11.58 -57.87
N ARG E 448 27.28 12.14 -58.45
CA ARG E 448 26.97 13.55 -58.22
C ARG E 448 26.66 13.82 -56.75
N ALA E 449 25.91 12.91 -56.12
CA ALA E 449 25.63 13.05 -54.70
C ALA E 449 26.90 12.99 -53.88
N PHE E 450 27.84 12.11 -54.27
CA PHE E 450 29.12 12.05 -53.57
C PHE E 450 29.88 13.37 -53.69
N ALA E 451 29.88 13.96 -54.88
CA ALA E 451 30.55 15.26 -55.05
C ALA E 451 29.89 16.33 -54.19
N ASP E 452 28.56 16.35 -54.18
CA ASP E 452 27.85 17.34 -53.36
C ASP E 452 28.16 17.14 -51.88
N ALA E 453 28.25 15.89 -51.44
CA ALA E 453 28.63 15.61 -50.06
C ALA E 453 30.05 16.06 -49.77
N LEU E 454 30.97 15.84 -50.71
CA LEU E 454 32.33 16.32 -50.53
C LEU E 454 32.36 17.84 -50.40
N GLU E 455 31.44 18.52 -51.05
CA GLU E 455 31.38 19.97 -50.96
C GLU E 455 31.06 20.49 -49.56
N VAL E 456 30.74 19.64 -48.60
CA VAL E 456 30.27 20.16 -47.32
C VAL E 456 31.38 20.80 -46.51
N ILE E 457 32.60 20.27 -46.59
CA ILE E 457 33.69 20.78 -45.75
C ILE E 457 33.97 22.25 -46.04
N PRO E 458 34.16 22.70 -47.28
CA PRO E 458 34.32 24.14 -47.50
C PRO E 458 33.11 24.95 -47.07
N MET E 459 31.90 24.41 -47.21
CA MET E 459 30.72 25.13 -46.76
C MET E 459 30.70 25.28 -45.24
N ALA E 460 31.06 24.22 -44.52
CA ALA E 460 31.14 24.32 -43.08
C ALA E 460 32.21 25.32 -42.65
N LEU E 461 33.36 25.30 -43.32
CA LEU E 461 34.41 26.27 -43.00
C LEU E 461 33.93 27.69 -43.28
N SER E 462 33.16 27.88 -44.37
CA SER E 462 32.68 29.20 -44.72
C SER E 462 31.68 29.71 -43.68
N GLU E 463 30.74 28.85 -43.27
CA GLU E 463 29.74 29.32 -42.31
C GLU E 463 30.34 29.53 -40.93
N ASN E 464 31.33 28.71 -40.56
CA ASN E 464 31.97 28.91 -39.26
C ASN E 464 32.75 30.21 -39.22
N SER E 465 33.28 30.65 -40.36
CA SER E 465 34.01 31.90 -40.45
C SER E 465 33.10 33.10 -40.67
N GLY E 466 31.80 32.89 -40.76
CA GLY E 466 30.85 33.97 -40.95
C GLY E 466 30.55 34.31 -42.38
N MET E 467 31.33 33.80 -43.33
CA MET E 467 31.08 34.08 -44.73
C MET E 467 29.86 33.31 -45.22
N ASN E 468 29.33 33.76 -46.34
CA ASN E 468 28.20 33.05 -46.95
C ASN E 468 28.69 31.75 -47.57
N PRO E 469 28.14 30.60 -47.16
CA PRO E 469 28.72 29.33 -47.63
C PRO E 469 28.63 29.13 -49.13
N ILE E 470 27.42 29.21 -49.69
CA ILE E 470 27.23 28.83 -51.09
C ILE E 470 27.99 29.77 -52.02
N GLN E 471 27.92 31.08 -51.76
CA GLN E 471 28.58 32.03 -52.65
C GLN E 471 30.09 31.84 -52.62
N THR E 472 30.68 31.71 -51.43
CA THR E 472 32.12 31.53 -51.32
C THR E 472 32.56 30.23 -51.98
N MET E 473 31.85 29.14 -51.71
CA MET E 473 32.22 27.86 -52.30
C MET E 473 32.10 27.89 -53.82
N THR E 474 31.03 28.50 -54.33
CA THR E 474 30.86 28.60 -55.78
C THR E 474 31.96 29.41 -56.42
N GLU E 475 32.32 30.55 -55.81
CA GLU E 475 33.38 31.38 -56.39
C GLU E 475 34.72 30.65 -56.36
N VAL E 476 35.02 29.95 -55.26
CA VAL E 476 36.28 29.23 -55.17
C VAL E 476 36.33 28.11 -56.19
N ARG E 477 35.22 27.38 -56.36
CA ARG E 477 35.19 26.31 -57.37
C ARG E 477 35.36 26.88 -58.77
N ALA E 478 34.72 28.01 -59.06
CA ALA E 478 34.88 28.63 -60.36
C ALA E 478 36.32 29.04 -60.61
N ARG E 479 36.98 29.60 -59.58
CA ARG E 479 38.38 29.97 -59.71
C ARG E 479 39.26 28.73 -59.93
N GLN E 480 38.95 27.64 -59.22
CA GLN E 480 39.71 26.41 -59.40
C GLN E 480 39.58 25.87 -60.81
N VAL E 481 38.38 25.96 -61.38
CA VAL E 481 38.19 25.50 -62.76
C VAL E 481 38.88 26.43 -63.74
N LYS E 482 38.75 27.74 -63.55
CA LYS E 482 39.27 28.72 -64.50
C LYS E 482 40.78 28.59 -64.65
N GLU E 483 41.50 28.62 -63.54
CA GLU E 483 42.94 28.51 -63.53
C GLU E 483 43.35 27.23 -62.83
N MET E 484 44.32 26.53 -63.41
CA MET E 484 44.69 25.22 -62.87
C MET E 484 45.40 25.41 -61.54
N ASN E 485 44.63 25.35 -60.45
CA ASN E 485 45.18 25.57 -59.11
C ASN E 485 44.31 24.85 -58.11
N PRO E 486 44.60 23.58 -57.83
CA PRO E 486 43.85 22.84 -56.83
C PRO E 486 44.15 23.24 -55.39
N ALA E 487 44.93 24.31 -55.18
CA ALA E 487 45.27 24.76 -53.84
C ALA E 487 44.37 25.90 -53.35
N LEU E 488 43.41 26.34 -54.14
CA LEU E 488 42.53 27.42 -53.74
C LEU E 488 41.45 26.90 -52.80
N GLY E 489 41.39 27.47 -51.60
CA GLY E 489 40.44 27.03 -50.61
C GLY E 489 39.69 28.17 -49.97
N ILE E 490 39.16 27.94 -48.77
CA ILE E 490 38.37 28.94 -48.07
C ILE E 490 39.28 29.76 -47.18
N ASP E 491 39.18 31.08 -47.28
CA ASP E 491 40.01 31.99 -46.49
C ASP E 491 39.37 32.17 -45.13
N CYS E 492 39.53 31.14 -44.29
CA CYS E 492 38.88 31.14 -42.99
C CYS E 492 39.38 32.26 -42.09
N LEU E 493 40.67 32.54 -42.13
CA LEU E 493 41.27 33.56 -41.27
C LEU E 493 41.23 34.95 -41.88
N HIS E 494 40.64 35.11 -43.06
CA HIS E 494 40.52 36.39 -43.73
C HIS E 494 41.90 37.04 -43.94
N LYS E 495 42.82 36.23 -44.46
CA LYS E 495 44.16 36.74 -44.77
C LYS E 495 44.20 37.51 -46.08
N GLY E 496 43.12 37.51 -46.84
CA GLY E 496 43.05 38.25 -48.09
C GLY E 496 43.38 37.45 -49.33
N THR E 497 43.75 36.18 -49.19
CA THR E 497 44.04 35.33 -50.34
C THR E 497 43.35 33.99 -50.18
N ASN E 498 42.98 33.40 -51.32
CA ASN E 498 42.35 32.10 -51.34
C ASN E 498 43.32 30.96 -51.57
N ASP E 499 44.60 31.27 -51.83
CA ASP E 499 45.58 30.23 -52.13
C ASP E 499 46.13 29.69 -50.82
N MET E 500 45.88 28.40 -50.56
CA MET E 500 46.34 27.80 -49.32
C MET E 500 47.84 27.50 -49.33
N LYS E 501 48.48 27.56 -50.50
CA LYS E 501 49.91 27.27 -50.54
C LYS E 501 50.73 28.41 -49.93
N GLN E 502 50.39 29.65 -50.26
CA GLN E 502 51.03 30.78 -49.58
C GLN E 502 50.59 30.86 -48.13
N GLN E 503 49.33 30.56 -47.84
CA GLN E 503 48.87 30.54 -46.46
C GLN E 503 49.47 29.37 -45.68
N HIS E 504 50.14 28.44 -46.36
CA HIS E 504 50.81 27.31 -45.73
C HIS E 504 49.84 26.47 -44.91
N VAL E 505 48.63 26.27 -45.44
CA VAL E 505 47.66 25.36 -44.86
C VAL E 505 47.93 23.98 -45.47
N ILE E 506 48.56 23.11 -44.71
CA ILE E 506 49.08 21.85 -45.21
C ILE E 506 48.43 20.70 -44.46
N GLU E 507 47.95 19.71 -45.20
CA GLU E 507 47.37 18.51 -44.63
C GLU E 507 48.05 17.29 -45.22
N THR E 508 48.22 16.26 -44.40
CA THR E 508 48.81 15.02 -44.87
C THR E 508 47.86 14.30 -45.82
N LEU E 509 48.42 13.78 -46.91
CA LEU E 509 47.61 13.05 -47.88
C LEU E 509 47.01 11.80 -47.25
N ILE E 510 47.77 11.13 -46.38
CA ILE E 510 47.27 9.94 -45.71
C ILE E 510 46.01 10.26 -44.92
N GLY E 511 45.98 11.42 -44.27
CA GLY E 511 44.81 11.79 -43.49
C GLY E 511 43.56 11.93 -44.34
N LYS E 512 43.67 12.64 -45.46
CA LYS E 512 42.52 12.82 -46.33
C LYS E 512 42.07 11.50 -46.94
N LYS E 513 43.02 10.67 -47.37
CA LYS E 513 42.65 9.39 -47.95
C LYS E 513 41.94 8.52 -46.92
N GLN E 514 42.44 8.49 -45.68
CA GLN E 514 41.77 7.74 -44.63
C GLN E 514 40.39 8.30 -44.34
N GLN E 515 40.25 9.62 -44.33
CA GLN E 515 38.95 10.23 -44.09
C GLN E 515 37.95 9.74 -45.12
N ILE E 516 38.30 9.86 -46.40
CA ILE E 516 37.37 9.48 -47.46
C ILE E 516 37.06 8.00 -47.40
N SER E 517 38.09 7.18 -47.21
CA SER E 517 37.89 5.73 -47.18
C SER E 517 36.97 5.33 -46.04
N LEU E 518 37.27 5.77 -44.82
CA LEU E 518 36.47 5.39 -43.66
C LEU E 518 35.05 5.88 -43.79
N ALA E 519 34.86 7.13 -44.24
CA ALA E 519 33.52 7.65 -44.39
C ALA E 519 32.72 6.83 -45.39
N THR E 520 33.34 6.48 -46.53
CA THR E 520 32.64 5.69 -47.52
C THR E 520 32.27 4.32 -46.98
N GLN E 521 33.18 3.66 -46.27
CA GLN E 521 32.89 2.33 -45.78
C GLN E 521 31.77 2.35 -44.74
N MET E 522 31.82 3.30 -43.79
CA MET E 522 30.75 3.40 -42.81
C MET E 522 29.42 3.74 -43.46
N VAL E 523 29.43 4.62 -44.46
CA VAL E 523 28.18 4.96 -45.13
C VAL E 523 27.62 3.75 -45.84
N ARG E 524 28.47 2.96 -46.49
CA ARG E 524 28.00 1.73 -47.11
C ARG E 524 27.40 0.78 -46.09
N MET E 525 28.07 0.63 -44.94
CA MET E 525 27.58 -0.29 -43.93
C MET E 525 26.23 0.15 -43.39
N ILE E 526 26.05 1.45 -43.18
CA ILE E 526 24.77 1.94 -42.70
C ILE E 526 23.70 1.78 -43.77
N LEU E 527 24.06 2.02 -45.03
CA LEU E 527 23.08 1.87 -46.12
C LEU E 527 22.64 0.42 -46.27
N LYS E 528 23.49 -0.52 -45.91
CA LYS E 528 23.14 -1.93 -46.08
C LYS E 528 22.19 -2.45 -45.00
N ILE E 529 21.97 -1.71 -43.92
CA ILE E 529 21.09 -2.16 -42.85
C ILE E 529 19.66 -1.80 -43.19
N ASP E 530 18.75 -2.77 -43.10
CA ASP E 530 17.34 -2.53 -43.37
C ASP E 530 16.43 -3.15 -42.31
N ASP E 531 16.97 -3.49 -41.14
CA ASP E 531 16.15 -4.09 -40.10
C ASP E 531 16.77 -3.77 -38.75
N ILE E 532 15.92 -3.45 -37.77
CA ILE E 532 16.33 -3.17 -36.41
C ILE E 532 15.44 -3.97 -35.48
N ARG E 533 16.04 -4.64 -34.50
CA ARG E 533 15.32 -5.53 -33.61
C ARG E 533 15.69 -5.27 -32.15
N LYS E 534 15.65 -4.02 -31.75
CA LYS E 534 15.90 -3.68 -30.35
C LYS E 534 14.84 -4.31 -29.45
N PRO E 535 15.18 -4.61 -28.20
CA PRO E 535 14.19 -5.10 -27.25
C PRO E 535 13.20 -4.02 -26.83
N GLY F 1 6.45 15.82 16.02
CA GLY F 1 7.26 15.37 17.13
C GLY F 1 6.71 15.78 18.48
N HIS F 2 7.61 16.23 19.37
CA HIS F 2 7.25 16.67 20.72
C HIS F 2 6.50 15.56 21.47
N ARG F 3 7.20 14.43 21.64
CA ARG F 3 6.59 13.28 22.28
C ARG F 3 6.27 13.59 23.74
N PRO F 4 5.21 13.01 24.28
CA PRO F 4 4.82 13.31 25.66
C PRO F 4 5.86 12.82 26.66
N VAL F 5 5.96 13.56 27.77
CA VAL F 5 6.88 13.22 28.84
C VAL F 5 6.17 12.30 29.82
N LEU F 6 6.88 11.26 30.27
CA LEU F 6 6.31 10.25 31.15
C LEU F 6 7.24 10.03 32.33
N VAL F 7 6.65 9.68 33.47
CA VAL F 7 7.45 9.31 34.63
C VAL F 7 7.89 7.85 34.52
N LEU F 8 6.93 6.94 34.50
CA LEU F 8 7.21 5.55 34.20
C LEU F 8 7.15 5.33 32.69
N SER F 9 7.81 4.28 32.24
CA SER F 9 7.87 4.02 30.81
C SER F 9 6.48 3.72 30.25
N GLN F 10 6.38 3.75 28.94
CA GLN F 10 5.15 3.38 28.27
C GLN F 10 4.85 1.90 28.57
N ASN F 11 3.60 1.51 28.33
CA ASN F 11 3.10 0.16 28.55
C ASN F 11 3.46 -0.40 29.92
N THR F 12 3.54 0.48 30.92
CA THR F 12 3.73 0.09 32.31
C THR F 12 2.41 0.30 33.04
N LYS F 13 1.73 -0.80 33.36
CA LYS F 13 0.43 -0.76 34.00
C LYS F 13 0.58 -0.94 35.51
N ARG F 14 -0.45 -0.50 36.23
CA ARG F 14 -0.45 -0.63 37.69
C ARG F 14 -1.87 -0.54 38.19
N GLU F 15 -2.26 -1.49 39.04
CA GLU F 15 -3.56 -1.47 39.71
C GLU F 15 -3.36 -1.80 41.18
N SER F 16 -4.25 -1.28 42.01
CA SER F 16 -4.08 -1.39 43.45
C SER F 16 -5.43 -1.46 44.13
N GLY F 17 -5.42 -1.89 45.39
CA GLY F 17 -6.59 -1.85 46.22
C GLY F 17 -7.34 -3.17 46.34
N ARG F 18 -8.66 -3.07 46.54
CA ARG F 18 -9.48 -4.25 46.70
C ARG F 18 -9.51 -5.09 45.43
N LYS F 19 -9.36 -4.45 44.28
CA LYS F 19 -9.41 -5.15 43.01
C LYS F 19 -8.30 -6.18 42.91
N VAL F 20 -7.10 -5.83 43.34
CA VAL F 20 -5.96 -6.75 43.26
C VAL F 20 -6.21 -7.98 44.11
N GLN F 21 -6.69 -7.78 45.35
CA GLN F 21 -6.94 -8.90 46.23
C GLN F 21 -8.04 -9.80 45.68
N SER F 22 -9.12 -9.20 45.18
CA SER F 22 -10.19 -10.00 44.60
C SER F 22 -9.68 -10.81 43.40
N GLY F 23 -8.87 -10.17 42.54
CA GLY F 23 -8.34 -10.88 41.39
C GLY F 23 -7.44 -12.03 41.78
N ASN F 24 -6.56 -11.81 42.76
CA ASN F 24 -5.67 -12.88 43.19
C ASN F 24 -6.45 -14.05 43.75
N ILE F 25 -7.43 -13.77 44.61
CA ILE F 25 -8.19 -14.85 45.21
C ILE F 25 -9.02 -15.58 44.16
N ASN F 26 -9.57 -14.85 43.19
CA ASN F 26 -10.31 -15.49 42.12
C ASN F 26 -9.42 -16.38 41.27
N ALA F 27 -8.19 -15.92 40.98
CA ALA F 27 -7.26 -16.74 40.22
C ALA F 27 -6.93 -18.04 40.95
N ALA F 28 -6.66 -17.95 42.25
CA ALA F 28 -6.40 -19.15 43.02
C ALA F 28 -7.61 -20.08 43.04
N LYS F 29 -8.80 -19.51 43.21
CA LYS F 29 -10.00 -20.33 43.23
C LYS F 29 -10.21 -21.05 41.90
N THR F 30 -9.96 -20.36 40.79
CA THR F 30 -10.13 -21.00 39.49
C THR F 30 -9.11 -22.10 39.28
N ILE F 31 -7.86 -21.87 39.71
CA ILE F 31 -6.85 -22.92 39.60
C ILE F 31 -7.29 -24.15 40.40
N ALA F 32 -7.84 -23.93 41.59
CA ALA F 32 -8.36 -25.05 42.37
C ALA F 32 -9.50 -25.75 41.64
N ASP F 33 -10.41 -24.97 41.05
CA ASP F 33 -11.56 -25.55 40.36
C ASP F 33 -11.14 -26.40 39.17
N ILE F 34 -9.99 -26.09 38.58
CA ILE F 34 -9.52 -26.86 37.42
C ILE F 34 -9.37 -28.34 37.79
N ILE F 35 -8.76 -28.62 38.94
CA ILE F 35 -8.45 -29.99 39.34
C ILE F 35 -9.30 -30.45 40.52
N ARG F 36 -10.36 -29.72 40.85
CA ARG F 36 -11.24 -30.13 41.95
C ARG F 36 -11.73 -31.57 41.78
N THR F 37 -12.02 -31.97 40.55
CA THR F 37 -12.65 -33.26 40.30
C THR F 37 -11.66 -34.41 40.19
N CYS F 38 -10.37 -34.17 40.40
CA CYS F 38 -9.36 -35.20 40.29
C CYS F 38 -8.93 -35.76 41.64
N LEU F 39 -9.70 -35.51 42.69
CA LEU F 39 -9.34 -35.89 44.05
C LEU F 39 -10.19 -37.07 44.49
N GLY F 40 -9.54 -38.12 44.99
CA GLY F 40 -10.24 -39.23 45.57
C GLY F 40 -10.22 -40.47 44.71
N PRO F 41 -10.69 -41.59 45.26
CA PRO F 41 -10.70 -42.85 44.50
C PRO F 41 -11.65 -42.86 43.33
N LYS F 42 -12.64 -41.97 43.29
CA LYS F 42 -13.56 -41.86 42.17
C LYS F 42 -13.17 -40.75 41.19
N SER F 43 -11.89 -40.42 41.13
CA SER F 43 -11.44 -39.34 40.27
C SER F 43 -11.53 -39.73 38.80
N MET F 44 -11.90 -38.76 37.97
CA MET F 44 -11.99 -38.95 36.53
C MET F 44 -10.74 -38.39 35.88
N MET F 45 -10.22 -39.11 34.89
CA MET F 45 -8.96 -38.71 34.28
C MET F 45 -9.18 -37.55 33.31
N LYS F 46 -8.08 -36.89 32.97
CA LYS F 46 -8.09 -35.72 32.10
C LYS F 46 -7.08 -35.89 30.98
N MET F 47 -7.43 -35.42 29.79
CA MET F 47 -6.55 -35.50 28.63
C MET F 47 -5.98 -34.12 28.36
N LEU F 48 -4.66 -34.04 28.28
CA LEU F 48 -3.97 -32.76 28.08
C LEU F 48 -3.15 -32.84 26.81
N LEU F 49 -3.32 -31.85 25.94
CA LEU F 49 -2.68 -31.84 24.63
C LEU F 49 -1.41 -31.02 24.70
N ASP F 50 -0.27 -31.70 24.57
CA ASP F 50 1.01 -31.03 24.66
C ASP F 50 1.21 -30.11 23.45
N PRO F 51 1.83 -28.95 23.64
CA PRO F 51 2.08 -28.06 22.49
C PRO F 51 2.94 -28.68 21.41
N MET F 52 3.82 -29.62 21.77
CA MET F 52 4.68 -30.27 20.79
C MET F 52 4.01 -31.42 20.07
N GLY F 53 2.75 -31.73 20.38
CA GLY F 53 2.01 -32.78 19.72
C GLY F 53 1.70 -33.98 20.59
N GLY F 54 2.23 -34.03 21.81
CA GLY F 54 1.97 -35.16 22.68
C GLY F 54 0.64 -35.07 23.38
N ILE F 55 0.27 -36.18 24.03
CA ILE F 55 -0.96 -36.28 24.81
C ILE F 55 -0.60 -36.78 26.19
N VAL F 56 -1.07 -36.08 27.21
CA VAL F 56 -0.85 -36.44 28.60
C VAL F 56 -2.19 -36.80 29.19
N MET F 57 -2.46 -38.09 29.34
CA MET F 57 -3.68 -38.58 29.98
C MET F 57 -3.33 -38.94 31.41
N THR F 58 -3.61 -38.03 32.34
CA THR F 58 -3.17 -38.21 33.71
C THR F 58 -4.27 -37.85 34.68
N ASN F 59 -4.16 -38.44 35.87
CA ASN F 59 -4.99 -38.10 37.01
C ASN F 59 -4.23 -37.28 38.04
N ASP F 60 -2.91 -37.18 37.91
CA ASP F 60 -2.08 -36.47 38.87
C ASP F 60 -2.29 -34.97 38.73
N GLY F 61 -2.47 -34.29 39.86
CA GLY F 61 -2.71 -32.85 39.83
C GLY F 61 -1.50 -32.06 39.37
N ASN F 62 -0.31 -32.46 39.82
CA ASN F 62 0.89 -31.70 39.47
C ASN F 62 1.15 -31.72 37.98
N ALA F 63 0.96 -32.88 37.34
CA ALA F 63 1.17 -32.96 35.89
C ALA F 63 0.19 -32.05 35.15
N ILE F 64 -1.08 -32.09 35.54
CA ILE F 64 -2.08 -31.25 34.91
C ILE F 64 -1.72 -29.78 35.06
N LEU F 65 -1.33 -29.38 36.27
CA LEU F 65 -1.01 -27.98 36.51
C LEU F 65 0.23 -27.55 35.74
N ARG F 66 1.25 -28.41 35.68
CA ARG F 66 2.47 -28.04 34.98
C ARG F 66 2.31 -28.08 33.47
N GLU F 67 1.24 -28.69 32.96
CA GLU F 67 0.98 -28.63 31.52
C GLU F 67 0.11 -27.45 31.12
N ILE F 68 -0.24 -26.58 32.07
CA ILE F 68 -1.15 -25.47 31.83
C ILE F 68 -0.36 -24.17 31.82
N GLN F 69 -0.58 -23.35 30.80
CA GLN F 69 0.01 -22.03 30.71
C GLN F 69 -0.99 -21.00 31.21
N VAL F 70 -0.55 -20.14 32.13
CA VAL F 70 -1.41 -19.12 32.71
C VAL F 70 -0.71 -17.76 32.62
N GLN F 71 -1.52 -16.71 32.65
CA GLN F 71 -1.01 -15.36 32.62
C GLN F 71 -1.09 -14.63 33.95
N HIS F 72 -2.08 -14.92 34.77
CA HIS F 72 -2.20 -14.26 36.05
C HIS F 72 -1.10 -14.74 36.98
N PRO F 73 -0.34 -13.83 37.60
CA PRO F 73 0.77 -14.27 38.47
C PRO F 73 0.34 -15.09 39.67
N ALA F 74 -0.86 -14.88 40.20
CA ALA F 74 -1.33 -15.71 41.30
C ALA F 74 -1.48 -17.15 40.87
N ALA F 75 -1.96 -17.38 39.65
CA ALA F 75 -2.00 -18.72 39.11
C ALA F 75 -0.61 -19.31 39.00
N LYS F 76 0.36 -18.48 38.63
CA LYS F 76 1.75 -18.95 38.58
C LYS F 76 2.21 -19.39 39.97
N SER F 77 1.87 -18.62 41.00
CA SER F 77 2.23 -19.02 42.35
C SER F 77 1.59 -20.35 42.73
N MET F 78 0.33 -20.54 42.33
CA MET F 78 -0.35 -21.81 42.61
C MET F 78 0.35 -22.97 41.92
N ILE F 79 0.73 -22.80 40.65
CA ILE F 79 1.45 -23.85 39.95
C ILE F 79 2.76 -24.15 40.66
N GLU F 80 3.45 -23.10 41.12
CA GLU F 80 4.72 -23.28 41.80
C GLU F 80 4.55 -24.07 43.09
N ILE F 81 3.50 -23.77 43.87
CA ILE F 81 3.33 -24.53 45.11
C ILE F 81 2.96 -25.98 44.80
N SER F 82 2.21 -26.22 43.73
CA SER F 82 1.92 -27.59 43.36
C SER F 82 3.21 -28.35 43.04
N ARG F 83 4.10 -27.72 42.27
CA ARG F 83 5.37 -28.35 41.96
C ARG F 83 6.20 -28.57 43.22
N THR F 84 6.16 -27.62 44.15
CA THR F 84 6.90 -27.76 45.40
C THR F 84 6.41 -28.97 46.18
N GLN F 85 5.09 -29.12 46.29
CA GLN F 85 4.53 -30.26 46.99
C GLN F 85 4.92 -31.56 46.31
N ASP F 86 4.88 -31.59 44.97
CA ASP F 86 5.26 -32.79 44.24
C ASP F 86 6.72 -33.15 44.50
N GLU F 87 7.60 -32.15 44.51
CA GLU F 87 9.03 -32.42 44.69
C GLU F 87 9.38 -32.78 46.12
N GLU F 88 8.65 -32.26 47.10
CA GLU F 88 9.05 -32.46 48.48
C GLU F 88 8.63 -33.84 49.00
N VAL F 89 7.35 -34.18 48.88
CA VAL F 89 6.84 -35.42 49.44
C VAL F 89 6.35 -36.41 48.40
N GLY F 90 6.08 -35.98 47.17
CA GLY F 90 5.74 -36.88 46.09
C GLY F 90 4.28 -37.00 45.76
N ASP F 91 3.39 -36.67 46.69
CA ASP F 91 1.96 -36.71 46.42
C ASP F 91 1.25 -35.73 47.34
N GLY F 92 -0.05 -35.57 47.11
CA GLY F 92 -0.83 -34.58 47.80
C GLY F 92 -0.98 -33.27 47.07
N THR F 93 -0.67 -33.24 45.77
CA THR F 93 -0.70 -31.97 45.02
C THR F 93 -2.12 -31.43 44.90
N THR F 94 -3.07 -32.28 44.52
CA THR F 94 -4.45 -31.81 44.42
C THR F 94 -4.97 -31.35 45.78
N SER F 95 -4.63 -32.09 46.84
CA SER F 95 -5.08 -31.70 48.16
C SER F 95 -4.56 -30.33 48.55
N VAL F 96 -3.28 -30.06 48.29
CA VAL F 96 -2.70 -28.78 48.69
C VAL F 96 -3.28 -27.65 47.85
N ILE F 97 -3.51 -27.90 46.56
CA ILE F 97 -4.09 -26.86 45.71
C ILE F 97 -5.50 -26.52 46.18
N ILE F 98 -6.30 -27.54 46.46
CA ILE F 98 -7.67 -27.32 46.92
C ILE F 98 -7.66 -26.58 48.25
N LEU F 99 -6.78 -26.98 49.16
CA LEU F 99 -6.74 -26.34 50.47
C LEU F 99 -6.34 -24.88 50.36
N ALA F 100 -5.33 -24.57 49.53
CA ALA F 100 -4.92 -23.19 49.37
C ALA F 100 -6.03 -22.35 48.76
N GLY F 101 -6.71 -22.89 47.75
CA GLY F 101 -7.82 -22.18 47.16
C GLY F 101 -8.92 -21.90 48.17
N GLU F 102 -9.26 -22.89 48.99
CA GLU F 102 -10.31 -22.70 49.98
C GLU F 102 -9.91 -21.68 51.05
N MET F 103 -8.65 -21.71 51.49
CA MET F 103 -8.20 -20.76 52.49
C MET F 103 -8.25 -19.33 51.94
N LEU F 104 -7.82 -19.13 50.70
CA LEU F 104 -7.95 -17.80 50.12
C LEU F 104 -9.41 -17.39 49.96
N SER F 105 -10.26 -18.34 49.58
CA SER F 105 -11.68 -18.03 49.41
C SER F 105 -12.30 -17.58 50.72
N VAL F 106 -11.97 -18.24 51.83
CA VAL F 106 -12.54 -17.83 53.11
C VAL F 106 -11.87 -16.57 53.65
N ALA F 107 -10.64 -16.27 53.24
CA ALA F 107 -10.02 -15.02 53.67
C ALA F 107 -10.59 -13.82 52.93
N GLU F 108 -11.08 -14.01 51.71
CA GLU F 108 -11.70 -12.90 50.99
C GLU F 108 -12.87 -12.31 51.77
N HIS F 109 -13.62 -13.17 52.46
CA HIS F 109 -14.76 -12.71 53.25
C HIS F 109 -14.32 -11.69 54.30
N PHE F 110 -13.20 -11.95 54.96
CA PHE F 110 -12.70 -11.01 55.95
C PHE F 110 -12.07 -9.79 55.32
N LEU F 111 -11.40 -9.96 54.18
CA LEU F 111 -10.84 -8.78 53.52
C LEU F 111 -11.92 -7.83 53.06
N GLU F 112 -13.13 -8.33 52.80
CA GLU F 112 -14.23 -7.46 52.42
C GLU F 112 -14.94 -6.83 53.61
N GLN F 113 -14.49 -7.10 54.83
CA GLN F 113 -15.14 -6.62 56.05
C GLN F 113 -14.19 -5.75 56.86
N GLN F 114 -13.40 -4.94 56.18
CA GLN F 114 -12.55 -3.93 56.82
C GLN F 114 -11.54 -4.55 57.78
N MET F 115 -11.06 -5.75 57.49
CA MET F 115 -10.02 -6.38 58.27
C MET F 115 -8.71 -6.33 57.50
N HIS F 116 -7.67 -5.82 58.15
CA HIS F 116 -6.38 -5.73 57.49
C HIS F 116 -5.80 -7.12 57.27
N PRO F 117 -5.14 -7.36 56.13
CA PRO F 117 -4.64 -8.71 55.86
C PRO F 117 -3.63 -9.22 56.88
N THR F 118 -2.94 -8.34 57.60
CA THR F 118 -1.96 -8.81 58.57
C THR F 118 -2.63 -9.56 59.71
N VAL F 119 -3.82 -9.12 60.14
CA VAL F 119 -4.54 -9.84 61.17
C VAL F 119 -4.91 -11.24 60.69
N VAL F 120 -5.40 -11.34 59.46
CA VAL F 120 -5.73 -12.64 58.89
C VAL F 120 -4.50 -13.52 58.82
N ILE F 121 -3.36 -12.93 58.47
CA ILE F 121 -2.12 -13.69 58.36
C ILE F 121 -1.69 -14.23 59.72
N SER F 122 -1.78 -13.40 60.75
CA SER F 122 -1.43 -13.86 62.09
C SER F 122 -2.36 -14.99 62.53
N ALA F 123 -3.65 -14.84 62.27
CA ALA F 123 -4.59 -15.91 62.62
C ALA F 123 -4.26 -17.19 61.86
N TYR F 124 -3.91 -17.08 60.58
CA TYR F 124 -3.56 -18.25 59.81
C TYR F 124 -2.31 -18.93 60.35
N ARG F 125 -1.32 -18.15 60.78
CA ARG F 125 -0.11 -18.73 61.33
C ARG F 125 -0.39 -19.47 62.63
N LYS F 126 -1.21 -18.87 63.51
CA LYS F 126 -1.60 -19.59 64.72
C LYS F 126 -2.35 -20.86 64.39
N ALA F 127 -3.25 -20.80 63.42
CA ALA F 127 -3.98 -21.97 62.99
C ALA F 127 -3.05 -23.05 62.48
N LEU F 128 -2.04 -22.67 61.70
CA LEU F 128 -1.10 -23.65 61.17
C LEU F 128 -0.31 -24.32 62.28
N ASP F 129 0.13 -23.54 63.27
CA ASP F 129 0.84 -24.14 64.40
C ASP F 129 -0.03 -25.15 65.12
N ASP F 130 -1.30 -24.79 65.36
CA ASP F 130 -2.19 -25.73 66.05
C ASP F 130 -2.54 -26.94 65.18
N MET F 131 -2.59 -26.76 63.86
CA MET F 131 -2.78 -27.88 62.95
C MET F 131 -1.63 -28.86 63.04
N ILE F 132 -0.39 -28.34 63.06
CA ILE F 132 0.78 -29.20 63.20
C ILE F 132 0.70 -29.96 64.51
N SER F 133 0.37 -29.25 65.59
CA SER F 133 0.28 -29.90 66.90
C SER F 133 -0.75 -31.02 66.89
N THR F 134 -1.94 -30.75 66.37
CA THR F 134 -3.00 -31.76 66.38
C THR F 134 -2.65 -32.95 65.50
N LEU F 135 -2.07 -32.69 64.32
CA LEU F 135 -1.68 -33.78 63.44
C LEU F 135 -0.63 -34.67 64.09
N LYS F 136 0.34 -34.07 64.77
CA LYS F 136 1.30 -34.88 65.50
C LYS F 136 0.64 -35.62 66.65
N LYS F 137 -0.42 -35.06 67.21
CA LYS F 137 -1.07 -35.70 68.35
C LYS F 137 -1.87 -36.93 67.93
N ILE F 138 -2.55 -36.86 66.78
CA ILE F 138 -3.45 -37.95 66.39
C ILE F 138 -2.73 -38.97 65.53
N SER F 139 -1.41 -38.84 65.38
CA SER F 139 -0.66 -39.78 64.57
C SER F 139 -0.50 -41.11 65.29
N ILE F 140 -0.18 -42.14 64.52
CA ILE F 140 0.06 -43.47 65.07
C ILE F 140 1.39 -44.00 64.54
N PRO F 141 2.12 -44.82 65.29
CA PRO F 141 3.40 -45.34 64.82
C PRO F 141 3.23 -46.55 63.93
N VAL F 142 4.28 -46.83 63.17
CA VAL F 142 4.32 -47.97 62.25
C VAL F 142 5.69 -48.62 62.34
N ASP F 143 5.70 -49.94 62.41
CA ASP F 143 6.94 -50.71 62.33
C ASP F 143 7.22 -51.07 60.88
N ILE F 144 8.33 -50.55 60.34
CA ILE F 144 8.64 -50.75 58.93
C ILE F 144 8.98 -52.19 58.60
N SER F 145 9.33 -53.00 59.61
CA SER F 145 9.65 -54.39 59.35
C SER F 145 8.44 -55.15 58.81
N ASP F 146 7.26 -54.85 59.32
CA ASP F 146 6.04 -55.52 58.87
C ASP F 146 5.76 -55.12 57.42
N SER F 147 5.98 -56.06 56.49
CA SER F 147 5.78 -55.75 55.08
C SER F 147 4.31 -55.55 54.74
N ASP F 148 3.41 -56.23 55.46
CA ASP F 148 1.99 -56.09 55.17
C ASP F 148 1.53 -54.65 55.42
N MET F 149 2.01 -54.03 56.50
CA MET F 149 1.64 -52.64 56.77
C MET F 149 2.14 -51.71 55.68
N MET F 150 3.37 -51.92 55.21
CA MET F 150 3.91 -51.08 54.15
C MET F 150 3.11 -51.25 52.87
N LEU F 151 2.75 -52.49 52.53
CA LEU F 151 1.93 -52.72 51.35
C LEU F 151 0.58 -52.05 51.49
N ASN F 152 -0.02 -52.10 52.68
CA ASN F 152 -1.29 -51.43 52.90
C ASN F 152 -1.16 -49.92 52.72
N ILE F 153 -0.07 -49.34 53.23
CA ILE F 153 0.13 -47.90 53.09
C ILE F 153 0.24 -47.53 51.63
N ILE F 154 1.06 -48.27 50.88
CA ILE F 154 1.22 -47.96 49.46
C ILE F 154 -0.10 -48.13 48.73
N ASN F 155 -0.88 -49.16 49.09
CA ASN F 155 -2.18 -49.36 48.48
C ASN F 155 -3.07 -48.13 48.71
N SER F 156 -3.21 -47.73 49.97
CA SER F 156 -4.01 -46.54 50.27
C SER F 156 -3.50 -45.33 49.53
N SER F 157 -2.21 -45.29 49.22
CA SER F 157 -1.67 -44.20 48.41
C SER F 157 -2.01 -44.32 46.94
N ILE F 158 -2.32 -45.52 46.44
CA ILE F 158 -2.53 -45.70 45.01
C ILE F 158 -3.96 -46.14 44.68
N THR F 159 -4.85 -46.21 45.67
CA THR F 159 -6.24 -46.52 45.34
C THR F 159 -6.91 -45.41 44.54
N THR F 160 -6.40 -44.19 44.62
CA THR F 160 -6.98 -43.06 43.90
C THR F 160 -6.41 -42.91 42.50
N LYS F 161 -5.53 -43.81 42.09
CA LYS F 161 -4.84 -43.71 40.81
C LYS F 161 -5.32 -44.79 39.86
N ALA F 162 -4.87 -44.71 38.61
CA ALA F 162 -5.30 -45.64 37.58
C ALA F 162 -4.72 -47.03 37.76
N ILE F 163 -3.74 -47.20 38.65
CA ILE F 163 -3.07 -48.49 38.82
C ILE F 163 -3.77 -49.28 39.90
N SER F 164 -4.90 -48.76 40.40
CA SER F 164 -5.62 -49.45 41.46
C SER F 164 -6.09 -50.83 41.04
N ARG F 165 -6.23 -51.09 39.74
CA ARG F 165 -6.63 -52.42 39.29
C ARG F 165 -5.57 -53.46 39.62
N TRP F 166 -4.30 -53.12 39.41
CA TRP F 166 -3.18 -54.01 39.74
C TRP F 166 -2.45 -53.55 40.99
N SER F 167 -3.14 -52.83 41.86
CA SER F 167 -2.64 -52.36 43.15
C SER F 167 -1.69 -53.31 43.86
N SER F 168 -2.01 -54.60 43.95
CA SER F 168 -1.13 -55.52 44.68
C SER F 168 0.24 -55.62 44.00
N LEU F 169 0.23 -55.83 42.69
CA LEU F 169 1.49 -55.89 41.94
C LEU F 169 2.25 -54.57 42.06
N ALA F 170 1.55 -53.46 41.92
CA ALA F 170 2.20 -52.16 42.00
C ALA F 170 2.83 -51.92 43.36
N CYS F 171 2.12 -52.28 44.42
CA CYS F 171 2.65 -52.12 45.77
C CYS F 171 3.89 -52.98 45.97
N ASN F 172 3.85 -54.23 45.53
CA ASN F 172 5.03 -55.08 45.67
C ASN F 172 6.20 -54.51 44.90
N ILE F 173 5.96 -54.03 43.68
CA ILE F 173 7.05 -53.48 42.87
C ILE F 173 7.66 -52.27 43.55
N ALA F 174 6.82 -51.34 44.02
CA ALA F 174 7.34 -50.13 44.64
C ALA F 174 8.10 -50.45 45.93
N LEU F 175 7.56 -51.35 46.75
CA LEU F 175 8.24 -51.69 48.00
C LEU F 175 9.58 -52.33 47.72
N ASP F 176 9.62 -53.28 46.78
CA ASP F 176 10.89 -53.94 46.47
C ASP F 176 11.91 -52.95 45.93
N ALA F 177 11.48 -52.05 45.04
CA ALA F 177 12.41 -51.08 44.48
C ALA F 177 12.98 -50.17 45.55
N VAL F 178 12.13 -49.67 46.45
CA VAL F 178 12.61 -48.79 47.50
C VAL F 178 13.55 -49.52 48.44
N LYS F 179 13.20 -50.76 48.80
CA LYS F 179 14.06 -51.52 49.71
C LYS F 179 15.42 -51.79 49.09
N MET F 180 15.46 -52.15 47.81
CA MET F 180 16.76 -52.38 47.18
C MET F 180 17.55 -51.07 47.05
N VAL F 181 16.89 -49.96 46.74
CA VAL F 181 17.60 -48.70 46.58
C VAL F 181 18.18 -48.24 47.91
N GLN F 182 17.49 -48.51 49.01
CA GLN F 182 17.97 -48.09 50.34
C GLN F 182 19.41 -48.50 50.56
N PHE F 183 20.23 -47.54 50.99
CA PHE F 183 21.67 -47.71 51.03
C PHE F 183 22.23 -46.89 52.17
N GLU F 184 23.39 -47.30 52.68
CA GLU F 184 24.05 -46.58 53.76
C GLU F 184 25.56 -46.71 53.61
N GLU F 185 26.27 -45.60 53.77
CA GLU F 185 27.71 -45.58 53.66
C GLU F 185 28.24 -44.43 54.50
N ASN F 186 29.35 -44.67 55.21
CA ASN F 186 29.99 -43.68 56.06
C ASN F 186 29.03 -43.17 57.13
N GLY F 187 28.07 -43.99 57.54
CA GLY F 187 27.12 -43.58 58.55
C GLY F 187 26.07 -42.61 58.06
N ARG F 188 25.84 -42.53 56.75
CA ARG F 188 24.86 -41.63 56.16
C ARG F 188 23.79 -42.45 55.47
N LYS F 189 22.58 -42.45 56.02
CA LYS F 189 21.46 -43.12 55.39
C LYS F 189 21.06 -42.41 54.11
N GLU F 190 20.64 -43.17 53.13
CA GLU F 190 20.30 -42.60 51.83
C GLU F 190 19.31 -43.50 51.10
N ILE F 191 18.22 -42.90 50.62
CA ILE F 191 17.25 -43.58 49.77
C ILE F 191 17.10 -42.70 48.53
N ASP F 192 17.87 -43.00 47.49
CA ASP F 192 17.91 -42.17 46.29
C ASP F 192 17.22 -42.93 45.16
N ILE F 193 15.88 -42.80 45.12
CA ILE F 193 15.11 -43.44 44.06
C ILE F 193 15.19 -42.67 42.74
N LYS F 194 15.65 -41.42 42.78
CA LYS F 194 15.72 -40.63 41.56
C LYS F 194 16.78 -41.18 40.61
N LYS F 195 17.92 -41.61 41.13
CA LYS F 195 19.02 -42.07 40.30
C LYS F 195 19.10 -43.58 40.16
N TYR F 196 18.83 -44.32 41.23
CA TYR F 196 19.07 -45.76 41.26
C TYR F 196 17.79 -46.59 41.22
N ALA F 197 16.65 -45.97 40.95
CA ALA F 197 15.40 -46.69 40.74
C ALA F 197 14.83 -46.20 39.41
N ARG F 198 15.25 -46.84 38.33
CA ARG F 198 14.93 -46.40 36.98
C ARG F 198 13.73 -47.16 36.46
N VAL F 199 12.80 -46.45 35.85
CA VAL F 199 11.60 -47.04 35.26
C VAL F 199 11.77 -47.03 33.75
N GLU F 200 11.77 -48.21 33.14
CA GLU F 200 11.88 -48.35 31.70
C GLU F 200 10.55 -48.85 31.15
N LYS F 201 10.00 -48.12 30.19
CA LYS F 201 8.70 -48.43 29.61
C LYS F 201 8.91 -48.98 28.21
N ILE F 202 8.43 -50.18 27.98
CA ILE F 202 8.45 -50.78 26.64
C ILE F 202 7.01 -51.11 26.24
N PRO F 203 6.42 -50.36 25.31
CA PRO F 203 5.02 -50.61 24.95
C PRO F 203 4.84 -52.01 24.39
N GLY F 204 3.66 -52.57 24.64
CA GLY F 204 3.36 -53.93 24.26
C GLY F 204 3.39 -54.88 25.45
N GLY F 205 2.89 -56.08 25.21
CA GLY F 205 2.76 -57.01 26.30
C GLY F 205 1.62 -56.62 27.23
N ILE F 206 1.52 -57.35 28.33
CA ILE F 206 0.47 -57.13 29.31
C ILE F 206 1.08 -56.51 30.55
N ILE F 207 0.30 -55.67 31.24
CA ILE F 207 0.80 -54.96 32.40
C ILE F 207 1.12 -55.94 33.53
N GLU F 208 0.47 -57.09 33.55
CA GLU F 208 0.78 -58.09 34.56
C GLU F 208 2.19 -58.63 34.42
N ASP F 209 2.80 -58.49 33.24
CA ASP F 209 4.18 -58.94 33.03
C ASP F 209 5.19 -57.99 33.64
N SER F 210 4.82 -56.75 33.91
CA SER F 210 5.77 -55.77 34.43
C SER F 210 6.26 -56.21 35.80
N CYS F 211 7.55 -55.99 36.05
CA CYS F 211 8.17 -56.41 37.29
C CYS F 211 9.39 -55.55 37.55
N VAL F 212 9.99 -55.74 38.71
CA VAL F 212 11.22 -55.05 39.09
C VAL F 212 12.35 -56.07 39.09
N LEU F 213 13.44 -55.74 38.42
CA LEU F 213 14.54 -56.65 38.25
C LEU F 213 15.55 -56.52 39.38
N ARG F 214 16.16 -57.64 39.75
CA ARG F 214 17.28 -57.64 40.69
C ARG F 214 18.57 -57.26 39.96
N GLY F 215 18.53 -56.09 39.32
CA GLY F 215 19.63 -55.65 38.49
C GLY F 215 19.22 -54.46 37.65
N VAL F 216 19.82 -54.37 36.47
CA VAL F 216 19.57 -53.25 35.56
C VAL F 216 19.29 -53.80 34.18
N MET F 217 18.65 -52.97 33.37
CA MET F 217 18.29 -53.32 32.00
C MET F 217 18.48 -52.09 31.13
N ILE F 218 19.30 -52.22 30.08
CA ILE F 218 19.62 -51.10 29.21
C ILE F 218 19.34 -51.49 27.77
N ASN F 219 19.08 -50.48 26.94
CA ASN F 219 18.76 -50.68 25.53
C ASN F 219 20.06 -50.68 24.74
N LYS F 220 20.79 -51.79 24.87
CA LYS F 220 22.10 -51.91 24.23
C LYS F 220 22.23 -53.30 23.62
N ASP F 221 23.35 -53.51 22.93
CA ASP F 221 23.64 -54.78 22.28
C ASP F 221 25.15 -54.95 22.22
N VAL F 222 25.59 -56.19 21.97
CA VAL F 222 27.01 -56.45 21.86
C VAL F 222 27.58 -55.69 20.66
N THR F 223 28.83 -55.25 20.79
CA THR F 223 29.49 -54.58 19.68
C THR F 223 29.69 -55.52 18.50
N HIS F 224 30.04 -56.77 18.76
CA HIS F 224 30.32 -57.73 17.71
C HIS F 224 29.45 -58.97 17.90
N PRO F 225 28.88 -59.51 16.81
CA PRO F 225 27.98 -60.65 16.96
C PRO F 225 28.63 -61.91 17.51
N ARG F 226 29.94 -62.05 17.42
CA ARG F 226 30.60 -63.22 17.96
C ARG F 226 30.59 -63.23 19.49
N MET F 227 30.48 -62.06 20.11
CA MET F 227 30.50 -61.98 21.57
C MET F 227 29.31 -62.72 22.15
N ARG F 228 29.52 -63.36 23.30
CA ARG F 228 28.47 -64.13 23.94
C ARG F 228 27.33 -63.22 24.37
N ARG F 229 26.09 -63.67 24.17
CA ARG F 229 24.92 -62.95 24.62
C ARG F 229 24.32 -63.56 25.88
N TYR F 230 25.04 -64.47 26.53
CA TYR F 230 24.51 -65.14 27.72
C TYR F 230 25.69 -65.66 28.52
N ILE F 231 25.93 -65.08 29.70
CA ILE F 231 27.03 -65.46 30.57
C ILE F 231 26.45 -65.76 31.95
N LYS F 232 26.90 -66.87 32.55
CA LYS F 232 26.27 -67.34 33.78
C LYS F 232 26.59 -66.42 34.95
N ASN F 233 27.87 -66.31 35.32
CA ASN F 233 28.29 -65.52 36.48
C ASN F 233 29.37 -64.55 36.03
N PRO F 234 28.98 -63.48 35.35
CA PRO F 234 29.98 -62.62 34.71
C PRO F 234 30.73 -61.75 35.71
N ARG F 235 32.01 -61.55 35.44
CA ARG F 235 32.81 -60.56 36.12
C ARG F 235 32.81 -59.30 35.25
N ILE F 236 32.26 -58.21 35.79
CA ILE F 236 31.99 -57.01 35.01
C ILE F 236 33.04 -55.97 35.32
N VAL F 237 33.56 -55.33 34.27
CA VAL F 237 34.50 -54.22 34.40
C VAL F 237 33.87 -53.02 33.72
N LEU F 238 33.79 -51.90 34.45
CA LEU F 238 33.16 -50.69 33.96
C LEU F 238 34.22 -49.65 33.63
N LEU F 239 34.05 -48.96 32.52
CA LEU F 239 34.95 -47.92 32.08
C LEU F 239 34.15 -46.71 31.62
N ASP F 240 34.77 -45.54 31.72
CA ASP F 240 34.18 -44.32 31.17
C ASP F 240 35.17 -43.61 30.24
N SER F 241 36.10 -44.34 29.65
CA SER F 241 37.08 -43.79 28.73
C SER F 241 37.10 -44.61 27.46
N SER F 242 37.37 -43.94 26.34
CA SER F 242 37.40 -44.62 25.06
C SER F 242 38.49 -45.68 25.02
N LEU F 243 38.21 -46.77 24.33
CA LEU F 243 39.21 -47.79 24.04
C LEU F 243 39.79 -47.61 22.64
N GLU F 244 39.88 -46.38 22.17
CA GLU F 244 40.38 -46.04 20.85
C GLU F 244 41.69 -45.28 20.96
N TYR F 245 42.23 -44.91 19.81
CA TYR F 245 43.42 -44.08 19.71
C TYR F 245 43.00 -42.68 19.28
N LYS F 246 43.20 -41.71 20.16
CA LYS F 246 42.78 -40.34 19.92
C LYS F 246 43.95 -39.39 20.05
N LYS F 247 43.75 -38.17 19.56
CA LYS F 247 44.78 -37.15 19.64
C LYS F 247 44.98 -36.71 21.08
N GLY F 248 46.18 -36.22 21.36
CA GLY F 248 46.50 -35.69 22.67
C GLY F 248 45.95 -34.29 22.86
N GLU F 249 46.17 -33.77 24.07
CA GLU F 249 45.69 -32.44 24.39
C GLU F 249 46.52 -31.36 23.69
N SER F 250 47.84 -31.51 23.72
CA SER F 250 48.71 -30.51 23.11
C SER F 250 48.68 -30.64 21.59
N GLN F 251 49.03 -29.55 20.92
CA GLN F 251 49.17 -29.57 19.47
C GLN F 251 50.45 -30.31 19.12
N THR F 252 50.30 -31.56 18.68
CA THR F 252 51.41 -32.43 18.38
C THR F 252 51.44 -32.71 16.89
N ASP F 253 52.58 -32.48 16.26
CA ASP F 253 52.76 -32.73 14.84
C ASP F 253 53.98 -33.60 14.62
N ILE F 254 53.87 -34.55 13.71
CA ILE F 254 54.97 -35.43 13.35
C ILE F 254 55.61 -34.85 12.10
N GLU F 255 56.87 -35.21 11.86
CA GLU F 255 57.56 -34.84 10.63
C GLU F 255 58.26 -36.08 10.10
N ILE F 256 57.79 -36.60 8.98
CA ILE F 256 58.25 -37.87 8.43
C ILE F 256 59.22 -37.59 7.30
N THR F 257 60.44 -38.10 7.44
CA THR F 257 61.44 -38.03 6.38
C THR F 257 62.01 -39.39 6.02
N ARG F 258 61.75 -40.43 6.80
CA ARG F 258 62.21 -41.78 6.52
C ARG F 258 61.06 -42.62 6.00
N GLU F 259 61.41 -43.67 5.26
CA GLU F 259 60.39 -44.47 4.58
C GLU F 259 59.49 -45.18 5.58
N GLU F 260 60.06 -45.75 6.63
CA GLU F 260 59.35 -46.66 7.51
C GLU F 260 58.67 -45.96 8.68
N ASP F 261 58.73 -44.63 8.76
CA ASP F 261 58.14 -43.95 9.91
C ASP F 261 56.61 -44.00 9.87
N PHE F 262 56.02 -43.91 8.68
CA PHE F 262 54.57 -43.96 8.57
C PHE F 262 54.01 -45.29 9.06
N THR F 263 54.55 -46.38 8.54
CA THR F 263 54.09 -47.70 8.95
C THR F 263 54.39 -47.94 10.42
N ARG F 264 55.53 -47.44 10.91
CA ARG F 264 55.83 -47.58 12.32
C ARG F 264 54.83 -46.85 13.19
N ILE F 265 54.40 -45.66 12.77
CA ILE F 265 53.42 -44.92 13.55
C ILE F 265 52.10 -45.67 13.59
N LEU F 266 51.66 -46.20 12.45
CA LEU F 266 50.41 -46.95 12.44
C LEU F 266 50.52 -48.22 13.29
N GLN F 267 51.66 -48.90 13.20
CA GLN F 267 51.86 -50.10 14.00
C GLN F 267 51.87 -49.77 15.49
N MET F 268 52.42 -48.62 15.86
CA MET F 268 52.40 -48.25 17.28
C MET F 268 51.01 -47.87 17.73
N GLU F 269 50.18 -47.31 16.85
CA GLU F 269 48.78 -47.12 17.21
C GLU F 269 48.12 -48.46 17.53
N GLU F 270 48.32 -49.45 16.66
CA GLU F 270 47.76 -50.76 16.90
C GLU F 270 48.32 -51.38 18.19
N GLU F 271 49.61 -51.21 18.43
CA GLU F 271 50.22 -51.78 19.62
C GLU F 271 49.73 -51.11 20.88
N TYR F 272 49.47 -49.80 20.82
CA TYR F 272 48.88 -49.11 21.97
C TYR F 272 47.50 -49.67 22.28
N ILE F 273 46.69 -49.90 21.25
CA ILE F 273 45.37 -50.50 21.47
C ILE F 273 45.51 -51.89 22.08
N GLN F 274 46.45 -52.68 21.55
CA GLN F 274 46.64 -54.04 22.08
C GLN F 274 47.09 -54.01 23.53
N GLN F 275 48.00 -53.10 23.88
CA GLN F 275 48.45 -52.99 25.26
C GLN F 275 47.31 -52.57 26.17
N LEU F 276 46.48 -51.65 25.71
CA LEU F 276 45.33 -51.21 26.50
C LEU F 276 44.40 -52.40 26.77
N CYS F 277 44.09 -53.17 25.74
CA CYS F 277 43.21 -54.32 25.90
C CYS F 277 43.85 -55.38 26.78
N GLU F 278 45.16 -55.56 26.69
CA GLU F 278 45.84 -56.52 27.55
C GLU F 278 45.78 -56.09 29.00
N ASP F 279 45.92 -54.79 29.26
CA ASP F 279 45.77 -54.28 30.61
C ASP F 279 44.38 -54.58 31.15
N ILE F 280 43.35 -54.43 30.29
CA ILE F 280 42.00 -54.81 30.71
C ILE F 280 41.94 -56.30 31.00
N ILE F 281 42.50 -57.12 30.11
CA ILE F 281 42.37 -58.57 30.19
C ILE F 281 43.07 -59.12 31.41
N GLN F 282 44.10 -58.44 31.91
CA GLN F 282 44.86 -58.95 33.04
C GLN F 282 43.98 -59.27 34.24
N LEU F 283 42.86 -58.56 34.39
CA LEU F 283 41.93 -58.84 35.47
C LEU F 283 41.01 -60.03 35.19
N LYS F 284 41.07 -60.58 33.98
CA LYS F 284 40.21 -61.68 33.56
C LYS F 284 38.73 -61.40 33.79
N PRO F 285 38.16 -60.41 33.12
CA PRO F 285 36.73 -60.16 33.27
C PRO F 285 35.92 -60.97 32.28
N ASP F 286 34.60 -60.88 32.37
CA ASP F 286 33.70 -61.53 31.43
C ASP F 286 33.01 -60.56 30.49
N VAL F 287 32.62 -59.39 30.98
CA VAL F 287 32.07 -58.34 30.13
C VAL F 287 32.76 -57.03 30.45
N VAL F 288 32.76 -56.13 29.48
CA VAL F 288 33.32 -54.79 29.62
C VAL F 288 32.28 -53.80 29.13
N ILE F 289 31.94 -52.84 29.99
CA ILE F 289 30.95 -51.83 29.68
C ILE F 289 31.62 -50.47 29.72
N THR F 290 31.47 -49.68 28.66
CA THR F 290 32.14 -48.41 28.52
C THR F 290 31.13 -47.34 28.17
N GLU F 291 31.38 -46.12 28.63
CA GLU F 291 30.55 -44.98 28.27
C GLU F 291 30.97 -44.33 26.96
N LYS F 292 32.13 -44.71 26.41
CA LYS F 292 32.65 -44.14 25.19
C LYS F 292 32.92 -45.25 24.19
N GLY F 293 33.28 -44.86 22.97
CA GLY F 293 33.40 -45.82 21.89
C GLY F 293 34.48 -46.85 22.13
N ILE F 294 34.33 -47.98 21.45
CA ILE F 294 35.32 -49.05 21.45
C ILE F 294 35.68 -49.34 20.01
N SER F 295 36.97 -49.27 19.69
CA SER F 295 37.41 -49.46 18.32
C SER F 295 37.27 -50.92 17.89
N ASP F 296 37.22 -51.13 16.58
CA ASP F 296 37.07 -52.48 16.04
C ASP F 296 38.25 -53.37 16.44
N LEU F 297 39.47 -52.82 16.39
CA LEU F 297 40.63 -53.59 16.81
C LEU F 297 40.55 -53.95 18.29
N ALA F 298 40.07 -53.02 19.11
CA ALA F 298 39.86 -53.32 20.52
C ALA F 298 38.82 -54.42 20.70
N GLN F 299 37.76 -54.40 19.89
CA GLN F 299 36.77 -55.47 19.94
C GLN F 299 37.41 -56.81 19.58
N HIS F 300 38.28 -56.83 18.58
CA HIS F 300 38.94 -58.08 18.20
C HIS F 300 39.81 -58.59 19.34
N TYR F 301 40.58 -57.69 19.96
CA TYR F 301 41.46 -58.13 21.04
C TYR F 301 40.67 -58.58 22.26
N LEU F 302 39.49 -57.99 22.49
CA LEU F 302 38.66 -58.42 23.60
C LEU F 302 38.02 -59.78 23.32
N MET F 303 37.54 -59.99 22.09
CA MET F 303 36.96 -61.28 21.74
C MET F 303 38.00 -62.39 21.77
N ARG F 304 39.26 -62.07 21.46
CA ARG F 304 40.29 -63.08 21.57
C ARG F 304 40.42 -63.63 22.98
N ALA F 305 39.98 -62.87 23.99
CA ALA F 305 39.97 -63.33 25.36
C ALA F 305 38.56 -63.71 25.83
N ASN F 306 37.61 -63.83 24.91
CA ASN F 306 36.24 -64.25 25.22
C ASN F 306 35.58 -63.27 26.20
N ILE F 307 35.47 -62.03 25.76
CA ILE F 307 34.92 -60.94 26.56
C ILE F 307 33.85 -60.23 25.76
N THR F 308 32.69 -60.02 26.38
CA THR F 308 31.60 -59.28 25.77
C THR F 308 31.75 -57.79 26.08
N ALA F 309 31.54 -56.95 25.08
CA ALA F 309 31.67 -55.52 25.26
C ALA F 309 30.42 -54.80 24.81
N ILE F 310 30.00 -53.82 25.60
CA ILE F 310 28.91 -52.91 25.24
C ILE F 310 29.51 -51.53 25.04
N ARG F 311 29.19 -50.90 23.91
CA ARG F 311 30.03 -49.80 23.44
C ARG F 311 29.78 -48.50 24.19
N ARG F 312 28.58 -47.94 24.10
CA ARG F 312 28.33 -46.57 24.56
C ARG F 312 27.11 -46.55 25.47
N VAL F 313 27.35 -46.55 26.77
CA VAL F 313 26.30 -46.50 27.77
C VAL F 313 26.31 -45.12 28.41
N ARG F 314 25.13 -44.67 28.83
CA ARG F 314 25.01 -43.37 29.46
C ARG F 314 25.68 -43.35 30.83
N LYS F 315 26.01 -42.15 31.30
CA LYS F 315 26.63 -42.01 32.62
C LYS F 315 25.73 -42.54 33.71
N THR F 316 24.44 -42.17 33.68
CA THR F 316 23.52 -42.60 34.73
C THR F 316 23.32 -44.11 34.71
N ASP F 317 23.18 -44.69 33.52
CA ASP F 317 23.03 -46.14 33.42
C ASP F 317 24.28 -46.85 33.91
N ASN F 318 25.45 -46.30 33.60
CA ASN F 318 26.69 -46.92 34.07
C ASN F 318 26.79 -46.84 35.59
N ASN F 319 26.35 -45.73 36.17
CA ASN F 319 26.31 -45.64 37.63
C ASN F 319 25.36 -46.66 38.22
N ARG F 320 24.20 -46.86 37.58
CA ARG F 320 23.26 -47.86 38.05
C ARG F 320 23.87 -49.25 37.99
N ILE F 321 24.59 -49.56 36.92
CA ILE F 321 25.25 -50.86 36.82
C ILE F 321 26.29 -51.01 37.91
N ALA F 322 27.04 -49.95 38.18
CA ALA F 322 28.05 -50.00 39.23
C ALA F 322 27.41 -50.28 40.58
N ARG F 323 26.29 -49.63 40.87
CA ARG F 323 25.59 -49.91 42.13
C ARG F 323 25.05 -51.33 42.18
N ALA F 324 24.49 -51.81 41.07
CA ALA F 324 23.82 -53.10 41.08
C ALA F 324 24.80 -54.26 41.20
N CYS F 325 25.86 -54.25 40.38
CA CYS F 325 26.77 -55.38 40.31
C CYS F 325 27.99 -55.22 41.21
N GLY F 326 28.08 -54.14 41.97
CA GLY F 326 29.20 -53.98 42.88
C GLY F 326 30.51 -53.61 42.23
N ALA F 327 30.47 -53.09 41.00
CA ALA F 327 31.70 -52.68 40.33
C ALA F 327 32.08 -51.26 40.75
N ARG F 328 33.16 -50.76 40.16
CA ARG F 328 33.59 -49.39 40.37
C ARG F 328 34.13 -48.87 39.05
N ILE F 329 33.54 -47.78 38.55
CA ILE F 329 33.93 -47.25 37.25
C ILE F 329 35.36 -46.72 37.33
N VAL F 330 36.19 -47.13 36.37
CA VAL F 330 37.56 -46.67 36.29
C VAL F 330 37.79 -46.07 34.91
N SER F 331 38.82 -45.24 34.81
CA SER F 331 39.12 -44.54 33.56
C SER F 331 40.41 -45.01 32.91
N ARG F 332 41.45 -45.31 33.68
CA ARG F 332 42.70 -45.80 33.12
C ARG F 332 42.83 -47.29 33.46
N PRO F 333 42.65 -48.19 32.49
CA PRO F 333 42.68 -49.62 32.82
C PRO F 333 44.03 -50.11 33.30
N GLU F 334 45.12 -49.38 33.06
CA GLU F 334 46.38 -49.76 33.69
C GLU F 334 46.32 -49.62 35.21
N GLU F 335 45.40 -48.81 35.72
CA GLU F 335 45.17 -48.67 37.15
C GLU F 335 44.07 -49.58 37.66
N LEU F 336 43.51 -50.42 36.80
CA LEU F 336 42.41 -51.29 37.20
C LEU F 336 42.86 -52.26 38.29
N ARG F 337 42.06 -52.37 39.34
CA ARG F 337 42.36 -53.21 40.49
C ARG F 337 41.31 -54.31 40.60
N GLU F 338 41.60 -55.28 41.48
CA GLU F 338 40.69 -56.38 41.70
C GLU F 338 39.38 -55.89 42.32
N ASP F 339 39.46 -54.90 43.22
CA ASP F 339 38.26 -54.39 43.85
C ASP F 339 37.33 -53.72 42.86
N ASP F 340 37.87 -53.16 41.78
CA ASP F 340 37.04 -52.52 40.78
C ASP F 340 36.27 -53.52 39.93
N VAL F 341 36.72 -54.78 39.88
CA VAL F 341 36.04 -55.77 39.07
C VAL F 341 34.70 -56.10 39.72
N GLY F 342 33.64 -56.00 38.93
CA GLY F 342 32.30 -56.17 39.46
C GLY F 342 31.81 -57.60 39.45
N THR F 343 31.90 -58.26 40.59
CA THR F 343 31.29 -59.56 40.79
C THR F 343 30.07 -59.39 41.70
N GLY F 344 29.02 -60.16 41.42
CA GLY F 344 27.79 -60.01 42.15
C GLY F 344 26.59 -60.12 41.25
N ALA F 345 26.77 -59.81 39.97
CA ALA F 345 25.71 -60.03 38.99
C ALA F 345 25.58 -61.52 38.71
N GLY F 346 24.41 -62.07 38.98
CA GLY F 346 24.21 -63.50 38.85
C GLY F 346 23.89 -63.99 37.46
N LEU F 347 23.70 -63.09 36.50
CA LEU F 347 23.42 -63.48 35.12
C LEU F 347 23.45 -62.25 34.25
N LEU F 348 24.01 -62.39 33.04
CA LEU F 348 23.92 -61.38 32.00
C LEU F 348 23.29 -62.02 30.77
N GLU F 349 22.16 -61.50 30.35
CA GLU F 349 21.43 -62.03 29.20
C GLU F 349 21.06 -60.88 28.28
N ILE F 350 21.31 -61.06 27.00
CA ILE F 350 20.95 -60.08 25.98
C ILE F 350 19.91 -60.72 25.08
N LYS F 351 18.66 -60.30 25.21
CA LYS F 351 17.57 -60.86 24.44
C LYS F 351 16.81 -59.73 23.75
N LYS F 352 16.10 -60.10 22.70
CA LYS F 352 15.36 -59.14 21.89
C LYS F 352 13.91 -59.09 22.36
N ILE F 353 13.41 -57.88 22.61
CA ILE F 353 12.02 -57.65 22.94
C ILE F 353 11.40 -56.90 21.78
N GLY F 354 10.48 -57.54 21.07
CA GLY F 354 9.96 -56.97 19.85
C GLY F 354 10.99 -56.97 18.76
N ASP F 355 11.39 -55.78 18.28
CA ASP F 355 12.39 -55.65 17.25
C ASP F 355 13.64 -54.92 17.76
N GLU F 356 13.87 -54.93 19.06
CA GLU F 356 14.96 -54.18 19.65
C GLU F 356 15.66 -55.03 20.70
N TYR F 357 16.98 -54.96 20.73
CA TYR F 357 17.77 -55.73 21.70
C TYR F 357 17.82 -55.01 23.03
N PHE F 358 17.81 -55.79 24.11
CA PHE F 358 17.90 -55.26 25.46
C PHE F 358 18.89 -56.09 26.26
N THR F 359 19.68 -55.42 27.09
CA THR F 359 20.71 -56.06 27.89
C THR F 359 20.26 -56.17 29.34
N PHE F 360 20.32 -57.37 29.90
CA PHE F 360 19.90 -57.62 31.26
C PHE F 360 21.10 -58.02 32.10
N ILE F 361 21.27 -57.36 33.24
CA ILE F 361 22.32 -57.69 34.20
C ILE F 361 21.61 -58.13 35.48
N THR F 362 20.48 -58.80 35.31
CA THR F 362 19.61 -59.16 36.42
C THR F 362 20.25 -60.26 37.26
N ASP F 363 19.50 -60.76 38.23
CA ASP F 363 19.88 -61.85 39.12
C ASP F 363 21.03 -61.49 40.03
N CYS F 364 21.23 -60.22 40.34
CA CYS F 364 22.29 -59.81 41.23
C CYS F 364 22.00 -60.26 42.65
N LYS F 365 23.05 -60.30 43.47
CA LYS F 365 22.93 -60.54 44.90
C LYS F 365 23.24 -59.25 45.63
N ASP F 366 22.32 -58.83 46.49
CA ASP F 366 22.42 -57.58 47.22
C ASP F 366 22.69 -56.38 46.28
N PRO F 367 21.79 -56.10 45.35
CA PRO F 367 21.97 -54.92 44.49
C PRO F 367 21.49 -53.66 45.18
N LYS F 368 22.16 -52.55 44.87
CA LYS F 368 21.77 -51.25 45.40
C LYS F 368 21.12 -50.38 44.34
N ALA F 369 20.81 -50.94 43.17
CA ALA F 369 20.06 -50.25 42.13
C ALA F 369 19.14 -51.24 41.46
N CYS F 370 18.11 -50.73 40.81
CA CYS F 370 17.11 -51.59 40.20
C CYS F 370 16.51 -50.88 38.99
N THR F 371 15.93 -51.68 38.10
CA THR F 371 15.22 -51.18 36.94
C THR F 371 13.82 -51.76 36.95
N ILE F 372 12.82 -50.88 36.93
CA ILE F 372 11.42 -51.30 36.92
C ILE F 372 11.00 -51.42 35.46
N LEU F 373 10.84 -52.66 34.99
CA LEU F 373 10.48 -52.93 33.60
C LEU F 373 8.96 -52.87 33.49
N LEU F 374 8.46 -51.87 32.78
CA LEU F 374 7.03 -51.65 32.62
C LEU F 374 6.62 -51.99 31.20
N ARG F 375 5.63 -52.88 31.06
CA ARG F 375 5.09 -53.26 29.77
C ARG F 375 3.58 -53.05 29.82
N GLY F 376 3.05 -52.38 28.80
CA GLY F 376 1.66 -52.02 28.83
C GLY F 376 1.09 -51.80 27.44
N ALA F 377 -0.11 -51.23 27.42
CA ALA F 377 -0.86 -51.11 26.17
C ALA F 377 -0.17 -50.15 25.20
N SER F 378 0.19 -48.97 25.67
CA SER F 378 0.74 -47.95 24.79
C SER F 378 1.68 -47.06 25.59
N LYS F 379 2.15 -45.97 24.96
CA LYS F 379 3.09 -45.08 25.62
C LYS F 379 2.42 -44.23 26.68
N GLU F 380 1.21 -43.75 26.41
CA GLU F 380 0.53 -42.89 27.38
C GLU F 380 0.12 -43.67 28.63
N ILE F 381 -0.39 -44.88 28.43
CA ILE F 381 -0.74 -45.73 29.57
C ILE F 381 0.50 -46.01 30.41
N LEU F 382 1.61 -46.31 29.75
CA LEU F 382 2.85 -46.59 30.50
C LEU F 382 3.38 -45.35 31.19
N SER F 383 3.24 -44.18 30.58
CA SER F 383 3.67 -42.95 31.25
C SER F 383 2.85 -42.70 32.50
N GLU F 384 1.53 -42.89 32.42
CA GLU F 384 0.70 -42.74 33.61
C GLU F 384 1.07 -43.76 34.67
N VAL F 385 1.33 -45.01 34.27
CA VAL F 385 1.71 -46.03 35.22
C VAL F 385 3.03 -45.68 35.89
N GLU F 386 3.96 -45.12 35.12
CA GLU F 386 5.23 -44.68 35.70
C GLU F 386 5.01 -43.57 36.71
N ARG F 387 4.12 -42.62 36.40
CA ARG F 387 3.82 -41.56 37.36
C ARG F 387 3.23 -42.13 38.64
N ASN F 388 2.33 -43.10 38.51
CA ASN F 388 1.71 -43.68 39.70
C ASN F 388 2.74 -44.44 40.53
N LEU F 389 3.65 -45.16 39.86
CA LEU F 389 4.71 -45.85 40.58
C LEU F 389 5.64 -44.86 41.27
N GLN F 390 5.87 -43.70 40.64
CA GLN F 390 6.65 -42.66 41.30
C GLN F 390 5.97 -42.18 42.58
N ASP F 391 4.65 -41.97 42.51
CA ASP F 391 3.92 -41.59 43.72
C ASP F 391 4.04 -42.65 44.79
N ALA F 392 3.91 -43.92 44.41
CA ALA F 392 4.00 -45.01 45.38
C ALA F 392 5.38 -45.07 46.03
N MET F 393 6.43 -44.95 45.23
CA MET F 393 7.78 -45.00 45.77
C MET F 393 8.06 -43.80 46.68
N GLN F 394 7.55 -42.63 46.32
CA GLN F 394 7.71 -41.46 47.18
C GLN F 394 7.01 -41.69 48.52
N VAL F 395 5.81 -42.26 48.50
CA VAL F 395 5.11 -42.54 49.74
C VAL F 395 5.89 -43.54 50.59
N CYS F 396 6.43 -44.58 49.94
CA CYS F 396 7.21 -45.57 50.68
C CYS F 396 8.44 -44.93 51.32
N ARG F 397 9.14 -44.07 50.59
CA ARG F 397 10.30 -43.38 51.16
C ARG F 397 9.89 -42.49 52.32
N ASN F 398 8.78 -41.77 52.19
CA ASN F 398 8.32 -40.90 53.26
C ASN F 398 8.03 -41.71 54.52
N VAL F 399 7.36 -42.85 54.37
CA VAL F 399 7.07 -43.68 55.53
C VAL F 399 8.36 -44.22 56.14
N LEU F 400 9.31 -44.63 55.31
CA LEU F 400 10.57 -45.17 55.82
C LEU F 400 11.33 -44.11 56.61
N LEU F 401 11.33 -42.87 56.12
CA LEU F 401 12.04 -41.81 56.83
C LEU F 401 11.26 -41.33 58.05
N ASP F 402 9.93 -41.31 57.96
CA ASP F 402 9.07 -40.87 59.06
C ASP F 402 7.97 -41.91 59.26
N PRO F 403 8.02 -42.71 60.31
CA PRO F 403 7.10 -43.86 60.45
C PRO F 403 5.75 -43.54 61.08
N GLN F 404 5.32 -42.29 61.17
CA GLN F 404 4.00 -41.99 61.71
C GLN F 404 2.95 -42.04 60.61
N LEU F 405 1.71 -42.34 61.02
CA LEU F 405 0.59 -42.43 60.11
C LEU F 405 -0.60 -41.66 60.70
N VAL F 406 -1.40 -41.08 59.81
CA VAL F 406 -2.61 -40.36 60.21
C VAL F 406 -3.78 -40.87 59.38
N PRO F 407 -5.01 -40.82 59.92
CA PRO F 407 -6.14 -41.36 59.16
C PRO F 407 -6.41 -40.55 57.90
N GLY F 408 -6.88 -41.25 56.86
CA GLY F 408 -7.17 -40.63 55.59
C GLY F 408 -8.66 -40.42 55.36
N GLY F 409 -9.01 -40.11 54.12
CA GLY F 409 -10.40 -39.92 53.75
C GLY F 409 -11.07 -38.78 54.47
N GLY F 410 -10.33 -37.73 54.80
CA GLY F 410 -10.90 -36.57 55.47
C GLY F 410 -11.02 -36.69 56.97
N ALA F 411 -10.71 -37.85 57.55
CA ALA F 411 -10.80 -37.99 58.99
C ALA F 411 -9.82 -37.04 59.69
N SER F 412 -8.59 -36.94 59.17
CA SER F 412 -7.63 -36.02 59.75
C SER F 412 -8.12 -34.58 59.63
N GLU F 413 -8.70 -34.22 58.49
CA GLU F 413 -9.20 -32.87 58.30
C GLU F 413 -10.27 -32.53 59.32
N MET F 414 -11.22 -33.45 59.50
CA MET F 414 -12.31 -33.19 60.45
C MET F 414 -11.78 -33.13 61.88
N ALA F 415 -10.86 -34.02 62.24
CA ALA F 415 -10.31 -33.99 63.60
C ALA F 415 -9.58 -32.69 63.87
N VAL F 416 -8.75 -32.26 62.92
CA VAL F 416 -8.01 -31.02 63.09
C VAL F 416 -8.96 -29.84 63.16
N ALA F 417 -9.99 -29.83 62.31
CA ALA F 417 -10.97 -28.74 62.35
C ALA F 417 -11.67 -28.68 63.69
N HIS F 418 -12.07 -29.83 64.24
CA HIS F 418 -12.74 -29.83 65.53
C HIS F 418 -11.83 -29.35 66.64
N ALA F 419 -10.57 -29.80 66.64
CA ALA F 419 -9.64 -29.36 67.66
C ALA F 419 -9.39 -27.85 67.56
N LEU F 420 -9.24 -27.35 66.34
CA LEU F 420 -9.03 -25.92 66.13
C LEU F 420 -10.23 -25.12 66.62
N THR F 421 -11.44 -25.59 66.33
CA THR F 421 -12.63 -24.90 66.81
C THR F 421 -12.70 -24.89 68.33
N GLU F 422 -12.38 -26.02 68.96
CA GLU F 422 -12.41 -26.08 70.41
C GLU F 422 -11.39 -25.13 71.03
N LYS F 423 -10.20 -25.07 70.44
CA LYS F 423 -9.20 -24.10 70.93
C LYS F 423 -9.68 -22.67 70.71
N SER F 424 -10.31 -22.40 69.57
CA SER F 424 -10.78 -21.07 69.26
C SER F 424 -11.89 -20.62 70.19
N LYS F 425 -12.63 -21.56 70.77
CA LYS F 425 -13.72 -21.20 71.67
C LYS F 425 -13.22 -20.42 72.88
N ALA F 426 -11.92 -20.43 73.16
CA ALA F 426 -11.35 -19.72 74.30
C ALA F 426 -10.54 -18.50 73.90
N MET F 427 -10.78 -17.92 72.74
CA MET F 427 -10.11 -16.67 72.37
C MET F 427 -11.10 -15.52 72.37
N THR F 428 -10.68 -14.38 72.91
CA THR F 428 -11.50 -13.19 73.01
C THR F 428 -11.11 -12.11 72.04
N GLY F 429 -10.00 -12.25 71.32
CA GLY F 429 -9.56 -11.24 70.40
C GLY F 429 -10.35 -11.25 69.10
N VAL F 430 -10.03 -10.29 68.24
CA VAL F 430 -10.70 -10.20 66.95
C VAL F 430 -10.21 -11.25 65.97
N GLU F 431 -9.07 -11.88 66.25
CA GLU F 431 -8.48 -12.84 65.32
C GLU F 431 -9.14 -14.21 65.38
N GLN F 432 -10.09 -14.42 66.30
CA GLN F 432 -10.72 -15.73 66.40
C GLN F 432 -11.54 -16.06 65.16
N TRP F 433 -12.17 -15.06 64.55
CA TRP F 433 -13.02 -15.32 63.40
C TRP F 433 -12.26 -15.88 62.21
N PRO F 434 -11.16 -15.29 61.74
CA PRO F 434 -10.39 -15.97 60.69
C PRO F 434 -9.80 -17.30 61.12
N TYR F 435 -9.48 -17.45 62.40
CA TYR F 435 -9.01 -18.71 62.94
C TYR F 435 -10.06 -19.81 62.72
N ARG F 436 -11.29 -19.56 63.15
CA ARG F 436 -12.36 -20.52 62.93
C ARG F 436 -12.63 -20.69 61.44
N ALA F 437 -12.51 -19.62 60.67
CA ALA F 437 -12.79 -19.69 59.25
C ALA F 437 -11.85 -20.66 58.56
N VAL F 438 -10.56 -20.57 58.85
CA VAL F 438 -9.62 -21.51 58.23
C VAL F 438 -9.79 -22.90 58.82
N ALA F 439 -10.16 -23.00 60.10
CA ALA F 439 -10.45 -24.30 60.68
C ALA F 439 -11.53 -25.02 59.90
N GLN F 440 -12.65 -24.35 59.62
CA GLN F 440 -13.70 -24.98 58.83
C GLN F 440 -13.35 -25.07 57.35
N ALA F 441 -12.50 -24.18 56.84
CA ALA F 441 -12.04 -24.30 55.47
C ALA F 441 -11.22 -25.55 55.27
N LEU F 442 -10.62 -26.07 56.34
CA LEU F 442 -9.90 -27.34 56.24
C LEU F 442 -10.82 -28.49 55.90
N GLU F 443 -12.14 -28.31 56.02
CA GLU F 443 -13.11 -29.35 55.74
C GLU F 443 -13.39 -29.54 54.26
N VAL F 444 -12.60 -28.92 53.39
CA VAL F 444 -12.91 -29.00 51.96
C VAL F 444 -12.54 -30.37 51.41
N ILE F 445 -11.57 -31.05 52.02
CA ILE F 445 -11.17 -32.38 51.52
C ILE F 445 -12.30 -33.39 51.62
N PRO F 446 -12.93 -33.60 52.78
CA PRO F 446 -14.07 -34.53 52.80
C PRO F 446 -15.22 -34.08 51.93
N ARG F 447 -15.47 -32.77 51.82
CA ARG F 447 -16.52 -32.30 50.94
C ARG F 447 -16.23 -32.65 49.49
N THR F 448 -14.99 -32.47 49.06
CA THR F 448 -14.63 -32.83 47.70
C THR F 448 -14.74 -34.34 47.48
N LEU F 449 -14.34 -35.12 48.48
CA LEU F 449 -14.48 -36.57 48.36
C LEU F 449 -15.94 -36.96 48.19
N ILE F 450 -16.82 -36.35 48.98
CA ILE F 450 -18.25 -36.66 48.87
C ILE F 450 -18.79 -36.23 47.51
N GLN F 451 -18.40 -35.04 47.06
CA GLN F 451 -18.89 -34.55 45.77
C GLN F 451 -18.44 -35.45 44.64
N ASN F 452 -17.19 -35.90 44.65
CA ASN F 452 -16.71 -36.80 43.61
C ASN F 452 -17.36 -38.18 43.72
N CYS F 453 -17.67 -38.62 44.94
CA CYS F 453 -18.39 -39.88 45.08
C CYS F 453 -19.80 -39.80 44.52
N GLY F 454 -20.40 -38.61 44.54
CA GLY F 454 -21.76 -38.43 44.07
C GLY F 454 -22.81 -38.40 45.15
N ALA F 455 -22.42 -38.43 46.42
CA ALA F 455 -23.37 -38.43 47.52
C ALA F 455 -23.78 -37.00 47.87
N SER F 456 -24.64 -36.87 48.87
CA SER F 456 -25.11 -35.55 49.29
C SER F 456 -24.08 -34.92 50.21
N THR F 457 -23.61 -33.73 49.85
CA THR F 457 -22.56 -33.08 50.62
C THR F 457 -23.07 -32.67 52.00
N ILE F 458 -24.24 -32.04 52.05
CA ILE F 458 -24.67 -31.41 53.29
C ILE F 458 -24.97 -32.44 54.38
N ARG F 459 -25.72 -33.49 54.03
CA ARG F 459 -26.13 -34.45 55.06
C ARG F 459 -24.94 -35.24 55.56
N LEU F 460 -24.13 -35.76 54.64
CA LEU F 460 -22.96 -36.53 55.05
C LEU F 460 -21.98 -35.68 55.84
N LEU F 461 -21.73 -34.45 55.39
CA LEU F 461 -20.79 -33.58 56.10
C LEU F 461 -21.30 -33.23 57.49
N THR F 462 -22.60 -32.94 57.62
CA THR F 462 -23.14 -32.63 58.94
C THR F 462 -23.05 -33.82 59.87
N SER F 463 -23.38 -35.02 59.36
CA SER F 463 -23.28 -36.22 60.19
C SER F 463 -21.83 -36.48 60.59
N LEU F 464 -20.90 -36.27 59.67
CA LEU F 464 -19.48 -36.47 59.98
C LEU F 464 -19.00 -35.49 61.03
N ARG F 465 -19.41 -34.23 60.93
CA ARG F 465 -19.04 -33.25 61.94
C ARG F 465 -19.62 -33.62 63.30
N ALA F 466 -20.88 -34.04 63.33
CA ALA F 466 -21.48 -34.46 64.59
C ALA F 466 -20.75 -35.66 65.17
N LYS F 467 -20.34 -36.60 64.33
CA LYS F 467 -19.57 -37.74 64.81
C LYS F 467 -18.24 -37.30 65.39
N HIS F 468 -17.56 -36.36 64.72
CA HIS F 468 -16.28 -35.89 65.21
C HIS F 468 -16.40 -35.05 66.46
N THR F 469 -17.60 -34.55 66.78
CA THR F 469 -17.78 -33.85 68.04
C THR F 469 -17.70 -34.77 69.25
N GLN F 470 -17.71 -36.08 69.05
CA GLN F 470 -17.60 -37.03 70.16
C GLN F 470 -16.14 -37.15 70.58
N GLU F 471 -15.84 -38.07 71.50
CA GLU F 471 -14.50 -38.13 72.07
C GLU F 471 -13.53 -38.90 71.19
N ASN F 472 -13.73 -40.22 71.04
CA ASN F 472 -12.81 -41.06 70.29
C ASN F 472 -13.38 -41.30 68.90
N CYS F 473 -13.28 -40.29 68.05
CA CYS F 473 -13.78 -40.40 66.69
C CYS F 473 -12.84 -39.72 65.70
N GLU F 474 -11.56 -39.61 66.05
CA GLU F 474 -10.61 -38.93 65.17
C GLU F 474 -10.34 -39.71 63.89
N THR F 475 -10.67 -40.99 63.85
CA THR F 475 -10.39 -41.83 62.70
C THR F 475 -11.64 -42.08 61.85
N TRP F 476 -12.66 -41.23 61.98
CA TRP F 476 -13.91 -41.37 61.25
C TRP F 476 -13.86 -40.49 60.02
N GLY F 477 -13.78 -41.10 58.85
CA GLY F 477 -13.76 -40.35 57.60
C GLY F 477 -14.93 -40.69 56.73
N VAL F 478 -14.79 -40.51 55.42
CA VAL F 478 -15.84 -40.81 54.46
C VAL F 478 -15.34 -41.89 53.51
N ASN F 479 -16.16 -42.91 53.28
CA ASN F 479 -15.83 -43.93 52.30
C ASN F 479 -15.90 -43.33 50.91
N GLY F 480 -14.82 -43.47 50.16
CA GLY F 480 -14.73 -42.82 48.86
C GLY F 480 -15.53 -43.46 47.76
N GLU F 481 -16.01 -44.68 47.96
CA GLU F 481 -16.80 -45.38 46.95
C GLU F 481 -18.29 -45.39 47.26
N THR F 482 -18.68 -45.81 48.45
CA THR F 482 -20.09 -45.97 48.79
C THR F 482 -20.71 -44.70 49.35
N GLY F 483 -19.93 -43.66 49.60
CA GLY F 483 -20.46 -42.43 50.14
C GLY F 483 -21.08 -42.60 51.52
N THR F 484 -20.39 -43.29 52.41
CA THR F 484 -20.85 -43.48 53.77
C THR F 484 -19.70 -43.21 54.74
N LEU F 485 -20.06 -42.84 55.96
CA LEU F 485 -19.06 -42.60 56.99
C LEU F 485 -18.61 -43.92 57.59
N VAL F 486 -17.30 -44.15 57.64
CA VAL F 486 -16.73 -45.35 58.22
C VAL F 486 -15.55 -44.97 59.08
N ASP F 487 -15.21 -45.86 60.01
CA ASP F 487 -14.01 -45.69 60.81
C ASP F 487 -12.82 -46.20 60.01
N MET F 488 -11.81 -45.35 59.86
CA MET F 488 -10.66 -45.73 59.05
C MET F 488 -9.79 -46.79 59.71
N LYS F 489 -10.03 -47.11 60.98
CA LYS F 489 -9.42 -48.30 61.56
C LYS F 489 -9.88 -49.56 60.84
N GLU F 490 -11.07 -49.53 60.25
CA GLU F 490 -11.61 -50.65 59.50
C GLU F 490 -11.34 -50.54 58.00
N LEU F 491 -11.60 -49.37 57.42
CA LEU F 491 -11.35 -49.20 55.99
C LEU F 491 -9.86 -49.32 55.68
N GLY F 492 -9.01 -48.78 56.55
CA GLY F 492 -7.58 -48.93 56.40
C GLY F 492 -6.90 -47.90 55.52
N ILE F 493 -7.53 -46.75 55.28
CA ILE F 493 -6.93 -45.69 54.50
C ILE F 493 -6.10 -44.82 55.43
N TRP F 494 -4.79 -44.89 55.30
CA TRP F 494 -3.87 -44.08 56.10
C TRP F 494 -2.85 -43.43 55.17
N GLU F 495 -2.40 -42.25 55.56
CA GLU F 495 -1.40 -41.54 54.78
C GLU F 495 -0.27 -41.07 55.69
N PRO F 496 0.95 -40.95 55.15
CA PRO F 496 2.08 -40.58 55.99
C PRO F 496 1.89 -39.22 56.64
N LEU F 497 2.41 -39.09 57.86
CA LEU F 497 2.31 -37.83 58.57
C LEU F 497 3.04 -36.72 57.82
N ALA F 498 4.18 -37.06 57.21
CA ALA F 498 4.95 -36.06 56.49
C ALA F 498 4.14 -35.44 55.35
N VAL F 499 3.37 -36.26 54.64
CA VAL F 499 2.58 -35.75 53.52
C VAL F 499 1.56 -34.74 54.01
N LYS F 500 0.84 -35.07 55.09
CA LYS F 500 -0.18 -34.17 55.61
C LYS F 500 0.45 -32.89 56.14
N LEU F 501 1.55 -33.00 56.86
CA LEU F 501 2.22 -31.81 57.39
C LEU F 501 2.65 -30.90 56.27
N GLN F 502 3.28 -31.46 55.24
CA GLN F 502 3.72 -30.64 54.11
C GLN F 502 2.54 -30.01 53.41
N THR F 503 1.45 -30.75 53.23
CA THR F 503 0.27 -30.21 52.55
C THR F 503 -0.28 -29.01 53.31
N TYR F 504 -0.48 -29.17 54.63
CA TYR F 504 -1.05 -28.08 55.42
C TYR F 504 -0.13 -26.87 55.42
N LYS F 505 1.18 -27.10 55.62
CA LYS F 505 2.12 -25.99 55.64
C LYS F 505 2.10 -25.24 54.32
N THR F 506 2.18 -25.96 53.21
CA THR F 506 2.23 -25.31 51.91
C THR F 506 0.94 -24.54 51.64
N ALA F 507 -0.21 -25.12 51.97
CA ALA F 507 -1.47 -24.43 51.73
C ALA F 507 -1.55 -23.15 52.54
N VAL F 508 -1.26 -23.23 53.83
CA VAL F 508 -1.37 -22.05 54.70
C VAL F 508 -0.40 -20.97 54.25
N GLU F 509 0.83 -21.35 53.91
CA GLU F 509 1.81 -20.33 53.55
C GLU F 509 1.56 -19.76 52.16
N THR F 510 0.97 -20.53 51.25
CA THR F 510 0.53 -19.95 49.99
C THR F 510 -0.57 -18.93 50.22
N ALA F 511 -1.52 -19.26 51.11
CA ALA F 511 -2.55 -18.28 51.44
C ALA F 511 -1.94 -17.02 52.04
N VAL F 512 -0.95 -17.18 52.91
CA VAL F 512 -0.28 -16.03 53.52
C VAL F 512 0.39 -15.19 52.44
N LEU F 513 1.11 -15.84 51.52
CA LEU F 513 1.84 -15.13 50.48
C LEU F 513 0.88 -14.33 49.60
N LEU F 514 -0.24 -14.94 49.22
CA LEU F 514 -1.17 -14.23 48.35
C LEU F 514 -1.97 -13.18 49.11
N LEU F 515 -2.12 -13.31 50.42
CA LEU F 515 -2.79 -12.28 51.21
C LEU F 515 -1.90 -11.07 51.43
N ARG F 516 -0.59 -11.27 51.51
CA ARG F 516 0.32 -10.15 51.73
C ARG F 516 0.38 -9.19 50.54
N ILE F 517 -0.18 -9.56 49.41
CA ILE F 517 0.13 -8.94 48.13
C ILE F 517 -0.92 -7.89 47.77
N ASP F 518 -0.44 -6.75 47.28
CA ASP F 518 -1.28 -5.67 46.80
C ASP F 518 -0.49 -4.89 45.76
N ASP F 519 -1.20 -4.07 44.97
CA ASP F 519 -0.57 -3.13 44.05
C ASP F 519 0.32 -3.87 43.04
N ILE F 520 -0.34 -4.66 42.19
CA ILE F 520 0.35 -5.35 41.11
C ILE F 520 0.88 -4.34 40.11
N VAL F 521 2.14 -4.50 39.72
CA VAL F 521 2.78 -3.66 38.70
C VAL F 521 3.31 -4.57 37.61
N SER F 522 2.99 -4.23 36.36
CA SER F 522 3.37 -5.10 35.25
C SER F 522 3.66 -4.25 34.01
N GLY F 523 4.42 -4.84 33.09
CA GLY F 523 4.71 -4.23 31.80
C GLY F 523 6.19 -3.92 31.59
N HIS F 524 6.92 -3.68 32.66
CA HIS F 524 8.31 -3.27 32.53
C HIS F 524 9.18 -4.42 32.01
N LYS F 525 10.16 -4.07 31.19
CA LYS F 525 11.11 -5.04 30.66
C LYS F 525 12.29 -5.21 31.62
N LYS F 526 12.89 -6.40 31.58
CA LYS F 526 14.05 -6.71 32.41
C LYS F 526 15.16 -5.68 32.27
N MET G 1 -15.91 -29.75 -21.52
CA MET G 1 -15.15 -30.62 -20.62
C MET G 1 -15.62 -30.44 -19.18
N MET G 2 -15.00 -31.18 -18.27
CA MET G 2 -15.39 -31.22 -16.87
C MET G 2 -14.17 -31.01 -15.97
N PRO G 3 -14.40 -30.56 -14.73
CA PRO G 3 -13.27 -30.35 -13.82
C PRO G 3 -12.44 -31.60 -13.56
N THR G 4 -13.05 -32.79 -13.57
CA THR G 4 -12.33 -34.03 -13.31
C THR G 4 -11.57 -33.94 -11.99
N PRO G 5 -12.27 -34.10 -10.85
CA PRO G 5 -11.71 -33.76 -9.52
C PRO G 5 -10.21 -33.99 -9.36
N VAL G 6 -9.71 -35.12 -9.83
CA VAL G 6 -8.28 -35.37 -9.90
C VAL G 6 -7.89 -35.32 -11.38
N ILE G 7 -7.18 -34.27 -11.78
CA ILE G 7 -6.86 -34.07 -13.18
C ILE G 7 -5.69 -34.97 -13.57
N LEU G 8 -5.65 -35.32 -14.86
CA LEU G 8 -4.67 -36.30 -15.34
C LEU G 8 -3.26 -35.71 -15.35
N LEU G 9 -3.05 -34.66 -16.14
CA LEU G 9 -1.75 -34.02 -16.21
C LEU G 9 -1.67 -32.85 -15.25
N LYS G 10 -0.46 -32.33 -15.06
CA LYS G 10 -0.28 -31.20 -14.16
C LYS G 10 -1.03 -29.99 -14.66
N GLU G 11 -1.55 -29.20 -13.73
CA GLU G 11 -2.32 -28.01 -14.09
C GLU G 11 -1.45 -27.04 -14.88
N GLY G 12 -2.04 -26.43 -15.90
CA GLY G 12 -1.32 -25.51 -16.77
C GLY G 12 -0.73 -26.12 -18.02
N THR G 13 -0.88 -27.43 -18.21
CA THR G 13 -0.38 -28.06 -19.43
C THR G 13 -1.18 -27.59 -20.64
N ASP G 14 -0.47 -27.15 -21.67
CA ASP G 14 -1.09 -26.69 -22.89
C ASP G 14 -0.97 -27.77 -23.96
N SER G 15 -2.10 -28.13 -24.57
CA SER G 15 -2.14 -29.16 -25.58
C SER G 15 -2.79 -28.61 -26.84
N SER G 16 -2.27 -29.03 -28.00
CA SER G 16 -2.82 -28.64 -29.28
C SER G 16 -2.59 -29.77 -30.26
N GLN G 17 -3.64 -30.20 -30.94
CA GLN G 17 -3.53 -31.32 -31.87
C GLN G 17 -4.47 -31.11 -33.05
N GLY G 18 -4.17 -31.81 -34.13
CA GLY G 18 -4.99 -31.76 -35.32
C GLY G 18 -4.39 -30.88 -36.40
N ILE G 19 -5.21 -30.65 -37.43
CA ILE G 19 -4.80 -29.78 -38.53
C ILE G 19 -4.44 -28.38 -38.05
N PRO G 20 -5.21 -27.73 -37.16
CA PRO G 20 -4.87 -26.35 -36.80
C PRO G 20 -3.45 -26.17 -36.27
N GLN G 21 -2.95 -27.10 -35.47
CA GLN G 21 -1.60 -26.92 -34.95
C GLN G 21 -0.56 -27.10 -36.03
N LEU G 22 -0.81 -27.98 -37.01
CA LEU G 22 0.10 -28.11 -38.13
C LEU G 22 0.13 -26.84 -38.97
N VAL G 23 -1.05 -26.24 -39.20
CA VAL G 23 -1.10 -24.99 -39.93
C VAL G 23 -0.36 -23.90 -39.16
N SER G 24 -0.52 -23.86 -37.85
CA SER G 24 0.19 -22.88 -37.04
C SER G 24 1.70 -23.09 -37.12
N ASN G 25 2.13 -24.35 -37.13
CA ASN G 25 3.56 -24.64 -37.26
C ASN G 25 4.09 -24.12 -38.59
N ILE G 26 3.33 -24.34 -39.67
CA ILE G 26 3.76 -23.84 -40.98
C ILE G 26 3.85 -22.31 -40.94
N SER G 27 2.87 -21.65 -40.32
CA SER G 27 2.89 -20.20 -40.24
C SER G 27 4.10 -19.70 -39.46
N ALA G 28 4.43 -20.38 -38.37
CA ALA G 28 5.62 -20.00 -37.59
C ALA G 28 6.89 -20.16 -38.42
N CYS G 29 6.96 -21.22 -39.22
CA CYS G 29 8.11 -21.39 -40.09
C CYS G 29 8.19 -20.26 -41.11
N GLN G 30 7.05 -19.84 -41.65
CA GLN G 30 7.03 -18.68 -42.53
C GLN G 30 7.55 -17.44 -41.83
N VAL G 31 7.15 -17.25 -40.58
CA VAL G 31 7.61 -16.07 -39.83
C VAL G 31 9.12 -16.09 -39.68
N ILE G 32 9.68 -17.25 -39.36
CA ILE G 32 11.14 -17.36 -39.23
C ILE G 32 11.82 -17.08 -40.56
N ALA G 33 11.29 -17.62 -41.65
CA ALA G 33 11.91 -17.39 -42.95
C ALA G 33 11.87 -15.91 -43.33
N GLU G 34 10.80 -15.22 -42.96
CA GLU G 34 10.70 -13.80 -43.28
C GLU G 34 11.82 -12.99 -42.63
N ALA G 35 12.35 -13.48 -41.50
CA ALA G 35 13.39 -12.74 -40.79
C ALA G 35 14.69 -12.66 -41.58
N VAL G 36 14.95 -13.62 -42.46
CA VAL G 36 16.17 -13.63 -43.25
C VAL G 36 15.90 -13.55 -44.74
N ARG G 37 14.67 -13.17 -45.11
CA ARG G 37 14.28 -13.20 -46.52
C ARG G 37 15.09 -12.21 -47.35
N THR G 38 15.33 -11.01 -46.82
CA THR G 38 15.95 -9.94 -47.58
C THR G 38 17.47 -9.97 -47.52
N THR G 39 18.06 -10.96 -46.84
CA THR G 39 19.51 -11.06 -46.73
C THR G 39 20.13 -11.85 -47.85
N LEU G 40 19.35 -12.34 -48.80
CA LEU G 40 19.81 -13.29 -49.80
C LEU G 40 20.14 -12.57 -51.11
N GLY G 41 21.33 -12.81 -51.63
CA GLY G 41 21.71 -12.31 -52.93
C GLY G 41 22.70 -11.18 -52.86
N PRO G 42 23.29 -10.82 -54.01
CA PRO G 42 24.18 -9.65 -54.05
C PRO G 42 23.49 -8.36 -53.68
N ARG G 43 22.16 -8.29 -53.81
CA ARG G 43 21.39 -7.15 -53.37
C ARG G 43 20.80 -7.34 -51.98
N GLY G 44 21.27 -8.34 -51.25
CA GLY G 44 20.77 -8.56 -49.90
C GLY G 44 21.19 -7.46 -48.95
N MET G 45 20.42 -7.32 -47.88
CA MET G 45 20.65 -6.28 -46.89
C MET G 45 20.89 -6.92 -45.52
N ASP G 46 21.70 -6.24 -44.72
CA ASP G 46 22.05 -6.76 -43.40
C ASP G 46 20.92 -6.51 -42.41
N LYS G 47 20.99 -7.21 -41.28
CA LYS G 47 20.04 -7.05 -40.19
C LYS G 47 20.79 -6.69 -38.92
N LEU G 48 20.19 -5.84 -38.10
CA LEU G 48 20.77 -5.41 -36.84
C LEU G 48 19.93 -5.94 -35.69
N ILE G 49 20.58 -6.66 -34.77
CA ILE G 49 19.91 -7.23 -33.61
C ILE G 49 20.61 -6.71 -32.37
N VAL G 50 19.82 -6.22 -31.41
CA VAL G 50 20.32 -5.71 -30.14
C VAL G 50 19.90 -6.67 -29.04
N ASP G 51 20.85 -7.11 -28.23
CA ASP G 51 20.54 -7.97 -27.12
C ASP G 51 20.08 -7.15 -25.92
N GLY G 52 19.76 -7.83 -24.81
CA GLY G 52 19.33 -7.13 -23.63
C GLY G 52 20.42 -6.24 -23.05
N ARG G 53 21.67 -6.69 -23.12
CA ARG G 53 22.79 -5.90 -22.62
C ARG G 53 23.04 -4.63 -23.42
N GLY G 54 22.47 -4.52 -24.61
CA GLY G 54 22.62 -3.34 -25.43
C GLY G 54 23.60 -3.50 -26.58
N LYS G 55 24.37 -4.59 -26.61
CA LYS G 55 25.29 -4.80 -27.72
C LYS G 55 24.53 -5.09 -29.00
N ALA G 56 24.98 -4.49 -30.10
CA ALA G 56 24.33 -4.63 -31.39
C ALA G 56 25.18 -5.52 -32.28
N THR G 57 24.53 -6.48 -32.93
CA THR G 57 25.18 -7.37 -33.89
C THR G 57 24.60 -7.10 -35.27
N ILE G 58 25.46 -6.75 -36.22
CA ILE G 58 25.07 -6.46 -37.59
C ILE G 58 25.58 -7.59 -38.46
N SER G 59 24.67 -8.27 -39.16
CA SER G 59 25.07 -9.46 -39.90
C SER G 59 24.22 -9.64 -41.14
N ASN G 60 24.81 -10.31 -42.13
CA ASN G 60 24.12 -10.81 -43.30
C ASN G 60 24.01 -12.33 -43.30
N ASP G 61 24.70 -13.00 -42.37
CA ASP G 61 24.68 -14.45 -42.29
C ASP G 61 23.36 -14.92 -41.71
N GLY G 62 22.69 -15.83 -42.43
CA GLY G 62 21.40 -16.31 -41.96
C GLY G 62 21.48 -17.05 -40.65
N ALA G 63 22.50 -17.90 -40.49
CA ALA G 63 22.66 -18.65 -39.25
C ALA G 63 22.87 -17.72 -38.07
N THR G 64 23.69 -16.68 -38.26
CA THR G 64 23.93 -15.74 -37.18
C THR G 64 22.65 -15.01 -36.79
N ILE G 65 21.87 -14.56 -37.78
CA ILE G 65 20.64 -13.85 -37.49
C ILE G 65 19.68 -14.75 -36.74
N LEU G 66 19.55 -16.01 -37.19
CA LEU G 66 18.63 -16.93 -36.52
C LEU G 66 19.09 -17.23 -35.10
N LYS G 67 20.40 -17.38 -34.89
CA LYS G 67 20.92 -17.62 -33.55
C LYS G 67 20.64 -16.44 -32.63
N LEU G 68 20.87 -15.22 -33.12
CA LEU G 68 20.62 -14.05 -32.29
C LEU G 68 19.14 -13.88 -31.98
N LEU G 69 18.27 -14.22 -32.93
CA LEU G 69 16.85 -14.30 -32.62
C LEU G 69 16.62 -15.38 -31.57
N ASP G 70 15.87 -15.05 -30.52
CA ASP G 70 15.62 -16.00 -29.45
C ASP G 70 14.29 -16.67 -29.72
N VAL G 71 14.33 -17.71 -30.56
CA VAL G 71 13.13 -18.41 -30.98
C VAL G 71 12.76 -19.45 -29.94
N VAL G 72 11.48 -19.48 -29.55
CA VAL G 72 10.98 -20.43 -28.57
C VAL G 72 9.85 -21.29 -29.12
N HIS G 73 9.42 -21.07 -30.35
CA HIS G 73 8.40 -21.91 -30.94
C HIS G 73 8.99 -23.28 -31.24
N PRO G 74 8.37 -24.37 -30.77
CA PRO G 74 8.98 -25.69 -30.98
C PRO G 74 9.17 -26.05 -32.44
N ALA G 75 8.21 -25.70 -33.30
CA ALA G 75 8.33 -26.02 -34.71
C ALA G 75 9.30 -25.09 -35.42
N ALA G 76 9.35 -23.82 -35.00
CA ALA G 76 10.21 -22.86 -35.67
C ALA G 76 11.68 -23.11 -35.35
N LYS G 77 11.98 -23.75 -34.22
CA LYS G 77 13.36 -24.03 -33.87
C LYS G 77 14.03 -24.98 -34.84
N THR G 78 13.23 -25.77 -35.58
CA THR G 78 13.82 -26.69 -36.54
C THR G 78 14.56 -25.94 -37.64
N LEU G 79 14.03 -24.81 -38.08
CA LEU G 79 14.71 -24.04 -39.11
C LEU G 79 16.02 -23.44 -38.59
N VAL G 80 16.03 -22.97 -37.35
CA VAL G 80 17.28 -22.50 -36.77
C VAL G 80 18.29 -23.64 -36.69
N ASP G 81 17.83 -24.83 -36.29
CA ASP G 81 18.73 -25.97 -36.19
C ASP G 81 19.29 -26.36 -37.55
N ILE G 82 18.46 -26.35 -38.58
CA ILE G 82 18.98 -26.73 -39.90
C ILE G 82 19.90 -25.65 -40.44
N ALA G 83 19.67 -24.38 -40.09
CA ALA G 83 20.62 -23.34 -40.46
C ALA G 83 21.96 -23.59 -39.79
N LYS G 84 21.96 -23.95 -38.51
CA LYS G 84 23.20 -24.28 -37.83
C LYS G 84 23.86 -25.50 -38.46
N SER G 85 23.06 -26.49 -38.85
CA SER G 85 23.61 -27.69 -39.49
C SER G 85 24.27 -27.35 -40.82
N GLN G 86 23.63 -26.52 -41.62
CA GLN G 86 24.23 -26.10 -42.89
C GLN G 86 25.51 -25.31 -42.66
N ASP G 87 25.51 -24.44 -41.65
CA ASP G 87 26.72 -23.70 -41.33
C ASP G 87 27.85 -24.63 -40.92
N ALA G 88 27.54 -25.64 -40.11
CA ALA G 88 28.56 -26.55 -39.62
C ALA G 88 29.12 -27.41 -40.75
N GLU G 89 28.25 -28.04 -41.52
CA GLU G 89 28.70 -29.01 -42.51
C GLU G 89 29.29 -28.33 -43.75
N VAL G 90 28.71 -27.20 -44.16
CA VAL G 90 29.10 -26.55 -45.41
C VAL G 90 29.72 -25.18 -45.16
N GLY G 91 29.03 -24.32 -44.43
CA GLY G 91 29.52 -22.98 -44.15
C GLY G 91 28.84 -21.88 -44.95
N ASP G 92 28.12 -22.23 -46.01
CA ASP G 92 27.36 -21.25 -46.79
C ASP G 92 26.02 -21.85 -47.14
N GLY G 93 25.07 -20.99 -47.49
CA GLY G 93 23.72 -21.42 -47.78
C GLY G 93 22.81 -21.51 -46.60
N THR G 94 23.12 -20.81 -45.50
CA THR G 94 22.27 -20.86 -44.32
C THR G 94 20.98 -20.09 -44.50
N THR G 95 20.90 -19.21 -45.50
CA THR G 95 19.62 -18.57 -45.81
C THR G 95 18.80 -19.45 -46.75
N SER G 96 19.48 -20.13 -47.68
CA SER G 96 18.78 -20.96 -48.65
C SER G 96 18.06 -22.11 -47.98
N VAL G 97 18.66 -22.70 -46.95
CA VAL G 97 18.01 -23.83 -46.27
C VAL G 97 16.70 -23.38 -45.66
N THR G 98 16.71 -22.25 -44.95
CA THR G 98 15.49 -21.78 -44.31
C THR G 98 14.44 -21.41 -45.34
N LEU G 99 14.85 -20.70 -46.40
CA LEU G 99 13.89 -20.33 -47.43
C LEU G 99 13.27 -21.55 -48.08
N LEU G 100 14.09 -22.56 -48.38
CA LEU G 100 13.57 -23.77 -49.02
C LEU G 100 12.64 -24.54 -48.11
N ALA G 101 12.99 -24.67 -46.82
CA ALA G 101 12.13 -25.40 -45.90
C ALA G 101 10.79 -24.70 -45.75
N ALA G 102 10.83 -23.38 -45.55
CA ALA G 102 9.59 -22.64 -45.41
C ALA G 102 8.76 -22.72 -46.67
N GLU G 103 9.39 -22.69 -47.84
CA GLU G 103 8.63 -22.75 -49.08
C GLU G 103 8.02 -24.13 -49.28
N PHE G 104 8.73 -25.20 -48.91
CA PHE G 104 8.14 -26.53 -48.96
C PHE G 104 6.88 -26.59 -48.10
N LEU G 105 7.00 -26.12 -46.85
CA LEU G 105 5.85 -26.17 -45.96
C LEU G 105 4.70 -25.32 -46.48
N LYS G 106 5.02 -24.13 -47.02
CA LYS G 106 3.97 -23.27 -47.55
C LYS G 106 3.27 -23.92 -48.74
N GLN G 107 4.04 -24.56 -49.61
CA GLN G 107 3.46 -25.19 -50.79
C GLN G 107 2.53 -26.34 -50.39
N VAL G 108 2.91 -27.12 -49.37
CA VAL G 108 2.05 -28.24 -48.98
C VAL G 108 0.99 -27.86 -47.97
N LYS G 109 0.98 -26.62 -47.48
CA LYS G 109 -0.08 -26.22 -46.56
C LYS G 109 -1.49 -26.35 -47.14
N PRO G 110 -1.77 -25.94 -48.39
CA PRO G 110 -3.14 -26.14 -48.90
C PRO G 110 -3.58 -27.59 -48.88
N TYR G 111 -2.68 -28.52 -49.20
CA TYR G 111 -3.04 -29.93 -49.17
C TYR G 111 -3.26 -30.41 -47.74
N VAL G 112 -2.49 -29.90 -46.79
CA VAL G 112 -2.70 -30.25 -45.39
C VAL G 112 -4.07 -29.78 -44.93
N GLU G 113 -4.49 -28.58 -45.38
CA GLU G 113 -5.79 -28.08 -44.98
C GLU G 113 -6.93 -28.95 -45.51
N GLU G 114 -6.71 -29.68 -46.60
CA GLU G 114 -7.73 -30.56 -47.13
C GLU G 114 -7.77 -31.92 -46.44
N GLY G 115 -6.89 -32.15 -45.47
CA GLY G 115 -6.90 -33.41 -44.75
C GLY G 115 -6.06 -34.50 -45.36
N LEU G 116 -5.13 -34.17 -46.25
CA LEU G 116 -4.24 -35.18 -46.81
C LEU G 116 -3.36 -35.76 -45.71
N HIS G 117 -3.15 -37.07 -45.76
CA HIS G 117 -2.38 -37.73 -44.72
C HIS G 117 -0.93 -37.29 -44.77
N PRO G 118 -0.34 -36.88 -43.64
CA PRO G 118 1.04 -36.37 -43.69
C PRO G 118 2.06 -37.38 -44.17
N GLN G 119 1.81 -38.68 -44.01
CA GLN G 119 2.76 -39.67 -44.47
C GLN G 119 2.96 -39.60 -45.98
N ILE G 120 1.89 -39.33 -46.71
CA ILE G 120 1.99 -39.19 -48.17
C ILE G 120 2.90 -38.03 -48.52
N ILE G 121 2.74 -36.90 -47.83
CA ILE G 121 3.57 -35.73 -48.08
C ILE G 121 5.03 -36.04 -47.76
N ILE G 122 5.26 -36.75 -46.65
CA ILE G 122 6.62 -37.10 -46.27
C ILE G 122 7.27 -37.99 -47.32
N ARG G 123 6.53 -38.99 -47.80
CA ARG G 123 7.07 -39.87 -48.83
C ARG G 123 7.38 -39.09 -50.11
N ALA G 124 6.49 -38.17 -50.48
CA ALA G 124 6.73 -37.37 -51.68
C ALA G 124 7.97 -36.51 -51.53
N PHE G 125 8.15 -35.87 -50.38
CA PHE G 125 9.35 -35.09 -50.14
C PHE G 125 10.60 -35.96 -50.23
N ARG G 126 10.56 -37.14 -49.62
CA ARG G 126 11.75 -38.00 -49.65
C ARG G 126 12.10 -38.40 -51.08
N THR G 127 11.09 -38.79 -51.86
CA THR G 127 11.34 -39.18 -53.25
C THR G 127 11.91 -38.01 -54.06
N ALA G 128 11.28 -36.84 -53.92
CA ALA G 128 11.73 -35.69 -54.68
C ALA G 128 13.14 -35.29 -54.30
N THR G 129 13.46 -35.32 -53.01
CA THR G 129 14.78 -34.94 -52.56
C THR G 129 15.84 -35.92 -53.06
N GLN G 130 15.54 -37.22 -53.01
CA GLN G 130 16.48 -38.20 -53.54
C GLN G 130 16.74 -37.95 -55.03
N LEU G 131 15.68 -37.71 -55.79
CA LEU G 131 15.86 -37.44 -57.22
C LEU G 131 16.66 -36.18 -57.46
N ALA G 132 16.39 -35.13 -56.68
CA ALA G 132 17.10 -33.87 -56.87
C ALA G 132 18.57 -34.00 -56.54
N VAL G 133 18.90 -34.71 -55.46
CA VAL G 133 20.30 -34.90 -55.11
C VAL G 133 21.02 -35.72 -56.17
N ASN G 134 20.36 -36.76 -56.68
CA ASN G 134 20.98 -37.54 -57.76
C ASN G 134 21.20 -36.68 -58.99
N LYS G 135 20.24 -35.83 -59.34
CA LYS G 135 20.41 -34.94 -60.49
C LYS G 135 21.55 -33.97 -60.28
N ILE G 136 21.67 -33.41 -59.08
CA ILE G 136 22.76 -32.48 -58.80
C ILE G 136 24.10 -33.17 -58.97
N LYS G 137 24.24 -34.37 -58.41
CA LYS G 137 25.48 -35.11 -58.57
C LYS G 137 25.75 -35.44 -60.03
N GLU G 138 24.69 -35.69 -60.81
CA GLU G 138 24.87 -36.11 -62.19
C GLU G 138 25.32 -34.96 -63.08
N ILE G 139 24.69 -33.78 -62.94
CA ILE G 139 24.94 -32.70 -63.87
C ILE G 139 25.97 -31.70 -63.36
N ALA G 140 26.52 -31.91 -62.17
CA ALA G 140 27.57 -31.04 -61.67
C ALA G 140 28.80 -31.14 -62.55
N VAL G 141 29.42 -29.99 -62.82
CA VAL G 141 30.57 -29.93 -63.72
C VAL G 141 31.84 -30.09 -62.91
N THR G 142 32.67 -31.06 -63.28
CA THR G 142 33.96 -31.27 -62.67
C THR G 142 35.01 -31.45 -63.76
N VAL G 143 36.24 -31.03 -63.45
CA VAL G 143 37.35 -31.10 -64.39
C VAL G 143 38.37 -32.09 -63.84
N LYS G 144 38.63 -33.14 -64.60
CA LYS G 144 39.58 -34.19 -64.20
C LYS G 144 40.96 -33.95 -64.79
N LYS G 145 41.51 -32.74 -64.60
CA LYS G 145 42.84 -32.43 -65.08
C LYS G 145 43.85 -32.19 -63.97
N ALA G 146 43.40 -31.81 -62.78
CA ALA G 146 44.29 -31.50 -61.66
C ALA G 146 45.32 -30.44 -62.05
N ASP G 147 44.86 -29.46 -62.84
CA ASP G 147 45.73 -28.37 -63.26
C ASP G 147 45.79 -27.31 -62.16
N LYS G 148 47.00 -26.90 -61.81
CA LYS G 148 47.16 -25.94 -60.72
C LYS G 148 46.51 -24.60 -61.04
N VAL G 149 46.71 -24.11 -62.27
CA VAL G 149 46.12 -22.83 -62.65
C VAL G 149 44.60 -22.94 -62.67
N GLU G 150 44.08 -24.01 -63.26
CA GLU G 150 42.62 -24.19 -63.32
C GLU G 150 42.03 -24.37 -61.94
N GLN G 151 42.71 -25.13 -61.07
CA GLN G 151 42.22 -25.30 -59.71
C GLN G 151 42.19 -23.97 -58.95
N ARG G 152 43.25 -23.19 -59.11
CA ARG G 152 43.30 -21.89 -58.44
C ARG G 152 42.20 -20.97 -58.94
N LYS G 153 41.96 -20.96 -60.25
CA LYS G 153 40.90 -20.13 -60.81
C LYS G 153 39.53 -20.58 -60.32
N LEU G 154 39.32 -21.89 -60.24
CA LEU G 154 38.03 -22.39 -59.74
C LEU G 154 37.82 -21.99 -58.29
N LEU G 155 38.87 -22.12 -57.46
CA LEU G 155 38.74 -21.72 -56.06
C LEU G 155 38.47 -20.22 -55.95
N GLU G 156 39.15 -19.41 -56.76
CA GLU G 156 38.94 -17.97 -56.71
C GLU G 156 37.50 -17.62 -57.11
N LYS G 157 36.99 -18.25 -58.16
CA LYS G 157 35.63 -17.96 -58.59
C LYS G 157 34.61 -18.39 -57.54
N CYS G 158 34.81 -19.56 -56.94
CA CYS G 158 33.89 -20.00 -55.88
C CYS G 158 33.94 -19.05 -54.70
N ALA G 159 35.13 -18.58 -54.33
CA ALA G 159 35.25 -17.63 -53.22
C ALA G 159 34.56 -16.32 -53.56
N MET G 160 34.73 -15.82 -54.78
CA MET G 160 34.05 -14.58 -55.18
C MET G 160 32.54 -14.75 -55.10
N THR G 161 32.03 -15.87 -55.60
CA THR G 161 30.59 -16.08 -55.54
C THR G 161 30.11 -16.16 -54.10
N ALA G 162 30.87 -16.81 -53.24
CA ALA G 162 30.50 -16.86 -51.82
C ALA G 162 30.64 -15.51 -51.14
N LEU G 163 31.40 -14.58 -51.74
CA LEU G 163 31.63 -13.29 -51.12
C LEU G 163 30.75 -12.18 -51.69
N SER G 164 30.12 -12.39 -52.84
CA SER G 164 29.38 -11.32 -53.47
C SER G 164 27.97 -11.21 -52.90
N SER G 165 27.87 -11.21 -51.57
CA SER G 165 26.64 -10.89 -50.89
C SER G 165 26.84 -10.11 -49.60
N LYS G 166 28.08 -9.79 -49.25
CA LYS G 166 28.42 -9.18 -47.98
C LYS G 166 28.95 -7.77 -48.20
N LEU G 167 29.15 -7.05 -47.10
CA LEU G 167 29.59 -5.67 -47.20
C LEU G 167 30.99 -5.54 -47.77
N ILE G 168 31.74 -6.64 -47.86
CA ILE G 168 33.05 -6.63 -48.47
C ILE G 168 32.99 -7.07 -49.93
N SER G 169 31.80 -7.05 -50.54
CA SER G 169 31.67 -7.49 -51.93
C SER G 169 32.38 -6.56 -52.90
N GLN G 170 32.65 -5.32 -52.51
CA GLN G 170 33.39 -4.41 -53.39
C GLN G 170 34.82 -4.90 -53.59
N GLN G 171 35.43 -5.46 -52.54
CA GLN G 171 36.77 -6.02 -52.62
C GLN G 171 36.74 -7.54 -52.68
N LYS G 172 35.76 -8.08 -53.39
CA LYS G 172 35.58 -9.53 -53.41
C LYS G 172 36.74 -10.23 -54.12
N ALA G 173 37.26 -9.63 -55.19
CA ALA G 173 38.42 -10.22 -55.86
C ALA G 173 39.62 -10.26 -54.94
N PHE G 174 39.88 -9.15 -54.25
CA PHE G 174 40.99 -9.06 -53.31
C PHE G 174 40.89 -10.13 -52.22
N PHE G 175 39.73 -10.19 -51.57
CA PHE G 175 39.58 -11.12 -50.45
C PHE G 175 39.52 -12.55 -50.92
N ALA G 176 38.99 -12.81 -52.12
CA ALA G 176 39.01 -14.16 -52.67
C ALA G 176 40.43 -14.61 -52.93
N LYS G 177 41.26 -13.73 -53.48
CA LYS G 177 42.67 -14.10 -53.68
C LYS G 177 43.34 -14.41 -52.34
N MET G 178 43.10 -13.57 -51.33
CA MET G 178 43.69 -13.84 -50.02
C MET G 178 43.24 -15.18 -49.47
N VAL G 179 41.94 -15.46 -49.53
CA VAL G 179 41.39 -16.68 -48.95
C VAL G 179 41.95 -17.90 -49.67
N VAL G 180 42.02 -17.83 -51.01
CA VAL G 180 42.56 -18.95 -51.76
C VAL G 180 44.01 -19.20 -51.39
N ASP G 181 44.80 -18.13 -51.28
CA ASP G 181 46.19 -18.29 -50.89
C ASP G 181 46.32 -18.94 -49.52
N ALA G 182 45.51 -18.48 -48.57
CA ALA G 182 45.58 -19.04 -47.22
C ALA G 182 45.22 -20.53 -47.21
N VAL G 183 44.13 -20.89 -47.88
CA VAL G 183 43.70 -22.28 -47.85
C VAL G 183 44.71 -23.16 -48.58
N MET G 184 45.26 -22.68 -49.71
CA MET G 184 46.25 -23.49 -50.40
C MET G 184 47.50 -23.70 -49.56
N MET G 185 47.93 -22.68 -48.82
CA MET G 185 49.12 -22.89 -48.01
C MET G 185 48.84 -23.64 -46.71
N LEU G 186 47.57 -23.80 -46.33
CA LEU G 186 47.26 -24.77 -45.29
C LEU G 186 47.67 -26.17 -45.76
N ASP G 187 48.13 -27.00 -44.82
CA ASP G 187 48.93 -28.16 -45.23
C ASP G 187 48.08 -29.35 -45.69
N ASP G 188 47.40 -30.02 -44.74
CA ASP G 188 46.69 -31.25 -45.10
C ASP G 188 45.34 -31.41 -44.43
N LEU G 189 45.09 -30.80 -43.28
CA LEU G 189 43.83 -30.97 -42.58
C LEU G 189 42.94 -29.74 -42.67
N LEU G 190 43.46 -28.63 -43.19
CA LEU G 190 42.69 -27.40 -43.36
C LEU G 190 42.03 -26.98 -42.06
N GLN G 191 42.79 -27.08 -40.96
CA GLN G 191 42.27 -26.70 -39.67
C GLN G 191 42.02 -25.20 -39.61
N LEU G 192 40.83 -24.82 -39.15
CA LEU G 192 40.49 -23.41 -39.06
C LEU G 192 41.31 -22.69 -38.00
N LYS G 193 41.80 -23.40 -36.99
CA LYS G 193 42.63 -22.77 -35.98
C LYS G 193 44.01 -22.39 -36.51
N MET G 194 44.38 -22.85 -37.70
CA MET G 194 45.65 -22.51 -38.30
C MET G 194 45.57 -21.26 -39.17
N ILE G 195 44.43 -20.58 -39.19
CA ILE G 195 44.26 -19.32 -39.92
C ILE G 195 43.90 -18.28 -38.89
N GLY G 196 44.86 -17.43 -38.52
CA GLY G 196 44.58 -16.38 -37.56
C GLY G 196 43.76 -15.27 -38.19
N ILE G 197 42.87 -14.69 -37.38
CA ILE G 197 42.00 -13.59 -37.81
C ILE G 197 42.18 -12.49 -36.78
N LYS G 198 42.93 -11.45 -37.13
CA LYS G 198 43.17 -10.32 -36.25
C LYS G 198 42.39 -9.11 -36.74
N LYS G 199 41.64 -8.50 -35.86
CA LYS G 199 40.84 -7.32 -36.19
C LYS G 199 41.47 -6.10 -35.54
N VAL G 200 41.84 -5.12 -36.35
CA VAL G 200 42.45 -3.89 -35.88
C VAL G 200 41.61 -2.72 -36.37
N GLN G 201 41.19 -1.87 -35.43
CA GLN G 201 40.33 -0.75 -35.77
C GLN G 201 41.08 0.29 -36.59
N GLY G 202 40.36 0.94 -37.49
CA GLY G 202 40.96 1.98 -38.31
C GLY G 202 41.53 1.43 -39.60
N GLY G 203 41.53 2.27 -40.62
CA GLY G 203 42.06 1.90 -41.91
C GLY G 203 41.00 1.38 -42.86
N ALA G 204 41.30 1.47 -44.15
CA ALA G 204 40.37 1.02 -45.17
C ALA G 204 40.35 -0.50 -45.25
N LEU G 205 39.35 -1.02 -45.96
CA LEU G 205 39.28 -2.46 -46.17
C LEU G 205 40.48 -2.96 -46.96
N GLU G 206 40.92 -2.19 -47.96
CA GLU G 206 42.08 -2.57 -48.75
C GLU G 206 43.36 -2.59 -47.93
N ASP G 207 43.37 -1.95 -46.76
CA ASP G 207 44.53 -2.01 -45.89
C ASP G 207 44.70 -3.37 -45.24
N SER G 208 43.67 -4.21 -45.27
CA SER G 208 43.79 -5.55 -44.70
C SER G 208 44.82 -6.36 -45.48
N GLN G 209 45.56 -7.20 -44.76
CA GLN G 209 46.66 -7.94 -45.35
C GLN G 209 46.65 -9.37 -44.82
N LEU G 210 47.26 -10.26 -45.59
CA LEU G 210 47.47 -11.64 -45.18
C LEU G 210 48.96 -11.84 -44.96
N VAL G 211 49.32 -12.31 -43.78
CA VAL G 211 50.72 -12.48 -43.40
C VAL G 211 51.17 -13.88 -43.78
N ALA G 212 52.26 -13.97 -44.53
CA ALA G 212 52.87 -15.25 -44.86
C ALA G 212 53.72 -15.74 -43.68
N GLY G 213 53.04 -15.93 -42.55
CA GLY G 213 53.69 -16.26 -41.30
C GLY G 213 52.73 -16.17 -40.15
N VAL G 214 53.11 -15.47 -39.09
CA VAL G 214 52.24 -15.30 -37.93
C VAL G 214 52.42 -13.88 -37.41
N ALA G 215 51.33 -13.30 -36.90
CA ALA G 215 51.35 -11.99 -36.27
C ALA G 215 50.40 -11.98 -35.09
N PHE G 216 50.80 -11.33 -34.01
CA PHE G 216 49.95 -11.22 -32.83
C PHE G 216 50.25 -9.92 -32.12
N LYS G 217 49.31 -9.49 -31.28
CA LYS G 217 49.42 -8.22 -30.59
C LYS G 217 50.50 -8.26 -29.53
N LYS G 218 51.02 -7.09 -29.19
CA LYS G 218 51.98 -6.96 -28.10
C LYS G 218 51.32 -7.31 -26.78
N THR G 219 52.06 -8.04 -25.93
CA THR G 219 51.49 -8.64 -24.73
C THR G 219 52.19 -8.10 -23.47
N PHE G 220 51.71 -6.97 -22.98
CA PHE G 220 52.01 -6.46 -21.64
C PHE G 220 53.51 -6.57 -21.30
N SER G 221 54.29 -5.79 -22.03
CA SER G 221 55.72 -5.75 -21.79
C SER G 221 56.04 -5.12 -20.44
N TYR G 222 57.15 -5.54 -19.85
CA TYR G 222 57.60 -5.04 -18.56
C TYR G 222 58.58 -3.89 -18.77
N ALA G 223 59.19 -3.43 -17.67
CA ALA G 223 60.19 -2.39 -17.76
C ALA G 223 61.44 -2.92 -18.47
N GLY G 224 62.11 -2.03 -19.19
CA GLY G 224 63.26 -2.41 -19.97
C GLY G 224 62.95 -3.06 -21.30
N PHE G 225 61.67 -3.16 -21.67
CA PHE G 225 61.32 -3.75 -22.95
C PHE G 225 61.64 -2.80 -24.10
N GLU G 226 61.49 -1.50 -23.88
CA GLU G 226 61.74 -0.54 -24.95
C GLU G 226 63.20 -0.44 -25.33
N MET G 227 64.11 -1.05 -24.56
CA MET G 227 65.51 -1.08 -24.92
C MET G 227 65.88 -2.28 -25.79
N GLN G 228 64.94 -3.18 -26.02
CA GLN G 228 65.22 -4.31 -26.89
C GLN G 228 65.06 -3.91 -28.36
N PRO G 229 65.98 -4.33 -29.22
CA PRO G 229 65.82 -4.04 -30.65
C PRO G 229 64.55 -4.67 -31.20
N LYS G 230 63.91 -3.96 -32.13
CA LYS G 230 62.59 -4.34 -32.63
C LYS G 230 62.63 -4.77 -34.08
N LYS G 231 63.77 -5.29 -34.55
CA LYS G 231 63.86 -5.82 -35.90
C LYS G 231 65.08 -6.74 -35.98
N TYR G 232 64.88 -7.89 -36.61
CA TYR G 232 65.95 -8.87 -36.79
C TYR G 232 65.91 -9.39 -38.21
N HIS G 233 67.06 -9.81 -38.72
CA HIS G 233 67.18 -10.15 -40.13
C HIS G 233 67.31 -11.63 -40.41
N ASN G 234 67.61 -12.45 -39.40
CA ASN G 234 67.50 -13.90 -39.48
C ASN G 234 67.42 -14.48 -38.07
N PRO G 235 66.40 -14.12 -37.30
CA PRO G 235 66.36 -14.54 -35.90
C PRO G 235 66.06 -16.02 -35.78
N LYS G 236 66.50 -16.59 -34.67
CA LYS G 236 66.10 -17.92 -34.25
C LYS G 236 65.16 -17.78 -33.06
N ILE G 237 63.99 -18.39 -33.16
CA ILE G 237 62.91 -18.15 -32.21
C ILE G 237 62.83 -19.32 -31.24
N ALA G 238 62.85 -19.00 -29.95
CA ALA G 238 62.73 -20.01 -28.90
C ALA G 238 61.30 -19.98 -28.37
N LEU G 239 60.51 -20.97 -28.76
CA LEU G 239 59.14 -21.10 -28.30
C LEU G 239 59.15 -21.89 -26.99
N LEU G 240 58.88 -21.20 -25.89
CA LEU G 240 58.97 -21.79 -24.56
C LEU G 240 57.62 -21.79 -23.87
N ASN G 241 57.46 -22.74 -22.95
CA ASN G 241 56.37 -22.71 -21.98
C ASN G 241 57.04 -22.73 -20.62
N VAL G 242 57.47 -21.56 -20.17
CA VAL G 242 58.34 -21.42 -19.01
C VAL G 242 58.07 -20.07 -18.38
N GLU G 243 58.00 -20.03 -17.05
CA GLU G 243 57.86 -18.79 -16.31
C GLU G 243 59.26 -18.29 -15.96
N LEU G 244 59.70 -17.24 -16.65
CA LEU G 244 61.06 -16.72 -16.49
C LEU G 244 61.01 -15.51 -15.56
N GLU G 245 60.86 -15.78 -14.27
CA GLU G 245 60.91 -14.72 -13.27
C GLU G 245 61.19 -15.33 -11.92
N LEU G 246 61.74 -14.50 -11.03
CA LEU G 246 62.00 -14.94 -9.66
C LEU G 246 60.68 -15.24 -8.96
N LYS G 247 60.61 -16.40 -8.33
CA LYS G 247 59.39 -16.83 -7.65
C LYS G 247 59.74 -17.97 -6.71
N ALA G 248 58.76 -18.37 -5.92
CA ALA G 248 58.92 -19.54 -5.07
C ALA G 248 59.23 -20.76 -5.92
N GLU G 249 60.19 -21.56 -5.47
CA GLU G 249 60.62 -22.71 -6.27
C GLU G 249 59.46 -23.67 -6.49
N LYS G 250 58.67 -23.93 -5.47
CA LYS G 250 57.46 -24.73 -5.61
C LYS G 250 56.44 -24.26 -4.59
N ASP G 251 55.18 -24.57 -4.88
CA ASP G 251 54.09 -24.09 -4.02
C ASP G 251 54.24 -24.63 -2.60
N ASN G 252 54.54 -25.92 -2.45
CA ASN G 252 54.69 -26.53 -1.14
C ASN G 252 56.12 -26.49 -0.64
N ALA G 253 57.04 -25.87 -1.37
CA ALA G 253 58.41 -25.77 -0.91
C ALA G 253 58.50 -24.92 0.34
N GLU G 254 59.44 -25.26 1.21
CA GLU G 254 59.62 -24.54 2.47
C GLU G 254 61.09 -24.66 2.86
N ILE G 255 61.76 -23.52 3.03
CA ILE G 255 63.19 -23.47 3.28
C ILE G 255 63.43 -23.28 4.77
N ARG G 256 64.28 -24.11 5.34
CA ARG G 256 64.63 -24.03 6.76
C ARG G 256 66.15 -23.92 6.88
N VAL G 257 66.62 -22.77 7.34
CA VAL G 257 68.04 -22.56 7.59
C VAL G 257 68.20 -21.95 8.97
N HIS G 258 69.38 -22.16 9.56
CA HIS G 258 69.68 -21.63 10.89
C HIS G 258 70.99 -20.87 10.91
N THR G 259 71.45 -20.40 9.76
CA THR G 259 72.73 -19.72 9.66
C THR G 259 72.63 -18.64 8.61
N VAL G 260 73.25 -17.49 8.87
CA VAL G 260 73.14 -16.36 7.95
C VAL G 260 73.83 -16.67 6.62
N GLU G 261 74.95 -17.39 6.67
CA GLU G 261 75.59 -17.79 5.42
C GLU G 261 74.67 -18.67 4.58
N ASP G 262 73.93 -19.57 5.23
CA ASP G 262 72.95 -20.36 4.48
C ASP G 262 71.82 -19.49 3.93
N TYR G 263 71.43 -18.45 4.66
CA TYR G 263 70.43 -17.51 4.16
C TYR G 263 70.91 -16.85 2.88
N GLN G 264 72.13 -16.30 2.91
CA GLN G 264 72.68 -15.66 1.72
C GLN G 264 72.85 -16.66 0.59
N ALA G 265 73.26 -17.89 0.92
CA ALA G 265 73.42 -18.92 -0.10
C ALA G 265 72.09 -19.24 -0.76
N ILE G 266 71.01 -19.29 0.03
CA ILE G 266 69.69 -19.57 -0.53
C ILE G 266 69.27 -18.44 -1.47
N VAL G 267 69.49 -17.20 -1.06
CA VAL G 267 69.12 -16.07 -1.92
C VAL G 267 69.90 -16.12 -3.23
N ASP G 268 71.22 -16.29 -3.14
CA ASP G 268 72.03 -16.39 -4.34
C ASP G 268 71.67 -17.62 -5.17
N ALA G 269 71.17 -18.67 -4.53
CA ALA G 269 70.76 -19.86 -5.27
C ALA G 269 69.51 -19.60 -6.09
N GLU G 270 68.54 -18.88 -5.53
CA GLU G 270 67.38 -18.50 -6.32
C GLU G 270 67.79 -17.65 -7.51
N TRP G 271 68.65 -16.66 -7.26
CA TRP G 271 69.12 -15.82 -8.36
C TRP G 271 69.87 -16.63 -9.40
N ASN G 272 70.68 -17.59 -8.95
CA ASN G 272 71.45 -18.42 -9.87
C ASN G 272 70.56 -19.35 -10.67
N ILE G 273 69.46 -19.82 -10.08
CA ILE G 273 68.51 -20.63 -10.85
C ILE G 273 67.94 -19.81 -11.99
N LEU G 274 67.47 -18.60 -11.68
CA LEU G 274 66.91 -17.77 -12.74
C LEU G 274 67.97 -17.47 -13.81
N TYR G 275 69.17 -17.11 -13.38
CA TYR G 275 70.22 -16.75 -14.34
C TYR G 275 70.69 -17.97 -15.13
N ASP G 276 70.60 -19.16 -14.56
CA ASP G 276 70.95 -20.36 -15.29
C ASP G 276 69.94 -20.65 -16.40
N LYS G 277 68.65 -20.49 -16.09
CA LYS G 277 67.65 -20.62 -17.15
C LYS G 277 67.90 -19.60 -18.25
N LEU G 278 68.18 -18.35 -17.87
CA LEU G 278 68.38 -17.31 -18.87
C LEU G 278 69.63 -17.58 -19.71
N GLU G 279 70.71 -18.04 -19.07
CA GLU G 279 71.93 -18.34 -19.81
C GLU G 279 71.72 -19.52 -20.75
N LYS G 280 70.96 -20.53 -20.32
CA LYS G 280 70.68 -21.64 -21.22
C LYS G 280 69.90 -21.17 -22.43
N ILE G 281 68.94 -20.26 -22.23
CA ILE G 281 68.19 -19.72 -23.36
C ILE G 281 69.11 -18.92 -24.27
N HIS G 282 69.98 -18.10 -23.69
CA HIS G 282 70.82 -17.21 -24.49
C HIS G 282 71.87 -17.97 -25.29
N HIS G 283 72.48 -18.99 -24.69
CA HIS G 283 73.54 -19.73 -25.37
C HIS G 283 73.01 -20.60 -26.50
N SER G 284 71.70 -20.76 -26.63
CA SER G 284 71.13 -21.49 -27.74
C SER G 284 71.26 -20.75 -29.06
N GLY G 285 71.67 -19.49 -29.04
CA GLY G 285 71.77 -18.69 -30.24
C GLY G 285 70.50 -18.01 -30.65
N ALA G 286 69.41 -18.21 -29.91
CA ALA G 286 68.15 -17.57 -30.25
C ALA G 286 68.23 -16.07 -30.04
N LYS G 287 67.44 -15.33 -30.81
CA LYS G 287 67.33 -13.88 -30.65
C LYS G 287 65.93 -13.43 -30.27
N VAL G 288 64.90 -14.23 -30.52
CA VAL G 288 63.53 -13.91 -30.16
C VAL G 288 63.04 -14.99 -29.19
N VAL G 289 62.54 -14.57 -28.04
CA VAL G 289 62.10 -15.49 -27.00
C VAL G 289 60.61 -15.28 -26.78
N LEU G 290 59.83 -16.33 -27.02
CA LEU G 290 58.39 -16.29 -26.86
C LEU G 290 57.97 -17.33 -25.84
N SER G 291 57.12 -16.93 -24.90
CA SER G 291 56.69 -17.83 -23.84
C SER G 291 55.20 -17.75 -23.63
N LYS G 292 54.60 -18.88 -23.26
CA LYS G 292 53.20 -18.91 -22.87
C LYS G 292 52.98 -18.42 -21.45
N LEU G 293 54.03 -18.35 -20.66
CA LEU G 293 53.96 -17.97 -19.26
C LEU G 293 54.59 -16.60 -19.06
N PRO G 294 54.29 -15.93 -17.96
CA PRO G 294 54.82 -14.58 -17.76
C PRO G 294 56.33 -14.56 -17.78
N ILE G 295 56.90 -13.51 -18.38
CA ILE G 295 58.32 -13.24 -18.37
C ILE G 295 58.55 -11.99 -17.55
N GLY G 296 59.33 -12.10 -16.48
CA GLY G 296 59.46 -11.05 -15.52
C GLY G 296 60.30 -9.89 -16.02
N ASP G 297 60.35 -8.84 -15.20
CA ASP G 297 61.16 -7.68 -15.54
C ASP G 297 62.65 -8.01 -15.53
N VAL G 298 63.08 -8.88 -14.61
CA VAL G 298 64.49 -9.26 -14.57
C VAL G 298 64.91 -9.94 -15.86
N ALA G 299 64.09 -10.88 -16.33
CA ALA G 299 64.39 -11.55 -17.60
C ALA G 299 64.33 -10.57 -18.76
N THR G 300 63.38 -9.63 -18.73
CA THR G 300 63.28 -8.64 -19.78
C THR G 300 64.55 -7.80 -19.88
N GLN G 301 65.05 -7.35 -18.73
CA GLN G 301 66.27 -6.56 -18.72
C GLN G 301 67.47 -7.40 -19.12
N TYR G 302 67.50 -8.67 -18.69
CA TYR G 302 68.58 -9.56 -19.09
C TYR G 302 68.63 -9.71 -20.60
N PHE G 303 67.48 -9.90 -21.23
CA PHE G 303 67.44 -10.04 -22.68
C PHE G 303 67.74 -8.73 -23.39
N ALA G 304 67.31 -7.61 -22.82
CA ALA G 304 67.62 -6.32 -23.40
C ALA G 304 69.13 -6.08 -23.40
N ASP G 305 69.80 -6.52 -22.33
CA ASP G 305 71.25 -6.36 -22.26
C ASP G 305 71.97 -7.16 -23.35
N ARG G 306 71.36 -8.22 -23.87
CA ARG G 306 71.98 -9.06 -24.88
C ARG G 306 71.45 -8.78 -26.28
N ASP G 307 70.72 -7.67 -26.46
CA ASP G 307 70.08 -7.35 -27.74
C ASP G 307 69.15 -8.47 -28.18
N MET G 308 68.39 -9.01 -27.23
CA MET G 308 67.43 -10.06 -27.47
C MET G 308 66.02 -9.49 -27.36
N PHE G 309 65.05 -10.25 -27.85
CA PHE G 309 63.64 -9.86 -27.80
C PHE G 309 62.86 -10.90 -27.01
N CYS G 310 61.99 -10.43 -26.12
CA CYS G 310 61.18 -11.30 -25.28
C CYS G 310 59.73 -10.84 -25.31
N ALA G 311 58.83 -11.81 -25.17
CA ALA G 311 57.40 -11.52 -25.13
C ALA G 311 56.72 -12.65 -24.36
N GLY G 312 56.33 -12.36 -23.13
CA GLY G 312 55.65 -13.36 -22.31
C GLY G 312 54.15 -13.28 -22.44
N ARG G 313 53.48 -14.28 -21.86
CA ARG G 313 52.03 -14.37 -21.85
C ARG G 313 51.44 -14.40 -23.25
N VAL G 314 52.17 -14.97 -24.20
CA VAL G 314 51.63 -15.12 -25.56
C VAL G 314 50.47 -16.11 -25.52
N PRO G 315 49.34 -15.83 -26.17
CA PRO G 315 48.25 -16.79 -26.18
C PRO G 315 48.67 -18.10 -26.83
N GLU G 316 48.07 -19.19 -26.36
CA GLU G 316 48.52 -20.52 -26.79
C GLU G 316 48.32 -20.71 -28.28
N GLU G 317 47.20 -20.24 -28.82
CA GLU G 317 46.95 -20.37 -30.26
C GLU G 317 48.03 -19.67 -31.06
N ASP G 318 48.48 -18.50 -30.60
CA ASP G 318 49.51 -17.77 -31.30
C ASP G 318 50.84 -18.52 -31.27
N LEU G 319 51.17 -19.16 -30.15
CA LEU G 319 52.37 -19.98 -30.11
C LEU G 319 52.24 -21.18 -31.05
N LYS G 320 51.07 -21.79 -31.12
CA LYS G 320 50.89 -22.91 -32.03
C LYS G 320 51.09 -22.46 -33.47
N ARG G 321 50.53 -21.32 -33.83
CA ARG G 321 50.71 -20.80 -35.19
C ARG G 321 52.17 -20.46 -35.44
N THR G 322 52.86 -19.88 -34.46
CA THR G 322 54.27 -19.58 -34.62
C THR G 322 55.09 -20.84 -34.81
N MET G 323 54.75 -21.90 -34.07
CA MET G 323 55.41 -23.18 -34.24
C MET G 323 55.17 -23.74 -35.63
N MET G 324 53.94 -23.65 -36.13
CA MET G 324 53.63 -24.19 -37.44
C MET G 324 54.21 -23.36 -38.57
N ALA G 325 54.49 -22.08 -38.32
CA ALA G 325 55.05 -21.22 -39.37
C ALA G 325 56.58 -21.26 -39.36
N CYS G 326 57.19 -20.87 -38.24
CA CYS G 326 58.64 -20.84 -38.18
C CYS G 326 59.24 -22.23 -38.14
N GLY G 327 58.57 -23.18 -37.50
CA GLY G 327 59.01 -24.56 -37.53
C GLY G 327 59.93 -24.96 -36.40
N GLY G 328 59.53 -24.70 -35.17
CA GLY G 328 60.29 -25.13 -34.03
C GLY G 328 59.54 -26.14 -33.20
N SER G 329 59.63 -26.03 -31.87
CA SER G 329 58.85 -26.87 -30.98
C SER G 329 58.71 -26.15 -29.65
N ILE G 330 57.54 -26.27 -29.04
CA ILE G 330 57.28 -25.61 -27.76
C ILE G 330 57.93 -26.41 -26.65
N GLN G 331 58.78 -25.77 -25.87
CA GLN G 331 59.58 -26.43 -24.85
C GLN G 331 59.13 -26.00 -23.47
N THR G 332 58.79 -26.96 -22.63
CA THR G 332 58.48 -26.68 -21.23
C THR G 332 59.73 -26.63 -20.37
N SER G 333 60.85 -27.13 -20.87
CA SER G 333 62.12 -27.08 -20.16
C SER G 333 63.20 -26.58 -21.10
N VAL G 334 64.16 -25.85 -20.53
CA VAL G 334 65.23 -25.23 -21.31
C VAL G 334 66.52 -26.02 -21.24
N ASN G 335 66.49 -27.19 -20.61
CA ASN G 335 67.73 -27.95 -20.42
C ASN G 335 68.31 -28.44 -21.73
N ALA G 336 67.48 -28.67 -22.74
CA ALA G 336 67.94 -29.11 -24.06
C ALA G 336 67.32 -28.18 -25.10
N LEU G 337 67.97 -27.03 -25.31
CA LEU G 337 67.55 -26.08 -26.34
C LEU G 337 68.48 -26.24 -27.53
N SER G 338 68.27 -27.31 -28.28
CA SER G 338 69.07 -27.59 -29.45
C SER G 338 68.52 -26.86 -30.67
N ALA G 339 69.26 -26.92 -31.77
CA ALA G 339 68.84 -26.23 -32.99
C ALA G 339 67.56 -26.83 -33.58
N ASP G 340 67.22 -28.06 -33.20
CA ASP G 340 66.02 -28.69 -33.74
C ASP G 340 64.75 -28.01 -33.23
N VAL G 341 64.75 -27.59 -31.98
CA VAL G 341 63.55 -27.06 -31.35
C VAL G 341 63.49 -25.54 -31.45
N LEU G 342 64.29 -24.94 -32.32
CA LEU G 342 64.31 -23.49 -32.50
C LEU G 342 63.64 -23.12 -33.81
N GLY G 343 62.71 -22.18 -33.75
CA GLY G 343 62.08 -21.68 -34.95
C GLY G 343 63.01 -20.78 -35.74
N ARG G 344 62.60 -20.51 -36.98
CA ARG G 344 63.40 -19.65 -37.85
C ARG G 344 62.47 -18.90 -38.79
N CYS G 345 62.67 -17.60 -38.89
CA CYS G 345 61.93 -16.76 -39.82
C CYS G 345 62.90 -15.80 -40.47
N GLN G 346 62.52 -15.33 -41.67
CA GLN G 346 63.40 -14.42 -42.40
C GLN G 346 63.50 -13.07 -41.70
N VAL G 347 62.37 -12.49 -41.35
CA VAL G 347 62.36 -11.16 -40.74
C VAL G 347 61.37 -11.15 -39.59
N PHE G 348 61.80 -10.66 -38.44
CA PHE G 348 60.91 -10.34 -37.34
C PHE G 348 60.90 -8.82 -37.14
N GLU G 349 59.72 -8.27 -36.91
CA GLU G 349 59.61 -6.83 -36.77
C GLU G 349 58.36 -6.50 -35.96
N GLU G 350 58.46 -5.48 -35.13
CA GLU G 350 57.31 -4.91 -34.44
C GLU G 350 56.95 -3.59 -35.09
N THR G 351 55.67 -3.45 -35.48
CA THR G 351 55.21 -2.28 -36.19
C THR G 351 53.89 -1.83 -35.59
N GLN G 352 53.58 -0.55 -35.80
CA GLN G 352 52.33 0.02 -35.31
C GLN G 352 51.25 -0.16 -36.36
N ILE G 353 50.08 -0.61 -35.92
CA ILE G 353 48.92 -0.78 -36.77
C ILE G 353 47.73 -0.13 -36.07
N GLY G 354 47.41 1.10 -36.45
CA GLY G 354 46.21 1.75 -35.96
C GLY G 354 46.14 1.89 -34.46
N GLY G 355 47.21 2.39 -33.85
CA GLY G 355 47.22 2.54 -32.40
C GLY G 355 47.52 1.28 -31.64
N GLU G 356 47.94 0.22 -32.31
CA GLU G 356 48.32 -1.03 -31.66
C GLU G 356 49.65 -1.50 -32.21
N ARG G 357 50.41 -2.20 -31.38
CA ARG G 357 51.70 -2.75 -31.76
C ARG G 357 51.54 -4.24 -32.03
N TYR G 358 52.06 -4.69 -33.16
CA TYR G 358 51.98 -6.08 -33.55
C TYR G 358 53.37 -6.63 -33.83
N ASN G 359 53.55 -7.90 -33.55
CA ASN G 359 54.80 -8.60 -33.83
C ASN G 359 54.63 -9.43 -35.08
N PHE G 360 55.52 -9.25 -36.05
CA PHE G 360 55.40 -9.88 -37.36
C PHE G 360 56.52 -10.88 -37.57
N PHE G 361 56.14 -12.07 -38.04
CA PHE G 361 57.09 -13.11 -38.43
C PHE G 361 56.86 -13.39 -39.91
N THR G 362 57.69 -12.82 -40.77
CA THR G 362 57.53 -12.96 -42.21
C THR G 362 58.67 -13.77 -42.80
N GLY G 363 58.51 -14.14 -44.06
CA GLY G 363 59.54 -14.86 -44.77
C GLY G 363 59.64 -16.33 -44.47
N CYS G 364 58.67 -16.90 -43.77
CA CYS G 364 58.70 -18.33 -43.51
C CYS G 364 58.41 -19.07 -44.82
N PRO G 365 59.33 -19.90 -45.31
CA PRO G 365 59.13 -20.50 -46.63
C PRO G 365 58.25 -21.73 -46.59
N LYS G 366 58.24 -22.44 -45.46
CA LYS G 366 57.47 -23.66 -45.30
C LYS G 366 56.37 -23.50 -44.26
N ALA G 367 55.81 -22.30 -44.16
CA ALA G 367 54.76 -22.04 -43.19
C ALA G 367 53.49 -22.80 -43.55
N LYS G 368 52.84 -23.38 -42.54
CA LYS G 368 51.57 -24.06 -42.71
C LYS G 368 50.43 -23.28 -42.06
N THR G 369 50.59 -21.98 -41.87
CA THR G 369 49.58 -21.17 -41.21
C THR G 369 49.60 -19.77 -41.80
N CYS G 370 48.55 -19.02 -41.50
CA CYS G 370 48.38 -17.65 -41.99
C CYS G 370 47.97 -16.76 -40.84
N THR G 371 47.79 -15.48 -41.14
CA THR G 371 47.25 -14.54 -40.17
C THR G 371 46.58 -13.41 -40.94
N PHE G 372 45.25 -13.40 -40.93
CA PHE G 372 44.50 -12.31 -41.53
C PHE G 372 44.49 -11.13 -40.56
N ILE G 373 44.89 -9.96 -41.04
CA ILE G 373 44.78 -8.73 -40.27
C ILE G 373 43.75 -7.87 -40.98
N LEU G 374 42.61 -7.68 -40.33
CA LEU G 374 41.46 -7.01 -40.93
C LEU G 374 41.34 -5.60 -40.38
N ARG G 375 41.19 -4.64 -41.28
CA ARG G 375 41.01 -3.24 -40.92
C ARG G 375 39.58 -2.82 -41.19
N GLY G 376 39.12 -1.81 -40.46
CA GLY G 376 37.77 -1.32 -40.64
C GLY G 376 37.49 -0.19 -39.69
N GLY G 377 36.29 0.35 -39.80
CA GLY G 377 35.93 1.52 -39.02
C GLY G 377 35.16 1.26 -37.75
N ALA G 378 34.72 0.03 -37.50
CA ALA G 378 33.94 -0.26 -36.31
C ALA G 378 34.11 -1.72 -35.94
N GLU G 379 33.80 -2.02 -34.68
CA GLU G 379 33.91 -3.39 -34.19
C GLU G 379 33.03 -4.33 -34.99
N GLN G 380 31.78 -3.92 -35.23
CA GLN G 380 30.89 -4.75 -36.02
C GLN G 380 31.31 -4.85 -37.47
N PHE G 381 31.99 -3.81 -37.98
CA PHE G 381 32.53 -3.89 -39.34
C PHE G 381 33.53 -5.02 -39.46
N MET G 382 34.50 -5.07 -38.53
CA MET G 382 35.47 -6.15 -38.56
C MET G 382 34.82 -7.50 -38.28
N GLU G 383 33.82 -7.53 -37.40
CA GLU G 383 33.14 -8.78 -37.11
C GLU G 383 32.46 -9.35 -38.34
N GLU G 384 31.74 -8.50 -39.08
CA GLU G 384 31.06 -8.99 -40.28
C GLU G 384 32.05 -9.32 -41.38
N THR G 385 33.17 -8.58 -41.46
CA THR G 385 34.23 -8.96 -42.39
C THR G 385 34.76 -10.35 -42.07
N GLU G 386 34.97 -10.63 -40.78
CA GLU G 386 35.44 -11.95 -40.38
C GLU G 386 34.42 -13.03 -40.71
N ARG G 387 33.14 -12.74 -40.51
CA ARG G 387 32.11 -13.73 -40.84
C ARG G 387 32.10 -14.03 -42.33
N SER G 388 32.18 -12.99 -43.17
CA SER G 388 32.21 -13.21 -44.61
C SER G 388 33.44 -13.99 -45.03
N LEU G 389 34.60 -13.64 -44.47
CA LEU G 389 35.82 -14.37 -44.79
C LEU G 389 35.73 -15.81 -44.33
N HIS G 390 35.06 -16.07 -43.21
CA HIS G 390 34.85 -17.44 -42.77
C HIS G 390 34.01 -18.21 -43.76
N ASP G 391 32.94 -17.59 -44.25
CA ASP G 391 32.13 -18.24 -45.28
C ASP G 391 32.97 -18.61 -46.49
N ALA G 392 33.78 -17.65 -46.97
CA ALA G 392 34.61 -17.90 -48.14
C ALA G 392 35.63 -19.00 -47.86
N ILE G 393 36.22 -19.01 -46.67
CA ILE G 393 37.22 -20.00 -46.33
C ILE G 393 36.61 -21.40 -46.31
N MET G 394 35.42 -21.54 -45.72
CA MET G 394 34.77 -22.84 -45.71
C MET G 394 34.45 -23.31 -47.12
N ILE G 395 33.97 -22.39 -47.97
CA ILE G 395 33.70 -22.76 -49.36
C ILE G 395 34.97 -23.23 -50.05
N VAL G 396 36.07 -22.51 -49.85
CA VAL G 396 37.31 -22.89 -50.54
C VAL G 396 37.82 -24.23 -50.02
N ARG G 397 37.68 -24.49 -48.72
CA ARG G 397 38.08 -25.78 -48.19
C ARG G 397 37.27 -26.91 -48.80
N ARG G 398 35.95 -26.74 -48.85
CA ARG G 398 35.11 -27.78 -49.44
C ARG G 398 35.44 -27.98 -50.91
N ALA G 399 35.71 -26.90 -51.64
CA ALA G 399 36.09 -27.04 -53.04
C ALA G 399 37.45 -27.72 -53.19
N ILE G 400 38.35 -27.52 -52.24
CA ILE G 400 39.61 -28.26 -52.22
C ILE G 400 39.32 -29.75 -52.10
N LYS G 401 38.39 -30.12 -51.22
CA LYS G 401 38.05 -31.54 -51.06
C LYS G 401 37.53 -32.15 -52.36
N ASN G 402 36.63 -31.45 -53.06
CA ASN G 402 36.10 -31.95 -54.31
C ASN G 402 35.71 -30.77 -55.19
N ASP G 403 36.17 -30.80 -56.44
CA ASP G 403 35.93 -29.70 -57.38
C ASP G 403 34.72 -30.02 -58.27
N SER G 404 33.56 -30.07 -57.63
CA SER G 404 32.30 -30.34 -58.30
C SER G 404 31.43 -29.11 -58.14
N VAL G 405 31.32 -28.31 -59.19
CA VAL G 405 30.66 -27.00 -59.12
C VAL G 405 29.38 -27.02 -59.93
N VAL G 406 28.41 -26.22 -59.49
CA VAL G 406 27.17 -25.99 -60.20
C VAL G 406 26.94 -24.49 -60.28
N ALA G 407 26.45 -24.03 -61.42
CA ALA G 407 26.21 -22.60 -61.60
C ALA G 407 25.14 -22.11 -60.65
N GLY G 408 25.40 -20.96 -60.03
CA GLY G 408 24.50 -20.38 -59.06
C GLY G 408 23.51 -19.41 -59.68
N GLY G 409 23.01 -18.51 -58.84
CA GLY G 409 22.03 -17.55 -59.32
C GLY G 409 20.67 -18.13 -59.55
N GLY G 410 20.36 -19.28 -58.96
CA GLY G 410 19.10 -19.95 -59.17
C GLY G 410 19.05 -20.84 -60.38
N ALA G 411 20.13 -20.94 -61.16
CA ALA G 411 20.13 -21.79 -62.34
C ALA G 411 19.98 -23.25 -61.98
N ILE G 412 20.73 -23.70 -60.98
CA ILE G 412 20.66 -25.11 -60.57
C ILE G 412 19.27 -25.46 -60.09
N GLU G 413 18.63 -24.55 -59.35
CA GLU G 413 17.31 -24.86 -58.82
C GLU G 413 16.24 -24.80 -59.90
N MET G 414 16.38 -23.91 -60.88
CA MET G 414 15.45 -23.92 -62.00
C MET G 414 15.57 -25.20 -62.79
N GLU G 415 16.79 -25.68 -63.00
CA GLU G 415 16.99 -26.96 -63.68
C GLU G 415 16.37 -28.10 -62.87
N LEU G 416 16.58 -28.09 -61.56
CA LEU G 416 16.00 -29.13 -60.72
C LEU G 416 14.49 -29.08 -60.75
N SER G 417 13.91 -27.89 -60.74
CA SER G 417 12.46 -27.76 -60.79
C SER G 417 11.91 -28.28 -62.10
N LYS G 418 12.57 -27.96 -63.22
CA LYS G 418 12.14 -28.47 -64.51
C LYS G 418 12.21 -30.00 -64.52
N TYR G 419 13.30 -30.57 -64.01
CA TYR G 419 13.46 -32.01 -63.99
C TYR G 419 12.39 -32.67 -63.13
N LEU G 420 12.10 -32.08 -61.96
CA LEU G 420 11.12 -32.67 -61.07
C LEU G 420 9.72 -32.56 -61.64
N ARG G 421 9.40 -31.45 -62.31
CA ARG G 421 8.10 -31.35 -62.96
C ARG G 421 7.96 -32.39 -64.07
N ASP G 422 9.02 -32.58 -64.86
CA ASP G 422 8.99 -33.60 -65.90
C ASP G 422 8.78 -34.98 -65.31
N TYR G 423 9.45 -35.28 -64.19
CA TYR G 423 9.26 -36.57 -63.55
C TYR G 423 7.84 -36.71 -63.02
N SER G 424 7.30 -35.66 -62.38
CA SER G 424 5.98 -35.74 -61.77
C SER G 424 4.89 -35.88 -62.82
N ARG G 425 5.13 -35.40 -64.03
CA ARG G 425 4.11 -35.55 -65.07
C ARG G 425 3.94 -36.99 -65.52
N THR G 426 4.64 -37.96 -64.95
CA THR G 426 4.59 -39.35 -65.38
C THR G 426 4.36 -40.30 -64.22
N ILE G 427 3.54 -39.89 -63.25
CA ILE G 427 3.22 -40.73 -62.11
C ILE G 427 1.73 -40.63 -61.82
N PRO G 428 1.15 -41.64 -61.12
CA PRO G 428 -0.31 -41.74 -60.97
C PRO G 428 -1.07 -40.44 -60.73
N GLY G 429 -0.71 -39.68 -59.71
CA GLY G 429 -1.38 -38.40 -59.52
C GLY G 429 -1.59 -37.93 -58.10
N LYS G 430 -1.58 -38.84 -57.12
CA LYS G 430 -1.57 -38.38 -55.74
C LYS G 430 -0.19 -37.82 -55.38
N GLN G 431 0.87 -38.53 -55.76
CA GLN G 431 2.22 -38.02 -55.58
C GLN G 431 2.58 -36.95 -56.60
N GLN G 432 1.86 -36.89 -57.72
CA GLN G 432 2.16 -35.90 -58.74
C GLN G 432 1.96 -34.49 -58.21
N LEU G 433 0.87 -34.26 -57.49
CA LEU G 433 0.61 -32.93 -56.95
C LEU G 433 1.71 -32.51 -55.98
N LEU G 434 2.12 -33.42 -55.11
CA LEU G 434 3.11 -33.06 -54.09
C LEU G 434 4.49 -32.85 -54.70
N ILE G 435 4.87 -33.68 -55.68
CA ILE G 435 6.16 -33.47 -56.33
C ILE G 435 6.14 -32.19 -57.15
N GLY G 436 5.01 -31.87 -57.78
CA GLY G 436 4.90 -30.59 -58.45
C GLY G 436 5.00 -29.43 -57.50
N ALA G 437 4.42 -29.57 -56.30
CA ALA G 437 4.55 -28.53 -55.28
C ALA G 437 5.99 -28.36 -54.86
N TYR G 438 6.72 -29.48 -54.71
CA TYR G 438 8.14 -29.41 -54.40
C TYR G 438 8.91 -28.67 -55.49
N ALA G 439 8.63 -29.01 -56.75
CA ALA G 439 9.32 -28.35 -57.86
C ALA G 439 9.01 -26.85 -57.89
N LYS G 440 7.76 -26.49 -57.65
CA LYS G 440 7.39 -25.07 -57.61
C LYS G 440 8.07 -24.37 -56.44
N ALA G 441 8.19 -25.06 -55.30
CA ALA G 441 8.87 -24.47 -54.15
C ALA G 441 10.34 -24.23 -54.42
N LEU G 442 10.95 -25.06 -55.29
CA LEU G 442 12.36 -24.87 -55.61
C LEU G 442 12.61 -23.55 -56.36
N GLU G 443 11.56 -22.79 -56.66
CA GLU G 443 11.67 -21.53 -57.35
C GLU G 443 11.81 -20.34 -56.42
N ILE G 444 11.88 -20.57 -55.11
CA ILE G 444 11.88 -19.46 -54.16
C ILE G 444 13.17 -18.65 -54.26
N ILE G 445 14.30 -19.31 -54.49
CA ILE G 445 15.58 -18.60 -54.47
C ILE G 445 15.70 -17.59 -55.61
N PRO G 446 15.47 -17.94 -56.88
CA PRO G 446 15.52 -16.89 -57.92
C PRO G 446 14.47 -15.82 -57.73
N ARG G 447 13.29 -16.20 -57.24
CA ARG G 447 12.26 -15.20 -56.97
C ARG G 447 12.69 -14.25 -55.87
N GLN G 448 13.29 -14.78 -54.81
CA GLN G 448 13.79 -13.92 -53.74
C GLN G 448 14.93 -13.04 -54.23
N LEU G 449 15.79 -13.56 -55.09
CA LEU G 449 16.85 -12.74 -55.68
C LEU G 449 16.26 -11.57 -56.44
N CYS G 450 15.29 -11.83 -57.29
CA CYS G 450 14.67 -10.76 -58.07
C CYS G 450 13.96 -9.77 -57.16
N ASP G 451 13.27 -10.26 -56.13
CA ASP G 451 12.57 -9.37 -55.22
C ASP G 451 13.54 -8.46 -54.48
N ASN G 452 14.65 -9.02 -54.00
CA ASN G 452 15.64 -8.21 -53.31
C ASN G 452 16.28 -7.19 -54.24
N ALA G 453 16.56 -7.59 -55.48
CA ALA G 453 17.17 -6.66 -56.43
C ALA G 453 16.20 -5.60 -56.91
N GLY G 454 14.91 -5.71 -56.60
CA GLY G 454 13.94 -4.75 -57.07
C GLY G 454 13.40 -5.02 -58.45
N PHE G 455 13.50 -6.25 -58.93
CA PHE G 455 13.10 -6.59 -60.29
C PHE G 455 11.59 -6.84 -60.32
N ASP G 456 11.12 -7.40 -61.43
CA ASP G 456 9.81 -8.03 -61.50
C ASP G 456 10.04 -9.53 -61.54
N ALA G 457 9.78 -10.20 -60.42
CA ALA G 457 10.14 -11.62 -60.29
C ALA G 457 9.39 -12.48 -61.28
N THR G 458 8.13 -12.15 -61.58
CA THR G 458 7.32 -13.00 -62.44
C THR G 458 7.91 -13.11 -63.84
N ASN G 459 8.31 -11.99 -64.42
CA ASN G 459 8.85 -12.00 -65.78
C ASN G 459 10.16 -12.79 -65.84
N ILE G 460 11.04 -12.57 -64.86
CA ILE G 460 12.31 -13.28 -64.85
C ILE G 460 12.07 -14.77 -64.68
N LEU G 461 11.13 -15.14 -63.81
CA LEU G 461 10.83 -16.55 -63.61
C LEU G 461 10.26 -17.18 -64.87
N ASN G 462 9.40 -16.47 -65.59
CA ASN G 462 8.85 -17.00 -66.83
C ASN G 462 9.96 -17.18 -67.86
N LYS G 463 10.85 -16.20 -67.99
CA LYS G 463 11.95 -16.32 -68.94
C LYS G 463 12.86 -17.47 -68.58
N LEU G 464 13.17 -17.63 -67.29
CA LEU G 464 14.02 -18.73 -66.86
C LEU G 464 13.37 -20.07 -67.14
N ARG G 465 12.07 -20.19 -66.86
CA ARG G 465 11.38 -21.45 -67.11
C ARG G 465 11.40 -21.79 -68.59
N ALA G 466 11.12 -20.81 -69.44
CA ALA G 466 11.15 -21.07 -70.89
C ALA G 466 12.55 -21.46 -71.34
N ARG G 467 13.56 -20.75 -70.85
CA ARG G 467 14.94 -21.05 -71.27
C ARG G 467 15.35 -22.45 -70.84
N HIS G 468 15.03 -22.83 -69.61
CA HIS G 468 15.39 -24.17 -69.15
C HIS G 468 14.61 -25.22 -69.91
N ALA G 469 13.35 -24.95 -70.24
CA ALA G 469 12.56 -25.91 -71.01
C ALA G 469 13.14 -26.12 -72.40
N GLN G 470 13.57 -25.05 -73.06
CA GLN G 470 14.08 -25.17 -74.42
C GLN G 470 15.57 -25.49 -74.48
N GLY G 471 16.22 -25.69 -73.34
CA GLY G 471 17.62 -26.04 -73.33
C GLY G 471 18.51 -24.99 -72.68
N GLY G 472 19.54 -25.43 -71.99
CA GLY G 472 20.41 -24.53 -71.25
C GLY G 472 20.31 -24.77 -69.77
N THR G 473 21.30 -25.49 -69.23
CA THR G 473 21.24 -25.94 -67.85
C THR G 473 21.58 -24.83 -66.87
N TRP G 474 22.43 -23.89 -67.25
CA TRP G 474 23.04 -22.95 -66.32
C TRP G 474 22.59 -21.51 -66.56
N TYR G 475 21.30 -21.31 -66.82
CA TYR G 475 20.76 -19.97 -66.99
C TYR G 475 20.10 -19.53 -65.69
N GLY G 476 20.59 -18.42 -65.14
CA GLY G 476 20.08 -17.91 -63.88
C GLY G 476 19.86 -16.42 -63.90
N VAL G 477 19.61 -15.82 -62.74
CA VAL G 477 19.30 -14.41 -62.66
C VAL G 477 20.58 -13.60 -62.82
N ASP G 478 20.55 -12.62 -63.73
CA ASP G 478 21.63 -11.65 -63.89
C ASP G 478 21.22 -10.38 -63.17
N ILE G 479 21.84 -10.13 -62.01
CA ILE G 479 21.40 -9.03 -61.15
C ILE G 479 21.72 -7.68 -61.77
N ASN G 480 22.89 -7.57 -62.39
CA ASN G 480 23.32 -6.26 -62.88
C ASN G 480 22.49 -5.80 -64.08
N ASN G 481 22.20 -6.70 -65.01
CA ASN G 481 21.51 -6.35 -66.24
C ASN G 481 20.01 -6.56 -66.17
N GLU G 482 19.47 -6.97 -65.02
CA GLU G 482 18.04 -7.20 -64.85
C GLU G 482 17.48 -8.15 -65.90
N ASP G 483 18.22 -9.23 -66.15
CA ASP G 483 17.82 -10.19 -67.16
C ASP G 483 18.34 -11.56 -66.72
N ILE G 484 18.36 -12.51 -67.65
CA ILE G 484 18.89 -13.83 -67.40
C ILE G 484 20.17 -14.01 -68.21
N ALA G 485 21.04 -14.89 -67.73
CA ALA G 485 22.29 -15.14 -68.41
C ALA G 485 22.80 -16.53 -68.04
N ASP G 486 23.72 -17.03 -68.85
CA ASP G 486 24.37 -18.31 -68.57
C ASP G 486 25.33 -18.11 -67.41
N ASN G 487 24.87 -18.42 -66.19
CA ASN G 487 25.64 -18.13 -65.00
C ASN G 487 26.91 -18.95 -64.91
N PHE G 488 26.99 -20.09 -65.59
CA PHE G 488 28.25 -20.81 -65.63
C PHE G 488 29.31 -20.02 -66.39
N GLU G 489 28.92 -19.38 -67.49
CA GLU G 489 29.86 -18.55 -68.23
C GLU G 489 30.12 -17.23 -67.52
N ALA G 490 29.25 -16.83 -66.60
CA ALA G 490 29.46 -15.63 -65.79
C ALA G 490 30.23 -15.93 -64.52
N PHE G 491 30.71 -17.16 -64.36
CA PHE G 491 31.53 -17.57 -63.23
C PHE G 491 30.78 -17.43 -61.90
N VAL G 492 29.47 -17.60 -61.93
CA VAL G 492 28.69 -17.67 -60.69
C VAL G 492 28.66 -19.15 -60.31
N TRP G 493 29.72 -19.58 -59.62
CA TRP G 493 29.94 -20.98 -59.33
C TRP G 493 29.64 -21.29 -57.87
N GLU G 494 29.16 -22.51 -57.63
CA GLU G 494 28.80 -22.98 -56.31
C GLU G 494 29.28 -24.42 -56.23
N PRO G 495 29.93 -24.82 -55.14
CA PRO G 495 30.20 -26.24 -54.94
C PRO G 495 28.88 -27.01 -54.86
N ALA G 496 28.85 -28.18 -55.48
CA ALA G 496 27.61 -28.95 -55.53
C ALA G 496 27.14 -29.37 -54.15
N MET G 497 28.08 -29.63 -53.23
CA MET G 497 27.71 -30.10 -51.91
C MET G 497 26.91 -29.05 -51.16
N VAL G 498 27.08 -27.76 -51.49
CA VAL G 498 26.29 -26.73 -50.85
C VAL G 498 24.81 -26.95 -51.12
N ARG G 499 24.46 -27.11 -52.39
CA ARG G 499 23.06 -27.33 -52.74
C ARG G 499 22.58 -28.69 -52.28
N ILE G 500 23.45 -29.70 -52.32
CA ILE G 500 23.07 -31.03 -51.87
C ILE G 500 22.66 -31.00 -50.41
N ASN G 501 23.52 -30.41 -49.57
CA ASN G 501 23.22 -30.34 -48.14
C ASN G 501 22.02 -29.43 -47.88
N ALA G 502 21.89 -28.35 -48.65
CA ALA G 502 20.75 -27.46 -48.47
C ALA G 502 19.44 -28.21 -48.71
N LEU G 503 19.36 -28.93 -49.84
CA LEU G 503 18.15 -29.69 -50.13
C LEU G 503 17.91 -30.77 -49.09
N THR G 504 18.96 -31.48 -48.68
CA THR G 504 18.80 -32.55 -47.71
C THR G 504 18.25 -32.01 -46.39
N ALA G 505 18.87 -30.94 -45.88
CA ALA G 505 18.45 -30.38 -44.60
C ALA G 505 17.04 -29.80 -44.68
N ALA G 506 16.73 -29.08 -45.77
CA ALA G 506 15.39 -28.52 -45.90
C ALA G 506 14.34 -29.61 -45.96
N SER G 507 14.61 -30.67 -46.72
CA SER G 507 13.66 -31.78 -46.81
C SER G 507 13.48 -32.45 -45.46
N GLU G 508 14.56 -32.68 -44.73
CA GLU G 508 14.44 -33.32 -43.43
C GLU G 508 13.65 -32.45 -42.47
N ALA G 509 13.89 -31.13 -42.48
CA ALA G 509 13.14 -30.24 -41.62
C ALA G 509 11.66 -30.24 -41.96
N ALA G 510 11.33 -30.18 -43.26
CA ALA G 510 9.93 -30.18 -43.66
C ALA G 510 9.25 -31.49 -43.26
N CYS G 511 9.93 -32.63 -43.45
CA CYS G 511 9.35 -33.90 -43.08
C CYS G 511 9.11 -33.97 -41.58
N LEU G 512 10.07 -33.51 -40.78
CA LEU G 512 9.90 -33.53 -39.33
C LEU G 512 8.75 -32.64 -38.89
N ILE G 513 8.64 -31.45 -39.49
CA ILE G 513 7.56 -30.54 -39.10
C ILE G 513 6.21 -31.14 -39.48
N VAL G 514 6.10 -31.72 -40.67
CA VAL G 514 4.83 -32.26 -41.11
C VAL G 514 4.44 -33.48 -40.27
N SER G 515 5.42 -34.27 -39.85
CA SER G 515 5.12 -35.51 -39.12
C SER G 515 4.48 -35.27 -37.76
N VAL G 516 4.64 -34.09 -37.18
CA VAL G 516 4.12 -33.82 -35.84
C VAL G 516 2.65 -33.47 -35.93
N ASP G 517 1.84 -34.11 -35.09
CA ASP G 517 0.40 -33.84 -35.05
C ASP G 517 -0.07 -33.19 -33.76
N GLU G 518 0.60 -33.44 -32.64
CA GLU G 518 0.19 -32.89 -31.35
C GLU G 518 1.37 -32.25 -30.67
N THR G 519 1.13 -31.08 -30.06
CA THR G 519 2.13 -30.37 -29.28
C THR G 519 1.65 -30.29 -27.84
N ILE G 520 2.47 -30.78 -26.92
CA ILE G 520 2.16 -30.75 -25.49
C ILE G 520 3.24 -29.93 -24.80
N LYS G 521 2.82 -28.97 -24.00
CA LYS G 521 3.74 -28.04 -23.34
C LYS G 521 3.50 -28.09 -21.84
N ASN G 522 4.48 -28.63 -21.11
CA ASN G 522 4.34 -28.78 -19.67
C ASN G 522 4.45 -27.42 -18.99
N PRO G 523 3.85 -27.26 -17.81
CA PRO G 523 3.98 -26.00 -17.09
C PRO G 523 5.41 -25.76 -16.63
N ARG G 524 5.77 -24.49 -16.55
CA ARG G 524 7.08 -24.11 -16.09
C ARG G 524 7.32 -24.51 -14.65
N SER G 525 8.56 -24.88 -14.34
CA SER G 525 8.99 -25.23 -13.00
C SER G 525 9.98 -24.18 -12.50
N THR G 526 9.80 -23.76 -11.25
CA THR G 526 10.64 -22.73 -10.63
C THR G 526 10.66 -21.45 -11.47
N VAL G 527 9.48 -20.85 -11.60
CA VAL G 527 9.35 -19.62 -12.37
C VAL G 527 10.13 -18.48 -11.71
N ASP G 528 10.17 -18.47 -10.38
CA ASP G 528 10.94 -17.49 -9.61
C ASP G 528 10.54 -16.06 -9.96
N ALA H 1 -30.46 -23.09 7.78
CA ALA H 1 -30.63 -24.05 6.70
C ALA H 1 -29.99 -23.53 5.42
N LEU H 2 -28.71 -23.18 5.50
CA LEU H 2 -28.01 -22.63 4.36
C LEU H 2 -26.66 -23.29 4.09
N HIS H 3 -26.26 -24.26 4.90
CA HIS H 3 -24.98 -24.93 4.70
C HIS H 3 -25.10 -26.38 5.14
N VAL H 4 -24.38 -27.25 4.44
CA VAL H 4 -24.36 -28.68 4.74
C VAL H 4 -23.07 -28.98 5.50
N PRO H 5 -23.13 -29.31 6.79
CA PRO H 5 -21.91 -29.57 7.54
C PRO H 5 -21.30 -30.91 7.16
N LYS H 6 -20.02 -31.05 7.49
CA LYS H 6 -19.33 -32.31 7.27
C LYS H 6 -19.88 -33.39 8.19
N ALA H 7 -20.01 -34.59 7.66
CA ALA H 7 -20.59 -35.68 8.45
C ALA H 7 -19.68 -36.01 9.63
N PRO H 8 -20.24 -36.34 10.79
CA PRO H 8 -19.39 -36.69 11.93
C PRO H 8 -18.56 -37.93 11.65
N GLY H 9 -17.35 -37.94 12.19
CA GLY H 9 -16.47 -39.07 12.00
C GLY H 9 -15.26 -38.75 11.15
N PHE H 10 -14.95 -39.62 10.20
CA PHE H 10 -13.74 -39.47 9.41
C PHE H 10 -13.77 -38.21 8.54
N ALA H 11 -14.97 -37.78 8.14
CA ALA H 11 -15.06 -36.60 7.30
C ALA H 11 -14.53 -35.37 8.02
N GLN H 12 -14.86 -35.22 9.30
CA GLN H 12 -14.39 -34.08 10.06
C GLN H 12 -12.92 -34.19 10.47
N MET H 13 -12.42 -35.42 10.65
CA MET H 13 -11.05 -35.62 11.08
C MET H 13 -10.04 -35.46 9.96
N LEU H 14 -10.48 -35.39 8.70
CA LEU H 14 -9.56 -35.28 7.59
C LEU H 14 -8.84 -33.94 7.63
N LYS H 15 -7.60 -33.94 7.13
CA LYS H 15 -6.82 -32.72 7.08
C LYS H 15 -7.40 -31.76 6.03
N GLU H 16 -6.96 -30.50 6.11
CA GLU H 16 -7.59 -29.46 5.30
C GLU H 16 -7.34 -29.66 3.82
N GLY H 17 -6.15 -30.14 3.45
CA GLY H 17 -5.83 -30.28 2.04
C GLY H 17 -6.02 -31.69 1.51
N ALA H 18 -6.30 -32.63 2.41
CA ALA H 18 -6.41 -34.02 2.01
C ALA H 18 -7.70 -34.27 1.25
N LYS H 19 -7.70 -35.35 0.47
CA LYS H 19 -8.86 -35.77 -0.31
C LYS H 19 -9.10 -37.25 -0.07
N HIS H 20 -10.37 -37.62 0.02
CA HIS H 20 -10.77 -39.01 0.26
C HIS H 20 -11.83 -39.39 -0.75
N PHE H 21 -11.54 -40.37 -1.59
CA PHE H 21 -12.48 -40.91 -2.55
C PHE H 21 -12.77 -42.36 -2.21
N SER H 22 -14.05 -42.70 -2.09
CA SER H 22 -14.44 -44.05 -1.71
C SER H 22 -15.66 -44.48 -2.50
N GLY H 23 -15.70 -45.77 -2.83
CA GLY H 23 -16.82 -46.33 -3.55
C GLY H 23 -16.57 -46.38 -5.05
N LEU H 24 -17.49 -47.05 -5.74
CA LEU H 24 -17.35 -47.25 -7.18
C LEU H 24 -17.24 -45.93 -7.91
N GLU H 25 -18.29 -45.12 -7.88
CA GLU H 25 -18.32 -43.91 -8.69
C GLU H 25 -17.22 -42.94 -8.31
N GLU H 26 -16.91 -42.85 -7.01
CA GLU H 26 -15.91 -41.88 -6.58
C GLU H 26 -14.49 -42.31 -6.90
N ALA H 27 -14.19 -43.61 -6.88
CA ALA H 27 -12.82 -44.07 -7.01
C ALA H 27 -12.57 -44.87 -8.28
N VAL H 28 -13.32 -45.95 -8.49
CA VAL H 28 -12.99 -46.89 -9.56
C VAL H 28 -13.25 -46.24 -10.92
N TYR H 29 -14.42 -45.61 -11.06
CA TYR H 29 -14.76 -45.00 -12.34
C TYR H 29 -13.83 -43.83 -12.65
N ARG H 30 -13.44 -43.06 -11.64
CA ARG H 30 -12.50 -41.97 -11.86
C ARG H 30 -11.14 -42.51 -12.31
N ASN H 31 -10.67 -43.58 -11.68
CA ASN H 31 -9.40 -44.16 -12.08
C ASN H 31 -9.47 -44.68 -13.51
N ILE H 32 -10.57 -45.34 -13.87
CA ILE H 32 -10.73 -45.84 -15.23
C ILE H 32 -10.75 -44.68 -16.21
N GLN H 33 -11.40 -43.58 -15.85
CA GLN H 33 -11.44 -42.42 -16.73
C GLN H 33 -10.04 -41.84 -16.94
N ALA H 34 -9.24 -41.75 -15.87
CA ALA H 34 -7.89 -41.24 -16.01
C ALA H 34 -7.04 -42.14 -16.90
N CYS H 35 -7.14 -43.45 -16.70
CA CYS H 35 -6.38 -44.37 -17.53
C CYS H 35 -6.81 -44.29 -18.98
N LYS H 36 -8.12 -44.14 -19.22
CA LYS H 36 -8.62 -43.99 -20.58
C LYS H 36 -8.06 -42.72 -21.22
N GLU H 37 -8.00 -41.63 -20.46
CA GLU H 37 -7.44 -40.39 -21.00
C GLU H 37 -5.97 -40.56 -21.35
N LEU H 38 -5.20 -41.23 -20.49
CA LEU H 38 -3.78 -41.44 -20.79
C LEU H 38 -3.59 -42.28 -22.05
N ALA H 39 -4.35 -43.37 -22.16
CA ALA H 39 -4.27 -44.20 -23.34
C ALA H 39 -4.66 -43.41 -24.59
N GLN H 40 -5.66 -42.53 -24.46
CA GLN H 40 -6.05 -41.70 -25.59
C GLN H 40 -4.92 -40.77 -26.00
N THR H 41 -4.22 -40.18 -25.03
CA THR H 41 -3.11 -39.29 -25.36
C THR H 41 -2.02 -40.03 -26.12
N THR H 42 -1.73 -41.27 -25.71
CA THR H 42 -0.66 -42.00 -26.37
C THR H 42 -1.12 -42.74 -27.64
N ARG H 43 -2.43 -42.82 -27.87
CA ARG H 43 -2.97 -43.71 -28.90
C ARG H 43 -2.47 -43.36 -30.30
N THR H 44 -2.45 -42.07 -30.64
CA THR H 44 -2.24 -41.68 -32.03
C THR H 44 -0.83 -41.95 -32.54
N ALA H 45 0.11 -42.31 -31.67
CA ALA H 45 1.47 -42.59 -32.09
C ALA H 45 1.73 -44.07 -32.32
N TYR H 46 0.71 -44.91 -32.23
CA TYR H 46 0.90 -46.35 -32.41
C TYR H 46 1.11 -46.69 -33.87
N GLY H 47 2.03 -47.63 -34.12
CA GLY H 47 2.19 -48.21 -35.43
C GLY H 47 3.07 -47.40 -36.36
N PRO H 48 3.34 -47.95 -37.55
CA PRO H 48 4.17 -47.22 -38.52
C PRO H 48 3.59 -45.88 -38.91
N ASN H 49 2.28 -45.80 -39.04
CA ASN H 49 1.62 -44.55 -39.40
C ASN H 49 1.42 -43.63 -38.21
N GLY H 50 2.08 -43.90 -37.09
CA GLY H 50 1.97 -43.02 -35.95
C GLY H 50 2.58 -41.67 -36.22
N MET H 51 2.10 -40.66 -35.50
CA MET H 51 2.51 -39.28 -35.69
C MET H 51 3.39 -38.85 -34.53
N ASN H 52 4.50 -38.19 -34.84
CA ASN H 52 5.39 -37.69 -33.80
C ASN H 52 4.68 -36.62 -32.97
N LYS H 53 5.14 -36.46 -31.73
CA LYS H 53 4.58 -35.47 -30.82
C LYS H 53 5.69 -34.58 -30.30
N MET H 54 5.50 -33.28 -30.36
CA MET H 54 6.42 -32.33 -29.72
C MET H 54 6.01 -32.18 -28.27
N VAL H 55 6.84 -32.68 -27.37
CA VAL H 55 6.62 -32.59 -25.93
C VAL H 55 7.70 -31.72 -25.34
N ILE H 56 7.30 -30.68 -24.61
CA ILE H 56 8.22 -29.79 -23.93
C ILE H 56 8.06 -30.03 -22.44
N ASN H 57 9.14 -30.45 -21.79
CA ASN H 57 9.09 -30.70 -20.35
C ASN H 57 9.17 -29.37 -19.61
N HIS H 58 9.37 -29.42 -18.31
CA HIS H 58 9.41 -28.23 -17.48
C HIS H 58 10.73 -27.46 -17.61
N LEU H 59 11.57 -27.82 -18.58
CA LEU H 59 12.86 -27.16 -18.75
C LEU H 59 13.11 -26.70 -20.18
N GLU H 60 12.06 -26.59 -20.99
CA GLU H 60 12.18 -26.25 -22.41
C GLU H 60 13.13 -27.19 -23.14
N LYS H 61 13.01 -28.48 -22.85
CA LYS H 61 13.75 -29.49 -23.61
C LYS H 61 12.78 -30.14 -24.59
N LEU H 62 13.04 -29.97 -25.88
CA LEU H 62 12.17 -30.55 -26.89
C LEU H 62 12.32 -32.05 -26.94
N PHE H 63 11.21 -32.74 -27.19
CA PHE H 63 11.18 -34.19 -27.39
C PHE H 63 10.17 -34.46 -28.49
N VAL H 64 10.64 -34.54 -29.73
CA VAL H 64 9.82 -34.94 -30.85
C VAL H 64 10.04 -36.42 -31.09
N THR H 65 9.02 -37.22 -30.83
CA THR H 65 9.15 -38.66 -30.90
C THR H 65 7.78 -39.30 -30.93
N ASN H 66 7.74 -40.55 -31.39
CA ASN H 66 6.55 -41.38 -31.28
C ASN H 66 6.77 -42.58 -30.35
N ASP H 67 7.84 -42.56 -29.58
CA ASP H 67 8.09 -43.60 -28.58
C ASP H 67 7.18 -43.35 -27.38
N ALA H 68 6.35 -44.34 -27.03
CA ALA H 68 5.38 -44.16 -25.96
C ALA H 68 6.05 -43.94 -24.62
N ALA H 69 7.10 -44.71 -24.32
CA ALA H 69 7.76 -44.58 -23.03
C ALA H 69 8.38 -43.20 -22.86
N THR H 70 9.02 -42.69 -23.91
CA THR H 70 9.60 -41.36 -23.83
C THR H 70 8.53 -40.29 -23.61
N ILE H 71 7.41 -40.40 -24.33
CA ILE H 71 6.34 -39.44 -24.17
C ILE H 71 5.81 -39.46 -22.74
N LEU H 72 5.61 -40.66 -22.18
CA LEU H 72 5.13 -40.76 -20.82
C LEU H 72 6.14 -40.20 -19.82
N ARG H 73 7.43 -40.46 -20.06
CA ARG H 73 8.45 -39.95 -19.15
C ARG H 73 8.49 -38.43 -19.16
N GLU H 74 8.31 -37.83 -20.32
CA GLU H 74 8.36 -36.37 -20.41
C GLU H 74 7.02 -35.71 -20.09
N LEU H 75 5.99 -36.49 -19.79
CA LEU H 75 4.69 -35.94 -19.41
C LEU H 75 4.57 -35.92 -17.90
N GLU H 76 4.09 -34.80 -17.36
CA GLU H 76 3.91 -34.65 -15.91
C GLU H 76 2.58 -35.26 -15.51
N VAL H 77 2.56 -36.58 -15.45
CA VAL H 77 1.34 -37.30 -15.06
C VAL H 77 1.12 -37.12 -13.57
N GLN H 78 -0.10 -36.76 -13.19
CA GLN H 78 -0.44 -36.50 -11.80
C GLN H 78 -1.41 -37.50 -11.19
N HIS H 79 -2.29 -38.09 -11.98
CA HIS H 79 -3.25 -39.03 -11.45
C HIS H 79 -2.55 -40.32 -11.02
N PRO H 80 -2.88 -40.86 -9.85
CA PRO H 80 -2.17 -42.07 -9.38
C PRO H 80 -2.40 -43.29 -10.25
N ALA H 81 -3.62 -43.51 -10.74
CA ALA H 81 -3.87 -44.67 -11.59
C ALA H 81 -3.09 -44.58 -12.89
N ALA H 82 -3.10 -43.39 -13.50
CA ALA H 82 -2.27 -43.17 -14.67
C ALA H 82 -0.80 -43.35 -14.33
N LYS H 83 -0.40 -43.00 -13.11
CA LYS H 83 0.97 -43.22 -12.69
C LYS H 83 1.30 -44.70 -12.67
N MET H 84 0.38 -45.53 -12.19
CA MET H 84 0.63 -46.97 -12.18
C MET H 84 0.70 -47.53 -13.60
N ILE H 85 -0.16 -47.04 -14.48
CA ILE H 85 -0.09 -47.48 -15.88
C ILE H 85 1.26 -47.09 -16.50
N VAL H 86 1.70 -45.87 -16.22
CA VAL H 86 3.00 -45.41 -16.74
C VAL H 86 4.13 -46.28 -16.18
N MET H 87 4.04 -46.64 -14.90
CA MET H 87 5.07 -47.47 -14.30
C MET H 87 5.09 -48.85 -14.93
N ALA H 88 3.92 -49.40 -15.24
CA ALA H 88 3.87 -50.68 -15.96
C ALA H 88 4.51 -50.55 -17.34
N SER H 89 4.24 -49.44 -18.03
CA SER H 89 4.85 -49.23 -19.35
C SER H 89 6.37 -49.14 -19.25
N HIS H 90 6.87 -48.42 -18.25
CA HIS H 90 8.31 -48.30 -18.06
C HIS H 90 8.93 -49.64 -17.69
N MET H 91 8.22 -50.45 -16.90
CA MET H 91 8.71 -51.79 -16.59
C MET H 91 8.80 -52.63 -17.85
N GLN H 92 7.81 -52.52 -18.73
CA GLN H 92 7.88 -53.24 -20.01
C GLN H 92 9.08 -52.75 -20.82
N GLU H 93 9.31 -51.45 -20.84
CA GLU H 93 10.45 -50.91 -21.59
C GLU H 93 11.77 -51.43 -21.05
N GLN H 94 11.89 -51.49 -19.72
CA GLN H 94 13.12 -51.99 -19.11
C GLN H 94 13.31 -53.48 -19.37
N GLU H 95 12.22 -54.25 -19.29
CA GLU H 95 12.34 -55.71 -19.41
C GLU H 95 12.63 -56.12 -20.85
N VAL H 96 11.90 -55.57 -21.80
CA VAL H 96 11.95 -56.00 -23.19
C VAL H 96 12.58 -54.95 -24.09
N GLY H 97 12.10 -53.71 -24.01
CA GLY H 97 12.60 -52.63 -24.84
C GLY H 97 11.63 -52.13 -25.88
N ASP H 98 10.55 -52.86 -26.16
CA ASP H 98 9.53 -52.43 -27.10
C ASP H 98 8.19 -53.00 -26.66
N GLY H 99 7.12 -52.34 -27.09
CA GLY H 99 5.78 -52.74 -26.71
C GLY H 99 5.11 -51.88 -25.66
N THR H 100 5.69 -50.72 -25.34
CA THR H 100 5.10 -49.85 -24.32
C THR H 100 3.74 -49.32 -24.76
N ASN H 101 3.64 -48.86 -26.01
CA ASN H 101 2.36 -48.38 -26.50
C ASN H 101 1.32 -49.49 -26.50
N PHE H 102 1.76 -50.73 -26.79
CA PHE H 102 0.86 -51.87 -26.64
C PHE H 102 0.36 -51.97 -25.21
N VAL H 103 1.25 -51.76 -24.24
CA VAL H 103 0.85 -51.86 -22.84
C VAL H 103 -0.24 -50.85 -22.53
N LEU H 104 -0.03 -49.59 -22.94
CA LEU H 104 -1.05 -48.59 -22.66
C LEU H 104 -2.36 -48.90 -23.35
N VAL H 105 -2.30 -49.27 -24.63
CA VAL H 105 -3.54 -49.53 -25.38
C VAL H 105 -4.32 -50.66 -24.75
N PHE H 106 -3.63 -51.77 -24.46
CA PHE H 106 -4.31 -52.93 -23.89
C PHE H 106 -4.86 -52.63 -22.49
N ALA H 107 -4.07 -51.95 -21.65
CA ALA H 107 -4.55 -51.64 -20.31
C ALA H 107 -5.76 -50.71 -20.36
N GLY H 108 -5.72 -49.70 -21.23
CA GLY H 108 -6.86 -48.81 -21.34
C GLY H 108 -8.10 -49.51 -21.83
N ALA H 109 -7.96 -50.36 -22.85
CA ALA H 109 -9.12 -51.09 -23.34
C ALA H 109 -9.68 -52.00 -22.27
N LEU H 110 -8.80 -52.68 -21.52
CA LEU H 110 -9.25 -53.55 -20.45
C LEU H 110 -10.01 -52.75 -19.40
N LEU H 111 -9.55 -51.56 -19.08
CA LEU H 111 -10.21 -50.78 -18.02
C LEU H 111 -11.56 -50.24 -18.48
N GLU H 112 -11.66 -49.78 -19.73
CA GLU H 112 -12.98 -49.34 -20.21
C GLU H 112 -13.97 -50.51 -20.25
N LEU H 113 -13.53 -51.67 -20.72
CA LEU H 113 -14.44 -52.80 -20.74
C LEU H 113 -14.78 -53.27 -19.34
N ALA H 114 -13.84 -53.11 -18.39
CA ALA H 114 -14.13 -53.40 -17.00
C ALA H 114 -15.21 -52.47 -16.46
N GLU H 115 -15.15 -51.19 -16.84
CA GLU H 115 -16.19 -50.26 -16.42
C GLU H 115 -17.54 -50.66 -17.00
N GLU H 116 -17.56 -51.09 -18.26
CA GLU H 116 -18.80 -51.58 -18.85
C GLU H 116 -19.36 -52.75 -18.05
N LEU H 117 -18.49 -53.71 -17.71
CA LEU H 117 -18.93 -54.89 -16.97
C LEU H 117 -19.42 -54.51 -15.58
N LEU H 118 -18.76 -53.56 -14.92
CA LEU H 118 -19.22 -53.10 -13.62
C LEU H 118 -20.59 -52.46 -13.73
N ARG H 119 -20.81 -51.69 -14.80
CA ARG H 119 -22.10 -51.03 -14.98
C ARG H 119 -23.21 -52.05 -15.21
N ILE H 120 -22.96 -53.08 -16.01
CA ILE H 120 -24.04 -54.02 -16.29
C ILE H 120 -24.39 -54.87 -15.07
N GLY H 121 -23.49 -54.97 -14.09
CA GLY H 121 -23.84 -55.65 -12.86
C GLY H 121 -22.75 -56.50 -12.21
N LEU H 122 -21.73 -56.88 -12.95
CA LEU H 122 -20.67 -57.71 -12.40
C LEU H 122 -19.91 -56.97 -11.31
N SER H 123 -19.46 -57.72 -10.31
CA SER H 123 -18.66 -57.14 -9.25
C SER H 123 -17.20 -57.05 -9.67
N VAL H 124 -16.44 -56.27 -8.90
CA VAL H 124 -15.02 -56.08 -9.21
C VAL H 124 -14.27 -57.40 -9.12
N SER H 125 -14.57 -58.21 -8.10
CA SER H 125 -13.87 -59.47 -7.92
C SER H 125 -14.10 -60.42 -9.09
N GLU H 126 -15.34 -60.48 -9.58
CA GLU H 126 -15.63 -61.36 -10.71
C GLU H 126 -14.91 -60.90 -11.96
N VAL H 127 -14.88 -59.58 -12.20
CA VAL H 127 -14.16 -59.05 -13.35
C VAL H 127 -12.68 -59.38 -13.26
N ILE H 128 -12.10 -59.22 -12.07
CA ILE H 128 -10.68 -59.50 -11.87
C ILE H 128 -10.40 -60.97 -12.12
N GLU H 129 -11.23 -61.86 -11.58
CA GLU H 129 -11.02 -63.28 -11.79
C GLU H 129 -11.13 -63.64 -13.26
N GLY H 130 -12.11 -63.08 -13.96
CA GLY H 130 -12.24 -63.35 -15.38
C GLY H 130 -11.04 -62.86 -16.17
N TYR H 131 -10.54 -61.67 -15.84
CA TYR H 131 -9.35 -61.16 -16.50
C TYR H 131 -8.15 -62.06 -16.25
N GLU H 132 -7.99 -62.54 -15.02
CA GLU H 132 -6.86 -63.43 -14.72
C GLU H 132 -6.96 -64.73 -15.51
N ILE H 133 -8.16 -65.32 -15.55
CA ILE H 133 -8.35 -66.56 -16.30
C ILE H 133 -8.07 -66.34 -17.78
N ALA H 134 -8.56 -65.23 -18.33
CA ALA H 134 -8.35 -64.95 -19.74
C ALA H 134 -6.88 -64.69 -20.04
N CYS H 135 -6.17 -64.03 -19.12
CA CYS H 135 -4.74 -63.81 -19.32
C CYS H 135 -3.99 -65.13 -19.31
N ARG H 136 -4.34 -66.04 -18.40
CA ARG H 136 -3.73 -67.37 -18.41
C ARG H 136 -4.00 -68.09 -19.71
N LYS H 137 -5.24 -68.03 -20.20
CA LYS H 137 -5.57 -68.68 -21.46
C LYS H 137 -4.80 -68.07 -22.62
N ALA H 138 -4.67 -66.74 -22.63
CA ALA H 138 -3.92 -66.08 -23.71
C ALA H 138 -2.46 -66.48 -23.68
N HIS H 139 -1.86 -66.55 -22.49
CA HIS H 139 -0.47 -66.97 -22.41
C HIS H 139 -0.32 -68.42 -22.84
N GLU H 140 -1.31 -69.26 -22.55
CA GLU H 140 -1.27 -70.64 -23.03
C GLU H 140 -1.36 -70.70 -24.55
N ILE H 141 -2.20 -69.86 -25.14
CA ILE H 141 -2.40 -69.88 -26.59
C ILE H 141 -1.17 -69.35 -27.32
N LEU H 142 -0.53 -68.33 -26.75
CA LEU H 142 0.50 -67.59 -27.48
C LEU H 142 1.60 -68.45 -28.10
N PRO H 143 2.18 -69.44 -27.43
CA PRO H 143 3.22 -70.24 -28.09
C PRO H 143 2.76 -70.92 -29.36
N ASN H 144 1.48 -71.30 -29.45
CA ASN H 144 0.97 -71.94 -30.65
C ASN H 144 0.90 -71.00 -31.84
N LEU H 145 1.00 -69.69 -31.63
CA LEU H 145 0.91 -68.72 -32.70
C LEU H 145 2.27 -68.36 -33.30
N VAL H 146 3.34 -68.97 -32.81
CA VAL H 146 4.67 -68.67 -33.34
C VAL H 146 4.76 -69.17 -34.78
N CYS H 147 5.16 -68.27 -35.68
CA CYS H 147 5.21 -68.57 -37.11
C CYS H 147 6.59 -69.00 -37.59
N CYS H 148 7.64 -68.34 -37.10
CA CYS H 148 9.00 -68.70 -37.51
C CYS H 148 9.98 -68.22 -36.47
N SER H 149 11.20 -68.75 -36.54
CA SER H 149 12.25 -68.42 -35.60
C SER H 149 13.40 -67.71 -36.33
N ALA H 150 14.26 -67.08 -35.53
CA ALA H 150 15.41 -66.35 -36.09
C ALA H 150 16.35 -67.29 -36.83
N LYS H 151 16.67 -68.44 -36.21
CA LYS H 151 17.40 -69.54 -36.83
C LYS H 151 18.82 -69.19 -37.27
N ASN H 152 19.22 -67.93 -37.09
CA ASN H 152 20.59 -67.49 -37.30
C ASN H 152 20.72 -66.05 -36.84
N LEU H 153 21.85 -65.73 -36.24
CA LEU H 153 22.09 -64.38 -35.74
C LEU H 153 23.42 -63.80 -36.19
N ARG H 154 24.25 -64.57 -36.89
CA ARG H 154 25.50 -64.05 -37.44
C ARG H 154 25.35 -63.59 -38.88
N ASP H 155 24.14 -63.63 -39.43
CA ASP H 155 23.89 -63.24 -40.81
C ASP H 155 23.43 -61.79 -40.86
N ILE H 156 24.12 -60.99 -41.68
CA ILE H 156 23.76 -59.57 -41.79
C ILE H 156 22.38 -59.42 -42.40
N ASP H 157 22.12 -60.13 -43.50
CA ASP H 157 20.83 -60.01 -44.18
C ASP H 157 19.69 -60.48 -43.29
N GLU H 158 19.87 -61.63 -42.64
CA GLU H 158 18.80 -62.17 -41.80
C GLU H 158 18.53 -61.26 -40.62
N VAL H 159 19.57 -60.76 -39.95
CA VAL H 159 19.38 -59.89 -38.81
C VAL H 159 18.74 -58.58 -39.24
N SER H 160 19.14 -58.05 -40.41
CA SER H 160 18.53 -56.83 -40.91
C SER H 160 17.04 -57.04 -41.17
N SER H 161 16.69 -58.17 -41.79
CA SER H 161 15.28 -58.45 -42.04
C SER H 161 14.51 -58.60 -40.73
N LEU H 162 15.10 -59.25 -39.74
CA LEU H 162 14.43 -59.45 -38.46
C LEU H 162 14.18 -58.11 -37.75
N LEU H 163 15.19 -57.24 -37.74
CA LEU H 163 15.07 -55.97 -37.04
C LEU H 163 14.35 -54.89 -37.84
N ARG H 164 14.06 -55.13 -39.12
CA ARG H 164 13.36 -54.13 -39.92
C ARG H 164 12.02 -53.76 -39.30
N THR H 165 11.25 -54.76 -38.86
CA THR H 165 9.92 -54.50 -38.33
C THR H 165 9.97 -53.67 -37.06
N SER H 166 10.92 -53.95 -36.17
CA SER H 166 10.98 -53.26 -34.90
C SER H 166 11.26 -51.77 -35.07
N ILE H 167 12.05 -51.41 -36.08
CA ILE H 167 12.39 -50.02 -36.33
C ILE H 167 11.66 -49.55 -37.58
N MET H 168 10.52 -50.19 -37.88
CA MET H 168 9.61 -49.72 -38.91
C MET H 168 8.45 -48.93 -38.32
N SER H 169 8.09 -49.20 -37.06
CA SER H 169 7.11 -48.37 -36.38
C SER H 169 7.62 -46.95 -36.24
N LYS H 170 8.88 -46.79 -35.89
CA LYS H 170 9.53 -45.49 -35.85
C LYS H 170 10.42 -45.34 -37.08
N GLN H 171 10.49 -44.13 -37.61
CA GLN H 171 11.19 -43.88 -38.87
C GLN H 171 10.65 -44.78 -39.98
N TYR H 172 9.36 -44.62 -40.26
CA TYR H 172 8.69 -45.49 -41.21
C TYR H 172 9.25 -45.33 -42.62
N GLY H 173 9.57 -44.10 -43.01
CA GLY H 173 9.97 -43.87 -44.39
C GLY H 173 11.25 -44.59 -44.77
N ASN H 174 12.24 -44.55 -43.89
CA ASN H 174 13.58 -45.10 -44.18
C ASN H 174 14.01 -46.02 -43.04
N GLU H 175 13.59 -47.29 -43.12
CA GLU H 175 13.94 -48.28 -42.12
C GLU H 175 14.86 -49.36 -42.63
N VAL H 176 14.98 -49.54 -43.94
CA VAL H 176 15.92 -50.51 -44.48
C VAL H 176 17.35 -50.10 -44.18
N PHE H 177 17.67 -48.82 -44.37
CA PHE H 177 19.03 -48.33 -44.11
C PHE H 177 19.38 -48.44 -42.63
N LEU H 178 18.46 -48.03 -41.77
CA LEU H 178 18.68 -48.15 -40.33
C LEU H 178 18.80 -49.61 -39.91
N ALA H 179 17.98 -50.47 -40.51
CA ALA H 179 18.07 -51.90 -40.21
C ALA H 179 19.44 -52.44 -40.58
N LYS H 180 19.95 -52.06 -41.76
CA LYS H 180 21.27 -52.52 -42.15
C LYS H 180 22.34 -52.02 -41.19
N LEU H 181 22.27 -50.75 -40.78
CA LEU H 181 23.25 -50.22 -39.86
C LEU H 181 23.24 -50.98 -38.53
N ILE H 182 22.05 -51.13 -37.94
CA ILE H 182 21.95 -51.79 -36.65
C ILE H 182 22.35 -53.25 -36.76
N ALA H 183 22.02 -53.90 -37.88
CA ALA H 183 22.41 -55.29 -38.08
C ALA H 183 23.92 -55.43 -38.12
N GLN H 184 24.60 -54.56 -38.87
CA GLN H 184 26.05 -54.62 -38.90
C GLN H 184 26.65 -54.39 -37.52
N ALA H 185 26.15 -53.37 -36.82
CA ALA H 185 26.70 -53.05 -35.51
C ALA H 185 26.51 -54.19 -34.53
N CYS H 186 25.34 -54.83 -34.56
CA CYS H 186 25.06 -55.91 -33.61
C CYS H 186 25.80 -57.19 -33.98
N VAL H 187 26.00 -57.44 -35.28
CA VAL H 187 26.74 -58.64 -35.68
C VAL H 187 28.22 -58.51 -35.34
N SER H 188 28.77 -57.29 -35.40
CA SER H 188 30.15 -57.11 -34.96
C SER H 188 30.32 -57.52 -33.49
N ILE H 189 29.40 -57.07 -32.64
CA ILE H 189 29.24 -57.52 -31.26
C ILE H 189 28.62 -58.91 -31.29
N PHE H 190 28.37 -59.50 -30.12
CA PHE H 190 27.78 -60.83 -30.01
C PHE H 190 28.74 -61.91 -30.48
N PRO H 191 29.78 -62.18 -29.69
CA PRO H 191 30.79 -63.17 -30.08
C PRO H 191 30.26 -64.60 -29.99
N ASP H 192 31.16 -65.57 -30.14
CA ASP H 192 30.77 -66.98 -30.07
C ASP H 192 30.02 -67.29 -28.78
N SER H 193 30.41 -66.65 -27.68
CA SER H 193 29.63 -66.77 -26.45
C SER H 193 28.26 -66.16 -26.67
N GLY H 194 27.22 -66.88 -26.22
CA GLY H 194 25.86 -66.44 -26.49
C GLY H 194 25.47 -65.15 -25.80
N HIS H 195 26.24 -64.71 -24.81
CA HIS H 195 25.90 -63.50 -24.09
C HIS H 195 26.08 -62.27 -24.99
N PHE H 196 25.06 -61.43 -25.02
CA PHE H 196 25.06 -60.20 -25.81
C PHE H 196 24.78 -59.03 -24.89
N ASN H 197 25.59 -57.98 -24.99
CA ASN H 197 25.48 -56.84 -24.10
C ASN H 197 25.00 -55.63 -24.89
N VAL H 198 23.91 -55.02 -24.42
CA VAL H 198 23.35 -53.86 -25.11
C VAL H 198 24.29 -52.68 -25.02
N ASP H 199 24.94 -52.49 -23.87
CA ASP H 199 25.81 -51.34 -23.67
C ASP H 199 27.02 -51.35 -24.59
N ASN H 200 27.34 -52.48 -25.21
CA ASN H 200 28.48 -52.55 -26.10
C ASN H 200 28.27 -51.82 -27.41
N ILE H 201 27.05 -51.36 -27.69
CA ILE H 201 26.76 -50.60 -28.90
C ILE H 201 26.73 -49.12 -28.51
N ARG H 202 27.65 -48.35 -29.08
CA ARG H 202 27.77 -46.93 -28.79
C ARG H 202 27.19 -46.11 -29.93
N VAL H 203 26.57 -44.98 -29.59
CA VAL H 203 25.99 -44.08 -30.57
C VAL H 203 26.63 -42.72 -30.38
N CYS H 204 27.26 -42.21 -31.45
CA CYS H 204 27.88 -40.89 -31.44
C CYS H 204 27.13 -40.02 -32.44
N LYS H 205 26.43 -39.01 -31.95
CA LYS H 205 25.61 -38.14 -32.78
C LYS H 205 26.43 -36.93 -33.20
N ILE H 206 26.81 -36.88 -34.47
CA ILE H 206 27.55 -35.75 -35.04
C ILE H 206 26.64 -35.07 -36.04
N LEU H 207 26.43 -33.77 -35.85
CA LEU H 207 25.43 -33.02 -36.57
C LEU H 207 25.96 -32.50 -37.90
N GLY H 208 25.08 -32.49 -38.91
CA GLY H 208 25.38 -31.74 -40.11
C GLY H 208 24.99 -32.28 -41.48
N SER H 209 24.99 -33.60 -41.68
CA SER H 209 24.98 -34.13 -43.03
C SER H 209 23.70 -34.88 -43.41
N GLY H 210 22.70 -34.94 -42.53
CA GLY H 210 21.52 -35.71 -42.86
C GLY H 210 21.70 -37.19 -42.58
N ILE H 211 20.65 -37.85 -42.11
CA ILE H 211 20.79 -39.20 -41.56
C ILE H 211 21.18 -40.25 -42.58
N SER H 212 21.08 -39.96 -43.87
CA SER H 212 21.51 -40.94 -44.86
C SER H 212 23.02 -41.15 -44.87
N SER H 213 23.78 -40.26 -44.22
CA SER H 213 25.23 -40.35 -44.20
C SER H 213 25.75 -41.07 -42.97
N SER H 214 24.87 -41.62 -42.13
CA SER H 214 25.30 -42.33 -40.94
C SER H 214 26.09 -43.57 -41.31
N SER H 215 27.03 -43.94 -40.44
CA SER H 215 27.90 -45.08 -40.68
C SER H 215 28.09 -45.85 -39.38
N VAL H 216 28.72 -47.01 -39.50
CA VAL H 216 29.04 -47.86 -38.35
C VAL H 216 30.54 -48.04 -38.30
N LEU H 217 31.11 -47.93 -37.11
CA LEU H 217 32.55 -48.00 -36.92
C LEU H 217 32.88 -49.08 -35.90
N HIS H 218 33.84 -49.94 -36.24
CA HIS H 218 34.30 -50.98 -35.35
C HIS H 218 35.35 -50.37 -34.42
N GLY H 219 34.87 -49.65 -33.43
CA GLY H 219 35.77 -48.96 -32.50
C GLY H 219 35.00 -47.97 -31.65
N MET H 220 35.70 -46.93 -31.22
CA MET H 220 35.10 -45.89 -30.40
C MET H 220 35.46 -44.53 -30.96
N VAL H 221 34.52 -43.59 -30.83
CA VAL H 221 34.70 -42.22 -31.28
C VAL H 221 34.45 -41.30 -30.10
N PHE H 222 35.42 -40.42 -29.82
CA PHE H 222 35.32 -39.46 -28.73
C PHE H 222 35.38 -38.06 -29.30
N LYS H 223 34.44 -37.20 -28.87
CA LYS H 223 34.40 -35.81 -29.33
C LYS H 223 35.37 -34.98 -28.50
N LYS H 224 36.65 -35.25 -28.72
CA LYS H 224 37.73 -34.61 -27.97
C LYS H 224 38.82 -34.21 -28.97
N GLU H 225 39.97 -33.82 -28.43
CA GLU H 225 41.09 -33.38 -29.24
C GLU H 225 42.38 -33.82 -28.57
N THR H 226 43.38 -34.16 -29.37
CA THR H 226 44.64 -34.66 -28.84
C THR H 226 45.37 -33.56 -28.07
N GLU H 227 46.00 -33.94 -26.97
CA GLU H 227 46.76 -32.98 -26.19
C GLU H 227 48.07 -32.63 -26.87
N GLY H 228 48.76 -33.62 -27.42
CA GLY H 228 50.10 -33.44 -27.95
C GLY H 228 50.11 -32.95 -29.38
N ASP H 229 51.27 -33.10 -30.01
CA ASP H 229 51.44 -32.70 -31.40
C ASP H 229 51.15 -33.83 -32.38
N VAL H 230 51.32 -35.08 -31.95
CA VAL H 230 51.03 -36.21 -32.81
C VAL H 230 49.53 -36.39 -32.90
N THR H 231 49.01 -36.44 -34.12
CA THR H 231 47.57 -36.53 -34.35
C THR H 231 47.15 -37.75 -35.14
N SER H 232 48.07 -38.64 -35.50
CA SER H 232 47.71 -39.81 -36.29
C SER H 232 48.72 -40.92 -36.01
N VAL H 233 48.20 -42.13 -35.80
CA VAL H 233 49.02 -43.31 -35.53
C VAL H 233 48.48 -44.46 -36.39
N LYS H 234 49.40 -45.27 -36.93
CA LYS H 234 49.01 -46.33 -37.85
C LYS H 234 49.03 -47.72 -37.24
N ASP H 235 49.85 -47.95 -36.21
CA ASP H 235 49.96 -49.25 -35.56
C ASP H 235 49.86 -49.10 -34.05
N ALA H 236 48.80 -48.42 -33.62
CA ALA H 236 48.65 -47.99 -32.23
C ALA H 236 48.99 -49.10 -31.24
N LYS H 237 49.67 -48.71 -30.17
CA LYS H 237 50.09 -49.57 -29.07
C LYS H 237 49.60 -48.98 -27.75
N ILE H 238 48.31 -48.64 -27.72
CA ILE H 238 47.73 -47.84 -26.65
C ILE H 238 48.06 -48.43 -25.29
N ALA H 239 48.50 -47.55 -24.39
CA ALA H 239 48.67 -47.87 -22.98
C ALA H 239 47.77 -46.95 -22.18
N VAL H 240 46.82 -47.54 -21.46
CA VAL H 240 45.78 -46.79 -20.77
C VAL H 240 46.16 -46.65 -19.30
N TYR H 241 46.03 -45.44 -18.76
CA TYR H 241 46.32 -45.16 -17.37
C TYR H 241 45.11 -44.51 -16.71
N SER H 242 44.73 -45.03 -15.55
CA SER H 242 43.66 -44.44 -14.77
C SER H 242 44.14 -43.30 -13.88
N CYS H 243 45.43 -43.11 -13.78
CA CYS H 243 46.11 -42.09 -13.01
C CYS H 243 46.42 -40.88 -13.87
N PRO H 244 46.53 -39.69 -13.28
CA PRO H 244 46.93 -38.52 -14.06
C PRO H 244 48.31 -38.71 -14.66
N PHE H 245 48.49 -38.16 -15.86
CA PHE H 245 49.78 -38.23 -16.55
C PHE H 245 50.72 -37.21 -15.92
N ASP H 246 51.12 -37.50 -14.69
CA ASP H 246 51.97 -36.61 -13.92
C ASP H 246 52.63 -37.43 -12.82
N GLY H 247 53.72 -36.88 -12.28
CA GLY H 247 54.41 -37.55 -11.20
C GLY H 247 53.54 -37.65 -9.96
N MET H 248 53.29 -38.87 -9.50
CA MET H 248 52.41 -39.07 -8.37
C MET H 248 53.02 -38.51 -7.09
N ILE H 249 52.16 -38.01 -6.21
CA ILE H 249 52.57 -37.38 -4.96
C ILE H 249 51.94 -38.14 -3.80
N THR H 250 52.44 -37.85 -2.60
CA THR H 250 51.93 -38.49 -1.40
C THR H 250 50.49 -38.09 -1.15
N GLU H 251 49.71 -39.02 -0.62
CA GLU H 251 48.32 -38.74 -0.29
C GLU H 251 48.16 -38.05 1.06
N THR H 252 49.21 -38.00 1.88
CA THR H 252 49.07 -37.36 3.19
C THR H 252 49.26 -35.85 3.08
N LYS H 253 50.47 -35.42 2.75
CA LYS H 253 50.80 -34.01 2.55
C LYS H 253 52.23 -33.93 2.07
N GLY H 254 52.49 -33.02 1.14
CA GLY H 254 53.82 -32.84 0.57
C GLY H 254 54.41 -31.53 1.01
N THR H 255 55.69 -31.57 1.39
CA THR H 255 56.42 -30.36 1.76
C THR H 255 57.88 -30.56 1.37
N VAL H 256 58.33 -29.81 0.37
CA VAL H 256 59.71 -29.88 -0.07
C VAL H 256 60.56 -29.16 0.97
N LEU H 257 61.30 -29.92 1.78
CA LEU H 257 62.12 -29.37 2.84
C LEU H 257 63.52 -29.09 2.28
N ILE H 258 63.83 -27.81 2.08
CA ILE H 258 65.11 -27.39 1.54
C ILE H 258 65.95 -26.83 2.67
N LYS H 259 67.18 -27.34 2.81
CA LYS H 259 68.08 -26.90 3.86
C LYS H 259 69.41 -26.39 3.35
N THR H 260 69.73 -26.60 2.07
CA THR H 260 70.97 -26.14 1.48
C THR H 260 70.70 -25.56 0.11
N ALA H 261 71.64 -24.76 -0.38
CA ALA H 261 71.49 -24.16 -1.70
C ALA H 261 71.51 -25.22 -2.80
N GLU H 262 72.31 -26.27 -2.64
CA GLU H 262 72.40 -27.31 -3.65
C GLU H 262 71.07 -28.01 -3.85
N GLU H 263 70.37 -28.32 -2.75
CA GLU H 263 69.05 -28.92 -2.88
C GLU H 263 68.10 -28.00 -3.62
N LEU H 264 68.14 -26.71 -3.31
CA LEU H 264 67.26 -25.76 -3.99
C LEU H 264 67.56 -25.71 -5.48
N MET H 265 68.83 -25.71 -5.85
CA MET H 265 69.19 -25.63 -7.26
C MET H 265 68.99 -26.94 -8.00
N ASN H 266 68.91 -28.08 -7.30
CA ASN H 266 68.78 -29.37 -7.95
C ASN H 266 67.39 -29.97 -7.91
N PHE H 267 66.48 -29.44 -7.09
CA PHE H 267 65.19 -30.08 -6.94
C PHE H 267 64.41 -30.13 -8.25
N SER H 268 64.24 -28.98 -8.90
CA SER H 268 63.47 -28.93 -10.13
C SER H 268 64.14 -29.73 -11.24
N LYS H 269 65.46 -29.64 -11.34
CA LYS H 269 66.17 -30.38 -12.37
C LYS H 269 66.01 -31.88 -12.17
N GLY H 270 66.11 -32.37 -10.93
CA GLY H 270 65.92 -33.78 -10.68
C GLY H 270 64.49 -34.23 -10.94
N GLU H 271 63.52 -33.38 -10.60
CA GLU H 271 62.12 -33.73 -10.88
C GLU H 271 61.88 -33.85 -12.39
N GLU H 272 62.43 -32.90 -13.15
CA GLU H 272 62.27 -32.98 -14.61
C GLU H 272 62.97 -34.20 -15.18
N ASN H 273 64.15 -34.53 -14.67
CA ASN H 273 64.85 -35.72 -15.13
C ASN H 273 64.06 -36.98 -14.81
N LEU H 274 63.42 -37.03 -13.64
CA LEU H 274 62.59 -38.17 -13.29
C LEU H 274 61.41 -38.30 -14.24
N MET H 275 60.76 -37.18 -14.56
CA MET H 275 59.66 -37.22 -15.51
C MET H 275 60.13 -37.71 -16.87
N ASP H 276 61.28 -37.22 -17.34
CA ASP H 276 61.82 -37.68 -18.61
C ASP H 276 62.10 -39.17 -18.58
N ALA H 277 62.68 -39.66 -17.50
CA ALA H 277 62.99 -41.08 -17.40
C ALA H 277 61.72 -41.92 -17.44
N GLN H 278 60.67 -41.49 -16.72
CA GLN H 278 59.42 -42.23 -16.72
C GLN H 278 58.79 -42.26 -18.10
N VAL H 279 58.75 -41.11 -18.78
CA VAL H 279 58.14 -41.07 -20.10
C VAL H 279 58.93 -41.92 -21.09
N LYS H 280 60.26 -41.85 -21.03
CA LYS H 280 61.08 -42.65 -21.93
C LYS H 280 60.90 -44.14 -21.64
N ALA H 281 60.77 -44.51 -20.37
CA ALA H 281 60.53 -45.91 -20.03
C ALA H 281 59.20 -46.38 -20.60
N ILE H 282 58.17 -45.52 -20.53
CA ILE H 282 56.88 -45.88 -21.12
C ILE H 282 57.02 -46.05 -22.62
N ALA H 283 57.74 -45.14 -23.28
CA ALA H 283 57.85 -45.19 -24.73
C ALA H 283 58.66 -46.38 -25.20
N ASP H 284 59.67 -46.79 -24.44
CA ASP H 284 60.57 -47.84 -24.89
C ASP H 284 59.89 -49.20 -24.99
N THR H 285 58.72 -49.37 -24.38
CA THR H 285 57.98 -50.61 -24.53
C THR H 285 57.37 -50.75 -25.92
N GLY H 286 57.43 -49.70 -26.74
CA GLY H 286 56.78 -49.70 -28.03
C GLY H 286 55.47 -48.94 -28.05
N ALA H 287 55.01 -48.45 -26.91
CA ALA H 287 53.77 -47.69 -26.86
C ALA H 287 53.91 -46.39 -27.65
N ASN H 288 52.89 -46.06 -28.42
CA ASN H 288 52.85 -44.82 -29.16
C ASN H 288 51.57 -44.02 -28.98
N VAL H 289 50.59 -44.54 -28.25
CA VAL H 289 49.40 -43.80 -27.85
C VAL H 289 49.22 -43.98 -26.36
N VAL H 290 49.06 -42.88 -25.64
CA VAL H 290 48.86 -42.91 -24.20
C VAL H 290 47.51 -42.26 -23.89
N VAL H 291 46.67 -42.97 -23.15
CA VAL H 291 45.37 -42.48 -22.74
C VAL H 291 45.35 -42.39 -21.22
N THR H 292 45.00 -41.23 -20.70
CA THR H 292 44.98 -41.00 -19.26
C THR H 292 43.61 -40.49 -18.84
N GLY H 293 43.17 -40.93 -17.67
CA GLY H 293 41.92 -40.48 -17.10
C GLY H 293 41.99 -39.19 -16.32
N GLY H 294 43.20 -38.72 -16.01
CA GLY H 294 43.39 -37.50 -15.26
C GLY H 294 43.98 -36.38 -16.08
N LYS H 295 44.43 -35.34 -15.38
CA LYS H 295 45.03 -34.20 -16.03
C LYS H 295 46.38 -34.57 -16.61
N VAL H 296 46.90 -33.69 -17.47
CA VAL H 296 48.19 -33.87 -18.11
C VAL H 296 49.08 -32.72 -17.70
N ALA H 297 50.23 -33.05 -17.10
CA ALA H 297 51.18 -32.03 -16.69
C ALA H 297 51.92 -31.47 -17.89
N ASP H 298 52.45 -30.26 -17.73
CA ASP H 298 53.15 -29.60 -18.83
C ASP H 298 54.45 -30.31 -19.16
N MET H 299 55.24 -30.66 -18.15
CA MET H 299 56.50 -31.36 -18.41
C MET H 299 56.25 -32.74 -19.01
N ALA H 300 55.24 -33.44 -18.49
CA ALA H 300 54.90 -34.75 -19.05
C ALA H 300 54.47 -34.63 -20.50
N LEU H 301 53.65 -33.62 -20.81
CA LEU H 301 53.24 -33.41 -22.20
C LEU H 301 54.42 -33.07 -23.08
N HIS H 302 55.35 -32.25 -22.59
CA HIS H 302 56.53 -31.90 -23.38
C HIS H 302 57.36 -33.13 -23.68
N TYR H 303 57.57 -33.99 -22.68
CA TYR H 303 58.40 -35.17 -22.92
C TYR H 303 57.68 -36.21 -23.74
N ALA H 304 56.35 -36.23 -23.70
CA ALA H 304 55.60 -37.10 -24.59
C ALA H 304 55.69 -36.61 -26.03
N ASN H 305 55.61 -35.30 -26.23
CA ASN H 305 55.80 -34.73 -27.57
C ASN H 305 57.21 -35.01 -28.08
N LYS H 306 58.20 -34.99 -27.19
CA LYS H 306 59.56 -35.25 -27.62
C LYS H 306 59.73 -36.66 -28.19
N TYR H 307 59.02 -37.63 -27.60
CA TYR H 307 59.17 -39.03 -27.97
C TYR H 307 58.09 -39.50 -28.94
N ASN H 308 57.32 -38.59 -29.53
CA ASN H 308 56.30 -38.91 -30.52
C ASN H 308 55.26 -39.88 -29.95
N ILE H 309 54.56 -39.42 -28.93
CA ILE H 309 53.51 -40.19 -28.28
C ILE H 309 52.22 -39.41 -28.35
N MET H 310 51.16 -40.06 -28.83
CA MET H 310 49.86 -39.42 -28.95
C MET H 310 49.15 -39.44 -27.60
N LEU H 311 48.64 -38.29 -27.18
CA LEU H 311 48.00 -38.14 -25.87
C LEU H 311 46.51 -37.89 -26.06
N VAL H 312 45.68 -38.73 -25.43
CA VAL H 312 44.25 -38.56 -25.40
C VAL H 312 43.80 -38.60 -23.95
N ARG H 313 43.00 -37.63 -23.54
CA ARG H 313 42.52 -37.52 -22.17
C ARG H 313 41.01 -37.76 -22.15
N LEU H 314 40.57 -38.71 -21.33
CA LEU H 314 39.17 -39.05 -21.21
C LEU H 314 38.72 -38.77 -19.78
N ASN H 315 37.78 -37.83 -19.64
CA ASN H 315 37.31 -37.46 -18.30
C ASN H 315 36.47 -38.57 -17.69
N SER H 316 35.53 -39.12 -18.44
CA SER H 316 34.61 -40.11 -17.90
C SER H 316 35.32 -41.45 -17.71
N LYS H 317 35.05 -42.10 -16.57
CA LYS H 317 35.58 -43.43 -16.34
C LYS H 317 34.84 -44.48 -17.15
N TRP H 318 33.56 -44.23 -17.47
CA TRP H 318 32.86 -45.11 -18.39
C TRP H 318 33.57 -45.18 -19.73
N ASP H 319 33.99 -44.02 -20.24
CA ASP H 319 34.72 -43.99 -21.49
C ASP H 319 36.04 -44.75 -21.39
N LEU H 320 36.72 -44.60 -20.25
CA LEU H 320 38.00 -45.29 -20.07
C LEU H 320 37.80 -46.80 -20.08
N ARG H 321 36.79 -47.30 -19.37
CA ARG H 321 36.54 -48.73 -19.35
C ARG H 321 36.10 -49.23 -20.72
N ARG H 322 35.28 -48.45 -21.42
CA ARG H 322 34.86 -48.87 -22.76
C ARG H 322 36.04 -48.91 -23.72
N LEU H 323 36.96 -47.95 -23.60
CA LEU H 323 38.16 -47.97 -24.43
C LEU H 323 39.03 -49.18 -24.11
N CYS H 324 39.17 -49.50 -22.82
CA CYS H 324 39.93 -50.68 -22.44
C CYS H 324 39.31 -51.94 -23.02
N LYS H 325 37.97 -52.01 -23.01
CA LYS H 325 37.29 -53.16 -23.59
C LYS H 325 37.52 -53.24 -25.09
N THR H 326 37.35 -52.12 -25.79
CA THR H 326 37.42 -52.16 -27.25
C THR H 326 38.83 -52.31 -27.77
N VAL H 327 39.85 -51.95 -26.99
CA VAL H 327 41.23 -52.05 -27.43
C VAL H 327 41.89 -53.30 -26.87
N GLY H 328 41.55 -53.70 -25.65
CA GLY H 328 42.16 -54.83 -25.01
C GLY H 328 43.28 -54.47 -24.06
N ALA H 329 43.22 -53.31 -23.43
CA ALA H 329 44.25 -52.84 -22.52
C ALA H 329 43.73 -52.81 -21.09
N THR H 330 44.67 -52.79 -20.15
CA THR H 330 44.35 -52.73 -18.73
C THR H 330 44.71 -51.34 -18.21
N ALA H 331 43.80 -50.74 -17.46
CA ALA H 331 44.02 -49.39 -16.94
C ALA H 331 45.02 -49.47 -15.78
N LEU H 332 46.26 -49.08 -16.05
CA LEU H 332 47.28 -49.10 -15.02
C LEU H 332 46.96 -48.07 -13.95
N PRO H 333 47.17 -48.40 -12.67
CA PRO H 333 46.93 -47.41 -11.61
C PRO H 333 48.10 -46.48 -11.36
N ARG H 334 49.32 -46.88 -11.70
CA ARG H 334 50.49 -46.03 -11.60
C ARG H 334 50.98 -45.70 -13.01
N LEU H 335 52.10 -44.98 -13.08
CA LEU H 335 52.67 -44.57 -14.35
C LEU H 335 53.79 -45.50 -14.82
N THR H 336 53.75 -46.75 -14.38
CA THR H 336 54.76 -47.71 -14.82
C THR H 336 54.50 -48.11 -16.27
N PRO H 337 55.54 -48.46 -17.01
CA PRO H 337 55.35 -48.92 -18.38
C PRO H 337 54.53 -50.20 -18.41
N PRO H 338 53.70 -50.38 -19.43
CA PRO H 338 52.82 -51.56 -19.45
C PRO H 338 53.55 -52.80 -19.93
N VAL H 339 53.24 -53.93 -19.30
CA VAL H 339 53.76 -55.22 -19.72
C VAL H 339 53.02 -55.65 -20.98
N LEU H 340 53.53 -56.69 -21.65
CA LEU H 340 53.03 -57.03 -22.98
C LEU H 340 51.56 -57.40 -22.98
N GLU H 341 51.05 -57.95 -21.87
CA GLU H 341 49.65 -58.33 -21.83
C GLU H 341 48.73 -57.12 -21.67
N GLU H 342 49.20 -56.06 -21.03
CA GLU H 342 48.37 -54.91 -20.71
C GLU H 342 48.35 -53.84 -21.79
N MET H 343 49.19 -53.97 -22.82
CA MET H 343 49.26 -52.97 -23.88
C MET H 343 48.23 -53.33 -24.95
N GLY H 344 47.12 -52.60 -25.00
CA GLY H 344 46.14 -52.83 -26.02
C GLY H 344 46.59 -52.34 -27.37
N HIS H 345 45.96 -52.88 -28.41
CA HIS H 345 46.33 -52.58 -29.78
C HIS H 345 45.09 -52.18 -30.58
N CYS H 346 45.24 -51.13 -31.39
CA CYS H 346 44.21 -50.69 -32.30
C CYS H 346 44.84 -50.50 -33.67
N ASP H 347 44.11 -50.88 -34.72
CA ASP H 347 44.73 -50.89 -36.05
C ASP H 347 44.90 -49.48 -36.61
N SER H 348 44.22 -48.49 -36.04
CA SER H 348 44.40 -47.11 -36.48
C SER H 348 43.80 -46.13 -35.48
N VAL H 349 44.60 -45.16 -35.04
CA VAL H 349 44.13 -44.08 -34.18
C VAL H 349 44.57 -42.77 -34.79
N TYR H 350 43.62 -41.84 -34.94
CA TYR H 350 43.93 -40.58 -35.61
C TYR H 350 42.94 -39.52 -35.16
N LEU H 351 43.32 -38.26 -35.41
CA LEU H 351 42.46 -37.11 -35.19
C LEU H 351 41.75 -36.78 -36.49
N SER H 352 40.42 -36.64 -36.42
CA SER H 352 39.63 -36.34 -37.60
C SER H 352 38.57 -35.32 -37.24
N GLU H 353 38.04 -34.66 -38.27
CA GLU H 353 36.95 -33.71 -38.14
C GLU H 353 35.78 -34.18 -38.99
N VAL H 354 34.65 -34.42 -38.35
CA VAL H 354 33.42 -34.82 -39.03
C VAL H 354 32.45 -33.65 -38.91
N GLY H 355 32.11 -33.06 -40.05
CA GLY H 355 31.29 -31.87 -40.01
C GLY H 355 32.01 -30.72 -39.37
N ASP H 356 31.62 -30.39 -38.14
CA ASP H 356 32.24 -29.31 -37.39
C ASP H 356 33.04 -29.81 -36.19
N THR H 357 32.54 -30.83 -35.49
CA THR H 357 33.20 -31.29 -34.27
C THR H 357 34.50 -32.02 -34.58
N GLN H 358 35.48 -31.86 -33.71
CA GLN H 358 36.73 -32.60 -33.78
C GLN H 358 36.61 -33.87 -32.97
N VAL H 359 37.01 -35.00 -33.55
CA VAL H 359 36.86 -36.30 -32.92
C VAL H 359 38.18 -37.03 -32.94
N VAL H 360 38.33 -37.97 -32.01
CA VAL H 360 39.44 -38.90 -31.98
C VAL H 360 38.87 -40.29 -32.18
N VAL H 361 39.41 -41.03 -33.15
CA VAL H 361 38.83 -42.28 -33.60
C VAL H 361 39.81 -43.41 -33.29
N PHE H 362 39.34 -44.40 -32.53
CA PHE H 362 40.08 -45.64 -32.29
C PHE H 362 39.46 -46.69 -33.21
N LYS H 363 40.04 -46.84 -34.40
CA LYS H 363 39.42 -47.60 -35.47
C LYS H 363 40.13 -48.93 -35.66
N HIS H 364 39.35 -50.01 -35.68
CA HIS H 364 39.84 -51.33 -36.05
C HIS H 364 39.62 -51.56 -37.54
N GLU H 365 40.19 -52.65 -38.04
CA GLU H 365 39.95 -53.09 -39.40
C GLU H 365 39.25 -54.44 -39.48
N LYS H 366 39.39 -55.27 -38.45
CA LYS H 366 38.66 -56.53 -38.41
C LYS H 366 37.17 -56.27 -38.23
N GLU H 367 36.36 -57.22 -38.68
CA GLU H 367 34.91 -57.14 -38.50
C GLU H 367 34.48 -57.76 -37.18
N ASP H 368 35.13 -57.33 -36.09
CA ASP H 368 34.87 -57.87 -34.77
C ASP H 368 35.31 -56.83 -33.74
N GLY H 369 35.40 -57.25 -32.49
CA GLY H 369 35.77 -56.38 -31.39
C GLY H 369 34.73 -56.39 -30.30
N ALA H 370 35.13 -55.83 -29.16
CA ALA H 370 34.25 -55.81 -28.00
C ALA H 370 33.15 -54.75 -28.13
N ILE H 371 33.46 -53.61 -28.73
CA ILE H 371 32.53 -52.48 -28.77
C ILE H 371 32.47 -51.94 -30.19
N SER H 372 31.27 -51.65 -30.66
CA SER H 372 31.03 -51.06 -31.97
C SER H 372 30.27 -49.76 -31.81
N THR H 373 30.60 -48.77 -32.64
CA THR H 373 30.05 -47.44 -32.55
C THR H 373 29.33 -47.07 -33.84
N ILE H 374 28.14 -46.49 -33.70
CA ILE H 374 27.37 -45.98 -34.83
C ILE H 374 27.45 -44.46 -34.79
N VAL H 375 28.02 -43.87 -35.84
CA VAL H 375 28.05 -42.42 -35.96
C VAL H 375 26.77 -41.98 -36.67
N LEU H 376 26.02 -41.10 -36.01
CA LEU H 376 24.72 -40.67 -36.51
C LEU H 376 24.84 -39.25 -37.03
N ARG H 377 24.53 -39.06 -38.31
CA ARG H 377 24.49 -37.74 -38.91
C ARG H 377 23.05 -37.27 -39.00
N GLY H 378 22.88 -35.97 -39.18
CA GLY H 378 21.56 -35.40 -39.27
C GLY H 378 21.58 -33.89 -39.25
N SER H 379 20.48 -33.28 -39.67
CA SER H 379 20.38 -31.84 -39.73
C SER H 379 19.83 -31.22 -38.45
N THR H 380 19.41 -32.02 -37.49
CA THR H 380 18.79 -31.50 -36.28
C THR H 380 19.13 -32.42 -35.11
N ASP H 381 19.29 -31.79 -33.93
CA ASP H 381 19.54 -32.58 -32.73
C ASP H 381 18.36 -33.49 -32.40
N ASN H 382 17.13 -32.98 -32.56
CA ASN H 382 15.95 -33.77 -32.25
C ASN H 382 15.84 -34.97 -33.18
N LEU H 383 16.15 -34.77 -34.47
CA LEU H 383 16.10 -35.88 -35.41
C LEU H 383 17.10 -36.96 -35.04
N MET H 384 18.32 -36.56 -34.66
CA MET H 384 19.31 -37.56 -34.24
C MET H 384 18.91 -38.24 -32.95
N ASP H 385 18.25 -37.54 -32.03
CA ASP H 385 17.75 -38.19 -30.83
C ASP H 385 16.70 -39.23 -31.17
N ASP H 386 15.80 -38.92 -32.11
CA ASP H 386 14.80 -39.90 -32.52
C ASP H 386 15.45 -41.11 -33.18
N ILE H 387 16.45 -40.88 -34.02
CA ILE H 387 17.14 -42.00 -34.66
C ILE H 387 17.88 -42.83 -33.61
N GLU H 388 18.42 -42.18 -32.58
CA GLU H 388 19.06 -42.92 -31.50
C GLU H 388 18.06 -43.77 -30.75
N ARG H 389 16.85 -43.25 -30.53
CA ARG H 389 15.81 -44.06 -29.90
C ARG H 389 15.46 -45.27 -30.76
N ALA H 390 15.38 -45.06 -32.08
CA ALA H 390 15.12 -46.19 -32.98
C ALA H 390 16.25 -47.22 -32.90
N VAL H 391 17.50 -46.75 -32.84
CA VAL H 391 18.64 -47.66 -32.71
C VAL H 391 18.56 -48.45 -31.41
N ASP H 392 18.16 -47.78 -30.33
CA ASP H 392 17.98 -48.47 -29.06
C ASP H 392 16.92 -49.55 -29.18
N ASP H 393 15.80 -49.23 -29.84
CA ASP H 393 14.76 -50.23 -30.04
C ASP H 393 15.27 -51.43 -30.83
N GLY H 394 16.04 -51.17 -31.89
CA GLY H 394 16.58 -52.27 -32.69
C GLY H 394 17.56 -53.13 -31.91
N VAL H 395 18.43 -52.50 -31.12
CA VAL H 395 19.39 -53.25 -30.33
C VAL H 395 18.67 -54.08 -29.28
N ASN H 396 17.66 -53.52 -28.64
CA ASN H 396 16.89 -54.28 -27.66
C ASN H 396 16.17 -55.45 -28.31
N THR H 397 15.66 -55.25 -29.52
CA THR H 397 15.04 -56.35 -30.25
C THR H 397 16.06 -57.45 -30.53
N PHE H 398 17.28 -57.07 -30.92
CA PHE H 398 18.31 -58.08 -31.15
C PHE H 398 18.63 -58.83 -29.87
N LYS H 399 18.71 -58.12 -28.74
CA LYS H 399 18.98 -58.79 -27.47
C LYS H 399 17.87 -59.78 -27.13
N VAL H 400 16.62 -59.37 -27.33
CA VAL H 400 15.49 -60.26 -27.09
C VAL H 400 15.59 -61.48 -27.98
N LEU H 401 15.94 -61.29 -29.24
CA LEU H 401 16.10 -62.42 -30.16
C LEU H 401 17.19 -63.36 -29.68
N THR H 402 18.27 -62.83 -29.11
CA THR H 402 19.27 -63.68 -28.51
C THR H 402 18.68 -64.47 -27.35
N ARG H 403 17.84 -63.84 -26.54
CA ARG H 403 17.21 -64.54 -25.43
C ARG H 403 16.26 -65.63 -25.92
N ASP H 404 15.25 -65.25 -26.70
CA ASP H 404 14.33 -66.19 -27.31
C ASP H 404 14.19 -65.86 -28.79
N LYS H 405 14.24 -66.88 -29.64
CA LYS H 405 14.27 -66.70 -31.08
C LYS H 405 12.90 -66.84 -31.73
N ARG H 406 11.85 -67.09 -30.97
CA ARG H 406 10.54 -67.29 -31.55
C ARG H 406 9.89 -65.95 -31.91
N LEU H 407 9.12 -65.96 -32.99
CA LEU H 407 8.45 -64.76 -33.48
C LEU H 407 6.98 -65.05 -33.73
N VAL H 408 6.18 -63.99 -33.67
CA VAL H 408 4.73 -64.09 -33.91
C VAL H 408 4.35 -63.07 -34.97
N PRO H 409 3.29 -63.31 -35.74
CA PRO H 409 2.91 -62.35 -36.78
C PRO H 409 2.53 -61.00 -36.19
N GLY H 410 2.86 -59.93 -36.90
CA GLY H 410 2.57 -58.59 -36.48
C GLY H 410 1.40 -57.98 -37.24
N GLY H 411 1.24 -56.67 -37.07
CA GLY H 411 0.16 -55.97 -37.74
C GLY H 411 -1.21 -56.32 -37.24
N GLY H 412 -1.33 -56.80 -36.01
CA GLY H 412 -2.61 -57.15 -35.44
C GLY H 412 -3.06 -58.57 -35.71
N ALA H 413 -2.33 -59.34 -36.52
CA ALA H 413 -2.74 -60.71 -36.80
C ALA H 413 -2.76 -61.54 -35.52
N THR H 414 -1.70 -61.43 -34.72
CA THR H 414 -1.67 -62.16 -33.46
C THR H 414 -2.79 -61.72 -32.54
N GLU H 415 -3.05 -60.42 -32.49
CA GLU H 415 -4.11 -59.92 -31.61
C GLU H 415 -5.48 -60.44 -32.03
N ILE H 416 -5.77 -60.44 -33.33
CA ILE H 416 -7.05 -60.96 -33.80
C ILE H 416 -7.16 -62.45 -33.52
N GLU H 417 -6.10 -63.21 -33.78
CA GLU H 417 -6.15 -64.64 -33.51
C GLU H 417 -6.36 -64.91 -32.02
N LEU H 418 -5.67 -64.15 -31.16
CA LEU H 418 -5.86 -64.30 -29.73
C LEU H 418 -7.28 -63.96 -29.32
N ALA H 419 -7.84 -62.88 -29.89
CA ALA H 419 -9.21 -62.51 -29.55
C ALA H 419 -10.18 -63.61 -29.95
N LYS H 420 -10.00 -64.17 -31.15
CA LYS H 420 -10.89 -65.24 -31.59
C LYS H 420 -10.80 -66.46 -30.68
N GLN H 421 -9.57 -66.86 -30.34
CA GLN H 421 -9.40 -68.05 -29.50
C GLN H 421 -9.96 -67.82 -28.11
N ILE H 422 -9.72 -66.63 -27.53
CA ILE H 422 -10.21 -66.36 -26.19
C ILE H 422 -11.74 -66.27 -26.18
N THR H 423 -12.33 -65.70 -27.22
CA THR H 423 -13.79 -65.67 -27.31
C THR H 423 -14.35 -67.08 -27.40
N SER H 424 -13.71 -67.94 -28.22
CA SER H 424 -14.17 -69.31 -28.33
C SER H 424 -14.08 -70.03 -26.99
N TYR H 425 -12.99 -69.81 -26.25
CA TYR H 425 -12.85 -70.43 -24.95
C TYR H 425 -13.90 -69.91 -23.97
N GLY H 426 -14.14 -68.60 -23.97
CA GLY H 426 -15.06 -68.03 -23.01
C GLY H 426 -16.51 -68.37 -23.30
N GLU H 427 -16.83 -68.68 -24.56
CA GLU H 427 -18.17 -69.14 -24.87
C GLU H 427 -18.48 -70.45 -24.17
N THR H 428 -17.50 -71.36 -24.12
CA THR H 428 -17.71 -72.65 -23.47
C THR H 428 -17.78 -72.52 -21.95
N CYS H 429 -17.11 -71.53 -21.39
CA CYS H 429 -17.04 -71.40 -19.95
C CYS H 429 -18.37 -70.94 -19.38
N PRO H 430 -18.98 -71.68 -18.46
CA PRO H 430 -20.21 -71.20 -17.81
C PRO H 430 -19.88 -70.27 -16.65
N GLY H 431 -20.91 -69.85 -15.91
CA GLY H 431 -20.69 -68.93 -14.81
C GLY H 431 -20.65 -67.49 -15.29
N LEU H 432 -20.36 -66.59 -14.35
CA LEU H 432 -20.37 -65.17 -14.64
C LEU H 432 -19.05 -64.66 -15.17
N GLU H 433 -18.02 -65.49 -15.22
CA GLU H 433 -16.73 -65.04 -15.74
C GLU H 433 -16.70 -65.03 -17.27
N GLN H 434 -17.73 -65.55 -17.93
CA GLN H 434 -17.74 -65.56 -19.38
C GLN H 434 -17.77 -64.14 -19.94
N TYR H 435 -18.51 -63.24 -19.27
CA TYR H 435 -18.54 -61.86 -19.71
C TYR H 435 -17.17 -61.22 -19.61
N ALA H 436 -16.46 -61.46 -18.52
CA ALA H 436 -15.12 -60.90 -18.36
C ALA H 436 -14.14 -61.48 -19.38
N ILE H 437 -14.24 -62.78 -19.65
CA ILE H 437 -13.35 -63.39 -20.63
C ILE H 437 -13.63 -62.82 -22.02
N LYS H 438 -14.91 -62.67 -22.37
CA LYS H 438 -15.25 -62.11 -23.66
C LYS H 438 -14.76 -60.67 -23.79
N LYS H 439 -14.89 -59.89 -22.73
CA LYS H 439 -14.40 -58.51 -22.78
C LYS H 439 -12.88 -58.47 -22.88
N PHE H 440 -12.19 -59.40 -22.21
CA PHE H 440 -10.74 -59.49 -22.35
C PHE H 440 -10.37 -59.79 -23.80
N ALA H 441 -11.09 -60.71 -24.44
CA ALA H 441 -10.83 -60.99 -25.85
C ALA H 441 -11.09 -59.77 -26.70
N GLU H 442 -12.18 -59.06 -26.43
CA GLU H 442 -12.51 -57.86 -27.21
C GLU H 442 -11.47 -56.77 -27.03
N ALA H 443 -10.81 -56.72 -25.87
CA ALA H 443 -9.79 -55.71 -25.64
C ALA H 443 -8.65 -55.83 -26.64
N PHE H 444 -8.39 -57.03 -27.16
CA PHE H 444 -7.34 -57.22 -28.15
C PHE H 444 -7.65 -56.51 -29.46
N GLU H 445 -8.92 -56.18 -29.71
CA GLU H 445 -9.27 -55.47 -30.93
C GLU H 445 -8.70 -54.06 -30.97
N ALA H 446 -8.29 -53.52 -29.83
CA ALA H 446 -7.81 -52.15 -29.78
C ALA H 446 -6.50 -51.97 -30.52
N ILE H 447 -5.75 -53.04 -30.73
CA ILE H 447 -4.47 -52.93 -31.44
C ILE H 447 -4.73 -52.76 -32.93
N PRO H 448 -5.42 -53.68 -33.62
CA PRO H 448 -5.69 -53.44 -35.05
C PRO H 448 -6.55 -52.22 -35.27
N ARG H 449 -7.45 -51.89 -34.33
CA ARG H 449 -8.27 -50.69 -34.48
C ARG H 449 -7.40 -49.44 -34.48
N ALA H 450 -6.45 -49.36 -33.56
CA ALA H 450 -5.55 -48.21 -33.52
C ALA H 450 -4.68 -48.17 -34.77
N LEU H 451 -4.19 -49.33 -35.22
CA LEU H 451 -3.39 -49.36 -36.43
C LEU H 451 -4.17 -48.85 -37.64
N ALA H 452 -5.42 -49.29 -37.78
CA ALA H 452 -6.25 -48.83 -38.89
C ALA H 452 -6.57 -47.35 -38.77
N GLU H 453 -6.87 -46.88 -37.56
CA GLU H 453 -7.19 -45.47 -37.38
C GLU H 453 -6.00 -44.59 -37.75
N ASN H 454 -4.80 -44.98 -37.31
CA ASN H 454 -3.62 -44.20 -37.69
C ASN H 454 -3.34 -44.31 -39.19
N SER H 455 -3.60 -45.47 -39.79
CA SER H 455 -3.40 -45.63 -41.21
C SER H 455 -4.38 -44.82 -42.05
N GLY H 456 -5.48 -44.38 -41.46
CA GLY H 456 -6.43 -43.56 -42.18
C GLY H 456 -7.55 -44.30 -42.87
N VAL H 457 -7.91 -45.48 -42.40
CA VAL H 457 -8.99 -46.26 -43.01
C VAL H 457 -10.06 -46.54 -41.98
N LYS H 458 -11.11 -47.25 -42.38
CA LYS H 458 -12.20 -47.58 -41.48
C LYS H 458 -11.82 -48.79 -40.64
N ALA H 459 -11.79 -48.61 -39.31
CA ALA H 459 -11.35 -49.68 -38.43
C ALA H 459 -12.31 -50.87 -38.46
N ASN H 460 -13.62 -50.60 -38.49
CA ASN H 460 -14.60 -51.67 -38.42
C ASN H 460 -14.49 -52.61 -39.62
N GLU H 461 -14.29 -52.05 -40.81
CA GLU H 461 -14.13 -52.90 -41.99
C GLU H 461 -12.89 -53.77 -41.88
N VAL H 462 -11.79 -53.19 -41.39
CA VAL H 462 -10.57 -53.96 -41.22
C VAL H 462 -10.79 -55.10 -40.24
N ILE H 463 -11.44 -54.83 -39.12
CA ILE H 463 -11.64 -55.86 -38.10
C ILE H 463 -12.58 -56.95 -38.61
N SER H 464 -13.64 -56.57 -39.31
CA SER H 464 -14.55 -57.58 -39.87
C SER H 464 -13.84 -58.45 -40.88
N LYS H 465 -13.02 -57.84 -41.76
CA LYS H 465 -12.27 -58.64 -42.72
C LYS H 465 -11.27 -59.56 -42.02
N LEU H 466 -10.65 -59.07 -40.95
CA LEU H 466 -9.69 -59.90 -40.21
C LEU H 466 -10.38 -61.10 -39.58
N TYR H 467 -11.55 -60.89 -38.96
CA TYR H 467 -12.32 -62.02 -38.45
C TYR H 467 -12.71 -62.99 -39.55
N ALA H 468 -13.12 -62.47 -40.71
CA ALA H 468 -13.50 -63.37 -41.80
C ALA H 468 -12.32 -64.25 -42.21
N VAL H 469 -11.16 -63.62 -42.43
CA VAL H 469 -10.00 -64.37 -42.88
C VAL H 469 -9.54 -65.35 -41.82
N HIS H 470 -9.54 -64.95 -40.55
CA HIS H 470 -9.11 -65.85 -39.50
C HIS H 470 -10.09 -66.99 -39.28
N GLN H 471 -11.38 -66.74 -39.49
CA GLN H 471 -12.36 -67.83 -39.47
C GLN H 471 -12.09 -68.81 -40.60
N GLU H 472 -11.70 -68.31 -41.77
CA GLU H 472 -11.32 -69.20 -42.86
C GLU H 472 -10.15 -70.09 -42.47
N GLY H 473 -9.30 -69.64 -41.56
CA GLY H 473 -8.21 -70.46 -41.08
C GLY H 473 -6.83 -69.90 -41.29
N ASN H 474 -6.75 -68.64 -41.71
CA ASN H 474 -5.48 -67.97 -41.97
C ASN H 474 -5.10 -67.20 -40.71
N LYS H 475 -4.14 -67.73 -39.96
CA LYS H 475 -3.72 -67.14 -38.70
C LYS H 475 -2.63 -66.09 -38.86
N ASN H 476 -2.11 -65.88 -40.06
CA ASN H 476 -0.98 -64.99 -40.29
C ASN H 476 -1.37 -63.81 -41.17
N VAL H 477 -2.59 -63.32 -41.04
CA VAL H 477 -3.11 -62.25 -41.89
C VAL H 477 -3.37 -61.03 -41.02
N GLY H 478 -2.77 -59.91 -41.39
CA GLY H 478 -2.91 -58.69 -40.63
C GLY H 478 -3.21 -57.47 -41.46
N LEU H 479 -3.22 -56.30 -40.84
CA LEU H 479 -3.58 -55.08 -41.53
C LEU H 479 -2.52 -54.68 -42.55
N ASP H 480 -2.96 -54.31 -43.75
CA ASP H 480 -2.08 -53.84 -44.81
C ASP H 480 -2.10 -52.32 -44.82
N ILE H 481 -1.02 -51.69 -44.35
CA ILE H 481 -0.98 -50.24 -44.28
C ILE H 481 -0.70 -49.60 -45.63
N GLU H 482 -0.20 -50.36 -46.60
CA GLU H 482 0.13 -49.81 -47.91
C GLU H 482 -1.07 -49.86 -48.86
N ALA H 483 -2.19 -49.33 -48.42
CA ALA H 483 -3.40 -49.31 -49.24
C ALA H 483 -4.27 -48.15 -48.80
N GLU H 484 -5.04 -47.61 -49.75
CA GLU H 484 -5.96 -46.52 -49.47
C GLU H 484 -7.33 -46.98 -49.04
N VAL H 485 -7.60 -48.28 -49.08
CA VAL H 485 -8.88 -48.83 -48.65
C VAL H 485 -8.60 -49.95 -47.66
N PRO H 486 -9.56 -50.26 -46.77
CA PRO H 486 -9.34 -51.34 -45.82
C PRO H 486 -9.02 -52.67 -46.49
N ALA H 487 -7.81 -53.17 -46.29
CA ALA H 487 -7.39 -54.41 -46.90
C ALA H 487 -6.44 -55.13 -45.96
N VAL H 488 -6.31 -56.44 -46.17
CA VAL H 488 -5.46 -57.29 -45.34
C VAL H 488 -4.57 -58.13 -46.23
N LYS H 489 -3.50 -58.65 -45.64
CA LYS H 489 -2.56 -59.50 -46.36
C LYS H 489 -1.83 -60.38 -45.36
N ASP H 490 -1.26 -61.46 -45.87
CA ASP H 490 -0.48 -62.35 -45.02
C ASP H 490 0.83 -61.68 -44.61
N MET H 491 1.17 -61.82 -43.33
CA MET H 491 2.32 -61.12 -42.80
C MET H 491 3.58 -61.97 -42.76
N LEU H 492 3.46 -63.29 -42.80
CA LEU H 492 4.65 -64.13 -42.92
C LEU H 492 5.38 -63.84 -44.22
N GLU H 493 4.64 -63.70 -45.32
CA GLU H 493 5.25 -63.33 -46.60
C GLU H 493 5.84 -61.93 -46.54
N ALA H 494 5.15 -61.00 -45.90
CA ALA H 494 5.63 -59.63 -45.82
C ALA H 494 6.79 -59.47 -44.85
N GLY H 495 7.00 -60.45 -43.97
CA GLY H 495 8.08 -60.34 -43.02
C GLY H 495 7.83 -59.39 -41.87
N ILE H 496 6.58 -59.04 -41.61
CA ILE H 496 6.23 -58.17 -40.50
C ILE H 496 6.00 -59.07 -39.29
N LEU H 497 6.96 -59.09 -38.38
CA LEU H 497 6.97 -60.04 -37.27
C LEU H 497 7.26 -59.32 -35.96
N ASP H 498 6.82 -59.92 -34.87
CA ASP H 498 7.04 -59.39 -33.54
C ASP H 498 7.65 -60.48 -32.66
N THR H 499 8.46 -60.05 -31.69
CA THR H 499 9.11 -61.00 -30.80
C THR H 499 8.09 -61.65 -29.88
N TYR H 500 8.26 -62.94 -29.64
CA TYR H 500 7.36 -63.65 -28.75
C TYR H 500 7.45 -63.13 -27.32
N LEU H 501 8.68 -62.89 -26.82
CA LEU H 501 8.83 -62.36 -25.48
C LEU H 501 8.18 -60.99 -25.36
N GLY H 502 8.26 -60.17 -26.40
CA GLY H 502 7.65 -58.86 -26.33
C GLY H 502 6.16 -58.94 -26.09
N LYS H 503 5.46 -59.76 -26.88
CA LYS H 503 4.02 -59.92 -26.68
C LYS H 503 3.71 -60.55 -25.34
N TYR H 504 4.48 -61.57 -24.95
CA TYR H 504 4.24 -62.26 -23.69
C TYR H 504 4.32 -61.28 -22.52
N TRP H 505 5.43 -60.55 -22.43
CA TRP H 505 5.62 -59.63 -21.32
C TRP H 505 4.64 -58.47 -21.38
N ALA H 506 4.34 -57.98 -22.58
CA ALA H 506 3.40 -56.87 -22.70
C ALA H 506 2.03 -57.27 -22.20
N ILE H 507 1.55 -58.45 -22.59
CA ILE H 507 0.25 -58.91 -22.14
C ILE H 507 0.27 -59.09 -20.63
N LYS H 508 1.31 -59.73 -20.10
CA LYS H 508 1.37 -59.98 -18.67
C LYS H 508 1.34 -58.68 -17.88
N LEU H 509 2.16 -57.71 -18.27
CA LEU H 509 2.26 -56.46 -17.53
C LEU H 509 0.99 -55.63 -17.67
N ALA H 510 0.40 -55.59 -18.86
CA ALA H 510 -0.83 -54.84 -19.03
C ALA H 510 -1.96 -55.42 -18.18
N THR H 511 -2.09 -56.76 -18.19
CA THR H 511 -3.13 -57.37 -17.36
C THR H 511 -2.87 -57.12 -15.88
N ASN H 512 -1.62 -57.23 -15.45
CA ASN H 512 -1.31 -56.99 -14.04
C ASN H 512 -1.66 -55.57 -13.64
N ALA H 513 -1.30 -54.59 -14.47
CA ALA H 513 -1.61 -53.20 -14.16
C ALA H 513 -3.11 -52.98 -14.12
N ALA H 514 -3.85 -53.56 -15.06
CA ALA H 514 -5.30 -53.39 -15.09
C ALA H 514 -5.94 -53.96 -13.83
N VAL H 515 -5.57 -55.19 -13.46
CA VAL H 515 -6.19 -55.78 -12.28
C VAL H 515 -5.76 -55.06 -11.01
N THR H 516 -4.53 -54.54 -10.98
CA THR H 516 -4.11 -53.76 -9.82
C THR H 516 -4.92 -52.49 -9.68
N VAL H 517 -5.18 -51.81 -10.81
CA VAL H 517 -6.02 -50.61 -10.75
C VAL H 517 -7.43 -50.98 -10.31
N LEU H 518 -7.96 -52.09 -10.81
CA LEU H 518 -9.31 -52.50 -10.44
C LEU H 518 -9.40 -52.87 -8.96
N ARG H 519 -8.32 -53.37 -8.38
CA ARG H 519 -8.36 -53.78 -6.97
C ARG H 519 -8.58 -52.61 -6.03
N VAL H 520 -8.13 -51.41 -6.42
CA VAL H 520 -8.21 -50.27 -5.53
C VAL H 520 -9.66 -49.85 -5.35
N ASP H 521 -10.08 -49.70 -4.11
CA ASP H 521 -11.45 -49.30 -3.79
C ASP H 521 -11.54 -47.93 -3.14
N GLN H 522 -10.57 -47.56 -2.31
CA GLN H 522 -10.56 -46.26 -1.66
C GLN H 522 -9.23 -45.56 -1.91
N ILE H 523 -9.30 -44.24 -2.02
CA ILE H 523 -8.11 -43.41 -2.26
C ILE H 523 -8.07 -42.34 -1.18
N ILE H 524 -6.92 -42.18 -0.55
CA ILE H 524 -6.70 -41.14 0.45
C ILE H 524 -5.47 -40.36 0.01
N MET H 525 -5.68 -39.17 -0.54
CA MET H 525 -4.61 -38.34 -1.07
C MET H 525 -4.30 -37.23 -0.08
N ALA H 526 -3.04 -37.14 0.33
CA ALA H 526 -2.63 -36.05 1.19
C ALA H 526 -2.52 -34.75 0.40
N LYS H 527 -2.43 -33.65 1.12
CA LYS H 527 -2.26 -32.36 0.47
C LYS H 527 -0.93 -32.32 -0.26
N PRO H 528 -0.89 -31.94 -1.53
CA PRO H 528 0.38 -31.88 -2.25
C PRO H 528 1.36 -30.93 -1.57
N ALA H 529 2.62 -31.32 -1.54
CA ALA H 529 3.65 -30.55 -0.86
C ALA H 529 4.53 -29.84 -1.87
N GLY H 530 5.16 -28.76 -1.40
CA GLY H 530 6.06 -27.97 -2.23
C GLY H 530 7.52 -28.27 -2.00
N GLY H 531 7.81 -29.43 -1.41
CA GLY H 531 9.17 -29.82 -1.10
C GLY H 531 10.03 -29.97 -2.34
N PRO H 532 11.34 -29.73 -2.20
CA PRO H 532 12.26 -29.79 -3.35
C PRO H 532 12.67 -31.21 -3.69
N LYS H 533 11.72 -31.98 -4.22
CA LYS H 533 11.88 -33.35 -4.68
C LYS H 533 12.17 -34.30 -3.52
N PRO H 534 11.85 -35.59 -3.64
CA PRO H 534 12.14 -36.52 -2.56
C PRO H 534 13.63 -36.62 -2.33
N PRO H 535 14.05 -36.81 -1.08
CA PRO H 535 15.50 -36.93 -0.80
C PRO H 535 16.15 -38.10 -1.52
N SER H 536 15.44 -39.22 -1.69
CA SER H 536 16.00 -40.34 -2.43
C SER H 536 16.23 -39.98 -3.89
N GLY H 537 15.30 -39.23 -4.49
CA GLY H 537 15.43 -38.82 -5.88
C GLY H 537 16.32 -37.62 -6.12
N LYS H 538 16.89 -37.05 -5.06
CA LYS H 538 17.77 -35.88 -5.15
C LYS H 538 17.07 -34.71 -5.83
N ALA I 2 -15.58 -21.38 30.55
CA ALA I 2 -15.15 -22.39 31.53
C ALA I 2 -14.05 -21.83 32.43
N ALA I 3 -13.66 -22.62 33.43
CA ALA I 3 -12.61 -22.19 34.34
C ALA I 3 -11.28 -22.04 33.63
N VAL I 4 -10.94 -22.99 32.77
CA VAL I 4 -9.64 -22.96 32.10
C VAL I 4 -9.55 -21.77 31.15
N LYS I 5 -10.63 -21.49 30.42
CA LYS I 5 -10.61 -20.42 29.43
C LYS I 5 -10.42 -19.05 30.06
N THR I 6 -10.70 -18.90 31.36
CA THR I 6 -10.47 -17.61 32.01
C THR I 6 -8.98 -17.34 32.18
N LEU I 7 -8.22 -18.34 32.61
CA LEU I 7 -6.78 -18.16 32.75
C LEU I 7 -6.10 -18.00 31.40
N ASN I 8 -6.42 -18.89 30.46
CA ASN I 8 -5.84 -18.86 29.11
C ASN I 8 -6.95 -18.61 28.12
N PRO I 9 -7.11 -17.38 27.62
CA PRO I 9 -8.19 -17.11 26.66
C PRO I 9 -8.07 -17.93 25.39
N LYS I 10 -6.86 -18.24 24.94
CA LYS I 10 -6.66 -19.03 23.73
C LYS I 10 -6.56 -20.52 24.03
N ALA I 11 -7.53 -21.06 24.76
CA ALA I 11 -7.51 -22.46 25.16
C ALA I 11 -8.77 -23.16 24.68
N GLU I 12 -8.61 -24.38 24.18
CA GLU I 12 -9.71 -25.20 23.72
C GLU I 12 -9.99 -26.28 24.75
N VAL I 13 -11.25 -26.36 25.19
CA VAL I 13 -11.64 -27.27 26.26
C VAL I 13 -12.92 -27.99 25.86
N ALA I 14 -12.95 -29.30 26.06
CA ALA I 14 -14.17 -30.09 25.96
C ALA I 14 -14.37 -30.79 27.30
N ARG I 15 -15.50 -30.52 27.94
CA ARG I 15 -15.72 -30.93 29.32
C ARG I 15 -17.00 -31.72 29.46
N ALA I 16 -17.00 -32.65 30.42
CA ALA I 16 -18.18 -33.44 30.82
C ALA I 16 -18.60 -34.30 29.62
N GLN I 17 -19.87 -34.31 29.23
CA GLN I 17 -20.33 -35.17 28.14
C GLN I 17 -19.68 -34.79 26.81
N ALA I 18 -19.16 -33.57 26.69
CA ALA I 18 -18.50 -33.18 25.46
C ALA I 18 -17.26 -34.03 25.20
N ALA I 19 -16.50 -34.32 26.25
CA ALA I 19 -15.30 -35.14 26.09
C ALA I 19 -15.67 -36.55 25.62
N LEU I 20 -16.69 -37.15 26.23
CA LEU I 20 -17.13 -38.47 25.79
C LEU I 20 -17.61 -38.43 24.36
N ALA I 21 -18.38 -37.41 23.99
CA ALA I 21 -18.88 -37.32 22.62
C ALA I 21 -17.73 -37.21 21.63
N VAL I 22 -16.74 -36.37 21.93
CA VAL I 22 -15.60 -36.19 21.03
C VAL I 22 -14.83 -37.48 20.88
N ASN I 23 -14.49 -38.13 22.00
CA ASN I 23 -13.70 -39.35 21.95
C ASN I 23 -14.44 -40.46 21.20
N ILE I 24 -15.73 -40.63 21.50
CA ILE I 24 -16.48 -41.71 20.87
C ILE I 24 -16.68 -41.43 19.38
N SER I 25 -16.88 -40.16 19.01
CA SER I 25 -17.01 -39.83 17.60
C SER I 25 -15.71 -40.14 16.85
N ALA I 26 -14.56 -39.79 17.43
CA ALA I 26 -13.29 -40.10 16.77
C ALA I 26 -13.09 -41.61 16.64
N ALA I 27 -13.41 -42.36 17.71
CA ALA I 27 -13.26 -43.80 17.65
C ALA I 27 -14.16 -44.40 16.58
N ARG I 28 -15.40 -43.89 16.48
CA ARG I 28 -16.33 -44.39 15.48
C ARG I 28 -15.85 -44.06 14.08
N GLY I 29 -15.24 -42.89 13.89
CA GLY I 29 -14.69 -42.56 12.59
C GLY I 29 -13.57 -43.51 12.18
N LEU I 30 -12.65 -43.77 13.10
CA LEU I 30 -11.58 -44.72 12.81
C LEU I 30 -12.15 -46.10 12.51
N GLN I 31 -13.13 -46.54 13.29
CA GLN I 31 -13.76 -47.83 13.05
C GLN I 31 -14.41 -47.87 11.67
N ASP I 32 -15.11 -46.80 11.29
CA ASP I 32 -15.80 -46.78 10.01
C ASP I 32 -14.81 -46.85 8.87
N VAL I 33 -13.64 -46.22 9.02
CA VAL I 33 -12.64 -46.33 7.97
C VAL I 33 -12.08 -47.74 7.90
N LEU I 34 -11.74 -48.33 9.06
CA LEU I 34 -11.00 -49.59 9.06
C LEU I 34 -11.89 -50.83 9.06
N ARG I 35 -13.21 -50.69 8.99
CA ARG I 35 -14.07 -51.87 8.87
C ARG I 35 -13.72 -52.67 7.62
N THR I 36 -13.51 -51.96 6.51
CA THR I 36 -13.35 -52.62 5.22
C THR I 36 -12.04 -53.39 5.10
N ASN I 37 -11.12 -53.25 6.06
CA ASN I 37 -9.85 -53.95 5.97
C ASN I 37 -9.94 -55.39 6.44
N LEU I 38 -10.87 -55.70 7.35
CA LEU I 38 -10.86 -56.99 8.01
C LEU I 38 -11.16 -58.13 7.04
N GLY I 39 -10.43 -59.23 7.17
CA GLY I 39 -10.71 -60.42 6.43
C GLY I 39 -10.06 -60.43 5.06
N PRO I 40 -9.90 -61.63 4.48
CA PRO I 40 -9.35 -61.71 3.12
C PRO I 40 -10.21 -61.05 2.06
N LYS I 41 -11.51 -60.86 2.33
CA LYS I 41 -12.39 -60.17 1.40
C LYS I 41 -12.39 -58.67 1.57
N GLY I 42 -11.36 -58.11 2.21
CA GLY I 42 -11.28 -56.68 2.38
C GLY I 42 -10.95 -55.98 1.08
N THR I 43 -10.90 -54.65 1.17
CA THR I 43 -10.70 -53.80 0.00
C THR I 43 -9.34 -53.15 0.03
N MET I 44 -8.66 -53.16 -1.12
CA MET I 44 -7.41 -52.42 -1.27
C MET I 44 -7.66 -50.93 -1.06
N LYS I 45 -6.69 -50.27 -0.44
CA LYS I 45 -6.72 -48.83 -0.24
C LYS I 45 -5.51 -48.20 -0.91
N MET I 46 -5.73 -47.10 -1.61
CA MET I 46 -4.64 -46.35 -2.25
C MET I 46 -4.24 -45.20 -1.35
N LEU I 47 -2.93 -45.08 -1.11
CA LEU I 47 -2.40 -44.07 -0.22
C LEU I 47 -1.39 -43.25 -1.00
N VAL I 48 -1.75 -42.01 -1.32
CA VAL I 48 -0.91 -41.11 -2.10
C VAL I 48 -0.35 -40.06 -1.14
N SER I 49 0.96 -39.94 -1.10
CA SER I 49 1.61 -39.00 -0.19
C SER I 49 1.67 -37.61 -0.81
N GLY I 50 2.22 -36.66 -0.06
CA GLY I 50 2.37 -35.30 -0.58
C GLY I 50 3.31 -35.24 -1.75
N ALA I 51 4.35 -36.08 -1.76
CA ALA I 51 5.30 -36.11 -2.86
C ALA I 51 4.79 -36.92 -4.04
N GLY I 52 3.64 -37.59 -3.90
CA GLY I 52 3.10 -38.39 -4.98
C GLY I 52 3.40 -39.87 -4.91
N ASP I 53 4.01 -40.34 -3.82
CA ASP I 53 4.28 -41.76 -3.68
C ASP I 53 2.97 -42.54 -3.54
N ILE I 54 2.93 -43.73 -4.11
CA ILE I 54 1.74 -44.56 -4.12
C ILE I 54 1.99 -45.79 -3.26
N LYS I 55 1.08 -46.03 -2.32
CA LYS I 55 1.11 -47.22 -1.48
C LYS I 55 -0.24 -47.90 -1.56
N LEU I 56 -0.23 -49.20 -1.84
CA LEU I 56 -1.43 -50.02 -1.84
C LEU I 56 -1.35 -50.98 -0.67
N THR I 57 -2.33 -50.91 0.22
CA THR I 57 -2.30 -51.77 1.40
C THR I 57 -3.70 -51.90 1.98
N LYS I 58 -3.88 -52.96 2.76
CA LYS I 58 -5.03 -53.09 3.63
C LYS I 58 -4.60 -53.39 5.07
N ASP I 59 -3.32 -53.22 5.38
CA ASP I 59 -2.83 -53.38 6.75
C ASP I 59 -3.41 -52.27 7.63
N GLY I 60 -3.79 -52.64 8.84
CA GLY I 60 -4.38 -51.65 9.73
C GLY I 60 -3.40 -50.58 10.17
N ASN I 61 -2.20 -50.99 10.55
CA ASN I 61 -1.23 -50.03 11.08
C ASN I 61 -0.74 -49.09 9.99
N VAL I 62 -0.45 -49.62 8.81
CA VAL I 62 0.02 -48.77 7.71
C VAL I 62 -1.06 -47.76 7.35
N LEU I 63 -2.31 -48.23 7.23
CA LEU I 63 -3.40 -47.33 6.91
C LEU I 63 -3.56 -46.26 7.98
N LEU I 64 -3.50 -46.65 9.26
CA LEU I 64 -3.63 -45.69 10.34
C LEU I 64 -2.55 -44.63 10.26
N HIS I 65 -1.31 -45.03 9.97
CA HIS I 65 -0.23 -44.06 9.88
C HIS I 65 -0.33 -43.22 8.62
N GLU I 66 -1.04 -43.68 7.59
CA GLU I 66 -1.09 -42.97 6.33
C GLU I 66 -2.40 -42.22 6.08
N MET I 67 -3.35 -42.26 7.01
CA MET I 67 -4.45 -41.32 6.92
C MET I 67 -4.01 -39.96 7.44
N GLN I 68 -4.75 -38.93 7.04
CA GLN I 68 -4.45 -37.56 7.44
C GLN I 68 -5.42 -37.18 8.56
N ILE I 69 -5.04 -37.54 9.78
CA ILE I 69 -5.87 -37.33 10.96
C ILE I 69 -5.09 -36.52 11.97
N GLN I 70 -5.76 -35.55 12.59
CA GLN I 70 -5.20 -34.72 13.65
C GLN I 70 -6.09 -34.76 14.88
N HIS I 71 -6.49 -35.96 15.28
CA HIS I 71 -7.37 -36.06 16.43
C HIS I 71 -6.66 -36.70 17.60
N PRO I 72 -6.88 -36.22 18.83
CA PRO I 72 -6.20 -36.83 19.98
C PRO I 72 -6.56 -38.29 20.20
N THR I 73 -7.84 -38.64 20.16
CA THR I 73 -8.24 -40.02 20.33
C THR I 73 -7.67 -40.88 19.21
N ALA I 74 -7.63 -40.36 17.99
CA ALA I 74 -7.00 -41.07 16.90
C ALA I 74 -5.52 -41.30 17.21
N SER I 75 -4.84 -40.32 17.79
CA SER I 75 -3.45 -40.50 18.14
C SER I 75 -3.26 -41.60 19.19
N LEU I 76 -4.12 -41.62 20.20
CA LEU I 76 -4.02 -42.65 21.23
C LEU I 76 -4.23 -44.05 20.63
N ILE I 77 -5.26 -44.18 19.80
CA ILE I 77 -5.52 -45.48 19.18
C ILE I 77 -4.38 -45.86 18.25
N ALA I 78 -3.79 -44.88 17.57
CA ALA I 78 -2.64 -45.17 16.70
C ALA I 78 -1.46 -45.67 17.51
N LYS I 79 -1.22 -45.08 18.68
CA LYS I 79 -0.14 -45.58 19.54
C LYS I 79 -0.42 -47.00 20.00
N VAL I 80 -1.67 -47.29 20.37
CA VAL I 80 -2.00 -48.65 20.82
C VAL I 80 -1.76 -49.64 19.68
N ALA I 81 -2.21 -49.30 18.48
CA ALA I 81 -2.00 -50.18 17.33
C ALA I 81 -0.53 -50.31 16.99
N THR I 82 0.25 -49.24 17.16
CA THR I 82 1.68 -49.32 16.91
C THR I 82 2.35 -50.29 17.87
N ALA I 83 1.98 -50.24 19.15
CA ALA I 83 2.53 -51.21 20.10
C ALA I 83 2.11 -52.63 19.73
N GLN I 84 0.85 -52.81 19.36
CA GLN I 84 0.37 -54.13 18.95
C GLN I 84 1.18 -54.67 17.78
N ASP I 85 1.39 -53.83 16.76
CA ASP I 85 2.17 -54.24 15.60
C ASP I 85 3.63 -54.52 15.97
N ASP I 86 4.20 -53.70 16.85
CA ASP I 86 5.60 -53.85 17.19
C ASP I 86 5.86 -55.16 17.92
N ILE I 87 4.96 -55.57 18.81
CA ILE I 87 5.20 -56.77 19.60
C ILE I 87 4.70 -58.03 18.89
N THR I 88 3.46 -58.03 18.44
CA THR I 88 2.87 -59.23 17.85
C THR I 88 2.85 -59.24 16.34
N GLY I 89 2.78 -58.07 15.70
CA GLY I 89 2.80 -58.01 14.25
C GLY I 89 1.48 -58.25 13.56
N ASP I 90 0.39 -58.41 14.31
CA ASP I 90 -0.91 -58.66 13.70
C ASP I 90 -1.99 -58.22 14.67
N GLY I 91 -3.19 -58.02 14.13
CA GLY I 91 -4.33 -57.67 14.94
C GLY I 91 -4.60 -56.19 15.09
N THR I 92 -3.94 -55.33 14.30
CA THR I 92 -4.14 -53.89 14.43
C THR I 92 -5.55 -53.49 14.02
N THR I 93 -6.04 -54.02 12.89
CA THR I 93 -7.38 -53.70 12.44
C THR I 93 -8.42 -54.17 13.45
N SER I 94 -8.25 -55.41 13.94
CA SER I 94 -9.13 -55.90 14.98
C SER I 94 -9.01 -55.07 16.24
N ASN I 95 -7.80 -54.58 16.54
CA ASN I 95 -7.62 -53.70 17.69
C ASN I 95 -8.50 -52.47 17.58
N VAL I 96 -8.42 -51.77 16.44
CA VAL I 96 -9.20 -50.55 16.26
C VAL I 96 -10.69 -50.87 16.29
N LEU I 97 -11.10 -51.95 15.61
CA LEU I 97 -12.51 -52.30 15.58
C LEU I 97 -13.05 -52.58 16.98
N ILE I 98 -12.30 -53.34 17.77
CA ILE I 98 -12.78 -53.70 19.09
C ILE I 98 -12.82 -52.48 20.00
N ILE I 99 -11.83 -51.59 19.90
CA ILE I 99 -11.86 -50.39 20.71
C ILE I 99 -13.08 -49.54 20.36
N GLY I 100 -13.32 -49.34 19.07
CA GLY I 100 -14.47 -48.54 18.65
C GLY I 100 -15.78 -49.14 19.09
N GLU I 101 -15.92 -50.45 18.95
CA GLU I 101 -17.17 -51.09 19.34
C GLU I 101 -17.36 -51.08 20.85
N LEU I 102 -16.26 -51.21 21.60
CA LEU I 102 -16.35 -51.10 23.05
C LEU I 102 -16.87 -49.74 23.46
N LEU I 103 -16.30 -48.68 22.87
CA LEU I 103 -16.78 -47.33 23.20
C LEU I 103 -18.22 -47.13 22.77
N LYS I 104 -18.60 -47.64 21.61
CA LYS I 104 -19.98 -47.47 21.15
C LYS I 104 -20.96 -48.17 22.09
N GLN I 105 -20.67 -49.42 22.44
CA GLN I 105 -21.56 -50.16 23.33
C GLN I 105 -21.61 -49.52 24.71
N ALA I 106 -20.48 -48.99 25.19
CA ALA I 106 -20.48 -48.30 26.46
C ALA I 106 -21.33 -47.04 26.41
N ASP I 107 -21.21 -46.27 25.33
CA ASP I 107 -22.01 -45.05 25.21
C ASP I 107 -23.49 -45.37 25.10
N LEU I 108 -23.83 -46.53 24.54
CA LEU I 108 -25.23 -46.92 24.45
C LEU I 108 -25.88 -46.96 25.83
N TYR I 109 -25.14 -47.35 26.85
CA TYR I 109 -25.65 -47.36 28.21
C TYR I 109 -25.39 -46.06 28.94
N ILE I 110 -24.30 -45.36 28.60
CA ILE I 110 -23.99 -44.11 29.28
C ILE I 110 -25.02 -43.04 28.95
N SER I 111 -25.51 -43.02 27.71
CA SER I 111 -26.51 -42.05 27.31
C SER I 111 -27.82 -42.24 28.05
N GLU I 112 -28.02 -43.37 28.72
CA GLU I 112 -29.19 -43.61 29.54
C GLU I 112 -28.99 -43.18 30.98
N GLY I 113 -27.99 -42.36 31.25
CA GLY I 113 -27.73 -41.88 32.59
C GLY I 113 -26.78 -42.70 33.42
N LEU I 114 -26.33 -43.84 32.91
CA LEU I 114 -25.38 -44.67 33.65
C LEU I 114 -24.02 -43.99 33.73
N HIS I 115 -23.35 -44.19 34.85
CA HIS I 115 -22.02 -43.62 35.04
C HIS I 115 -20.96 -44.54 34.43
N PRO I 116 -19.93 -43.96 33.79
CA PRO I 116 -18.93 -44.80 33.13
C PRO I 116 -18.17 -45.72 34.07
N ARG I 117 -18.09 -45.41 35.36
CA ARG I 117 -17.33 -46.25 36.28
C ARG I 117 -17.94 -47.66 36.36
N ILE I 118 -19.26 -47.75 36.38
CA ILE I 118 -19.92 -49.06 36.39
C ILE I 118 -19.57 -49.82 35.13
N ILE I 119 -19.58 -49.12 33.99
CA ILE I 119 -19.23 -49.77 32.73
C ILE I 119 -17.81 -50.30 32.78
N THR I 120 -16.88 -49.54 33.35
CA THR I 120 -15.50 -49.99 33.42
C THR I 120 -15.35 -51.19 34.36
N GLU I 121 -16.11 -51.21 35.46
CA GLU I 121 -16.07 -52.37 36.34
C GLU I 121 -16.58 -53.61 35.61
N GLY I 122 -17.67 -53.47 34.87
CA GLY I 122 -18.15 -54.57 34.06
C GLY I 122 -17.13 -55.01 33.03
N PHE I 123 -16.41 -54.05 32.44
CA PHE I 123 -15.38 -54.38 31.48
C PHE I 123 -14.27 -55.19 32.13
N GLU I 124 -13.86 -54.81 33.34
CA GLU I 124 -12.80 -55.54 34.03
C GLU I 124 -13.22 -56.97 34.31
N ALA I 125 -14.42 -57.15 34.84
CA ALA I 125 -14.90 -58.50 35.12
C ALA I 125 -15.02 -59.33 33.84
N ALA I 126 -15.55 -58.73 32.79
CA ALA I 126 -15.70 -59.43 31.52
C ALA I 126 -14.35 -59.79 30.93
N LYS I 127 -13.37 -58.89 31.06
CA LYS I 127 -12.03 -59.19 30.54
C LYS I 127 -11.40 -60.35 31.28
N GLU I 128 -11.55 -60.39 32.60
CA GLU I 128 -11.00 -61.51 33.36
C GLU I 128 -11.65 -62.82 32.93
N LYS I 129 -12.98 -62.84 32.82
CA LYS I 129 -13.66 -64.06 32.40
C LYS I 129 -13.27 -64.45 30.97
N ALA I 130 -13.11 -63.46 30.10
CA ALA I 130 -12.75 -63.72 28.72
C ALA I 130 -11.36 -64.31 28.60
N LEU I 131 -10.41 -63.81 29.39
CA LEU I 131 -9.08 -64.40 29.40
C LEU I 131 -9.12 -65.83 29.91
N GLN I 132 -9.93 -66.09 30.94
CA GLN I 132 -10.08 -67.46 31.41
C GLN I 132 -10.61 -68.36 30.30
N PHE I 133 -11.63 -67.90 29.58
CA PHE I 133 -12.19 -68.70 28.50
C PHE I 133 -11.18 -68.91 27.38
N LEU I 134 -10.40 -67.88 27.06
CA LEU I 134 -9.39 -68.02 26.01
C LEU I 134 -8.35 -69.06 26.41
N GLU I 135 -7.95 -69.09 27.67
CA GLU I 135 -7.06 -70.15 28.14
C GLU I 135 -7.73 -71.51 27.99
N GLU I 136 -9.04 -71.59 28.27
CA GLU I 136 -9.73 -72.86 28.18
C GLU I 136 -9.86 -73.35 26.75
N VAL I 137 -9.90 -72.44 25.77
CA VAL I 137 -10.29 -72.79 24.40
C VAL I 137 -9.09 -72.99 23.47
N LYS I 138 -7.90 -72.55 23.86
CA LYS I 138 -6.75 -72.63 22.96
C LYS I 138 -6.40 -74.09 22.68
N VAL I 139 -5.78 -74.32 21.53
CA VAL I 139 -5.46 -75.65 21.04
C VAL I 139 -3.95 -75.82 21.07
N SER I 140 -3.45 -76.70 21.94
CA SER I 140 -2.04 -77.00 21.99
C SER I 140 -1.70 -78.07 20.97
N ARG I 141 -0.69 -77.79 20.14
CA ARG I 141 -0.32 -78.71 19.07
C ARG I 141 1.20 -78.75 18.95
N GLU I 142 1.68 -79.72 18.19
CA GLU I 142 3.08 -79.75 17.79
C GLU I 142 3.21 -78.98 16.47
N MET I 143 3.98 -77.90 16.50
CA MET I 143 4.06 -76.99 15.35
C MET I 143 4.88 -77.65 14.26
N ASP I 144 4.22 -78.49 13.47
CA ASP I 144 4.83 -79.11 12.31
C ASP I 144 4.77 -78.14 11.14
N ARG I 145 5.11 -78.62 9.94
CA ARG I 145 5.08 -77.76 8.77
C ARG I 145 3.66 -77.41 8.37
N GLU I 146 2.73 -78.36 8.50
CA GLU I 146 1.37 -78.14 8.03
C GLU I 146 0.67 -77.06 8.83
N THR I 147 0.79 -77.10 10.16
CA THR I 147 0.13 -76.10 10.99
C THR I 147 0.73 -74.71 10.73
N LEU I 148 2.04 -74.63 10.60
CA LEU I 148 2.68 -73.35 10.30
C LEU I 148 2.23 -72.82 8.95
N ILE I 149 2.08 -73.71 7.97
CA ILE I 149 1.59 -73.29 6.67
C ILE I 149 0.17 -72.75 6.78
N ASP I 150 -0.66 -73.42 7.59
CA ASP I 150 -2.03 -72.95 7.78
C ASP I 150 -2.06 -71.55 8.41
N VAL I 151 -1.22 -71.32 9.42
CA VAL I 151 -1.18 -70.01 10.07
C VAL I 151 -0.69 -68.95 9.09
N ALA I 152 0.38 -69.27 8.35
CA ALA I 152 0.92 -68.32 7.39
C ALA I 152 -0.10 -67.99 6.32
N ARG I 153 -0.88 -68.98 5.87
CA ARG I 153 -1.93 -68.71 4.90
C ARG I 153 -2.99 -67.81 5.50
N THR I 154 -3.40 -68.11 6.73
CA THR I 154 -4.44 -67.30 7.37
C THR I 154 -4.02 -65.84 7.49
N SER I 155 -2.72 -65.58 7.58
CA SER I 155 -2.28 -64.18 7.59
C SER I 155 -2.16 -63.61 6.18
N LEU I 156 -1.43 -64.30 5.31
CA LEU I 156 -1.08 -63.73 4.01
C LEU I 156 -2.30 -63.58 3.11
N ARG I 157 -3.23 -64.54 3.14
CA ARG I 157 -4.44 -64.41 2.35
C ARG I 157 -5.20 -63.15 2.74
N THR I 158 -5.21 -62.81 4.02
CA THR I 158 -5.80 -61.55 4.43
C THR I 158 -4.97 -60.35 4.02
N LYS I 159 -3.67 -60.52 3.77
CA LYS I 159 -2.91 -59.34 3.44
C LYS I 159 -2.70 -59.13 1.94
N VAL I 160 -2.68 -60.18 1.12
CA VAL I 160 -2.39 -60.05 -0.31
C VAL I 160 -3.32 -60.96 -1.12
N HIS I 161 -3.10 -60.93 -2.43
CA HIS I 161 -3.80 -61.77 -3.39
C HIS I 161 -3.60 -63.25 -3.07
N ALA I 162 -4.53 -64.08 -3.53
CA ALA I 162 -4.57 -65.49 -3.15
C ALA I 162 -3.31 -66.23 -3.59
N GLU I 163 -2.97 -66.15 -4.88
CA GLU I 163 -1.83 -66.91 -5.39
C GLU I 163 -0.52 -66.39 -4.81
N LEU I 164 -0.38 -65.07 -4.72
CA LEU I 164 0.79 -64.50 -4.07
C LEU I 164 0.89 -64.95 -2.62
N ALA I 165 -0.25 -65.03 -1.93
CA ALA I 165 -0.24 -65.53 -0.56
C ALA I 165 0.21 -66.99 -0.53
N ASP I 166 -0.22 -67.79 -1.49
CA ASP I 166 0.18 -69.18 -1.53
C ASP I 166 1.68 -69.33 -1.70
N VAL I 167 2.29 -68.48 -2.54
CA VAL I 167 3.74 -68.52 -2.69
C VAL I 167 4.44 -68.06 -1.41
N LEU I 168 3.95 -66.95 -0.84
CA LEU I 168 4.59 -66.39 0.35
C LEU I 168 4.49 -67.33 1.54
N THR I 169 3.44 -68.17 1.58
CA THR I 169 3.35 -69.14 2.66
C THR I 169 4.54 -70.08 2.67
N GLU I 170 4.84 -70.68 1.52
CA GLU I 170 5.99 -71.57 1.44
C GLU I 170 7.27 -70.82 1.75
N ALA I 171 7.42 -69.62 1.20
CA ALA I 171 8.64 -68.85 1.45
C ALA I 171 8.83 -68.61 2.96
N VAL I 172 7.81 -68.09 3.62
CA VAL I 172 7.91 -67.70 5.02
C VAL I 172 8.14 -68.93 5.90
N VAL I 173 7.36 -69.99 5.67
CA VAL I 173 7.48 -71.17 6.51
C VAL I 173 8.86 -71.79 6.37
N ASP I 174 9.35 -71.91 5.13
CA ASP I 174 10.65 -72.50 4.92
C ASP I 174 11.75 -71.66 5.57
N SER I 175 11.67 -70.34 5.45
CA SER I 175 12.68 -69.48 6.06
C SER I 175 12.69 -69.64 7.58
N ILE I 176 11.51 -69.61 8.19
CA ILE I 176 11.44 -69.72 9.64
C ILE I 176 11.98 -71.07 10.10
N LEU I 177 11.59 -72.14 9.41
CA LEU I 177 12.11 -73.46 9.78
C LEU I 177 13.62 -73.54 9.57
N ALA I 178 14.15 -72.81 8.60
CA ALA I 178 15.58 -72.86 8.34
C ALA I 178 16.37 -72.16 9.45
N ILE I 179 15.94 -70.97 9.84
CA ILE I 179 16.75 -70.20 10.80
C ILE I 179 16.52 -70.59 12.25
N LYS I 180 15.53 -71.43 12.53
CA LYS I 180 15.15 -71.72 13.90
C LYS I 180 16.00 -72.87 14.45
N LYS I 181 16.69 -72.61 15.56
CA LYS I 181 17.38 -73.65 16.30
C LYS I 181 16.48 -74.16 17.41
N GLN I 182 16.51 -75.47 17.64
CA GLN I 182 15.62 -76.06 18.62
C GLN I 182 15.88 -75.50 20.00
N ASP I 183 14.80 -75.14 20.70
CA ASP I 183 14.86 -74.61 22.07
C ASP I 183 15.74 -73.36 22.13
N GLU I 184 15.29 -72.33 21.40
CA GLU I 184 16.05 -71.09 21.31
C GLU I 184 15.14 -70.02 20.73
N PRO I 185 15.14 -68.80 21.26
CA PRO I 185 14.31 -67.74 20.69
C PRO I 185 14.72 -67.45 19.25
N ILE I 186 13.72 -67.18 18.42
CA ILE I 186 13.94 -66.97 16.99
C ILE I 186 14.37 -65.54 16.75
N ASP I 187 15.47 -65.37 16.01
CA ASP I 187 16.01 -64.06 15.69
C ASP I 187 15.61 -63.72 14.26
N LEU I 188 14.61 -62.84 14.12
CA LEU I 188 14.13 -62.46 12.80
C LEU I 188 15.09 -61.55 12.07
N PHE I 189 16.11 -61.01 12.74
CA PHE I 189 17.14 -60.26 12.05
C PHE I 189 17.96 -61.14 11.12
N MET I 190 17.93 -62.45 11.31
CA MET I 190 18.70 -63.36 10.48
C MET I 190 18.01 -63.69 9.17
N ILE I 191 16.82 -63.17 8.94
CA ILE I 191 16.10 -63.33 7.70
C ILE I 191 16.17 -62.00 6.96
N GLU I 192 17.07 -61.91 5.99
CA GLU I 192 17.21 -60.69 5.21
C GLU I 192 16.09 -60.58 4.18
N ILE I 193 15.54 -59.38 4.05
CA ILE I 193 14.48 -59.15 3.08
C ILE I 193 15.00 -58.21 2.00
N MET I 194 15.45 -58.78 0.88
CA MET I 194 15.96 -58.01 -0.24
C MET I 194 14.89 -57.94 -1.32
N GLU I 195 14.70 -56.75 -1.89
CA GLU I 195 13.68 -56.54 -2.91
C GLU I 195 14.34 -56.20 -4.25
N MET I 196 13.86 -56.83 -5.30
CA MET I 196 14.29 -56.56 -6.66
C MET I 196 13.06 -56.23 -7.50
N LYS I 197 13.26 -55.46 -8.56
CA LYS I 197 12.17 -54.84 -9.30
C LYS I 197 12.26 -55.16 -10.79
N HIS I 198 12.38 -56.45 -11.12
CA HIS I 198 12.53 -56.81 -12.53
C HIS I 198 11.59 -57.89 -13.04
N LYS I 199 10.84 -58.58 -12.18
CA LYS I 199 10.01 -59.67 -12.66
C LYS I 199 8.65 -59.60 -11.97
N SER I 200 7.87 -60.66 -12.16
CA SER I 200 6.51 -60.71 -11.65
C SER I 200 6.50 -60.94 -10.15
N GLU I 201 5.33 -60.69 -9.54
CA GLU I 201 5.21 -60.80 -8.09
C GLU I 201 5.30 -62.25 -7.62
N THR I 202 4.95 -63.21 -8.48
CA THR I 202 4.97 -64.61 -8.10
C THR I 202 6.37 -65.20 -8.14
N ASP I 203 7.36 -64.44 -8.56
CA ASP I 203 8.74 -64.92 -8.61
C ASP I 203 9.47 -64.74 -7.29
N THR I 204 8.81 -64.19 -6.27
CA THR I 204 9.41 -64.10 -4.95
C THR I 204 9.67 -65.49 -4.41
N SER I 205 10.87 -65.71 -3.91
CA SER I 205 11.27 -67.04 -3.47
C SER I 205 12.21 -66.92 -2.27
N LEU I 206 12.64 -68.06 -1.76
CA LEU I 206 13.56 -68.14 -0.64
C LEU I 206 14.92 -68.62 -1.14
N ILE I 207 15.98 -67.90 -0.79
CA ILE I 207 17.34 -68.28 -1.13
C ILE I 207 18.02 -68.79 0.13
N ARG I 208 18.56 -70.01 0.06
CA ARG I 208 19.28 -70.59 1.18
C ARG I 208 20.68 -69.99 1.28
N GLY I 209 20.70 -68.68 1.49
CA GLY I 209 21.94 -67.93 1.60
C GLY I 209 21.69 -66.46 1.79
N LEU I 210 22.48 -65.62 1.14
CA LEU I 210 22.32 -64.18 1.24
C LEU I 210 22.30 -63.55 -0.14
N VAL I 211 21.61 -62.42 -0.25
CA VAL I 211 21.66 -61.56 -1.42
C VAL I 211 22.15 -60.19 -0.96
N LEU I 212 23.20 -59.71 -1.60
CA LEU I 212 23.83 -58.44 -1.23
C LEU I 212 23.48 -57.40 -2.29
N ASP I 213 23.11 -56.21 -1.83
CA ASP I 213 22.71 -55.14 -2.74
C ASP I 213 23.89 -54.49 -3.45
N HIS I 214 25.10 -55.01 -3.27
CA HIS I 214 26.28 -54.45 -3.90
C HIS I 214 27.12 -55.59 -4.48
N GLY I 215 27.90 -55.27 -5.50
CA GLY I 215 28.72 -56.28 -6.15
C GLY I 215 30.18 -55.88 -6.24
N ALA I 216 30.96 -56.65 -7.01
CA ALA I 216 32.37 -56.37 -7.16
C ALA I 216 32.58 -55.07 -7.92
N ARG I 217 33.57 -54.28 -7.48
CA ARG I 217 33.82 -52.99 -8.10
C ARG I 217 34.86 -53.05 -9.19
N HIS I 218 35.94 -53.79 -8.98
CA HIS I 218 36.96 -53.94 -10.01
C HIS I 218 36.41 -54.81 -11.14
N PRO I 219 36.43 -54.33 -12.39
CA PRO I 219 35.82 -55.10 -13.48
C PRO I 219 36.47 -56.46 -13.73
N ASP I 220 37.77 -56.58 -13.48
CA ASP I 220 38.48 -57.81 -13.83
C ASP I 220 38.19 -58.97 -12.89
N MET I 221 37.56 -58.73 -11.75
CA MET I 221 37.23 -59.84 -10.86
C MET I 221 36.13 -60.70 -11.47
N LYS I 222 36.17 -62.00 -11.14
CA LYS I 222 35.26 -62.95 -11.74
C LYS I 222 33.82 -62.65 -11.36
N LYS I 223 32.91 -62.85 -12.30
CA LYS I 223 31.49 -62.64 -12.08
C LYS I 223 30.79 -63.86 -11.50
N ARG I 224 31.45 -65.00 -11.44
CA ARG I 224 30.81 -66.23 -10.98
C ARG I 224 31.88 -67.18 -10.49
N VAL I 225 31.76 -67.63 -9.24
CA VAL I 225 32.69 -68.56 -8.63
C VAL I 225 31.90 -69.77 -8.16
N GLU I 226 32.33 -70.96 -8.57
CA GLU I 226 31.57 -72.16 -8.25
C GLU I 226 31.76 -72.56 -6.79
N ASP I 227 32.97 -72.93 -6.41
CA ASP I 227 33.27 -73.30 -5.04
C ASP I 227 34.15 -72.21 -4.44
N ALA I 228 33.71 -71.62 -3.34
CA ALA I 228 34.34 -70.43 -2.81
C ALA I 228 34.59 -70.57 -1.32
N TYR I 229 35.67 -69.93 -0.87
CA TYR I 229 35.92 -69.71 0.55
C TYR I 229 35.54 -68.28 0.88
N ILE I 230 34.68 -68.10 1.87
CA ILE I 230 34.17 -66.79 2.24
C ILE I 230 35.02 -66.25 3.37
N LEU I 231 35.50 -65.02 3.21
CA LEU I 231 36.27 -64.32 4.22
C LEU I 231 35.48 -63.10 4.66
N THR I 232 34.76 -63.25 5.77
CA THR I 232 33.97 -62.15 6.34
C THR I 232 34.89 -61.34 7.24
N CYS I 233 35.16 -60.10 6.85
CA CYS I 233 36.12 -59.27 7.56
C CYS I 233 35.58 -57.87 7.76
N ASN I 234 36.12 -57.18 8.76
CA ASN I 234 35.78 -55.81 9.10
C ASN I 234 37.04 -54.97 9.21
N VAL I 235 37.92 -55.13 8.22
CA VAL I 235 39.23 -54.47 8.23
C VAL I 235 39.28 -53.50 7.06
N SER I 236 39.69 -52.26 7.35
CA SER I 236 39.83 -51.28 6.28
C SER I 236 40.97 -51.65 5.36
N LEU I 237 40.70 -51.62 4.06
CA LEU I 237 41.71 -51.92 3.05
C LEU I 237 42.03 -50.71 2.18
N GLU I 238 41.57 -49.53 2.54
CA GLU I 238 41.90 -48.31 1.83
C GLU I 238 42.95 -47.53 2.60
N TYR I 239 43.51 -46.52 1.94
CA TYR I 239 44.54 -45.70 2.56
C TYR I 239 43.99 -45.02 3.81
N GLU I 240 44.75 -45.09 4.89
CA GLU I 240 44.34 -44.52 6.17
C GLU I 240 45.34 -43.46 6.58
N LYS I 241 44.81 -42.36 7.12
CA LYS I 241 45.62 -41.22 7.52
C LYS I 241 45.99 -41.35 9.00
N THR I 242 47.23 -40.98 9.32
CA THR I 242 47.68 -40.99 10.70
C THR I 242 46.83 -40.05 11.54
N GLU I 243 46.52 -40.49 12.77
CA GLU I 243 45.66 -39.72 13.66
C GLU I 243 46.35 -38.49 14.25
N VAL I 244 47.66 -38.34 14.07
CA VAL I 244 48.41 -37.31 14.80
C VAL I 244 49.05 -36.34 13.82
N ASN I 245 48.41 -36.10 12.68
CA ASN I 245 48.85 -35.09 11.71
C ASN I 245 50.29 -35.32 11.28
N SER I 246 50.51 -36.44 10.59
CA SER I 246 51.86 -36.85 10.22
C SER I 246 52.55 -35.88 9.27
N GLY I 247 52.06 -35.77 8.04
CA GLY I 247 52.74 -34.95 7.05
C GLY I 247 54.06 -35.52 6.57
N PHE I 248 54.47 -35.20 5.36
CA PHE I 248 55.69 -35.71 4.77
C PHE I 248 56.63 -34.56 4.41
N PHE I 249 57.94 -34.82 4.55
CA PHE I 249 58.96 -33.83 4.26
C PHE I 249 60.07 -34.49 3.46
N TYR I 250 60.33 -33.99 2.26
CA TYR I 250 61.35 -34.55 1.39
C TYR I 250 62.14 -33.41 0.76
N LYS I 251 63.21 -33.77 0.05
CA LYS I 251 64.08 -32.79 -0.56
C LYS I 251 64.40 -33.08 -2.03
N SER I 252 63.80 -34.09 -2.62
CA SER I 252 64.05 -34.42 -4.02
C SER I 252 62.90 -35.26 -4.54
N ALA I 253 62.82 -35.35 -5.86
CA ALA I 253 61.77 -36.16 -6.48
C ALA I 253 61.95 -37.64 -6.14
N GLU I 254 63.20 -38.11 -6.08
CA GLU I 254 63.43 -39.51 -5.71
C GLU I 254 62.94 -39.80 -4.30
N GLU I 255 63.20 -38.89 -3.36
CA GLU I 255 62.70 -39.07 -2.01
C GLU I 255 61.17 -39.07 -1.99
N ARG I 256 60.56 -38.21 -2.80
CA ARG I 256 59.10 -38.19 -2.87
C ARG I 256 58.57 -39.53 -3.39
N GLU I 257 59.22 -40.09 -4.40
CA GLU I 257 58.79 -41.38 -4.92
C GLU I 257 58.94 -42.47 -3.86
N LYS I 258 60.06 -42.46 -3.14
CA LYS I 258 60.26 -43.45 -2.09
C LYS I 258 59.20 -43.33 -1.01
N LEU I 259 58.86 -42.11 -0.63
CA LEU I 259 57.82 -41.91 0.38
C LEU I 259 56.45 -42.34 -0.13
N VAL I 260 56.18 -42.08 -1.41
CA VAL I 260 54.90 -42.52 -1.99
C VAL I 260 54.80 -44.03 -1.95
N LYS I 261 55.87 -44.72 -2.36
CA LYS I 261 55.86 -46.17 -2.36
C LYS I 261 55.75 -46.73 -0.94
N ALA I 262 56.45 -46.11 0.01
CA ALA I 262 56.51 -46.63 1.37
C ALA I 262 55.28 -46.28 2.20
N GLU I 263 54.44 -45.36 1.75
CA GLU I 263 53.26 -44.99 2.53
C GLU I 263 52.12 -45.98 2.37
N ARG I 264 52.20 -46.88 1.39
CA ARG I 264 51.18 -47.90 1.18
C ARG I 264 51.51 -49.22 1.86
N LYS I 265 52.64 -49.28 2.59
CA LYS I 265 53.11 -50.54 3.12
C LYS I 265 52.15 -51.13 4.15
N PHE I 266 51.49 -50.28 4.95
CA PHE I 266 50.61 -50.79 5.99
C PHE I 266 49.43 -51.57 5.41
N ILE I 267 48.75 -50.98 4.43
CA ILE I 267 47.62 -51.68 3.79
C ILE I 267 48.13 -52.86 2.96
N GLU I 268 49.28 -52.68 2.31
CA GLU I 268 49.82 -53.75 1.49
C GLU I 268 50.17 -54.96 2.33
N ASP I 269 50.54 -54.77 3.60
CA ASP I 269 50.80 -55.91 4.47
C ASP I 269 49.56 -56.75 4.68
N ARG I 270 48.42 -56.10 4.94
CA ARG I 270 47.19 -56.85 5.15
C ARG I 270 46.71 -57.50 3.86
N VAL I 271 46.87 -56.81 2.74
CA VAL I 271 46.51 -57.39 1.46
C VAL I 271 47.38 -58.62 1.19
N LYS I 272 48.67 -58.53 1.48
CA LYS I 272 49.55 -59.67 1.30
C LYS I 272 49.19 -60.82 2.23
N LYS I 273 48.76 -60.50 3.46
CA LYS I 273 48.30 -61.55 4.37
C LYS I 273 47.11 -62.29 3.78
N ILE I 274 46.15 -61.52 3.24
CA ILE I 274 44.97 -62.14 2.62
C ILE I 274 45.39 -63.02 1.44
N ILE I 275 46.29 -62.50 0.61
CA ILE I 275 46.71 -63.23 -0.59
C ILE I 275 47.44 -64.52 -0.20
N GLU I 276 48.30 -64.45 0.81
CA GLU I 276 49.02 -65.63 1.25
C GLU I 276 48.07 -66.66 1.82
N LEU I 277 47.07 -66.23 2.60
CA LEU I 277 46.08 -67.17 3.09
C LEU I 277 45.33 -67.83 1.93
N LYS I 278 44.96 -67.04 0.93
CA LYS I 278 44.26 -67.60 -0.22
C LYS I 278 45.11 -68.64 -0.94
N ARG I 279 46.39 -68.34 -1.13
CA ARG I 279 47.28 -69.29 -1.79
C ARG I 279 47.43 -70.56 -0.98
N LYS I 280 47.55 -70.42 0.34
CA LYS I 280 47.69 -71.60 1.19
C LYS I 280 46.43 -72.47 1.13
N VAL I 281 45.26 -71.84 1.16
CA VAL I 281 44.01 -72.61 1.20
C VAL I 281 43.76 -73.32 -0.12
N CYS I 282 43.89 -72.60 -1.24
CA CYS I 282 43.60 -73.16 -2.55
C CYS I 282 44.80 -72.94 -3.47
N GLY I 283 45.56 -74.01 -3.72
CA GLY I 283 46.70 -73.97 -4.60
C GLY I 283 46.40 -74.19 -6.05
N ASP I 284 45.13 -74.35 -6.41
CA ASP I 284 44.70 -74.54 -7.79
C ASP I 284 43.78 -73.38 -8.18
N SER I 285 43.22 -73.48 -9.38
CA SER I 285 42.23 -72.51 -9.85
C SER I 285 40.81 -73.03 -9.74
N ASP I 286 40.61 -74.25 -9.24
CA ASP I 286 39.27 -74.81 -9.14
C ASP I 286 38.45 -74.08 -8.08
N LYS I 287 39.01 -73.92 -6.89
CA LYS I 287 38.29 -73.26 -5.81
C LYS I 287 38.32 -71.76 -5.99
N GLY I 288 37.51 -71.07 -5.18
CA GLY I 288 37.40 -69.63 -5.27
C GLY I 288 37.55 -68.98 -3.90
N PHE I 289 37.78 -67.67 -3.93
CA PHE I 289 37.98 -66.89 -2.72
C PHE I 289 37.15 -65.62 -2.83
N VAL I 290 36.24 -65.43 -1.89
CA VAL I 290 35.38 -64.25 -1.85
C VAL I 290 35.65 -63.51 -0.55
N VAL I 291 35.94 -62.22 -0.65
CA VAL I 291 36.20 -61.37 0.51
C VAL I 291 35.07 -60.36 0.61
N ILE I 292 34.34 -60.39 1.71
CA ILE I 292 33.26 -59.45 1.98
C ILE I 292 33.69 -58.58 3.14
N ASN I 293 33.90 -57.30 2.87
CA ASN I 293 34.47 -56.37 3.84
C ASN I 293 33.43 -55.32 4.21
N GLN I 294 33.28 -55.07 5.50
CA GLN I 294 32.39 -54.01 5.96
C GLN I 294 32.98 -52.62 5.72
N LYS I 295 34.30 -52.53 5.60
CA LYS I 295 34.98 -51.27 5.37
C LYS I 295 35.36 -51.13 3.90
N GLY I 296 35.83 -49.94 3.54
CA GLY I 296 36.14 -49.67 2.15
C GLY I 296 37.41 -50.36 1.69
N ILE I 297 37.52 -50.50 0.37
CA ILE I 297 38.70 -51.06 -0.28
C ILE I 297 39.09 -50.11 -1.41
N ASP I 298 40.30 -49.56 -1.33
CA ASP I 298 40.76 -48.61 -2.33
C ASP I 298 41.12 -49.34 -3.62
N PRO I 299 41.16 -48.63 -4.75
CA PRO I 299 41.42 -49.31 -6.03
C PRO I 299 42.73 -50.07 -6.09
N PHE I 300 43.77 -49.61 -5.39
CA PHE I 300 45.03 -50.33 -5.39
C PHE I 300 44.87 -51.73 -4.80
N SER I 301 44.20 -51.82 -3.66
CA SER I 301 43.96 -53.12 -3.05
C SER I 301 43.06 -53.99 -3.91
N LEU I 302 42.05 -53.39 -4.56
CA LEU I 302 41.20 -54.16 -5.45
C LEU I 302 42.00 -54.74 -6.60
N ASP I 303 42.89 -53.94 -7.19
CA ASP I 303 43.73 -54.45 -8.28
C ASP I 303 44.64 -55.56 -7.78
N ALA I 304 45.25 -55.37 -6.61
CA ALA I 304 46.14 -56.39 -6.08
C ALA I 304 45.40 -57.70 -5.84
N LEU I 305 44.18 -57.62 -5.30
CA LEU I 305 43.39 -58.82 -5.06
C LEU I 305 42.98 -59.48 -6.36
N SER I 306 42.53 -58.68 -7.34
CA SER I 306 42.10 -59.24 -8.62
C SER I 306 43.26 -59.90 -9.36
N LYS I 307 44.48 -59.42 -9.15
CA LYS I 307 45.64 -60.09 -9.73
C LYS I 307 45.77 -61.53 -9.24
N GLU I 308 45.20 -61.86 -8.08
CA GLU I 308 45.21 -63.20 -7.55
C GLU I 308 43.90 -63.94 -7.78
N GLY I 309 43.00 -63.38 -8.57
CA GLY I 309 41.72 -64.01 -8.81
C GLY I 309 40.83 -64.09 -7.58
N ILE I 310 40.72 -63.00 -6.83
CA ILE I 310 39.91 -62.94 -5.61
C ILE I 310 38.80 -61.94 -5.82
N VAL I 311 37.57 -62.35 -5.53
CA VAL I 311 36.43 -61.45 -5.58
C VAL I 311 36.30 -60.74 -4.25
N ALA I 312 36.23 -59.41 -4.28
CA ALA I 312 36.18 -58.60 -3.08
C ALA I 312 34.99 -57.66 -3.14
N LEU I 313 34.21 -57.62 -2.05
CA LEU I 313 33.08 -56.71 -1.93
C LEU I 313 33.31 -55.81 -0.73
N ARG I 314 33.01 -54.53 -0.89
CA ARG I 314 33.29 -53.52 0.11
C ARG I 314 32.02 -52.88 0.62
N ARG I 315 32.10 -52.30 1.81
CA ARG I 315 31.00 -51.55 2.43
C ARG I 315 29.74 -52.42 2.56
N ALA I 316 29.92 -53.61 3.11
CA ALA I 316 28.79 -54.48 3.37
C ALA I 316 28.00 -53.97 4.59
N LYS I 317 26.78 -54.46 4.72
CA LYS I 317 25.95 -54.08 5.86
C LYS I 317 26.48 -54.70 7.14
N ARG I 318 26.24 -54.02 8.26
CA ARG I 318 26.74 -54.51 9.53
C ARG I 318 26.09 -55.82 9.92
N ARG I 319 24.78 -55.95 9.71
CA ARG I 319 24.10 -57.21 10.01
C ARG I 319 24.61 -58.34 9.14
N ASN I 320 25.14 -58.01 7.96
CA ASN I 320 25.62 -59.04 7.05
C ASN I 320 26.81 -59.79 7.63
N MET I 321 27.56 -59.18 8.56
CA MET I 321 28.62 -59.91 9.23
C MET I 321 28.07 -61.13 9.95
N GLU I 322 27.07 -60.92 10.80
CA GLU I 322 26.46 -62.03 11.52
C GLU I 322 25.74 -62.97 10.56
N ARG I 323 25.07 -62.42 9.54
CA ARG I 323 24.35 -63.27 8.60
C ARG I 323 25.29 -64.21 7.85
N LEU I 324 26.42 -63.69 7.38
CA LEU I 324 27.39 -64.52 6.69
C LEU I 324 28.04 -65.51 7.64
N THR I 325 28.30 -65.10 8.87
CA THR I 325 28.88 -66.02 9.84
C THR I 325 27.94 -67.19 10.11
N LEU I 326 26.64 -66.91 10.20
CA LEU I 326 25.68 -67.98 10.47
C LEU I 326 25.44 -68.85 9.25
N ALA I 327 25.41 -68.25 8.06
CA ALA I 327 25.09 -69.01 6.86
C ALA I 327 26.31 -69.75 6.32
N CYS I 328 27.35 -69.01 5.94
CA CYS I 328 28.54 -69.64 5.38
C CYS I 328 29.29 -70.45 6.41
N GLY I 329 29.39 -69.95 7.64
CA GLY I 329 29.98 -70.69 8.73
C GLY I 329 31.38 -70.30 9.13
N GLY I 330 31.91 -69.20 8.62
CA GLY I 330 33.25 -68.79 8.99
C GLY I 330 33.27 -68.01 10.29
N VAL I 331 33.94 -66.86 10.30
CA VAL I 331 33.94 -65.98 11.45
C VAL I 331 34.28 -64.58 10.97
N ALA I 332 33.60 -63.59 11.53
CA ALA I 332 33.89 -62.20 11.20
C ALA I 332 35.19 -61.78 11.87
N LEU I 333 36.06 -61.14 11.10
CA LEU I 333 37.39 -60.76 11.57
C LEU I 333 37.51 -59.25 11.59
N ASN I 334 37.91 -58.70 12.75
CA ASN I 334 38.23 -57.28 12.85
C ASN I 334 39.71 -57.00 12.63
N SER I 335 40.53 -58.03 12.53
CA SER I 335 41.95 -57.85 12.25
C SER I 335 42.49 -59.13 11.65
N PHE I 336 43.63 -59.01 10.97
CA PHE I 336 44.30 -60.14 10.34
C PHE I 336 45.53 -60.60 11.12
N ASP I 337 45.59 -60.29 12.42
CA ASP I 337 46.76 -60.64 13.22
C ASP I 337 46.98 -62.14 13.27
N ASP I 338 45.91 -62.90 13.46
CA ASP I 338 46.00 -64.37 13.53
C ASP I 338 44.82 -64.94 12.74
N LEU I 339 45.03 -65.19 11.45
CA LEU I 339 44.00 -65.76 10.59
C LEU I 339 44.49 -67.09 10.06
N SER I 340 43.62 -68.10 10.13
CA SER I 340 43.92 -69.48 9.81
C SER I 340 42.86 -70.02 8.89
N PRO I 341 43.17 -71.05 8.09
CA PRO I 341 42.16 -71.62 7.18
C PRO I 341 40.84 -71.98 7.85
N ASP I 342 40.82 -72.04 9.18
CA ASP I 342 39.60 -72.35 9.90
C ASP I 342 38.69 -71.15 10.12
N CYS I 343 39.12 -69.95 9.75
CA CYS I 343 38.26 -68.78 9.91
C CYS I 343 37.43 -68.50 8.67
N LEU I 344 37.54 -69.33 7.64
CA LEU I 344 36.90 -69.09 6.36
C LEU I 344 35.58 -69.84 6.27
N GLY I 345 34.52 -69.12 5.90
CA GLY I 345 33.28 -69.77 5.57
C GLY I 345 33.29 -70.34 4.17
N HIS I 346 32.37 -71.25 3.92
CA HIS I 346 32.29 -71.94 2.65
C HIS I 346 30.91 -71.73 2.02
N ALA I 347 30.89 -71.48 0.72
CA ALA I 347 29.65 -71.34 -0.04
C ALA I 347 29.77 -72.16 -1.31
N GLY I 348 28.71 -72.88 -1.65
CA GLY I 348 28.75 -73.73 -2.82
C GLY I 348 28.49 -73.02 -4.14
N LEU I 349 28.18 -71.73 -4.09
CA LEU I 349 27.99 -70.93 -5.30
C LEU I 349 27.94 -69.45 -4.99
N VAL I 350 28.75 -68.66 -5.69
CA VAL I 350 28.72 -67.20 -5.57
C VAL I 350 28.74 -66.62 -6.98
N TYR I 351 27.77 -65.77 -7.28
CA TYR I 351 27.72 -65.12 -8.58
C TYR I 351 27.07 -63.75 -8.44
N GLU I 352 27.30 -62.91 -9.43
CA GLU I 352 26.81 -61.54 -9.44
C GLU I 352 25.72 -61.38 -10.49
N TYR I 353 24.65 -60.69 -10.12
CA TYR I 353 23.54 -60.41 -11.02
C TYR I 353 23.40 -58.91 -11.18
N THR I 354 23.28 -58.47 -12.43
CA THR I 354 23.19 -57.05 -12.76
C THR I 354 21.75 -56.72 -13.14
N LEU I 355 21.20 -55.68 -12.50
CA LEU I 355 19.84 -55.23 -12.76
C LEU I 355 19.88 -53.71 -12.92
N GLY I 356 19.86 -53.25 -14.16
CA GLY I 356 19.93 -51.81 -14.41
C GLY I 356 21.24 -51.25 -13.92
N GLU I 357 21.16 -50.18 -13.14
CA GLU I 357 22.35 -49.56 -12.58
C GLU I 357 22.83 -50.26 -11.30
N GLU I 358 22.02 -51.12 -10.72
CA GLU I 358 22.37 -51.82 -9.49
C GLU I 358 22.83 -53.22 -9.78
N LYS I 359 23.73 -53.73 -8.95
CA LYS I 359 24.24 -55.08 -9.06
C LYS I 359 24.03 -55.81 -7.74
N PHE I 360 23.76 -57.11 -7.85
CA PHE I 360 23.49 -57.95 -6.69
C PHE I 360 24.42 -59.16 -6.72
N THR I 361 24.76 -59.64 -5.53
CA THR I 361 25.62 -60.81 -5.37
C THR I 361 24.84 -61.89 -4.63
N PHE I 362 24.85 -63.09 -5.17
CA PHE I 362 24.15 -64.23 -4.60
C PHE I 362 25.15 -65.19 -3.98
N ILE I 363 24.85 -65.66 -2.77
CA ILE I 363 25.70 -66.61 -2.05
C ILE I 363 24.80 -67.78 -1.67
N GLU I 364 24.76 -68.80 -2.52
CA GLU I 364 23.85 -69.92 -2.35
C GLU I 364 24.62 -71.21 -2.09
N LYS I 365 23.88 -72.31 -2.02
CA LYS I 365 24.43 -73.64 -1.85
C LYS I 365 25.31 -73.74 -0.60
N CYS I 366 24.89 -73.08 0.47
CA CYS I 366 25.59 -73.22 1.74
C CYS I 366 25.31 -74.60 2.32
N ASN I 367 26.12 -74.99 3.31
CA ASN I 367 25.99 -76.32 3.90
C ASN I 367 24.69 -76.44 4.68
N ASN I 368 24.55 -75.64 5.73
CA ASN I 368 23.33 -75.63 6.54
C ASN I 368 23.08 -74.20 6.99
N PRO I 369 22.54 -73.36 6.10
CA PRO I 369 22.44 -71.92 6.39
C PRO I 369 21.48 -71.66 7.53
N ARG I 370 21.99 -71.04 8.60
CA ARG I 370 21.18 -70.60 9.71
C ARG I 370 20.60 -69.21 9.49
N SER I 371 20.92 -68.57 8.38
CA SER I 371 20.36 -67.27 8.02
C SER I 371 20.09 -67.27 6.53
N VAL I 372 18.85 -66.98 6.15
CA VAL I 372 18.45 -67.00 4.75
C VAL I 372 17.91 -65.64 4.35
N THR I 373 17.52 -65.51 3.09
CA THR I 373 16.97 -64.25 2.59
C THR I 373 15.75 -64.55 1.71
N LEU I 374 14.81 -63.60 1.71
CA LEU I 374 13.66 -63.63 0.81
C LEU I 374 13.84 -62.55 -0.24
N LEU I 375 13.74 -62.94 -1.50
CA LEU I 375 13.95 -62.04 -2.62
C LEU I 375 12.58 -61.56 -3.12
N ILE I 376 12.15 -60.39 -2.64
CA ILE I 376 10.90 -59.82 -3.09
C ILE I 376 11.07 -59.33 -4.52
N LYS I 377 10.19 -59.79 -5.41
CA LYS I 377 10.25 -59.42 -6.81
C LYS I 377 8.88 -58.92 -7.26
N GLY I 378 8.89 -57.84 -8.03
CA GLY I 378 7.66 -57.25 -8.50
C GLY I 378 7.92 -56.15 -9.51
N PRO I 379 6.92 -55.83 -10.33
CA PRO I 379 7.10 -54.82 -11.36
C PRO I 379 6.98 -53.38 -10.86
N ASN I 380 6.50 -53.16 -9.65
CA ASN I 380 6.26 -51.82 -9.15
C ASN I 380 6.86 -51.66 -7.76
N LYS I 381 7.13 -50.42 -7.40
CA LYS I 381 7.58 -50.12 -6.04
C LYS I 381 6.50 -50.46 -5.01
N HIS I 382 5.26 -50.08 -5.31
CA HIS I 382 4.19 -50.33 -4.34
C HIS I 382 3.92 -51.81 -4.17
N THR I 383 4.07 -52.59 -5.24
CA THR I 383 3.94 -54.04 -5.12
C THR I 383 5.01 -54.59 -4.18
N LEU I 384 6.24 -54.10 -4.31
CA LEU I 384 7.31 -54.55 -3.42
C LEU I 384 7.00 -54.17 -1.97
N THR I 385 6.52 -52.95 -1.75
CA THR I 385 6.20 -52.53 -0.39
C THR I 385 5.08 -53.39 0.20
N GLN I 386 4.04 -53.67 -0.59
CA GLN I 386 2.95 -54.49 -0.11
C GLN I 386 3.42 -55.90 0.22
N ILE I 387 4.26 -56.49 -0.63
CA ILE I 387 4.77 -57.82 -0.35
C ILE I 387 5.66 -57.81 0.89
N LYS I 388 6.43 -56.74 1.08
CA LYS I 388 7.26 -56.64 2.27
C LYS I 388 6.42 -56.60 3.54
N ASP I 389 5.35 -55.81 3.54
CA ASP I 389 4.47 -55.78 4.69
C ASP I 389 3.82 -57.14 4.92
N ALA I 390 3.38 -57.79 3.85
CA ALA I 390 2.74 -59.09 4.00
C ALA I 390 3.70 -60.13 4.56
N VAL I 391 4.95 -60.15 4.08
CA VAL I 391 5.89 -61.15 4.58
C VAL I 391 6.29 -60.83 6.01
N ARG I 392 6.35 -59.55 6.38
CA ARG I 392 6.60 -59.22 7.77
C ARG I 392 5.49 -59.77 8.67
N ASP I 393 4.24 -59.56 8.26
CA ASP I 393 3.13 -60.09 9.03
C ASP I 393 3.17 -61.62 9.11
N GLY I 394 3.50 -62.27 8.00
CA GLY I 394 3.56 -63.73 8.00
C GLY I 394 4.66 -64.27 8.87
N LEU I 395 5.84 -63.64 8.82
CA LEU I 395 6.95 -64.07 9.67
C LEU I 395 6.59 -63.89 11.14
N ARG I 396 5.97 -62.76 11.49
CA ARG I 396 5.54 -62.55 12.87
C ARG I 396 4.54 -63.62 13.28
N ALA I 397 3.59 -63.95 12.40
CA ALA I 397 2.58 -64.94 12.74
C ALA I 397 3.21 -66.31 12.98
N VAL I 398 4.11 -66.73 12.10
CA VAL I 398 4.72 -68.05 12.26
C VAL I 398 5.60 -68.09 13.50
N LYS I 399 6.36 -67.02 13.75
CA LYS I 399 7.19 -66.97 14.96
C LYS I 399 6.34 -67.03 16.22
N ASN I 400 5.22 -66.30 16.23
CA ASN I 400 4.32 -66.35 17.37
C ASN I 400 3.76 -67.76 17.56
N ALA I 401 3.36 -68.40 16.47
CA ALA I 401 2.82 -69.75 16.58
C ALA I 401 3.85 -70.72 17.13
N ILE I 402 5.12 -70.56 16.72
CA ILE I 402 6.16 -71.45 17.22
C ILE I 402 6.46 -71.18 18.69
N ASP I 403 6.45 -69.90 19.09
CA ASP I 403 6.92 -69.52 20.41
C ASP I 403 6.11 -70.22 21.51
N ASP I 404 4.80 -70.24 21.38
CA ASP I 404 3.93 -70.97 22.29
C ASP I 404 3.16 -72.02 21.50
N GLY I 405 3.20 -73.26 21.98
CA GLY I 405 2.67 -74.37 21.23
C GLY I 405 1.17 -74.37 21.03
N CYS I 406 0.52 -73.28 21.38
CA CYS I 406 -0.92 -73.15 21.26
C CYS I 406 -1.30 -72.29 20.07
N VAL I 407 -2.52 -72.49 19.59
CA VAL I 407 -3.08 -71.70 18.50
C VAL I 407 -4.60 -71.70 18.66
N VAL I 408 -5.22 -70.60 18.26
CA VAL I 408 -6.64 -70.37 18.52
C VAL I 408 -7.43 -70.45 17.22
N PRO I 409 -8.57 -71.13 17.20
CA PRO I 409 -9.41 -71.12 15.99
C PRO I 409 -9.83 -69.71 15.63
N GLY I 410 -9.84 -69.42 14.33
CA GLY I 410 -10.13 -68.09 13.86
C GLY I 410 -11.49 -67.95 13.22
N ALA I 411 -11.58 -67.10 12.20
CA ALA I 411 -12.81 -66.84 11.46
C ALA I 411 -13.93 -66.32 12.35
N GLY I 412 -13.59 -65.69 13.46
CA GLY I 412 -14.57 -65.15 14.37
C GLY I 412 -15.18 -66.16 15.32
N ALA I 413 -14.77 -67.42 15.27
CA ALA I 413 -15.35 -68.43 16.15
C ALA I 413 -15.05 -68.14 17.61
N VAL I 414 -13.80 -67.77 17.90
CA VAL I 414 -13.40 -67.57 19.29
C VAL I 414 -14.17 -66.41 19.90
N GLU I 415 -14.38 -65.33 19.15
CA GLU I 415 -15.14 -64.21 19.67
C GLU I 415 -16.58 -64.60 19.96
N VAL I 416 -17.20 -65.41 19.09
CA VAL I 416 -18.57 -65.83 19.33
C VAL I 416 -18.65 -66.67 20.60
N ALA I 417 -17.72 -67.61 20.76
CA ALA I 417 -17.74 -68.46 21.95
C ALA I 417 -17.48 -67.63 23.20
N MET I 418 -16.56 -66.67 23.13
CA MET I 418 -16.27 -65.80 24.26
C MET I 418 -17.49 -64.97 24.64
N ALA I 419 -18.20 -64.44 23.64
CA ALA I 419 -19.40 -63.67 23.93
C ALA I 419 -20.47 -64.53 24.58
N GLU I 420 -20.65 -65.75 24.10
CA GLU I 420 -21.64 -66.64 24.70
C GLU I 420 -21.26 -66.97 26.15
N ALA I 421 -19.98 -67.26 26.40
CA ALA I 421 -19.55 -67.55 27.76
C ALA I 421 -19.71 -66.35 28.66
N LEU I 422 -19.42 -65.15 28.15
CA LEU I 422 -19.58 -63.94 28.95
C LEU I 422 -21.04 -63.70 29.29
N ILE I 423 -21.94 -63.92 28.34
CA ILE I 423 -23.37 -63.75 28.61
C ILE I 423 -23.81 -64.76 29.66
N LYS I 424 -23.32 -66.00 29.57
CA LYS I 424 -23.67 -67.00 30.57
C LYS I 424 -23.13 -66.62 31.95
N HIS I 425 -21.94 -66.04 32.00
CA HIS I 425 -21.33 -65.65 33.27
C HIS I 425 -21.91 -64.36 33.84
N LYS I 426 -22.61 -63.59 33.01
CA LYS I 426 -23.12 -62.28 33.44
C LYS I 426 -23.95 -62.32 34.72
N PRO I 427 -24.88 -63.25 34.94
CA PRO I 427 -25.65 -63.22 36.20
C PRO I 427 -24.79 -63.33 37.44
N SER I 428 -23.61 -63.96 37.34
CA SER I 428 -22.72 -64.09 38.49
C SER I 428 -22.13 -62.76 38.93
N VAL I 429 -22.24 -61.71 38.12
CA VAL I 429 -21.68 -60.42 38.45
C VAL I 429 -22.71 -59.61 39.22
N LYS I 430 -22.30 -59.08 40.36
CA LYS I 430 -23.19 -58.30 41.21
C LYS I 430 -23.30 -56.86 40.70
N GLY I 431 -24.30 -56.16 41.20
CA GLY I 431 -24.46 -54.76 40.86
C GLY I 431 -24.92 -54.56 39.42
N ARG I 432 -24.65 -53.36 38.91
CA ARG I 432 -24.99 -53.00 37.55
C ARG I 432 -23.84 -53.21 36.59
N ALA I 433 -22.75 -53.83 37.03
CA ALA I 433 -21.65 -54.17 36.14
C ALA I 433 -22.05 -55.19 35.08
N GLN I 434 -23.21 -55.83 35.24
CA GLN I 434 -23.71 -56.71 34.20
C GLN I 434 -23.93 -55.94 32.90
N LEU I 435 -24.27 -54.66 32.98
CA LEU I 435 -24.39 -53.85 31.78
C LEU I 435 -23.04 -53.72 31.07
N GLY I 436 -21.98 -53.50 31.84
CA GLY I 436 -20.66 -53.45 31.24
C GLY I 436 -20.25 -54.80 30.64
N VAL I 437 -20.62 -55.89 31.31
CA VAL I 437 -20.31 -57.21 30.79
C VAL I 437 -21.02 -57.43 29.45
N GLN I 438 -22.30 -57.07 29.38
CA GLN I 438 -23.04 -57.20 28.14
C GLN I 438 -22.44 -56.34 27.04
N ALA I 439 -22.03 -55.12 27.39
CA ALA I 439 -21.39 -54.25 26.41
C ALA I 439 -20.10 -54.87 25.90
N PHE I 440 -19.31 -55.46 26.80
CA PHE I 440 -18.07 -56.11 26.38
C PHE I 440 -18.34 -57.28 25.46
N ALA I 441 -19.37 -58.09 25.76
CA ALA I 441 -19.69 -59.21 24.88
C ALA I 441 -20.12 -58.73 23.50
N ASP I 442 -20.99 -57.71 23.45
CA ASP I 442 -21.43 -57.18 22.18
C ASP I 442 -20.26 -56.58 21.40
N ALA I 443 -19.32 -55.94 22.10
CA ALA I 443 -18.13 -55.42 21.43
C ALA I 443 -17.29 -56.54 20.86
N LEU I 444 -17.13 -57.63 21.61
CA LEU I 444 -16.39 -58.78 21.09
C LEU I 444 -17.06 -59.35 19.85
N LEU I 445 -18.38 -59.28 19.78
CA LEU I 445 -19.06 -59.82 18.61
C LEU I 445 -18.84 -59.00 17.34
N ILE I 446 -18.00 -57.97 17.30
CA ILE I 446 -17.87 -57.16 16.09
C ILE I 446 -17.15 -57.92 14.98
N ILE I 447 -16.21 -58.80 15.33
CA ILE I 447 -15.39 -59.46 14.31
C ILE I 447 -16.24 -60.28 13.35
N PRO I 448 -17.12 -61.19 13.81
CA PRO I 448 -17.99 -61.88 12.83
C PRO I 448 -18.88 -60.95 12.05
N LYS I 449 -19.35 -59.86 12.67
CA LYS I 449 -20.20 -58.91 11.95
C LYS I 449 -19.43 -58.27 10.79
N VAL I 450 -18.22 -57.80 11.06
CA VAL I 450 -17.43 -57.15 10.02
C VAL I 450 -17.03 -58.15 8.95
N LEU I 451 -16.73 -59.39 9.35
CA LEU I 451 -16.42 -60.42 8.36
C LEU I 451 -17.62 -60.68 7.46
N ALA I 452 -18.82 -60.72 8.05
CA ALA I 452 -20.02 -60.93 7.25
C ALA I 452 -20.24 -59.78 6.27
N GLN I 453 -20.05 -58.54 6.73
CA GLN I 453 -20.20 -57.41 5.81
C GLN I 453 -19.20 -57.49 4.67
N ASN I 454 -17.92 -57.70 5.00
CA ASN I 454 -16.91 -57.71 3.95
C ASN I 454 -17.12 -58.86 2.98
N SER I 455 -17.69 -59.97 3.46
CA SER I 455 -18.03 -61.06 2.56
C SER I 455 -19.29 -60.77 1.75
N GLY I 456 -20.06 -59.76 2.12
CA GLY I 456 -21.24 -59.38 1.38
C GLY I 456 -22.56 -59.89 1.92
N PHE I 457 -22.57 -60.50 3.10
CA PHE I 457 -23.79 -61.02 3.69
C PHE I 457 -24.39 -59.99 4.64
N ASP I 458 -25.42 -60.41 5.36
CA ASP I 458 -26.10 -59.55 6.33
C ASP I 458 -25.73 -59.96 7.75
N LEU I 459 -25.55 -58.95 8.61
CA LEU I 459 -24.96 -59.18 9.92
C LEU I 459 -25.87 -60.01 10.80
N GLN I 460 -27.14 -59.64 10.91
CA GLN I 460 -28.01 -60.24 11.92
C GLN I 460 -28.24 -61.72 11.63
N GLU I 461 -28.62 -62.06 10.40
CA GLU I 461 -28.94 -63.44 10.07
C GLU I 461 -27.71 -64.33 10.18
N THR I 462 -26.58 -63.87 9.64
CA THR I 462 -25.36 -64.66 9.73
C THR I 462 -24.95 -64.87 11.18
N LEU I 463 -25.01 -63.81 11.98
CA LEU I 463 -24.60 -63.92 13.37
C LEU I 463 -25.52 -64.84 14.16
N VAL I 464 -26.84 -64.74 13.94
CA VAL I 464 -27.75 -65.61 14.69
C VAL I 464 -27.58 -67.06 14.25
N LYS I 465 -27.31 -67.29 12.96
CA LYS I 465 -27.04 -68.65 12.51
C LYS I 465 -25.82 -69.21 13.21
N ILE I 466 -24.74 -68.43 13.25
CA ILE I 466 -23.51 -68.91 13.87
C ILE I 466 -23.71 -69.14 15.36
N GLN I 467 -24.38 -68.22 16.04
CA GLN I 467 -24.60 -68.35 17.48
C GLN I 467 -25.49 -69.55 17.79
N ALA I 468 -26.54 -69.76 17.00
CA ALA I 468 -27.40 -70.91 17.20
C ALA I 468 -26.63 -72.21 16.99
N GLU I 469 -25.79 -72.26 15.95
CA GLU I 469 -24.99 -73.46 15.72
C GLU I 469 -24.04 -73.72 16.88
N HIS I 470 -23.38 -72.66 17.37
CA HIS I 470 -22.46 -72.83 18.49
C HIS I 470 -23.20 -73.31 19.74
N SER I 471 -24.37 -72.73 20.01
CA SER I 471 -25.14 -73.14 21.19
C SER I 471 -25.60 -74.58 21.07
N GLU I 472 -26.04 -74.99 19.88
CA GLU I 472 -26.57 -76.34 19.72
C GLU I 472 -25.46 -77.38 19.79
N SER I 473 -24.33 -77.14 19.14
CA SER I 473 -23.28 -78.14 19.04
C SER I 473 -22.14 -77.94 20.03
N GLY I 474 -21.82 -76.70 20.38
CA GLY I 474 -20.70 -76.44 21.27
C GLY I 474 -19.36 -76.33 20.58
N GLN I 475 -19.30 -76.54 19.27
CA GLN I 475 -18.05 -76.43 18.54
C GLN I 475 -17.69 -74.97 18.31
N LEU I 476 -16.43 -74.75 17.93
CA LEU I 476 -15.92 -73.41 17.64
C LEU I 476 -16.22 -73.11 16.18
N VAL I 477 -17.39 -72.55 15.91
CA VAL I 477 -17.85 -72.31 14.55
C VAL I 477 -17.63 -70.85 14.20
N GLY I 478 -17.01 -70.62 13.05
CA GLY I 478 -16.73 -69.27 12.59
C GLY I 478 -17.62 -68.85 11.44
N VAL I 479 -17.12 -67.95 10.59
CA VAL I 479 -17.88 -67.44 9.46
C VAL I 479 -17.25 -67.97 8.19
N ASP I 480 -18.04 -68.62 7.35
CA ASP I 480 -17.59 -69.07 6.04
C ASP I 480 -17.74 -67.91 5.07
N LEU I 481 -16.61 -67.32 4.68
CA LEU I 481 -16.64 -66.11 3.87
C LEU I 481 -17.16 -66.34 2.47
N ASN I 482 -17.33 -67.59 2.04
CA ASN I 482 -17.84 -67.88 0.72
C ASN I 482 -19.32 -68.21 0.71
N THR I 483 -19.84 -68.82 1.77
CA THR I 483 -21.24 -69.18 1.84
C THR I 483 -22.01 -68.46 2.95
N GLY I 484 -21.34 -67.97 3.98
CA GLY I 484 -22.00 -67.32 5.08
C GLY I 484 -22.50 -68.26 6.15
N GLU I 485 -22.39 -69.57 5.96
CA GLU I 485 -22.83 -70.53 6.93
C GLU I 485 -21.79 -70.71 8.03
N PRO I 486 -22.21 -71.18 9.21
CA PRO I 486 -21.23 -71.52 10.25
C PRO I 486 -20.31 -72.65 9.79
N MET I 487 -19.08 -72.61 10.26
CA MET I 487 -18.06 -73.55 9.84
C MET I 487 -17.02 -73.69 10.95
N VAL I 488 -16.54 -74.91 11.15
CA VAL I 488 -15.54 -75.18 12.18
C VAL I 488 -14.19 -74.70 11.68
N ALA I 489 -13.63 -73.70 12.37
CA ALA I 489 -12.39 -73.10 11.91
C ALA I 489 -11.21 -74.05 12.05
N ALA I 490 -11.21 -74.90 13.07
CA ALA I 490 -10.08 -75.80 13.26
C ALA I 490 -9.96 -76.80 12.12
N GLU I 491 -11.09 -77.33 11.65
CA GLU I 491 -11.05 -78.35 10.61
C GLU I 491 -10.58 -77.79 9.28
N VAL I 492 -10.98 -76.56 8.96
CA VAL I 492 -10.59 -75.98 7.68
C VAL I 492 -9.21 -75.37 7.69
N GLY I 493 -8.66 -75.07 8.87
CA GLY I 493 -7.32 -74.53 8.97
C GLY I 493 -7.22 -73.04 9.12
N VAL I 494 -8.28 -72.36 9.56
CA VAL I 494 -8.24 -70.93 9.82
C VAL I 494 -7.81 -70.75 11.28
N TRP I 495 -6.55 -70.40 11.48
CA TRP I 495 -5.96 -70.31 12.81
C TRP I 495 -5.57 -68.87 13.12
N ASP I 496 -5.64 -68.53 14.40
CA ASP I 496 -5.22 -67.21 14.88
C ASP I 496 -4.22 -67.38 16.00
N ASN I 497 -3.32 -66.41 16.12
CA ASN I 497 -2.29 -66.49 17.15
C ASN I 497 -2.89 -66.21 18.52
N TYR I 498 -2.61 -67.12 19.47
CA TYR I 498 -3.12 -66.96 20.82
C TYR I 498 -2.58 -65.70 21.48
N CYS I 499 -1.29 -65.42 21.26
CA CYS I 499 -0.69 -64.21 21.80
C CYS I 499 -1.38 -62.97 21.24
N VAL I 500 -1.73 -63.00 19.96
CA VAL I 500 -2.41 -61.86 19.35
C VAL I 500 -3.76 -61.62 20.01
N LYS I 501 -4.52 -62.69 20.25
CA LYS I 501 -5.82 -62.55 20.90
C LYS I 501 -5.68 -62.01 22.32
N LYS I 502 -4.72 -62.55 23.08
CA LYS I 502 -4.52 -62.07 24.45
C LYS I 502 -4.12 -60.60 24.47
N GLN I 503 -3.22 -60.20 23.57
CA GLN I 503 -2.84 -58.80 23.48
C GLN I 503 -4.03 -57.93 23.09
N LEU I 504 -4.85 -58.41 22.15
CA LEU I 504 -6.04 -57.67 21.76
C LEU I 504 -6.93 -57.40 22.97
N LEU I 505 -7.25 -58.47 23.71
CA LEU I 505 -8.11 -58.31 24.87
C LEU I 505 -7.53 -57.30 25.86
N HIS I 506 -6.27 -57.50 26.25
CA HIS I 506 -5.67 -56.64 27.27
C HIS I 506 -5.64 -55.19 26.81
N SER I 507 -5.07 -54.94 25.62
CA SER I 507 -4.88 -53.57 25.16
C SER I 507 -6.21 -52.87 24.94
N CYS I 508 -7.15 -53.55 24.28
CA CYS I 508 -8.44 -52.93 24.00
C CYS I 508 -9.17 -52.59 25.29
N THR I 509 -9.19 -53.52 26.25
CA THR I 509 -9.87 -53.24 27.49
C THR I 509 -9.23 -52.07 28.22
N VAL I 510 -7.89 -52.04 28.28
CA VAL I 510 -7.20 -50.99 29.02
C VAL I 510 -7.48 -49.63 28.39
N ILE I 511 -7.34 -49.54 27.07
CA ILE I 511 -7.49 -48.25 26.41
C ILE I 511 -8.93 -47.78 26.46
N ALA I 512 -9.88 -48.70 26.32
CA ALA I 512 -11.29 -48.33 26.41
C ALA I 512 -11.64 -47.84 27.80
N THR I 513 -11.14 -48.53 28.84
CA THR I 513 -11.39 -48.09 30.20
C THR I 513 -10.81 -46.71 30.44
N ASN I 514 -9.59 -46.46 29.96
CA ASN I 514 -8.98 -45.16 30.16
C ASN I 514 -9.73 -44.05 29.42
N ILE I 515 -10.17 -44.32 28.19
CA ILE I 515 -10.88 -43.30 27.44
C ILE I 515 -12.24 -43.00 28.04
N LEU I 516 -12.95 -44.04 28.49
CA LEU I 516 -14.27 -43.83 29.07
C LEU I 516 -14.20 -43.00 30.34
N LEU I 517 -13.08 -43.03 31.04
CA LEU I 517 -12.94 -42.31 32.30
C LEU I 517 -12.41 -40.89 32.11
N VAL I 518 -12.20 -40.45 30.87
CA VAL I 518 -11.74 -39.10 30.60
C VAL I 518 -12.95 -38.18 30.54
N ASP I 519 -12.95 -37.14 31.36
CA ASP I 519 -14.06 -36.21 31.43
C ASP I 519 -13.70 -34.81 30.97
N GLU I 520 -12.47 -34.57 30.54
CA GLU I 520 -12.09 -33.25 30.06
C GLU I 520 -10.91 -33.37 29.11
N ILE I 521 -11.07 -32.84 27.90
CA ILE I 521 -10.00 -32.69 26.94
C ILE I 521 -9.60 -31.22 26.91
N MET I 522 -8.32 -30.95 27.13
CA MET I 522 -7.88 -29.58 27.38
C MET I 522 -6.56 -29.33 26.69
N ARG I 523 -6.46 -28.16 26.06
CA ARG I 523 -5.25 -27.75 25.34
C ARG I 523 -4.93 -26.32 25.75
N ALA I 524 -4.06 -26.16 26.73
CA ALA I 524 -3.74 -24.83 27.25
C ALA I 524 -2.23 -24.66 27.45
N GLY I 525 -1.43 -25.29 26.61
CA GLY I 525 0.02 -25.20 26.75
C GLY I 525 0.65 -23.99 26.12
N MET I 526 -0.13 -23.12 25.50
CA MET I 526 0.41 -21.94 24.85
C MET I 526 0.48 -20.76 25.80
N PRO J 3 8.36 11.54 -36.51
CA PRO J 3 8.09 12.22 -37.78
C PRO J 3 6.61 12.51 -37.99
N LEU J 4 5.78 11.48 -38.11
CA LEU J 4 4.35 11.70 -38.26
C LEU J 4 3.74 12.34 -37.02
N SER J 5 4.16 11.89 -35.84
CA SER J 5 3.63 12.40 -34.57
C SER J 5 2.13 12.20 -34.47
N VAL J 6 1.63 11.10 -35.03
CA VAL J 6 0.22 10.74 -34.90
C VAL J 6 0.05 9.90 -33.65
N PHE J 7 -0.92 10.27 -32.81
CA PHE J 7 -1.17 9.56 -31.55
C PHE J 7 -1.91 8.28 -31.86
N GLY J 8 -1.17 7.28 -32.32
CA GLY J 8 -1.76 5.99 -32.64
C GLY J 8 -0.72 5.07 -33.22
N ASP J 9 -1.17 3.86 -33.54
CA ASP J 9 -0.33 2.83 -34.13
C ASP J 9 -0.57 2.77 -35.63
N ARG J 10 0.49 2.45 -36.37
CA ARG J 10 0.43 2.39 -37.83
C ARG J 10 1.04 1.09 -38.33
N SER J 11 0.38 0.48 -39.31
CA SER J 11 0.88 -0.72 -39.98
C SER J 11 0.78 -0.50 -41.48
N THR J 12 1.84 -0.87 -42.20
CA THR J 12 1.94 -0.56 -43.62
C THR J 12 2.57 -1.74 -44.36
N GLY J 13 2.07 -1.99 -45.57
CA GLY J 13 2.71 -2.94 -46.45
C GLY J 13 2.24 -4.36 -46.30
N GLU J 14 3.17 -5.31 -46.32
CA GLU J 14 2.80 -6.71 -46.19
C GLU J 14 2.21 -7.02 -44.82
N THR J 15 2.59 -6.23 -43.80
CA THR J 15 2.11 -6.50 -42.46
C THR J 15 0.59 -6.38 -42.38
N ILE J 16 0.05 -5.25 -42.84
CA ILE J 16 -1.39 -5.01 -42.72
C ILE J 16 -2.16 -5.97 -43.64
N ARG J 17 -1.63 -6.24 -44.83
CA ARG J 17 -2.30 -7.16 -45.74
C ARG J 17 -2.39 -8.55 -45.14
N SER J 18 -1.27 -9.05 -44.59
CA SER J 18 -1.29 -10.36 -43.97
C SER J 18 -2.18 -10.38 -42.74
N GLN J 19 -2.23 -9.28 -41.98
CA GLN J 19 -3.11 -9.21 -40.83
C GLN J 19 -4.58 -9.30 -41.24
N ASN J 20 -4.96 -8.58 -42.30
CA ASN J 20 -6.33 -8.65 -42.79
C ASN J 20 -6.66 -10.05 -43.27
N VAL J 21 -5.72 -10.68 -43.98
CA VAL J 21 -5.95 -12.05 -44.44
C VAL J 21 -6.13 -12.99 -43.27
N MET J 22 -5.32 -12.80 -42.22
CA MET J 22 -5.44 -13.64 -41.04
C MET J 22 -6.80 -13.47 -40.39
N ALA J 23 -7.28 -12.24 -40.28
CA ALA J 23 -8.58 -11.99 -39.66
C ALA J 23 -9.70 -12.65 -40.47
N ALA J 24 -9.67 -12.47 -41.79
CA ALA J 24 -10.68 -13.09 -42.64
C ALA J 24 -10.62 -14.60 -42.55
N ALA J 25 -9.42 -15.17 -42.54
CA ALA J 25 -9.27 -16.61 -42.44
C ALA J 25 -9.79 -17.13 -41.11
N SER J 26 -9.56 -16.39 -40.03
CA SER J 26 -10.10 -16.80 -38.74
C SER J 26 -11.61 -16.82 -38.75
N ILE J 27 -12.23 -15.78 -39.34
CA ILE J 27 -13.69 -15.78 -39.41
C ILE J 27 -14.19 -16.95 -40.24
N ALA J 28 -13.54 -17.23 -41.37
CA ALA J 28 -13.96 -18.35 -42.19
C ALA J 28 -13.81 -19.67 -41.45
N ASN J 29 -12.71 -19.83 -40.70
CA ASN J 29 -12.48 -21.07 -39.97
C ASN J 29 -13.48 -21.23 -38.83
N ILE J 30 -14.04 -20.13 -38.34
CA ILE J 30 -15.04 -20.23 -37.28
C ILE J 30 -16.24 -21.04 -37.76
N VAL J 31 -16.72 -20.75 -38.98
CA VAL J 31 -17.96 -21.33 -39.49
C VAL J 31 -17.72 -22.37 -40.56
N LYS J 32 -16.47 -22.70 -40.87
CA LYS J 32 -16.20 -23.67 -41.92
C LYS J 32 -16.69 -25.07 -41.58
N SER J 33 -16.90 -25.36 -40.29
CA SER J 33 -17.27 -26.69 -39.87
C SER J 33 -18.78 -26.93 -39.88
N SER J 34 -19.56 -25.95 -40.29
CA SER J 34 -21.02 -26.04 -40.30
C SER J 34 -21.56 -25.96 -41.71
N LEU J 35 -20.90 -26.62 -42.65
CA LEU J 35 -21.23 -26.56 -44.06
C LEU J 35 -21.63 -27.93 -44.56
N GLY J 36 -22.76 -28.01 -45.25
CA GLY J 36 -23.16 -29.21 -45.94
C GLY J 36 -23.84 -30.21 -45.04
N PRO J 37 -24.40 -31.26 -45.64
CA PRO J 37 -25.21 -32.21 -44.86
C PRO J 37 -24.45 -32.85 -43.71
N VAL J 38 -23.14 -33.00 -43.83
CA VAL J 38 -22.34 -33.61 -42.78
C VAL J 38 -21.75 -32.53 -41.88
N GLY J 39 -22.28 -31.31 -41.99
CA GLY J 39 -21.90 -30.27 -41.07
C GLY J 39 -22.51 -30.47 -39.70
N LEU J 40 -21.90 -29.87 -38.69
CA LEU J 40 -22.33 -30.02 -37.32
C LEU J 40 -22.57 -28.65 -36.70
N ASP J 41 -23.59 -28.57 -35.85
CA ASP J 41 -23.98 -27.30 -35.25
C ASP J 41 -22.99 -26.92 -34.15
N LYS J 42 -23.12 -25.67 -33.69
CA LYS J 42 -22.31 -25.14 -32.62
C LYS J 42 -23.20 -24.75 -31.45
N MET J 43 -22.59 -24.53 -30.30
CA MET J 43 -23.31 -24.15 -29.08
C MET J 43 -22.65 -22.92 -28.51
N LEU J 44 -23.35 -21.79 -28.52
CA LEU J 44 -22.80 -20.53 -28.07
C LEU J 44 -23.32 -20.21 -26.67
N VAL J 45 -22.40 -19.90 -25.76
CA VAL J 45 -22.74 -19.51 -24.40
C VAL J 45 -22.45 -18.02 -24.25
N ASP J 46 -23.43 -17.28 -23.72
CA ASP J 46 -23.43 -15.83 -23.76
C ASP J 46 -23.05 -15.23 -22.41
N ASP J 47 -22.11 -15.87 -21.72
CA ASP J 47 -21.44 -15.40 -20.49
C ASP J 47 -22.40 -14.98 -19.39
N ILE J 48 -23.68 -15.29 -19.53
CA ILE J 48 -24.66 -15.12 -18.46
C ILE J 48 -25.48 -16.39 -18.38
N GLY J 49 -25.01 -17.44 -19.06
CA GLY J 49 -25.68 -18.71 -19.07
C GLY J 49 -26.58 -18.95 -20.26
N ASP J 50 -26.88 -17.91 -21.04
CA ASP J 50 -27.72 -18.10 -22.22
C ASP J 50 -27.01 -18.98 -23.23
N VAL J 51 -27.75 -19.94 -23.79
CA VAL J 51 -27.20 -20.93 -24.71
C VAL J 51 -27.93 -20.82 -26.03
N THR J 52 -27.16 -20.75 -27.11
CA THR J 52 -27.71 -20.70 -28.46
C THR J 52 -27.05 -21.81 -29.28
N ILE J 53 -27.87 -22.75 -29.75
CA ILE J 53 -27.40 -23.84 -30.59
C ILE J 53 -27.86 -23.57 -32.00
N THR J 54 -26.92 -23.43 -32.93
CA THR J 54 -27.30 -23.01 -34.27
C THR J 54 -26.29 -23.52 -35.29
N ASN J 55 -26.75 -23.58 -36.54
CA ASN J 55 -25.92 -23.85 -37.69
C ASN J 55 -25.87 -22.68 -38.66
N ASP J 56 -26.79 -21.74 -38.55
CA ASP J 56 -26.86 -20.62 -39.48
C ASP J 56 -25.64 -19.73 -39.34
N GLY J 57 -24.99 -19.41 -40.45
CA GLY J 57 -23.78 -18.61 -40.40
C GLY J 57 -24.03 -17.20 -39.89
N ALA J 58 -25.11 -16.57 -40.35
CA ALA J 58 -25.39 -15.20 -39.96
C ALA J 58 -25.59 -15.10 -38.46
N THR J 59 -26.32 -16.04 -37.87
CA THR J 59 -26.55 -16.00 -36.43
C THR J 59 -25.25 -16.15 -35.66
N ILE J 60 -24.40 -17.10 -36.08
CA ILE J 60 -23.12 -17.29 -35.41
C ILE J 60 -22.28 -16.03 -35.47
N LEU J 61 -22.26 -15.38 -36.63
CA LEU J 61 -21.43 -14.19 -36.79
C LEU J 61 -22.00 -12.99 -36.06
N LYS J 62 -23.33 -12.92 -35.90
CA LYS J 62 -23.90 -11.81 -35.14
C LYS J 62 -23.67 -11.98 -33.65
N LEU J 63 -23.82 -13.19 -33.13
CA LEU J 63 -23.61 -13.40 -31.69
C LEU J 63 -22.17 -13.14 -31.30
N LEU J 64 -21.21 -13.53 -32.13
CA LEU J 64 -19.81 -13.31 -31.82
C LEU J 64 -19.50 -11.81 -31.78
N GLU J 65 -18.69 -11.41 -30.81
CA GLU J 65 -18.22 -10.03 -30.72
C GLU J 65 -16.82 -9.97 -31.33
N VAL J 66 -16.65 -9.10 -32.32
CA VAL J 66 -15.45 -9.04 -33.12
C VAL J 66 -14.89 -7.63 -33.07
N GLU J 67 -13.56 -7.51 -33.00
CA GLU J 67 -12.92 -6.21 -32.93
C GLU J 67 -11.94 -5.93 -34.07
N HIS J 68 -11.82 -6.82 -35.03
CA HIS J 68 -10.98 -6.54 -36.19
C HIS J 68 -11.87 -6.14 -37.36
N PRO J 69 -11.65 -4.96 -37.95
CA PRO J 69 -12.63 -4.44 -38.91
C PRO J 69 -12.81 -5.29 -40.17
N ALA J 70 -11.77 -5.99 -40.64
CA ALA J 70 -11.97 -6.86 -41.80
C ALA J 70 -12.89 -8.03 -41.45
N ALA J 71 -12.71 -8.60 -40.26
CA ALA J 71 -13.64 -9.61 -39.79
C ALA J 71 -15.04 -9.04 -39.67
N LYS J 72 -15.15 -7.78 -39.25
CA LYS J 72 -16.45 -7.12 -39.23
C LYS J 72 -17.03 -7.03 -40.63
N VAL J 73 -16.18 -6.79 -41.63
CA VAL J 73 -16.66 -6.71 -43.01
C VAL J 73 -17.26 -8.03 -43.42
N LEU J 74 -16.58 -9.14 -43.10
CA LEU J 74 -17.14 -10.45 -43.43
C LEU J 74 -18.44 -10.74 -42.66
N CYS J 75 -18.52 -10.31 -41.40
CA CYS J 75 -19.74 -10.52 -40.63
C CYS J 75 -20.92 -9.78 -41.24
N GLU J 76 -20.71 -8.52 -41.61
CA GLU J 76 -21.77 -7.78 -42.29
C GLU J 76 -22.07 -8.36 -43.66
N LEU J 77 -21.07 -8.96 -44.31
CA LEU J 77 -21.32 -9.66 -45.57
C LEU J 77 -22.31 -10.80 -45.36
N ALA J 78 -22.09 -11.59 -44.32
CA ALA J 78 -23.01 -12.66 -44.00
C ALA J 78 -24.40 -12.13 -43.70
N ASP J 79 -24.48 -11.02 -42.94
CA ASP J 79 -25.78 -10.44 -42.63
C ASP J 79 -26.50 -9.96 -43.89
N LEU J 80 -25.76 -9.32 -44.80
CA LEU J 80 -26.37 -8.87 -46.05
C LEU J 80 -26.86 -10.04 -46.89
N GLN J 81 -26.07 -11.11 -46.97
CA GLN J 81 -26.51 -12.28 -47.71
C GLN J 81 -27.78 -12.86 -47.10
N ASP J 82 -27.85 -12.87 -45.77
CA ASP J 82 -29.06 -13.36 -45.10
C ASP J 82 -30.26 -12.50 -45.45
N LYS J 83 -30.10 -11.17 -45.42
CA LYS J 83 -31.23 -10.29 -45.67
C LYS J 83 -31.70 -10.39 -47.11
N GLU J 84 -30.78 -10.39 -48.07
CA GLU J 84 -31.16 -10.34 -49.47
C GLU J 84 -31.52 -11.68 -50.06
N VAL J 85 -31.04 -12.78 -49.47
CA VAL J 85 -31.30 -14.11 -50.03
C VAL J 85 -31.95 -14.99 -48.99
N GLY J 86 -31.28 -15.16 -47.85
CA GLY J 86 -31.75 -16.03 -46.80
C GLY J 86 -31.02 -17.36 -46.70
N ASP J 87 -30.26 -17.73 -47.73
CA ASP J 87 -29.51 -18.98 -47.73
C ASP J 87 -28.12 -18.72 -48.28
N GLY J 88 -27.22 -19.68 -48.04
CA GLY J 88 -25.86 -19.53 -48.48
C GLY J 88 -25.03 -18.57 -47.65
N THR J 89 -25.43 -18.34 -46.40
CA THR J 89 -24.73 -17.36 -45.57
C THR J 89 -23.33 -17.82 -45.22
N THR J 90 -23.13 -19.13 -45.03
CA THR J 90 -21.79 -19.64 -44.74
C THR J 90 -20.94 -19.67 -46.01
N SER J 91 -21.55 -20.04 -47.13
CA SER J 91 -20.80 -20.17 -48.38
C SER J 91 -20.21 -18.85 -48.83
N VAL J 92 -20.96 -17.76 -48.69
CA VAL J 92 -20.45 -16.47 -49.13
C VAL J 92 -19.25 -16.06 -48.29
N VAL J 93 -19.31 -16.29 -46.98
CA VAL J 93 -18.18 -15.94 -46.11
C VAL J 93 -16.95 -16.76 -46.48
N ILE J 94 -17.13 -18.07 -46.68
CA ILE J 94 -16.00 -18.93 -47.00
C ILE J 94 -15.40 -18.53 -48.33
N ILE J 95 -16.25 -18.26 -49.33
CA ILE J 95 -15.76 -17.89 -50.65
C ILE J 95 -15.00 -16.57 -50.58
N ALA J 96 -15.53 -15.60 -49.84
CA ALA J 96 -14.84 -14.32 -49.73
C ALA J 96 -13.48 -14.48 -49.08
N ALA J 97 -13.40 -15.27 -48.02
CA ALA J 97 -12.12 -15.47 -47.34
C ALA J 97 -11.11 -16.16 -48.23
N GLU J 98 -11.54 -17.18 -48.98
CA GLU J 98 -10.61 -17.86 -49.88
C GLU J 98 -10.15 -16.93 -51.00
N LEU J 99 -11.07 -16.11 -51.52
CA LEU J 99 -10.69 -15.12 -52.52
C LEU J 99 -9.62 -14.19 -51.95
N LEU J 100 -9.81 -13.73 -50.72
CA LEU J 100 -8.84 -12.85 -50.11
C LEU J 100 -7.48 -13.54 -49.94
N LYS J 101 -7.49 -14.81 -49.51
CA LYS J 101 -6.23 -15.54 -49.34
C LYS J 101 -5.48 -15.62 -50.65
N ASN J 102 -6.15 -16.07 -51.72
CA ASN J 102 -5.46 -16.26 -52.99
C ASN J 102 -5.03 -14.92 -53.59
N ALA J 103 -5.85 -13.89 -53.45
CA ALA J 103 -5.48 -12.57 -53.94
C ALA J 103 -4.26 -12.03 -53.20
N ASP J 104 -4.19 -12.25 -51.89
CA ASP J 104 -3.03 -11.80 -51.15
C ASP J 104 -1.79 -12.57 -51.54
N GLU J 105 -1.93 -13.87 -51.85
CA GLU J 105 -0.80 -14.61 -52.36
C GLU J 105 -0.31 -14.01 -53.68
N LEU J 106 -1.25 -13.67 -54.56
CA LEU J 106 -0.86 -13.03 -55.82
C LEU J 106 -0.14 -11.72 -55.58
N VAL J 107 -0.64 -10.92 -54.63
CA VAL J 107 0.00 -9.63 -54.32
C VAL J 107 1.40 -9.86 -53.78
N LYS J 108 1.56 -10.83 -52.87
CA LYS J 108 2.89 -11.15 -52.35
C LYS J 108 3.82 -11.61 -53.46
N GLN J 109 3.27 -12.16 -54.53
CA GLN J 109 4.07 -12.47 -55.71
C GLN J 109 4.34 -11.24 -56.58
N LYS J 110 4.18 -10.04 -56.03
CA LYS J 110 4.46 -8.77 -56.69
C LYS J 110 3.48 -8.45 -57.82
N ILE J 111 2.30 -9.05 -57.82
CA ILE J 111 1.24 -8.64 -58.73
C ILE J 111 0.50 -7.47 -58.12
N HIS J 112 0.34 -6.40 -58.90
CA HIS J 112 -0.28 -5.20 -58.35
C HIS J 112 -1.74 -5.49 -58.01
N PRO J 113 -2.23 -4.98 -56.87
CA PRO J 113 -3.61 -5.28 -56.46
C PRO J 113 -4.66 -4.82 -57.44
N THR J 114 -4.38 -3.77 -58.23
CA THR J 114 -5.36 -3.35 -59.23
C THR J 114 -5.58 -4.44 -60.27
N SER J 115 -4.51 -5.12 -60.69
CA SER J 115 -4.66 -6.22 -61.63
C SER J 115 -5.49 -7.34 -61.03
N VAL J 116 -5.25 -7.66 -59.76
CA VAL J 116 -6.03 -8.71 -59.10
C VAL J 116 -7.49 -8.32 -59.04
N ILE J 117 -7.78 -7.05 -58.73
CA ILE J 117 -9.16 -6.60 -58.63
C ILE J 117 -9.84 -6.67 -59.99
N SER J 118 -9.14 -6.24 -61.05
CA SER J 118 -9.72 -6.31 -62.39
C SER J 118 -9.99 -7.77 -62.78
N GLY J 119 -9.04 -8.66 -62.49
CA GLY J 119 -9.26 -10.06 -62.79
C GLY J 119 -10.43 -10.63 -62.03
N TYR J 120 -10.57 -10.27 -60.76
CA TYR J 120 -11.70 -10.74 -59.97
C TYR J 120 -13.01 -10.24 -60.53
N ARG J 121 -13.07 -8.98 -60.95
CA ARG J 121 -14.29 -8.45 -61.54
C ARG J 121 -14.66 -9.19 -62.81
N LEU J 122 -13.67 -9.40 -63.68
CA LEU J 122 -13.94 -10.13 -64.92
C LEU J 122 -14.39 -11.55 -64.64
N ALA J 123 -13.74 -12.22 -63.68
CA ALA J 123 -14.09 -13.59 -63.35
C ALA J 123 -15.50 -13.67 -62.78
N CYS J 124 -15.88 -12.72 -61.92
CA CYS J 124 -17.23 -12.73 -61.36
C CYS J 124 -18.27 -12.51 -62.45
N LYS J 125 -18.01 -11.57 -63.36
CA LYS J 125 -18.96 -11.34 -64.45
C LYS J 125 -19.11 -12.58 -65.31
N GLU J 126 -17.99 -13.20 -65.66
CA GLU J 126 -18.04 -14.40 -66.50
C GLU J 126 -18.69 -15.56 -65.78
N ALA J 127 -18.46 -15.69 -64.47
CA ALA J 127 -19.09 -16.75 -63.72
C ALA J 127 -20.60 -16.58 -63.69
N VAL J 128 -21.08 -15.36 -63.46
CA VAL J 128 -22.52 -15.14 -63.46
C VAL J 128 -23.09 -15.43 -64.84
N ARG J 129 -22.41 -14.97 -65.89
CA ARG J 129 -22.90 -15.22 -67.24
C ARG J 129 -22.96 -16.71 -67.54
N TYR J 130 -21.91 -17.45 -67.18
CA TYR J 130 -21.88 -18.88 -67.45
C TYR J 130 -22.96 -19.61 -66.66
N ILE J 131 -23.19 -19.20 -65.40
CA ILE J 131 -24.24 -19.82 -64.61
C ILE J 131 -25.59 -19.60 -65.27
N ASN J 132 -25.85 -18.36 -65.70
CA ASN J 132 -27.15 -18.07 -66.31
C ASN J 132 -27.30 -18.75 -67.66
N GLU J 133 -26.20 -19.05 -68.34
CA GLU J 133 -26.29 -19.59 -69.69
C GLU J 133 -26.24 -21.10 -69.76
N ASN J 134 -25.65 -21.77 -68.77
CA ASN J 134 -25.39 -23.20 -68.93
C ASN J 134 -25.83 -24.04 -67.74
N LEU J 135 -25.88 -23.45 -66.54
CA LEU J 135 -26.04 -24.23 -65.31
C LEU J 135 -27.41 -24.04 -64.66
N ILE J 136 -28.38 -23.49 -65.38
CA ILE J 136 -29.70 -23.25 -64.80
C ILE J 136 -30.66 -24.30 -65.31
N VAL J 137 -31.62 -24.66 -64.45
CA VAL J 137 -32.69 -25.60 -64.81
C VAL J 137 -34.01 -24.92 -64.54
N ASN J 138 -34.88 -24.90 -65.55
CA ASN J 138 -36.21 -24.34 -65.38
C ASN J 138 -37.06 -25.25 -64.50
N THR J 139 -37.86 -24.65 -63.63
CA THR J 139 -38.73 -25.39 -62.75
C THR J 139 -40.09 -25.70 -63.36
N ASP J 140 -40.34 -25.23 -64.59
CA ASP J 140 -41.62 -25.49 -65.22
C ASP J 140 -41.82 -26.96 -65.53
N GLU J 141 -40.75 -27.66 -65.91
CA GLU J 141 -40.82 -29.05 -66.28
C GLU J 141 -40.62 -30.00 -65.09
N LEU J 142 -40.49 -29.46 -63.88
CA LEU J 142 -40.32 -30.28 -62.69
C LEU J 142 -41.57 -30.33 -61.83
N GLY J 143 -42.19 -29.19 -61.55
CA GLY J 143 -43.41 -29.15 -60.77
C GLY J 143 -43.15 -28.99 -59.29
N ARG J 144 -44.12 -29.47 -58.50
CA ARG J 144 -44.04 -29.36 -57.05
C ARG J 144 -42.87 -30.15 -56.49
N ASP J 145 -42.42 -31.19 -57.22
CA ASP J 145 -41.26 -31.95 -56.78
C ASP J 145 -40.03 -31.08 -56.70
N CYS J 146 -39.90 -30.10 -57.60
CA CYS J 146 -38.76 -29.20 -57.55
C CYS J 146 -38.76 -28.38 -56.27
N LEU J 147 -39.92 -27.84 -55.89
CA LEU J 147 -40.00 -27.08 -54.65
C LEU J 147 -39.71 -27.97 -53.45
N ILE J 148 -40.23 -29.20 -53.46
CA ILE J 148 -39.98 -30.12 -52.35
C ILE J 148 -38.49 -30.42 -52.24
N ASN J 149 -37.83 -30.68 -53.36
CA ASN J 149 -36.41 -31.00 -53.34
C ASN J 149 -35.58 -29.79 -52.91
N ALA J 150 -35.96 -28.59 -53.36
CA ALA J 150 -35.24 -27.39 -52.93
C ALA J 150 -35.37 -27.19 -51.43
N ALA J 151 -36.57 -27.39 -50.89
CA ALA J 151 -36.76 -27.26 -49.45
C ALA J 151 -35.95 -28.32 -48.70
N LYS J 152 -35.96 -29.56 -49.20
CA LYS J 152 -35.20 -30.62 -48.54
C LYS J 152 -33.71 -30.32 -48.55
N THR J 153 -33.18 -29.84 -49.67
CA THR J 153 -31.78 -29.47 -49.75
C THR J 153 -31.46 -28.33 -48.79
N SER J 154 -32.35 -27.34 -48.70
CA SER J 154 -32.14 -26.24 -47.78
C SER J 154 -32.11 -26.73 -46.33
N MET J 155 -32.97 -27.69 -46.00
CA MET J 155 -33.04 -28.16 -44.63
C MET J 155 -32.00 -29.21 -44.29
N SER J 156 -31.24 -29.71 -45.27
CA SER J 156 -30.05 -30.48 -44.94
C SER J 156 -29.08 -29.58 -44.19
N SER J 157 -28.24 -30.21 -43.37
CA SER J 157 -27.33 -29.50 -42.47
C SER J 157 -28.07 -28.71 -41.40
N LYS J 158 -29.30 -29.07 -41.11
CA LYS J 158 -30.09 -28.43 -40.06
C LYS J 158 -30.67 -29.49 -39.14
N ILE J 159 -31.14 -29.04 -37.97
CA ILE J 159 -31.71 -29.94 -36.98
C ILE J 159 -32.95 -30.67 -37.49
N ILE J 160 -33.54 -30.20 -38.59
CA ILE J 160 -34.70 -30.83 -39.18
C ILE J 160 -34.34 -31.52 -40.50
N GLY J 161 -33.06 -31.83 -40.70
CA GLY J 161 -32.63 -32.37 -41.98
C GLY J 161 -33.18 -33.75 -42.25
N ILE J 162 -33.12 -34.64 -41.26
CA ILE J 162 -33.56 -36.01 -41.48
C ILE J 162 -35.06 -36.06 -41.73
N ASN J 163 -35.82 -35.13 -41.15
CA ASN J 163 -37.26 -35.13 -41.23
C ASN J 163 -37.77 -34.34 -42.44
N GLY J 164 -36.94 -34.24 -43.48
CA GLY J 164 -37.28 -33.42 -44.63
C GLY J 164 -38.54 -33.88 -45.33
N ASP J 165 -38.77 -35.19 -45.37
CA ASP J 165 -39.92 -35.72 -46.10
C ASP J 165 -41.23 -35.09 -45.63
N PHE J 166 -41.29 -34.70 -44.37
CA PHE J 166 -42.45 -34.06 -43.75
C PHE J 166 -42.30 -32.55 -43.70
N PHE J 167 -41.11 -32.07 -43.34
CA PHE J 167 -40.93 -30.64 -43.18
C PHE J 167 -40.99 -29.90 -44.52
N ALA J 168 -40.52 -30.51 -45.60
CA ALA J 168 -40.59 -29.87 -46.91
C ALA J 168 -42.03 -29.74 -47.37
N ASN J 169 -42.84 -30.76 -47.15
CA ASN J 169 -44.27 -30.63 -47.43
C ASN J 169 -44.88 -29.49 -46.63
N MET J 170 -44.53 -29.41 -45.34
CA MET J 170 -45.06 -28.33 -44.52
C MET J 170 -44.66 -26.97 -45.06
N VAL J 171 -43.38 -26.81 -45.42
CA VAL J 171 -42.89 -25.52 -45.90
C VAL J 171 -43.55 -25.15 -47.21
N VAL J 172 -43.65 -26.10 -48.13
CA VAL J 172 -44.23 -25.80 -49.44
C VAL J 172 -45.70 -25.42 -49.29
N ASP J 173 -46.44 -26.15 -48.45
CA ASP J 173 -47.83 -25.81 -48.24
C ASP J 173 -47.97 -24.43 -47.62
N ALA J 174 -47.14 -24.11 -46.63
CA ALA J 174 -47.22 -22.81 -46.00
C ALA J 174 -46.91 -21.68 -46.98
N VAL J 175 -45.90 -21.88 -47.84
CA VAL J 175 -45.54 -20.84 -48.78
C VAL J 175 -46.63 -20.65 -49.83
N LEU J 176 -47.14 -21.75 -50.39
CA LEU J 176 -48.20 -21.65 -51.38
C LEU J 176 -49.49 -21.11 -50.78
N ALA J 177 -49.68 -21.24 -49.47
CA ALA J 177 -50.91 -20.79 -48.85
C ALA J 177 -51.00 -19.28 -48.70
N ILE J 178 -49.89 -18.56 -48.86
CA ILE J 178 -49.87 -17.11 -48.72
C ILE J 178 -49.60 -16.41 -50.04
N LYS J 179 -49.73 -17.11 -51.16
CA LYS J 179 -49.47 -16.51 -52.46
C LYS J 179 -50.51 -15.44 -52.77
N TYR J 180 -50.05 -14.30 -53.23
CA TYR J 180 -50.93 -13.22 -53.67
C TYR J 180 -50.35 -12.61 -54.93
N THR J 181 -51.24 -12.21 -55.84
CA THR J 181 -50.83 -11.58 -57.09
C THR J 181 -51.08 -10.08 -57.01
N ASP J 182 -50.05 -9.31 -57.30
CA ASP J 182 -50.13 -7.86 -57.26
C ASP J 182 -50.45 -7.32 -58.66
N ILE J 183 -50.30 -6.01 -58.84
CA ILE J 183 -50.36 -5.45 -60.18
C ILE J 183 -49.22 -6.04 -61.02
N ARG J 184 -49.37 -5.92 -62.34
CA ARG J 184 -48.50 -6.49 -63.36
C ARG J 184 -48.58 -8.00 -63.42
N GLY J 185 -49.49 -8.62 -62.66
CA GLY J 185 -49.66 -10.06 -62.71
C GLY J 185 -48.44 -10.84 -62.28
N GLN J 186 -47.69 -10.32 -61.30
CA GLN J 186 -46.50 -11.00 -60.82
C GLN J 186 -46.83 -11.73 -59.53
N PRO J 187 -46.81 -13.06 -59.52
CA PRO J 187 -47.10 -13.78 -58.28
C PRO J 187 -45.99 -13.61 -57.26
N ARG J 188 -46.26 -12.86 -56.20
CA ARG J 188 -45.29 -12.62 -55.14
C ARG J 188 -45.70 -13.37 -53.89
N TYR J 189 -44.72 -13.86 -53.15
CA TYR J 189 -44.97 -14.69 -51.96
C TYR J 189 -44.44 -13.97 -50.74
N PRO J 190 -45.31 -13.34 -49.95
CA PRO J 190 -44.85 -12.56 -48.78
C PRO J 190 -44.53 -13.44 -47.57
N VAL J 191 -43.35 -14.07 -47.61
CA VAL J 191 -42.85 -14.74 -46.43
C VAL J 191 -42.63 -13.68 -45.35
N ASN J 192 -42.56 -14.14 -44.10
CA ASN J 192 -42.63 -13.38 -42.85
C ASN J 192 -44.07 -13.03 -42.52
N SER J 193 -45.01 -13.35 -43.39
CA SER J 193 -46.42 -13.33 -43.03
C SER J 193 -46.87 -14.66 -42.45
N VAL J 194 -45.98 -15.64 -42.40
CA VAL J 194 -46.27 -16.93 -41.78
C VAL J 194 -45.78 -16.86 -40.34
N ASN J 195 -46.71 -16.81 -39.40
CA ASN J 195 -46.35 -16.73 -38.00
C ASN J 195 -45.75 -18.06 -37.55
N ILE J 196 -44.59 -18.00 -36.90
CA ILE J 196 -43.90 -19.18 -36.39
C ILE J 196 -43.98 -19.14 -34.87
N LEU J 197 -44.64 -20.15 -34.30
CA LEU J 197 -44.80 -20.25 -32.85
C LEU J 197 -44.03 -21.45 -32.36
N LYS J 198 -43.29 -21.26 -31.27
CA LYS J 198 -42.45 -22.31 -30.69
C LYS J 198 -43.00 -22.70 -29.33
N ALA J 199 -43.15 -24.00 -29.11
CA ALA J 199 -43.61 -24.52 -27.83
C ALA J 199 -43.09 -25.93 -27.67
N HIS J 200 -42.29 -26.16 -26.63
CA HIS J 200 -41.75 -27.49 -26.40
C HIS J 200 -42.87 -28.47 -26.06
N GLY J 201 -42.52 -29.75 -26.08
CA GLY J 201 -43.53 -30.77 -25.89
C GLY J 201 -43.24 -32.02 -26.71
N ARG J 202 -44.19 -32.40 -27.56
CA ARG J 202 -44.05 -33.59 -28.38
C ARG J 202 -42.90 -33.45 -29.37
N SER J 203 -42.64 -34.50 -30.14
CA SER J 203 -41.51 -34.49 -31.06
C SER J 203 -41.79 -33.55 -32.24
N GLN J 204 -40.82 -33.51 -33.17
CA GLN J 204 -40.95 -32.65 -34.34
C GLN J 204 -42.11 -33.05 -35.24
N MET J 205 -42.41 -34.36 -35.30
CA MET J 205 -43.52 -34.81 -36.13
C MET J 205 -44.85 -34.20 -35.73
N GLU J 206 -44.98 -33.72 -34.51
CA GLU J 206 -46.22 -33.13 -34.05
C GLU J 206 -46.31 -31.64 -34.31
N SER J 207 -45.33 -31.08 -35.02
CA SER J 207 -45.45 -29.70 -35.47
C SER J 207 -46.65 -29.56 -36.39
N MET J 208 -47.44 -28.51 -36.17
CA MET J 208 -48.72 -28.35 -36.84
C MET J 208 -48.67 -27.18 -37.81
N LEU J 209 -49.28 -27.37 -38.98
CA LEU J 209 -49.46 -26.30 -39.95
C LEU J 209 -50.90 -25.81 -39.84
N ILE J 210 -51.07 -24.61 -39.31
CA ILE J 210 -52.41 -24.06 -39.11
C ILE J 210 -52.95 -23.56 -40.44
N SER J 211 -54.17 -24.00 -40.77
CA SER J 211 -54.87 -23.50 -41.95
C SER J 211 -55.62 -22.22 -41.62
N GLY J 212 -54.87 -21.26 -41.07
CA GLY J 212 -55.42 -20.01 -40.61
C GLY J 212 -54.35 -19.17 -39.98
N TYR J 213 -54.61 -18.61 -38.80
CA TYR J 213 -53.62 -17.83 -38.09
C TYR J 213 -53.60 -18.24 -36.62
N ALA J 214 -52.43 -18.15 -36.01
CA ALA J 214 -52.23 -18.52 -34.62
C ALA J 214 -51.75 -17.30 -33.85
N LEU J 215 -52.46 -16.97 -32.76
CA LEU J 215 -52.14 -15.84 -31.92
C LEU J 215 -51.49 -16.33 -30.64
N ASN J 216 -50.39 -15.68 -30.25
CA ASN J 216 -49.79 -15.97 -28.96
C ASN J 216 -50.49 -15.15 -27.87
N CYS J 217 -51.81 -15.24 -27.83
CA CYS J 217 -52.61 -14.48 -26.88
C CYS J 217 -53.77 -15.34 -26.42
N VAL J 218 -54.36 -14.96 -25.29
CA VAL J 218 -55.51 -15.64 -24.72
C VAL J 218 -56.61 -14.62 -24.48
N VAL J 219 -57.81 -15.13 -24.18
CA VAL J 219 -58.94 -14.25 -23.87
C VAL J 219 -58.68 -13.54 -22.55
N GLY J 220 -59.14 -12.30 -22.46
CA GLY J 220 -58.85 -11.48 -21.31
C GLY J 220 -59.59 -11.85 -20.04
N SER J 221 -60.72 -12.53 -20.17
CA SER J 221 -61.56 -12.86 -19.03
C SER J 221 -61.94 -14.32 -19.08
N GLN J 222 -61.96 -14.97 -17.91
CA GLN J 222 -62.32 -16.38 -17.86
C GLN J 222 -63.80 -16.60 -18.12
N GLY J 223 -64.62 -15.55 -18.01
CA GLY J 223 -66.04 -15.70 -18.27
C GLY J 223 -66.39 -15.83 -19.74
N MET J 224 -65.52 -15.37 -20.63
CA MET J 224 -65.81 -15.44 -22.04
C MET J 224 -65.69 -16.88 -22.54
N PRO J 225 -66.44 -17.24 -23.58
CA PRO J 225 -66.28 -18.57 -24.17
C PRO J 225 -64.92 -18.69 -24.84
N LYS J 226 -64.43 -19.92 -24.92
CA LYS J 226 -63.13 -20.20 -25.53
C LYS J 226 -63.26 -20.89 -26.87
N ARG J 227 -64.45 -20.83 -27.49
CA ARG J 227 -64.64 -21.39 -28.83
C ARG J 227 -65.86 -20.76 -29.43
N ILE J 228 -65.71 -20.17 -30.62
CA ILE J 228 -66.81 -19.56 -31.35
C ILE J 228 -66.82 -20.14 -32.76
N VAL J 229 -67.99 -20.61 -33.19
CA VAL J 229 -68.08 -21.35 -34.44
C VAL J 229 -68.02 -20.39 -35.63
N ASN J 230 -69.02 -19.52 -35.77
CA ASN J 230 -69.06 -18.59 -36.89
C ASN J 230 -68.58 -17.23 -36.41
N ALA J 231 -67.26 -17.07 -36.44
CA ALA J 231 -66.65 -15.86 -35.88
C ALA J 231 -66.85 -14.67 -36.80
N LYS J 232 -67.15 -13.52 -36.19
CA LYS J 232 -67.21 -12.24 -36.88
C LYS J 232 -66.15 -11.36 -36.21
N ILE J 233 -64.92 -11.42 -36.72
CA ILE J 233 -63.81 -10.76 -36.07
C ILE J 233 -63.91 -9.26 -36.25
N ALA J 234 -63.76 -8.52 -35.16
CA ALA J 234 -63.68 -7.06 -35.18
C ALA J 234 -62.30 -6.65 -34.72
N CYS J 235 -61.52 -6.06 -35.61
CA CYS J 235 -60.16 -5.63 -35.32
C CYS J 235 -60.15 -4.14 -34.98
N LEU J 236 -59.63 -3.80 -33.82
CA LEU J 236 -59.59 -2.43 -33.35
C LEU J 236 -58.17 -2.04 -32.97
N ASP J 237 -57.86 -0.75 -33.06
CA ASP J 237 -56.55 -0.24 -32.73
C ASP J 237 -56.60 0.78 -31.60
N PHE J 238 -57.66 0.78 -30.81
CA PHE J 238 -57.80 1.71 -29.71
C PHE J 238 -58.19 0.96 -28.45
N SER J 239 -57.69 1.44 -27.32
CA SER J 239 -57.98 0.80 -26.04
C SER J 239 -59.43 1.01 -25.65
N LEU J 240 -60.01 0.02 -24.98
CA LEU J 240 -61.37 0.10 -24.46
C LEU J 240 -61.27 0.22 -22.94
N GLN J 241 -61.15 1.45 -22.46
CA GLN J 241 -61.03 1.73 -21.04
C GLN J 241 -61.96 2.89 -20.69
N LYS J 242 -61.95 3.27 -19.41
CA LYS J 242 -62.73 4.42 -18.98
C LYS J 242 -62.21 5.67 -19.67
N THR J 243 -63.13 6.48 -20.18
CA THR J 243 -62.75 7.64 -20.97
C THR J 243 -62.16 8.73 -20.08
N LYS J 244 -60.98 9.22 -20.47
CA LYS J 244 -60.31 10.30 -19.77
C LYS J 244 -60.07 11.43 -20.75
N MET J 245 -60.38 12.65 -20.33
CA MET J 245 -60.26 13.79 -21.23
C MET J 245 -58.79 14.08 -21.52
N LYS J 246 -58.57 14.76 -22.64
CA LYS J 246 -57.22 15.01 -23.11
C LYS J 246 -56.50 15.99 -22.19
N LEU J 247 -55.25 16.30 -22.56
CA LEU J 247 -54.43 17.19 -21.73
C LEU J 247 -54.99 18.61 -21.71
N GLY J 248 -55.49 19.08 -22.84
CA GLY J 248 -55.99 20.44 -22.92
C GLY J 248 -57.35 20.68 -22.34
N VAL J 249 -58.01 19.65 -21.82
CA VAL J 249 -59.34 19.76 -21.25
C VAL J 249 -59.25 19.47 -19.75
N GLN J 250 -59.84 20.35 -18.96
CA GLN J 250 -59.82 20.25 -17.51
C GLN J 250 -61.23 20.41 -16.98
N VAL J 251 -61.61 19.58 -16.02
CA VAL J 251 -62.95 19.62 -15.44
C VAL J 251 -62.93 20.51 -14.20
N VAL J 252 -63.75 21.55 -14.21
CA VAL J 252 -63.91 22.44 -13.07
C VAL J 252 -65.38 22.47 -12.69
N ILE J 253 -65.68 22.16 -11.44
CA ILE J 253 -67.05 22.02 -10.95
C ILE J 253 -67.36 23.21 -10.05
N THR J 254 -68.45 23.90 -10.34
CA THR J 254 -68.97 24.96 -9.49
C THR J 254 -70.26 24.58 -8.80
N ASP J 255 -71.18 23.92 -9.53
CA ASP J 255 -72.36 23.35 -8.93
C ASP J 255 -72.14 21.86 -8.72
N PRO J 256 -72.15 21.36 -7.49
CA PRO J 256 -71.80 19.96 -7.26
C PRO J 256 -72.74 18.97 -7.92
N GLU J 257 -73.95 19.40 -8.30
CA GLU J 257 -74.94 18.46 -8.83
C GLU J 257 -74.49 17.77 -10.11
N LYS J 258 -73.49 18.30 -10.80
CA LYS J 258 -73.06 17.75 -12.07
C LYS J 258 -71.95 16.72 -11.95
N LEU J 259 -71.38 16.56 -10.76
CA LEU J 259 -70.22 15.68 -10.62
C LEU J 259 -70.58 14.22 -10.90
N ASP J 260 -71.72 13.77 -10.38
CA ASP J 260 -72.13 12.38 -10.62
C ASP J 260 -72.37 12.13 -12.10
N GLN J 261 -73.00 13.08 -12.78
CA GLN J 261 -73.21 12.93 -14.22
C GLN J 261 -71.90 12.86 -14.97
N ILE J 262 -70.93 13.70 -14.59
CA ILE J 262 -69.63 13.66 -15.24
C ILE J 262 -68.99 12.28 -15.06
N ARG J 263 -68.95 11.80 -13.82
CA ARG J 263 -68.29 10.53 -13.54
C ARG J 263 -69.00 9.37 -14.25
N GLN J 264 -70.33 9.41 -14.29
CA GLN J 264 -71.06 8.37 -15.00
C GLN J 264 -70.77 8.38 -16.49
N ARG J 265 -70.74 9.57 -17.10
CA ARG J 265 -70.45 9.65 -18.53
C ARG J 265 -69.05 9.15 -18.85
N GLU J 266 -68.11 9.33 -17.91
CA GLU J 266 -66.74 8.88 -18.15
C GLU J 266 -66.68 7.42 -18.57
N SER J 267 -67.57 6.58 -18.03
CA SER J 267 -67.63 5.18 -18.42
C SER J 267 -68.76 4.88 -19.40
N ASP J 268 -69.81 5.70 -19.40
CA ASP J 268 -70.89 5.47 -20.34
C ASP J 268 -70.43 5.69 -21.78
N ILE J 269 -69.42 6.53 -22.00
CA ILE J 269 -68.90 6.69 -23.35
C ILE J 269 -68.37 5.37 -23.88
N THR J 270 -67.52 4.69 -23.11
CA THR J 270 -66.99 3.42 -23.53
C THR J 270 -68.07 2.35 -23.60
N LYS J 271 -69.05 2.40 -22.69
CA LYS J 271 -70.16 1.45 -22.78
C LYS J 271 -70.90 1.60 -24.09
N GLU J 272 -71.15 2.85 -24.51
CA GLU J 272 -71.83 3.08 -25.77
C GLU J 272 -70.99 2.59 -26.95
N ARG J 273 -69.68 2.81 -26.90
CA ARG J 273 -68.83 2.31 -27.97
C ARG J 273 -68.89 0.78 -28.05
N ILE J 274 -68.83 0.11 -26.90
CA ILE J 274 -68.90 -1.35 -26.89
C ILE J 274 -70.23 -1.83 -27.45
N GLN J 275 -71.32 -1.18 -27.06
CA GLN J 275 -72.63 -1.59 -27.55
C GLN J 275 -72.74 -1.37 -29.05
N LYS J 276 -72.19 -0.27 -29.55
CA LYS J 276 -72.21 -0.03 -31.00
C LYS J 276 -71.44 -1.11 -31.74
N ILE J 277 -70.28 -1.50 -31.22
CA ILE J 277 -69.52 -2.55 -31.87
C ILE J 277 -70.28 -3.88 -31.83
N LEU J 278 -70.88 -4.20 -30.67
CA LEU J 278 -71.53 -5.50 -30.50
C LEU J 278 -72.85 -5.60 -31.24
N ALA J 279 -73.50 -4.48 -31.53
CA ALA J 279 -74.83 -4.53 -32.16
C ALA J 279 -74.78 -5.08 -33.58
N THR J 280 -73.61 -5.18 -34.19
CA THR J 280 -73.48 -5.66 -35.56
C THR J 280 -73.31 -7.17 -35.64
N GLY J 281 -73.38 -7.86 -34.52
CA GLY J 281 -73.20 -9.31 -34.52
C GLY J 281 -71.78 -9.78 -34.35
N ALA J 282 -70.88 -8.91 -33.91
CA ALA J 282 -69.49 -9.30 -33.74
C ALA J 282 -69.35 -10.35 -32.63
N ASN J 283 -68.50 -11.33 -32.88
CA ASN J 283 -68.22 -12.40 -31.93
C ASN J 283 -66.83 -12.33 -31.34
N VAL J 284 -65.83 -12.00 -32.15
CA VAL J 284 -64.45 -11.91 -31.70
C VAL J 284 -63.98 -10.48 -31.87
N ILE J 285 -63.42 -9.92 -30.80
CA ILE J 285 -62.91 -8.56 -30.80
C ILE J 285 -61.43 -8.60 -30.45
N LEU J 286 -60.60 -8.13 -31.37
CA LEU J 286 -59.16 -8.04 -31.16
C LEU J 286 -58.76 -6.58 -31.14
N THR J 287 -57.98 -6.19 -30.14
CA THR J 287 -57.52 -4.82 -30.03
C THR J 287 -56.04 -4.81 -29.71
N THR J 288 -55.31 -3.86 -30.31
CA THR J 288 -53.90 -3.69 -29.98
C THR J 288 -53.75 -3.07 -28.60
N GLY J 289 -54.71 -2.26 -28.18
CA GLY J 289 -54.66 -1.64 -26.87
C GLY J 289 -55.21 -2.55 -25.80
N GLY J 290 -55.35 -1.98 -24.60
CA GLY J 290 -55.83 -2.75 -23.47
C GLY J 290 -57.32 -2.65 -23.28
N ILE J 291 -57.86 -3.60 -22.51
CA ILE J 291 -59.26 -3.62 -22.12
C ILE J 291 -59.32 -3.75 -20.61
N ASP J 292 -60.07 -2.86 -19.97
CA ASP J 292 -60.21 -2.94 -18.52
C ASP J 292 -61.34 -3.90 -18.15
N ASP J 293 -61.56 -4.07 -16.85
CA ASP J 293 -62.50 -5.08 -16.38
C ASP J 293 -63.93 -4.77 -16.78
N MET J 294 -64.30 -3.49 -16.83
CA MET J 294 -65.68 -3.13 -17.17
C MET J 294 -66.05 -3.60 -18.57
N CYS J 295 -65.23 -3.25 -19.56
CA CYS J 295 -65.51 -3.68 -20.92
C CYS J 295 -65.36 -5.18 -21.08
N LEU J 296 -64.47 -5.80 -20.29
CA LEU J 296 -64.37 -7.25 -20.30
C LEU J 296 -65.69 -7.87 -19.87
N LYS J 297 -66.33 -7.32 -18.83
CA LYS J 297 -67.62 -7.84 -18.41
C LYS J 297 -68.69 -7.57 -19.46
N TYR J 298 -68.62 -6.41 -20.13
CA TYR J 298 -69.55 -6.14 -21.22
C TYR J 298 -69.47 -7.23 -22.28
N PHE J 299 -68.25 -7.62 -22.65
CA PHE J 299 -68.08 -8.68 -23.63
C PHE J 299 -68.51 -10.03 -23.07
N VAL J 300 -68.28 -10.27 -21.78
CA VAL J 300 -68.64 -11.54 -21.17
C VAL J 300 -70.15 -11.74 -21.24
N GLU J 301 -70.92 -10.71 -20.91
CA GLU J 301 -72.37 -10.84 -20.89
C GLU J 301 -72.93 -11.16 -22.26
N ALA J 302 -72.25 -10.71 -23.33
CA ALA J 302 -72.70 -10.95 -24.69
C ALA J 302 -72.18 -12.26 -25.26
N GLY J 303 -71.37 -13.00 -24.51
CA GLY J 303 -70.82 -14.24 -25.01
C GLY J 303 -69.88 -14.07 -26.19
N ALA J 304 -69.01 -13.07 -26.13
CA ALA J 304 -68.11 -12.74 -27.23
C ALA J 304 -66.67 -12.79 -26.75
N MET J 305 -65.80 -13.36 -27.57
CA MET J 305 -64.38 -13.43 -27.25
C MET J 305 -63.73 -12.06 -27.44
N ALA J 306 -62.95 -11.63 -26.46
CA ALA J 306 -62.24 -10.37 -26.52
C ALA J 306 -60.78 -10.60 -26.16
N VAL J 307 -59.88 -10.12 -27.01
CA VAL J 307 -58.44 -10.29 -26.83
C VAL J 307 -57.80 -8.92 -26.81
N ARG J 308 -56.92 -8.70 -25.84
CA ARG J 308 -56.25 -7.42 -25.66
C ARG J 308 -54.76 -7.56 -25.89
N ARG J 309 -54.10 -6.42 -26.11
CA ARG J 309 -52.66 -6.36 -26.30
C ARG J 309 -52.21 -7.23 -27.47
N VAL J 310 -53.04 -7.32 -28.50
CA VAL J 310 -52.67 -8.04 -29.70
C VAL J 310 -51.57 -7.27 -30.44
N LEU J 311 -50.55 -7.99 -30.90
CA LEU J 311 -49.46 -7.34 -31.62
C LEU J 311 -49.97 -6.74 -32.92
N LYS J 312 -49.38 -5.60 -33.28
CA LYS J 312 -49.88 -4.86 -34.45
C LYS J 312 -49.71 -5.65 -35.73
N ARG J 313 -48.57 -6.32 -35.90
CA ARG J 313 -48.36 -7.11 -37.11
C ARG J 313 -49.33 -8.29 -37.17
N ASP J 314 -49.54 -8.95 -36.03
CA ASP J 314 -50.51 -10.04 -35.99
C ASP J 314 -51.90 -9.54 -36.32
N LEU J 315 -52.28 -8.39 -35.79
CA LEU J 315 -53.60 -7.83 -36.08
C LEU J 315 -53.74 -7.49 -37.56
N LYS J 316 -52.70 -6.91 -38.15
CA LYS J 316 -52.75 -6.59 -39.57
C LYS J 316 -52.89 -7.85 -40.41
N ARG J 317 -52.14 -8.90 -40.08
CA ARG J 317 -52.25 -10.14 -40.83
C ARG J 317 -53.64 -10.74 -40.68
N ILE J 318 -54.19 -10.73 -39.47
CA ILE J 318 -55.53 -11.29 -39.24
C ILE J 318 -56.56 -10.50 -40.03
N ALA J 319 -56.47 -9.18 -40.00
CA ALA J 319 -57.44 -8.36 -40.73
C ALA J 319 -57.34 -8.60 -42.22
N LYS J 320 -56.13 -8.68 -42.76
CA LYS J 320 -55.97 -8.93 -44.19
C LYS J 320 -56.50 -10.30 -44.58
N ALA J 321 -56.23 -11.32 -43.76
CA ALA J 321 -56.66 -12.67 -44.10
C ALA J 321 -58.16 -12.83 -43.98
N SER J 322 -58.76 -12.28 -42.93
CA SER J 322 -60.17 -12.48 -42.64
C SER J 322 -61.08 -11.46 -43.32
N GLY J 323 -60.52 -10.47 -43.99
CA GLY J 323 -61.33 -9.43 -44.59
C GLY J 323 -61.76 -8.32 -43.66
N ALA J 324 -61.30 -8.33 -42.42
CA ALA J 324 -61.64 -7.26 -41.49
C ALA J 324 -60.83 -6.01 -41.79
N THR J 325 -61.20 -4.92 -41.13
CA THR J 325 -60.54 -3.63 -41.31
C THR J 325 -60.10 -3.11 -39.95
N ILE J 326 -58.84 -2.69 -39.86
CA ILE J 326 -58.37 -2.04 -38.65
C ILE J 326 -59.11 -0.72 -38.47
N LEU J 327 -59.59 -0.49 -37.26
CA LEU J 327 -60.33 0.73 -36.93
C LEU J 327 -59.64 1.40 -35.75
N SER J 328 -58.82 2.41 -36.02
CA SER J 328 -58.21 3.16 -34.94
C SER J 328 -59.23 4.01 -34.18
N THR J 329 -60.39 4.26 -34.78
CA THR J 329 -61.42 5.07 -34.14
C THR J 329 -62.75 4.76 -34.79
N LEU J 330 -63.82 5.09 -34.07
CA LEU J 330 -65.19 4.96 -34.58
C LEU J 330 -65.68 6.36 -34.92
N ALA J 331 -65.45 6.77 -36.17
CA ALA J 331 -65.86 8.10 -36.61
C ALA J 331 -66.02 8.08 -38.11
N ASN J 332 -67.25 8.22 -38.60
CA ASN J 332 -67.51 8.22 -40.02
C ASN J 332 -67.30 9.63 -40.58
N LEU J 333 -67.62 9.80 -41.86
CA LEU J 333 -67.46 11.08 -42.53
C LEU J 333 -68.62 12.03 -42.28
N GLU J 334 -69.63 11.59 -41.53
CA GLU J 334 -70.74 12.46 -41.14
C GLU J 334 -70.52 13.10 -39.78
N GLY J 335 -69.36 12.91 -39.17
CA GLY J 335 -69.08 13.44 -37.87
C GLY J 335 -69.63 12.63 -36.72
N GLU J 336 -70.33 11.54 -37.00
CA GLU J 336 -70.91 10.71 -35.97
C GLU J 336 -69.94 9.62 -35.55
N GLU J 337 -70.39 8.75 -34.64
CA GLU J 337 -69.59 7.67 -34.10
C GLU J 337 -70.36 6.38 -34.32
N THR J 338 -69.94 5.58 -35.29
CA THR J 338 -70.69 4.39 -35.66
C THR J 338 -69.74 3.29 -36.10
N PHE J 339 -70.26 2.06 -36.06
CA PHE J 339 -69.53 0.88 -36.50
C PHE J 339 -70.49 0.04 -37.33
N GLU J 340 -70.17 -0.15 -38.59
CA GLU J 340 -71.05 -0.87 -39.50
C GLU J 340 -70.56 -2.31 -39.71
N ALA J 341 -71.51 -3.20 -40.00
CA ALA J 341 -71.21 -4.62 -40.11
C ALA J 341 -70.30 -4.94 -41.29
N ALA J 342 -70.22 -4.05 -42.27
CA ALA J 342 -69.34 -4.29 -43.41
C ALA J 342 -67.87 -4.26 -43.04
N MET J 343 -67.53 -3.78 -41.85
CA MET J 343 -66.14 -3.66 -41.43
C MET J 343 -65.66 -4.90 -40.69
N LEU J 344 -66.40 -6.00 -40.78
CA LEU J 344 -66.15 -7.19 -39.99
C LEU J 344 -65.51 -8.29 -40.83
N GLY J 345 -64.49 -8.95 -40.27
CA GLY J 345 -63.95 -10.14 -40.88
C GLY J 345 -64.69 -11.39 -40.46
N GLN J 346 -64.39 -12.49 -41.13
CA GLN J 346 -65.07 -13.75 -40.87
C GLN J 346 -64.07 -14.89 -40.85
N ALA J 347 -64.41 -15.92 -40.08
CA ALA J 347 -63.60 -17.13 -40.01
C ALA J 347 -64.51 -18.30 -39.67
N GLU J 348 -64.07 -19.50 -40.02
CA GLU J 348 -64.89 -20.68 -39.82
C GLU J 348 -64.86 -21.20 -38.39
N GLU J 349 -63.89 -20.78 -37.59
CA GLU J 349 -63.79 -21.20 -36.20
C GLU J 349 -62.69 -20.41 -35.53
N VAL J 350 -62.91 -20.05 -34.27
CA VAL J 350 -61.89 -19.43 -33.44
C VAL J 350 -61.89 -20.15 -32.10
N VAL J 351 -60.74 -20.73 -31.73
CA VAL J 351 -60.64 -21.55 -30.53
C VAL J 351 -59.45 -21.08 -29.71
N GLN J 352 -59.38 -21.56 -28.48
CA GLN J 352 -58.23 -21.37 -27.61
C GLN J 352 -57.74 -22.75 -27.22
N GLU J 353 -56.71 -23.23 -27.91
CA GLU J 353 -56.20 -24.57 -27.67
C GLU J 353 -55.09 -24.55 -26.62
N ARG J 354 -54.82 -25.72 -26.06
CA ARG J 354 -53.80 -25.89 -25.05
C ARG J 354 -52.58 -26.55 -25.66
N ILE J 355 -51.42 -25.94 -25.51
CA ILE J 355 -50.17 -26.42 -26.09
C ILE J 355 -49.15 -26.47 -24.96
N CYS J 356 -49.02 -27.64 -24.32
CA CYS J 356 -47.99 -27.89 -23.32
C CYS J 356 -48.08 -26.90 -22.16
N ASP J 357 -49.18 -27.01 -21.43
CA ASP J 357 -49.45 -26.24 -20.21
C ASP J 357 -49.72 -24.76 -20.48
N ASP J 358 -49.71 -24.33 -21.74
CA ASP J 358 -50.03 -22.97 -22.10
C ASP J 358 -51.15 -22.97 -23.13
N GLU J 359 -51.67 -21.78 -23.44
CA GLU J 359 -52.79 -21.66 -24.35
C GLU J 359 -52.53 -20.55 -25.37
N LEU J 360 -53.07 -20.76 -26.57
CA LEU J 360 -52.96 -19.80 -27.65
C LEU J 360 -54.23 -19.89 -28.49
N ILE J 361 -54.51 -18.81 -29.21
CA ILE J 361 -55.76 -18.65 -29.94
C ILE J 361 -55.52 -19.00 -31.41
N LEU J 362 -56.35 -19.87 -31.95
CA LEU J 362 -56.27 -20.29 -33.34
C LEU J 362 -57.47 -19.75 -34.10
N ILE J 363 -57.22 -18.99 -35.15
CA ILE J 363 -58.26 -18.48 -36.03
C ILE J 363 -58.27 -19.40 -37.25
N LYS J 364 -59.15 -20.38 -37.25
CA LYS J 364 -59.13 -21.45 -38.24
C LYS J 364 -59.92 -21.07 -39.48
N ASN J 365 -59.29 -21.23 -40.64
CA ASN J 365 -59.96 -21.17 -41.94
C ASN J 365 -60.65 -19.81 -42.15
N THR J 366 -59.82 -18.78 -42.21
CA THR J 366 -60.32 -17.45 -42.50
C THR J 366 -60.84 -17.38 -43.93
N LYS J 367 -61.79 -16.47 -44.15
CA LYS J 367 -62.39 -16.31 -45.46
C LYS J 367 -61.83 -15.07 -46.16
N ALA J 368 -61.99 -15.04 -47.48
CA ALA J 368 -61.57 -13.96 -48.37
C ALA J 368 -60.07 -13.94 -48.61
N ARG J 369 -59.32 -14.76 -47.87
CA ARG J 369 -57.90 -14.97 -48.12
C ARG J 369 -57.43 -16.10 -47.23
N THR J 370 -56.52 -16.93 -47.73
CA THR J 370 -55.97 -18.04 -46.97
C THR J 370 -54.66 -17.60 -46.35
N SER J 371 -54.51 -17.87 -45.05
CA SER J 371 -53.29 -17.58 -44.32
C SER J 371 -52.72 -18.89 -43.79
N ALA J 372 -51.56 -18.79 -43.13
CA ALA J 372 -50.91 -19.97 -42.60
C ALA J 372 -50.05 -19.60 -41.41
N SER J 373 -49.90 -20.55 -40.50
CA SER J 373 -49.00 -20.41 -39.37
C SER J 373 -48.48 -21.79 -39.00
N ILE J 374 -47.32 -21.82 -38.36
CA ILE J 374 -46.64 -23.06 -38.03
C ILE J 374 -46.36 -23.07 -36.53
N ILE J 375 -46.74 -24.15 -35.86
CA ILE J 375 -46.44 -24.34 -34.45
C ILE J 375 -45.38 -25.43 -34.36
N LEU J 376 -44.19 -25.06 -33.91
CA LEU J 376 -43.05 -25.98 -33.88
C LEU J 376 -42.96 -26.59 -32.49
N ARG J 377 -43.01 -27.92 -32.43
CA ARG J 377 -42.90 -28.66 -31.18
C ARG J 377 -41.52 -29.30 -31.12
N GLY J 378 -40.80 -29.01 -30.04
CA GLY J 378 -39.47 -29.59 -29.87
C GLY J 378 -39.28 -30.21 -28.51
N ALA J 379 -38.02 -30.36 -28.09
CA ALA J 379 -37.71 -30.93 -26.79
C ALA J 379 -37.40 -29.87 -25.74
N ASN J 380 -36.88 -28.72 -26.14
CA ASN J 380 -36.63 -27.61 -25.23
C ASN J 380 -36.56 -26.33 -26.05
N ASP J 381 -36.25 -25.22 -25.38
CA ASP J 381 -36.29 -23.92 -26.03
C ASP J 381 -35.22 -23.81 -27.12
N PHE J 382 -34.02 -24.30 -26.86
CA PHE J 382 -32.94 -24.18 -27.84
C PHE J 382 -33.28 -24.94 -29.11
N MET J 383 -33.82 -26.14 -28.96
CA MET J 383 -34.23 -26.92 -30.12
C MET J 383 -35.29 -26.19 -30.93
N CYS J 384 -36.27 -25.59 -30.26
CA CYS J 384 -37.32 -24.88 -30.98
C CYS J 384 -36.76 -23.66 -31.70
N ASP J 385 -35.82 -22.94 -31.07
CA ASP J 385 -35.23 -21.78 -31.73
C ASP J 385 -34.47 -22.19 -32.98
N GLU J 386 -33.66 -23.26 -32.89
CA GLU J 386 -32.93 -23.71 -34.06
C GLU J 386 -33.88 -24.22 -35.14
N MET J 387 -34.96 -24.88 -34.73
CA MET J 387 -35.96 -25.32 -35.70
C MET J 387 -36.58 -24.14 -36.41
N GLU J 388 -36.86 -23.06 -35.68
CA GLU J 388 -37.42 -21.86 -36.29
C GLU J 388 -36.45 -21.25 -37.29
N ARG J 389 -35.17 -21.18 -36.94
CA ARG J 389 -34.18 -20.61 -37.87
C ARG J 389 -34.09 -21.44 -39.15
N SER J 390 -34.03 -22.76 -39.00
CA SER J 390 -33.95 -23.64 -40.16
C SER J 390 -35.21 -23.52 -41.02
N LEU J 391 -36.38 -23.44 -40.36
CA LEU J 391 -37.63 -23.31 -41.07
C LEU J 391 -37.68 -22.01 -41.85
N HIS J 392 -37.16 -20.93 -41.27
CA HIS J 392 -37.08 -19.66 -42.00
C HIS J 392 -36.19 -19.77 -43.21
N ASP J 393 -35.05 -20.46 -43.07
CA ASP J 393 -34.18 -20.68 -44.22
C ASP J 393 -34.92 -21.41 -45.33
N ALA J 394 -35.67 -22.46 -44.96
CA ALA J 394 -36.41 -23.22 -45.97
C ALA J 394 -37.48 -22.37 -46.63
N LEU J 395 -38.19 -21.56 -45.85
CA LEU J 395 -39.22 -20.71 -46.41
C LEU J 395 -38.63 -19.71 -47.40
N CYS J 396 -37.49 -19.11 -47.04
CA CYS J 396 -36.83 -18.18 -47.96
C CYS J 396 -36.40 -18.86 -49.23
N VAL J 397 -35.86 -20.09 -49.11
CA VAL J 397 -35.43 -20.81 -50.31
C VAL J 397 -36.61 -21.09 -51.22
N VAL J 398 -37.74 -21.54 -50.65
CA VAL J 398 -38.91 -21.83 -51.46
C VAL J 398 -39.42 -20.55 -52.12
N LYS J 399 -39.38 -19.43 -51.40
CA LYS J 399 -39.81 -18.16 -51.98
C LYS J 399 -38.95 -17.79 -53.17
N ARG J 400 -37.63 -17.93 -53.02
CA ARG J 400 -36.73 -17.61 -54.14
C ARG J 400 -37.00 -18.52 -55.33
N VAL J 401 -37.20 -19.80 -55.08
CA VAL J 401 -37.44 -20.73 -56.18
C VAL J 401 -38.74 -20.41 -56.89
N LEU J 402 -39.79 -20.07 -56.14
CA LEU J 402 -41.07 -19.78 -56.77
C LEU J 402 -41.05 -18.46 -57.51
N GLU J 403 -40.31 -17.47 -57.01
CA GLU J 403 -40.27 -16.17 -57.67
C GLU J 403 -39.48 -16.25 -58.97
N SER J 404 -38.20 -16.61 -58.89
CA SER J 404 -37.38 -16.87 -60.06
C SER J 404 -37.36 -18.37 -60.30
N LYS J 405 -37.81 -18.80 -61.47
CA LYS J 405 -38.06 -20.21 -61.75
C LYS J 405 -36.82 -20.95 -62.21
N SER J 406 -35.63 -20.51 -61.81
CA SER J 406 -34.38 -21.15 -62.16
C SER J 406 -33.72 -21.71 -60.91
N VAL J 407 -33.26 -22.95 -61.00
CA VAL J 407 -32.50 -23.58 -59.92
C VAL J 407 -31.21 -24.15 -60.51
N VAL J 408 -30.22 -24.35 -59.65
CA VAL J 408 -28.93 -24.86 -60.07
C VAL J 408 -28.59 -26.10 -59.26
N PRO J 409 -27.87 -27.07 -59.82
CA PRO J 409 -27.52 -28.26 -59.04
C PRO J 409 -26.66 -27.91 -57.85
N GLY J 410 -26.89 -28.61 -56.73
CA GLY J 410 -26.14 -28.38 -55.51
C GLY J 410 -24.98 -29.35 -55.38
N GLY J 411 -24.45 -29.41 -54.16
CA GLY J 411 -23.38 -30.33 -53.86
C GLY J 411 -22.07 -30.04 -54.57
N GLY J 412 -21.75 -28.76 -54.76
CA GLY J 412 -20.49 -28.37 -55.33
C GLY J 412 -20.39 -28.48 -56.84
N ALA J 413 -21.47 -28.83 -57.54
CA ALA J 413 -21.41 -28.94 -58.99
C ALA J 413 -21.13 -27.59 -59.63
N VAL J 414 -21.81 -26.54 -59.18
CA VAL J 414 -21.66 -25.24 -59.79
C VAL J 414 -20.24 -24.73 -59.62
N GLU J 415 -19.67 -24.88 -58.42
CA GLU J 415 -18.30 -24.42 -58.20
C GLU J 415 -17.30 -25.16 -59.08
N ALA J 416 -17.47 -26.48 -59.23
CA ALA J 416 -16.54 -27.23 -60.06
C ALA J 416 -16.64 -26.81 -61.52
N ALA J 417 -17.87 -26.68 -62.03
CA ALA J 417 -18.05 -26.26 -63.41
C ALA J 417 -17.48 -24.87 -63.64
N LEU J 418 -17.73 -23.96 -62.70
CA LEU J 418 -17.22 -22.60 -62.82
C LEU J 418 -15.70 -22.58 -62.78
N SER J 419 -15.10 -23.40 -61.91
CA SER J 419 -13.64 -23.44 -61.82
C SER J 419 -13.04 -23.91 -63.13
N ILE J 420 -13.60 -24.97 -63.71
CA ILE J 420 -13.09 -25.47 -64.98
C ILE J 420 -13.23 -24.41 -66.06
N TYR J 421 -14.43 -23.81 -66.15
CA TYR J 421 -14.68 -22.83 -67.21
C TYR J 421 -13.77 -21.61 -67.07
N LEU J 422 -13.59 -21.11 -65.85
CA LEU J 422 -12.78 -19.93 -65.66
C LEU J 422 -11.31 -20.22 -65.87
N GLU J 423 -10.85 -21.41 -65.47
CA GLU J 423 -9.47 -21.79 -65.73
C GLU J 423 -9.21 -21.85 -67.23
N ASN J 424 -10.16 -22.39 -68.00
CA ASN J 424 -10.01 -22.38 -69.45
C ASN J 424 -10.05 -20.96 -70.01
N TYR J 425 -10.97 -20.14 -69.50
CA TYR J 425 -11.24 -18.82 -70.08
C TYR J 425 -10.15 -17.81 -69.76
N ALA J 426 -9.43 -17.98 -68.65
CA ALA J 426 -8.42 -17.02 -68.26
C ALA J 426 -7.29 -16.91 -69.29
N THR J 427 -7.04 -17.96 -70.06
CA THR J 427 -5.95 -17.95 -71.03
C THR J 427 -6.20 -16.98 -72.17
N SER J 428 -7.41 -16.45 -72.32
CA SER J 428 -7.75 -15.54 -73.40
C SER J 428 -7.91 -14.11 -72.94
N MET J 429 -7.41 -13.77 -71.75
CA MET J 429 -7.61 -12.44 -71.18
C MET J 429 -6.33 -11.98 -70.49
N GLY J 430 -5.77 -10.87 -70.96
CA GLY J 430 -4.69 -10.17 -70.29
C GLY J 430 -3.42 -10.98 -70.13
N SER J 431 -2.58 -10.51 -69.21
CA SER J 431 -1.31 -11.16 -68.92
C SER J 431 -1.14 -11.41 -67.42
N ARG J 432 -1.71 -10.55 -66.60
CA ARG J 432 -1.74 -10.72 -65.14
C ARG J 432 -3.14 -10.89 -64.60
N GLU J 433 -4.12 -10.21 -65.19
CA GLU J 433 -5.51 -10.55 -64.92
C GLU J 433 -5.78 -12.00 -65.29
N GLN J 434 -4.99 -12.57 -66.18
CA GLN J 434 -5.01 -14.02 -66.40
C GLN J 434 -4.76 -14.76 -65.09
N LEU J 435 -3.70 -14.40 -64.39
CA LEU J 435 -3.40 -15.04 -63.11
C LEU J 435 -4.50 -14.76 -62.10
N ALA J 436 -5.04 -13.55 -62.10
CA ALA J 436 -6.10 -13.23 -61.16
C ALA J 436 -7.34 -14.08 -61.40
N ILE J 437 -7.72 -14.27 -62.66
CA ILE J 437 -8.88 -15.10 -62.97
C ILE J 437 -8.61 -16.57 -62.64
N ALA J 438 -7.38 -17.03 -62.88
CA ALA J 438 -7.04 -18.39 -62.50
C ALA J 438 -7.16 -18.59 -61.01
N GLU J 439 -6.71 -17.61 -60.22
CA GLU J 439 -6.81 -17.74 -58.78
C GLU J 439 -8.26 -17.62 -58.30
N PHE J 440 -9.08 -16.83 -58.98
CA PHE J 440 -10.51 -16.82 -58.68
C PHE J 440 -11.11 -18.20 -58.89
N ALA J 441 -10.76 -18.83 -60.02
CA ALA J 441 -11.26 -20.17 -60.30
C ALA J 441 -10.81 -21.15 -59.23
N ARG J 442 -9.55 -21.08 -58.83
CA ARG J 442 -9.06 -21.98 -57.79
C ARG J 442 -9.75 -21.74 -56.46
N SER J 443 -10.00 -20.46 -56.12
CA SER J 443 -10.67 -20.14 -54.88
C SER J 443 -12.10 -20.65 -54.86
N LEU J 444 -12.73 -20.73 -56.03
CA LEU J 444 -14.12 -21.20 -56.07
C LEU J 444 -14.25 -22.65 -55.61
N LEU J 445 -13.15 -23.39 -55.53
CA LEU J 445 -13.19 -24.81 -55.20
C LEU J 445 -13.20 -25.08 -53.70
N VAL J 446 -13.22 -24.03 -52.87
CA VAL J 446 -13.18 -24.25 -51.42
C VAL J 446 -14.47 -24.90 -50.94
N ILE J 447 -15.59 -24.65 -51.60
CA ILE J 447 -16.87 -25.22 -51.15
C ILE J 447 -16.88 -26.73 -51.24
N PRO J 448 -16.62 -27.37 -52.39
CA PRO J 448 -16.58 -28.84 -52.39
C PRO J 448 -15.50 -29.42 -51.50
N ASN J 449 -14.37 -28.74 -51.36
CA ASN J 449 -13.33 -29.22 -50.46
C ASN J 449 -13.83 -29.26 -49.02
N THR J 450 -14.51 -28.21 -48.59
CA THR J 450 -15.06 -28.18 -47.24
C THR J 450 -16.14 -29.24 -47.07
N LEU J 451 -17.00 -29.41 -48.08
CA LEU J 451 -18.03 -30.44 -48.01
C LEU J 451 -17.41 -31.81 -47.82
N ALA J 452 -16.39 -32.12 -48.62
CA ALA J 452 -15.74 -33.43 -48.52
C ALA J 452 -15.03 -33.60 -47.18
N VAL J 453 -14.36 -32.55 -46.71
CA VAL J 453 -13.62 -32.64 -45.46
C VAL J 453 -14.56 -32.87 -44.29
N ASN J 454 -15.71 -32.20 -44.29
CA ASN J 454 -16.65 -32.34 -43.18
C ASN J 454 -17.15 -33.78 -43.07
N ALA J 455 -17.12 -34.55 -44.16
CA ALA J 455 -17.55 -35.93 -44.14
C ALA J 455 -16.40 -36.90 -43.87
N ALA J 456 -15.21 -36.38 -43.59
CA ALA J 456 -14.01 -37.20 -43.39
C ALA J 456 -13.76 -38.12 -44.59
N GLN J 457 -13.99 -37.58 -45.78
CA GLN J 457 -13.75 -38.31 -47.02
C GLN J 457 -12.43 -37.85 -47.64
N ASP J 458 -12.02 -38.59 -48.68
CA ASP J 458 -10.82 -38.22 -49.42
C ASP J 458 -11.12 -36.99 -50.27
N SER J 459 -10.85 -35.81 -49.73
CA SER J 459 -11.22 -34.58 -50.41
C SER J 459 -10.45 -34.42 -51.72
N THR J 460 -9.16 -34.74 -51.71
CA THR J 460 -8.35 -34.52 -52.91
C THR J 460 -8.85 -35.35 -54.07
N ASP J 461 -9.00 -36.66 -53.86
CA ASP J 461 -9.43 -37.54 -54.96
C ASP J 461 -10.86 -37.25 -55.38
N LEU J 462 -11.75 -36.97 -54.42
CA LEU J 462 -13.13 -36.70 -54.78
C LEU J 462 -13.26 -35.43 -55.59
N VAL J 463 -12.55 -34.37 -55.19
CA VAL J 463 -12.59 -33.13 -55.95
C VAL J 463 -11.92 -33.31 -57.31
N ALA J 464 -10.86 -34.12 -57.37
CA ALA J 464 -10.22 -34.39 -58.65
C ALA J 464 -11.18 -35.10 -59.60
N LYS J 465 -11.93 -36.09 -59.10
CA LYS J 465 -12.90 -36.78 -59.92
C LYS J 465 -14.00 -35.83 -60.39
N LEU J 466 -14.47 -34.95 -59.49
CA LEU J 466 -15.47 -33.96 -59.88
C LEU J 466 -14.93 -33.07 -60.99
N ARG J 467 -13.68 -32.60 -60.85
CA ARG J 467 -13.10 -31.74 -61.87
C ARG J 467 -12.94 -32.47 -63.18
N ALA J 468 -12.55 -33.75 -63.14
CA ALA J 468 -12.45 -34.53 -64.37
C ALA J 468 -13.80 -34.67 -65.06
N PHE J 469 -14.85 -34.94 -64.28
CA PHE J 469 -16.19 -35.06 -64.86
C PHE J 469 -16.60 -33.75 -65.52
N HIS J 470 -16.38 -32.63 -64.84
CA HIS J 470 -16.81 -31.35 -65.40
C HIS J 470 -15.95 -30.94 -66.59
N ASN J 471 -14.67 -31.30 -66.58
CA ASN J 471 -13.82 -31.03 -67.73
C ASN J 471 -14.31 -31.82 -68.94
N GLU J 472 -14.66 -33.09 -68.73
CA GLU J 472 -15.22 -33.88 -69.84
C GLU J 472 -16.53 -33.28 -70.33
N ALA J 473 -17.36 -32.80 -69.40
CA ALA J 473 -18.62 -32.17 -69.81
C ALA J 473 -18.37 -30.93 -70.66
N GLN J 474 -17.38 -30.11 -70.28
CA GLN J 474 -17.13 -28.87 -70.99
C GLN J 474 -16.31 -29.06 -72.26
N VAL J 475 -15.66 -30.21 -72.43
CA VAL J 475 -14.86 -30.46 -73.62
C VAL J 475 -15.65 -31.22 -74.68
N ASN J 476 -16.27 -32.33 -74.28
CA ASN J 476 -17.07 -33.12 -75.22
C ASN J 476 -18.45 -32.49 -75.36
N PRO J 477 -18.84 -32.03 -76.56
CA PRO J 477 -20.16 -31.42 -76.71
C PRO J 477 -21.31 -32.38 -76.46
N GLU J 478 -21.09 -33.68 -76.59
CA GLU J 478 -22.15 -34.66 -76.39
C GLU J 478 -22.18 -35.24 -74.98
N ARG J 479 -21.27 -34.81 -74.10
CA ARG J 479 -21.27 -35.23 -72.70
C ARG J 479 -21.72 -34.10 -71.78
N LYS J 480 -22.55 -33.19 -72.29
CA LYS J 480 -22.99 -32.05 -71.51
C LYS J 480 -23.90 -32.41 -70.35
N ASN J 481 -24.39 -33.65 -70.30
CA ASN J 481 -25.23 -34.07 -69.18
C ASN J 481 -24.45 -34.22 -67.88
N LEU J 482 -23.12 -34.15 -67.93
CA LEU J 482 -22.31 -34.28 -66.74
C LEU J 482 -22.18 -32.98 -65.96
N LYS J 483 -22.81 -31.90 -66.43
CA LYS J 483 -22.79 -30.64 -65.67
C LYS J 483 -23.42 -30.80 -64.31
N TRP J 484 -24.35 -31.75 -64.16
CA TRP J 484 -25.08 -31.92 -62.91
C TRP J 484 -24.35 -32.78 -61.90
N ILE J 485 -23.18 -33.33 -62.26
CA ILE J 485 -22.48 -34.22 -61.34
C ILE J 485 -21.92 -33.40 -60.18
N GLY J 486 -22.43 -33.67 -58.99
CA GLY J 486 -21.96 -33.00 -57.79
C GLY J 486 -21.34 -33.98 -56.81
N LEU J 487 -21.56 -33.76 -55.52
CA LEU J 487 -21.01 -34.62 -54.49
C LEU J 487 -22.15 -35.29 -53.73
N ASP J 488 -22.05 -36.61 -53.56
CA ASP J 488 -22.97 -37.38 -52.72
C ASP J 488 -22.21 -37.72 -51.45
N LEU J 489 -22.43 -36.92 -50.40
CA LEU J 489 -21.59 -37.02 -49.20
C LEU J 489 -21.88 -38.29 -48.41
N SER J 490 -23.06 -38.90 -48.59
CA SER J 490 -23.38 -40.12 -47.86
C SER J 490 -22.45 -41.25 -48.25
N ASN J 491 -22.15 -41.38 -49.54
CA ASN J 491 -21.25 -42.42 -50.03
C ASN J 491 -19.86 -41.88 -50.39
N GLY J 492 -19.69 -40.57 -50.40
CA GLY J 492 -18.40 -40.00 -50.80
C GLY J 492 -18.05 -40.25 -52.24
N LYS J 493 -19.03 -40.14 -53.14
CA LYS J 493 -18.82 -40.38 -54.56
C LYS J 493 -19.52 -39.31 -55.37
N PRO J 494 -19.01 -38.98 -56.56
CA PRO J 494 -19.73 -38.06 -57.42
C PRO J 494 -21.08 -38.63 -57.84
N ARG J 495 -22.04 -37.74 -58.03
CA ARG J 495 -23.40 -38.18 -58.32
C ARG J 495 -24.12 -37.07 -59.08
N ASP J 496 -25.02 -37.47 -59.98
CA ASP J 496 -25.83 -36.51 -60.72
C ASP J 496 -26.82 -35.87 -59.75
N ASN J 497 -26.49 -34.67 -59.27
CA ASN J 497 -27.30 -34.04 -58.24
C ASN J 497 -28.64 -33.59 -58.79
N LYS J 498 -28.71 -33.21 -60.06
CA LYS J 498 -30.00 -32.88 -60.65
C LYS J 498 -30.93 -34.09 -60.66
N GLN J 499 -30.39 -35.26 -60.98
CA GLN J 499 -31.17 -36.49 -60.86
C GLN J 499 -31.51 -36.78 -59.41
N ALA J 500 -30.55 -36.57 -58.50
CA ALA J 500 -30.77 -36.86 -57.08
C ALA J 500 -31.66 -35.84 -56.40
N GLY J 501 -31.98 -34.74 -57.06
CA GLY J 501 -32.85 -33.74 -56.46
C GLY J 501 -32.19 -32.79 -55.49
N VAL J 502 -30.89 -32.54 -55.66
CA VAL J 502 -30.18 -31.57 -54.83
C VAL J 502 -30.17 -30.26 -55.63
N PHE J 503 -31.22 -29.47 -55.43
CA PHE J 503 -31.39 -28.20 -56.11
C PHE J 503 -31.25 -27.05 -55.12
N GLU J 504 -31.15 -25.85 -55.68
CA GLU J 504 -31.11 -24.63 -54.89
C GLU J 504 -31.26 -23.44 -55.83
N PRO J 505 -31.76 -22.31 -55.36
CA PRO J 505 -32.03 -21.18 -56.26
C PRO J 505 -30.74 -20.65 -56.89
N THR J 506 -30.88 -20.18 -58.14
CA THR J 506 -29.75 -19.55 -58.82
C THR J 506 -29.36 -18.25 -58.13
N ILE J 507 -30.34 -17.53 -57.58
CA ILE J 507 -30.07 -16.24 -56.97
C ILE J 507 -29.10 -16.39 -55.81
N VAL J 508 -29.11 -17.53 -55.13
CA VAL J 508 -28.19 -17.74 -54.03
C VAL J 508 -26.75 -17.68 -54.52
N LYS J 509 -26.43 -18.45 -55.56
CA LYS J 509 -25.08 -18.43 -56.09
C LYS J 509 -24.72 -17.09 -56.69
N VAL J 510 -25.62 -16.49 -57.46
CA VAL J 510 -25.30 -15.22 -58.11
C VAL J 510 -25.01 -14.14 -57.07
N LYS J 511 -25.90 -13.99 -56.09
CA LYS J 511 -25.71 -12.95 -55.08
C LYS J 511 -24.51 -13.26 -54.20
N SER J 512 -24.29 -14.52 -53.85
CA SER J 512 -23.13 -14.85 -53.03
C SER J 512 -21.84 -14.52 -53.76
N LEU J 513 -21.75 -14.85 -55.05
CA LEU J 513 -20.56 -14.53 -55.82
C LEU J 513 -20.34 -13.03 -55.88
N LYS J 514 -21.40 -12.27 -56.17
CA LYS J 514 -21.26 -10.82 -56.27
C LYS J 514 -20.80 -10.22 -54.94
N PHE J 515 -21.44 -10.63 -53.85
CA PHE J 515 -21.13 -10.07 -52.54
C PHE J 515 -19.72 -10.45 -52.10
N ALA J 516 -19.31 -11.69 -52.35
CA ALA J 516 -17.97 -12.12 -51.97
C ALA J 516 -16.92 -11.36 -52.77
N THR J 517 -17.18 -11.15 -54.07
CA THR J 517 -16.24 -10.37 -54.87
C THR J 517 -16.14 -8.95 -54.36
N GLU J 518 -17.28 -8.35 -54.00
CA GLU J 518 -17.25 -7.00 -53.43
C GLU J 518 -16.42 -6.94 -52.15
N ALA J 519 -16.64 -7.89 -51.24
CA ALA J 519 -15.91 -7.88 -49.98
C ALA J 519 -14.43 -8.08 -50.19
N ALA J 520 -14.05 -9.02 -51.06
CA ALA J 520 -12.64 -9.27 -51.32
C ALA J 520 -11.98 -8.07 -51.97
N ILE J 521 -12.68 -7.41 -52.89
CA ILE J 521 -12.12 -6.21 -53.51
C ILE J 521 -11.95 -5.11 -52.47
N THR J 522 -12.95 -4.94 -51.60
CA THR J 522 -12.88 -3.89 -50.59
C THR J 522 -11.69 -4.09 -49.66
N ILE J 523 -11.52 -5.32 -49.16
CA ILE J 523 -10.42 -5.55 -48.23
C ILE J 523 -9.08 -5.51 -48.94
N LEU J 524 -9.00 -6.09 -50.14
CA LEU J 524 -7.74 -6.14 -50.87
C LEU J 524 -7.22 -4.76 -51.23
N ARG J 525 -8.09 -3.76 -51.25
CA ARG J 525 -7.66 -2.40 -51.59
C ARG J 525 -6.81 -1.77 -50.51
N ILE J 526 -6.93 -2.22 -49.27
CA ILE J 526 -6.22 -1.62 -48.15
C ILE J 526 -4.76 -2.03 -48.18
N ASP J 527 -3.87 -1.06 -47.96
CA ASP J 527 -2.45 -1.38 -47.79
C ASP J 527 -1.82 -0.62 -46.63
N ASP J 528 -2.61 0.06 -45.81
CA ASP J 528 -2.08 0.84 -44.70
C ASP J 528 -3.18 1.00 -43.67
N LEU J 529 -2.81 0.94 -42.40
CA LEU J 529 -3.77 1.06 -41.31
C LEU J 529 -3.24 2.03 -40.27
N ILE J 530 -4.08 2.98 -39.87
CA ILE J 530 -3.78 3.89 -38.77
C ILE J 530 -4.84 3.67 -37.70
N LYS J 531 -4.38 3.35 -36.49
CA LYS J 531 -5.28 3.03 -35.38
C LYS J 531 -5.00 4.02 -34.25
N LEU J 532 -5.83 5.04 -34.14
CA LEU J 532 -5.64 6.06 -33.12
C LEU J 532 -5.97 5.52 -31.74
N HIS J 533 -5.20 5.93 -30.75
CA HIS J 533 -5.44 5.50 -29.38
C HIS J 533 -6.72 6.13 -28.87
N PRO J 534 -7.61 5.36 -28.24
CA PRO J 534 -8.90 5.86 -27.74
C PRO J 534 -8.74 6.78 -26.54
N ALA K 1 14.76 43.48 10.45
CA ALA K 1 14.54 42.12 9.98
C ALA K 1 13.37 42.07 9.01
N SER K 2 13.28 40.97 8.25
CA SER K 2 12.27 40.81 7.22
C SER K 2 11.22 39.80 7.66
N LEU K 3 10.08 39.83 6.98
CA LEU K 3 8.99 38.90 7.30
C LEU K 3 9.43 37.46 7.08
N SER K 4 10.10 37.18 5.96
CA SER K 4 10.51 35.81 5.67
C SER K 4 11.69 35.39 6.53
N LEU K 5 12.67 36.26 6.71
CA LEU K 5 13.86 35.93 7.51
C LEU K 5 13.68 36.38 8.95
N ALA K 6 12.61 35.91 9.57
CA ALA K 6 12.39 36.17 10.98
C ALA K 6 12.24 34.86 11.73
N PRO K 7 12.72 34.78 12.97
CA PRO K 7 12.60 33.52 13.73
C PRO K 7 11.17 33.05 13.88
N VAL K 8 10.22 33.97 14.00
CA VAL K 8 8.80 33.64 13.97
C VAL K 8 8.30 33.84 12.54
N ASN K 9 7.36 33.00 12.13
CA ASN K 9 6.85 33.00 10.77
C ASN K 9 5.52 33.74 10.70
N ILE K 10 5.47 34.79 9.90
CA ILE K 10 4.24 35.54 9.74
C ILE K 10 3.77 35.40 8.30
N PHE K 11 3.05 34.31 8.02
CA PHE K 11 2.48 34.01 6.70
C PHE K 11 1.65 32.74 6.79
N LYS K 12 0.67 32.60 5.90
CA LYS K 12 0.01 31.32 5.76
C LYS K 12 0.87 30.39 4.91
N ALA K 13 0.58 29.10 4.98
CA ALA K 13 1.33 28.14 4.19
C ALA K 13 1.14 28.42 2.72
N GLY K 14 2.25 28.47 1.99
CA GLY K 14 2.23 28.76 0.57
C GLY K 14 2.33 30.22 0.21
N ALA K 15 2.30 31.13 1.19
CA ALA K 15 2.43 32.55 0.96
C ALA K 15 3.87 32.96 1.25
N ASP K 16 4.45 33.73 0.34
CA ASP K 16 5.85 34.13 0.45
C ASP K 16 5.98 35.60 0.11
N GLU K 17 7.20 36.12 0.19
CA GLU K 17 7.48 37.49 -0.16
C GLU K 17 8.92 37.59 -0.64
N GLU K 18 9.20 38.65 -1.40
CA GLU K 18 10.51 38.86 -2.01
C GLU K 18 10.95 40.29 -1.72
N ARG K 19 12.10 40.43 -1.07
CA ARG K 19 12.57 41.75 -0.65
C ARG K 19 13.21 42.47 -1.83
N ALA K 20 13.94 43.55 -1.53
CA ALA K 20 14.34 44.51 -2.56
C ALA K 20 15.07 43.86 -3.72
N GLU K 21 16.25 43.29 -3.44
CA GLU K 21 17.05 42.74 -4.53
C GLU K 21 16.32 41.60 -5.25
N THR K 22 15.68 40.72 -4.49
CA THR K 22 15.01 39.58 -5.11
C THR K 22 13.80 40.03 -5.93
N ALA K 23 13.01 40.96 -5.40
CA ALA K 23 11.86 41.45 -6.15
C ALA K 23 12.29 42.15 -7.43
N ARG K 24 13.33 42.98 -7.34
CA ARG K 24 13.83 43.65 -8.54
C ARG K 24 14.36 42.64 -9.54
N LEU K 25 15.05 41.61 -9.06
CA LEU K 25 15.57 40.59 -9.96
C LEU K 25 14.43 39.88 -10.69
N THR K 26 13.40 39.48 -9.96
CA THR K 26 12.29 38.78 -10.60
C THR K 26 11.56 39.68 -11.60
N SER K 27 11.31 40.93 -11.21
CA SER K 27 10.62 41.85 -12.12
C SER K 27 11.41 42.08 -13.38
N PHE K 28 12.71 42.34 -13.25
CA PHE K 28 13.54 42.57 -14.42
C PHE K 28 13.62 41.33 -15.29
N ILE K 29 13.73 40.16 -14.68
CA ILE K 29 13.82 38.92 -15.45
C ILE K 29 12.54 38.72 -16.25
N GLY K 30 11.37 38.92 -15.62
CA GLY K 30 10.12 38.76 -16.33
C GLY K 30 9.97 39.75 -17.46
N ALA K 31 10.29 41.02 -17.21
CA ALA K 31 10.16 42.02 -18.26
C ALA K 31 11.09 41.75 -19.42
N ILE K 32 12.34 41.37 -19.12
CA ILE K 32 13.30 41.09 -20.18
C ILE K 32 12.85 39.88 -20.99
N ALA K 33 12.30 38.86 -20.32
CA ALA K 33 11.81 37.69 -21.04
C ALA K 33 10.66 38.06 -21.97
N ILE K 34 9.74 38.91 -21.49
CA ILE K 34 8.63 39.33 -22.34
C ILE K 34 9.14 40.11 -23.55
N GLY K 35 10.07 41.02 -23.32
CA GLY K 35 10.61 41.80 -24.43
C GLY K 35 11.35 40.96 -25.44
N ASP K 36 12.14 39.99 -24.96
CA ASP K 36 12.86 39.11 -25.87
C ASP K 36 11.89 38.23 -26.66
N LEU K 37 10.81 37.78 -26.03
CA LEU K 37 9.84 36.97 -26.74
C LEU K 37 9.15 37.77 -27.83
N VAL K 38 8.64 38.95 -27.49
CA VAL K 38 7.81 39.68 -28.44
C VAL K 38 8.65 40.24 -29.58
N LYS K 39 9.89 40.63 -29.31
CA LYS K 39 10.75 41.13 -30.37
C LYS K 39 11.12 39.99 -31.32
N SER K 40 11.87 40.33 -32.37
CA SER K 40 12.16 39.45 -33.50
C SER K 40 10.92 39.27 -34.35
N THR K 41 9.80 39.81 -33.89
CA THR K 41 8.58 39.95 -34.68
C THR K 41 8.31 41.42 -34.98
N LEU K 42 9.37 42.20 -35.09
CA LEU K 42 9.30 43.64 -35.18
C LEU K 42 9.90 44.10 -36.50
N GLY K 43 9.24 45.06 -37.14
CA GLY K 43 9.77 45.65 -38.34
C GLY K 43 9.37 44.90 -39.59
N PRO K 44 9.80 45.41 -40.75
CA PRO K 44 9.43 44.77 -42.02
C PRO K 44 9.91 43.34 -42.14
N LYS K 45 11.06 43.01 -41.58
CA LYS K 45 11.66 41.69 -41.72
C LYS K 45 11.44 40.80 -40.51
N GLY K 46 10.42 41.09 -39.71
CA GLY K 46 10.13 40.24 -38.57
C GLY K 46 9.48 38.94 -38.99
N MET K 47 9.56 37.96 -38.08
CA MET K 47 8.99 36.63 -38.30
C MET K 47 7.75 36.45 -37.43
N ASP K 48 7.02 35.38 -37.71
CA ASP K 48 5.80 35.06 -36.98
C ASP K 48 6.04 33.95 -35.98
N LYS K 49 5.12 33.82 -35.04
CA LYS K 49 5.17 32.81 -34.00
C LYS K 49 4.05 31.80 -34.19
N ILE K 50 4.16 30.68 -33.47
CA ILE K 50 3.14 29.65 -33.45
C ILE K 50 2.65 29.52 -32.03
N LEU K 51 1.36 29.69 -31.82
CA LEU K 51 0.76 29.60 -30.48
C LEU K 51 -0.02 28.29 -30.43
N LEU K 52 0.67 27.22 -30.04
CA LEU K 52 0.07 25.89 -29.98
C LEU K 52 -0.57 25.72 -28.60
N SER K 53 -1.89 25.84 -28.55
CA SER K 53 -2.60 25.72 -27.29
C SER K 53 -2.48 24.30 -26.75
N SER K 54 -2.24 24.19 -25.44
CA SER K 54 -2.15 22.91 -24.77
C SER K 54 -3.47 22.45 -24.16
N GLY K 55 -4.55 23.21 -24.38
CA GLY K 55 -5.83 22.89 -23.80
C GLY K 55 -6.55 21.77 -24.55
N ARG K 56 -7.81 21.58 -24.16
CA ARG K 56 -8.62 20.54 -24.80
C ARG K 56 -8.82 20.84 -26.29
N ASP K 57 -9.05 22.10 -26.64
CA ASP K 57 -9.25 22.45 -28.03
C ASP K 57 -7.98 22.30 -28.85
N ALA K 58 -6.82 22.55 -28.23
CA ALA K 58 -5.53 22.51 -28.91
C ALA K 58 -5.53 23.41 -30.14
N SER K 59 -6.03 24.62 -29.97
CA SER K 59 -6.12 25.57 -31.07
C SER K 59 -4.73 25.97 -31.56
N LEU K 60 -4.59 26.07 -32.87
CA LEU K 60 -3.34 26.44 -33.51
C LEU K 60 -3.46 27.86 -34.06
N MET K 61 -2.48 28.70 -33.77
CA MET K 61 -2.54 30.10 -34.13
C MET K 61 -1.17 30.56 -34.58
N VAL K 62 -1.12 31.23 -35.73
CA VAL K 62 0.12 31.80 -36.27
C VAL K 62 -0.10 33.30 -36.40
N THR K 63 0.77 34.08 -35.77
CA THR K 63 0.55 35.51 -35.71
C THR K 63 1.86 36.27 -35.60
N ASN K 64 1.83 37.49 -36.13
CA ASN K 64 2.88 38.49 -35.94
C ASN K 64 2.48 39.58 -34.97
N ASP K 65 1.22 39.57 -34.51
CA ASP K 65 0.71 40.60 -33.63
C ASP K 65 1.23 40.41 -32.22
N GLY K 66 1.85 41.44 -31.65
CA GLY K 66 2.40 41.32 -30.32
C GLY K 66 1.32 41.16 -29.25
N ALA K 67 0.22 41.88 -29.40
CA ALA K 67 -0.84 41.81 -28.40
C ALA K 67 -1.44 40.41 -28.32
N THR K 68 -1.70 39.78 -29.47
CA THR K 68 -2.25 38.44 -29.46
C THR K 68 -1.25 37.42 -28.94
N ILE K 69 0.04 37.63 -29.23
CA ILE K 69 1.07 36.74 -28.68
C ILE K 69 1.08 36.82 -27.16
N LEU K 70 1.03 38.04 -26.62
CA LEU K 70 1.11 38.20 -25.18
C LEU K 70 -0.19 37.79 -24.49
N LYS K 71 -1.32 37.84 -25.19
CA LYS K 71 -2.58 37.46 -24.59
C LYS K 71 -2.63 35.97 -24.32
N ASN K 72 -2.28 35.15 -25.32
CA ASN K 72 -2.44 33.70 -25.22
C ASN K 72 -1.18 33.01 -24.75
N ILE K 73 -0.62 33.45 -23.63
CA ILE K 73 0.48 32.76 -22.97
C ILE K 73 0.20 32.72 -21.49
N GLY K 74 0.53 31.60 -20.86
CA GLY K 74 0.34 31.49 -19.43
C GLY K 74 1.42 32.23 -18.69
N VAL K 75 1.07 33.38 -18.13
CA VAL K 75 2.03 34.27 -17.49
C VAL K 75 1.81 34.21 -15.98
N ASP K 76 2.88 33.94 -15.24
CA ASP K 76 2.84 33.96 -13.79
C ASP K 76 3.72 35.04 -13.17
N ASN K 77 4.68 35.57 -13.91
CA ASN K 77 5.50 36.66 -13.39
C ASN K 77 4.68 37.93 -13.37
N PRO K 78 4.52 38.59 -12.21
CA PRO K 78 3.63 39.75 -12.14
C PRO K 78 4.06 40.91 -13.03
N ALA K 79 5.36 41.17 -13.16
CA ALA K 79 5.81 42.22 -14.06
C ALA K 79 5.46 41.88 -15.50
N ALA K 80 5.56 40.60 -15.86
CA ALA K 80 5.12 40.16 -17.17
C ALA K 80 3.63 40.41 -17.35
N LYS K 81 2.85 40.23 -16.29
CA LYS K 81 1.42 40.55 -16.35
C LYS K 81 1.21 42.03 -16.61
N VAL K 82 2.00 42.88 -15.96
CA VAL K 82 1.90 44.32 -16.19
C VAL K 82 2.17 44.64 -17.65
N LEU K 83 3.24 44.07 -18.21
CA LEU K 83 3.55 44.34 -19.60
C LEU K 83 2.48 43.81 -20.54
N VAL K 84 1.93 42.64 -20.24
CA VAL K 84 0.87 42.07 -21.08
C VAL K 84 -0.35 42.98 -21.08
N ASP K 85 -0.75 43.47 -19.91
CA ASP K 85 -1.89 44.37 -19.85
C ASP K 85 -1.59 45.68 -20.57
N MET K 86 -0.34 46.15 -20.49
CA MET K 86 0.03 47.34 -21.24
C MET K 86 -0.16 47.12 -22.74
N SER K 87 0.28 45.97 -23.23
CA SER K 87 0.11 45.67 -24.66
C SER K 87 -1.36 45.59 -25.03
N ARG K 88 -2.17 44.97 -24.18
CA ARG K 88 -3.60 44.88 -24.45
C ARG K 88 -4.26 46.25 -24.51
N VAL K 89 -3.90 47.13 -23.57
CA VAL K 89 -4.45 48.48 -23.58
C VAL K 89 -3.96 49.25 -24.80
N GLN K 90 -2.72 49.04 -25.20
CA GLN K 90 -2.21 49.63 -26.43
C GLN K 90 -3.05 49.21 -27.62
N ASP K 91 -3.37 47.92 -27.71
CA ASP K 91 -4.21 47.43 -28.80
C ASP K 91 -5.60 48.03 -28.74
N ASP K 92 -6.15 48.18 -27.53
CA ASP K 92 -7.49 48.76 -27.39
C ASP K 92 -7.51 50.22 -27.81
N GLU K 93 -6.46 50.97 -27.49
CA GLU K 93 -6.44 52.39 -27.79
C GLU K 93 -6.20 52.66 -29.27
N VAL K 94 -5.14 52.07 -29.83
CA VAL K 94 -4.85 52.14 -31.26
C VAL K 94 -4.53 50.74 -31.75
N GLY K 95 -4.59 50.56 -33.06
CA GLY K 95 -4.44 49.22 -33.60
C GLY K 95 -3.03 48.71 -33.72
N ASP K 96 -2.03 49.58 -33.61
CA ASP K 96 -0.64 49.22 -33.87
C ASP K 96 0.22 49.59 -32.67
N GLY K 97 1.50 49.26 -32.75
CA GLY K 97 2.45 49.64 -31.74
C GLY K 97 2.56 48.72 -30.55
N THR K 98 1.88 47.57 -30.58
CA THR K 98 1.92 46.66 -29.44
C THR K 98 3.33 46.11 -29.22
N THR K 99 3.93 45.57 -30.29
CA THR K 99 5.30 45.09 -30.17
C THR K 99 6.24 46.22 -29.82
N SER K 100 6.06 47.39 -30.44
CA SER K 100 6.94 48.51 -30.18
C SER K 100 6.89 48.92 -28.71
N VAL K 101 5.68 49.04 -28.15
CA VAL K 101 5.57 49.49 -26.77
C VAL K 101 6.13 48.43 -25.82
N THR K 102 5.88 47.15 -26.10
CA THR K 102 6.41 46.11 -25.23
C THR K 102 7.94 46.10 -25.25
N VAL K 103 8.53 46.21 -26.44
CA VAL K 103 9.98 46.18 -26.55
C VAL K 103 10.59 47.41 -25.89
N LEU K 104 9.96 48.57 -26.07
CA LEU K 104 10.48 49.78 -25.45
C LEU K 104 10.45 49.67 -23.93
N ALA K 105 9.35 49.15 -23.38
CA ALA K 105 9.28 48.97 -21.93
C ALA K 105 10.36 48.01 -21.44
N ALA K 106 10.56 46.91 -22.17
CA ALA K 106 11.59 45.94 -21.77
C ALA K 106 12.98 46.56 -21.81
N GLU K 107 13.28 47.32 -22.86
CA GLU K 107 14.60 47.95 -22.94
C GLU K 107 14.79 48.98 -21.85
N LEU K 108 13.74 49.74 -21.54
CA LEU K 108 13.83 50.70 -20.44
C LEU K 108 14.13 49.98 -19.13
N LEU K 109 13.46 48.86 -18.89
CA LEU K 109 13.71 48.14 -17.64
C LEU K 109 15.09 47.50 -17.61
N ARG K 110 15.61 47.07 -18.77
CA ARG K 110 16.98 46.59 -18.82
C ARG K 110 17.98 47.69 -18.46
N GLU K 111 17.77 48.88 -19.00
CA GLU K 111 18.63 50.01 -18.64
C GLU K 111 18.49 50.34 -17.17
N ALA K 112 17.27 50.23 -16.63
CA ALA K 112 17.07 50.45 -15.20
C ALA K 112 17.84 49.44 -14.37
N GLU K 113 17.86 48.18 -14.81
CA GLU K 113 18.66 47.17 -14.12
C GLU K 113 20.13 47.54 -14.11
N SER K 114 20.65 47.99 -15.26
CA SER K 114 22.05 48.41 -15.31
C SER K 114 22.30 49.58 -14.36
N LEU K 115 21.40 50.55 -14.34
CA LEU K 115 21.58 51.72 -13.48
C LEU K 115 21.54 51.35 -12.00
N ILE K 116 20.62 50.46 -11.63
CA ILE K 116 20.55 50.00 -10.25
C ILE K 116 21.83 49.27 -9.88
N ALA K 117 22.36 48.46 -10.79
CA ALA K 117 23.67 47.85 -10.56
C ALA K 117 24.75 48.91 -10.39
N LYS K 118 24.60 50.06 -11.03
CA LYS K 118 25.54 51.15 -10.88
C LYS K 118 25.29 51.99 -9.63
N LYS K 119 24.51 51.47 -8.68
CA LYS K 119 24.25 52.13 -7.40
C LYS K 119 23.60 53.50 -7.59
N ILE K 120 22.43 53.48 -8.21
CA ILE K 120 21.62 54.68 -8.41
C ILE K 120 20.24 54.41 -7.84
N HIS K 121 19.75 55.32 -7.02
CA HIS K 121 18.45 55.13 -6.40
C HIS K 121 17.37 55.11 -7.48
N PRO K 122 16.40 54.20 -7.39
CA PRO K 122 15.36 54.12 -8.44
C PRO K 122 14.55 55.39 -8.57
N GLN K 123 14.40 56.18 -7.51
CA GLN K 123 13.67 57.43 -7.64
C GLN K 123 14.42 58.42 -8.51
N THR K 124 15.75 58.41 -8.45
CA THR K 124 16.54 59.25 -9.36
C THR K 124 16.31 58.83 -10.81
N ILE K 125 16.29 57.51 -11.06
CA ILE K 125 16.00 57.02 -12.40
C ILE K 125 14.62 57.45 -12.85
N ILE K 126 13.64 57.39 -11.95
CA ILE K 126 12.28 57.75 -12.32
C ILE K 126 12.19 59.23 -12.65
N ALA K 127 12.84 60.09 -11.87
CA ALA K 127 12.82 61.51 -12.16
C ALA K 127 13.49 61.80 -13.51
N GLY K 128 14.65 61.19 -13.75
CA GLY K 128 15.31 61.37 -15.04
C GLY K 128 14.45 60.90 -16.19
N TRP K 129 13.76 59.78 -16.01
CA TRP K 129 12.90 59.26 -17.06
C TRP K 129 11.71 60.15 -17.30
N ARG K 130 11.16 60.77 -16.26
CA ARG K 130 10.07 61.71 -16.44
C ARG K 130 10.53 62.90 -17.27
N GLU K 131 11.71 63.44 -16.94
CA GLU K 131 12.22 64.56 -17.73
C GLU K 131 12.47 64.15 -19.17
N ALA K 132 13.06 62.97 -19.37
CA ALA K 132 13.35 62.50 -20.73
C ALA K 132 12.07 62.27 -21.51
N THR K 133 11.04 61.71 -20.85
CA THR K 133 9.77 61.48 -21.52
C THR K 133 9.15 62.79 -21.95
N LYS K 134 9.20 63.81 -21.09
CA LYS K 134 8.72 65.12 -21.49
C LYS K 134 9.47 65.62 -22.72
N ALA K 135 10.81 65.60 -22.66
CA ALA K 135 11.60 66.13 -23.76
C ALA K 135 11.28 65.42 -25.07
N ALA K 136 11.21 64.09 -25.04
CA ALA K 136 10.89 63.33 -26.23
C ALA K 136 9.47 63.63 -26.70
N ARG K 137 8.56 63.91 -25.78
CA ARG K 137 7.18 64.19 -26.16
C ARG K 137 7.10 65.49 -26.96
N GLU K 138 7.70 66.57 -26.46
CA GLU K 138 7.70 67.79 -27.28
C GLU K 138 8.49 67.62 -28.56
N ALA K 139 9.55 66.81 -28.54
CA ALA K 139 10.30 66.58 -29.77
C ALA K 139 9.41 65.94 -30.84
N LEU K 140 8.71 64.88 -30.47
CA LEU K 140 7.83 64.21 -31.42
C LEU K 140 6.69 65.11 -31.85
N LEU K 141 6.11 65.86 -30.91
CA LEU K 141 5.00 66.75 -31.25
C LEU K 141 5.43 67.81 -32.25
N SER K 142 6.61 68.40 -32.05
CA SER K 142 7.12 69.36 -33.02
C SER K 142 7.51 68.70 -34.34
N SER K 143 7.81 67.40 -34.32
CA SER K 143 8.13 66.70 -35.55
C SER K 143 6.92 66.45 -36.43
N ALA K 144 5.72 66.47 -35.88
CA ALA K 144 4.54 66.03 -36.61
C ALA K 144 4.24 66.97 -37.78
N VAL K 145 3.70 66.39 -38.85
CA VAL K 145 3.27 67.13 -40.02
C VAL K 145 1.84 66.72 -40.34
N ASP K 146 1.00 67.69 -40.67
CA ASP K 146 -0.41 67.48 -40.93
C ASP K 146 -0.72 67.75 -42.39
N HIS K 147 -1.52 66.87 -42.99
CA HIS K 147 -1.87 66.97 -44.41
C HIS K 147 -3.36 66.84 -44.64
N GLY K 148 -4.18 67.03 -43.60
CA GLY K 148 -5.61 66.80 -43.75
C GLY K 148 -6.30 67.82 -44.63
N SER K 149 -5.73 69.02 -44.76
CA SER K 149 -6.34 70.05 -45.58
C SER K 149 -6.32 69.65 -47.05
N ASP K 150 -5.18 69.14 -47.54
CA ASP K 150 -5.07 68.73 -48.93
C ASP K 150 -5.57 67.30 -49.08
N GLU K 151 -6.57 67.11 -49.95
CA GLU K 151 -7.19 65.80 -50.08
C GLU K 151 -6.25 64.80 -50.74
N VAL K 152 -5.53 65.21 -51.79
CA VAL K 152 -4.65 64.28 -52.48
C VAL K 152 -3.46 63.91 -51.61
N LYS K 153 -2.87 64.88 -50.92
CA LYS K 153 -1.76 64.59 -50.03
C LYS K 153 -2.20 63.72 -48.86
N PHE K 154 -3.40 63.99 -48.33
CA PHE K 154 -3.92 63.15 -47.26
C PHE K 154 -4.17 61.72 -47.73
N ARG K 155 -4.67 61.56 -48.95
CA ARG K 155 -4.86 60.22 -49.48
C ARG K 155 -3.53 59.51 -49.65
N GLN K 156 -2.51 60.22 -50.13
CA GLN K 156 -1.19 59.61 -50.25
C GLN K 156 -0.64 59.22 -48.89
N ASP K 157 -0.88 60.07 -47.87
CA ASP K 157 -0.45 59.74 -46.52
C ASP K 157 -1.15 58.50 -46.01
N LEU K 158 -2.45 58.36 -46.30
CA LEU K 158 -3.18 57.16 -45.90
C LEU K 158 -2.60 55.93 -46.59
N MET K 159 -2.30 56.04 -47.88
CA MET K 159 -1.69 54.93 -48.61
C MET K 159 -0.37 54.52 -47.96
N ASN K 160 0.48 55.50 -47.67
CA ASN K 160 1.78 55.22 -47.07
C ASN K 160 1.62 54.60 -45.69
N ILE K 161 0.70 55.11 -44.89
CA ILE K 161 0.51 54.60 -43.53
C ILE K 161 0.01 53.16 -43.57
N ALA K 162 -0.95 52.86 -44.44
CA ALA K 162 -1.44 51.49 -44.53
C ALA K 162 -0.35 50.56 -45.03
N GLY K 163 0.45 51.01 -45.99
CA GLY K 163 1.56 50.19 -46.45
C GLY K 163 2.56 49.91 -45.34
N THR K 164 2.90 50.94 -44.56
CA THR K 164 3.83 50.76 -43.46
C THR K 164 3.28 49.80 -42.41
N THR K 165 1.99 49.93 -42.10
CA THR K 165 1.39 49.02 -41.12
C THR K 165 1.40 47.58 -41.63
N LEU K 166 1.10 47.38 -42.90
CA LEU K 166 1.05 46.04 -43.46
C LEU K 166 2.42 45.49 -43.83
N SER K 167 3.48 46.29 -43.73
CA SER K 167 4.81 45.84 -44.15
C SER K 167 5.28 44.66 -43.31
N SER K 168 5.00 44.69 -42.00
CA SER K 168 5.49 43.63 -41.12
C SER K 168 4.69 42.35 -41.25
N LYS K 169 3.40 42.44 -41.55
CA LYS K 169 2.52 41.29 -41.47
C LYS K 169 2.65 40.41 -42.71
N LEU K 170 1.91 39.30 -42.72
CA LEU K 170 1.95 38.37 -43.84
C LEU K 170 1.40 38.97 -45.12
N LEU K 171 0.64 40.06 -45.02
CA LEU K 171 0.10 40.70 -46.20
C LEU K 171 1.15 41.45 -46.99
N THR K 172 2.38 41.54 -46.51
CA THR K 172 3.43 42.24 -47.24
C THR K 172 3.69 41.63 -48.59
N HIS K 173 3.26 40.38 -48.81
CA HIS K 173 3.42 39.76 -50.12
C HIS K 173 2.63 40.52 -51.18
N HIS K 174 1.42 40.96 -50.85
CA HIS K 174 0.56 41.71 -51.76
C HIS K 174 0.22 43.09 -51.17
N LYS K 175 1.17 43.64 -50.42
CA LYS K 175 1.06 44.95 -49.80
C LYS K 175 0.32 45.99 -50.65
N ASP K 176 0.63 46.10 -51.94
CA ASP K 176 -0.03 47.12 -52.76
C ASP K 176 -1.54 46.87 -52.82
N HIS K 177 -1.92 45.65 -53.18
CA HIS K 177 -3.33 45.30 -53.32
C HIS K 177 -4.05 45.48 -51.98
N PHE K 178 -3.46 44.97 -50.90
CA PHE K 178 -4.14 45.03 -49.61
C PHE K 178 -4.18 46.45 -49.08
N THR K 179 -3.16 47.26 -49.34
CA THR K 179 -3.17 48.64 -48.91
C THR K 179 -4.25 49.43 -49.62
N LYS K 180 -4.39 49.24 -50.93
CA LYS K 180 -5.47 49.88 -51.65
C LYS K 180 -6.83 49.44 -51.10
N LEU K 181 -6.97 48.14 -50.85
CA LEU K 181 -8.22 47.62 -50.30
C LEU K 181 -8.56 48.28 -48.97
N ALA K 182 -7.60 48.33 -48.04
CA ALA K 182 -7.87 48.89 -46.72
C ALA K 182 -8.18 50.38 -46.80
N VAL K 183 -7.44 51.11 -47.63
CA VAL K 183 -7.68 52.55 -47.74
C VAL K 183 -9.08 52.80 -48.27
N GLU K 184 -9.50 52.06 -49.30
CA GLU K 184 -10.85 52.22 -49.83
C GLU K 184 -11.90 51.87 -48.78
N ALA K 185 -11.67 50.80 -48.04
CA ALA K 185 -12.64 50.38 -47.03
C ALA K 185 -12.82 51.45 -45.96
N VAL K 186 -11.71 52.05 -45.51
CA VAL K 186 -11.82 53.09 -44.49
C VAL K 186 -12.46 54.34 -45.07
N LEU K 187 -12.09 54.71 -46.30
CA LEU K 187 -12.65 55.93 -46.89
C LEU K 187 -14.15 55.80 -47.14
N ARG K 188 -14.65 54.58 -47.31
CA ARG K 188 -16.09 54.42 -47.46
C ARG K 188 -16.86 54.66 -46.16
N LEU K 189 -16.17 54.76 -45.02
CA LEU K 189 -16.86 54.97 -43.75
C LEU K 189 -17.37 56.39 -43.58
N LYS K 190 -16.98 57.31 -44.46
CA LYS K 190 -17.43 58.71 -44.42
C LYS K 190 -17.12 59.36 -43.07
N GLY K 191 -15.94 59.06 -42.52
CA GLY K 191 -15.48 59.67 -41.31
C GLY K 191 -15.94 59.01 -40.04
N SER K 192 -16.94 58.13 -40.10
CA SER K 192 -17.36 57.40 -38.92
C SER K 192 -16.29 56.41 -38.51
N GLY K 193 -16.03 56.34 -37.21
CA GLY K 193 -14.97 55.48 -36.73
C GLY K 193 -15.37 54.07 -36.37
N ASN K 194 -16.62 53.68 -36.60
CA ASN K 194 -17.08 52.37 -36.18
C ASN K 194 -16.51 51.30 -37.12
N LEU K 195 -15.47 50.61 -36.66
CA LEU K 195 -14.90 49.53 -37.44
C LEU K 195 -15.84 48.33 -37.51
N GLU K 196 -16.87 48.29 -36.66
CA GLU K 196 -17.88 47.25 -36.78
C GLU K 196 -18.68 47.38 -38.08
N ALA K 197 -18.70 48.57 -38.67
CA ALA K 197 -19.34 48.74 -39.97
C ALA K 197 -18.58 48.06 -41.09
N ILE K 198 -17.36 47.61 -40.84
CA ILE K 198 -16.57 46.87 -41.81
C ILE K 198 -16.57 45.41 -41.41
N HIS K 199 -17.09 44.56 -42.30
CA HIS K 199 -17.19 43.13 -42.04
C HIS K 199 -16.13 42.39 -42.83
N ILE K 200 -15.37 41.55 -42.14
CA ILE K 200 -14.33 40.74 -42.77
C ILE K 200 -14.85 39.30 -42.80
N ILE K 201 -15.07 38.79 -44.00
CA ILE K 201 -15.58 37.44 -44.20
C ILE K 201 -14.44 36.58 -44.71
N LYS K 202 -14.12 35.53 -43.96
CA LYS K 202 -13.02 34.64 -44.29
C LYS K 202 -13.58 33.37 -44.94
N LYS K 203 -13.24 33.16 -46.21
CA LYS K 203 -13.65 31.99 -46.95
C LYS K 203 -12.42 31.19 -47.35
N LEU K 204 -12.35 29.94 -46.93
CA LEU K 204 -11.21 29.09 -47.23
C LEU K 204 -11.13 28.83 -48.74
N GLY K 205 -9.92 28.59 -49.21
CA GLY K 205 -9.69 28.37 -50.62
C GLY K 205 -9.29 29.64 -51.34
N GLY K 206 -8.62 29.46 -52.47
CA GLY K 206 -8.16 30.58 -53.26
C GLY K 206 -6.90 31.21 -52.69
N SER K 207 -6.24 32.00 -53.53
CA SER K 207 -5.01 32.66 -53.10
C SER K 207 -5.33 33.86 -52.22
N LEU K 208 -4.32 34.30 -51.47
CA LEU K 208 -4.47 35.49 -50.65
C LEU K 208 -4.72 36.72 -51.51
N ALA K 209 -4.22 36.72 -52.75
CA ALA K 209 -4.45 37.84 -53.65
C ALA K 209 -5.86 37.87 -54.20
N ASP K 210 -6.63 36.79 -54.04
CA ASP K 210 -8.01 36.78 -54.49
C ASP K 210 -8.94 37.56 -53.58
N SER K 211 -8.46 37.99 -52.42
CA SER K 211 -9.29 38.79 -51.51
C SER K 211 -9.63 40.12 -52.16
N TYR K 212 -10.85 40.59 -51.91
CA TYR K 212 -11.32 41.81 -52.56
C TYR K 212 -12.32 42.51 -51.65
N LEU K 213 -12.44 43.82 -51.85
CA LEU K 213 -13.44 44.63 -51.18
C LEU K 213 -14.66 44.73 -52.08
N ASP K 214 -15.77 44.17 -51.63
CA ASP K 214 -16.98 44.14 -52.45
C ASP K 214 -17.51 45.55 -52.65
N GLU K 215 -17.96 45.84 -53.88
CA GLU K 215 -18.47 47.16 -54.19
C GLU K 215 -19.79 47.46 -53.49
N GLY K 216 -20.53 46.43 -53.09
CA GLY K 216 -21.77 46.64 -52.37
C GLY K 216 -21.74 46.10 -50.96
N PHE K 217 -22.48 45.03 -50.71
CA PHE K 217 -22.49 44.38 -49.41
C PHE K 217 -22.84 42.92 -49.59
N LEU K 218 -22.39 42.11 -48.64
CA LEU K 218 -22.63 40.67 -48.67
C LEU K 218 -23.24 40.23 -47.35
N LEU K 219 -24.25 39.36 -47.43
CA LEU K 219 -24.91 38.81 -46.27
C LEU K 219 -24.84 37.30 -46.31
N ASP K 220 -24.58 36.68 -45.16
CA ASP K 220 -24.42 35.24 -45.06
C ASP K 220 -25.71 34.54 -44.62
N LYS K 221 -26.85 35.07 -45.00
CA LYS K 221 -28.15 34.54 -44.60
C LYS K 221 -28.82 33.87 -45.80
N LYS K 222 -30.05 33.43 -45.57
CA LYS K 222 -30.82 32.70 -46.58
C LYS K 222 -32.12 33.45 -46.87
N ILE K 223 -32.90 32.89 -47.79
CA ILE K 223 -34.16 33.47 -48.23
C ILE K 223 -35.25 32.45 -47.99
N GLY K 224 -36.49 32.93 -47.90
CA GLY K 224 -37.63 32.04 -47.71
C GLY K 224 -37.82 31.09 -48.88
N VAL K 225 -38.69 30.11 -48.65
CA VAL K 225 -38.80 28.99 -49.59
C VAL K 225 -39.38 29.46 -50.93
N ASN K 226 -40.47 30.21 -50.89
CA ASN K 226 -41.19 30.59 -52.10
C ASN K 226 -41.02 32.08 -52.43
N GLN K 227 -39.81 32.60 -52.22
CA GLN K 227 -39.58 34.02 -52.44
C GLN K 227 -38.58 34.23 -53.56
N PRO K 228 -38.61 35.38 -54.23
CA PRO K 228 -37.67 35.63 -55.33
C PRO K 228 -36.24 35.60 -54.85
N LYS K 229 -35.35 35.10 -55.71
CA LYS K 229 -33.93 35.06 -55.43
C LYS K 229 -33.18 36.23 -56.03
N ARG K 230 -33.88 37.18 -56.64
CA ARG K 230 -33.22 38.27 -57.35
C ARG K 230 -34.25 39.36 -57.62
N ILE K 231 -33.95 40.58 -57.18
CA ILE K 231 -34.83 41.72 -57.43
C ILE K 231 -33.99 42.89 -57.90
N GLU K 232 -34.60 43.73 -58.73
CA GLU K 232 -33.95 44.91 -59.28
C GLU K 232 -34.65 46.16 -58.75
N ASN K 233 -33.87 47.17 -58.41
CA ASN K 233 -34.37 48.39 -57.77
C ASN K 233 -35.13 48.03 -56.48
N ALA K 234 -34.40 47.42 -55.56
CA ALA K 234 -34.99 46.97 -54.32
C ALA K 234 -35.36 48.15 -53.43
N LYS K 235 -36.44 47.96 -52.67
CA LYS K 235 -36.89 48.91 -51.65
C LYS K 235 -36.89 48.14 -50.33
N ILE K 236 -35.77 48.18 -49.63
CA ILE K 236 -35.55 47.32 -48.48
C ILE K 236 -36.18 47.94 -47.23
N LEU K 237 -36.83 47.11 -46.43
CA LEU K 237 -37.34 47.51 -45.12
C LEU K 237 -36.67 46.65 -44.07
N ILE K 238 -35.91 47.28 -43.19
CA ILE K 238 -35.18 46.58 -42.13
C ILE K 238 -35.98 46.69 -40.84
N ALA K 239 -36.21 45.55 -40.19
CA ALA K 239 -37.10 45.49 -39.05
C ALA K 239 -36.47 44.72 -37.90
N ASN K 240 -37.07 44.90 -36.72
CA ASN K 240 -36.66 44.18 -35.52
C ASN K 240 -37.85 43.48 -34.86
N THR K 241 -38.96 43.33 -35.57
CA THR K 241 -40.13 42.71 -35.00
C THR K 241 -39.93 41.21 -34.85
N GLY K 242 -40.79 40.61 -34.03
CA GLY K 242 -40.71 39.19 -33.78
C GLY K 242 -41.12 38.34 -34.96
N MET K 243 -42.41 38.39 -35.30
CA MET K 243 -42.98 37.54 -36.34
C MET K 243 -42.61 36.07 -36.14
N ASP K 244 -42.66 35.63 -34.90
CA ASP K 244 -42.44 34.22 -34.56
C ASP K 244 -43.38 33.90 -33.41
N THR K 245 -44.44 33.15 -33.70
CA THR K 245 -45.53 32.86 -32.76
C THR K 245 -45.81 34.08 -31.88
N ASP K 246 -46.02 35.21 -32.56
CA ASP K 246 -46.08 36.51 -31.91
C ASP K 246 -47.13 36.56 -30.82
N LYS K 247 -46.68 36.65 -29.57
CA LYS K 247 -47.58 36.63 -28.42
C LYS K 247 -47.84 38.04 -27.93
N ILE K 248 -49.07 38.30 -27.53
CA ILE K 248 -49.39 39.56 -26.86
C ILE K 248 -48.68 39.59 -25.52
N LYS K 249 -47.99 40.68 -25.25
CA LYS K 249 -47.05 40.74 -24.14
C LYS K 249 -47.70 40.78 -22.78
N ILE K 250 -49.01 40.58 -22.67
CA ILE K 250 -49.66 40.42 -21.37
C ILE K 250 -49.34 39.01 -20.89
N PHE K 251 -48.36 38.89 -20.00
CA PHE K 251 -47.89 37.56 -19.59
C PHE K 251 -48.96 36.80 -18.84
N GLY K 252 -49.88 37.48 -18.17
CA GLY K 252 -50.94 36.83 -17.43
C GLY K 252 -52.12 36.39 -18.24
N SER K 253 -52.10 36.60 -19.56
CA SER K 253 -53.22 36.23 -20.39
C SER K 253 -53.25 34.73 -20.65
N ARG K 254 -54.46 34.21 -20.83
CA ARG K 254 -54.66 32.80 -21.16
C ARG K 254 -56.00 32.67 -21.88
N VAL K 255 -56.16 31.56 -22.59
CA VAL K 255 -57.39 31.26 -23.30
C VAL K 255 -58.16 30.23 -22.49
N ARG K 256 -59.39 30.57 -22.12
CA ARG K 256 -60.21 29.68 -21.28
C ARG K 256 -61.62 29.72 -21.82
N VAL K 257 -61.99 28.66 -22.54
CA VAL K 257 -63.31 28.52 -23.14
C VAL K 257 -63.88 27.16 -22.75
N ASP K 258 -65.07 26.87 -23.26
CA ASP K 258 -65.78 25.64 -22.91
C ASP K 258 -66.05 24.75 -24.11
N SER K 259 -65.41 25.00 -25.25
CA SER K 259 -65.62 24.18 -26.44
C SER K 259 -64.41 24.31 -27.36
N THR K 260 -64.09 23.23 -28.05
CA THR K 260 -62.97 23.27 -28.99
C THR K 260 -63.24 24.16 -30.19
N ALA K 261 -64.51 24.39 -30.51
CA ALA K 261 -64.82 25.32 -31.60
C ALA K 261 -64.32 26.72 -31.27
N LYS K 262 -64.46 27.13 -30.01
CA LYS K 262 -63.94 28.44 -29.61
C LYS K 262 -62.42 28.47 -29.67
N VAL K 263 -61.77 27.36 -29.33
CA VAL K 263 -60.31 27.30 -29.45
C VAL K 263 -59.89 27.47 -30.90
N ALA K 264 -60.60 26.81 -31.82
CA ALA K 264 -60.30 26.97 -33.24
C ALA K 264 -60.52 28.41 -33.68
N GLU K 265 -61.58 29.04 -33.19
CA GLU K 265 -61.83 30.43 -33.53
C GLU K 265 -60.70 31.34 -33.05
N ILE K 266 -60.22 31.12 -31.82
CA ILE K 266 -59.12 31.92 -31.30
C ILE K 266 -57.86 31.70 -32.11
N GLU K 267 -57.60 30.45 -32.53
CA GLU K 267 -56.43 30.18 -33.36
C GLU K 267 -56.53 30.89 -34.70
N HIS K 268 -57.71 30.88 -35.31
CA HIS K 268 -57.90 31.63 -36.55
C HIS K 268 -57.71 33.12 -36.30
N ALA K 269 -58.13 33.61 -35.13
CA ALA K 269 -57.90 35.02 -34.82
C ALA K 269 -56.42 35.34 -34.72
N GLU K 270 -55.64 34.45 -34.12
CA GLU K 270 -54.19 34.66 -34.05
C GLU K 270 -53.58 34.71 -35.44
N LYS K 271 -53.96 33.76 -36.29
CA LYS K 271 -53.42 33.77 -37.65
C LYS K 271 -53.86 35.01 -38.41
N GLU K 272 -55.08 35.49 -38.15
CA GLU K 272 -55.56 36.71 -38.78
C GLU K 272 -54.76 37.92 -38.31
N LYS K 273 -54.41 37.96 -37.03
CA LYS K 273 -53.55 39.05 -36.55
C LYS K 273 -52.21 39.02 -37.24
N MET K 274 -51.63 37.83 -37.40
CA MET K 274 -50.36 37.72 -38.11
C MET K 274 -50.49 38.20 -39.55
N LYS K 275 -51.58 37.80 -40.21
CA LYS K 275 -51.80 38.23 -41.60
C LYS K 275 -51.95 39.74 -41.68
N GLU K 276 -52.64 40.34 -40.72
CA GLU K 276 -52.80 41.79 -40.71
C GLU K 276 -51.46 42.48 -40.51
N LYS K 277 -50.61 41.92 -39.65
CA LYS K 277 -49.27 42.50 -39.48
C LYS K 277 -48.48 42.44 -40.78
N VAL K 278 -48.53 41.31 -41.48
CA VAL K 278 -47.83 41.20 -42.74
C VAL K 278 -48.39 42.18 -43.77
N GLU K 279 -49.72 42.36 -43.76
CA GLU K 279 -50.34 43.33 -44.66
C GLU K 279 -49.86 44.74 -44.36
N ARG K 280 -49.76 45.09 -43.08
CA ARG K 280 -49.26 46.41 -42.70
C ARG K 280 -47.82 46.59 -43.16
N ILE K 281 -47.00 45.54 -43.03
CA ILE K 281 -45.63 45.62 -43.52
C ILE K 281 -45.61 45.85 -45.02
N LEU K 282 -46.44 45.10 -45.75
CA LEU K 282 -46.49 45.22 -47.21
C LEU K 282 -47.03 46.56 -47.66
N LYS K 283 -47.82 47.24 -46.83
CA LYS K 283 -48.34 48.55 -47.19
C LYS K 283 -47.24 49.57 -47.42
N HIS K 284 -46.03 49.32 -46.91
CA HIS K 284 -44.90 50.21 -47.15
C HIS K 284 -44.44 50.21 -48.59
N GLY K 285 -44.89 49.25 -49.40
CA GLY K 285 -44.45 49.15 -50.77
C GLY K 285 -43.00 48.73 -50.89
N ILE K 286 -42.71 47.50 -50.49
CA ILE K 286 -41.34 47.03 -50.39
C ILE K 286 -41.14 45.84 -51.32
N ASN K 287 -39.87 45.57 -51.61
CA ASN K 287 -39.46 44.38 -52.35
C ASN K 287 -38.75 43.38 -51.47
N CYS K 288 -37.77 43.83 -50.69
CA CYS K 288 -37.00 42.97 -49.80
C CYS K 288 -37.27 43.37 -48.36
N PHE K 289 -37.52 42.37 -47.52
CA PHE K 289 -37.75 42.60 -46.09
C PHE K 289 -36.68 41.86 -45.30
N ILE K 290 -35.99 42.58 -44.42
CA ILE K 290 -34.92 42.02 -43.60
C ILE K 290 -35.33 42.17 -42.15
N ASN K 291 -35.41 41.05 -41.44
CA ASN K 291 -35.79 41.02 -40.04
C ASN K 291 -34.61 40.55 -39.20
N ARG K 292 -34.46 41.15 -38.02
CA ARG K 292 -33.38 40.74 -37.14
C ARG K 292 -33.65 39.38 -36.52
N GLN K 293 -34.90 39.08 -36.22
CA GLN K 293 -35.26 37.86 -35.50
C GLN K 293 -35.68 36.78 -36.50
N LEU K 294 -36.20 35.68 -35.98
CA LEU K 294 -36.66 34.59 -36.84
C LEU K 294 -37.97 34.96 -37.52
N ILE K 295 -38.22 34.30 -38.65
CA ILE K 295 -39.48 34.43 -39.36
C ILE K 295 -40.06 33.04 -39.56
N TYR K 296 -41.23 32.80 -38.99
CA TYR K 296 -41.84 31.47 -39.01
C TYR K 296 -42.51 31.21 -40.35
N ASN K 297 -43.19 30.07 -40.46
CA ASN K 297 -43.62 29.58 -41.76
C ASN K 297 -44.78 30.39 -42.33
N TYR K 298 -45.74 30.76 -41.49
CA TYR K 298 -46.89 31.52 -41.99
C TYR K 298 -46.49 32.87 -42.56
N PRO K 299 -45.76 33.74 -41.85
CA PRO K 299 -45.29 34.97 -42.51
C PRO K 299 -44.39 34.70 -43.69
N GLU K 300 -43.64 33.60 -43.66
CA GLU K 300 -42.79 33.26 -44.79
C GLU K 300 -43.61 33.04 -46.06
N GLN K 301 -44.68 32.24 -45.97
CA GLN K 301 -45.50 32.03 -47.15
C GLN K 301 -46.30 33.28 -47.50
N LEU K 302 -46.64 34.10 -46.50
CA LEU K 302 -47.33 35.35 -46.81
C LEU K 302 -46.45 36.28 -47.62
N PHE K 303 -45.18 36.37 -47.26
CA PHE K 303 -44.24 37.15 -48.05
C PHE K 303 -44.03 36.52 -49.43
N GLY K 304 -43.94 35.19 -49.48
CA GLY K 304 -43.73 34.52 -50.76
C GLY K 304 -44.87 34.77 -51.72
N ALA K 305 -46.11 34.77 -51.23
CA ALA K 305 -47.25 35.03 -52.10
C ALA K 305 -47.22 36.45 -52.65
N ALA K 306 -46.62 37.39 -51.93
CA ALA K 306 -46.50 38.75 -52.38
C ALA K 306 -45.23 39.02 -53.16
N GLY K 307 -44.40 38.01 -53.36
CA GLY K 307 -43.16 38.18 -54.10
C GLY K 307 -42.18 39.10 -53.40
N VAL K 308 -41.99 38.89 -52.11
CA VAL K 308 -41.13 39.73 -51.29
C VAL K 308 -40.05 38.87 -50.65
N MET K 309 -38.80 39.25 -50.83
CA MET K 309 -37.71 38.57 -50.14
C MET K 309 -37.81 38.81 -48.63
N ALA K 310 -37.60 37.75 -47.86
CA ALA K 310 -37.71 37.80 -46.41
C ALA K 310 -36.47 37.17 -45.81
N ILE K 311 -35.43 37.99 -45.60
CA ILE K 311 -34.21 37.53 -44.95
C ILE K 311 -34.43 37.56 -43.45
N GLU K 312 -34.19 36.43 -42.79
CA GLU K 312 -34.45 36.30 -41.37
C GLU K 312 -33.16 36.09 -40.59
N HIS K 313 -33.24 36.34 -39.29
CA HIS K 313 -32.15 36.06 -38.36
C HIS K 313 -30.86 36.77 -38.75
N ALA K 314 -30.98 38.00 -39.20
CA ALA K 314 -29.83 38.88 -39.38
C ALA K 314 -29.62 39.64 -38.08
N ASP K 315 -28.56 39.31 -37.35
CA ASP K 315 -28.39 39.79 -35.98
C ASP K 315 -28.23 41.30 -35.91
N PHE K 316 -28.10 41.83 -34.69
CA PHE K 316 -28.01 43.28 -34.50
C PHE K 316 -26.94 43.88 -35.39
N ALA K 317 -25.78 43.23 -35.48
CA ALA K 317 -24.73 43.70 -36.38
C ALA K 317 -25.23 43.70 -37.82
N GLY K 318 -25.95 42.65 -38.21
CA GLY K 318 -26.43 42.57 -39.58
C GLY K 318 -27.37 43.70 -39.94
N VAL K 319 -28.35 43.97 -39.08
CA VAL K 319 -29.31 45.01 -39.39
C VAL K 319 -28.65 46.39 -39.32
N GLU K 320 -27.71 46.58 -38.39
CA GLU K 320 -27.00 47.84 -38.32
C GLU K 320 -26.21 48.08 -39.60
N ARG K 321 -25.50 47.06 -40.08
CA ARG K 321 -24.72 47.20 -41.30
C ARG K 321 -25.61 47.43 -42.50
N LEU K 322 -26.75 46.73 -42.58
CA LEU K 322 -27.66 46.96 -43.70
C LEU K 322 -28.23 48.38 -43.67
N ALA K 323 -28.56 48.88 -42.48
CA ALA K 323 -29.04 50.25 -42.38
C ALA K 323 -27.97 51.24 -42.82
N LEU K 324 -26.71 50.98 -42.43
CA LEU K 324 -25.63 51.87 -42.82
C LEU K 324 -25.41 51.84 -44.34
N VAL K 325 -25.52 50.66 -44.95
CA VAL K 325 -25.14 50.53 -46.35
C VAL K 325 -26.29 50.92 -47.28
N THR K 326 -27.53 50.80 -46.83
CA THR K 326 -28.68 51.04 -47.69
C THR K 326 -29.50 52.26 -47.28
N GLY K 327 -29.30 52.78 -46.08
CA GLY K 327 -30.02 53.96 -45.64
C GLY K 327 -31.37 53.68 -45.02
N GLY K 328 -31.73 52.43 -44.82
CA GLY K 328 -33.01 52.11 -44.20
C GLY K 328 -33.01 52.41 -42.72
N GLU K 329 -34.20 52.35 -42.15
CA GLU K 329 -34.40 52.57 -40.72
C GLU K 329 -34.90 51.28 -40.09
N ILE K 330 -34.28 50.90 -38.97
CA ILE K 330 -34.66 49.68 -38.27
C ILE K 330 -35.98 49.92 -37.55
N ALA K 331 -37.07 49.39 -38.11
CA ALA K 331 -38.40 49.64 -37.60
C ALA K 331 -38.91 48.47 -36.77
N SER K 332 -39.86 48.76 -35.88
CA SER K 332 -40.55 47.72 -35.14
C SER K 332 -42.05 47.96 -35.02
N THR K 333 -42.56 49.05 -35.57
CA THR K 333 -43.99 49.29 -35.68
C THR K 333 -44.29 49.74 -37.10
N PHE K 334 -45.47 49.37 -37.59
CA PHE K 334 -45.82 49.61 -38.98
C PHE K 334 -47.20 50.24 -39.09
N ASP K 335 -47.45 51.25 -38.27
CA ASP K 335 -48.68 52.01 -38.35
C ASP K 335 -48.49 53.36 -39.03
N HIS K 336 -47.26 53.76 -39.29
CA HIS K 336 -46.96 55.03 -39.97
C HIS K 336 -45.96 54.74 -41.07
N PRO K 337 -46.43 54.26 -42.22
CA PRO K 337 -45.49 53.98 -43.33
C PRO K 337 -44.74 55.20 -43.81
N GLU K 338 -45.35 56.38 -43.73
CA GLU K 338 -44.72 57.60 -44.22
C GLU K 338 -43.53 58.03 -43.37
N LEU K 339 -43.46 57.57 -42.12
CA LEU K 339 -42.40 58.01 -41.21
C LEU K 339 -41.21 57.04 -41.18
N VAL K 340 -41.24 55.99 -41.98
CA VAL K 340 -40.17 54.99 -42.00
C VAL K 340 -39.47 55.07 -43.35
N LYS K 341 -38.16 55.26 -43.33
CA LYS K 341 -37.37 55.36 -44.54
C LYS K 341 -36.94 53.96 -44.98
N LEU K 342 -37.06 53.69 -46.28
CA LEU K 342 -36.75 52.39 -46.83
C LEU K 342 -35.39 52.44 -47.52
N GLY K 343 -34.54 51.46 -47.20
CA GLY K 343 -33.27 51.36 -47.90
C GLY K 343 -33.47 50.93 -49.34
N SER K 344 -32.55 51.35 -50.19
CA SER K 344 -32.62 51.06 -51.62
C SER K 344 -31.26 50.61 -52.13
N CYS K 345 -31.28 49.73 -53.12
CA CYS K 345 -30.07 49.30 -53.79
C CYS K 345 -30.43 48.83 -55.19
N LYS K 346 -29.44 48.84 -56.07
CA LYS K 346 -29.68 48.54 -57.48
C LYS K 346 -30.11 47.09 -57.69
N LEU K 347 -29.47 46.15 -56.99
CA LEU K 347 -29.69 44.74 -57.27
C LEU K 347 -29.42 43.92 -56.02
N ILE K 348 -30.26 42.93 -55.79
CA ILE K 348 -30.04 41.91 -54.77
C ILE K 348 -30.06 40.56 -55.46
N GLU K 349 -29.06 39.72 -55.17
CA GLU K 349 -28.97 38.41 -55.79
C GLU K 349 -28.14 37.52 -54.89
N GLU K 350 -28.04 36.25 -55.27
CA GLU K 350 -27.24 35.27 -54.54
C GLU K 350 -25.97 35.00 -55.33
N VAL K 351 -24.83 35.14 -54.66
CA VAL K 351 -23.54 34.87 -55.28
C VAL K 351 -23.01 33.55 -54.74
N MET K 352 -21.98 33.03 -55.41
CA MET K 352 -21.44 31.71 -55.10
C MET K 352 -19.96 31.90 -54.76
N ILE K 353 -19.65 31.98 -53.48
CA ILE K 353 -18.29 32.15 -52.99
C ILE K 353 -17.84 30.84 -52.37
N GLY K 354 -16.75 30.29 -52.89
CA GLY K 354 -16.32 28.98 -52.42
C GLY K 354 -17.39 27.95 -52.71
N GLU K 355 -17.79 27.22 -51.67
CA GLU K 355 -18.90 26.30 -51.76
C GLU K 355 -20.16 26.83 -51.07
N ASP K 356 -20.16 28.10 -50.68
CA ASP K 356 -21.27 28.69 -49.94
C ASP K 356 -21.97 29.73 -50.78
N LYS K 357 -23.24 29.96 -50.46
CA LYS K 357 -24.07 30.93 -51.15
C LYS K 357 -24.32 32.11 -50.22
N LEU K 358 -24.17 33.33 -50.75
CA LEU K 358 -24.34 34.53 -49.97
C LEU K 358 -25.24 35.51 -50.70
N ILE K 359 -25.95 36.33 -49.94
CA ILE K 359 -26.81 37.35 -50.52
C ILE K 359 -25.97 38.59 -50.80
N HIS K 360 -26.02 39.07 -52.04
CA HIS K 360 -25.18 40.16 -52.50
C HIS K 360 -26.04 41.38 -52.79
N PHE K 361 -25.71 42.50 -52.16
CA PHE K 361 -26.36 43.78 -52.42
C PHE K 361 -25.45 44.62 -53.31
N SER K 362 -25.98 45.06 -54.44
CA SER K 362 -25.20 45.79 -55.42
C SER K 362 -25.83 47.15 -55.69
N GLY K 363 -24.98 48.14 -55.97
CA GLY K 363 -25.46 49.49 -56.20
C GLY K 363 -26.14 50.09 -54.99
N VAL K 364 -25.56 49.90 -53.80
CA VAL K 364 -26.18 50.39 -52.58
C VAL K 364 -26.27 51.91 -52.59
N ALA K 365 -27.22 52.43 -51.81
CA ALA K 365 -27.48 53.86 -51.80
C ALA K 365 -26.39 54.62 -51.06
N LEU K 366 -26.21 54.33 -49.77
CA LEU K 366 -25.22 55.02 -48.97
C LEU K 366 -23.85 54.37 -49.07
N GLY K 367 -23.77 53.09 -48.72
CA GLY K 367 -22.51 52.39 -48.77
C GLY K 367 -21.56 52.68 -47.63
N GLU K 368 -22.04 53.24 -46.53
CA GLU K 368 -21.18 53.50 -45.38
C GLU K 368 -21.07 52.25 -44.52
N ALA K 369 -20.79 51.12 -45.16
CA ALA K 369 -20.59 49.84 -44.49
C ALA K 369 -19.98 48.88 -45.51
N CYS K 370 -18.90 48.20 -45.12
CA CYS K 370 -18.12 47.44 -46.07
C CYS K 370 -18.07 45.97 -45.66
N THR K 371 -17.96 45.11 -46.67
CA THR K 371 -17.66 43.71 -46.47
C THR K 371 -16.41 43.36 -47.25
N ILE K 372 -15.46 42.70 -46.59
CA ILE K 372 -14.19 42.32 -47.20
C ILE K 372 -14.11 40.80 -47.20
N VAL K 373 -13.98 40.24 -48.38
CA VAL K 373 -13.88 38.79 -48.54
C VAL K 373 -12.41 38.40 -48.53
N LEU K 374 -12.02 37.58 -47.57
CA LEU K 374 -10.64 37.12 -47.43
C LEU K 374 -10.55 35.69 -47.92
N ARG K 375 -9.69 35.45 -48.89
CA ARG K 375 -9.41 34.11 -49.39
C ARG K 375 -8.00 33.71 -49.00
N GLY K 376 -7.82 32.46 -48.61
CA GLY K 376 -6.52 31.99 -48.20
C GLY K 376 -6.41 30.50 -48.38
N ALA K 377 -5.22 29.97 -48.12
CA ALA K 377 -4.97 28.55 -48.29
C ALA K 377 -5.10 27.76 -47.00
N THR K 378 -5.02 28.41 -45.84
CA THR K 378 -5.19 27.73 -44.56
C THR K 378 -6.01 28.61 -43.64
N GLN K 379 -6.57 27.99 -42.60
CA GLN K 379 -7.30 28.75 -41.59
C GLN K 379 -6.38 29.72 -40.87
N GLN K 380 -5.15 29.30 -40.59
CA GLN K 380 -4.20 30.18 -39.92
C GLN K 380 -3.88 31.39 -40.78
N ILE K 381 -3.72 31.19 -42.09
CA ILE K 381 -3.47 32.31 -42.99
C ILE K 381 -4.64 33.28 -42.96
N LEU K 382 -5.87 32.76 -43.00
CA LEU K 382 -7.04 33.62 -42.97
C LEU K 382 -7.12 34.41 -41.68
N ASP K 383 -6.87 33.76 -40.54
CA ASP K 383 -6.93 34.46 -39.26
C ASP K 383 -5.87 35.55 -39.17
N GLU K 384 -4.65 35.24 -39.61
CA GLU K 384 -3.58 36.24 -39.55
C GLU K 384 -3.86 37.39 -40.51
N ALA K 385 -4.42 37.09 -41.69
CA ALA K 385 -4.80 38.15 -42.61
C ALA K 385 -5.88 39.04 -42.00
N GLU K 386 -6.85 38.44 -41.32
CA GLU K 386 -7.87 39.24 -40.67
C GLU K 386 -7.29 40.13 -39.59
N ARG K 387 -6.36 39.59 -38.79
CA ARG K 387 -5.72 40.41 -37.76
C ARG K 387 -4.93 41.56 -38.37
N SER K 388 -4.17 41.29 -39.43
CA SER K 388 -3.40 42.35 -40.08
C SER K 388 -4.30 43.41 -40.69
N LEU K 389 -5.37 42.98 -41.34
CA LEU K 389 -6.30 43.93 -41.93
C LEU K 389 -6.98 44.76 -40.84
N HIS K 390 -7.29 44.15 -39.70
CA HIS K 390 -7.86 44.89 -38.59
C HIS K 390 -6.88 45.94 -38.09
N ASP K 391 -5.60 45.59 -37.97
CA ASP K 391 -4.60 46.57 -37.56
C ASP K 391 -4.55 47.74 -38.54
N ALA K 392 -4.54 47.43 -39.84
CA ALA K 392 -4.46 48.48 -40.84
C ALA K 392 -5.69 49.39 -40.78
N LEU K 393 -6.88 48.80 -40.63
CA LEU K 393 -8.10 49.60 -40.54
C LEU K 393 -8.10 50.47 -39.30
N CYS K 394 -7.65 49.93 -38.17
CA CYS K 394 -7.59 50.71 -36.94
C CYS K 394 -6.67 51.92 -37.11
N VAL K 395 -5.49 51.70 -37.69
CA VAL K 395 -4.55 52.79 -37.87
C VAL K 395 -5.11 53.83 -38.83
N LEU K 396 -5.75 53.38 -39.92
CA LEU K 396 -6.31 54.32 -40.88
C LEU K 396 -7.44 55.14 -40.26
N ALA K 397 -8.28 54.51 -39.46
CA ALA K 397 -9.35 55.25 -38.80
C ALA K 397 -8.78 56.27 -37.81
N GLN K 398 -7.75 55.89 -37.07
CA GLN K 398 -7.11 56.83 -36.17
C GLN K 398 -6.52 58.00 -36.93
N THR K 399 -5.89 57.74 -38.06
CA THR K 399 -5.33 58.82 -38.88
C THR K 399 -6.43 59.72 -39.41
N VAL K 400 -7.59 59.15 -39.75
CA VAL K 400 -8.71 59.97 -40.18
C VAL K 400 -9.16 60.88 -39.04
N LYS K 401 -9.24 60.35 -37.82
CA LYS K 401 -9.62 61.16 -36.68
C LYS K 401 -8.61 62.29 -36.44
N ASP K 402 -7.33 61.96 -36.45
CA ASP K 402 -6.25 62.92 -36.25
C ASP K 402 -5.23 62.71 -37.36
N SER K 403 -5.10 63.70 -38.24
CA SER K 403 -4.32 63.54 -39.46
C SER K 403 -2.84 63.83 -39.25
N ARG K 404 -2.41 64.19 -38.05
CA ARG K 404 -0.99 64.42 -37.81
C ARG K 404 -0.21 63.12 -37.98
N THR K 405 0.89 63.19 -38.71
CA THR K 405 1.69 62.02 -39.03
C THR K 405 3.15 62.27 -38.70
N VAL K 406 3.86 61.19 -38.38
CA VAL K 406 5.29 61.22 -38.11
C VAL K 406 5.95 60.16 -38.96
N TYR K 407 7.25 60.32 -39.18
CA TYR K 407 7.98 59.43 -40.06
C TYR K 407 8.44 58.19 -39.29
N GLY K 408 8.26 57.03 -39.89
CA GLY K 408 8.64 55.77 -39.29
C GLY K 408 10.04 55.35 -39.68
N GLY K 409 10.28 54.05 -39.58
CA GLY K 409 11.60 53.52 -39.88
C GLY K 409 12.67 53.89 -38.88
N GLY K 410 12.28 54.20 -37.65
CA GLY K 410 13.22 54.62 -36.64
C GLY K 410 13.57 56.09 -36.66
N CYS K 411 13.04 56.86 -37.60
CA CYS K 411 13.32 58.29 -37.63
C CYS K 411 12.79 58.97 -36.37
N SER K 412 11.56 58.62 -35.97
CA SER K 412 10.98 59.23 -34.78
C SER K 412 11.79 58.88 -33.54
N GLU K 413 12.23 57.62 -33.43
CA GLU K 413 13.01 57.21 -32.28
C GLU K 413 14.37 57.93 -32.24
N MET K 414 15.03 58.06 -33.38
CA MET K 414 16.26 58.84 -33.43
C MET K 414 16.02 60.29 -33.01
N LEU K 415 14.94 60.90 -33.48
CA LEU K 415 14.67 62.28 -33.12
C LEU K 415 14.42 62.43 -31.62
N MET K 416 13.60 61.53 -31.05
CA MET K 416 13.35 61.55 -29.62
C MET K 416 14.64 61.35 -28.84
N ALA K 417 15.47 60.39 -29.26
CA ALA K 417 16.71 60.12 -28.56
C ALA K 417 17.67 61.30 -28.64
N HIS K 418 17.71 61.97 -29.80
CA HIS K 418 18.56 63.15 -29.91
C HIS K 418 18.10 64.25 -28.98
N ALA K 419 16.78 64.48 -28.90
CA ALA K 419 16.28 65.49 -27.98
C ALA K 419 16.59 65.13 -26.54
N VAL K 420 16.44 63.86 -26.19
CA VAL K 420 16.72 63.41 -24.83
C VAL K 420 18.20 63.59 -24.51
N THR K 421 19.08 63.24 -25.45
CA THR K 421 20.51 63.42 -25.24
C THR K 421 20.87 64.89 -25.08
N GLN K 422 20.26 65.75 -25.90
CA GLN K 422 20.52 67.18 -25.78
C GLN K 422 20.10 67.68 -24.40
N LEU K 423 18.96 67.20 -23.91
CA LEU K 423 18.55 67.57 -22.55
C LEU K 423 19.52 67.05 -21.51
N ALA K 424 19.99 65.81 -21.67
CA ALA K 424 20.84 65.20 -20.67
C ALA K 424 22.21 65.84 -20.61
N ASN K 425 22.72 66.34 -21.74
CA ASN K 425 24.06 66.93 -21.75
C ASN K 425 24.13 68.21 -20.94
N ARG K 426 23.01 68.83 -20.63
CA ARG K 426 22.98 70.07 -19.85
C ARG K 426 22.28 69.88 -18.52
N THR K 427 22.36 68.67 -17.96
CA THR K 427 21.75 68.37 -16.67
C THR K 427 22.78 67.68 -15.78
N PRO K 428 23.01 68.18 -14.58
CA PRO K 428 23.97 67.55 -13.68
C PRO K 428 23.32 66.41 -12.89
N GLY K 429 24.19 65.60 -12.28
CA GLY K 429 23.73 64.51 -11.44
C GLY K 429 23.54 63.23 -12.22
N LYS K 430 23.10 62.20 -11.48
CA LYS K 430 22.87 60.89 -12.08
C LYS K 430 21.59 60.86 -12.91
N GLU K 431 20.73 61.87 -12.79
CA GLU K 431 19.59 61.97 -13.69
C GLU K 431 20.04 62.07 -15.13
N ALA K 432 21.21 62.66 -15.37
CA ALA K 432 21.78 62.66 -16.71
C ALA K 432 22.04 61.23 -17.18
N VAL K 433 22.55 60.38 -16.30
CA VAL K 433 22.78 58.99 -16.65
C VAL K 433 21.46 58.29 -16.94
N ALA K 434 20.43 58.57 -16.14
CA ALA K 434 19.13 57.96 -16.39
C ALA K 434 18.58 58.38 -17.75
N MET K 435 18.71 59.66 -18.09
CA MET K 435 18.22 60.13 -19.38
C MET K 435 19.03 59.55 -20.53
N GLU K 436 20.33 59.35 -20.31
CA GLU K 436 21.13 58.70 -21.34
C GLU K 436 20.68 57.26 -21.55
N SER K 437 20.31 56.57 -20.47
CA SER K 437 19.75 55.22 -20.63
C SER K 437 18.42 55.25 -21.38
N TYR K 438 17.60 56.26 -21.10
CA TYR K 438 16.36 56.45 -21.85
C TYR K 438 16.64 56.56 -23.34
N ALA K 439 17.60 57.41 -23.70
CA ALA K 439 17.98 57.56 -25.10
C ALA K 439 18.54 56.26 -25.66
N LYS K 440 19.27 55.51 -24.85
CA LYS K 440 19.82 54.24 -25.32
C LYS K 440 18.71 53.27 -25.69
N ALA K 441 17.66 53.18 -24.88
CA ALA K 441 16.55 52.31 -25.22
C ALA K 441 15.83 52.78 -26.47
N LEU K 442 15.60 54.09 -26.56
CA LEU K 442 14.94 54.63 -27.75
C LEU K 442 15.74 54.31 -29.00
N ARG K 443 17.06 54.34 -28.91
CA ARG K 443 17.89 53.94 -30.05
C ARG K 443 17.89 52.43 -30.24
N MET K 444 17.70 51.68 -29.16
CA MET K 444 17.71 50.23 -29.25
C MET K 444 16.53 49.73 -30.06
N LEU K 445 15.44 50.49 -30.08
CA LEU K 445 14.29 50.07 -30.88
C LEU K 445 14.63 49.88 -32.36
N PRO K 446 15.08 50.90 -33.11
CA PRO K 446 15.47 50.65 -34.51
C PRO K 446 16.68 49.74 -34.63
N THR K 447 17.50 49.62 -33.59
CA THR K 447 18.56 48.63 -33.61
C THR K 447 17.98 47.22 -33.74
N ILE K 448 16.91 46.94 -33.00
CA ILE K 448 16.24 45.66 -33.12
C ILE K 448 15.59 45.53 -34.49
N ILE K 449 15.02 46.62 -35.01
CA ILE K 449 14.45 46.56 -36.35
C ILE K 449 15.51 46.15 -37.37
N ALA K 450 16.70 46.72 -37.26
CA ALA K 450 17.78 46.39 -38.19
C ALA K 450 18.29 44.97 -37.98
N ASP K 451 18.42 44.54 -36.71
CA ASP K 451 18.87 43.17 -36.43
C ASP K 451 17.93 42.15 -37.02
N ASN K 452 16.63 42.43 -37.01
CA ASN K 452 15.68 41.46 -37.54
C ASN K 452 15.93 41.19 -39.02
N ALA K 453 16.54 42.11 -39.74
CA ALA K 453 16.82 41.94 -41.16
C ALA K 453 18.22 41.40 -41.44
N GLY K 454 18.98 41.09 -40.39
CA GLY K 454 20.34 40.63 -40.61
C GLY K 454 21.30 41.70 -41.08
N TYR K 455 20.97 42.96 -40.84
CA TYR K 455 21.78 44.08 -41.30
C TYR K 455 22.84 44.42 -40.26
N ASP K 456 23.74 45.33 -40.64
CA ASP K 456 24.75 45.84 -39.70
C ASP K 456 24.08 46.90 -38.84
N SER K 457 23.40 46.44 -37.79
CA SER K 457 22.57 47.33 -36.98
C SER K 457 23.41 48.40 -36.30
N ALA K 458 24.59 48.04 -35.79
CA ALA K 458 25.42 49.02 -35.11
C ALA K 458 25.82 50.15 -36.05
N ASP K 459 26.27 49.80 -37.25
CA ASP K 459 26.69 50.82 -38.21
C ASP K 459 25.52 51.68 -38.65
N LEU K 460 24.39 51.05 -38.94
CA LEU K 460 23.22 51.81 -39.40
C LEU K 460 22.73 52.76 -38.32
N VAL K 461 22.70 52.30 -37.06
CA VAL K 461 22.22 53.15 -35.98
C VAL K 461 23.21 54.28 -35.73
N ALA K 462 24.51 54.01 -35.84
CA ALA K 462 25.49 55.09 -35.71
C ALA K 462 25.33 56.13 -36.80
N GLN K 463 25.09 55.67 -38.04
CA GLN K 463 24.86 56.61 -39.14
C GLN K 463 23.62 57.44 -38.90
N LEU K 464 22.53 56.80 -38.42
CA LEU K 464 21.31 57.53 -38.15
C LEU K 464 21.50 58.56 -37.06
N ARG K 465 22.21 58.19 -36.00
CA ARG K 465 22.47 59.12 -34.91
C ARG K 465 23.30 60.30 -35.39
N ALA K 466 24.32 60.04 -36.20
CA ALA K 466 25.13 61.13 -36.76
C ALA K 466 24.29 62.03 -37.65
N ALA K 467 23.43 61.44 -38.48
CA ALA K 467 22.59 62.25 -39.38
C ALA K 467 21.64 63.12 -38.59
N HIS K 468 21.02 62.58 -37.54
CA HIS K 468 20.09 63.37 -36.75
C HIS K 468 20.82 64.45 -35.95
N SER K 469 22.04 64.17 -35.50
CA SER K 469 22.83 65.20 -34.84
C SER K 469 23.18 66.33 -35.80
N GLU K 470 23.50 65.98 -37.05
CA GLU K 470 23.87 67.00 -38.03
C GLU K 470 22.71 67.94 -38.33
N GLY K 471 21.49 67.40 -38.42
CA GLY K 471 20.34 68.22 -38.72
C GLY K 471 19.34 67.54 -39.63
N ASN K 472 19.70 66.37 -40.15
CA ASN K 472 18.81 65.63 -41.02
C ASN K 472 17.70 64.97 -40.21
N THR K 473 16.59 65.70 -40.03
CA THR K 473 15.53 65.24 -39.14
C THR K 473 14.64 64.18 -39.77
N THR K 474 14.75 63.93 -41.06
CA THR K 474 13.91 62.94 -41.73
C THR K 474 14.67 61.67 -42.09
N ALA K 475 15.91 61.52 -41.62
CA ALA K 475 16.69 60.33 -41.93
C ALA K 475 16.10 59.11 -41.23
N GLY K 476 16.10 57.99 -41.93
CA GLY K 476 15.58 56.75 -41.37
C GLY K 476 16.16 55.55 -42.10
N LEU K 477 15.77 54.37 -41.63
CA LEU K 477 16.28 53.13 -42.19
C LEU K 477 15.61 52.82 -43.52
N ASP K 478 16.40 52.53 -44.54
CA ASP K 478 15.91 52.09 -45.84
C ASP K 478 16.04 50.58 -45.88
N MET K 479 14.95 49.88 -45.58
CA MET K 479 15.00 48.43 -45.43
C MET K 479 15.09 47.69 -46.76
N ARG K 480 14.92 48.38 -47.89
CA ARG K 480 15.01 47.72 -49.18
C ARG K 480 16.41 47.15 -49.42
N GLU K 481 17.43 47.94 -49.13
CA GLU K 481 18.82 47.53 -49.34
C GLU K 481 19.61 47.39 -48.05
N GLY K 482 19.44 48.30 -47.10
CA GLY K 482 20.19 48.24 -45.87
C GLY K 482 20.98 49.50 -45.59
N THR K 483 20.56 50.61 -46.18
CA THR K 483 21.18 51.90 -45.97
C THR K 483 20.20 52.81 -45.24
N ILE K 484 20.63 54.05 -45.03
CA ILE K 484 19.75 55.07 -44.47
C ILE K 484 19.28 55.96 -45.61
N GLY K 485 18.05 56.45 -45.48
CA GLY K 485 17.44 57.24 -46.53
C GLY K 485 16.43 58.21 -45.96
N ASP K 486 15.83 58.98 -46.86
CA ASP K 486 14.84 59.97 -46.48
C ASP K 486 13.47 59.30 -46.38
N MET K 487 12.88 59.33 -45.18
CA MET K 487 11.58 58.70 -44.99
C MET K 487 10.46 59.46 -45.69
N ALA K 488 10.60 60.77 -45.83
CA ALA K 488 9.60 61.54 -46.57
C ALA K 488 9.58 61.14 -48.04
N ILE K 489 10.77 60.99 -48.64
CA ILE K 489 10.83 60.61 -50.05
C ILE K 489 10.40 59.15 -50.24
N LEU K 490 10.82 58.28 -49.33
CA LEU K 490 10.54 56.85 -49.46
C LEU K 490 9.14 56.47 -49.00
N GLY K 491 8.37 57.42 -48.46
CA GLY K 491 7.00 57.14 -48.09
C GLY K 491 6.80 56.18 -46.94
N ILE K 492 7.57 56.31 -45.87
CA ILE K 492 7.33 55.59 -44.63
C ILE K 492 6.79 56.60 -43.63
N THR K 493 5.49 56.56 -43.38
CA THR K 493 4.85 57.47 -42.45
C THR K 493 4.04 56.67 -41.44
N GLU K 494 3.83 57.27 -40.27
CA GLU K 494 3.04 56.65 -39.23
C GLU K 494 2.10 57.68 -38.62
N SER K 495 1.12 57.19 -37.88
CA SER K 495 0.23 58.09 -37.16
C SER K 495 0.93 58.66 -35.94
N PHE K 496 0.81 59.98 -35.76
CA PHE K 496 1.41 60.60 -34.59
C PHE K 496 0.81 60.04 -33.31
N GLN K 497 -0.49 59.73 -33.34
CA GLN K 497 -1.15 59.17 -32.16
C GLN K 497 -0.49 57.86 -31.74
N VAL K 498 -0.17 57.00 -32.69
CA VAL K 498 0.37 55.68 -32.36
C VAL K 498 1.74 55.83 -31.69
N LYS K 499 2.61 56.66 -32.25
CA LYS K 499 3.94 56.82 -31.66
C LYS K 499 3.87 57.49 -30.29
N ARG K 500 3.02 58.51 -30.15
CA ARG K 500 2.88 59.16 -28.85
C ARG K 500 2.37 58.16 -27.82
N GLN K 501 1.37 57.36 -28.19
CA GLN K 501 0.84 56.37 -27.26
C GLN K 501 1.89 55.34 -26.89
N VAL K 502 2.68 54.89 -27.86
CA VAL K 502 3.73 53.92 -27.58
C VAL K 502 4.72 54.48 -26.58
N LEU K 503 5.21 55.69 -26.83
CA LEU K 503 6.19 56.29 -25.94
C LEU K 503 5.63 56.47 -24.54
N LEU K 504 4.43 57.04 -24.43
CA LEU K 504 3.88 57.34 -23.11
C LEU K 504 3.55 56.08 -22.33
N SER K 505 2.93 55.09 -22.98
CA SER K 505 2.60 53.85 -22.29
C SER K 505 3.84 53.10 -21.85
N ALA K 506 4.88 53.06 -22.70
CA ALA K 506 6.11 52.39 -22.30
C ALA K 506 6.74 53.08 -21.10
N ALA K 507 6.80 54.41 -21.13
CA ALA K 507 7.36 55.13 -19.99
C ALA K 507 6.55 54.87 -18.73
N GLU K 508 5.23 54.87 -18.84
CA GLU K 508 4.37 54.66 -17.67
C GLU K 508 4.59 53.28 -17.07
N ALA K 509 4.63 52.23 -17.91
CA ALA K 509 4.81 50.89 -17.38
C ALA K 509 6.19 50.72 -16.77
N ALA K 510 7.22 51.26 -17.42
CA ALA K 510 8.56 51.17 -16.83
C ALA K 510 8.60 51.88 -15.48
N GLU K 511 7.96 53.04 -15.37
CA GLU K 511 7.96 53.76 -14.10
C GLU K 511 7.24 52.96 -13.02
N VAL K 512 6.07 52.39 -13.34
CA VAL K 512 5.32 51.68 -12.31
C VAL K 512 6.05 50.40 -11.89
N ILE K 513 6.72 49.73 -12.82
CA ILE K 513 7.45 48.52 -12.43
C ILE K 513 8.68 48.88 -11.61
N LEU K 514 9.38 49.95 -11.99
CA LEU K 514 10.60 50.32 -11.27
C LEU K 514 10.31 50.73 -9.83
N ARG K 515 9.10 51.23 -9.55
CA ARG K 515 8.75 51.66 -8.20
C ARG K 515 8.65 50.50 -7.23
N VAL K 516 8.58 49.26 -7.71
CA VAL K 516 8.31 48.11 -6.86
C VAL K 516 9.60 47.62 -6.23
N ASP K 517 9.59 47.44 -4.91
CA ASP K 517 10.74 46.92 -4.19
C ASP K 517 10.38 45.70 -3.34
N ASN K 518 9.16 45.19 -3.47
CA ASN K 518 8.75 44.04 -2.67
C ASN K 518 7.54 43.40 -3.34
N ILE K 519 7.63 42.10 -3.58
CA ILE K 519 6.54 41.34 -4.19
C ILE K 519 6.05 40.34 -3.17
N ILE K 520 4.79 40.44 -2.80
CA ILE K 520 4.18 39.57 -1.79
C ILE K 520 3.08 38.78 -2.47
N LYS K 521 3.19 37.46 -2.42
CA LYS K 521 2.22 36.57 -3.05
C LYS K 521 1.39 35.87 -1.99
N ALA K 522 0.07 35.89 -2.17
CA ALA K 522 -0.81 35.14 -1.29
C ALA K 522 -0.73 33.66 -1.62
N ALA K 523 -1.29 32.85 -0.74
CA ALA K 523 -1.31 31.41 -0.96
C ALA K 523 -2.18 31.10 -2.17
N PRO K 524 -1.66 30.42 -3.19
CA PRO K 524 -2.44 30.21 -4.41
C PRO K 524 -3.64 29.32 -4.15
N ARG K 525 -4.68 29.52 -4.95
CA ARG K 525 -5.90 28.75 -4.83
C ARG K 525 -5.85 27.49 -5.69
N ARG L 1 31.33 41.14 -47.36
CA ARG L 1 31.52 42.33 -46.54
C ARG L 1 32.36 42.02 -45.32
N GLY L 2 32.77 40.76 -45.18
CA GLY L 2 33.55 40.30 -44.06
C GLY L 2 32.81 39.23 -43.26
N LYS L 3 32.92 39.31 -41.93
CA LYS L 3 32.27 38.33 -41.08
C LYS L 3 30.76 38.41 -41.20
N GLY L 4 30.21 39.61 -41.26
CA GLY L 4 28.77 39.77 -41.29
C GLY L 4 28.14 39.59 -39.93
N ALA L 5 26.81 39.64 -39.91
CA ALA L 5 26.08 39.52 -38.66
C ALA L 5 26.14 38.09 -38.15
N TYR L 6 26.54 37.93 -36.90
CA TYR L 6 26.62 36.62 -36.30
C TYR L 6 25.24 36.11 -35.95
N GLN L 7 24.93 34.88 -36.35
CA GLN L 7 23.61 34.30 -36.07
C GLN L 7 23.60 33.83 -34.64
N ASP L 8 23.15 34.71 -33.75
CA ASP L 8 23.21 34.43 -32.32
C ASP L 8 22.33 33.25 -31.92
N ARG L 9 21.12 33.18 -32.49
CA ARG L 9 20.10 32.30 -31.91
C ARG L 9 20.22 30.85 -32.35
N ASP L 10 19.99 30.58 -33.63
CA ASP L 10 19.99 29.23 -34.21
C ASP L 10 18.76 28.41 -33.79
N LYS L 11 17.95 28.93 -32.85
CA LYS L 11 16.70 28.26 -32.54
C LYS L 11 15.66 28.41 -33.66
N PRO L 12 15.56 29.59 -34.30
CA PRO L 12 14.67 29.67 -35.48
C PRO L 12 15.00 28.63 -36.53
N ALA L 13 16.28 28.34 -36.75
CA ALA L 13 16.64 27.30 -37.70
C ALA L 13 16.11 25.95 -37.26
N GLN L 14 16.20 25.65 -35.95
CA GLN L 14 15.70 24.37 -35.46
C GLN L 14 14.19 24.27 -35.66
N ILE L 15 13.47 25.34 -35.35
CA ILE L 15 12.01 25.33 -35.54
C ILE L 15 11.66 25.14 -37.00
N ARG L 16 12.38 25.83 -37.88
CA ARG L 16 12.09 25.75 -39.31
C ARG L 16 12.37 24.34 -39.84
N PHE L 17 13.48 23.73 -39.41
CA PHE L 17 13.79 22.37 -39.80
C PHE L 17 12.74 21.39 -39.28
N SER L 18 12.27 21.59 -38.05
CA SER L 18 11.24 20.71 -37.50
C SER L 18 9.95 20.80 -38.31
N ASN L 19 9.55 22.03 -38.67
CA ASN L 19 8.35 22.19 -39.50
C ASN L 19 8.52 21.48 -40.84
N ILE L 20 9.68 21.63 -41.46
CA ILE L 20 9.90 20.98 -42.75
C ILE L 20 9.84 19.46 -42.61
N SER L 21 10.46 18.93 -41.55
CA SER L 21 10.45 17.48 -41.35
C SER L 21 9.03 16.97 -41.15
N ALA L 22 8.22 17.70 -40.39
CA ALA L 22 6.83 17.27 -40.20
C ALA L 22 6.07 17.25 -41.51
N ALA L 23 6.22 18.30 -42.33
CA ALA L 23 5.53 18.33 -43.61
C ALA L 23 5.99 17.20 -44.52
N LYS L 24 7.30 16.94 -44.56
CA LYS L 24 7.82 15.86 -45.38
C LYS L 24 7.28 14.51 -44.92
N ALA L 25 7.19 14.31 -43.60
CA ALA L 25 6.62 13.07 -43.09
C ALA L 25 5.18 12.90 -43.52
N VAL L 26 4.40 13.98 -43.49
CA VAL L 26 3.00 13.89 -43.91
C VAL L 26 2.91 13.52 -45.39
N ALA L 27 3.76 14.13 -46.23
CA ALA L 27 3.73 13.81 -47.65
C ALA L 27 4.10 12.35 -47.89
N ASP L 28 5.17 11.89 -47.24
CA ASP L 28 5.57 10.49 -47.39
C ASP L 28 4.48 9.56 -46.90
N ALA L 29 3.73 9.97 -45.88
CA ALA L 29 2.57 9.19 -45.45
C ALA L 29 1.57 9.07 -46.59
N ILE L 30 0.99 10.20 -47.01
CA ILE L 30 0.11 10.19 -48.18
C ILE L 30 0.99 10.44 -49.39
N ARG L 31 1.73 9.41 -49.79
CA ARG L 31 2.45 9.37 -51.04
C ARG L 31 2.05 8.14 -51.84
N THR L 32 1.70 7.06 -51.14
CA THR L 32 1.33 5.80 -51.79
C THR L 32 -0.14 5.76 -52.20
N SER L 33 -0.90 6.81 -51.91
CA SER L 33 -2.31 6.89 -52.27
C SER L 33 -2.55 7.79 -53.46
N LEU L 34 -1.61 7.81 -54.41
CA LEU L 34 -1.66 8.72 -55.54
C LEU L 34 -1.70 7.95 -56.85
N GLY L 35 -2.58 8.36 -57.75
CA GLY L 35 -2.60 7.82 -59.09
C GLY L 35 -3.51 6.62 -59.25
N PRO L 36 -3.66 6.16 -60.50
CA PRO L 36 -4.56 5.02 -60.75
C PRO L 36 -4.10 3.74 -60.08
N LYS L 37 -2.83 3.64 -59.73
CA LYS L 37 -2.30 2.47 -59.06
C LYS L 37 -2.11 2.68 -57.56
N GLY L 38 -2.69 3.74 -57.00
CA GLY L 38 -2.62 3.95 -55.58
C GLY L 38 -3.54 3.01 -54.83
N MET L 39 -3.34 2.96 -53.52
CA MET L 39 -4.09 2.06 -52.66
C MET L 39 -4.70 2.83 -51.50
N ASP L 40 -5.79 2.31 -50.98
CA ASP L 40 -6.52 2.99 -49.91
C ASP L 40 -5.81 2.84 -48.57
N LYS L 41 -5.98 3.83 -47.72
CA LYS L 41 -5.59 3.74 -46.33
C LYS L 41 -6.81 3.41 -45.48
N MET L 42 -6.55 2.97 -44.26
CA MET L 42 -7.60 2.51 -43.36
C MET L 42 -7.39 3.14 -42.01
N ILE L 43 -8.34 3.96 -41.57
CA ILE L 43 -8.18 4.78 -40.39
C ILE L 43 -9.25 4.39 -39.37
N GLN L 44 -8.81 4.05 -38.16
CA GLN L 44 -9.69 3.72 -37.05
C GLN L 44 -9.45 4.74 -35.95
N ASP L 45 -10.48 5.54 -35.65
CA ASP L 45 -10.32 6.66 -34.73
C ASP L 45 -10.41 6.17 -33.29
N GLY L 46 -10.53 7.11 -32.35
CA GLY L 46 -10.62 6.74 -30.94
C GLY L 46 -11.84 5.89 -30.64
N LYS L 47 -12.95 6.17 -31.33
CA LYS L 47 -14.14 5.34 -31.22
C LYS L 47 -13.94 4.11 -32.10
N GLY L 48 -15.01 3.35 -32.31
CA GLY L 48 -14.92 2.18 -33.16
C GLY L 48 -15.07 2.45 -34.63
N ASP L 49 -15.20 3.70 -35.05
CA ASP L 49 -15.45 4.01 -36.44
C ASP L 49 -14.25 3.66 -37.31
N VAL L 50 -14.52 3.07 -38.47
CA VAL L 50 -13.49 2.62 -39.40
C VAL L 50 -13.75 3.27 -40.75
N THR L 51 -12.69 3.80 -41.36
CA THR L 51 -12.78 4.46 -42.65
C THR L 51 -11.77 3.84 -43.61
N ILE L 52 -12.23 3.48 -44.79
CA ILE L 52 -11.37 3.07 -45.90
C ILE L 52 -11.49 4.14 -46.97
N THR L 53 -10.39 4.79 -47.32
CA THR L 53 -10.48 5.93 -48.20
C THR L 53 -9.20 6.14 -48.98
N ASN L 54 -9.34 6.81 -50.13
CA ASN L 54 -8.23 7.29 -50.93
C ASN L 54 -8.17 8.81 -51.00
N ASP L 55 -9.23 9.50 -50.58
CA ASP L 55 -9.26 10.95 -50.65
C ASP L 55 -8.24 11.54 -49.70
N GLY L 56 -7.34 12.38 -50.24
CA GLY L 56 -6.29 12.93 -49.41
C GLY L 56 -6.81 13.80 -48.29
N ALA L 57 -7.81 14.62 -48.58
CA ALA L 57 -8.41 15.46 -47.54
C ALA L 57 -8.99 14.60 -46.44
N THR L 58 -9.71 13.53 -46.81
CA THR L 58 -10.31 12.66 -45.80
C THR L 58 -9.23 11.97 -44.98
N ILE L 59 -8.17 11.49 -45.62
CA ILE L 59 -7.09 10.82 -44.87
C ILE L 59 -6.47 11.78 -43.88
N LEU L 60 -6.15 12.99 -44.33
CA LEU L 60 -5.49 13.95 -43.46
C LEU L 60 -6.39 14.39 -42.32
N LYS L 61 -7.67 14.64 -42.60
CA LYS L 61 -8.57 15.08 -41.55
C LYS L 61 -8.86 13.97 -40.55
N GLN L 62 -8.96 12.72 -41.01
CA GLN L 62 -9.37 11.64 -40.14
C GLN L 62 -8.35 11.36 -39.05
N MET L 63 -7.07 11.40 -39.39
CA MET L 63 -6.02 11.10 -38.42
C MET L 63 -5.52 12.39 -37.78
N GLN L 64 -5.52 12.42 -36.45
CA GLN L 64 -4.96 13.56 -35.74
C GLN L 64 -3.46 13.57 -35.91
N VAL L 65 -2.90 14.73 -36.22
CA VAL L 65 -1.50 14.82 -36.61
C VAL L 65 -0.62 15.47 -35.53
N LEU L 66 -1.19 16.32 -34.69
CA LEU L 66 -0.55 16.86 -33.48
C LEU L 66 0.61 17.80 -33.75
N HIS L 67 1.01 18.00 -35.00
CA HIS L 67 2.12 18.90 -35.28
C HIS L 67 1.62 20.11 -36.04
N PRO L 68 2.04 21.32 -35.66
CA PRO L 68 1.49 22.52 -36.32
C PRO L 68 1.68 22.54 -37.83
N ALA L 69 2.84 22.11 -38.33
CA ALA L 69 3.03 22.07 -39.78
C ALA L 69 2.09 21.05 -40.41
N ALA L 70 1.92 19.90 -39.77
CA ALA L 70 1.01 18.89 -40.29
C ALA L 70 -0.43 19.39 -40.28
N ARG L 71 -0.83 20.10 -39.22
CA ARG L 71 -2.18 20.64 -39.18
C ARG L 71 -2.39 21.70 -40.27
N MET L 72 -1.36 22.51 -40.53
CA MET L 72 -1.47 23.47 -41.61
C MET L 72 -1.59 22.77 -42.96
N LEU L 73 -0.87 21.65 -43.15
CA LEU L 73 -1.06 20.88 -44.37
C LEU L 73 -2.46 20.30 -44.47
N VAL L 74 -3.04 19.87 -43.35
CA VAL L 74 -4.42 19.40 -43.36
C VAL L 74 -5.36 20.51 -43.81
N GLU L 75 -5.16 21.72 -43.27
CA GLU L 75 -5.97 22.85 -43.69
C GLU L 75 -5.78 23.15 -45.16
N LEU L 76 -4.55 23.00 -45.66
CA LEU L 76 -4.29 23.21 -47.08
C LEU L 76 -5.07 22.21 -47.93
N SER L 77 -5.08 20.95 -47.52
CA SER L 77 -5.85 19.94 -48.25
C SER L 77 -7.33 20.27 -48.22
N LYS L 78 -7.83 20.74 -47.08
CA LYS L 78 -9.24 21.14 -47.00
C LYS L 78 -9.55 22.29 -47.95
N ALA L 79 -8.65 23.27 -48.02
CA ALA L 79 -8.86 24.40 -48.92
C ALA L 79 -8.86 23.95 -50.38
N GLN L 80 -7.95 23.05 -50.74
CA GLN L 80 -7.92 22.53 -52.11
C GLN L 80 -9.20 21.76 -52.41
N ASP L 81 -9.69 20.99 -51.44
CA ASP L 81 -10.96 20.29 -51.62
C ASP L 81 -12.10 21.26 -51.84
N ILE L 82 -12.10 22.37 -51.10
CA ILE L 82 -13.15 23.37 -51.26
C ILE L 82 -13.09 24.00 -52.64
N GLU L 83 -11.91 24.42 -53.07
CA GLU L 83 -11.79 25.14 -54.33
C GLU L 83 -11.89 24.22 -55.54
N ALA L 84 -11.29 23.03 -55.46
CA ALA L 84 -11.25 22.12 -56.59
C ALA L 84 -12.07 20.85 -56.36
N GLY L 85 -11.77 20.11 -55.30
CA GLY L 85 -12.44 18.86 -55.04
C GLY L 85 -11.64 17.62 -55.39
N ASP L 86 -10.60 17.77 -56.20
CA ASP L 86 -9.59 16.72 -56.37
C ASP L 86 -8.22 17.37 -56.39
N GLY L 87 -7.19 16.54 -56.46
CA GLY L 87 -5.85 17.05 -56.28
C GLY L 87 -5.49 17.31 -54.85
N THR L 88 -6.31 16.85 -53.90
CA THR L 88 -6.02 17.07 -52.49
C THR L 88 -4.76 16.33 -52.06
N THR L 89 -4.48 15.17 -52.66
CA THR L 89 -3.22 14.47 -52.37
C THR L 89 -2.05 15.18 -53.04
N SER L 90 -2.25 15.62 -54.29
CA SER L 90 -1.16 16.23 -55.04
C SER L 90 -0.68 17.51 -54.39
N VAL L 91 -1.60 18.32 -53.88
CA VAL L 91 -1.19 19.60 -53.29
C VAL L 91 -0.35 19.37 -52.04
N VAL L 92 -0.73 18.38 -51.23
CA VAL L 92 0.05 18.08 -50.03
C VAL L 92 1.41 17.53 -50.40
N ILE L 93 1.47 16.67 -51.42
CA ILE L 93 2.76 16.14 -51.86
C ILE L 93 3.65 17.30 -52.35
N ILE L 94 3.06 18.23 -53.10
CA ILE L 94 3.83 19.36 -53.63
C ILE L 94 4.37 20.22 -52.49
N ALA L 95 3.53 20.51 -51.49
CA ALA L 95 4.00 21.32 -50.37
C ALA L 95 5.12 20.63 -49.61
N GLY L 96 4.98 19.32 -49.36
CA GLY L 96 6.03 18.58 -48.69
C GLY L 96 7.34 18.60 -49.46
N SER L 97 7.27 18.41 -50.77
CA SER L 97 8.47 18.43 -51.59
C SER L 97 9.12 19.81 -51.61
N LEU L 98 8.29 20.86 -51.66
CA LEU L 98 8.82 22.22 -51.63
C LEU L 98 9.59 22.47 -50.35
N LEU L 99 9.03 22.06 -49.21
CA LEU L 99 9.74 22.27 -47.95
C LEU L 99 10.99 21.38 -47.86
N ASP L 100 10.93 20.17 -48.42
CA ASP L 100 12.11 19.32 -48.44
C ASP L 100 13.25 19.99 -49.20
N SER L 101 12.94 20.64 -50.32
CA SER L 101 13.96 21.41 -51.04
C SER L 101 14.42 22.60 -50.21
N CYS L 102 13.49 23.24 -49.50
CA CYS L 102 13.87 24.36 -48.63
C CYS L 102 14.89 23.95 -47.59
N THR L 103 14.87 22.69 -47.15
CA THR L 103 15.88 22.24 -46.19
C THR L 103 17.29 22.47 -46.73
N LYS L 104 17.55 21.95 -47.93
CA LYS L 104 18.87 22.12 -48.52
C LYS L 104 19.16 23.57 -48.82
N LEU L 105 18.15 24.32 -49.27
CA LEU L 105 18.35 25.73 -49.57
C LEU L 105 18.81 26.49 -48.33
N LEU L 106 18.13 26.28 -47.21
CA LEU L 106 18.50 26.95 -45.96
C LEU L 106 19.86 26.49 -45.49
N GLN L 107 20.14 25.18 -45.59
CA GLN L 107 21.44 24.68 -45.16
C GLN L 107 22.56 25.32 -45.97
N LYS L 108 22.28 25.66 -47.24
CA LYS L 108 23.26 26.37 -48.05
C LYS L 108 23.53 27.77 -47.55
N GLY L 109 22.69 28.30 -46.66
CA GLY L 109 22.91 29.62 -46.12
C GLY L 109 22.14 30.71 -46.82
N ILE L 110 20.88 30.44 -47.15
CA ILE L 110 20.01 31.40 -47.81
C ILE L 110 18.91 31.79 -46.84
N HIS L 111 18.68 33.08 -46.69
CA HIS L 111 17.68 33.56 -45.75
C HIS L 111 16.29 33.10 -46.19
N PRO L 112 15.42 32.70 -45.26
CA PRO L 112 14.10 32.21 -45.65
C PRO L 112 13.15 33.34 -46.00
N THR L 113 13.65 34.30 -46.74
CA THR L 113 12.88 35.36 -47.38
C THR L 113 13.22 35.49 -48.85
N ILE L 114 14.48 35.29 -49.22
CA ILE L 114 14.83 35.12 -50.62
C ILE L 114 14.14 33.89 -51.17
N ILE L 115 14.04 32.84 -50.36
CA ILE L 115 13.37 31.61 -50.79
C ILE L 115 11.90 31.88 -51.09
N SER L 116 11.23 32.65 -50.24
CA SER L 116 9.82 32.90 -50.43
C SER L 116 9.56 33.70 -51.71
N GLU L 117 10.32 34.77 -51.92
CA GLU L 117 10.12 35.58 -53.12
C GLU L 117 10.48 34.80 -54.38
N SER L 118 11.54 34.00 -54.32
CA SER L 118 11.90 33.17 -55.47
C SER L 118 10.81 32.16 -55.76
N PHE L 119 10.20 31.60 -54.72
CA PHE L 119 9.11 30.66 -54.92
C PHE L 119 7.90 31.36 -55.53
N GLN L 120 7.65 32.60 -55.13
CA GLN L 120 6.56 33.36 -55.75
C GLN L 120 6.82 33.57 -57.24
N LYS L 121 8.06 33.93 -57.59
CA LYS L 121 8.41 34.10 -59.00
C LYS L 121 8.22 32.79 -59.76
N ALA L 122 8.68 31.69 -59.17
CA ALA L 122 8.52 30.39 -59.82
C ALA L 122 7.05 30.02 -59.98
N LEU L 123 6.22 30.35 -58.99
CA LEU L 123 4.79 30.06 -59.08
C LEU L 123 4.15 30.85 -60.21
N GLU L 124 4.51 32.13 -60.34
CA GLU L 124 3.95 32.92 -61.43
C GLU L 124 4.37 32.37 -62.79
N LYS L 125 5.65 32.02 -62.93
CA LYS L 125 6.10 31.43 -64.18
C LYS L 125 5.38 30.11 -64.46
N GLY L 126 5.20 29.29 -63.43
CA GLY L 126 4.52 28.02 -63.62
C GLY L 126 3.06 28.18 -63.99
N ILE L 127 2.40 29.20 -63.43
CA ILE L 127 1.02 29.48 -63.84
C ILE L 127 0.99 29.86 -65.30
N GLU L 128 1.95 30.68 -65.74
CA GLU L 128 2.02 31.01 -67.16
C GLU L 128 2.22 29.76 -68.02
N ILE L 129 3.11 28.87 -67.59
CA ILE L 129 3.40 27.66 -68.36
C ILE L 129 2.15 26.78 -68.46
N LEU L 130 1.48 26.57 -67.33
CA LEU L 130 0.29 25.73 -67.32
C LEU L 130 -0.82 26.32 -68.18
N THR L 131 -1.00 27.64 -68.11
CA THR L 131 -2.00 28.28 -68.96
C THR L 131 -1.65 28.11 -70.43
N ASP L 132 -0.36 28.20 -70.77
CA ASP L 132 0.05 27.98 -72.16
C ASP L 132 -0.24 26.55 -72.60
N MET L 133 -0.04 25.58 -71.70
CA MET L 133 -0.27 24.18 -72.06
C MET L 133 -1.75 23.84 -72.17
N SER L 134 -2.64 24.66 -71.63
CA SER L 134 -4.04 24.32 -71.54
C SER L 134 -4.69 24.34 -72.92
N ARG L 135 -5.90 23.77 -72.98
CA ARG L 135 -6.68 23.69 -74.19
C ARG L 135 -8.11 24.13 -73.90
N PRO L 136 -8.72 24.93 -74.77
CA PRO L 136 -10.11 25.35 -74.55
C PRO L 136 -11.06 24.17 -74.62
N VAL L 137 -12.15 24.27 -73.86
CA VAL L 137 -13.16 23.23 -73.82
C VAL L 137 -14.52 23.90 -73.64
N GLU L 138 -15.53 23.37 -74.32
CA GLU L 138 -16.89 23.83 -74.18
C GLU L 138 -17.76 22.71 -73.65
N LEU L 139 -18.77 23.08 -72.86
CA LEU L 139 -19.61 22.09 -72.20
C LEU L 139 -20.47 21.29 -73.16
N SER L 140 -20.56 21.71 -74.43
CA SER L 140 -21.33 20.97 -75.41
C SER L 140 -20.67 19.64 -75.78
N ASP L 141 -19.37 19.48 -75.49
CA ASP L 141 -18.64 18.26 -75.83
C ASP L 141 -18.76 17.28 -74.68
N ARG L 142 -19.55 16.22 -74.88
CA ARG L 142 -19.74 15.24 -73.81
C ARG L 142 -18.53 14.35 -73.63
N GLU L 143 -17.75 14.13 -74.70
CA GLU L 143 -16.62 13.22 -74.61
C GLU L 143 -15.56 13.73 -73.63
N THR L 144 -15.26 15.03 -73.67
CA THR L 144 -14.29 15.59 -72.75
C THR L 144 -14.77 15.47 -71.31
N LEU L 145 -16.06 15.72 -71.08
CA LEU L 145 -16.61 15.59 -69.73
C LEU L 145 -16.49 14.15 -69.23
N LEU L 146 -16.83 13.19 -70.09
CA LEU L 146 -16.74 11.79 -69.69
C LEU L 146 -15.30 11.39 -69.42
N ASN L 147 -14.37 11.86 -70.24
CA ASN L 147 -12.96 11.56 -70.02
C ASN L 147 -12.47 12.14 -68.71
N SER L 148 -12.87 13.37 -68.40
CA SER L 148 -12.47 13.99 -67.13
C SER L 148 -13.03 13.21 -65.95
N ALA L 149 -14.31 12.82 -66.02
CA ALA L 149 -14.88 12.06 -64.92
C ALA L 149 -14.20 10.71 -64.76
N THR L 150 -13.92 10.03 -65.87
CA THR L 150 -13.24 8.74 -65.79
C THR L 150 -11.83 8.90 -65.21
N THR L 151 -11.13 9.95 -65.61
CA THR L 151 -9.81 10.19 -65.06
C THR L 151 -9.88 10.45 -63.56
N SER L 152 -10.90 11.18 -63.12
CA SER L 152 -11.07 11.42 -61.70
C SER L 152 -11.34 10.11 -60.95
N LEU L 153 -12.14 9.23 -61.53
CA LEU L 153 -12.49 7.98 -60.87
C LEU L 153 -11.43 6.90 -61.03
N ASN L 154 -10.43 7.11 -61.88
CA ASN L 154 -9.44 6.07 -62.15
C ASN L 154 -8.69 5.63 -60.90
N SER L 155 -8.60 6.51 -59.90
CA SER L 155 -7.76 6.25 -58.74
C SER L 155 -8.54 5.78 -57.53
N LYS L 156 -9.83 5.48 -57.68
CA LYS L 156 -10.67 5.10 -56.56
C LYS L 156 -11.14 3.65 -56.73
N VAL L 157 -11.80 3.14 -55.69
CA VAL L 157 -12.25 1.76 -55.69
C VAL L 157 -13.36 1.55 -56.72
N VAL L 158 -13.96 2.63 -57.20
CA VAL L 158 -15.05 2.54 -58.15
C VAL L 158 -14.51 2.67 -59.57
N SER L 159 -13.20 2.42 -59.73
CA SER L 159 -12.63 2.42 -61.07
C SER L 159 -13.28 1.37 -61.95
N GLN L 160 -13.67 0.23 -61.38
CA GLN L 160 -14.33 -0.81 -62.16
C GLN L 160 -15.72 -0.37 -62.59
N TYR L 161 -16.43 0.35 -61.74
CA TYR L 161 -17.77 0.83 -62.04
C TYR L 161 -17.77 2.19 -62.70
N SER L 162 -16.58 2.71 -63.06
CA SER L 162 -16.50 3.99 -63.75
C SER L 162 -17.42 4.05 -64.97
N SER L 163 -17.52 2.95 -65.72
CA SER L 163 -18.34 2.94 -66.92
C SER L 163 -19.80 3.25 -66.63
N LEU L 164 -20.24 3.06 -65.39
CA LEU L 164 -21.57 3.46 -64.95
C LEU L 164 -21.58 4.80 -64.23
N LEU L 165 -20.59 5.04 -63.37
CA LEU L 165 -20.62 6.21 -62.51
C LEU L 165 -20.29 7.50 -63.26
N SER L 166 -19.29 7.48 -64.14
CA SER L 166 -18.88 8.71 -64.80
C SER L 166 -19.98 9.32 -65.67
N PRO L 167 -20.68 8.58 -66.54
CA PRO L 167 -21.82 9.21 -67.23
C PRO L 167 -22.89 9.66 -66.25
N MET L 168 -23.07 8.93 -65.16
CA MET L 168 -24.05 9.32 -64.14
C MET L 168 -23.70 10.68 -63.56
N SER L 169 -22.43 10.88 -63.19
CA SER L 169 -22.02 12.15 -62.60
C SER L 169 -22.09 13.28 -63.62
N VAL L 170 -21.71 13.01 -64.88
CA VAL L 170 -21.79 14.04 -65.91
C VAL L 170 -23.24 14.47 -66.10
N ASN L 171 -24.15 13.51 -66.20
CA ASN L 171 -25.57 13.83 -66.34
C ASN L 171 -26.08 14.58 -65.11
N ALA L 172 -25.64 14.18 -63.92
CA ALA L 172 -26.09 14.83 -62.70
C ALA L 172 -25.71 16.30 -62.69
N VAL L 173 -24.47 16.62 -63.07
CA VAL L 173 -24.07 18.01 -63.12
C VAL L 173 -24.82 18.75 -64.23
N MET L 174 -24.95 18.12 -65.40
CA MET L 174 -25.60 18.79 -66.52
C MET L 174 -27.06 19.10 -66.24
N LYS L 175 -27.69 18.30 -65.37
CA LYS L 175 -29.12 18.50 -65.11
C LYS L 175 -29.38 19.74 -64.27
N VAL L 176 -28.52 20.01 -63.28
CA VAL L 176 -28.79 21.02 -62.28
C VAL L 176 -28.20 22.38 -62.65
N ILE L 177 -27.67 22.52 -63.88
CA ILE L 177 -27.13 23.80 -64.32
C ILE L 177 -27.64 24.10 -65.72
N ASP L 178 -27.60 25.38 -66.06
CA ASP L 178 -27.85 25.81 -67.42
C ASP L 178 -26.56 25.68 -68.22
N PRO L 179 -26.55 24.91 -69.32
CA PRO L 179 -25.28 24.71 -70.05
C PRO L 179 -24.63 26.00 -70.50
N ALA L 180 -25.41 27.03 -70.77
CA ALA L 180 -24.89 28.35 -71.08
C ALA L 180 -25.17 29.30 -69.92
N THR L 181 -24.34 30.34 -69.83
CA THR L 181 -24.48 31.38 -68.80
C THR L 181 -24.48 30.78 -67.40
N ALA L 182 -23.59 29.82 -67.17
CA ALA L 182 -23.38 29.25 -65.85
C ALA L 182 -21.92 29.39 -65.48
N THR L 183 -21.66 29.94 -64.30
CA THR L 183 -20.29 30.14 -63.84
C THR L 183 -19.93 29.31 -62.62
N SER L 184 -20.90 28.61 -62.03
CA SER L 184 -20.62 27.78 -60.86
C SER L 184 -21.73 26.74 -60.73
N VAL L 185 -21.42 25.67 -60.02
CA VAL L 185 -22.35 24.58 -59.78
C VAL L 185 -22.53 24.45 -58.27
N ASP L 186 -23.77 24.51 -57.81
CA ASP L 186 -24.08 24.30 -56.40
C ASP L 186 -24.34 22.81 -56.21
N LEU L 187 -23.35 22.11 -55.65
CA LEU L 187 -23.49 20.67 -55.44
C LEU L 187 -24.53 20.31 -54.41
N ARG L 188 -25.04 21.28 -53.64
CA ARG L 188 -26.16 21.01 -52.75
C ARG L 188 -27.42 20.67 -53.52
N ASP L 189 -27.50 21.02 -54.81
CA ASP L 189 -28.62 20.64 -55.64
C ASP L 189 -28.60 19.18 -56.03
N ILE L 190 -27.50 18.47 -55.78
CA ILE L 190 -27.37 17.06 -56.06
C ILE L 190 -27.35 16.33 -54.73
N LYS L 191 -28.39 15.56 -54.45
CA LYS L 191 -28.51 14.87 -53.18
C LYS L 191 -28.05 13.42 -53.34
N ILE L 192 -27.18 13.00 -52.43
CA ILE L 192 -26.65 11.64 -52.42
C ILE L 192 -27.34 10.87 -51.31
N VAL L 193 -27.98 9.76 -51.66
CA VAL L 193 -28.67 8.91 -50.71
C VAL L 193 -27.93 7.58 -50.65
N LYS L 194 -27.49 7.21 -49.45
CA LYS L 194 -26.70 6.00 -49.25
C LYS L 194 -27.60 4.94 -48.61
N LYS L 195 -27.92 3.90 -49.37
CA LYS L 195 -28.74 2.80 -48.89
C LYS L 195 -27.91 1.53 -48.93
N LEU L 196 -27.76 0.88 -47.79
CA LEU L 196 -26.98 -0.34 -47.70
C LEU L 196 -27.67 -1.46 -48.47
N GLY L 197 -26.85 -2.33 -49.06
CA GLY L 197 -27.37 -3.48 -49.77
C GLY L 197 -27.08 -3.44 -51.25
N GLY L 198 -27.19 -4.59 -51.91
CA GLY L 198 -26.95 -4.62 -53.33
C GLY L 198 -25.48 -4.41 -53.67
N THR L 199 -25.25 -3.85 -54.84
CA THR L 199 -23.91 -3.63 -55.36
C THR L 199 -23.84 -2.21 -55.92
N ILE L 200 -22.61 -1.68 -56.04
CA ILE L 200 -22.44 -0.37 -56.64
C ILE L 200 -22.93 -0.35 -58.07
N ASP L 201 -23.08 -1.51 -58.69
CA ASP L 201 -23.73 -1.57 -60.00
C ASP L 201 -25.20 -1.16 -59.93
N ASP L 202 -25.77 -1.12 -58.73
CA ASP L 202 -27.17 -0.74 -58.55
C ASP L 202 -27.35 0.74 -58.31
N CYS L 203 -26.31 1.55 -58.44
CA CYS L 203 -26.44 2.99 -58.28
C CYS L 203 -27.38 3.54 -59.34
N GLU L 204 -28.19 4.51 -58.93
CA GLU L 204 -29.26 5.04 -59.78
C GLU L 204 -29.18 6.55 -59.83
N LEU L 205 -29.85 7.13 -60.83
CA LEU L 205 -29.89 8.56 -61.08
C LEU L 205 -31.32 9.04 -61.17
N VAL L 206 -32.13 8.69 -60.16
CA VAL L 206 -33.51 9.16 -60.10
C VAL L 206 -33.56 10.66 -60.26
N GLU L 207 -34.43 11.13 -61.14
CA GLU L 207 -34.52 12.56 -61.45
C GLU L 207 -35.53 13.29 -60.57
N GLY L 208 -36.31 12.58 -59.78
CA GLY L 208 -37.22 13.22 -58.85
C GLY L 208 -36.56 13.45 -57.51
N LEU L 209 -37.20 13.02 -56.43
CA LEU L 209 -36.60 13.07 -55.11
C LEU L 209 -36.84 11.75 -54.41
N VAL L 210 -35.93 11.41 -53.50
CA VAL L 210 -35.99 10.16 -52.75
C VAL L 210 -36.12 10.51 -51.28
N LEU L 211 -37.15 9.99 -50.64
CA LEU L 211 -37.43 10.26 -49.23
C LEU L 211 -37.27 8.98 -48.43
N THR L 212 -36.49 9.05 -47.35
CA THR L 212 -36.33 7.91 -46.47
C THR L 212 -37.49 7.74 -45.49
N GLN L 213 -38.40 8.71 -45.44
CA GLN L 213 -39.54 8.62 -44.53
C GLN L 213 -40.50 7.53 -44.98
N LYS L 214 -41.10 6.85 -44.01
CA LYS L 214 -42.05 5.77 -44.29
C LYS L 214 -43.46 6.33 -44.43
N VAL L 215 -44.25 5.69 -45.29
CA VAL L 215 -45.64 6.08 -45.47
C VAL L 215 -46.43 5.70 -44.22
N SER L 216 -47.07 6.70 -43.59
CA SER L 216 -47.91 6.40 -42.44
C SER L 216 -49.23 5.76 -42.86
N ASN L 217 -49.71 6.10 -44.06
CA ASN L 217 -50.95 5.54 -44.58
C ASN L 217 -50.68 4.09 -45.01
N SER L 218 -50.70 3.21 -44.03
CA SER L 218 -50.43 1.80 -44.27
C SER L 218 -51.55 1.21 -45.11
N GLY L 219 -51.23 0.86 -46.35
CA GLY L 219 -52.21 0.26 -47.23
C GLY L 219 -52.29 0.92 -48.59
N ILE L 220 -51.86 2.17 -48.70
CA ILE L 220 -51.88 2.91 -49.96
C ILE L 220 -50.44 3.20 -50.34
N THR L 221 -50.02 2.68 -51.50
CA THR L 221 -48.73 2.96 -52.07
C THR L 221 -48.88 3.05 -53.58
N ARG L 222 -47.91 3.70 -54.22
CA ARG L 222 -47.85 3.79 -55.68
C ARG L 222 -49.11 4.42 -56.26
N VAL L 223 -49.29 5.69 -55.94
CA VAL L 223 -50.36 6.48 -56.54
C VAL L 223 -49.85 7.13 -57.82
N GLU L 224 -50.63 7.03 -58.88
CA GLU L 224 -50.28 7.62 -60.17
C GLU L 224 -51.01 8.96 -60.33
N LYS L 225 -50.43 9.81 -61.18
CA LYS L 225 -50.91 11.18 -61.36
C LYS L 225 -51.01 11.90 -60.02
N ALA L 226 -49.92 11.81 -59.25
CA ALA L 226 -49.91 12.36 -57.90
C ALA L 226 -50.05 13.87 -57.93
N LYS L 227 -50.83 14.39 -56.99
CA LYS L 227 -50.98 15.83 -56.76
C LYS L 227 -50.45 16.08 -55.35
N ILE L 228 -49.16 16.31 -55.25
CA ILE L 228 -48.49 16.35 -53.96
C ILE L 228 -48.74 17.69 -53.29
N GLY L 229 -48.96 17.65 -51.98
CA GLY L 229 -49.11 18.85 -51.20
C GLY L 229 -48.26 18.82 -49.95
N LEU L 230 -47.52 19.90 -49.69
CA LEU L 230 -46.63 19.98 -48.54
C LEU L 230 -47.19 21.01 -47.57
N ILE L 231 -47.57 20.55 -46.38
CA ILE L 231 -48.17 21.42 -45.38
C ILE L 231 -47.20 21.58 -44.22
N GLN L 232 -47.23 22.76 -43.60
CA GLN L 232 -46.40 23.05 -42.46
C GLN L 232 -47.19 23.27 -41.18
N PHE L 233 -48.51 23.06 -41.22
CA PHE L 233 -49.34 23.10 -40.02
C PHE L 233 -49.60 21.68 -39.54
N CYS L 234 -50.29 21.58 -38.42
CA CYS L 234 -50.50 20.31 -37.74
C CYS L 234 -51.95 19.87 -37.83
N LEU L 235 -52.17 18.59 -38.10
CA LEU L 235 -53.51 18.01 -38.21
C LEU L 235 -53.83 17.31 -36.89
N SER L 236 -54.19 18.10 -35.89
CA SER L 236 -54.57 17.57 -34.60
C SER L 236 -55.62 18.50 -33.98
N ALA L 237 -55.86 18.34 -32.69
CA ALA L 237 -56.88 19.13 -32.02
C ALA L 237 -56.47 20.60 -32.03
N PRO L 238 -57.44 21.52 -32.02
CA PRO L 238 -57.10 22.95 -32.04
C PRO L 238 -56.26 23.33 -30.83
N LYS L 239 -55.29 24.21 -31.06
CA LYS L 239 -54.40 24.65 -30.00
C LYS L 239 -53.79 25.98 -30.40
N THR L 240 -54.08 27.03 -29.64
CA THR L 240 -53.53 28.33 -29.93
C THR L 240 -52.07 28.41 -29.51
N ASP L 241 -51.37 29.40 -30.03
CA ASP L 241 -49.99 29.61 -29.65
C ASP L 241 -49.87 29.94 -28.17
N MET L 242 -50.74 30.81 -27.67
CA MET L 242 -50.79 31.10 -26.25
C MET L 242 -51.56 30.01 -25.52
N ASP L 243 -51.22 29.80 -24.25
CA ASP L 243 -51.74 28.65 -23.52
C ASP L 243 -53.26 28.70 -23.43
N ASN L 244 -53.88 27.53 -23.54
CA ASN L 244 -55.32 27.42 -23.61
C ASN L 244 -55.79 26.19 -22.85
N GLN L 245 -56.94 26.30 -22.19
CA GLN L 245 -57.59 25.17 -21.55
C GLN L 245 -59.07 25.24 -21.85
N ILE L 246 -59.71 24.07 -21.91
CA ILE L 246 -61.14 23.95 -22.11
C ILE L 246 -61.73 23.42 -20.81
N VAL L 247 -62.52 24.25 -20.14
CA VAL L 247 -63.12 23.88 -18.86
C VAL L 247 -64.47 23.23 -19.10
N VAL L 248 -64.73 22.13 -18.41
CA VAL L 248 -65.96 21.37 -18.55
C VAL L 248 -66.71 21.41 -17.23
N SER L 249 -67.98 21.81 -17.28
CA SER L 249 -68.82 21.84 -16.10
C SER L 249 -70.13 21.08 -16.32
N ASP L 250 -70.19 20.22 -17.33
CA ASP L 250 -71.40 19.48 -17.64
C ASP L 250 -71.02 18.32 -18.56
N TYR L 251 -71.77 17.21 -18.43
CA TYR L 251 -71.50 16.05 -19.28
C TYR L 251 -71.77 16.37 -20.74
N ALA L 252 -72.83 17.12 -21.01
CA ALA L 252 -73.09 17.57 -22.37
C ALA L 252 -71.88 18.30 -22.94
N GLN L 253 -71.14 19.02 -22.09
CA GLN L 253 -69.92 19.67 -22.54
C GLN L 253 -68.87 18.65 -22.95
N MET L 254 -68.76 17.53 -22.22
CA MET L 254 -67.81 16.49 -22.63
C MET L 254 -68.17 15.95 -24.00
N ASP L 255 -69.44 15.62 -24.20
CA ASP L 255 -69.86 15.08 -25.49
C ASP L 255 -69.62 16.10 -26.60
N ARG L 256 -69.92 17.37 -26.34
CA ARG L 256 -69.73 18.42 -27.32
C ARG L 256 -68.25 18.59 -27.65
N VAL L 257 -67.37 18.48 -26.64
CA VAL L 257 -65.95 18.60 -26.88
C VAL L 257 -65.48 17.52 -27.84
N LEU L 258 -65.86 16.26 -27.56
CA LEU L 258 -65.46 15.17 -28.44
C LEU L 258 -65.99 15.39 -29.86
N ARG L 259 -67.28 15.72 -29.96
CA ARG L 259 -67.88 15.89 -31.28
C ARG L 259 -67.24 17.03 -32.06
N GLU L 260 -66.97 18.15 -31.39
CA GLU L 260 -66.41 19.31 -32.08
C GLU L 260 -64.97 19.06 -32.50
N GLU L 261 -64.20 18.33 -31.69
CA GLU L 261 -62.86 17.95 -32.12
C GLU L 261 -62.93 17.08 -33.37
N ARG L 262 -63.83 16.10 -33.38
CA ARG L 262 -64.02 15.28 -34.57
C ARG L 262 -64.38 16.14 -35.77
N ALA L 263 -65.31 17.08 -35.60
CA ALA L 263 -65.76 17.90 -36.71
C ALA L 263 -64.65 18.79 -37.24
N TYR L 264 -63.82 19.34 -36.35
CA TYR L 264 -62.71 20.18 -36.77
C TYR L 264 -61.71 19.39 -37.59
N ILE L 265 -61.33 18.20 -37.10
CA ILE L 265 -60.38 17.39 -37.85
C ILE L 265 -60.96 16.98 -39.20
N LEU L 266 -62.23 16.58 -39.21
CA LEU L 266 -62.86 16.18 -40.46
C LEU L 266 -62.93 17.33 -41.45
N ASN L 267 -63.21 18.54 -40.96
CA ASN L 267 -63.24 19.69 -41.85
C ASN L 267 -61.86 19.97 -42.43
N LEU L 268 -60.81 19.86 -41.61
CA LEU L 268 -59.46 20.05 -42.13
C LEU L 268 -59.17 19.04 -43.24
N VAL L 269 -59.50 17.77 -43.00
CA VAL L 269 -59.18 16.74 -43.97
C VAL L 269 -59.99 16.94 -45.25
N LYS L 270 -61.27 17.31 -45.12
CA LYS L 270 -62.09 17.53 -46.30
C LYS L 270 -61.62 18.74 -47.09
N GLN L 271 -61.16 19.79 -46.40
CA GLN L 271 -60.59 20.94 -47.10
C GLN L 271 -59.36 20.54 -47.87
N ILE L 272 -58.51 19.69 -47.29
CA ILE L 272 -57.33 19.21 -48.01
C ILE L 272 -57.76 18.40 -49.22
N LYS L 273 -58.74 17.51 -49.05
CA LYS L 273 -59.12 16.61 -50.13
C LYS L 273 -59.79 17.34 -51.29
N LYS L 274 -60.55 18.39 -50.99
CA LYS L 274 -61.29 19.10 -52.04
C LYS L 274 -60.36 19.70 -53.09
N THR L 275 -59.11 19.98 -52.75
CA THR L 275 -58.17 20.55 -53.70
C THR L 275 -57.70 19.56 -54.75
N GLY L 276 -58.07 18.29 -54.62
CA GLY L 276 -57.57 17.27 -55.51
C GLY L 276 -56.27 16.63 -55.07
N CYS L 277 -55.73 17.04 -53.93
CA CYS L 277 -54.49 16.46 -53.44
C CYS L 277 -54.68 14.99 -53.09
N ASN L 278 -53.65 14.19 -53.37
CA ASN L 278 -53.66 12.78 -53.03
C ASN L 278 -52.38 12.29 -52.37
N VAL L 279 -51.32 13.09 -52.35
CA VAL L 279 -50.12 12.81 -51.57
C VAL L 279 -49.87 14.00 -50.68
N LEU L 280 -49.75 13.74 -49.38
CA LEU L 280 -49.55 14.80 -48.39
C LEU L 280 -48.23 14.61 -47.69
N LEU L 281 -47.37 15.62 -47.74
CA LEU L 281 -46.13 15.65 -46.98
C LEU L 281 -46.30 16.61 -45.83
N ILE L 282 -46.01 16.15 -44.62
CA ILE L 282 -46.24 16.91 -43.40
C ILE L 282 -44.89 17.20 -42.76
N GLN L 283 -44.61 18.49 -42.55
CA GLN L 283 -43.38 18.88 -41.90
C GLN L 283 -43.34 18.38 -40.46
N LYS L 284 -42.13 18.09 -39.98
CA LYS L 284 -41.98 17.60 -38.62
C LYS L 284 -42.39 18.67 -37.62
N SER L 285 -43.09 18.26 -36.58
CA SER L 285 -43.56 19.15 -35.54
C SER L 285 -43.11 18.64 -34.18
N ILE L 286 -42.80 19.57 -33.28
CA ILE L 286 -42.34 19.23 -31.94
C ILE L 286 -43.32 19.73 -30.88
N LEU L 287 -43.86 20.93 -31.05
CA LEU L 287 -44.73 21.50 -30.03
C LEU L 287 -46.01 20.70 -29.86
N ARG L 288 -46.66 20.32 -30.96
CA ARG L 288 -47.90 19.58 -30.92
C ARG L 288 -47.85 18.43 -31.91
N ASP L 289 -48.88 17.59 -31.85
CA ASP L 289 -48.96 16.42 -32.71
C ASP L 289 -49.12 16.84 -34.16
N ALA L 290 -48.15 16.47 -35.00
CA ALA L 290 -48.23 16.81 -36.42
C ALA L 290 -49.39 16.09 -37.08
N LEU L 291 -49.61 14.82 -36.75
CA LEU L 291 -50.64 14.01 -37.40
C LEU L 291 -51.28 13.13 -36.34
N SER L 292 -52.52 13.45 -35.98
CA SER L 292 -53.25 12.66 -35.00
C SER L 292 -53.78 11.38 -35.63
N ASP L 293 -54.14 10.42 -34.78
CA ASP L 293 -54.70 9.17 -35.27
C ASP L 293 -56.02 9.39 -36.00
N LEU L 294 -56.84 10.30 -35.48
CA LEU L 294 -58.11 10.61 -36.13
C LEU L 294 -57.88 11.19 -37.52
N ALA L 295 -56.94 12.12 -37.64
CA ALA L 295 -56.65 12.71 -38.95
C ALA L 295 -56.09 11.67 -39.90
N LEU L 296 -55.23 10.78 -39.41
CA LEU L 296 -54.69 9.73 -40.26
C LEU L 296 -55.80 8.81 -40.75
N HIS L 297 -56.72 8.44 -39.87
CA HIS L 297 -57.84 7.60 -40.27
C HIS L 297 -58.70 8.29 -41.32
N PHE L 298 -58.98 9.58 -41.13
CA PHE L 298 -59.80 10.29 -42.09
C PHE L 298 -59.11 10.41 -43.43
N LEU L 299 -57.81 10.68 -43.43
CA LEU L 299 -57.07 10.75 -44.69
C LEU L 299 -57.03 9.40 -45.38
N ASN L 300 -56.86 8.32 -44.61
CA ASN L 300 -56.86 6.99 -45.18
C ASN L 300 -58.20 6.66 -45.83
N LYS L 301 -59.30 7.01 -45.16
CA LYS L 301 -60.62 6.74 -45.72
C LYS L 301 -60.88 7.52 -46.99
N MET L 302 -60.16 8.61 -47.23
CA MET L 302 -60.36 9.43 -48.42
C MET L 302 -59.29 9.19 -49.47
N LYS L 303 -58.52 8.11 -49.36
CA LYS L 303 -57.57 7.69 -50.38
C LYS L 303 -56.50 8.76 -50.62
N ILE L 304 -55.74 9.06 -49.58
CA ILE L 304 -54.63 10.00 -49.66
C ILE L 304 -53.42 9.40 -48.97
N MET L 305 -52.30 9.32 -49.69
CA MET L 305 -51.05 8.92 -49.07
C MET L 305 -50.55 10.01 -48.13
N VAL L 306 -50.10 9.61 -46.95
CA VAL L 306 -49.63 10.54 -45.93
C VAL L 306 -48.19 10.20 -45.58
N ILE L 307 -47.32 11.19 -45.66
CA ILE L 307 -45.92 11.07 -45.26
C ILE L 307 -45.61 12.20 -44.29
N LYS L 308 -45.24 11.85 -43.07
CA LYS L 308 -45.01 12.84 -42.03
C LYS L 308 -43.51 12.90 -41.71
N ASP L 309 -43.18 13.72 -40.72
CA ASP L 309 -41.82 13.87 -40.21
C ASP L 309 -40.85 14.31 -41.30
N ILE L 310 -41.28 15.25 -42.13
CA ILE L 310 -40.40 15.85 -43.13
C ILE L 310 -39.53 16.88 -42.43
N GLU L 311 -38.23 16.78 -42.64
CA GLU L 311 -37.29 17.68 -41.97
C GLU L 311 -37.43 19.11 -42.47
N ARG L 312 -37.15 20.06 -41.59
CA ARG L 312 -37.33 21.47 -41.92
C ARG L 312 -36.33 21.92 -42.97
N GLU L 313 -35.10 21.39 -42.94
CA GLU L 313 -34.08 21.80 -43.90
C GLU L 313 -34.28 21.20 -45.28
N ASP L 314 -35.13 20.18 -45.42
CA ASP L 314 -35.40 19.57 -46.70
C ASP L 314 -36.53 20.25 -47.45
N ILE L 315 -37.18 21.24 -46.85
CA ILE L 315 -38.33 21.88 -47.49
C ILE L 315 -37.89 22.59 -48.76
N GLU L 316 -36.76 23.29 -48.72
CA GLU L 316 -36.29 23.99 -49.91
C GLU L 316 -36.00 23.03 -51.04
N PHE L 317 -35.32 21.91 -50.74
CA PHE L 317 -35.02 20.92 -51.77
C PHE L 317 -36.29 20.31 -52.33
N ILE L 318 -37.25 19.97 -51.48
CA ILE L 318 -38.49 19.34 -51.95
C ILE L 318 -39.26 20.31 -52.83
N CYS L 319 -39.35 21.57 -52.41
CA CYS L 319 -40.09 22.55 -53.20
C CYS L 319 -39.39 22.84 -54.52
N LYS L 320 -38.06 22.82 -54.54
CA LYS L 320 -37.35 23.02 -55.79
C LYS L 320 -37.54 21.84 -56.73
N THR L 321 -37.60 20.63 -56.18
CA THR L 321 -37.71 19.45 -57.02
C THR L 321 -39.13 19.26 -57.55
N ILE L 322 -40.09 19.07 -56.64
CA ILE L 322 -41.45 18.78 -57.06
C ILE L 322 -42.10 20.00 -57.68
N GLY L 323 -41.94 21.16 -57.06
CA GLY L 323 -42.67 22.35 -57.43
C GLY L 323 -43.77 22.73 -56.46
N THR L 324 -43.90 22.05 -55.34
CA THR L 324 -44.91 22.42 -54.35
C THR L 324 -44.50 23.69 -53.63
N LYS L 325 -45.50 24.39 -53.12
CA LYS L 325 -45.29 25.56 -52.29
C LYS L 325 -45.80 25.28 -50.88
N PRO L 326 -45.00 25.53 -49.86
CA PRO L 326 -45.42 25.16 -48.50
C PRO L 326 -46.67 25.91 -48.09
N VAL L 327 -47.51 25.23 -47.31
CA VAL L 327 -48.74 25.80 -46.78
C VAL L 327 -48.66 25.74 -45.27
N ALA L 328 -48.84 26.89 -44.62
CA ALA L 328 -48.77 26.97 -43.17
C ALA L 328 -50.12 27.22 -42.52
N HIS L 329 -51.17 27.44 -43.30
CA HIS L 329 -52.50 27.59 -42.76
C HIS L 329 -53.50 27.06 -43.77
N ILE L 330 -54.54 26.38 -43.27
CA ILE L 330 -55.49 25.71 -44.16
C ILE L 330 -56.22 26.69 -45.05
N ASP L 331 -56.24 27.97 -44.70
CA ASP L 331 -56.94 28.96 -45.51
C ASP L 331 -56.30 29.08 -46.89
N GLN L 332 -54.98 29.04 -46.96
CA GLN L 332 -54.26 29.23 -48.21
C GLN L 332 -53.96 27.93 -48.94
N PHE L 333 -54.44 26.80 -48.43
CA PHE L 333 -54.21 25.51 -49.08
C PHE L 333 -55.16 25.40 -50.27
N THR L 334 -54.69 25.82 -51.44
CA THR L 334 -55.46 25.78 -52.67
C THR L 334 -54.80 24.84 -53.66
N ALA L 335 -55.48 24.63 -54.80
CA ALA L 335 -54.99 23.68 -55.79
C ALA L 335 -53.72 24.16 -56.47
N ASP L 336 -53.58 25.47 -56.66
CA ASP L 336 -52.43 26.00 -57.38
C ASP L 336 -51.12 25.84 -56.62
N MET L 337 -51.16 25.46 -55.35
CA MET L 337 -49.97 25.25 -54.55
C MET L 337 -49.62 23.77 -54.42
N LEU L 338 -49.93 22.98 -55.44
CA LEU L 338 -49.65 21.55 -55.46
C LEU L 338 -48.68 21.22 -56.59
N GLY L 339 -47.88 20.19 -56.36
CA GLY L 339 -46.92 19.77 -57.37
C GLY L 339 -47.34 18.50 -58.08
N SER L 340 -47.73 18.63 -59.35
CA SER L 340 -48.17 17.48 -60.12
C SER L 340 -46.98 16.59 -60.46
N ALA L 341 -47.14 15.29 -60.24
CA ALA L 341 -46.11 14.31 -60.53
C ALA L 341 -46.72 13.11 -61.22
N GLU L 342 -45.90 12.43 -62.03
CA GLU L 342 -46.41 11.29 -62.78
C GLU L 342 -46.62 10.07 -61.90
N LEU L 343 -45.69 9.83 -60.96
CA LEU L 343 -45.76 8.64 -60.13
C LEU L 343 -45.12 8.95 -58.78
N ALA L 344 -45.70 8.38 -57.72
CA ALA L 344 -45.16 8.51 -56.38
C ALA L 344 -45.39 7.17 -55.69
N GLU L 345 -44.32 6.39 -55.56
CA GLU L 345 -44.43 5.03 -55.06
C GLU L 345 -43.37 4.79 -54.00
N GLU L 346 -43.59 3.72 -53.22
CA GLU L 346 -42.62 3.24 -52.25
C GLU L 346 -42.10 1.90 -52.72
N VAL L 347 -40.78 1.78 -52.84
CA VAL L 347 -40.14 0.59 -53.39
C VAL L 347 -39.24 -0.01 -52.33
N ASN L 348 -39.32 -1.32 -52.16
CA ASN L 348 -38.47 -2.04 -51.22
C ASN L 348 -37.21 -2.52 -51.93
N LEU L 349 -36.08 -2.36 -51.25
CA LEU L 349 -34.77 -2.66 -51.85
C LEU L 349 -34.35 -4.07 -51.47
N ASN L 350 -35.09 -5.04 -51.98
CA ASN L 350 -34.80 -6.46 -51.80
C ASN L 350 -34.68 -6.82 -50.32
N GLY L 351 -35.57 -6.26 -49.51
CA GLY L 351 -35.58 -6.55 -48.10
C GLY L 351 -34.54 -5.82 -47.29
N SER L 352 -33.76 -4.93 -47.92
CA SER L 352 -32.75 -4.15 -47.21
C SER L 352 -33.26 -2.77 -46.81
N GLY L 353 -34.52 -2.46 -47.05
CA GLY L 353 -35.07 -1.18 -46.66
C GLY L 353 -36.20 -0.79 -47.60
N LYS L 354 -36.66 0.44 -47.43
CA LYS L 354 -37.74 0.99 -48.23
C LYS L 354 -37.40 2.41 -48.63
N LEU L 355 -37.57 2.73 -49.91
CA LEU L 355 -37.39 4.07 -50.42
C LEU L 355 -38.65 4.51 -51.13
N LEU L 356 -38.94 5.81 -51.05
CA LEU L 356 -40.07 6.40 -51.74
C LEU L 356 -39.55 7.32 -52.83
N LYS L 357 -39.97 7.08 -54.06
CA LYS L 357 -39.53 7.85 -55.22
C LYS L 357 -40.71 8.60 -55.80
N ILE L 358 -40.45 9.83 -56.24
CA ILE L 358 -41.43 10.62 -56.96
C ILE L 358 -40.79 10.95 -58.31
N THR L 359 -41.02 10.11 -59.29
CA THR L 359 -40.37 10.19 -60.59
C THR L 359 -41.35 10.73 -61.62
N GLY L 360 -40.91 11.75 -62.36
CA GLY L 360 -41.75 12.35 -63.37
C GLY L 360 -42.51 13.52 -62.78
N CYS L 361 -42.12 14.74 -63.14
CA CYS L 361 -42.69 15.93 -62.54
C CYS L 361 -42.93 16.98 -63.61
N ALA L 362 -44.11 17.57 -63.62
CA ALA L 362 -44.37 18.69 -64.50
C ALA L 362 -43.55 19.89 -64.03
N SER L 363 -42.85 20.53 -64.97
CA SER L 363 -41.93 21.61 -64.67
C SER L 363 -40.93 21.16 -63.62
N PRO L 364 -40.04 20.23 -63.93
CA PRO L 364 -39.08 19.75 -62.93
C PRO L 364 -38.05 20.81 -62.60
N GLY L 365 -37.59 20.78 -61.35
CA GLY L 365 -36.58 21.72 -60.89
C GLY L 365 -35.18 21.26 -61.25
N LYS L 366 -34.22 22.12 -60.91
CA LYS L 366 -32.81 21.85 -61.20
C LYS L 366 -32.17 21.09 -60.05
N THR L 367 -32.70 19.89 -59.79
CA THR L 367 -32.16 19.02 -58.75
C THR L 367 -32.22 17.58 -59.24
N VAL L 368 -31.22 16.81 -58.83
CA VAL L 368 -31.20 15.37 -59.07
C VAL L 368 -30.76 14.68 -57.80
N THR L 369 -31.11 13.39 -57.69
CA THR L 369 -30.76 12.58 -56.54
C THR L 369 -30.02 11.33 -57.00
N ILE L 370 -28.94 10.99 -56.30
CA ILE L 370 -28.14 9.83 -56.61
C ILE L 370 -28.27 8.83 -55.47
N VAL L 371 -28.70 7.61 -55.79
CA VAL L 371 -28.84 6.55 -54.81
C VAL L 371 -27.62 5.65 -54.93
N VAL L 372 -26.83 5.57 -53.86
CA VAL L 372 -25.60 4.79 -53.85
C VAL L 372 -25.84 3.53 -53.05
N ARG L 373 -25.51 2.39 -53.65
CA ARG L 373 -25.66 1.09 -53.02
C ARG L 373 -24.30 0.40 -52.92
N GLY L 374 -24.20 -0.54 -51.99
CA GLY L 374 -22.97 -1.28 -51.83
C GLY L 374 -23.17 -2.44 -50.88
N SER L 375 -22.18 -3.34 -50.89
CA SER L 375 -22.27 -4.53 -50.05
C SER L 375 -22.16 -4.17 -48.58
N ASN L 376 -21.18 -3.33 -48.23
CA ASN L 376 -20.98 -2.91 -46.84
C ASN L 376 -20.88 -1.40 -46.79
N LYS L 377 -20.90 -0.87 -45.57
CA LYS L 377 -20.96 0.57 -45.38
C LYS L 377 -19.70 1.26 -45.89
N LEU L 378 -18.54 0.65 -45.68
CA LEU L 378 -17.28 1.31 -46.02
C LEU L 378 -17.18 1.59 -47.52
N VAL L 379 -17.55 0.60 -48.34
CA VAL L 379 -17.47 0.82 -49.78
C VAL L 379 -18.51 1.85 -50.20
N ILE L 380 -19.63 1.94 -49.49
CA ILE L 380 -20.63 2.95 -49.81
C ILE L 380 -20.09 4.36 -49.54
N GLU L 381 -19.43 4.54 -48.39
CA GLU L 381 -18.83 5.84 -48.10
C GLU L 381 -17.77 6.20 -49.13
N GLU L 382 -16.93 5.23 -49.50
CA GLU L 382 -15.89 5.52 -50.48
C GLU L 382 -16.50 5.82 -51.85
N ALA L 383 -17.59 5.13 -52.21
CA ALA L 383 -18.26 5.42 -53.47
C ALA L 383 -18.86 6.83 -53.45
N GLU L 384 -19.44 7.23 -52.32
CA GLU L 384 -19.96 8.58 -52.22
C GLU L 384 -18.86 9.62 -52.36
N ARG L 385 -17.72 9.38 -51.72
CA ARG L 385 -16.60 10.30 -51.85
C ARG L 385 -16.09 10.37 -53.29
N SER L 386 -16.01 9.23 -53.96
CA SER L 386 -15.54 9.22 -55.34
C SER L 386 -16.51 9.94 -56.28
N ILE L 387 -17.81 9.72 -56.09
CA ILE L 387 -18.79 10.42 -56.91
C ILE L 387 -18.71 11.92 -56.65
N HIS L 388 -18.52 12.31 -55.40
CA HIS L 388 -18.36 13.72 -55.09
C HIS L 388 -17.13 14.29 -55.78
N ASP L 389 -16.05 13.52 -55.82
CA ASP L 389 -14.85 13.97 -56.53
C ASP L 389 -15.13 14.18 -58.01
N ALA L 390 -15.87 13.25 -58.63
CA ALA L 390 -16.20 13.41 -60.04
C ALA L 390 -17.06 14.64 -60.27
N LEU L 391 -18.04 14.87 -59.40
CA LEU L 391 -18.89 16.04 -59.53
C LEU L 391 -18.08 17.32 -59.38
N CYS L 392 -17.13 17.33 -58.43
CA CYS L 392 -16.27 18.50 -58.26
C CYS L 392 -15.40 18.73 -59.49
N VAL L 393 -14.93 17.65 -60.12
CA VAL L 393 -14.15 17.80 -61.34
C VAL L 393 -14.99 18.45 -62.43
N ILE L 394 -16.22 17.99 -62.60
CA ILE L 394 -17.07 18.60 -63.61
C ILE L 394 -17.36 20.06 -63.26
N ARG L 395 -17.50 20.36 -61.98
CA ARG L 395 -17.73 21.74 -61.57
C ARG L 395 -16.55 22.63 -61.93
N CYS L 396 -15.34 22.19 -61.59
CA CYS L 396 -14.15 22.96 -61.96
C CYS L 396 -13.98 23.02 -63.46
N LEU L 397 -14.56 22.10 -64.21
CA LEU L 397 -14.56 22.24 -65.65
C LEU L 397 -15.62 23.21 -66.13
N VAL L 398 -16.64 23.48 -65.31
CA VAL L 398 -17.67 24.45 -65.67
C VAL L 398 -17.10 25.87 -65.62
N LYS L 399 -16.37 26.19 -64.56
CA LYS L 399 -15.75 27.50 -64.40
C LYS L 399 -14.27 27.38 -64.76
N LYS L 400 -13.78 28.33 -65.56
CA LYS L 400 -12.43 28.27 -66.12
C LYS L 400 -12.27 27.00 -66.96
N ARG L 401 -13.00 26.99 -68.07
CA ARG L 401 -13.06 25.83 -68.96
C ARG L 401 -11.76 25.70 -69.73
N ALA L 402 -10.79 25.04 -69.10
CA ALA L 402 -9.51 24.73 -69.72
C ALA L 402 -9.09 23.34 -69.31
N LEU L 403 -8.54 22.57 -70.25
CA LEU L 403 -8.18 21.18 -70.03
C LEU L 403 -6.71 20.98 -70.29
N ILE L 404 -6.08 20.12 -69.50
CA ILE L 404 -4.68 19.76 -69.66
C ILE L 404 -4.54 18.25 -69.57
N ALA L 405 -3.41 17.75 -70.09
CA ALA L 405 -3.11 16.34 -69.95
C ALA L 405 -2.79 16.00 -68.51
N GLY L 406 -3.05 14.75 -68.13
CA GLY L 406 -2.74 14.29 -66.80
C GLY L 406 -1.44 13.52 -66.76
N GLY L 407 -1.43 12.38 -66.08
CA GLY L 407 -0.31 11.46 -66.15
C GLY L 407 1.03 12.04 -65.79
N GLY L 408 1.05 13.10 -65.00
CA GLY L 408 2.31 13.73 -64.63
C GLY L 408 2.90 14.64 -65.68
N ALA L 409 2.24 14.81 -66.83
CA ALA L 409 2.77 15.70 -67.86
C ALA L 409 2.89 17.14 -67.39
N PRO L 410 1.87 17.76 -66.77
CA PRO L 410 2.06 19.14 -66.33
C PRO L 410 3.20 19.31 -65.34
N GLU L 411 3.39 18.36 -64.43
CA GLU L 411 4.45 18.50 -63.44
C GLU L 411 5.83 18.45 -64.08
N ILE L 412 6.05 17.50 -64.99
CA ILE L 412 7.35 17.40 -65.63
C ILE L 412 7.59 18.58 -66.56
N GLU L 413 6.55 19.07 -67.22
CA GLU L 413 6.71 20.26 -68.06
C GLU L 413 7.06 21.48 -67.20
N LEU L 414 6.41 21.61 -66.04
CA LEU L 414 6.77 22.68 -65.12
C LEU L 414 8.20 22.55 -64.67
N ALA L 415 8.64 21.34 -64.35
CA ALA L 415 10.01 21.13 -63.90
C ALA L 415 11.00 21.57 -64.96
N LEU L 416 10.80 21.13 -66.20
CA LEU L 416 11.73 21.49 -67.28
C LEU L 416 11.74 22.99 -67.53
N ARG L 417 10.55 23.59 -67.66
CA ARG L 417 10.49 25.00 -67.99
C ARG L 417 11.02 25.87 -66.86
N LEU L 418 10.76 25.47 -65.61
CA LEU L 418 11.28 26.25 -64.49
C LEU L 418 12.78 26.07 -64.32
N THR L 419 13.32 24.90 -64.67
CA THR L 419 14.77 24.76 -64.72
C THR L 419 15.37 25.72 -65.73
N GLU L 420 14.76 25.82 -66.91
CA GLU L 420 15.25 26.79 -67.90
C GLU L 420 15.15 28.22 -67.37
N TYR L 421 14.02 28.54 -66.73
CA TYR L 421 13.84 29.88 -66.20
C TYR L 421 14.89 30.21 -65.15
N SER L 422 15.20 29.24 -64.28
CA SER L 422 16.26 29.44 -63.30
C SER L 422 17.60 29.65 -63.98
N ARG L 423 17.87 28.89 -65.05
CA ARG L 423 19.08 29.12 -65.82
C ARG L 423 19.14 30.56 -66.33
N THR L 424 17.98 31.14 -66.66
CA THR L 424 17.97 32.54 -67.06
C THR L 424 18.17 33.50 -65.89
N LEU L 425 18.08 33.03 -64.66
CA LEU L 425 18.19 33.89 -63.50
C LEU L 425 19.64 33.92 -62.99
N SER L 426 19.84 34.55 -61.83
CA SER L 426 21.18 34.66 -61.27
C SER L 426 21.08 34.75 -59.75
N GLY L 427 22.20 34.45 -59.10
CA GLY L 427 22.25 34.54 -57.65
C GLY L 427 21.52 33.40 -56.96
N MET L 428 21.17 33.64 -55.71
CA MET L 428 20.43 32.64 -54.93
C MET L 428 19.05 32.38 -55.48
N GLU L 429 18.49 33.33 -56.24
CA GLU L 429 17.19 33.09 -56.87
C GLU L 429 17.25 31.91 -57.82
N SER L 430 18.34 31.77 -58.56
CA SER L 430 18.47 30.64 -59.46
C SER L 430 18.47 29.33 -58.69
N TYR L 431 19.19 29.28 -57.57
CA TYR L 431 19.20 28.07 -56.76
C TYR L 431 17.81 27.74 -56.23
N CYS L 432 17.09 28.76 -55.75
CA CYS L 432 15.76 28.52 -55.21
C CYS L 432 14.80 28.04 -56.29
N VAL L 433 14.89 28.60 -57.50
CA VAL L 433 14.00 28.17 -58.57
C VAL L 433 14.37 26.77 -59.05
N ARG L 434 15.66 26.43 -59.06
CA ARG L 434 16.05 25.05 -59.35
C ARG L 434 15.47 24.10 -58.32
N ALA L 435 15.51 24.47 -57.04
CA ALA L 435 14.90 23.65 -56.01
C ALA L 435 13.41 23.51 -56.23
N PHE L 436 12.75 24.59 -56.66
CA PHE L 436 11.32 24.54 -56.96
C PHE L 436 11.03 23.54 -58.06
N ALA L 437 11.82 23.57 -59.14
CA ALA L 437 11.62 22.64 -60.24
C ALA L 437 11.86 21.20 -59.81
N ASP L 438 12.93 20.96 -59.07
CA ASP L 438 13.21 19.61 -58.62
C ASP L 438 12.11 19.11 -57.70
N ALA L 439 11.55 20.00 -56.88
CA ALA L 439 10.41 19.61 -56.05
C ALA L 439 9.19 19.28 -56.92
N MET L 440 8.98 20.03 -57.99
CA MET L 440 7.87 19.72 -58.88
C MET L 440 8.04 18.36 -59.54
N GLU L 441 9.29 17.91 -59.70
CA GLU L 441 9.52 16.60 -60.31
C GLU L 441 9.00 15.43 -59.46
N VAL L 442 8.48 15.68 -58.26
CA VAL L 442 8.15 14.56 -57.36
C VAL L 442 6.94 13.80 -57.87
N ILE L 443 5.92 14.51 -58.37
CA ILE L 443 4.68 13.84 -58.76
C ILE L 443 4.90 12.82 -59.87
N PRO L 444 5.62 13.12 -60.95
CA PRO L 444 5.91 12.06 -61.93
C PRO L 444 6.65 10.89 -61.34
N SER L 445 7.58 11.14 -60.41
CA SER L 445 8.30 10.05 -59.77
C SER L 445 7.37 9.18 -58.94
N THR L 446 6.45 9.80 -58.20
CA THR L 446 5.50 9.04 -57.41
C THR L 446 4.54 8.25 -58.30
N LEU L 447 4.15 8.82 -59.43
CA LEU L 447 3.31 8.11 -60.38
C LEU L 447 4.03 6.92 -60.97
N ALA L 448 5.33 7.07 -61.29
CA ALA L 448 6.12 5.95 -61.74
C ALA L 448 6.23 4.89 -60.65
N GLU L 449 6.46 5.31 -59.42
CA GLU L 449 6.29 4.43 -58.28
C GLU L 449 4.80 4.07 -58.16
N ASN L 450 4.52 3.09 -57.30
CA ASN L 450 3.16 2.60 -57.07
C ASN L 450 2.64 1.89 -58.31
N ALA L 451 3.40 1.93 -59.41
CA ALA L 451 3.01 1.29 -60.64
C ALA L 451 3.99 0.22 -61.07
N GLY L 452 5.07 0.01 -60.31
CA GLY L 452 6.06 -0.98 -60.63
C GLY L 452 7.13 -0.53 -61.59
N LEU L 453 6.97 0.64 -62.21
CA LEU L 453 7.97 1.15 -63.12
C LEU L 453 9.16 1.69 -62.36
N ASN L 454 10.31 1.70 -63.02
CA ASN L 454 11.51 2.27 -62.42
C ASN L 454 11.37 3.79 -62.40
N PRO L 455 11.39 4.43 -61.22
CA PRO L 455 11.15 5.88 -61.18
C PRO L 455 12.20 6.70 -61.91
N ILE L 456 13.48 6.36 -61.75
CA ILE L 456 14.53 7.19 -62.34
C ILE L 456 14.45 7.16 -63.85
N SER L 457 14.38 5.97 -64.44
CA SER L 457 14.34 5.85 -65.88
C SER L 457 13.06 6.46 -66.45
N THR L 458 11.93 6.24 -65.78
CA THR L 458 10.67 6.81 -66.24
C THR L 458 10.71 8.33 -66.23
N VAL L 459 11.21 8.92 -65.14
CA VAL L 459 11.26 10.37 -65.06
C VAL L 459 12.22 10.93 -66.10
N THR L 460 13.36 10.29 -66.29
CA THR L 460 14.30 10.76 -67.31
C THR L 460 13.71 10.69 -68.70
N GLU L 461 13.01 9.60 -69.00
CA GLU L 461 12.38 9.48 -70.31
C GLU L 461 11.30 10.53 -70.51
N LEU L 462 10.51 10.80 -69.46
CA LEU L 462 9.51 11.86 -69.55
C LEU L 462 10.16 13.20 -69.83
N ARG L 463 11.24 13.50 -69.11
CA ARG L 463 11.92 14.78 -69.29
C ARG L 463 12.50 14.90 -70.70
N ASN L 464 13.08 13.81 -71.21
CA ASN L 464 13.60 13.84 -72.57
C ASN L 464 12.51 14.04 -73.59
N ARG L 465 11.39 13.33 -73.44
CA ARG L 465 10.29 13.48 -74.38
C ARG L 465 9.72 14.89 -74.35
N HIS L 466 9.60 15.47 -73.16
CA HIS L 466 9.08 16.83 -73.07
C HIS L 466 10.07 17.84 -73.63
N ALA L 467 11.36 17.61 -73.45
CA ALA L 467 12.36 18.48 -74.06
C ALA L 467 12.31 18.38 -75.58
N GLN L 468 11.98 17.21 -76.10
CA GLN L 468 11.82 17.05 -77.54
C GLN L 468 10.62 17.78 -78.09
N GLY L 469 9.71 18.25 -77.23
CA GLY L 469 8.53 18.95 -77.67
C GLY L 469 7.22 18.22 -77.44
N GLU L 470 7.27 17.01 -76.89
CA GLU L 470 6.05 16.24 -76.62
C GLU L 470 5.44 16.75 -75.32
N LYS L 471 4.66 17.83 -75.44
CA LYS L 471 4.03 18.44 -74.28
C LYS L 471 3.03 17.52 -73.62
N THR L 472 2.49 16.55 -74.35
CA THR L 472 1.46 15.66 -73.85
C THR L 472 2.00 14.30 -73.41
N ALA L 473 3.32 14.13 -73.39
CA ALA L 473 3.90 12.87 -72.95
C ALA L 473 3.68 12.71 -71.45
N GLY L 474 3.19 11.55 -71.05
CA GLY L 474 2.91 11.29 -69.65
C GLY L 474 3.10 9.82 -69.34
N ILE L 475 2.91 9.47 -68.08
CA ILE L 475 3.11 8.10 -67.61
C ILE L 475 1.89 7.27 -68.00
N ASN L 476 2.13 6.21 -68.76
CA ASN L 476 1.07 5.32 -69.23
C ASN L 476 1.14 4.02 -68.44
N VAL L 477 0.14 3.78 -67.60
CA VAL L 477 0.14 2.59 -66.77
C VAL L 477 -0.52 1.39 -67.45
N ARG L 478 -1.38 1.63 -68.45
CA ARG L 478 -1.98 0.51 -69.17
C ARG L 478 -0.93 -0.27 -69.94
N LYS L 479 -0.03 0.43 -70.62
CA LYS L 479 1.03 -0.20 -71.39
C LYS L 479 2.32 -0.35 -70.60
N GLY L 480 2.36 0.11 -69.36
CA GLY L 480 3.57 0.00 -68.56
C GLY L 480 4.75 0.77 -69.12
N GLY L 481 4.53 2.01 -69.55
CA GLY L 481 5.60 2.80 -70.11
C GLY L 481 5.23 4.27 -70.23
N ILE L 482 5.82 4.95 -71.21
CA ILE L 482 5.55 6.36 -71.46
C ILE L 482 5.07 6.51 -72.89
N SER L 483 3.95 7.22 -73.06
CA SER L 483 3.40 7.49 -74.37
C SER L 483 2.49 8.70 -74.25
N ASN L 484 2.01 9.17 -75.40
CA ASN L 484 0.99 10.21 -75.39
C ASN L 484 -0.22 9.73 -74.63
N ILE L 485 -0.77 10.59 -73.78
CA ILE L 485 -1.89 10.22 -72.92
C ILE L 485 -3.21 10.84 -73.35
N LEU L 486 -3.20 11.81 -74.26
CA LEU L 486 -4.46 12.26 -74.84
C LEU L 486 -5.16 11.12 -75.57
N GLU L 487 -4.40 10.22 -76.17
CA GLU L 487 -4.98 9.00 -76.72
C GLU L 487 -5.35 8.00 -75.64
N GLU L 488 -4.80 8.16 -74.44
CA GLU L 488 -5.23 7.37 -73.28
C GLU L 488 -6.40 8.02 -72.55
N LEU L 489 -6.86 9.18 -73.02
CA LEU L 489 -8.00 9.87 -72.43
C LEU L 489 -7.79 10.17 -70.95
N VAL L 490 -6.58 10.58 -70.61
CA VAL L 490 -6.27 11.00 -69.25
C VAL L 490 -6.12 12.52 -69.22
N VAL L 491 -7.19 13.22 -68.90
CA VAL L 491 -7.21 14.68 -68.88
C VAL L 491 -7.82 15.14 -67.57
N GLN L 492 -7.45 16.36 -67.17
CA GLN L 492 -8.00 16.98 -65.98
C GLN L 492 -8.15 18.46 -66.22
N PRO L 493 -9.10 19.11 -65.54
CA PRO L 493 -9.28 20.55 -65.73
C PRO L 493 -8.09 21.34 -65.22
N LEU L 494 -7.90 22.51 -65.82
CA LEU L 494 -6.76 23.35 -65.47
C LEU L 494 -6.83 23.84 -64.03
N LEU L 495 -8.05 24.16 -63.57
CA LEU L 495 -8.22 24.68 -62.22
C LEU L 495 -8.18 23.51 -61.25
N VAL L 496 -7.20 22.64 -61.43
CA VAL L 496 -6.84 21.63 -60.46
C VAL L 496 -5.35 21.78 -60.23
N SER L 497 -4.58 21.70 -61.31
CA SER L 497 -3.16 21.96 -61.23
C SER L 497 -2.87 23.39 -60.82
N VAL L 498 -3.59 24.36 -61.40
CA VAL L 498 -3.35 25.76 -61.04
C VAL L 498 -3.66 25.99 -59.58
N SER L 499 -4.81 25.49 -59.12
CA SER L 499 -5.18 25.68 -57.73
C SER L 499 -4.19 25.00 -56.80
N ALA L 500 -3.77 23.78 -57.12
CA ALA L 500 -2.83 23.06 -56.26
C ALA L 500 -1.50 23.80 -56.16
N LEU L 501 -0.98 24.25 -57.30
CA LEU L 501 0.29 24.98 -57.29
C LEU L 501 0.17 26.25 -56.47
N THR L 502 -0.89 27.04 -56.70
CA THR L 502 -1.04 28.30 -56.00
C THR L 502 -1.17 28.09 -54.49
N LEU L 503 -2.03 27.13 -54.10
CA LEU L 503 -2.27 26.90 -52.69
C LEU L 503 -1.03 26.36 -51.99
N ALA L 504 -0.33 25.43 -52.64
CA ALA L 504 0.89 24.89 -52.05
C ALA L 504 1.95 25.98 -51.89
N THR L 505 2.10 26.84 -52.90
CA THR L 505 3.08 27.92 -52.78
C THR L 505 2.71 28.87 -51.66
N GLU L 506 1.42 29.21 -51.55
CA GLU L 506 1.00 30.10 -50.47
C GLU L 506 1.27 29.49 -49.11
N THR L 507 0.97 28.20 -48.95
CA THR L 507 1.21 27.55 -47.66
C THR L 507 2.70 27.49 -47.33
N VAL L 508 3.54 27.18 -48.33
CA VAL L 508 4.98 27.12 -48.08
C VAL L 508 5.51 28.49 -47.71
N ARG L 509 5.05 29.54 -48.41
CA ARG L 509 5.47 30.89 -48.08
C ARG L 509 5.05 31.27 -46.67
N SER L 510 3.83 30.88 -46.27
CA SER L 510 3.38 31.15 -44.92
C SER L 510 4.25 30.43 -43.89
N ILE L 511 4.58 29.16 -44.14
CA ILE L 511 5.36 28.39 -43.19
C ILE L 511 6.78 28.94 -43.08
N LEU L 512 7.34 29.41 -44.18
CA LEU L 512 8.71 29.91 -44.15
C LEU L 512 8.84 31.15 -43.27
N LYS L 513 7.76 31.89 -43.08
CA LYS L 513 7.78 33.08 -42.23
C LYS L 513 7.43 32.74 -40.78
N ILE L 514 8.07 31.72 -40.23
CA ILE L 514 7.83 31.28 -38.86
C ILE L 514 9.17 30.93 -38.25
N ASP L 515 9.43 31.41 -37.04
CA ASP L 515 10.71 31.13 -36.41
C ASP L 515 10.60 30.78 -34.94
N ASP L 516 9.40 30.55 -34.40
CA ASP L 516 9.28 30.21 -33.00
C ASP L 516 7.93 29.55 -32.75
N VAL L 517 7.88 28.71 -31.73
CA VAL L 517 6.66 28.05 -31.29
C VAL L 517 6.47 28.37 -29.81
N VAL L 518 5.28 28.83 -29.45
CA VAL L 518 4.95 29.19 -28.08
C VAL L 518 3.80 28.33 -27.61
N ASN L 519 3.94 27.75 -26.42
CA ASN L 519 2.92 26.88 -25.86
C ASN L 519 1.95 27.69 -25.02
N THR L 520 0.68 27.68 -25.41
CA THR L 520 -0.35 28.45 -24.72
C THR L 520 -0.94 27.66 -23.56
N ALA M 1 7.20 23.76 26.13
CA ALA M 1 6.74 25.12 25.88
C ALA M 1 5.47 25.11 25.02
N SER M 2 4.59 24.16 25.28
CA SER M 2 3.34 24.03 24.53
C SER M 2 2.39 23.18 25.36
N MET M 3 1.20 22.94 24.80
CA MET M 3 0.15 22.10 25.35
C MET M 3 -0.05 22.28 26.85
N GLY M 4 0.11 23.52 27.32
CA GLY M 4 -0.02 23.80 28.74
C GLY M 4 0.94 23.02 29.59
N THR M 5 0.41 22.08 30.37
CA THR M 5 1.21 21.21 31.23
C THR M 5 0.94 19.76 30.86
N LEU M 6 1.76 18.87 31.41
CA LEU M 6 1.59 17.43 31.21
C LEU M 6 2.02 16.74 32.50
N ALA M 7 1.06 16.12 33.18
CA ALA M 7 1.33 15.44 34.44
C ALA M 7 0.96 13.97 34.43
N PHE M 8 -0.16 13.61 33.81
N PHE M 8 -0.16 13.60 33.82
CA PHE M 8 -0.70 12.25 33.82
CA PHE M 8 -0.65 12.22 33.83
C PHE M 8 -0.84 11.72 35.24
C PHE M 8 -0.83 11.72 35.25
N ASP M 9 -1.08 12.64 36.18
CA ASP M 9 -1.37 12.34 37.58
C ASP M 9 -0.17 11.76 38.31
N GLU M 10 -0.07 12.02 39.62
CA GLU M 10 0.99 11.42 40.40
C GLU M 10 0.81 9.92 40.53
N TYR M 11 -0.41 9.42 40.36
CA TYR M 11 -0.71 8.01 40.49
C TYR M 11 -0.70 7.28 39.16
N GLY M 12 -0.35 7.96 38.07
CA GLY M 12 -0.26 7.32 36.77
C GLY M 12 -1.55 7.21 36.01
N ARG M 13 -2.66 7.63 36.58
CA ARG M 13 -3.92 7.58 35.87
C ARG M 13 -4.01 8.70 34.84
N PRO M 14 -4.80 8.54 33.78
CA PRO M 14 -4.86 9.56 32.74
C PRO M 14 -5.33 10.90 33.29
N PHE M 15 -4.78 11.97 32.71
CA PHE M 15 -5.03 13.35 33.16
C PHE M 15 -5.34 14.19 31.94
N LEU M 16 -6.62 14.24 31.57
CA LEU M 16 -7.08 14.99 30.41
C LEU M 16 -7.93 16.16 30.91
N ILE M 17 -7.48 17.38 30.61
CA ILE M 17 -8.11 18.60 31.08
C ILE M 17 -8.84 19.32 29.96
N ILE M 18 -8.15 19.56 28.85
CA ILE M 18 -8.67 20.34 27.74
C ILE M 18 -8.80 19.43 26.53
N LYS M 19 -9.89 19.59 25.77
CA LYS M 19 -10.10 18.79 24.59
C LYS M 19 -8.94 18.96 23.61
N ASP M 20 -8.39 17.84 23.14
CA ASP M 20 -7.26 17.84 22.22
C ASP M 20 -6.08 18.64 22.78
N GLN M 21 -5.84 18.49 24.08
CA GLN M 21 -4.77 19.26 24.71
C GLN M 21 -3.39 18.81 24.23
N ASP M 22 -3.25 17.54 23.83
CA ASP M 22 -1.96 17.05 23.39
C ASP M 22 -1.52 17.65 22.06
N ARG M 23 -2.43 18.29 21.33
CA ARG M 23 -2.11 18.86 20.03
C ARG M 23 -2.14 20.38 20.05
N LYS M 24 -2.67 20.99 21.09
CA LYS M 24 -2.67 22.44 21.22
C LYS M 24 -1.31 22.94 21.71
N SER M 25 -1.10 24.24 21.58
CA SER M 25 0.15 24.86 22.02
C SER M 25 -0.17 26.18 22.71
N ARG M 26 0.73 26.61 23.59
CA ARG M 26 0.53 27.85 24.30
C ARG M 26 1.87 28.53 24.55
N LEU M 27 1.83 29.85 24.66
CA LEU M 27 3.00 30.67 24.97
C LEU M 27 2.65 31.54 26.16
N MET M 28 3.55 31.59 27.14
CA MET M 28 3.28 32.25 28.40
C MET M 28 4.42 33.18 28.77
N GLY M 29 4.07 34.27 29.44
CA GLY M 29 5.08 35.13 30.02
C GLY M 29 5.76 36.04 29.00
N LEU M 30 6.99 36.43 29.35
CA LEU M 30 7.74 37.38 28.53
C LEU M 30 8.05 36.84 27.14
N GLU M 31 8.04 35.53 26.96
CA GLU M 31 8.29 34.97 25.63
C GLU M 31 7.19 35.35 24.66
N ALA M 32 5.95 35.36 25.12
CA ALA M 32 4.85 35.81 24.28
C ALA M 32 5.01 37.27 23.88
N LEU M 33 5.40 38.12 24.84
CA LEU M 33 5.64 39.52 24.53
C LEU M 33 6.74 39.67 23.50
N LYS M 34 7.82 38.90 23.65
CA LYS M 34 8.94 39.01 22.71
C LYS M 34 8.53 38.54 21.32
N SER M 35 7.74 37.47 21.23
CA SER M 35 7.29 37.00 19.92
C SER M 35 6.37 38.01 19.26
N HIS M 36 5.46 38.61 20.03
CA HIS M 36 4.57 39.62 19.47
C HIS M 36 5.35 40.83 19.01
N ILE M 37 6.34 41.27 19.80
CA ILE M 37 7.15 42.41 19.41
C ILE M 37 7.92 42.10 18.14
N MET M 38 8.44 40.87 18.02
CA MET M 38 9.16 40.48 16.81
C MET M 38 8.26 40.51 15.59
N ALA M 39 7.05 39.98 15.72
CA ALA M 39 6.12 39.99 14.58
C ALA M 39 5.76 41.41 14.17
N ALA M 40 5.44 42.25 15.15
CA ALA M 40 5.07 43.63 14.83
C ALA M 40 6.24 44.38 14.23
N LYS M 41 7.45 44.14 14.74
CA LYS M 41 8.64 44.77 14.17
C LYS M 41 8.84 44.34 12.72
N ALA M 42 8.63 43.07 12.43
CA ALA M 42 8.76 42.59 11.05
C ALA M 42 7.77 43.30 10.14
N VAL M 43 6.51 43.40 10.57
CA VAL M 43 5.50 44.04 9.75
C VAL M 43 5.84 45.51 9.52
N ALA M 44 6.21 46.21 10.60
CA ALA M 44 6.51 47.63 10.48
C ALA M 44 7.75 47.88 9.62
N ASN M 45 8.76 47.03 9.76
CA ASN M 45 9.96 47.21 8.95
C ASN M 45 9.67 46.94 7.48
N THR M 46 8.81 45.97 7.19
CA THR M 46 8.39 45.78 5.81
C THR M 46 7.66 47.01 5.29
N MET M 47 6.81 47.61 6.11
CA MET M 47 5.97 48.70 5.64
C MET M 47 6.73 50.03 5.53
N ARG M 48 7.77 50.23 6.33
CA ARG M 48 8.38 51.54 6.45
C ARG M 48 9.07 52.01 5.17
N THR M 49 9.36 51.10 4.24
CA THR M 49 10.02 51.51 3.01
C THR M 49 9.08 52.29 2.10
N SER M 50 7.78 52.19 2.32
CA SER M 50 6.78 52.87 1.49
C SER M 50 6.32 54.18 2.12
N LEU M 51 7.21 54.88 2.81
CA LEU M 51 6.87 56.07 3.56
C LEU M 51 7.56 57.28 2.94
N GLY M 52 6.78 58.28 2.57
CA GLY M 52 7.32 59.51 2.05
C GLY M 52 7.30 59.61 0.53
N PRO M 53 7.71 60.76 0.00
CA PRO M 53 7.75 60.92 -1.46
C PRO M 53 8.66 59.93 -2.15
N ASN M 54 9.75 59.54 -1.52
CA ASN M 54 10.69 58.58 -2.10
C ASN M 54 10.35 57.15 -1.73
N GLY M 55 9.23 56.93 -1.04
CA GLY M 55 8.84 55.58 -0.70
C GLY M 55 8.53 54.75 -1.94
N LEU M 56 8.78 53.46 -1.83
CA LEU M 56 8.61 52.55 -2.95
C LEU M 56 7.33 51.74 -2.79
N ASP M 57 6.88 51.16 -3.89
CA ASP M 57 5.62 50.43 -3.94
C ASP M 57 5.83 48.96 -3.60
N LYS M 58 4.73 48.30 -3.27
CA LYS M 58 4.71 46.86 -3.06
C LYS M 58 3.78 46.23 -4.10
N MET M 59 4.27 45.21 -4.79
CA MET M 59 3.49 44.54 -5.82
C MET M 59 2.82 43.33 -5.19
N MET M 60 1.50 43.41 -5.03
CA MET M 60 0.74 42.43 -4.29
C MET M 60 0.02 41.48 -5.23
N VAL M 61 0.08 40.20 -4.95
CA VAL M 61 -0.55 39.15 -5.76
C VAL M 61 -1.54 38.39 -4.90
N ASP M 62 -2.76 38.21 -5.40
CA ASP M 62 -3.80 37.53 -4.64
C ASP M 62 -3.79 36.04 -4.99
N LYS M 63 -4.83 35.33 -4.56
CA LYS M 63 -4.92 33.90 -4.80
C LYS M 63 -5.00 33.58 -6.28
N ASP M 64 -5.81 34.34 -7.01
CA ASP M 64 -6.09 34.04 -8.41
C ASP M 64 -5.05 34.62 -9.35
N GLY M 65 -3.93 35.10 -8.83
CA GLY M 65 -2.86 35.61 -9.66
C GLY M 65 -3.01 37.06 -10.07
N ASP M 66 -4.11 37.72 -9.73
CA ASP M 66 -4.28 39.12 -10.05
C ASP M 66 -3.28 39.97 -9.25
N VAL M 67 -2.71 40.96 -9.91
CA VAL M 67 -1.60 41.73 -9.37
C VAL M 67 -2.03 43.19 -9.24
N THR M 68 -1.79 43.77 -8.07
CA THR M 68 -2.01 45.19 -7.82
C THR M 68 -0.73 45.79 -7.28
N VAL M 69 -0.29 46.89 -7.90
CA VAL M 69 0.87 47.65 -7.45
C VAL M 69 0.35 48.86 -6.70
N THR M 70 0.83 49.05 -5.46
CA THR M 70 0.26 50.09 -4.63
C THR M 70 1.28 50.61 -3.64
N ASN M 71 0.99 51.82 -3.14
CA ASN M 71 1.72 52.44 -2.05
C ASN M 71 0.87 52.60 -0.80
N ASP M 72 -0.43 52.37 -0.90
CA ASP M 72 -1.33 52.53 0.24
C ASP M 72 -1.07 51.45 1.27
N GLY M 73 -0.75 51.86 2.50
CA GLY M 73 -0.45 50.89 3.54
C GLY M 73 -1.62 50.01 3.89
N ALA M 74 -2.83 50.60 3.96
CA ALA M 74 -4.00 49.81 4.28
C ALA M 74 -4.28 48.76 3.23
N THR M 75 -4.13 49.12 1.95
CA THR M 75 -4.32 48.15 0.88
C THR M 75 -3.28 47.04 0.96
N ILE M 76 -2.03 47.41 1.22
CA ILE M 76 -0.96 46.41 1.30
C ILE M 76 -1.26 45.42 2.41
N LEU M 77 -1.67 45.92 3.56
CA LEU M 77 -1.93 45.01 4.68
C LEU M 77 -3.21 44.21 4.47
N SER M 78 -4.19 44.77 3.78
CA SER M 78 -5.41 44.02 3.51
C SER M 78 -5.14 42.86 2.56
N MET M 79 -4.33 43.09 1.53
CA MET M 79 -4.04 42.01 0.60
C MET M 79 -3.00 41.03 1.12
N MET M 80 -2.29 41.37 2.19
CA MET M 80 -1.29 40.48 2.74
C MET M 80 -1.94 39.27 3.40
N ASP M 81 -1.33 38.10 3.19
CA ASP M 81 -1.85 36.84 3.70
C ASP M 81 -1.07 36.47 4.97
N VAL M 82 -1.51 37.00 6.11
CA VAL M 82 -0.82 36.80 7.36
C VAL M 82 -1.52 35.70 8.16
N ASP M 83 -0.76 35.07 9.05
CA ASP M 83 -1.27 34.08 9.98
C ASP M 83 -1.06 34.45 11.43
N HIS M 84 0.00 35.19 11.74
CA HIS M 84 0.24 35.64 13.10
C HIS M 84 -0.88 36.57 13.54
N GLN M 85 -1.33 36.40 14.79
CA GLN M 85 -2.42 37.22 15.30
C GLN M 85 -2.01 38.68 15.43
N ILE M 86 -0.78 38.94 15.85
CA ILE M 86 -0.32 40.32 15.97
C ILE M 86 -0.25 40.99 14.62
N ALA M 87 0.09 40.25 13.57
CA ALA M 87 0.05 40.81 12.22
C ALA M 87 -1.38 41.20 11.84
N LYS M 88 -2.35 40.36 12.21
CA LYS M 88 -3.74 40.71 11.96
C LYS M 88 -4.15 41.96 12.74
N LEU M 89 -3.63 42.11 13.95
CA LEU M 89 -3.88 43.33 14.71
C LEU M 89 -3.30 44.55 14.00
N MET M 90 -2.10 44.43 13.44
CA MET M 90 -1.52 45.52 12.66
C MET M 90 -2.39 45.85 11.45
N VAL M 91 -2.89 44.82 10.76
CA VAL M 91 -3.75 45.05 9.61
C VAL M 91 -5.01 45.79 10.03
N GLU M 92 -5.61 45.38 11.15
CA GLU M 92 -6.81 46.05 11.63
C GLU M 92 -6.51 47.49 12.04
N LEU M 93 -5.34 47.74 12.61
CA LEU M 93 -4.94 49.10 12.94
C LEU M 93 -4.87 49.97 11.69
N SER M 94 -4.23 49.46 10.65
CA SER M 94 -4.13 50.23 9.41
C SER M 94 -5.50 50.48 8.80
N LYS M 95 -6.37 49.47 8.82
CA LYS M 95 -7.71 49.65 8.29
C LYS M 95 -8.49 50.67 9.10
N SER M 96 -8.29 50.69 10.42
CA SER M 96 -8.96 51.68 11.26
C SER M 96 -8.50 53.09 10.91
N GLN M 97 -7.20 53.27 10.73
CA GLN M 97 -6.69 54.58 10.35
C GLN M 97 -7.25 54.99 8.99
N ASP M 98 -7.36 54.04 8.07
CA ASP M 98 -7.98 54.35 6.78
C ASP M 98 -9.43 54.78 6.94
N ASP M 99 -10.20 54.05 7.77
CA ASP M 99 -11.62 54.34 7.91
C ASP M 99 -11.83 55.71 8.53
N GLU M 100 -11.12 56.02 9.61
CA GLU M 100 -11.39 57.26 10.34
C GLU M 100 -10.88 58.48 9.58
N ILE M 101 -9.68 58.40 9.02
CA ILE M 101 -8.99 59.55 8.45
C ILE M 101 -8.89 59.44 6.92
N GLY M 102 -8.40 58.31 6.43
CA GLY M 102 -8.19 58.10 5.02
C GLY M 102 -6.77 58.25 4.55
N ASP M 103 -5.92 58.89 5.35
CA ASP M 103 -4.50 59.02 5.06
C ASP M 103 -3.72 58.72 6.32
N GLY M 104 -2.47 58.30 6.14
CA GLY M 104 -1.63 57.95 7.26
C GLY M 104 -1.66 56.51 7.66
N THR M 105 -2.20 55.62 6.80
CA THR M 105 -2.25 54.21 7.14
C THR M 105 -0.86 53.60 7.23
N THR M 106 0.10 54.15 6.50
CA THR M 106 1.47 53.66 6.61
C THR M 106 2.17 54.17 7.86
N GLY M 107 1.84 55.39 8.30
CA GLY M 107 2.50 55.96 9.46
C GLY M 107 2.18 55.22 10.75
N VAL M 108 0.92 54.82 10.92
CA VAL M 108 0.51 54.19 12.18
C VAL M 108 1.25 52.88 12.39
N VAL M 109 1.42 52.09 11.34
CA VAL M 109 2.10 50.81 11.48
C VAL M 109 3.54 51.01 11.89
N VAL M 110 4.23 51.96 11.25
CA VAL M 110 5.62 52.23 11.59
C VAL M 110 5.74 52.73 13.02
N LEU M 111 4.84 53.63 13.43
CA LEU M 111 4.88 54.15 14.78
C LEU M 111 4.65 53.05 15.81
N ALA M 112 3.69 52.16 15.55
CA ALA M 112 3.43 51.07 16.49
C ALA M 112 4.61 50.12 16.56
N GLY M 113 5.23 49.83 15.41
CA GLY M 113 6.41 49.00 15.43
C GLY M 113 7.54 49.62 16.24
N ALA M 114 7.75 50.93 16.08
CA ALA M 114 8.80 51.58 16.86
C ALA M 114 8.48 51.56 18.34
N LEU M 115 7.22 51.79 18.70
CA LEU M 115 6.82 51.76 20.10
C LEU M 115 7.08 50.40 20.72
N LEU M 116 6.71 49.33 20.01
CA LEU M 116 6.95 48.00 20.53
C LEU M 116 8.44 47.67 20.57
N GLU M 117 9.21 48.18 19.61
CA GLU M 117 10.65 47.99 19.63
C GLU M 117 11.27 48.58 20.88
N GLU M 118 10.87 49.80 21.24
CA GLU M 118 11.39 50.42 22.46
C GLU M 118 10.90 49.68 23.70
N ALA M 119 9.63 49.25 23.69
CA ALA M 119 9.11 48.48 24.81
C ALA M 119 9.87 47.19 25.00
N GLU M 120 10.46 46.65 23.93
CA GLU M 120 11.22 45.41 24.07
C GLU M 120 12.41 45.60 25.01
N GLN M 121 13.23 46.63 24.76
CA GLN M 121 14.37 46.87 25.64
C GLN M 121 13.90 47.34 27.01
N LEU M 122 12.80 48.08 27.08
CA LEU M 122 12.27 48.46 28.39
C LEU M 122 11.90 47.23 29.22
N LEU M 123 11.27 46.25 28.58
CA LEU M 123 10.92 45.01 29.26
C LEU M 123 12.17 44.25 29.67
N ASP M 124 13.16 44.18 28.79
CA ASP M 124 14.40 43.51 29.14
C ASP M 124 15.11 44.18 30.30
N ARG M 125 14.88 45.47 30.52
CA ARG M 125 15.45 46.14 31.68
C ARG M 125 14.65 45.91 32.94
N GLY M 126 13.56 45.16 32.89
CA GLY M 126 12.83 44.78 34.08
C GLY M 126 11.72 45.72 34.48
N ILE M 127 10.83 46.06 33.55
CA ILE M 127 9.70 46.93 33.81
C ILE M 127 8.43 46.18 33.46
N HIS M 128 7.42 46.31 34.32
CA HIS M 128 6.15 45.67 34.04
C HIS M 128 5.54 46.27 32.77
N PRO M 129 5.02 45.44 31.87
CA PRO M 129 4.46 45.98 30.61
C PRO M 129 3.33 46.97 30.83
N ILE M 130 2.56 46.83 31.91
CA ILE M 130 1.49 47.79 32.18
C ILE M 130 2.08 49.16 32.48
N ARG M 131 3.22 49.20 33.17
CA ARG M 131 3.90 50.48 33.40
C ARG M 131 4.30 51.12 32.08
N ILE M 132 4.82 50.31 31.15
CA ILE M 132 5.19 50.82 29.85
C ILE M 132 3.97 51.38 29.12
N ALA M 133 2.86 50.66 29.19
CA ALA M 133 1.65 51.12 28.51
C ALA M 133 1.15 52.43 29.12
N ASP M 134 1.19 52.56 30.44
CA ASP M 134 0.76 53.81 31.08
C ASP M 134 1.67 54.96 30.69
N GLY M 135 2.98 54.73 30.69
CA GLY M 135 3.90 55.76 30.25
C GLY M 135 3.66 56.18 28.82
N TYR M 136 3.41 55.20 27.94
CA TYR M 136 3.09 55.51 26.56
C TYR M 136 1.82 56.34 26.47
N GLU M 137 0.81 55.99 27.26
CA GLU M 137 -0.46 56.73 27.21
C GLU M 137 -0.26 58.18 27.62
N GLN M 138 0.47 58.42 28.71
CA GLN M 138 0.63 59.80 29.15
C GLN M 138 1.55 60.59 28.22
N ALA M 139 2.54 59.92 27.63
CA ALA M 139 3.36 60.57 26.62
C ALA M 139 2.52 60.94 25.39
N ALA M 140 1.60 60.06 25.00
CA ALA M 140 0.73 60.36 23.87
C ALA M 140 -0.19 61.53 24.19
N ARG M 141 -0.67 61.61 25.43
CA ARG M 141 -1.48 62.76 25.83
C ARG M 141 -0.69 64.05 25.70
N VAL M 142 0.56 64.03 26.17
CA VAL M 142 1.41 65.22 26.05
C VAL M 142 1.62 65.58 24.58
N ALA M 143 1.89 64.57 23.74
CA ALA M 143 2.15 64.81 22.33
C ALA M 143 0.92 65.38 21.63
N ILE M 144 -0.26 64.89 21.97
CA ILE M 144 -1.48 65.39 21.35
C ILE M 144 -1.74 66.84 21.77
N GLU M 145 -1.51 67.15 23.04
CA GLU M 145 -1.65 68.54 23.47
C GLU M 145 -0.68 69.44 22.73
N HIS M 146 0.56 69.00 22.57
CA HIS M 146 1.53 69.80 21.82
C HIS M 146 1.11 69.98 20.36
N LEU M 147 0.59 68.91 19.75
CA LEU M 147 0.12 69.01 18.38
C LEU M 147 -0.99 70.04 18.26
N ASP M 148 -1.93 70.02 19.20
CA ASP M 148 -2.97 71.04 19.21
C ASP M 148 -2.38 72.43 19.36
N LYS M 149 -1.32 72.55 20.16
CA LYS M 149 -0.72 73.86 20.40
C LYS M 149 -0.06 74.42 19.14
N ILE M 150 0.68 73.58 18.40
CA ILE M 150 1.48 74.06 17.28
C ILE M 150 0.74 74.00 15.95
N SER M 151 -0.57 73.80 15.96
CA SER M 151 -1.32 73.71 14.73
C SER M 151 -1.57 75.09 14.13
N ASP M 152 -2.01 75.11 12.88
CA ASP M 152 -2.38 76.34 12.19
C ASP M 152 -3.70 76.13 11.46
N SER M 153 -4.48 77.20 11.38
CA SER M 153 -5.77 77.17 10.72
C SER M 153 -5.64 77.64 9.27
N VAL M 154 -6.47 77.05 8.40
CA VAL M 154 -6.48 77.39 6.99
C VAL M 154 -7.90 77.71 6.55
N LEU M 155 -8.00 78.46 5.47
CA LEU M 155 -9.30 78.82 4.92
C LEU M 155 -9.81 77.70 4.04
N VAL M 156 -11.08 77.33 4.23
CA VAL M 156 -11.66 76.21 3.51
C VAL M 156 -12.82 76.76 2.69
N ASP M 157 -12.66 77.97 2.16
CA ASP M 157 -13.71 78.57 1.37
C ASP M 157 -13.42 78.40 -0.12
N ILE M 158 -14.47 78.55 -0.93
CA ILE M 158 -14.37 78.28 -2.36
C ILE M 158 -13.51 79.31 -3.07
N LYS M 159 -13.55 80.58 -2.64
CA LYS M 159 -12.88 81.64 -3.39
C LYS M 159 -11.37 81.42 -3.44
N ASP M 160 -10.78 80.97 -2.34
CA ASP M 160 -9.33 80.75 -2.25
C ASP M 160 -9.09 79.31 -1.86
N THR M 161 -8.73 78.47 -2.83
CA THR M 161 -8.53 77.04 -2.60
C THR M 161 -7.05 76.67 -2.51
N GLU M 162 -6.15 77.65 -2.49
CA GLU M 162 -4.72 77.35 -2.52
C GLU M 162 -4.26 76.50 -1.33
N PRO M 163 -4.63 76.79 -0.08
CA PRO M 163 -4.24 75.86 1.00
C PRO M 163 -4.78 74.46 0.78
N LEU M 164 -6.00 74.34 0.27
CA LEU M 164 -6.57 73.03 -0.02
C LEU M 164 -5.78 72.33 -1.11
N ILE M 165 -5.39 73.07 -2.15
CA ILE M 165 -4.57 72.49 -3.21
C ILE M 165 -3.25 71.98 -2.65
N GLN M 166 -2.62 72.78 -1.78
CA GLN M 166 -1.35 72.37 -1.20
C GLN M 166 -1.51 71.13 -0.34
N THR M 167 -2.59 71.05 0.45
CA THR M 167 -2.80 69.87 1.28
C THR M 167 -3.02 68.63 0.43
N ALA M 168 -3.84 68.73 -0.62
CA ALA M 168 -4.04 67.60 -1.50
C ALA M 168 -2.76 67.21 -2.21
N LYS M 169 -1.95 68.19 -2.60
CA LYS M 169 -0.67 67.90 -3.23
C LYS M 169 0.25 67.15 -2.27
N THR M 170 0.29 67.57 -1.01
CA THR M 170 1.10 66.86 -0.04
C THR M 170 0.63 65.43 0.13
N THR M 171 -0.69 65.22 0.15
CA THR M 171 -1.22 63.87 0.23
C THR M 171 -0.81 63.03 -0.97
N LEU M 172 -0.88 63.61 -2.16
CA LEU M 172 -0.62 62.86 -3.39
C LEU M 172 0.86 62.74 -3.72
N GLY M 173 1.74 63.43 -3.00
CA GLY M 173 3.15 63.43 -3.36
C GLY M 173 3.77 62.05 -3.36
N SER M 174 3.35 61.19 -2.45
CA SER M 174 3.95 59.87 -2.35
C SER M 174 3.37 58.87 -3.34
N LYS M 175 2.29 59.22 -4.03
CA LYS M 175 1.65 58.29 -4.94
C LYS M 175 2.18 58.46 -6.36
N VAL M 176 1.96 57.43 -7.17
CA VAL M 176 2.50 57.40 -8.53
C VAL M 176 1.86 58.44 -9.43
N VAL M 177 0.74 59.02 -9.03
CA VAL M 177 0.02 59.97 -9.87
C VAL M 177 0.61 61.37 -9.71
N ASN M 178 1.75 61.46 -9.04
CA ASN M 178 2.42 62.75 -8.89
C ASN M 178 2.95 63.30 -10.20
N SER M 179 2.96 62.51 -11.28
CA SER M 179 3.29 63.05 -12.59
C SER M 179 2.25 64.04 -13.07
N CYS M 180 1.02 63.95 -12.56
CA CYS M 180 -0.04 64.90 -12.84
C CYS M 180 -0.47 65.53 -11.52
N HIS M 181 0.53 65.99 -10.76
CA HIS M 181 0.37 66.22 -9.32
C HIS M 181 -0.68 67.29 -9.04
N ARG M 182 -0.45 68.50 -9.55
CA ARG M 182 -1.38 69.58 -9.30
C ARG M 182 -2.74 69.33 -9.93
N GLN M 183 -2.77 68.65 -11.08
CA GLN M 183 -4.05 68.38 -11.72
C GLN M 183 -4.92 67.48 -10.86
N MET M 184 -4.34 66.38 -10.36
CA MET M 184 -5.11 65.49 -9.47
C MET M 184 -5.50 66.21 -8.19
N ALA M 185 -4.59 67.01 -7.62
CA ALA M 185 -4.94 67.73 -6.41
C ALA M 185 -6.12 68.66 -6.65
N GLU M 186 -6.10 69.40 -7.76
CA GLU M 186 -7.15 70.34 -8.04
C GLU M 186 -8.49 69.63 -8.29
N ILE M 187 -8.47 68.53 -9.04
CA ILE M 187 -9.74 67.86 -9.30
C ILE M 187 -10.30 67.25 -8.02
N ALA M 188 -9.44 66.75 -7.13
CA ALA M 188 -9.93 66.24 -5.85
C ALA M 188 -10.54 67.35 -5.01
N VAL M 189 -9.87 68.50 -4.95
CA VAL M 189 -10.40 69.62 -4.17
C VAL M 189 -11.74 70.06 -4.73
N ASN M 190 -11.84 70.21 -6.04
CA ASN M 190 -13.09 70.66 -6.65
C ASN M 190 -14.20 69.63 -6.44
N ALA M 191 -13.87 68.34 -6.53
CA ALA M 191 -14.87 67.31 -6.30
C ALA M 191 -15.41 67.38 -4.88
N VAL M 192 -14.52 67.49 -3.89
CA VAL M 192 -14.99 67.53 -2.51
C VAL M 192 -15.81 68.79 -2.26
N LEU M 193 -15.33 69.95 -2.75
CA LEU M 193 -16.03 71.19 -2.48
C LEU M 193 -17.39 71.23 -3.18
N THR M 194 -17.51 70.59 -4.34
CA THR M 194 -18.78 70.58 -5.05
C THR M 194 -19.84 69.80 -4.27
N VAL M 195 -19.52 68.60 -3.83
CA VAL M 195 -20.47 67.76 -3.09
C VAL M 195 -20.10 67.85 -1.62
N ALA M 196 -20.66 68.84 -0.94
CA ALA M 196 -20.36 69.03 0.48
C ALA M 196 -21.39 69.96 1.11
N ASP M 197 -21.92 69.56 2.26
CA ASP M 197 -22.86 70.40 2.97
C ASP M 197 -22.09 71.51 3.67
N MET M 198 -22.51 72.76 3.43
CA MET M 198 -21.65 73.90 3.71
C MET M 198 -21.31 74.02 5.18
N GLU M 199 -22.30 73.90 6.07
CA GLU M 199 -22.10 74.22 7.48
C GLU M 199 -21.32 73.12 8.21
N ARG M 200 -20.09 72.93 7.74
CA ARG M 200 -19.09 72.05 8.36
C ARG M 200 -19.60 70.63 8.55
N ARG M 201 -20.66 70.27 7.83
CA ARG M 201 -21.25 68.95 7.97
C ARG M 201 -20.44 67.96 7.15
N ASP M 202 -20.98 66.76 6.98
CA ASP M 202 -20.23 65.69 6.33
C ASP M 202 -20.14 65.90 4.83
N VAL M 203 -19.16 65.24 4.22
CA VAL M 203 -19.03 65.13 2.78
C VAL M 203 -19.44 63.70 2.43
N ASP M 204 -20.54 63.56 1.69
CA ASP M 204 -21.10 62.25 1.41
C ASP M 204 -20.40 61.66 0.19
N PHE M 205 -19.73 60.52 0.37
CA PHE M 205 -18.83 60.02 -0.65
C PHE M 205 -19.57 59.36 -1.81
N GLU M 206 -20.75 58.78 -1.58
CA GLU M 206 -21.46 58.17 -2.69
C GLU M 206 -21.94 59.20 -3.70
N LEU M 207 -21.90 60.48 -3.37
CA LEU M 207 -22.13 61.53 -4.36
C LEU M 207 -20.93 61.73 -5.26
N ILE M 208 -19.79 61.13 -4.94
CA ILE M 208 -18.61 61.17 -5.79
C ILE M 208 -18.51 59.82 -6.50
N LYS M 209 -18.61 59.83 -7.82
CA LYS M 209 -18.47 58.63 -8.62
C LYS M 209 -17.06 58.60 -9.19
N VAL M 210 -16.31 57.55 -8.88
CA VAL M 210 -14.95 57.37 -9.38
C VAL M 210 -14.99 56.25 -10.40
N GLU M 211 -14.74 56.60 -11.66
CA GLU M 211 -14.82 55.65 -12.77
C GLU M 211 -13.50 55.64 -13.52
N GLY M 212 -13.04 54.45 -13.88
CA GLY M 212 -11.79 54.31 -14.60
C GLY M 212 -11.91 53.48 -15.85
N LYS M 213 -11.42 54.00 -16.97
CA LYS M 213 -11.39 53.29 -18.23
C LYS M 213 -9.97 53.28 -18.77
N VAL M 214 -9.52 52.14 -19.27
CA VAL M 214 -8.16 51.99 -19.76
C VAL M 214 -7.99 52.78 -21.04
N GLY M 215 -6.75 52.95 -21.47
CA GLY M 215 -6.46 53.73 -22.65
C GLY M 215 -6.29 55.20 -22.33
N GLY M 216 -5.97 55.96 -23.37
CA GLY M 216 -5.73 57.37 -23.16
C GLY M 216 -4.45 57.59 -22.37
N ARG M 217 -4.42 58.69 -21.63
CA ARG M 217 -3.28 59.06 -20.82
C ARG M 217 -3.74 59.40 -19.41
N LEU M 218 -2.84 59.25 -18.44
CA LEU M 218 -3.19 59.60 -17.07
C LEU M 218 -3.53 61.07 -16.95
N GLU M 219 -2.89 61.93 -17.74
CA GLU M 219 -3.21 63.34 -17.73
C GLU M 219 -4.61 63.64 -18.25
N ASP M 220 -5.21 62.70 -18.97
CA ASP M 220 -6.56 62.89 -19.49
C ASP M 220 -7.62 62.73 -18.42
N THR M 221 -7.26 62.31 -17.21
CA THR M 221 -8.22 62.25 -16.12
C THR M 221 -8.80 63.63 -15.87
N LYS M 222 -10.13 63.70 -15.78
CA LYS M 222 -10.80 64.97 -15.67
C LYS M 222 -11.97 64.85 -14.70
N LEU M 223 -12.44 66.00 -14.24
CA LEU M 223 -13.57 66.09 -13.33
C LEU M 223 -14.81 66.44 -14.13
N ILE M 224 -15.84 65.60 -14.03
CA ILE M 224 -17.10 65.80 -14.75
C ILE M 224 -18.14 66.23 -13.73
N LYS M 225 -18.66 67.45 -13.90
CA LYS M 225 -19.70 67.97 -13.02
C LYS M 225 -21.06 67.45 -13.48
N GLY M 226 -21.17 66.12 -13.50
CA GLY M 226 -22.36 65.43 -13.91
C GLY M 226 -22.23 63.94 -13.66
N VAL M 227 -22.68 63.12 -14.60
CA VAL M 227 -22.66 61.67 -14.44
C VAL M 227 -22.07 61.04 -15.69
N ILE M 228 -21.17 60.08 -15.50
CA ILE M 228 -20.71 59.21 -16.57
C ILE M 228 -21.44 57.87 -16.40
N VAL M 229 -21.94 57.34 -17.50
CA VAL M 229 -22.77 56.13 -17.46
C VAL M 229 -22.20 55.11 -18.43
N ASP M 230 -22.10 53.86 -17.99
CA ASP M 230 -21.57 52.80 -18.82
C ASP M 230 -22.51 52.42 -19.97
N LYS M 231 -23.75 52.89 -19.96
CA LYS M 231 -24.71 52.52 -20.97
C LYS M 231 -24.59 53.45 -22.18
N ASP M 232 -25.50 53.27 -23.14
CA ASP M 232 -25.59 54.13 -24.30
C ASP M 232 -27.04 54.13 -24.78
N PHE M 233 -27.28 54.82 -25.90
CA PHE M 233 -28.63 54.92 -26.42
C PHE M 233 -29.13 53.56 -26.90
N SER M 234 -30.41 53.30 -26.67
CA SER M 234 -30.96 51.96 -26.89
C SER M 234 -30.95 51.59 -28.38
N HIS M 235 -31.49 52.46 -29.21
CA HIS M 235 -31.55 52.24 -30.66
C HIS M 235 -30.29 52.77 -31.32
N PRO M 236 -29.71 52.00 -32.26
CA PRO M 236 -28.47 52.45 -32.91
C PRO M 236 -28.62 53.69 -33.75
N GLN M 237 -29.84 54.09 -34.11
CA GLN M 237 -30.04 55.19 -35.03
C GLN M 237 -30.50 56.48 -34.36
N MET M 238 -30.60 56.53 -33.04
CA MET M 238 -30.92 57.84 -32.48
C MET M 238 -29.64 58.66 -32.33
N PRO M 239 -29.76 59.99 -32.36
CA PRO M 239 -28.56 60.84 -32.38
C PRO M 239 -27.70 60.62 -31.15
N LYS M 240 -26.39 60.76 -31.34
CA LYS M 240 -25.41 60.52 -30.29
C LYS M 240 -25.20 61.73 -29.39
N LYS M 241 -25.84 62.86 -29.67
CA LYS M 241 -25.64 64.07 -28.89
C LYS M 241 -26.95 64.82 -28.77
N VAL M 242 -27.28 65.25 -27.55
CA VAL M 242 -28.48 66.02 -27.29
C VAL M 242 -28.08 67.31 -26.59
N GLU M 243 -28.57 68.44 -27.08
CA GLU M 243 -28.26 69.75 -26.54
C GLU M 243 -29.41 70.25 -25.69
N ASP M 244 -29.09 70.77 -24.51
CA ASP M 244 -30.09 71.28 -23.58
C ASP M 244 -31.18 70.25 -23.30
N ALA M 245 -30.76 69.01 -23.09
CA ALA M 245 -31.69 67.92 -22.93
C ALA M 245 -32.55 68.11 -21.69
N LYS M 246 -33.85 67.88 -21.83
CA LYS M 246 -34.78 67.87 -20.72
C LYS M 246 -34.98 66.41 -20.30
N ILE M 247 -34.27 66.00 -19.26
CA ILE M 247 -34.21 64.59 -18.90
C ILE M 247 -35.55 64.15 -18.33
N ALA M 248 -35.89 62.88 -18.54
CA ALA M 248 -37.13 62.30 -18.02
C ALA M 248 -36.77 60.97 -17.36
N ILE M 249 -36.48 61.02 -16.07
CA ILE M 249 -36.05 59.83 -15.33
C ILE M 249 -37.27 59.00 -14.97
N LEU M 250 -37.24 57.72 -15.32
CA LEU M 250 -38.36 56.82 -15.07
C LEU M 250 -37.85 55.49 -14.52
N THR M 251 -38.66 54.88 -13.66
CA THR M 251 -38.37 53.55 -13.14
C THR M 251 -39.42 52.53 -13.57
N CYS M 252 -40.24 52.85 -14.57
CA CYS M 252 -41.23 51.93 -15.09
C CYS M 252 -40.75 51.38 -16.43
N PRO M 253 -40.59 50.07 -16.58
CA PRO M 253 -40.22 49.54 -17.89
C PRO M 253 -41.27 49.88 -18.93
N PHE M 254 -40.81 50.21 -20.14
CA PHE M 254 -41.72 50.62 -21.21
C PHE M 254 -42.37 49.37 -21.80
N GLU M 255 -43.18 48.72 -20.98
CA GLU M 255 -43.86 47.48 -21.32
C GLU M 255 -45.31 47.60 -20.87
N PRO M 256 -46.18 46.75 -21.39
CA PRO M 256 -47.56 46.73 -20.90
C PRO M 256 -47.59 46.42 -19.42
N PRO M 257 -48.52 47.02 -18.68
CA PRO M 257 -48.51 46.88 -17.22
C PRO M 257 -48.75 45.45 -16.80
N LYS M 258 -48.20 45.09 -15.64
CA LYS M 258 -48.35 43.76 -15.09
C LYS M 258 -48.51 43.83 -13.58
N PRO M 259 -49.65 43.39 -13.05
CA PRO M 259 -49.85 43.42 -11.60
C PRO M 259 -48.88 42.50 -10.87
N LYS M 260 -48.55 42.88 -9.64
CA LYS M 260 -47.66 42.06 -8.84
C LYS M 260 -48.34 40.79 -8.36
N THR M 261 -49.63 40.89 -8.01
CA THR M 261 -50.37 39.74 -7.54
C THR M 261 -50.55 38.71 -8.66
N LYS M 262 -50.61 37.44 -8.28
CA LYS M 262 -50.89 36.39 -9.24
C LYS M 262 -52.21 36.66 -9.93
N HIS M 263 -52.16 36.85 -11.24
CA HIS M 263 -53.33 37.26 -12.01
C HIS M 263 -53.44 36.42 -13.26
N LYS M 264 -54.66 36.27 -13.75
CA LYS M 264 -54.94 35.56 -14.99
C LYS M 264 -56.00 36.33 -15.75
N LEU M 265 -55.67 36.73 -16.98
CA LEU M 265 -56.63 37.40 -17.86
C LEU M 265 -57.18 36.37 -18.83
N ASP M 266 -58.49 36.16 -18.78
CA ASP M 266 -59.14 35.13 -19.58
C ASP M 266 -59.56 35.69 -20.93
N VAL M 267 -59.21 34.97 -21.98
CA VAL M 267 -59.65 35.28 -23.34
C VAL M 267 -60.68 34.23 -23.71
N THR M 268 -61.93 34.64 -23.91
CA THR M 268 -63.03 33.71 -24.10
C THR M 268 -63.68 33.80 -25.47
N SER M 269 -63.26 34.73 -26.31
CA SER M 269 -63.85 34.89 -27.62
C SER M 269 -62.89 35.66 -28.51
N VAL M 270 -63.21 35.71 -29.80
CA VAL M 270 -62.38 36.45 -30.74
C VAL M 270 -62.39 37.94 -30.39
N GLU M 271 -63.54 38.45 -29.93
CA GLU M 271 -63.60 39.83 -29.48
C GLU M 271 -62.63 40.09 -28.34
N ASP M 272 -62.46 39.11 -27.45
CA ASP M 272 -61.49 39.25 -26.38
C ASP M 272 -60.08 39.39 -26.94
N TYR M 273 -59.73 38.58 -27.94
CA TYR M 273 -58.42 38.69 -28.55
C TYR M 273 -58.20 40.04 -29.20
N LYS M 274 -59.20 40.52 -29.95
CA LYS M 274 -59.08 41.82 -30.60
C LYS M 274 -58.92 42.93 -29.57
N ALA M 275 -59.71 42.87 -28.49
CA ALA M 275 -59.61 43.88 -27.45
C ALA M 275 -58.24 43.84 -26.78
N LEU M 276 -57.72 42.64 -26.54
CA LEU M 276 -56.39 42.52 -25.92
C LEU M 276 -55.31 43.12 -26.80
N GLN M 277 -55.35 42.82 -28.10
CA GLN M 277 -54.34 43.37 -29.01
C GLN M 277 -54.45 44.88 -29.09
N LYS M 278 -55.67 45.40 -29.19
CA LYS M 278 -55.84 46.84 -29.21
C LYS M 278 -55.36 47.48 -27.92
N TYR M 279 -55.60 46.82 -26.79
CA TYR M 279 -55.12 47.33 -25.51
C TYR M 279 -53.61 47.43 -25.50
N GLU M 280 -52.92 46.40 -25.98
CA GLU M 280 -51.46 46.42 -26.01
C GLU M 280 -50.95 47.58 -26.88
N LYS M 281 -51.47 47.68 -28.10
CA LYS M 281 -51.01 48.72 -29.01
C LYS M 281 -51.27 50.10 -28.44
N GLU M 282 -52.48 50.31 -27.90
CA GLU M 282 -52.82 51.61 -27.35
C GLU M 282 -52.02 51.93 -26.10
N LYS M 283 -51.65 50.92 -25.31
CA LYS M 283 -50.81 51.18 -24.15
C LYS M 283 -49.44 51.68 -24.59
N PHE M 284 -48.86 51.06 -25.60
CA PHE M 284 -47.57 51.54 -26.10
C PHE M 284 -47.67 52.98 -26.60
N GLU M 285 -48.67 53.23 -27.45
CA GLU M 285 -48.83 54.58 -27.99
C GLU M 285 -49.08 55.60 -26.88
N GLU M 286 -49.88 55.21 -25.88
CA GLU M 286 -50.21 56.12 -24.79
C GLU M 286 -48.99 56.46 -23.96
N MET M 287 -48.15 55.47 -23.64
CA MET M 287 -46.97 55.79 -22.84
C MET M 287 -46.02 56.69 -23.62
N ILE M 288 -45.85 56.43 -24.91
CA ILE M 288 -44.96 57.31 -25.69
C ILE M 288 -45.53 58.72 -25.74
N GLN M 289 -46.84 58.86 -25.95
CA GLN M 289 -47.45 60.18 -26.00
C GLN M 289 -47.32 60.88 -24.65
N GLN M 290 -47.48 60.15 -23.56
CA GLN M 290 -47.35 60.76 -22.23
C GLN M 290 -45.95 61.27 -22.00
N ILE M 291 -44.94 60.50 -22.42
CA ILE M 291 -43.56 61.00 -22.29
C ILE M 291 -43.37 62.24 -23.15
N LYS M 292 -43.90 62.23 -24.38
CA LYS M 292 -43.68 63.35 -25.28
C LYS M 292 -44.40 64.61 -24.81
N GLU M 293 -45.51 64.45 -24.09
CA GLU M 293 -46.34 65.61 -23.75
C GLU M 293 -45.64 66.56 -22.79
N THR M 294 -44.75 66.05 -21.94
CA THR M 294 -44.04 66.89 -21.00
C THR M 294 -43.01 67.79 -21.68
N GLY M 295 -42.75 67.59 -22.96
CA GLY M 295 -41.72 68.35 -23.63
C GLY M 295 -40.31 67.81 -23.45
N ALA M 296 -40.17 66.60 -22.93
CA ALA M 296 -38.86 66.03 -22.70
C ALA M 296 -38.13 65.77 -24.02
N ASN M 297 -36.80 65.84 -23.96
CA ASN M 297 -35.95 65.50 -25.09
C ASN M 297 -35.26 64.15 -24.93
N LEU M 298 -35.00 63.73 -23.70
CA LEU M 298 -34.32 62.47 -23.43
C LEU M 298 -35.11 61.70 -22.39
N ALA M 299 -35.06 60.37 -22.48
CA ALA M 299 -35.72 59.51 -21.52
C ALA M 299 -34.71 58.54 -20.94
N ILE M 300 -34.69 58.44 -19.61
CA ILE M 300 -33.79 57.54 -18.90
C ILE M 300 -34.65 56.53 -18.16
N CYS M 301 -34.44 55.25 -18.45
CA CYS M 301 -35.17 54.18 -17.78
C CYS M 301 -34.21 53.31 -17.01
N GLN M 302 -34.75 52.54 -16.07
CA GLN M 302 -33.95 51.65 -15.25
C GLN M 302 -34.12 50.19 -15.60
N TRP M 303 -35.27 49.80 -16.14
CA TRP M 303 -35.59 48.39 -16.36
C TRP M 303 -35.67 48.00 -17.83
N GLY M 304 -35.25 48.87 -18.73
CA GLY M 304 -35.23 48.51 -20.14
C GLY M 304 -36.63 48.42 -20.72
N PHE M 305 -36.68 48.09 -22.00
CA PHE M 305 -37.95 48.03 -22.71
C PHE M 305 -37.80 47.14 -23.93
N ASP M 306 -38.86 47.08 -24.73
CA ASP M 306 -38.96 46.15 -25.84
C ASP M 306 -38.99 46.91 -27.17
N ASP M 307 -39.15 46.14 -28.25
CA ASP M 307 -38.86 46.65 -29.58
C ASP M 307 -39.86 47.73 -30.00
N GLU M 308 -41.14 47.53 -29.71
CA GLU M 308 -42.15 48.51 -30.12
C GLU M 308 -41.90 49.85 -29.47
N ALA M 309 -41.62 49.84 -28.16
CA ALA M 309 -41.33 51.08 -27.46
C ALA M 309 -40.06 51.73 -27.99
N ASN M 310 -39.05 50.91 -28.30
CA ASN M 310 -37.79 51.45 -28.81
C ASN M 310 -38.01 52.18 -30.14
N HIS M 311 -38.73 51.54 -31.06
CA HIS M 311 -38.97 52.18 -32.35
C HIS M 311 -39.87 53.39 -32.22
N LEU M 312 -40.83 53.35 -31.28
CA LEU M 312 -41.67 54.52 -31.08
C LEU M 312 -40.87 55.69 -30.52
N LEU M 313 -39.94 55.41 -29.61
CA LEU M 313 -39.07 56.47 -29.09
C LEU M 313 -38.21 57.05 -30.20
N LEU M 314 -37.64 56.19 -31.04
CA LEU M 314 -36.82 56.70 -32.15
C LEU M 314 -37.67 57.52 -33.12
N GLN M 315 -38.88 57.06 -33.40
CA GLN M 315 -39.73 57.73 -34.37
C GLN M 315 -40.19 59.10 -33.88
N ASN M 316 -40.26 59.30 -32.58
CA ASN M 316 -40.77 60.54 -32.00
C ASN M 316 -39.65 61.47 -31.56
N ASN M 317 -38.43 61.25 -32.04
CA ASN M 317 -37.28 62.11 -31.73
C ASN M 317 -37.05 62.18 -30.22
N LEU M 318 -37.05 61.02 -29.58
CA LEU M 318 -36.84 60.91 -28.14
C LEU M 318 -35.74 59.89 -27.88
N PRO M 319 -34.47 60.32 -27.89
CA PRO M 319 -33.39 59.40 -27.53
C PRO M 319 -33.60 58.87 -26.11
N ALA M 320 -33.26 57.61 -25.90
CA ALA M 320 -33.53 56.97 -24.62
C ALA M 320 -32.37 56.08 -24.22
N VAL M 321 -32.23 55.89 -22.92
CA VAL M 321 -31.22 55.02 -22.33
C VAL M 321 -31.92 54.07 -21.37
N ARG M 322 -31.59 52.78 -21.47
CA ARG M 322 -32.28 51.76 -20.69
C ARG M 322 -31.30 50.99 -19.83
N TRP M 323 -31.85 50.26 -18.86
CA TRP M 323 -31.09 49.39 -17.97
C TRP M 323 -30.08 50.16 -17.15
N VAL M 324 -30.36 51.42 -16.85
CA VAL M 324 -29.48 52.21 -16.01
C VAL M 324 -29.62 51.78 -14.57
N GLY M 325 -28.50 51.59 -13.88
CA GLY M 325 -28.53 51.11 -12.52
C GLY M 325 -29.13 52.12 -11.57
N GLY M 326 -29.61 51.61 -10.44
CA GLY M 326 -30.29 52.42 -9.45
C GLY M 326 -29.45 53.56 -8.90
N PRO M 327 -28.21 53.27 -8.48
CA PRO M 327 -27.32 54.37 -8.08
C PRO M 327 -27.12 55.41 -9.17
N GLU M 328 -27.03 54.97 -10.42
CA GLU M 328 -26.88 55.93 -11.52
C GLU M 328 -28.14 56.74 -11.73
N ILE M 329 -29.31 56.11 -11.56
CA ILE M 329 -30.57 56.85 -11.60
C ILE M 329 -30.58 57.93 -10.54
N GLU M 330 -30.18 57.58 -9.32
CA GLU M 330 -30.17 58.56 -8.24
C GLU M 330 -29.19 59.69 -8.53
N LEU M 331 -28.00 59.36 -9.04
CA LEU M 331 -27.01 60.38 -9.35
C LEU M 331 -27.49 61.30 -10.46
N ILE M 332 -28.10 60.74 -11.50
CA ILE M 332 -28.62 61.55 -12.60
C ILE M 332 -29.71 62.49 -12.09
N ALA M 333 -30.62 61.98 -11.27
CA ALA M 333 -31.68 62.81 -10.73
C ALA M 333 -31.12 63.93 -9.86
N ILE M 334 -30.11 63.62 -9.05
CA ILE M 334 -29.52 64.63 -8.18
C ILE M 334 -28.83 65.70 -8.99
N ALA M 335 -28.02 65.30 -9.98
CA ALA M 335 -27.24 66.26 -10.75
C ALA M 335 -28.13 67.13 -11.62
N THR M 336 -29.04 66.51 -12.36
CA THR M 336 -29.86 67.23 -13.32
C THR M 336 -30.96 68.05 -12.67
N GLY M 337 -31.28 67.82 -11.42
CA GLY M 337 -32.35 68.54 -10.76
C GLY M 337 -33.73 67.99 -11.03
N GLY M 338 -33.84 66.82 -11.66
CA GLY M 338 -35.13 66.21 -11.89
C GLY M 338 -35.51 65.23 -10.81
N ARG M 339 -36.74 64.75 -10.89
CA ARG M 339 -37.29 63.81 -9.92
C ARG M 339 -37.50 62.45 -10.57
N ILE M 340 -37.31 61.41 -9.77
CA ILE M 340 -37.53 60.04 -10.22
C ILE M 340 -39.02 59.76 -10.23
N VAL M 341 -39.54 59.35 -11.38
CA VAL M 341 -40.98 59.15 -11.58
C VAL M 341 -41.23 57.66 -11.69
N PRO M 342 -42.20 57.11 -10.96
CA PRO M 342 -42.40 55.65 -10.98
C PRO M 342 -43.29 55.16 -12.10
N ARG M 343 -44.09 56.04 -12.71
CA ARG M 343 -44.93 55.63 -13.82
C ARG M 343 -45.27 56.84 -14.67
N PHE M 344 -45.66 56.56 -15.92
CA PHE M 344 -45.90 57.63 -16.89
C PHE M 344 -47.04 58.53 -16.47
N SER M 345 -48.04 57.99 -15.76
CA SER M 345 -49.20 58.79 -15.40
C SER M 345 -48.82 59.96 -14.50
N GLU M 346 -47.72 59.84 -13.76
CA GLU M 346 -47.28 60.89 -12.85
C GLU M 346 -46.21 61.78 -13.45
N LEU M 347 -45.87 61.59 -14.71
CA LEU M 347 -44.82 62.39 -15.35
C LEU M 347 -45.36 63.76 -15.69
N THR M 348 -44.70 64.80 -15.18
CA THR M 348 -45.06 66.18 -15.46
C THR M 348 -43.82 66.96 -15.87
N ALA M 349 -44.04 68.19 -16.32
CA ALA M 349 -42.93 69.03 -16.78
C ALA M 349 -42.01 69.40 -15.63
N GLU M 350 -42.57 69.63 -14.44
CA GLU M 350 -41.75 70.06 -13.31
C GLU M 350 -40.81 68.98 -12.82
N LYS M 351 -41.05 67.72 -13.16
CA LYS M 351 -40.20 66.62 -12.73
C LYS M 351 -39.09 66.32 -13.72
N LEU M 352 -38.94 67.11 -14.77
CA LEU M 352 -37.93 66.86 -15.79
C LEU M 352 -36.60 67.49 -15.37
N GLY M 353 -35.55 66.68 -15.35
CA GLY M 353 -34.23 67.21 -15.14
C GLY M 353 -33.69 67.88 -16.39
N PHE M 354 -32.71 68.76 -16.19
CA PHE M 354 -32.09 69.51 -17.27
C PHE M 354 -30.60 69.23 -17.29
N ALA M 355 -30.08 68.95 -18.48
CA ALA M 355 -28.64 68.78 -18.69
C ALA M 355 -28.23 69.58 -19.91
N GLY M 356 -27.12 70.30 -19.80
CA GLY M 356 -26.67 71.12 -20.92
C GLY M 356 -26.26 70.29 -22.11
N LEU M 357 -25.60 69.16 -21.88
CA LEU M 357 -25.13 68.33 -22.96
C LEU M 357 -25.13 66.87 -22.53
N VAL M 358 -25.77 66.02 -23.32
CA VAL M 358 -25.71 64.57 -23.16
C VAL M 358 -25.08 63.99 -24.41
N GLN M 359 -23.97 63.27 -24.25
CA GLN M 359 -23.21 62.79 -25.38
C GLN M 359 -22.79 61.35 -25.15
N GLU M 360 -22.64 60.63 -26.26
CA GLU M 360 -22.09 59.28 -26.26
C GLU M 360 -20.63 59.34 -26.69
N ILE M 361 -19.76 58.68 -25.93
CA ILE M 361 -18.32 58.83 -26.08
C ILE M 361 -17.72 57.49 -26.51
N SER M 362 -16.92 57.51 -27.56
CA SER M 362 -16.19 56.34 -28.01
C SER M 362 -14.79 56.33 -27.40
N PHE M 363 -14.16 55.15 -27.41
CA PHE M 363 -12.87 54.95 -26.77
C PHE M 363 -11.90 54.25 -27.71
N GLY M 364 -11.79 54.77 -28.92
CA GLY M 364 -10.84 54.24 -29.87
C GLY M 364 -11.35 53.01 -30.59
N THR M 365 -10.46 52.04 -30.81
CA THR M 365 -10.82 50.83 -31.54
C THR M 365 -11.31 49.75 -30.59
N THR M 366 -12.34 50.10 -29.81
CA THR M 366 -12.80 49.22 -28.74
C THR M 366 -14.30 48.92 -28.79
N LYS M 367 -15.10 49.64 -29.57
CA LYS M 367 -16.52 49.42 -29.76
C LYS M 367 -17.33 49.74 -28.49
N ASP M 368 -16.67 50.03 -27.37
CA ASP M 368 -17.37 50.36 -26.15
C ASP M 368 -17.86 51.80 -26.18
N LYS M 369 -19.05 52.02 -25.64
CA LYS M 369 -19.65 53.35 -25.58
C LYS M 369 -20.02 53.68 -24.15
N MET M 370 -19.85 54.95 -23.77
CA MET M 370 -20.19 55.42 -22.44
C MET M 370 -20.85 56.78 -22.57
N LEU M 371 -21.82 57.04 -21.71
CA LEU M 371 -22.68 58.20 -21.85
C LEU M 371 -22.28 59.30 -20.87
N VAL M 372 -22.25 60.53 -21.35
CA VAL M 372 -21.86 61.69 -20.56
C VAL M 372 -23.08 62.56 -20.33
N ILE M 373 -23.37 62.87 -19.08
CA ILE M 373 -24.42 63.83 -18.72
C ILE M 373 -23.72 64.92 -17.92
N GLU M 374 -23.47 66.06 -18.55
CA GLU M 374 -22.72 67.14 -17.92
C GLU M 374 -23.41 68.45 -18.21
N GLN M 375 -22.73 69.55 -17.87
CA GLN M 375 -23.25 70.90 -18.05
C GLN M 375 -24.59 71.08 -17.36
N CYS M 376 -24.72 70.49 -16.18
CA CYS M 376 -25.92 70.71 -15.37
C CYS M 376 -25.91 72.11 -14.79
N LYS M 377 -27.08 72.54 -14.31
CA LYS M 377 -27.20 73.89 -13.78
C LYS M 377 -26.46 74.04 -12.46
N ASN M 378 -26.86 73.27 -11.45
CA ASN M 378 -26.29 73.34 -10.11
C ASN M 378 -26.01 71.93 -9.58
N SER M 379 -25.29 71.15 -10.38
CA SER M 379 -25.06 69.74 -10.08
C SER M 379 -24.51 69.55 -8.68
N ARG M 380 -25.25 68.81 -7.85
CA ARG M 380 -24.84 68.44 -6.51
C ARG M 380 -24.15 67.08 -6.49
N ALA M 381 -23.87 66.50 -7.65
CA ALA M 381 -23.13 65.26 -7.75
C ALA M 381 -22.02 65.43 -8.78
N VAL M 382 -20.89 64.78 -8.54
CA VAL M 382 -19.71 64.97 -9.36
C VAL M 382 -19.13 63.60 -9.70
N THR M 383 -18.41 63.54 -10.81
CA THR M 383 -17.83 62.29 -11.28
C THR M 383 -16.39 62.52 -11.69
N ILE M 384 -15.53 61.55 -11.35
CA ILE M 384 -14.12 61.58 -11.74
C ILE M 384 -13.89 60.45 -12.73
N PHE M 385 -13.39 60.80 -13.91
CA PHE M 385 -13.14 59.85 -14.98
C PHE M 385 -11.64 59.68 -15.11
N ILE M 386 -11.14 58.48 -14.82
CA ILE M 386 -9.70 58.21 -14.75
C ILE M 386 -9.30 57.42 -15.98
N ARG M 387 -8.25 57.87 -16.65
CA ARG M 387 -7.66 57.16 -17.78
C ARG M 387 -6.22 56.81 -17.45
N GLY M 388 -5.70 55.80 -18.14
CA GLY M 388 -4.33 55.38 -17.88
C GLY M 388 -3.87 54.36 -18.90
N GLY M 389 -2.60 54.01 -18.80
CA GLY M 389 -2.00 53.06 -19.73
C GLY M 389 -2.25 51.61 -19.40
N ASN M 390 -2.69 51.30 -18.19
CA ASN M 390 -3.03 49.93 -17.81
C ASN M 390 -3.89 50.00 -16.56
N LYS M 391 -4.54 48.87 -16.27
CA LYS M 391 -5.49 48.84 -15.16
C LYS M 391 -4.83 48.99 -13.80
N MET M 392 -3.56 48.63 -13.68
CA MET M 392 -2.88 48.75 -12.39
C MET M 392 -2.71 50.21 -12.00
N ILE M 393 -2.21 51.05 -12.91
CA ILE M 393 -2.10 52.46 -12.59
C ILE M 393 -3.47 53.08 -12.42
N ILE M 394 -4.49 52.53 -13.06
CA ILE M 394 -5.84 53.06 -12.89
C ILE M 394 -6.33 52.80 -11.48
N GLU M 395 -6.14 51.58 -10.97
CA GLU M 395 -6.54 51.28 -9.60
C GLU M 395 -5.74 52.11 -8.61
N GLU M 396 -4.44 52.27 -8.85
CA GLU M 396 -3.63 53.08 -7.95
C GLU M 396 -4.08 54.54 -7.97
N ALA M 397 -4.44 55.05 -9.14
CA ALA M 397 -4.97 56.41 -9.22
C ALA M 397 -6.30 56.52 -8.49
N LYS M 398 -7.12 55.48 -8.58
CA LYS M 398 -8.39 55.47 -7.86
C LYS M 398 -8.15 55.62 -6.36
N ARG M 399 -7.25 54.81 -5.80
CA ARG M 399 -7.04 54.88 -4.36
C ARG M 399 -6.31 56.16 -3.95
N SER M 400 -5.41 56.66 -4.79
CA SER M 400 -4.75 57.93 -4.49
C SER M 400 -5.75 59.08 -4.47
N LEU M 401 -6.66 59.12 -5.44
CA LEU M 401 -7.68 60.15 -5.45
C LEU M 401 -8.62 59.99 -4.26
N HIS M 402 -8.90 58.75 -3.87
CA HIS M 402 -9.70 58.55 -2.67
C HIS M 402 -9.01 59.11 -1.44
N ASP M 403 -7.69 58.91 -1.35
CA ASP M 403 -6.93 59.50 -0.25
C ASP M 403 -7.02 61.01 -0.25
N ALA M 404 -6.89 61.62 -1.43
CA ALA M 404 -6.96 63.08 -1.52
C ALA M 404 -8.34 63.58 -1.10
N LEU M 405 -9.40 62.91 -1.57
CA LEU M 405 -10.75 63.30 -1.18
C LEU M 405 -10.94 63.17 0.33
N CYS M 406 -10.42 62.09 0.92
CA CYS M 406 -10.54 61.92 2.36
C CYS M 406 -9.82 63.03 3.10
N VAL M 407 -8.64 63.42 2.62
CA VAL M 407 -7.89 64.49 3.30
C VAL M 407 -8.65 65.81 3.23
N ILE M 408 -9.21 66.14 2.06
CA ILE M 408 -9.96 67.39 1.97
C ILE M 408 -11.22 67.32 2.83
N ARG M 409 -11.84 66.14 2.92
CA ARG M 409 -12.99 65.98 3.81
C ARG M 409 -12.60 66.23 5.25
N ASN M 410 -11.46 65.68 5.68
CA ASN M 410 -10.99 65.90 7.04
C ASN M 410 -10.73 67.38 7.27
N LEU M 411 -10.16 68.06 6.28
CA LEU M 411 -9.93 69.49 6.40
C LEU M 411 -11.23 70.25 6.55
N ILE M 412 -12.27 69.82 5.83
CA ILE M 412 -13.59 70.43 5.99
C ILE M 412 -14.09 70.22 7.42
N ARG M 413 -13.94 69.00 7.94
CA ARG M 413 -14.39 68.72 9.30
C ARG M 413 -13.64 69.55 10.32
N ASP M 414 -12.32 69.69 10.16
CA ASP M 414 -11.52 70.52 11.03
C ASP M 414 -10.39 71.14 10.21
N ASN M 415 -10.27 72.47 10.28
CA ASN M 415 -9.40 73.22 9.38
C ASN M 415 -8.04 73.50 10.01
N ARG M 416 -7.65 72.79 11.05
CA ARG M 416 -6.35 72.98 11.66
C ARG M 416 -5.34 72.01 11.06
N VAL M 417 -4.15 72.54 10.72
CA VAL M 417 -3.12 71.75 10.06
C VAL M 417 -1.81 71.88 10.80
N VAL M 418 -0.96 70.88 10.60
CA VAL M 418 0.42 70.89 11.07
C VAL M 418 1.31 70.54 9.90
N TYR M 419 2.56 70.98 9.97
CA TYR M 419 3.48 70.84 8.85
C TYR M 419 4.24 69.52 8.97
N GLY M 420 4.07 68.66 7.98
CA GLY M 420 4.63 67.32 8.03
C GLY M 420 6.10 67.27 7.69
N GLY M 421 6.50 66.24 6.95
CA GLY M 421 7.91 66.07 6.68
C GLY M 421 8.72 65.67 7.88
N GLY M 422 8.08 65.14 8.92
CA GLY M 422 8.75 64.80 10.14
C GLY M 422 8.81 65.91 11.17
N ALA M 423 8.39 67.12 10.82
CA ALA M 423 8.46 68.24 11.75
C ALA M 423 7.55 68.00 12.96
N ALA M 424 6.33 67.51 12.71
CA ALA M 424 5.39 67.29 13.80
C ALA M 424 5.93 66.25 14.78
N GLU M 425 6.49 65.15 14.26
CA GLU M 425 7.06 64.14 15.14
C GLU M 425 8.23 64.69 15.93
N ILE M 426 9.08 65.49 15.30
CA ILE M 426 10.23 66.05 16.01
C ILE M 426 9.77 66.95 17.14
N SER M 427 8.80 67.82 16.86
CA SER M 427 8.30 68.72 17.90
C SER M 427 7.63 67.95 19.03
N CYS M 428 6.84 66.92 18.68
CA CYS M 428 6.19 66.12 19.70
C CYS M 428 7.20 65.38 20.55
N ALA M 429 8.25 64.85 19.93
CA ALA M 429 9.31 64.18 20.68
C ALA M 429 10.02 65.15 21.61
N LEU M 430 10.27 66.38 21.14
CA LEU M 430 10.89 67.36 22.00
C LEU M 430 10.01 67.69 23.19
N ALA M 431 8.71 67.86 22.96
CA ALA M 431 7.79 68.14 24.06
C ALA M 431 7.75 66.98 25.06
N VAL M 432 7.73 65.75 24.54
CA VAL M 432 7.69 64.58 25.42
C VAL M 432 8.97 64.49 26.24
N SER M 433 10.12 64.74 25.62
CA SER M 433 11.39 64.71 26.35
C SER M 433 11.42 65.80 27.41
N GLN M 434 10.93 66.98 27.08
CA GLN M 434 10.91 68.06 28.07
C GLN M 434 10.01 67.70 29.25
N GLU M 435 8.86 67.10 28.97
CA GLU M 435 7.97 66.70 30.06
C GLU M 435 8.58 65.59 30.91
N ALA M 436 9.30 64.67 30.27
CA ALA M 436 9.89 63.55 31.00
C ALA M 436 10.93 64.02 32.00
N ASP M 437 11.58 65.16 31.73
CA ASP M 437 12.56 65.68 32.68
C ASP M 437 11.92 66.10 34.00
N LYS M 438 10.61 66.34 34.00
CA LYS M 438 9.90 66.70 35.23
C LYS M 438 9.16 65.55 35.86
N CYS M 439 8.96 64.45 35.13
CA CYS M 439 8.24 63.31 35.67
C CYS M 439 9.10 62.57 36.69
N PRO M 440 8.47 61.89 37.66
CA PRO M 440 9.21 60.94 38.50
C PRO M 440 10.00 59.94 37.67
N THR M 441 10.98 59.28 38.29
CA THR M 441 11.99 58.56 37.54
C THR M 441 11.39 57.39 36.75
N LEU M 442 10.44 56.66 37.34
CA LEU M 442 10.06 55.38 36.77
C LEU M 442 9.35 55.53 35.43
N GLU M 443 8.43 56.50 35.31
CA GLU M 443 7.76 56.73 34.03
C GLU M 443 8.63 57.49 33.05
N GLN M 444 9.75 58.03 33.50
CA GLN M 444 10.65 58.76 32.62
C GLN M 444 11.16 57.86 31.51
N TYR M 445 11.47 56.59 31.83
CA TYR M 445 11.97 55.68 30.81
C TYR M 445 10.92 55.42 29.74
N ALA M 446 9.67 55.22 30.14
CA ALA M 446 8.61 54.99 29.16
C ALA M 446 8.40 56.22 28.28
N MET M 447 8.43 57.41 28.88
CA MET M 447 8.24 58.61 28.08
C MET M 447 9.39 58.83 27.11
N ARG M 448 10.63 58.58 27.55
CA ARG M 448 11.77 58.70 26.65
C ARG M 448 11.68 57.69 25.51
N ALA M 449 11.24 56.47 25.82
CA ALA M 449 11.06 55.48 24.77
C ALA M 449 10.00 55.93 23.78
N PHE M 450 8.93 56.55 24.27
CA PHE M 450 7.90 57.07 23.38
C PHE M 450 8.48 58.15 22.47
N ALA M 451 9.30 59.04 23.02
CA ALA M 451 9.91 60.07 22.19
C ALA M 451 10.82 59.47 21.12
N ASP M 452 11.62 58.47 21.50
CA ASP M 452 12.50 57.81 20.54
C ASP M 452 11.69 57.12 19.45
N ALA M 453 10.57 56.50 19.82
CA ALA M 453 9.70 55.88 18.83
C ALA M 453 9.06 56.92 17.91
N LEU M 454 8.73 58.09 18.46
CA LEU M 454 8.21 59.16 17.61
C LEU M 454 9.25 59.60 16.60
N GLU M 455 10.52 59.57 16.99
CA GLU M 455 11.59 60.01 16.09
C GLU M 455 11.80 59.09 14.88
N VAL M 456 11.02 58.01 14.72
CA VAL M 456 11.33 57.09 13.64
C VAL M 456 10.85 57.61 12.30
N ILE M 457 9.78 58.40 12.29
CA ILE M 457 9.24 58.89 11.01
C ILE M 457 10.26 59.75 10.27
N PRO M 458 10.90 60.74 10.88
CA PRO M 458 11.99 61.44 10.17
C PRO M 458 13.14 60.53 9.78
N MET M 459 13.46 59.53 10.60
CA MET M 459 14.51 58.58 10.23
C MET M 459 14.14 57.83 8.96
N ALA M 460 12.91 57.34 8.88
CA ALA M 460 12.47 56.62 7.69
C ALA M 460 12.43 57.53 6.48
N LEU M 461 11.99 58.77 6.67
CA LEU M 461 11.97 59.72 5.56
C LEU M 461 13.36 59.99 5.04
N SER M 462 14.33 60.18 5.94
CA SER M 462 15.70 60.45 5.51
C SER M 462 16.32 59.22 4.85
N GLU M 463 16.08 58.03 5.40
CA GLU M 463 16.62 56.81 4.80
C GLU M 463 16.04 56.58 3.41
N ASN M 464 14.74 56.81 3.24
CA ASN M 464 14.13 56.59 1.94
C ASN M 464 14.66 57.56 0.89
N SER M 465 15.06 58.76 1.31
CA SER M 465 15.59 59.76 0.40
C SER M 465 17.09 59.68 0.23
N GLY M 466 17.75 58.70 0.85
CA GLY M 466 19.17 58.50 0.67
C GLY M 466 20.06 59.25 1.63
N MET M 467 19.53 60.16 2.42
CA MET M 467 20.34 60.88 3.37
C MET M 467 20.63 60.01 4.59
N ASN M 468 21.63 60.42 5.35
CA ASN M 468 21.98 59.72 6.58
C ASN M 468 20.92 60.00 7.64
N PRO M 469 20.28 58.98 8.20
CA PRO M 469 19.16 59.25 9.12
C PRO M 469 19.55 59.97 10.39
N ILE M 470 20.52 59.43 11.13
CA ILE M 470 20.82 59.96 12.45
C ILE M 470 21.34 61.39 12.37
N GLN M 471 22.26 61.64 11.43
CA GLN M 471 22.85 62.97 11.33
C GLN M 471 21.81 64.00 10.93
N THR M 472 20.99 63.68 9.93
CA THR M 472 19.98 64.63 9.47
C THR M 472 18.96 64.90 10.58
N MET M 473 18.47 63.85 11.23
CA MET M 473 17.47 64.05 12.27
C MET M 473 18.04 64.84 13.42
N THR M 474 19.28 64.56 13.81
CA THR M 474 19.90 65.30 14.91
C THR M 474 20.07 66.77 14.55
N GLU M 475 20.52 67.06 13.33
CA GLU M 475 20.69 68.45 12.92
C GLU M 475 19.36 69.19 12.92
N VAL M 476 18.31 68.54 12.39
CA VAL M 476 17.00 69.19 12.35
C VAL M 476 16.48 69.43 13.75
N ARG M 477 16.66 68.45 14.65
CA ARG M 477 16.21 68.64 16.02
C ARG M 477 16.95 69.76 16.71
N ALA M 478 18.27 69.84 16.50
CA ALA M 478 19.04 70.94 17.09
C ALA M 478 18.59 72.28 16.56
N ARG M 479 18.30 72.36 15.25
CA ARG M 479 17.81 73.61 14.69
C ARG M 479 16.44 73.97 15.26
N GLN M 480 15.58 72.98 15.45
CA GLN M 480 14.27 73.24 16.04
C GLN M 480 14.39 73.74 17.47
N VAL M 481 15.35 73.19 18.22
CA VAL M 481 15.54 73.65 19.59
C VAL M 481 16.11 75.05 19.63
N LYS M 482 17.13 75.32 18.81
CA LYS M 482 17.88 76.57 18.93
C LYS M 482 17.02 77.77 18.56
N GLU M 483 16.29 77.68 17.44
CA GLU M 483 15.31 78.69 17.08
C GLU M 483 13.93 78.04 17.11
N MET M 484 12.98 78.72 17.75
CA MET M 484 11.67 78.10 17.95
C MET M 484 10.91 78.05 16.63
N ASN M 485 11.04 76.93 15.92
CA ASN M 485 10.39 76.75 14.63
C ASN M 485 9.99 75.30 14.48
N PRO M 486 8.77 74.96 14.89
CA PRO M 486 8.30 73.57 14.77
C PRO M 486 8.01 73.13 13.35
N ALA M 487 8.31 73.95 12.34
CA ALA M 487 8.02 73.63 10.96
C ALA M 487 9.20 73.04 10.21
N LEU M 488 10.31 72.79 10.89
CA LEU M 488 11.51 72.25 10.24
C LEU M 488 11.43 70.74 10.17
N GLY M 489 11.56 70.20 8.97
CA GLY M 489 11.45 68.77 8.77
C GLY M 489 12.57 68.18 7.95
N ILE M 490 12.33 67.04 7.31
CA ILE M 490 13.33 66.32 6.54
C ILE M 490 13.13 66.66 5.07
N ASP M 491 14.13 67.30 4.48
CA ASP M 491 14.05 67.76 3.09
C ASP M 491 14.16 66.55 2.17
N CYS M 492 13.03 65.86 2.01
CA CYS M 492 13.01 64.63 1.21
C CYS M 492 13.30 64.90 -0.25
N LEU M 493 12.75 65.99 -0.79
CA LEU M 493 12.91 66.30 -2.21
C LEU M 493 14.14 67.14 -2.51
N HIS M 494 14.97 67.43 -1.50
CA HIS M 494 16.21 68.17 -1.68
C HIS M 494 15.98 69.52 -2.32
N LYS M 495 14.92 70.20 -1.90
CA LYS M 495 14.63 71.54 -2.41
C LYS M 495 15.61 72.59 -1.89
N GLY M 496 16.46 72.24 -0.92
CA GLY M 496 17.45 73.15 -0.41
C GLY M 496 17.08 73.84 0.87
N THR M 497 15.89 73.60 1.41
CA THR M 497 15.47 74.20 2.67
C THR M 497 14.81 73.14 3.52
N ASN M 498 14.83 73.37 4.84
CA ASN M 498 14.22 72.47 5.80
C ASN M 498 12.90 72.99 6.35
N ASP M 499 12.51 74.21 5.98
CA ASP M 499 11.28 74.80 6.49
C ASP M 499 10.10 74.29 5.69
N MET M 500 9.29 73.43 6.31
CA MET M 500 8.16 72.85 5.61
C MET M 500 7.02 73.85 5.40
N LYS M 501 6.95 74.89 6.22
CA LYS M 501 5.97 75.94 5.98
C LYS M 501 6.22 76.62 4.64
N GLN M 502 7.50 76.88 4.33
CA GLN M 502 7.83 77.46 3.03
C GLN M 502 7.67 76.44 1.92
N GLN M 503 8.05 75.18 2.17
CA GLN M 503 7.92 74.14 1.16
C GLN M 503 6.48 73.70 0.94
N HIS M 504 5.55 74.16 1.77
CA HIS M 504 4.13 73.82 1.63
C HIS M 504 3.90 72.32 1.80
N VAL M 505 4.39 71.77 2.90
CA VAL M 505 4.07 70.41 3.31
C VAL M 505 3.06 70.51 4.44
N ILE M 506 1.83 70.08 4.19
CA ILE M 506 0.71 70.32 5.09
C ILE M 506 0.02 69.01 5.40
N GLU M 507 -0.26 68.78 6.67
CA GLU M 507 -0.98 67.61 7.13
C GLU M 507 -2.13 68.03 8.03
N THR M 508 -3.23 67.28 7.96
CA THR M 508 -4.36 67.55 8.83
C THR M 508 -4.00 67.22 10.28
N LEU M 509 -4.38 68.12 11.19
CA LEU M 509 -4.08 67.90 12.60
C LEU M 509 -4.77 66.66 13.12
N ILE M 510 -6.04 66.47 12.76
CA ILE M 510 -6.79 65.32 13.26
C ILE M 510 -6.16 64.02 12.75
N GLY M 511 -5.56 64.06 11.56
CA GLY M 511 -4.87 62.87 11.06
C GLY M 511 -3.71 62.47 11.97
N LYS M 512 -2.89 63.44 12.35
CA LYS M 512 -1.78 63.15 13.24
C LYS M 512 -2.26 62.70 14.61
N LYS M 513 -3.29 63.37 15.14
CA LYS M 513 -3.81 62.97 16.44
C LYS M 513 -4.35 61.54 16.40
N GLN M 514 -5.06 61.19 15.33
CA GLN M 514 -5.56 59.82 15.18
C GLN M 514 -4.42 58.83 15.05
N GLN M 515 -3.38 59.19 14.30
CA GLN M 515 -2.22 58.31 14.19
C GLN M 515 -1.66 57.98 15.57
N ILE M 516 -1.39 59.02 16.36
CA ILE M 516 -0.78 58.82 17.67
C ILE M 516 -1.72 58.03 18.57
N SER M 517 -3.00 58.39 18.59
CA SER M 517 -3.95 57.71 19.47
C SER M 517 -4.06 56.23 19.12
N LEU M 518 -4.30 55.92 17.84
CA LEU M 518 -4.49 54.52 17.44
C LEU M 518 -3.24 53.70 17.68
N ALA M 519 -2.07 54.27 17.38
CA ALA M 519 -0.83 53.54 17.65
C ALA M 519 -0.69 53.25 19.13
N THR M 520 -0.98 54.23 19.98
CA THR M 520 -0.85 54.01 21.42
C THR M 520 -1.81 52.95 21.91
N GLN M 521 -3.06 52.96 21.43
CA GLN M 521 -4.03 51.99 21.91
C GLN M 521 -3.67 50.57 21.46
N MET M 522 -3.29 50.40 20.19
CA MET M 522 -2.90 49.07 19.74
C MET M 522 -1.64 48.58 20.46
N VAL M 523 -0.69 49.48 20.70
CA VAL M 523 0.51 49.07 21.44
C VAL M 523 0.13 48.66 22.86
N ARG M 524 -0.82 49.36 23.47
CA ARG M 524 -1.26 49.00 24.82
C ARG M 524 -1.88 47.61 24.82
N MET M 525 -2.75 47.33 23.83
CA MET M 525 -3.29 45.98 23.73
C MET M 525 -2.20 44.94 23.58
N ILE M 526 -1.27 45.15 22.66
CA ILE M 526 -0.27 44.13 22.39
C ILE M 526 0.61 43.91 23.62
N LEU M 527 0.93 44.98 24.33
CA LEU M 527 1.70 44.86 25.56
C LEU M 527 0.92 44.12 26.64
N LYS M 528 -0.41 44.27 26.65
CA LYS M 528 -1.19 43.65 27.71
C LYS M 528 -1.38 42.16 27.53
N ILE M 529 -1.21 41.64 26.31
CA ILE M 529 -1.40 40.21 26.07
C ILE M 529 -0.16 39.47 26.53
N ASP M 530 -0.36 38.46 27.39
CA ASP M 530 0.75 37.66 27.89
C ASP M 530 0.52 36.17 27.73
N ASP M 531 -0.50 35.76 26.98
CA ASP M 531 -0.81 34.34 26.83
C ASP M 531 -1.43 34.10 25.46
N ILE M 532 -0.94 33.08 24.78
CA ILE M 532 -1.45 32.68 23.47
C ILE M 532 -1.83 31.22 23.55
N ARG M 533 -3.01 30.87 23.02
CA ARG M 533 -3.46 29.49 22.98
C ARG M 533 -3.94 29.18 21.58
N LYS M 534 -3.03 28.78 20.72
CA LYS M 534 -3.39 28.41 19.36
C LYS M 534 -3.77 26.93 19.30
N PRO M 535 -4.65 26.56 18.37
CA PRO M 535 -4.95 25.13 18.20
C PRO M 535 -3.73 24.32 17.80
N GLY M 536 -2.83 24.90 16.99
CA GLY M 536 -1.59 24.25 16.63
C GLY M 536 -1.77 22.96 15.84
N GLU M 537 -3.00 22.67 15.41
CA GLU M 537 -3.26 21.43 14.72
C GLU M 537 -2.78 21.46 13.27
N SER M 538 -2.71 22.64 12.67
CA SER M 538 -2.22 22.82 11.30
C SER M 538 -3.01 21.96 10.31
N GLU M 539 -4.33 22.17 10.29
CA GLU M 539 -5.19 21.41 9.41
C GLU M 539 -5.00 21.83 7.96
N GLU M 540 -5.63 21.10 7.06
CA GLU M 540 -5.61 21.42 5.63
C GLU M 540 -6.81 22.26 5.23
N ARG N 3 -1.29 -3.74 -26.58
CA ARG N 3 -2.36 -3.54 -27.54
C ARG N 3 -2.41 -4.70 -28.54
N PRO N 4 -2.97 -5.82 -28.12
CA PRO N 4 -3.06 -6.99 -29.02
C PRO N 4 -4.05 -6.77 -30.15
N VAL N 5 -3.85 -7.53 -31.22
CA VAL N 5 -4.69 -7.41 -32.41
C VAL N 5 -6.13 -7.81 -32.09
N LEU N 6 -6.31 -8.99 -31.48
CA LEU N 6 -7.60 -9.44 -30.97
C LEU N 6 -8.67 -9.46 -32.06
N VAL N 7 -8.51 -10.42 -32.98
CA VAL N 7 -9.54 -10.66 -33.98
C VAL N 7 -10.88 -10.88 -33.31
N LEU N 8 -10.91 -11.74 -32.29
CA LEU N 8 -12.08 -11.90 -31.44
C LEU N 8 -11.84 -11.19 -30.11
N SER N 9 -12.89 -11.15 -29.30
CA SER N 9 -12.77 -10.49 -28.01
C SER N 9 -11.81 -11.25 -27.10
N GLN N 10 -11.32 -10.56 -26.08
CA GLN N 10 -10.33 -11.15 -25.18
C GLN N 10 -10.94 -12.32 -24.39
N ASN N 11 -12.20 -12.20 -24.01
CA ASN N 11 -12.84 -13.20 -23.16
C ASN N 11 -13.49 -14.33 -23.93
N THR N 12 -13.34 -14.36 -25.26
CA THR N 12 -13.95 -15.40 -26.06
C THR N 12 -13.07 -16.66 -26.07
N LYS N 13 -13.68 -17.79 -25.74
CA LYS N 13 -12.99 -19.07 -25.73
C LYS N 13 -13.65 -20.02 -26.71
N ARG N 14 -12.84 -20.78 -27.44
CA ARG N 14 -13.32 -21.75 -28.42
C ARG N 14 -12.81 -23.14 -28.08
N GLU N 15 -13.71 -24.11 -28.08
CA GLU N 15 -13.36 -25.52 -27.94
C GLU N 15 -14.05 -26.30 -29.03
N SER N 16 -13.34 -27.27 -29.62
CA SER N 16 -13.86 -28.01 -30.75
C SER N 16 -13.28 -29.40 -30.78
N GLY N 17 -13.96 -30.29 -31.50
CA GLY N 17 -13.46 -31.62 -31.74
C GLY N 17 -14.10 -32.67 -30.84
N ARG N 18 -13.35 -33.76 -30.67
CA ARG N 18 -13.83 -34.87 -29.84
C ARG N 18 -14.04 -34.45 -28.40
N LYS N 19 -13.27 -33.46 -27.94
CA LYS N 19 -13.40 -33.01 -26.56
C LYS N 19 -14.79 -32.47 -26.28
N VAL N 20 -15.35 -31.72 -27.24
CA VAL N 20 -16.68 -31.14 -27.04
C VAL N 20 -17.73 -32.23 -26.90
N GLN N 21 -17.68 -33.22 -27.79
CA GLN N 21 -18.66 -34.30 -27.75
C GLN N 21 -18.53 -35.11 -26.46
N SER N 22 -17.29 -35.44 -26.08
CA SER N 22 -17.10 -36.19 -24.84
C SER N 22 -17.58 -35.40 -23.65
N GLY N 23 -17.32 -34.09 -23.62
CA GLY N 23 -17.78 -33.27 -22.52
C GLY N 23 -19.30 -33.20 -22.43
N ASN N 24 -19.96 -33.04 -23.58
CA ASN N 24 -21.42 -32.99 -23.58
C ASN N 24 -22.01 -34.30 -23.08
N ILE N 25 -21.48 -35.42 -23.56
CA ILE N 25 -22.03 -36.71 -23.16
C ILE N 25 -21.75 -36.96 -21.67
N ASN N 26 -20.58 -36.56 -21.19
CA ASN N 26 -20.27 -36.72 -19.77
C ASN N 26 -21.16 -35.84 -18.91
N ALA N 27 -21.47 -34.63 -19.39
CA ALA N 27 -22.38 -33.77 -18.65
C ALA N 27 -23.77 -34.38 -18.55
N ALA N 28 -24.26 -34.93 -19.65
CA ALA N 28 -25.56 -35.59 -19.60
C ALA N 28 -25.53 -36.79 -18.65
N LYS N 29 -24.44 -37.56 -18.69
CA LYS N 29 -24.32 -38.69 -17.78
C LYS N 29 -24.33 -38.24 -16.33
N THR N 30 -23.65 -37.12 -16.03
CA THR N 30 -23.63 -36.61 -14.67
C THR N 30 -25.02 -36.18 -14.22
N ILE N 31 -25.76 -35.48 -15.10
CA ILE N 31 -27.11 -35.09 -14.75
C ILE N 31 -27.97 -36.31 -14.48
N ALA N 32 -27.81 -37.36 -15.30
CA ALA N 32 -28.55 -38.59 -15.05
C ALA N 32 -28.17 -39.20 -13.70
N ASP N 33 -26.88 -39.23 -13.39
CA ASP N 33 -26.41 -39.84 -12.15
C ASP N 33 -26.88 -39.09 -10.92
N ILE N 34 -27.19 -37.80 -11.05
CA ILE N 34 -27.70 -37.06 -9.90
C ILE N 34 -28.98 -37.68 -9.37
N ILE N 35 -29.89 -38.04 -10.27
CA ILE N 35 -31.22 -38.51 -9.87
C ILE N 35 -31.44 -39.98 -10.21
N ARG N 36 -30.38 -40.71 -10.56
CA ARG N 36 -30.53 -42.13 -10.86
C ARG N 36 -31.25 -42.89 -9.76
N THR N 37 -30.96 -42.57 -8.50
CA THR N 37 -31.50 -43.35 -7.39
C THR N 37 -32.91 -42.95 -6.99
N CYS N 38 -33.49 -41.92 -7.61
CA CYS N 38 -34.80 -41.42 -7.25
C CYS N 38 -35.91 -42.00 -8.12
N LEU N 39 -35.72 -43.22 -8.63
CA LEU N 39 -36.68 -43.85 -9.52
C LEU N 39 -37.15 -45.16 -8.93
N GLY N 40 -38.45 -45.41 -9.00
CA GLY N 40 -39.02 -46.66 -8.56
C GLY N 40 -39.72 -46.55 -7.22
N PRO N 41 -40.49 -47.57 -6.86
CA PRO N 41 -41.20 -47.55 -5.58
C PRO N 41 -40.29 -47.49 -4.37
N LYS N 42 -39.07 -48.02 -4.47
CA LYS N 42 -38.13 -48.04 -3.36
C LYS N 42 -37.14 -46.89 -3.41
N SER N 43 -37.54 -45.77 -4.00
CA SER N 43 -36.64 -44.63 -4.12
C SER N 43 -36.46 -43.95 -2.76
N MET N 44 -35.35 -43.23 -2.64
CA MET N 44 -35.02 -42.47 -1.44
C MET N 44 -35.10 -40.99 -1.73
N MET N 45 -35.59 -40.23 -0.75
CA MET N 45 -35.80 -38.80 -0.92
C MET N 45 -34.48 -38.04 -0.76
N LYS N 46 -34.47 -36.81 -1.27
CA LYS N 46 -33.31 -35.95 -1.21
C LYS N 46 -33.68 -34.61 -0.60
N MET N 47 -32.73 -33.99 0.09
CA MET N 47 -32.92 -32.68 0.70
C MET N 47 -32.22 -31.63 -0.15
N LEU N 48 -32.96 -30.63 -0.59
CA LEU N 48 -32.43 -29.55 -1.41
C LEU N 48 -32.49 -28.27 -0.60
N LEU N 49 -31.35 -27.57 -0.51
CA LEU N 49 -31.27 -26.34 0.26
C LEU N 49 -31.47 -25.16 -0.68
N ASP N 50 -32.60 -24.49 -0.54
CA ASP N 50 -32.90 -23.33 -1.36
C ASP N 50 -31.90 -22.23 -1.06
N PRO N 51 -31.39 -21.52 -2.09
CA PRO N 51 -30.53 -20.37 -1.80
C PRO N 51 -31.20 -19.31 -0.96
N MET N 52 -32.52 -19.18 -1.04
CA MET N 52 -33.25 -18.23 -0.21
C MET N 52 -33.34 -18.66 1.25
N GLY N 53 -32.95 -19.89 1.57
CA GLY N 53 -32.97 -20.38 2.94
C GLY N 53 -33.96 -21.49 3.20
N GLY N 54 -34.83 -21.81 2.25
CA GLY N 54 -35.79 -22.87 2.45
C GLY N 54 -35.21 -24.25 2.20
N ILE N 55 -35.99 -25.26 2.52
CA ILE N 55 -35.60 -26.66 2.34
C ILE N 55 -36.64 -27.33 1.45
N VAL N 56 -36.19 -27.95 0.38
CA VAL N 56 -37.04 -28.75 -0.50
C VAL N 56 -36.63 -30.19 -0.33
N MET N 57 -37.53 -31.00 0.23
CA MET N 57 -37.27 -32.41 0.49
C MET N 57 -38.21 -33.23 -0.37
N THR N 58 -37.66 -33.90 -1.39
CA THR N 58 -38.49 -34.55 -2.39
C THR N 58 -37.69 -35.66 -3.05
N ASN N 59 -38.41 -36.51 -3.79
CA ASN N 59 -37.80 -37.44 -4.73
C ASN N 59 -38.33 -37.27 -6.14
N ASP N 60 -39.15 -36.27 -6.39
CA ASP N 60 -39.55 -35.93 -7.75
C ASP N 60 -38.32 -35.49 -8.55
N GLY N 61 -38.17 -36.00 -9.76
CA GLY N 61 -37.01 -35.66 -10.56
C GLY N 61 -36.96 -34.21 -10.97
N ASN N 62 -38.10 -33.66 -11.40
CA ASN N 62 -38.10 -32.30 -11.91
C ASN N 62 -37.75 -31.29 -10.84
N ALA N 63 -38.27 -31.46 -9.62
CA ALA N 63 -37.94 -30.53 -8.55
C ALA N 63 -36.45 -30.57 -8.22
N ILE N 64 -35.89 -31.77 -8.14
CA ILE N 64 -34.47 -31.91 -7.85
C ILE N 64 -33.63 -31.22 -8.92
N LEU N 65 -33.96 -31.47 -10.19
CA LEU N 65 -33.19 -30.86 -11.27
C LEU N 65 -33.42 -29.36 -11.35
N ARG N 66 -34.58 -28.89 -10.93
CA ARG N 66 -34.88 -27.46 -10.97
C ARG N 66 -34.14 -26.71 -9.88
N GLU N 67 -33.84 -27.38 -8.76
CA GLU N 67 -33.15 -26.72 -7.68
C GLU N 67 -31.63 -26.71 -7.84
N ILE N 68 -31.10 -27.14 -8.99
CA ILE N 68 -29.67 -27.29 -9.19
C ILE N 68 -29.21 -26.29 -10.23
N GLN N 69 -28.15 -25.55 -9.91
CA GLN N 69 -27.52 -24.62 -10.84
C GLN N 69 -26.29 -25.28 -11.45
N VAL N 70 -26.19 -25.24 -12.78
CA VAL N 70 -25.11 -25.87 -13.50
C VAL N 70 -24.48 -24.87 -14.46
N GLN N 71 -23.25 -25.16 -14.85
CA GLN N 71 -22.49 -24.31 -15.76
C GLN N 71 -22.38 -24.88 -17.16
N HIS N 72 -22.22 -26.18 -17.28
CA HIS N 72 -22.08 -26.79 -18.60
C HIS N 72 -23.40 -26.68 -19.36
N PRO N 73 -23.39 -26.14 -20.57
CA PRO N 73 -24.65 -25.95 -21.30
C PRO N 73 -25.40 -27.23 -21.61
N ALA N 74 -24.69 -28.36 -21.72
CA ALA N 74 -25.39 -29.64 -21.90
C ALA N 74 -26.25 -29.96 -20.69
N ALA N 75 -25.74 -29.66 -19.49
CA ALA N 75 -26.54 -29.84 -18.29
C ALA N 75 -27.77 -28.94 -18.31
N LYS N 76 -27.61 -27.71 -18.80
CA LYS N 76 -28.76 -26.83 -18.94
C LYS N 76 -29.79 -27.41 -19.90
N SER N 77 -29.32 -28.00 -21.00
CA SER N 77 -30.24 -28.66 -21.92
C SER N 77 -31.00 -29.78 -21.24
N MET N 78 -30.30 -30.58 -20.43
CA MET N 78 -30.97 -31.67 -19.72
C MET N 78 -32.01 -31.15 -18.72
N ILE N 79 -31.68 -30.06 -18.03
CA ILE N 79 -32.65 -29.46 -17.11
C ILE N 79 -33.89 -29.01 -17.87
N GLU N 80 -33.69 -28.37 -19.03
CA GLU N 80 -34.82 -27.93 -19.83
C GLU N 80 -35.65 -29.11 -20.29
N ILE N 81 -35.00 -30.24 -20.61
CA ILE N 81 -35.71 -31.45 -20.98
C ILE N 81 -36.59 -31.93 -19.84
N SER N 82 -36.04 -31.93 -18.62
CA SER N 82 -36.84 -32.33 -17.46
C SER N 82 -38.06 -31.43 -17.29
N ARG N 83 -37.86 -30.12 -17.43
CA ARG N 83 -38.97 -29.19 -17.29
C ARG N 83 -40.02 -29.41 -18.38
N THR N 84 -39.58 -29.67 -19.62
CA THR N 84 -40.51 -29.93 -20.70
C THR N 84 -41.33 -31.18 -20.44
N GLN N 85 -40.69 -32.25 -19.99
CA GLN N 85 -41.43 -33.46 -19.67
C GLN N 85 -42.43 -33.23 -18.56
N ASP N 86 -42.03 -32.46 -17.54
CA ASP N 86 -42.95 -32.17 -16.44
C ASP N 86 -44.16 -31.38 -16.93
N GLU N 87 -43.93 -30.38 -17.78
CA GLU N 87 -45.03 -29.53 -18.22
C GLU N 87 -45.96 -30.27 -19.16
N GLU N 88 -45.42 -31.09 -20.06
CA GLU N 88 -46.24 -31.72 -21.08
C GLU N 88 -47.19 -32.75 -20.49
N VAL N 89 -46.68 -33.65 -19.65
CA VAL N 89 -47.49 -34.75 -19.12
C VAL N 89 -47.48 -34.84 -17.60
N GLY N 90 -46.49 -34.31 -16.90
CA GLY N 90 -46.51 -34.32 -15.46
C GLY N 90 -45.94 -35.56 -14.80
N ASP N 91 -45.41 -36.51 -15.57
CA ASP N 91 -44.80 -37.70 -15.00
C ASP N 91 -43.71 -38.21 -15.95
N GLY N 92 -42.85 -39.05 -15.42
CA GLY N 92 -41.77 -39.61 -16.22
C GLY N 92 -40.55 -38.74 -16.31
N THR N 93 -40.35 -37.81 -15.38
CA THR N 93 -39.19 -36.93 -15.44
C THR N 93 -37.89 -37.69 -15.22
N THR N 94 -37.83 -38.48 -14.15
CA THR N 94 -36.64 -39.28 -13.90
C THR N 94 -36.39 -40.26 -15.04
N SER N 95 -37.47 -40.85 -15.56
CA SER N 95 -37.33 -41.80 -16.65
C SER N 95 -36.72 -41.14 -17.88
N VAL N 96 -37.19 -39.94 -18.22
CA VAL N 96 -36.70 -39.30 -19.44
C VAL N 96 -35.24 -38.87 -19.25
N ILE N 97 -34.89 -38.39 -18.05
CA ILE N 97 -33.51 -38.00 -17.81
C ILE N 97 -32.58 -39.20 -17.93
N ILE N 98 -32.96 -40.32 -17.31
CA ILE N 98 -32.12 -41.51 -17.34
C ILE N 98 -32.01 -42.04 -18.76
N LEU N 99 -33.11 -42.05 -19.49
CA LEU N 99 -33.08 -42.54 -20.88
C LEU N 99 -32.18 -41.68 -21.74
N ALA N 100 -32.28 -40.36 -21.60
CA ALA N 100 -31.42 -39.47 -22.39
C ALA N 100 -29.95 -39.74 -22.08
N GLY N 101 -29.62 -39.88 -20.79
CA GLY N 101 -28.24 -40.19 -20.45
C GLY N 101 -27.75 -41.49 -21.06
N GLU N 102 -28.59 -42.53 -21.01
CA GLU N 102 -28.18 -43.83 -21.54
C GLU N 102 -27.98 -43.78 -23.04
N MET N 103 -28.90 -43.13 -23.77
CA MET N 103 -28.74 -43.04 -25.22
C MET N 103 -27.50 -42.23 -25.58
N LEU N 104 -27.21 -41.17 -24.83
CA LEU N 104 -26.00 -40.41 -25.12
C LEU N 104 -24.74 -41.23 -24.84
N SER N 105 -24.76 -42.09 -23.82
CA SER N 105 -23.62 -42.97 -23.58
C SER N 105 -23.39 -43.92 -24.73
N VAL N 106 -24.44 -44.64 -25.13
CA VAL N 106 -24.29 -45.60 -26.21
C VAL N 106 -23.96 -44.90 -27.53
N ALA N 107 -24.30 -43.62 -27.66
CA ALA N 107 -23.89 -42.87 -28.84
C ALA N 107 -22.41 -42.51 -28.78
N GLU N 108 -21.93 -42.12 -27.60
CA GLU N 108 -20.50 -41.86 -27.45
C GLU N 108 -19.69 -43.08 -27.85
N HIS N 109 -20.22 -44.27 -27.56
CA HIS N 109 -19.54 -45.49 -27.97
C HIS N 109 -19.18 -45.45 -29.46
N PHE N 110 -20.14 -45.08 -30.31
CA PHE N 110 -19.89 -45.03 -31.75
C PHE N 110 -19.08 -43.81 -32.14
N LEU N 111 -19.31 -42.67 -31.47
CA LEU N 111 -18.56 -41.46 -31.80
C LEU N 111 -17.07 -41.66 -31.57
N GLU N 112 -16.70 -42.49 -30.60
CA GLU N 112 -15.29 -42.76 -30.36
C GLU N 112 -14.66 -43.44 -31.57
N GLN N 113 -15.42 -44.26 -32.27
CA GLN N 113 -14.99 -44.83 -33.54
C GLN N 113 -15.18 -43.80 -34.65
N GLN N 114 -15.08 -44.23 -35.90
CA GLN N 114 -15.06 -43.31 -37.03
C GLN N 114 -16.43 -43.12 -37.66
N MET N 115 -17.50 -43.15 -36.86
CA MET N 115 -18.85 -42.96 -37.36
C MET N 115 -19.25 -41.50 -37.20
N HIS N 116 -19.76 -40.91 -38.28
CA HIS N 116 -20.19 -39.52 -38.24
C HIS N 116 -21.48 -39.39 -37.42
N PRO N 117 -21.64 -38.31 -36.67
CA PRO N 117 -22.85 -38.16 -35.84
C PRO N 117 -24.14 -38.15 -36.63
N THR N 118 -24.11 -37.77 -37.91
CA THR N 118 -25.34 -37.76 -38.69
C THR N 118 -25.89 -39.16 -38.85
N VAL N 119 -25.03 -40.15 -39.03
CA VAL N 119 -25.48 -41.53 -39.13
C VAL N 119 -26.15 -41.97 -37.84
N VAL N 120 -25.55 -41.63 -36.71
CA VAL N 120 -26.13 -41.99 -35.42
C VAL N 120 -27.48 -41.31 -35.24
N ILE N 121 -27.58 -40.05 -35.65
CA ILE N 121 -28.84 -39.32 -35.51
C ILE N 121 -29.93 -39.94 -36.38
N SER N 122 -29.59 -40.31 -37.62
CA SER N 122 -30.58 -40.95 -38.49
C SER N 122 -31.04 -42.28 -37.91
N ALA N 123 -30.10 -43.07 -37.39
CA ALA N 123 -30.47 -44.33 -36.76
C ALA N 123 -31.37 -44.09 -35.55
N TYR N 124 -31.07 -43.06 -34.76
CA TYR N 124 -31.88 -42.74 -33.59
C TYR N 124 -33.30 -42.36 -34.00
N ARG N 125 -33.44 -41.59 -35.08
CA ARG N 125 -34.78 -41.18 -35.51
C ARG N 125 -35.58 -42.37 -36.02
N LYS N 126 -34.95 -43.25 -36.79
CA LYS N 126 -35.63 -44.48 -37.20
C LYS N 126 -36.04 -45.31 -35.99
N ALA N 127 -35.14 -45.40 -35.01
CA ALA N 127 -35.45 -46.13 -33.80
C ALA N 127 -36.63 -45.52 -33.08
N LEU N 128 -36.69 -44.19 -33.00
CA LEU N 128 -37.79 -43.53 -32.31
C LEU N 128 -39.11 -43.82 -33.01
N ASP N 129 -39.11 -43.81 -34.35
CA ASP N 129 -40.32 -44.16 -35.08
C ASP N 129 -40.79 -45.57 -34.72
N ASP N 130 -39.85 -46.53 -34.70
CA ASP N 130 -40.25 -47.90 -34.39
C ASP N 130 -40.67 -48.06 -32.93
N MET N 131 -40.04 -47.29 -32.03
CA MET N 131 -40.43 -47.26 -30.63
C MET N 131 -41.87 -46.81 -30.48
N ILE N 132 -42.24 -45.72 -31.16
CA ILE N 132 -43.60 -45.23 -31.11
C ILE N 132 -44.56 -46.27 -31.66
N SER N 133 -44.20 -46.90 -32.79
CA SER N 133 -45.08 -47.90 -33.38
C SER N 133 -45.31 -49.07 -32.42
N THR N 134 -44.24 -49.58 -31.81
CA THR N 134 -44.38 -50.71 -30.91
C THR N 134 -45.18 -50.34 -29.66
N LEU N 135 -44.93 -49.14 -29.12
CA LEU N 135 -45.67 -48.71 -27.94
C LEU N 135 -47.16 -48.62 -28.24
N LYS N 136 -47.52 -48.06 -29.40
CA LYS N 136 -48.93 -48.04 -29.78
C LYS N 136 -49.46 -49.45 -30.00
N LYS N 137 -48.60 -50.37 -30.44
CA LYS N 137 -49.05 -51.74 -30.71
C LYS N 137 -49.37 -52.48 -29.42
N ILE N 138 -48.56 -52.31 -28.38
CA ILE N 138 -48.70 -53.15 -27.18
C ILE N 138 -49.62 -52.50 -26.15
N SER N 139 -50.33 -51.44 -26.54
CA SER N 139 -51.20 -50.75 -25.61
C SER N 139 -52.52 -51.50 -25.43
N ILE N 140 -53.25 -51.13 -24.38
CA ILE N 140 -54.56 -51.72 -24.10
C ILE N 140 -55.56 -50.61 -23.85
N PRO N 141 -56.84 -50.81 -24.15
CA PRO N 141 -57.83 -49.76 -23.92
C PRO N 141 -58.28 -49.72 -22.47
N VAL N 142 -58.96 -48.63 -22.12
CA VAL N 142 -59.45 -48.41 -20.76
C VAL N 142 -60.86 -47.87 -20.83
N ASP N 143 -61.73 -48.42 -19.98
CA ASP N 143 -63.08 -47.92 -19.82
C ASP N 143 -63.07 -46.84 -18.74
N ILE N 144 -63.17 -45.58 -19.15
CA ILE N 144 -63.07 -44.47 -18.20
C ILE N 144 -64.25 -44.45 -17.24
N SER N 145 -65.37 -45.07 -17.60
CA SER N 145 -66.50 -45.11 -16.67
C SER N 145 -66.17 -45.90 -15.42
N ASP N 146 -65.40 -46.98 -15.54
CA ASP N 146 -65.03 -47.80 -14.41
C ASP N 146 -64.12 -47.01 -13.48
N SER N 147 -64.67 -46.58 -12.34
CA SER N 147 -63.88 -45.79 -11.40
C SER N 147 -62.77 -46.62 -10.77
N ASP N 148 -62.98 -47.93 -10.62
CA ASP N 148 -61.96 -48.77 -10.00
C ASP N 148 -60.69 -48.79 -10.82
N MET N 149 -60.82 -48.89 -12.15
CA MET N 149 -59.63 -48.90 -13.00
C MET N 149 -58.90 -47.57 -12.95
N MET N 150 -59.65 -46.46 -12.91
CA MET N 150 -59.02 -45.15 -12.79
C MET N 150 -58.26 -45.03 -11.47
N LEU N 151 -58.86 -45.52 -10.38
CA LEU N 151 -58.17 -45.48 -9.10
C LEU N 151 -56.92 -46.34 -9.13
N ASN N 152 -56.99 -47.50 -9.79
CA ASN N 152 -55.81 -48.35 -9.90
C ASN N 152 -54.71 -47.66 -10.69
N ILE N 153 -55.07 -46.96 -11.77
CA ILE N 153 -54.07 -46.25 -12.57
C ILE N 153 -53.41 -45.16 -11.74
N ILE N 154 -54.21 -44.39 -11.00
CA ILE N 154 -53.64 -43.33 -10.16
C ILE N 154 -52.74 -43.94 -9.10
N ASN N 155 -53.15 -45.06 -8.52
CA ASN N 155 -52.31 -45.75 -7.54
C ASN N 155 -50.97 -46.12 -8.16
N SER N 156 -50.99 -46.79 -9.31
CA SER N 156 -49.75 -47.15 -9.98
C SER N 156 -48.90 -45.92 -10.25
N SER N 157 -49.53 -44.76 -10.46
CA SER N 157 -48.77 -43.53 -10.61
C SER N 157 -48.12 -43.10 -9.31
N ILE N 158 -48.77 -43.32 -8.17
CA ILE N 158 -48.30 -42.74 -6.91
C ILE N 158 -47.70 -43.78 -5.97
N THR N 159 -47.45 -45.01 -6.42
CA THR N 159 -46.78 -45.97 -5.55
C THR N 159 -45.33 -45.60 -5.27
N THR N 160 -44.74 -44.73 -6.09
CA THR N 160 -43.34 -44.39 -5.98
C THR N 160 -43.10 -43.07 -5.26
N LYS N 161 -44.12 -42.51 -4.63
CA LYS N 161 -44.01 -41.24 -3.94
C LYS N 161 -44.26 -41.42 -2.45
N ALA N 162 -43.91 -40.38 -1.68
CA ALA N 162 -44.07 -40.45 -0.23
C ALA N 162 -45.51 -40.56 0.20
N ILE N 163 -46.46 -40.16 -0.66
CA ILE N 163 -47.88 -40.28 -0.36
C ILE N 163 -48.40 -41.69 -0.55
N SER N 164 -47.55 -42.62 -0.99
CA SER N 164 -48.00 -43.99 -1.24
C SER N 164 -48.54 -44.66 0.01
N ARG N 165 -48.15 -44.20 1.21
CA ARG N 165 -48.69 -44.78 2.43
C ARG N 165 -50.20 -44.58 2.51
N TRP N 166 -50.67 -43.40 2.12
CA TRP N 166 -52.10 -43.12 2.05
C TRP N 166 -52.50 -43.17 0.57
N SER N 167 -52.71 -44.37 0.08
CA SER N 167 -52.92 -44.57 -1.36
C SER N 167 -54.36 -44.30 -1.76
N SER N 168 -55.30 -44.98 -1.10
CA SER N 168 -56.71 -44.84 -1.49
C SER N 168 -57.20 -43.41 -1.30
N LEU N 169 -56.80 -42.76 -0.20
CA LEU N 169 -57.21 -41.39 0.04
C LEU N 169 -56.75 -40.47 -1.08
N ALA N 170 -55.46 -40.53 -1.42
CA ALA N 170 -54.93 -39.66 -2.46
C ALA N 170 -55.56 -39.96 -3.81
N CYS N 171 -55.75 -41.25 -4.13
CA CYS N 171 -56.36 -41.62 -5.39
C CYS N 171 -57.76 -41.06 -5.51
N ASN N 172 -58.56 -41.20 -4.45
CA ASN N 172 -59.92 -40.67 -4.47
C ASN N 172 -59.91 -39.16 -4.59
N ILE N 173 -59.01 -38.49 -3.86
CA ILE N 173 -58.94 -37.03 -3.93
C ILE N 173 -58.66 -36.58 -5.36
N ALA N 174 -57.62 -37.16 -5.96
CA ALA N 174 -57.24 -36.75 -7.31
C ALA N 174 -58.34 -37.05 -8.31
N LEU N 175 -58.93 -38.24 -8.23
CA LEU N 175 -59.96 -38.61 -9.19
C LEU N 175 -61.16 -37.70 -9.08
N ASP N 176 -61.62 -37.44 -7.86
CA ASP N 176 -62.79 -36.58 -7.68
C ASP N 176 -62.50 -35.16 -8.15
N ALA N 177 -61.32 -34.64 -7.81
CA ALA N 177 -60.99 -33.28 -8.22
C ALA N 177 -60.98 -33.15 -9.74
N VAL N 178 -60.34 -34.10 -10.43
CA VAL N 178 -60.30 -34.05 -11.88
C VAL N 178 -61.70 -34.19 -12.47
N LYS N 179 -62.49 -35.12 -11.92
CA LYS N 179 -63.81 -35.38 -12.47
C LYS N 179 -64.71 -34.16 -12.36
N MET N 180 -64.67 -33.46 -11.23
CA MET N 180 -65.54 -32.31 -11.08
C MET N 180 -64.89 -30.99 -11.49
N VAL N 181 -63.64 -31.01 -11.96
CA VAL N 181 -63.11 -29.86 -12.67
C VAL N 181 -63.26 -30.02 -14.18
N GLN N 182 -63.52 -31.24 -14.66
CA GLN N 182 -63.82 -31.45 -16.07
C GLN N 182 -65.02 -30.60 -16.49
N PHE N 183 -64.89 -29.90 -17.61
CA PHE N 183 -65.89 -28.93 -18.03
C PHE N 183 -65.92 -28.85 -19.54
N GLU N 184 -67.11 -28.69 -20.11
CA GLU N 184 -67.29 -28.57 -21.55
C GLU N 184 -68.24 -27.43 -21.85
N GLU N 185 -67.88 -26.61 -22.84
CA GLU N 185 -68.68 -25.46 -23.21
C GLU N 185 -68.43 -25.13 -24.68
N ASN N 186 -69.50 -24.75 -25.38
CA ASN N 186 -69.43 -24.35 -26.78
C ASN N 186 -68.81 -25.43 -27.66
N GLY N 187 -69.01 -26.69 -27.30
CA GLY N 187 -68.42 -27.77 -28.04
C GLY N 187 -66.94 -27.99 -27.80
N ARG N 188 -66.36 -27.33 -26.80
CA ARG N 188 -64.95 -27.48 -26.46
C ARG N 188 -64.83 -28.09 -25.09
N LYS N 189 -64.00 -29.12 -24.96
CA LYS N 189 -63.80 -29.83 -23.71
C LYS N 189 -62.47 -29.41 -23.09
N GLU N 190 -62.45 -29.31 -21.77
CA GLU N 190 -61.25 -28.87 -21.07
C GLU N 190 -61.26 -29.48 -19.67
N ILE N 191 -60.09 -29.44 -19.03
CA ILE N 191 -59.93 -29.90 -17.65
C ILE N 191 -59.44 -28.75 -16.79
N ASP N 192 -58.28 -28.19 -17.16
CA ASP N 192 -57.73 -27.01 -16.50
C ASP N 192 -57.45 -27.25 -15.02
N ILE N 193 -56.56 -28.21 -14.76
CA ILE N 193 -56.09 -28.44 -13.40
C ILE N 193 -55.28 -27.25 -12.91
N LYS N 194 -54.67 -26.49 -13.83
CA LYS N 194 -53.79 -25.40 -13.42
C LYS N 194 -54.57 -24.28 -12.74
N LYS N 195 -55.67 -23.85 -13.35
CA LYS N 195 -56.41 -22.69 -12.82
C LYS N 195 -57.32 -23.12 -11.67
N TYR N 196 -58.25 -24.01 -11.95
CA TYR N 196 -59.15 -24.51 -10.91
C TYR N 196 -58.48 -25.68 -10.21
N ALA N 197 -59.22 -26.41 -9.37
CA ALA N 197 -58.66 -27.49 -8.57
C ALA N 197 -57.46 -27.01 -7.77
N ARG N 198 -57.66 -25.94 -7.01
CA ARG N 198 -56.61 -25.37 -6.19
C ARG N 198 -56.25 -26.32 -5.04
N VAL N 199 -54.97 -26.31 -4.68
CA VAL N 199 -54.48 -27.07 -3.53
C VAL N 199 -54.11 -26.07 -2.45
N GLU N 200 -54.81 -26.15 -1.32
CA GLU N 200 -54.56 -25.29 -0.17
C GLU N 200 -54.05 -26.15 0.97
N LYS N 201 -52.86 -25.82 1.47
CA LYS N 201 -52.21 -26.60 2.50
C LYS N 201 -52.20 -25.83 3.81
N ILE N 202 -52.72 -26.45 4.86
CA ILE N 202 -52.74 -25.86 6.20
C ILE N 202 -51.93 -26.74 7.13
N PRO N 203 -50.73 -26.33 7.53
CA PRO N 203 -49.91 -27.19 8.39
C PRO N 203 -50.62 -27.48 9.71
N GLY N 204 -50.43 -28.69 10.20
CA GLY N 204 -51.11 -29.16 11.39
C GLY N 204 -52.13 -30.23 11.06
N GLY N 205 -52.74 -30.75 12.11
CA GLY N 205 -53.71 -31.81 11.91
C GLY N 205 -53.03 -33.10 11.49
N ILE N 206 -53.81 -33.96 10.84
CA ILE N 206 -53.30 -35.24 10.35
C ILE N 206 -53.63 -35.35 8.86
N ILE N 207 -52.81 -36.12 8.16
CA ILE N 207 -52.96 -36.25 6.71
C ILE N 207 -54.24 -36.99 6.36
N GLU N 208 -54.73 -37.85 7.26
CA GLU N 208 -55.98 -38.54 7.00
C GLU N 208 -57.16 -37.59 6.92
N ASP N 209 -57.04 -36.38 7.47
CA ASP N 209 -58.11 -35.40 7.43
C ASP N 209 -58.16 -34.64 6.12
N SER N 210 -57.18 -34.83 5.24
CA SER N 210 -57.19 -34.14 3.96
C SER N 210 -58.39 -34.57 3.14
N CYS N 211 -59.00 -33.62 2.44
CA CYS N 211 -60.15 -33.91 1.61
C CYS N 211 -60.24 -32.87 0.52
N VAL N 212 -60.99 -33.20 -0.53
CA VAL N 212 -61.33 -32.26 -1.58
C VAL N 212 -62.77 -31.82 -1.37
N LEU N 213 -62.98 -30.52 -1.33
CA LEU N 213 -64.28 -29.97 -1.00
C LEU N 213 -65.12 -29.77 -2.25
N ARG N 214 -66.43 -29.95 -2.10
CA ARG N 214 -67.38 -29.68 -3.18
C ARG N 214 -67.61 -28.17 -3.29
N GLY N 215 -66.53 -27.45 -3.45
CA GLY N 215 -66.54 -26.00 -3.48
C GLY N 215 -65.13 -25.47 -3.26
N VAL N 216 -65.05 -24.24 -2.76
CA VAL N 216 -63.79 -23.56 -2.59
C VAL N 216 -63.65 -23.08 -1.16
N MET N 217 -62.40 -22.83 -0.77
CA MET N 217 -62.07 -22.32 0.55
C MET N 217 -61.00 -21.27 0.42
N ILE N 218 -61.19 -20.12 1.06
CA ILE N 218 -60.24 -19.02 0.99
C ILE N 218 -59.90 -18.56 2.39
N ASN N 219 -58.72 -17.95 2.52
CA ASN N 219 -58.24 -17.45 3.81
C ASN N 219 -58.73 -16.02 4.00
N LYS N 220 -60.04 -15.90 4.23
CA LYS N 220 -60.68 -14.61 4.35
C LYS N 220 -61.71 -14.65 5.47
N ASP N 221 -62.07 -13.47 5.95
CA ASP N 221 -63.06 -13.31 7.00
C ASP N 221 -64.03 -12.21 6.62
N VAL N 222 -65.16 -12.17 7.33
CA VAL N 222 -66.14 -11.11 7.09
C VAL N 222 -65.53 -9.77 7.47
N THR N 223 -65.93 -8.72 6.75
CA THR N 223 -65.38 -7.39 7.00
C THR N 223 -65.83 -6.85 8.35
N HIS N 224 -67.09 -7.08 8.71
CA HIS N 224 -67.66 -6.60 9.95
C HIS N 224 -68.17 -7.77 10.78
N PRO N 225 -67.88 -7.80 12.08
CA PRO N 225 -68.25 -8.97 12.90
C PRO N 225 -69.75 -9.21 13.01
N ARG N 226 -70.58 -8.20 12.79
CA ARG N 226 -72.01 -8.38 12.93
C ARG N 226 -72.59 -9.28 11.85
N MET N 227 -71.90 -9.45 10.73
CA MET N 227 -72.44 -10.27 9.65
C MET N 227 -72.39 -11.75 10.02
N ARG N 228 -73.31 -12.50 9.42
CA ARG N 228 -73.40 -13.92 9.72
C ARG N 228 -72.18 -14.68 9.23
N ARG N 229 -71.72 -15.63 10.02
CA ARG N 229 -70.63 -16.50 9.64
C ARG N 229 -71.09 -17.88 9.21
N TYR N 230 -72.39 -18.09 9.08
CA TYR N 230 -72.94 -19.40 8.71
C TYR N 230 -74.28 -19.17 8.04
N ILE N 231 -74.31 -19.32 6.71
CA ILE N 231 -75.52 -19.12 5.92
C ILE N 231 -75.86 -20.45 5.25
N LYS N 232 -77.13 -20.84 5.34
CA LYS N 232 -77.52 -22.17 4.90
C LYS N 232 -77.45 -22.31 3.38
N ASN N 233 -78.24 -21.54 2.66
CA ASN N 233 -78.31 -21.62 1.20
C ASN N 233 -78.09 -20.23 0.64
N PRO N 234 -76.85 -19.74 0.67
CA PRO N 234 -76.61 -18.34 0.29
C PRO N 234 -76.77 -18.11 -1.19
N ARG N 235 -77.12 -16.87 -1.54
CA ARG N 235 -77.10 -16.39 -2.91
C ARG N 235 -75.90 -15.47 -3.04
N ILE N 236 -74.90 -15.92 -3.76
CA ILE N 236 -73.61 -15.23 -3.83
C ILE N 236 -73.59 -14.31 -5.04
N VAL N 237 -73.10 -13.09 -4.84
CA VAL N 237 -72.90 -12.11 -5.90
C VAL N 237 -71.44 -11.70 -5.88
N LEU N 238 -70.78 -11.79 -7.04
CA LEU N 238 -69.37 -11.49 -7.15
C LEU N 238 -69.18 -10.16 -7.85
N LEU N 239 -68.08 -9.47 -7.52
CA LEU N 239 -67.82 -8.15 -8.04
C LEU N 239 -66.33 -7.96 -8.25
N ASP N 240 -65.99 -6.96 -9.07
CA ASP N 240 -64.62 -6.48 -9.21
C ASP N 240 -64.42 -5.06 -8.72
N SER N 241 -65.34 -4.16 -9.06
CA SER N 241 -65.18 -2.76 -8.70
C SER N 241 -65.26 -2.58 -7.20
N SER N 242 -64.53 -1.58 -6.71
CA SER N 242 -64.61 -1.22 -5.31
C SER N 242 -66.00 -0.70 -4.97
N LEU N 243 -66.41 -0.90 -3.72
CA LEU N 243 -67.67 -0.38 -3.21
C LEU N 243 -67.45 0.91 -2.44
N GLU N 244 -66.51 1.73 -2.89
CA GLU N 244 -66.12 2.94 -2.21
C GLU N 244 -65.95 4.07 -3.21
N TYR N 245 -66.14 5.30 -2.72
CA TYR N 245 -65.98 6.47 -3.58
C TYR N 245 -64.54 6.58 -4.05
N LYS N 246 -64.37 6.86 -5.33
CA LYS N 246 -63.05 6.90 -5.95
C LYS N 246 -62.92 8.14 -6.82
N LYS N 247 -61.69 8.58 -7.01
CA LYS N 247 -61.43 9.71 -7.89
C LYS N 247 -61.70 9.33 -9.34
N GLY N 248 -62.12 10.31 -10.13
CA GLY N 248 -62.35 10.08 -11.54
C GLY N 248 -61.06 9.98 -12.33
N GLU N 249 -61.20 9.56 -13.59
CA GLU N 249 -60.03 9.43 -14.44
C GLU N 249 -59.46 10.79 -14.84
N SER N 250 -60.33 11.73 -15.18
CA SER N 250 -59.87 13.06 -15.56
C SER N 250 -59.60 13.92 -14.32
N GLN N 251 -58.86 14.99 -14.51
CA GLN N 251 -58.64 15.94 -13.43
C GLN N 251 -59.90 16.76 -13.22
N THR N 252 -60.41 16.78 -11.99
CA THR N 252 -61.76 17.23 -11.69
C THR N 252 -61.75 18.13 -10.46
N ASP N 253 -60.91 19.15 -10.47
CA ASP N 253 -60.88 20.10 -9.36
C ASP N 253 -62.22 20.80 -9.23
N ILE N 254 -62.65 20.99 -7.99
CA ILE N 254 -63.87 21.70 -7.67
C ILE N 254 -63.52 23.12 -7.25
N GLU N 255 -64.52 23.99 -7.19
CA GLU N 255 -64.34 25.36 -6.73
C GLU N 255 -65.55 25.71 -5.87
N ILE N 256 -65.32 25.91 -4.58
CA ILE N 256 -66.39 26.14 -3.61
C ILE N 256 -66.37 27.60 -3.21
N THR N 257 -67.48 28.29 -3.47
CA THR N 257 -67.66 29.66 -3.03
C THR N 257 -68.86 29.86 -2.12
N ARG N 258 -69.83 28.94 -2.13
CA ARG N 258 -70.96 28.98 -1.22
C ARG N 258 -70.68 28.08 -0.03
N GLU N 259 -71.16 28.51 1.14
CA GLU N 259 -70.77 27.85 2.38
C GLU N 259 -71.35 26.45 2.49
N GLU N 260 -72.45 26.16 1.81
CA GLU N 260 -73.13 24.87 1.95
C GLU N 260 -72.69 23.84 0.93
N ASP N 261 -71.72 24.15 0.08
CA ASP N 261 -71.31 23.21 -0.95
C ASP N 261 -70.44 22.08 -0.42
N PHE N 262 -69.63 22.34 0.62
CA PHE N 262 -68.79 21.30 1.18
C PHE N 262 -69.63 20.17 1.78
N THR N 263 -70.58 20.53 2.64
CA THR N 263 -71.47 19.53 3.22
C THR N 263 -72.26 18.83 2.13
N ARG N 264 -72.68 19.58 1.11
CA ARG N 264 -73.42 18.97 0.02
C ARG N 264 -72.58 17.91 -0.69
N ILE N 265 -71.31 18.22 -0.96
CA ILE N 265 -70.45 17.28 -1.66
C ILE N 265 -70.24 16.01 -0.85
N LEU N 266 -70.00 16.17 0.45
CA LEU N 266 -69.83 14.98 1.29
C LEU N 266 -71.11 14.14 1.33
N GLN N 267 -72.26 14.81 1.38
CA GLN N 267 -73.52 14.08 1.36
C GLN N 267 -73.72 13.35 0.04
N MET N 268 -73.27 13.95 -1.08
CA MET N 268 -73.36 13.24 -2.35
C MET N 268 -72.45 12.02 -2.38
N GLU N 269 -71.28 12.09 -1.75
CA GLU N 269 -70.45 10.89 -1.63
C GLU N 269 -71.20 9.79 -0.90
N GLU N 270 -71.81 10.14 0.23
CA GLU N 270 -72.56 9.15 0.99
C GLU N 270 -73.73 8.61 0.19
N GLU N 271 -74.41 9.48 -0.57
CA GLU N 271 -75.55 9.05 -1.37
C GLU N 271 -75.12 8.13 -2.49
N TYR N 272 -73.94 8.38 -3.08
CA TYR N 272 -73.42 7.47 -4.10
C TYR N 272 -73.17 6.09 -3.53
N ILE N 273 -72.56 6.04 -2.34
CA ILE N 273 -72.34 4.73 -1.71
C ILE N 273 -73.68 4.04 -1.44
N GLN N 274 -74.67 4.79 -0.94
CA GLN N 274 -75.97 4.21 -0.66
C GLN N 274 -76.63 3.70 -1.93
N GLN N 275 -76.49 4.44 -3.03
CA GLN N 275 -77.07 4.00 -4.30
C GLN N 275 -76.44 2.72 -4.80
N LEU N 276 -75.11 2.61 -4.71
CA LEU N 276 -74.46 1.37 -5.10
C LEU N 276 -74.95 0.19 -4.26
N CYS N 277 -75.03 0.40 -2.94
CA CYS N 277 -75.47 -0.67 -2.06
C CYS N 277 -76.91 -1.05 -2.35
N GLU N 278 -77.78 -0.07 -2.64
CA GLU N 278 -79.16 -0.38 -2.97
C GLU N 278 -79.25 -1.17 -4.27
N ASP N 279 -78.44 -0.82 -5.27
CA ASP N 279 -78.43 -1.57 -6.50
C ASP N 279 -78.02 -3.01 -6.26
N ILE N 280 -77.04 -3.24 -5.39
CA ILE N 280 -76.64 -4.60 -5.05
C ILE N 280 -77.78 -5.32 -4.33
N ILE N 281 -78.40 -4.65 -3.36
CA ILE N 281 -79.44 -5.26 -2.55
C ILE N 281 -80.66 -5.62 -3.39
N GLN N 282 -80.87 -4.91 -4.50
CA GLN N 282 -82.06 -5.14 -5.33
C GLN N 282 -82.19 -6.60 -5.74
N LEU N 283 -81.08 -7.32 -5.88
CA LEU N 283 -81.12 -8.72 -6.25
C LEU N 283 -81.34 -9.65 -5.07
N LYS N 284 -81.45 -9.12 -3.87
CA LYS N 284 -81.63 -9.89 -2.65
C LYS N 284 -80.59 -11.00 -2.51
N PRO N 285 -79.30 -10.67 -2.44
CA PRO N 285 -78.30 -11.71 -2.21
C PRO N 285 -78.07 -11.95 -0.74
N ASP N 286 -77.22 -12.91 -0.41
CA ASP N 286 -76.78 -13.13 0.96
C ASP N 286 -75.29 -12.93 1.14
N VAL N 287 -74.49 -13.13 0.10
CA VAL N 287 -73.04 -12.99 0.17
C VAL N 287 -72.58 -12.13 -0.99
N VAL N 288 -71.68 -11.19 -0.70
CA VAL N 288 -71.09 -10.33 -1.72
C VAL N 288 -69.59 -10.46 -1.62
N ILE N 289 -68.94 -10.82 -2.72
CA ILE N 289 -67.49 -11.00 -2.78
C ILE N 289 -66.93 -9.97 -3.74
N THR N 290 -65.88 -9.27 -3.31
CA THR N 290 -65.25 -8.24 -4.12
C THR N 290 -63.75 -8.46 -4.15
N GLU N 291 -63.16 -8.27 -5.34
CA GLU N 291 -61.71 -8.33 -5.46
C GLU N 291 -61.03 -7.08 -4.90
N LYS N 292 -61.77 -6.02 -4.66
CA LYS N 292 -61.22 -4.76 -4.19
C LYS N 292 -61.91 -4.37 -2.89
N GLY N 293 -61.57 -3.17 -2.39
CA GLY N 293 -62.04 -2.76 -1.09
C GLY N 293 -63.53 -2.52 -1.05
N ILE N 294 -64.07 -2.59 0.16
CA ILE N 294 -65.47 -2.29 0.44
C ILE N 294 -65.50 -1.23 1.52
N SER N 295 -66.17 -0.11 1.25
CA SER N 295 -66.20 0.99 2.19
C SER N 295 -66.97 0.60 3.45
N ASP N 296 -66.59 1.23 4.57
CA ASP N 296 -67.26 0.95 5.84
C ASP N 296 -68.72 1.33 5.78
N LEU N 297 -69.03 2.46 5.15
CA LEU N 297 -70.43 2.85 4.97
C LEU N 297 -71.15 1.82 4.10
N ALA N 298 -70.47 1.29 3.09
CA ALA N 298 -71.04 0.21 2.30
C ALA N 298 -71.30 -1.02 3.16
N GLN N 299 -70.38 -1.32 4.08
CA GLN N 299 -70.60 -2.44 4.99
C GLN N 299 -71.85 -2.21 5.84
N HIS N 300 -72.05 -0.98 6.31
CA HIS N 300 -73.25 -0.68 7.10
C HIS N 300 -74.50 -0.88 6.26
N TYR N 301 -74.49 -0.36 5.04
CA TYR N 301 -75.67 -0.48 4.19
C TYR N 301 -75.96 -1.93 3.83
N LEU N 302 -74.92 -2.75 3.71
CA LEU N 302 -75.14 -4.16 3.41
C LEU N 302 -75.65 -4.92 4.63
N MET N 303 -75.09 -4.63 5.82
CA MET N 303 -75.59 -5.27 7.03
C MET N 303 -77.03 -4.88 7.30
N ARG N 304 -77.43 -3.67 6.89
CA ARG N 304 -78.84 -3.29 7.03
C ARG N 304 -79.74 -4.25 6.26
N ALA N 305 -79.23 -4.85 5.18
CA ALA N 305 -79.98 -5.81 4.40
C ALA N 305 -79.61 -7.25 4.71
N ASN N 306 -78.83 -7.48 5.77
CA ASN N 306 -78.45 -8.82 6.20
C ASN N 306 -77.69 -9.56 5.10
N ILE N 307 -76.57 -8.98 4.70
CA ILE N 307 -75.72 -9.51 3.64
C ILE N 307 -74.30 -9.63 4.16
N THR N 308 -73.69 -10.79 3.94
CA THR N 308 -72.29 -11.00 4.30
C THR N 308 -71.40 -10.53 3.16
N ALA N 309 -70.37 -9.76 3.49
CA ALA N 309 -69.50 -9.15 2.50
C ALA N 309 -68.05 -9.51 2.78
N ILE N 310 -67.33 -9.93 1.75
CA ILE N 310 -65.91 -10.24 1.83
C ILE N 310 -65.19 -9.43 0.77
N ARG N 311 -64.07 -8.82 1.15
CA ARG N 311 -63.34 -7.91 0.27
C ARG N 311 -61.92 -8.39 0.04
N ARG N 312 -61.29 -7.83 -0.99
CA ARG N 312 -59.88 -8.07 -1.30
C ARG N 312 -59.60 -9.55 -1.56
N VAL N 313 -60.43 -10.16 -2.36
CA VAL N 313 -60.24 -11.54 -2.77
C VAL N 313 -59.45 -11.57 -4.08
N ARG N 314 -58.49 -12.48 -4.16
CA ARG N 314 -57.66 -12.58 -5.36
C ARG N 314 -58.51 -12.94 -6.57
N LYS N 315 -58.05 -12.51 -7.74
CA LYS N 315 -58.81 -12.74 -8.97
C LYS N 315 -58.95 -14.23 -9.26
N THR N 316 -57.87 -15.00 -9.06
CA THR N 316 -57.94 -16.44 -9.28
C THR N 316 -58.95 -17.08 -8.33
N ASP N 317 -58.93 -16.68 -7.06
CA ASP N 317 -59.90 -17.21 -6.11
C ASP N 317 -61.32 -16.84 -6.52
N ASN N 318 -61.51 -15.62 -7.01
CA ASN N 318 -62.85 -15.19 -7.39
C ASN N 318 -63.35 -15.97 -8.61
N ASN N 319 -62.47 -16.23 -9.58
CA ASN N 319 -62.84 -17.07 -10.71
C ASN N 319 -63.19 -18.48 -10.25
N ARG N 320 -62.42 -19.02 -9.31
CA ARG N 320 -62.72 -20.34 -8.79
C ARG N 320 -64.08 -20.36 -8.11
N ILE N 321 -64.40 -19.31 -7.35
CA ILE N 321 -65.71 -19.23 -6.71
C ILE N 321 -66.81 -19.17 -7.74
N ALA N 322 -66.60 -18.39 -8.80
CA ALA N 322 -67.60 -18.29 -9.86
C ALA N 322 -67.85 -19.64 -10.50
N ARG N 323 -66.79 -20.39 -10.78
CA ARG N 323 -66.96 -21.71 -11.36
C ARG N 323 -67.66 -22.65 -10.38
N ALA N 324 -67.34 -22.55 -9.09
CA ALA N 324 -67.88 -23.48 -8.11
C ALA N 324 -69.37 -23.24 -7.88
N CYS N 325 -69.78 -22.00 -7.69
CA CYS N 325 -71.14 -21.68 -7.29
C CYS N 325 -72.01 -21.21 -8.45
N GLY N 326 -71.50 -21.28 -9.68
CA GLY N 326 -72.30 -20.89 -10.83
C GLY N 326 -72.69 -19.43 -10.86
N ALA N 327 -71.78 -18.55 -10.45
CA ALA N 327 -71.99 -17.12 -10.50
C ALA N 327 -71.17 -16.51 -11.62
N ARG N 328 -71.52 -15.28 -11.99
CA ARG N 328 -70.78 -14.52 -12.98
C ARG N 328 -70.30 -13.23 -12.36
N ILE N 329 -69.01 -12.95 -12.50
CA ILE N 329 -68.45 -11.72 -11.94
C ILE N 329 -68.94 -10.53 -12.73
N VAL N 330 -69.42 -9.51 -12.04
CA VAL N 330 -69.87 -8.28 -12.67
C VAL N 330 -69.08 -7.12 -12.06
N SER N 331 -68.94 -6.05 -12.84
CA SER N 331 -68.18 -4.90 -12.41
C SER N 331 -69.03 -3.70 -12.07
N ARG N 332 -70.15 -3.51 -12.73
CA ARG N 332 -71.04 -2.39 -12.44
C ARG N 332 -72.31 -2.91 -11.78
N PRO N 333 -72.55 -2.61 -10.52
CA PRO N 333 -73.74 -3.15 -9.84
C PRO N 333 -75.05 -2.76 -10.50
N GLU N 334 -75.12 -1.61 -11.15
CA GLU N 334 -76.35 -1.21 -11.82
C GLU N 334 -76.70 -2.14 -12.97
N GLU N 335 -75.73 -2.87 -13.51
CA GLU N 335 -75.96 -3.82 -14.58
C GLU N 335 -76.07 -5.25 -14.06
N LEU N 336 -76.16 -5.43 -12.75
CA LEU N 336 -76.30 -6.76 -12.18
C LEU N 336 -77.61 -7.38 -12.61
N ARG N 337 -77.56 -8.63 -13.04
CA ARG N 337 -78.73 -9.35 -13.51
C ARG N 337 -78.99 -10.56 -12.61
N GLU N 338 -80.18 -11.13 -12.78
CA GLU N 338 -80.55 -12.31 -11.99
C GLU N 338 -79.64 -13.49 -12.31
N ASP N 339 -79.30 -13.66 -13.59
CA ASP N 339 -78.47 -14.78 -14.00
C ASP N 339 -77.08 -14.72 -13.36
N ASP N 340 -76.62 -13.52 -13.03
CA ASP N 340 -75.30 -13.37 -12.41
C ASP N 340 -75.29 -13.79 -10.95
N VAL N 341 -76.45 -13.87 -10.31
CA VAL N 341 -76.49 -14.27 -8.91
C VAL N 341 -76.15 -15.76 -8.80
N GLY N 342 -75.23 -16.09 -7.90
CA GLY N 342 -74.77 -17.45 -7.78
C GLY N 342 -75.62 -18.30 -6.86
N THR N 343 -76.54 -19.06 -7.44
CA THR N 343 -77.33 -20.04 -6.71
C THR N 343 -76.81 -21.42 -7.05
N GLY N 344 -76.62 -22.26 -6.04
CA GLY N 344 -76.03 -23.56 -6.25
C GLY N 344 -75.10 -23.94 -5.13
N ALA N 345 -74.54 -22.95 -4.45
CA ALA N 345 -73.79 -23.22 -3.22
C ALA N 345 -74.76 -23.64 -2.13
N GLY N 346 -74.48 -24.77 -1.50
CA GLY N 346 -75.36 -25.32 -0.49
C GLY N 346 -75.03 -24.97 0.93
N LEU N 347 -73.92 -24.28 1.17
CA LEU N 347 -73.53 -23.87 2.51
C LEU N 347 -72.36 -22.91 2.41
N LEU N 348 -72.40 -21.84 3.20
CA LEU N 348 -71.26 -20.96 3.38
C LEU N 348 -70.99 -20.83 4.87
N GLU N 349 -69.73 -21.02 5.25
CA GLU N 349 -69.36 -21.06 6.66
C GLU N 349 -67.96 -20.52 6.84
N ILE N 350 -67.81 -19.52 7.70
CA ILE N 350 -66.51 -19.00 8.10
C ILE N 350 -66.18 -19.62 9.44
N LYS N 351 -65.12 -20.42 9.48
CA LYS N 351 -64.71 -21.09 10.71
C LYS N 351 -63.23 -20.87 10.93
N LYS N 352 -62.81 -21.01 12.18
CA LYS N 352 -61.43 -20.80 12.57
C LYS N 352 -60.67 -22.11 12.55
N ILE N 353 -59.53 -22.12 11.87
CA ILE N 353 -58.62 -23.26 11.85
C ILE N 353 -57.31 -22.78 12.44
N GLY N 354 -56.87 -23.42 13.52
CA GLY N 354 -55.71 -22.92 14.23
C GLY N 354 -56.04 -21.57 14.82
N ASP N 355 -55.25 -20.56 14.47
CA ASP N 355 -55.45 -19.20 14.94
C ASP N 355 -55.76 -18.26 13.78
N GLU N 356 -56.59 -18.74 12.84
CA GLU N 356 -56.87 -17.99 11.64
C GLU N 356 -58.25 -18.37 11.10
N TYR N 357 -58.89 -17.43 10.43
CA TYR N 357 -60.21 -17.64 9.85
C TYR N 357 -60.10 -18.12 8.41
N PHE N 358 -60.97 -19.05 8.04
CA PHE N 358 -61.05 -19.55 6.69
C PHE N 358 -62.51 -19.57 6.26
N THR N 359 -62.77 -19.12 5.04
CA THR N 359 -64.12 -19.04 4.50
C THR N 359 -64.38 -20.26 3.62
N PHE N 360 -65.46 -20.97 3.91
CA PHE N 360 -65.83 -22.19 3.20
C PHE N 360 -67.09 -21.96 2.41
N ILE N 361 -67.05 -22.31 1.13
CA ILE N 361 -68.25 -22.45 0.29
C ILE N 361 -68.20 -23.88 -0.23
N THR N 362 -68.81 -24.81 0.52
CA THR N 362 -68.38 -26.20 0.46
C THR N 362 -69.55 -27.17 0.26
N ASP N 363 -70.67 -26.71 -0.24
CA ASP N 363 -71.75 -27.64 -0.51
C ASP N 363 -72.38 -27.38 -1.88
N CYS N 364 -71.58 -26.90 -2.83
CA CYS N 364 -72.10 -26.57 -4.14
C CYS N 364 -72.60 -27.81 -4.85
N LYS N 365 -73.75 -27.69 -5.51
CA LYS N 365 -74.26 -28.75 -6.36
C LYS N 365 -73.68 -28.59 -7.76
N ASP N 366 -73.05 -29.63 -8.26
CA ASP N 366 -72.35 -29.61 -9.54
C ASP N 366 -71.37 -28.46 -9.61
N PRO N 367 -70.30 -28.45 -8.80
CA PRO N 367 -69.29 -27.41 -8.93
C PRO N 367 -68.25 -27.75 -9.99
N LYS N 368 -67.91 -26.74 -10.78
CA LYS N 368 -66.88 -26.87 -11.81
C LYS N 368 -65.51 -26.42 -11.34
N ALA N 369 -65.37 -26.11 -10.05
CA ALA N 369 -64.08 -25.81 -9.45
C ALA N 369 -64.06 -26.38 -8.04
N CYS N 370 -62.87 -26.57 -7.51
CA CYS N 370 -62.74 -27.21 -6.21
C CYS N 370 -61.43 -26.78 -5.57
N THR N 371 -61.34 -27.02 -4.27
CA THR N 371 -60.10 -26.83 -3.52
C THR N 371 -59.76 -28.13 -2.81
N ILE N 372 -58.47 -28.36 -2.62
CA ILE N 372 -57.99 -29.55 -1.93
C ILE N 372 -57.32 -29.07 -0.64
N LEU N 373 -57.88 -29.46 0.49
CA LEU N 373 -57.38 -29.04 1.79
C LEU N 373 -56.41 -30.09 2.30
N LEU N 374 -55.14 -29.72 2.41
CA LEU N 374 -54.08 -30.61 2.86
C LEU N 374 -53.71 -30.25 4.29
N ARG N 375 -53.83 -31.22 5.20
CA ARG N 375 -53.40 -31.07 6.57
C ARG N 375 -52.27 -32.06 6.83
N GLY N 376 -51.18 -31.58 7.43
CA GLY N 376 -50.03 -32.43 7.57
C GLY N 376 -49.10 -31.96 8.67
N ALA N 377 -47.92 -32.59 8.71
CA ALA N 377 -46.99 -32.34 9.80
C ALA N 377 -46.38 -30.94 9.71
N SER N 378 -45.94 -30.53 8.52
CA SER N 378 -45.24 -29.27 8.39
C SER N 378 -45.40 -28.77 6.96
N LYS N 379 -44.65 -27.71 6.63
CA LYS N 379 -44.75 -27.11 5.30
C LYS N 379 -44.07 -27.96 4.25
N GLU N 380 -42.92 -28.57 4.58
CA GLU N 380 -42.20 -29.37 3.60
C GLU N 380 -42.94 -30.67 3.28
N ILE N 381 -43.49 -31.31 4.32
CA ILE N 381 -44.29 -32.50 4.09
C ILE N 381 -45.48 -32.18 3.22
N LEU N 382 -46.15 -31.06 3.50
CA LEU N 382 -47.32 -30.70 2.70
C LEU N 382 -46.93 -30.31 1.28
N SER N 383 -45.76 -29.70 1.09
CA SER N 383 -45.30 -29.40 -0.26
C SER N 383 -45.05 -30.68 -1.05
N GLU N 384 -44.42 -31.67 -0.43
CA GLU N 384 -44.20 -32.94 -1.11
C GLU N 384 -45.52 -33.63 -1.41
N VAL N 385 -46.47 -33.58 -0.47
CA VAL N 385 -47.79 -34.17 -0.71
C VAL N 385 -48.48 -33.47 -1.87
N GLU N 386 -48.36 -32.14 -1.94
CA GLU N 386 -48.96 -31.40 -3.05
C GLU N 386 -48.32 -31.79 -4.37
N ARG N 387 -47.01 -31.98 -4.39
CA ARG N 387 -46.35 -32.41 -5.62
C ARG N 387 -46.83 -33.79 -6.06
N ASN N 388 -46.94 -34.71 -5.11
CA ASN N 388 -47.42 -36.05 -5.45
C ASN N 388 -48.85 -36.01 -5.97
N LEU N 389 -49.69 -35.20 -5.33
CA LEU N 389 -51.09 -35.12 -5.75
C LEU N 389 -51.20 -34.44 -7.10
N GLN N 390 -50.33 -33.48 -7.40
CA GLN N 390 -50.28 -32.89 -8.73
C GLN N 390 -49.92 -33.92 -9.78
N ASP N 391 -48.94 -34.78 -9.46
CA ASP N 391 -48.60 -35.87 -10.39
C ASP N 391 -49.80 -36.77 -10.60
N ALA N 392 -50.52 -37.11 -9.54
CA ALA N 392 -51.70 -37.96 -9.67
C ALA N 392 -52.76 -37.33 -10.54
N MET N 393 -53.04 -36.04 -10.34
CA MET N 393 -54.03 -35.36 -11.15
C MET N 393 -53.62 -35.28 -12.61
N GLN N 394 -52.33 -35.02 -12.87
CA GLN N 394 -51.87 -34.99 -14.25
C GLN N 394 -52.01 -36.34 -14.92
N VAL N 395 -51.70 -37.42 -14.20
CA VAL N 395 -51.86 -38.75 -14.75
C VAL N 395 -53.33 -39.04 -15.05
N CYS N 396 -54.22 -38.67 -14.13
CA CYS N 396 -55.63 -38.88 -14.35
C CYS N 396 -56.12 -38.12 -15.57
N ARG N 397 -55.68 -36.87 -15.74
CA ARG N 397 -56.08 -36.11 -16.91
C ARG N 397 -55.55 -36.73 -18.20
N ASN N 398 -54.31 -37.22 -18.17
CA ASN N 398 -53.75 -37.86 -19.35
C ASN N 398 -54.56 -39.10 -19.72
N VAL N 399 -54.95 -39.89 -18.73
CA VAL N 399 -55.76 -41.08 -19.02
C VAL N 399 -57.12 -40.68 -19.55
N LEU N 400 -57.72 -39.63 -18.99
CA LEU N 400 -59.04 -39.19 -19.46
C LEU N 400 -58.97 -38.72 -20.91
N LEU N 401 -57.92 -38.00 -21.27
CA LEU N 401 -57.77 -37.56 -22.66
C LEU N 401 -57.44 -38.73 -23.57
N ASP N 402 -56.49 -39.57 -23.18
CA ASP N 402 -56.08 -40.73 -23.96
C ASP N 402 -56.31 -42.00 -23.16
N PRO N 403 -57.29 -42.82 -23.52
CA PRO N 403 -57.63 -43.98 -22.69
C PRO N 403 -56.75 -45.20 -22.90
N GLN N 404 -55.57 -45.02 -23.48
CA GLN N 404 -54.66 -46.14 -23.71
C GLN N 404 -53.73 -46.33 -22.52
N LEU N 405 -53.44 -47.59 -22.20
CA LEU N 405 -52.54 -47.95 -21.11
C LEU N 405 -51.38 -48.77 -21.63
N VAL N 406 -50.29 -48.77 -20.88
CA VAL N 406 -49.05 -49.47 -21.25
C VAL N 406 -48.51 -50.18 -20.01
N PRO N 407 -48.05 -51.42 -20.12
CA PRO N 407 -47.51 -52.12 -18.95
C PRO N 407 -46.31 -51.39 -18.36
N GLY N 408 -46.23 -51.40 -17.04
CA GLY N 408 -45.19 -50.71 -16.32
C GLY N 408 -44.14 -51.64 -15.76
N GLY N 409 -43.37 -51.11 -14.81
CA GLY N 409 -42.31 -51.88 -14.17
C GLY N 409 -41.21 -52.29 -15.12
N GLY N 410 -40.99 -51.52 -16.19
CA GLY N 410 -39.99 -51.86 -17.16
C GLY N 410 -40.41 -52.88 -18.19
N ALA N 411 -41.63 -53.40 -18.11
CA ALA N 411 -42.08 -54.37 -19.10
C ALA N 411 -42.13 -53.76 -20.49
N SER N 412 -42.65 -52.53 -20.60
CA SER N 412 -42.73 -51.88 -21.90
C SER N 412 -41.35 -51.64 -22.48
N GLU N 413 -40.39 -51.23 -21.65
CA GLU N 413 -39.04 -51.00 -22.13
C GLU N 413 -38.46 -52.27 -22.74
N MET N 414 -38.57 -53.39 -22.02
CA MET N 414 -38.01 -54.64 -22.53
C MET N 414 -38.75 -55.11 -23.77
N ALA N 415 -40.07 -54.96 -23.81
CA ALA N 415 -40.82 -55.38 -24.99
C ALA N 415 -40.41 -54.57 -26.22
N VAL N 416 -40.29 -53.25 -26.06
CA VAL N 416 -39.90 -52.41 -27.19
C VAL N 416 -38.47 -52.70 -27.61
N ALA N 417 -37.58 -52.94 -26.63
CA ALA N 417 -36.21 -53.27 -26.97
C ALA N 417 -36.14 -54.57 -27.76
N HIS N 418 -36.89 -55.59 -27.35
CA HIS N 418 -36.90 -56.84 -28.09
C HIS N 418 -37.47 -56.66 -29.48
N ALA N 419 -38.55 -55.87 -29.61
CA ALA N 419 -39.13 -55.65 -30.93
C ALA N 419 -38.15 -54.95 -31.86
N LEU N 420 -37.48 -53.91 -31.37
CA LEU N 420 -36.50 -53.22 -32.20
C LEU N 420 -35.31 -54.11 -32.53
N THR N 421 -34.87 -54.93 -31.58
CA THR N 421 -33.77 -55.85 -31.86
C THR N 421 -34.15 -56.84 -32.95
N GLU N 422 -35.38 -57.36 -32.90
CA GLU N 422 -35.83 -58.26 -33.94
C GLU N 422 -35.94 -57.55 -35.28
N LYS N 423 -36.39 -56.30 -35.28
CA LYS N 423 -36.48 -55.54 -36.52
C LYS N 423 -35.11 -55.25 -37.11
N SER N 424 -34.10 -55.04 -36.26
CA SER N 424 -32.77 -54.68 -36.74
C SER N 424 -32.09 -55.80 -37.51
N LYS N 425 -32.58 -57.03 -37.41
CA LYS N 425 -31.94 -58.16 -38.08
C LYS N 425 -32.08 -58.10 -39.59
N ALA N 426 -32.94 -57.23 -40.12
CA ALA N 426 -33.22 -57.21 -41.54
C ALA N 426 -32.59 -56.03 -42.29
N MET N 427 -32.05 -55.04 -41.59
CA MET N 427 -31.53 -53.87 -42.29
C MET N 427 -30.24 -54.17 -43.02
N THR N 428 -29.31 -54.85 -42.35
CA THR N 428 -28.02 -55.23 -42.93
C THR N 428 -27.31 -54.03 -43.55
N GLY N 429 -27.33 -52.90 -42.84
CA GLY N 429 -26.63 -51.72 -43.28
C GLY N 429 -25.53 -51.33 -42.32
N VAL N 430 -25.10 -50.08 -42.36
CA VAL N 430 -24.09 -49.61 -41.41
C VAL N 430 -24.72 -49.01 -40.16
N GLU N 431 -25.98 -48.56 -40.23
CA GLU N 431 -26.65 -47.94 -39.12
C GLU N 431 -27.45 -48.92 -38.27
N GLN N 432 -27.31 -50.22 -38.55
CA GLN N 432 -27.97 -51.21 -37.70
C GLN N 432 -27.39 -51.23 -36.30
N TRP N 433 -26.08 -51.00 -36.19
CA TRP N 433 -25.44 -51.01 -34.87
C TRP N 433 -25.94 -49.90 -33.96
N PRO N 434 -26.00 -48.63 -34.38
CA PRO N 434 -26.62 -47.62 -33.51
C PRO N 434 -28.08 -47.91 -33.22
N TYR N 435 -28.81 -48.46 -34.20
CA TYR N 435 -30.18 -48.88 -33.98
C TYR N 435 -30.28 -49.84 -32.81
N ARG N 436 -29.48 -50.91 -32.84
CA ARG N 436 -29.53 -51.91 -31.79
C ARG N 436 -29.06 -51.34 -30.47
N ALA N 437 -28.05 -50.47 -30.50
CA ALA N 437 -27.55 -49.89 -29.25
C ALA N 437 -28.62 -49.04 -28.58
N VAL N 438 -29.28 -48.18 -29.35
CA VAL N 438 -30.31 -47.34 -28.74
C VAL N 438 -31.53 -48.16 -28.36
N ALA N 439 -31.78 -49.28 -29.05
CA ALA N 439 -32.85 -50.17 -28.64
C ALA N 439 -32.56 -50.78 -27.28
N GLN N 440 -31.36 -51.34 -27.11
CA GLN N 440 -30.99 -51.94 -25.84
C GLN N 440 -30.75 -50.91 -24.75
N ALA N 441 -30.57 -49.63 -25.11
CA ALA N 441 -30.44 -48.60 -24.10
C ALA N 441 -31.71 -48.45 -23.26
N LEU N 442 -32.84 -48.94 -23.76
CA LEU N 442 -34.08 -48.88 -22.99
C LEU N 442 -34.04 -49.76 -21.75
N GLU N 443 -33.11 -50.71 -21.70
CA GLU N 443 -33.01 -51.60 -20.54
C GLU N 443 -32.54 -50.89 -19.29
N VAL N 444 -32.17 -49.61 -19.38
CA VAL N 444 -31.72 -48.88 -18.21
C VAL N 444 -32.84 -48.68 -17.21
N ILE N 445 -34.09 -48.77 -17.63
CA ILE N 445 -35.22 -48.58 -16.71
C ILE N 445 -35.40 -49.81 -15.84
N PRO N 446 -35.54 -51.02 -16.39
CA PRO N 446 -35.58 -52.20 -15.50
C PRO N 446 -34.31 -52.36 -14.71
N ARG N 447 -33.16 -52.02 -15.30
CA ARG N 447 -31.90 -52.12 -14.58
C ARG N 447 -31.88 -51.18 -13.39
N THR N 448 -32.36 -49.95 -13.57
CA THR N 448 -32.42 -49.01 -12.46
C THR N 448 -33.42 -49.46 -11.41
N LEU N 449 -34.55 -50.02 -11.84
CA LEU N 449 -35.51 -50.54 -10.87
C LEU N 449 -34.90 -51.64 -10.02
N ILE N 450 -34.17 -52.56 -10.65
CA ILE N 450 -33.52 -53.63 -9.92
C ILE N 450 -32.46 -53.08 -8.98
N GLN N 451 -31.66 -52.13 -9.47
CA GLN N 451 -30.59 -51.57 -8.64
C GLN N 451 -31.16 -50.89 -7.40
N ASN N 452 -32.22 -50.10 -7.57
CA ASN N 452 -32.84 -49.45 -6.42
C ASN N 452 -33.48 -50.46 -5.50
N CYS N 453 -34.08 -51.52 -6.05
CA CYS N 453 -34.65 -52.57 -5.21
C CYS N 453 -33.57 -53.32 -4.44
N GLY N 454 -32.37 -53.44 -5.01
CA GLY N 454 -31.27 -54.11 -4.36
C GLY N 454 -30.99 -55.52 -4.82
N ALA N 455 -31.71 -56.01 -5.82
CA ALA N 455 -31.49 -57.36 -6.32
C ALA N 455 -30.34 -57.38 -7.31
N SER N 456 -29.93 -58.59 -7.70
CA SER N 456 -28.82 -58.74 -8.63
C SER N 456 -29.26 -58.29 -10.01
N THR N 457 -28.54 -57.33 -10.58
CA THR N 457 -28.96 -56.73 -11.84
C THR N 457 -28.78 -57.69 -13.00
N ILE N 458 -27.62 -58.34 -13.08
CA ILE N 458 -27.29 -59.14 -14.26
C ILE N 458 -28.22 -60.34 -14.36
N ARG N 459 -28.44 -61.05 -13.25
CA ARG N 459 -29.30 -62.23 -13.28
C ARG N 459 -30.72 -61.87 -13.65
N LEU N 460 -31.26 -60.81 -13.05
CA LEU N 460 -32.64 -60.43 -13.32
C LEU N 460 -32.82 -59.94 -14.74
N LEU N 461 -31.88 -59.12 -15.26
CA LEU N 461 -32.01 -58.68 -16.64
C LEU N 461 -31.86 -59.84 -17.63
N THR N 462 -30.96 -60.77 -17.35
CA THR N 462 -30.84 -61.93 -18.24
C THR N 462 -32.14 -62.73 -18.25
N SER N 463 -32.72 -62.97 -17.07
CA SER N 463 -33.98 -63.69 -17.00
C SER N 463 -35.09 -62.94 -17.71
N LEU N 464 -35.14 -61.62 -17.54
CA LEU N 464 -36.19 -60.83 -18.17
C LEU N 464 -36.06 -60.84 -19.69
N ARG N 465 -34.84 -60.72 -20.20
CA ARG N 465 -34.64 -60.79 -21.64
C ARG N 465 -35.05 -62.16 -22.18
N ALA N 466 -34.66 -63.22 -21.48
CA ALA N 466 -35.06 -64.57 -21.91
C ALA N 466 -36.57 -64.70 -21.91
N LYS N 467 -37.24 -64.17 -20.90
CA LYS N 467 -38.71 -64.23 -20.85
C LYS N 467 -39.31 -63.46 -22.01
N HIS N 468 -38.77 -62.28 -22.32
CA HIS N 468 -39.32 -61.46 -23.39
C HIS N 468 -39.04 -62.04 -24.76
N THR N 469 -38.06 -62.93 -24.89
CA THR N 469 -37.84 -63.59 -26.17
C THR N 469 -38.98 -64.51 -26.56
N GLN N 470 -39.88 -64.84 -25.63
CA GLN N 470 -41.05 -65.65 -25.96
C GLN N 470 -42.11 -64.78 -26.63
N GLU N 471 -43.24 -65.39 -26.99
CA GLU N 471 -44.20 -64.69 -27.83
C GLU N 471 -45.12 -63.77 -27.02
N ASN N 472 -45.88 -64.30 -26.07
CA ASN N 472 -46.82 -63.50 -25.30
C ASN N 472 -46.22 -63.23 -23.92
N CYS N 473 -45.25 -62.30 -23.89
CA CYS N 473 -44.62 -61.93 -22.64
C CYS N 473 -44.33 -60.43 -22.59
N GLU N 474 -45.11 -59.63 -23.31
CA GLU N 474 -44.86 -58.20 -23.34
C GLU N 474 -45.17 -57.52 -22.01
N THR N 475 -45.96 -58.16 -21.15
CA THR N 475 -46.36 -57.55 -19.89
C THR N 475 -45.57 -58.08 -18.70
N TRP N 476 -44.38 -58.63 -18.94
CA TRP N 476 -43.54 -59.16 -17.89
C TRP N 476 -42.49 -58.12 -17.52
N GLY N 477 -42.49 -57.69 -16.27
CA GLY N 477 -41.56 -56.68 -15.82
C GLY N 477 -40.91 -57.05 -14.51
N VAL N 478 -40.36 -56.06 -13.82
CA VAL N 478 -39.64 -56.27 -12.57
C VAL N 478 -40.50 -55.78 -11.41
N ASN N 479 -40.71 -56.65 -10.43
CA ASN N 479 -41.35 -56.21 -9.19
C ASN N 479 -40.40 -55.28 -8.45
N GLY N 480 -40.89 -54.09 -8.10
CA GLY N 480 -40.04 -53.08 -7.52
C GLY N 480 -39.67 -53.33 -6.08
N GLU N 481 -40.44 -54.15 -5.37
CA GLU N 481 -40.19 -54.42 -3.97
C GLU N 481 -39.46 -55.73 -3.74
N THR N 482 -40.00 -56.84 -4.25
CA THR N 482 -39.39 -58.15 -4.05
C THR N 482 -38.25 -58.41 -5.01
N GLY N 483 -38.10 -57.62 -6.07
CA GLY N 483 -37.06 -57.85 -7.04
C GLY N 483 -37.21 -59.17 -7.76
N THR N 484 -38.43 -59.47 -8.22
CA THR N 484 -38.71 -60.71 -8.92
C THR N 484 -39.46 -60.42 -10.21
N LEU N 485 -39.32 -61.33 -11.16
CA LEU N 485 -40.00 -61.19 -12.45
C LEU N 485 -41.45 -61.60 -12.31
N VAL N 486 -42.35 -60.65 -12.49
CA VAL N 486 -43.78 -60.89 -12.35
C VAL N 486 -44.50 -60.32 -13.56
N ASP N 487 -45.63 -60.94 -13.90
CA ASP N 487 -46.48 -60.42 -14.96
C ASP N 487 -47.21 -59.18 -14.46
N MET N 488 -47.14 -58.10 -15.23
CA MET N 488 -47.71 -56.84 -14.79
C MET N 488 -49.23 -56.81 -14.87
N LYS N 489 -49.85 -57.74 -15.59
CA LYS N 489 -51.30 -57.86 -15.47
C LYS N 489 -51.71 -58.51 -14.15
N GLU N 490 -50.76 -59.11 -13.43
CA GLU N 490 -51.02 -59.63 -12.10
C GLU N 490 -50.66 -58.60 -11.03
N LEU N 491 -49.53 -57.91 -11.19
CA LEU N 491 -49.17 -56.87 -10.23
C LEU N 491 -50.08 -55.65 -10.37
N GLY N 492 -50.52 -55.36 -11.59
CA GLY N 492 -51.46 -54.29 -11.83
C GLY N 492 -50.86 -52.93 -12.11
N ILE N 493 -49.54 -52.83 -12.21
CA ILE N 493 -48.90 -51.55 -12.49
C ILE N 493 -49.03 -51.25 -13.98
N TRP N 494 -49.67 -50.14 -14.31
CA TRP N 494 -49.84 -49.73 -15.69
C TRP N 494 -49.57 -48.24 -15.80
N GLU N 495 -49.23 -47.81 -17.01
CA GLU N 495 -48.90 -46.42 -17.26
C GLU N 495 -49.69 -45.89 -18.44
N PRO N 496 -50.06 -44.61 -18.43
CA PRO N 496 -50.71 -44.04 -19.60
C PRO N 496 -49.78 -44.07 -20.80
N LEU N 497 -50.36 -44.34 -21.97
CA LEU N 497 -49.55 -44.38 -23.18
C LEU N 497 -48.95 -43.02 -23.49
N ALA N 498 -49.65 -41.94 -23.14
CA ALA N 498 -49.15 -40.59 -23.41
C ALA N 498 -47.84 -40.35 -22.67
N VAL N 499 -47.75 -40.79 -21.41
CA VAL N 499 -46.54 -40.55 -20.63
C VAL N 499 -45.35 -41.30 -21.25
N LYS N 500 -45.56 -42.57 -21.60
CA LYS N 500 -44.48 -43.34 -22.21
C LYS N 500 -44.05 -42.72 -23.53
N LEU N 501 -45.02 -42.33 -24.36
CA LEU N 501 -44.68 -41.75 -25.66
C LEU N 501 -43.89 -40.47 -25.49
N GLN N 502 -44.33 -39.60 -24.57
CA GLN N 502 -43.62 -38.34 -24.34
C GLN N 502 -42.22 -38.60 -23.83
N THR N 503 -42.07 -39.56 -22.91
CA THR N 503 -40.74 -39.87 -22.37
C THR N 503 -39.80 -40.34 -23.47
N TYR N 504 -40.26 -41.29 -24.29
CA TYR N 504 -39.42 -41.84 -25.35
C TYR N 504 -39.04 -40.75 -26.35
N LYS N 505 -40.04 -39.98 -26.80
CA LYS N 505 -39.79 -38.92 -27.77
C LYS N 505 -38.79 -37.92 -27.22
N THR N 506 -38.99 -37.44 -26.00
CA THR N 506 -38.14 -36.41 -25.45
C THR N 506 -36.72 -36.91 -25.25
N ALA N 507 -36.56 -38.13 -24.76
CA ALA N 507 -35.21 -38.67 -24.57
C ALA N 507 -34.48 -38.80 -25.89
N VAL N 508 -35.14 -39.36 -26.90
CA VAL N 508 -34.48 -39.53 -28.19
C VAL N 508 -34.13 -38.18 -28.78
N GLU N 509 -35.04 -37.20 -28.67
CA GLU N 509 -34.77 -35.90 -29.27
C GLU N 509 -33.65 -35.17 -28.54
N THR N 510 -33.55 -35.35 -27.22
CA THR N 510 -32.42 -34.78 -26.50
C THR N 510 -31.11 -35.40 -26.96
N ALA N 511 -31.09 -36.71 -27.14
CA ALA N 511 -29.89 -37.36 -27.65
C ALA N 511 -29.52 -36.81 -29.02
N VAL N 512 -30.52 -36.64 -29.89
CA VAL N 512 -30.27 -36.09 -31.22
C VAL N 512 -29.70 -34.68 -31.12
N LEU N 513 -30.29 -33.85 -30.25
CA LEU N 513 -29.84 -32.48 -30.14
C LEU N 513 -28.40 -32.39 -29.65
N LEU N 514 -28.05 -33.16 -28.62
CA LEU N 514 -26.70 -33.05 -28.07
C LEU N 514 -25.67 -33.75 -28.95
N LEU N 515 -26.07 -34.78 -29.69
CA LEU N 515 -25.14 -35.42 -30.62
C LEU N 515 -24.74 -34.51 -31.77
N ARG N 516 -25.51 -33.46 -32.01
CA ARG N 516 -25.35 -32.62 -33.19
C ARG N 516 -24.26 -31.56 -33.00
N ILE N 517 -23.84 -31.29 -31.77
CA ILE N 517 -22.95 -30.19 -31.46
C ILE N 517 -21.51 -30.68 -31.51
N ASP N 518 -20.62 -29.88 -32.09
CA ASP N 518 -19.20 -30.18 -32.05
C ASP N 518 -18.33 -28.97 -31.77
N ASP N 519 -18.91 -27.79 -31.58
CA ASP N 519 -18.15 -26.58 -31.28
C ASP N 519 -18.80 -25.86 -30.10
N ILE N 520 -17.96 -25.25 -29.27
CA ILE N 520 -18.44 -24.42 -28.17
C ILE N 520 -17.65 -23.13 -28.15
N VAL N 521 -18.34 -22.00 -28.24
CA VAL N 521 -17.73 -20.69 -28.09
C VAL N 521 -18.48 -19.95 -26.98
N SER N 522 -17.73 -19.31 -26.09
CA SER N 522 -18.33 -18.74 -24.89
C SER N 522 -17.58 -17.48 -24.50
N GLY N 523 -18.22 -16.68 -23.66
CA GLY N 523 -17.63 -15.47 -23.13
C GLY N 523 -18.03 -14.19 -23.83
N HIS N 524 -18.73 -14.29 -24.95
CA HIS N 524 -19.10 -13.09 -25.69
C HIS N 524 -20.19 -12.31 -24.95
N LYS N 525 -20.28 -11.02 -25.26
CA LYS N 525 -21.22 -10.13 -24.61
C LYS N 525 -22.64 -10.42 -25.11
N LYS N 526 -23.62 -10.05 -24.28
CA LYS N 526 -25.02 -10.28 -24.64
C LYS N 526 -25.41 -9.53 -25.91
N LYS N 527 -24.98 -8.28 -26.03
CA LYS N 527 -25.29 -7.46 -27.20
C LYS N 527 -26.80 -7.36 -27.41
N GLY N 528 -27.51 -6.98 -26.37
CA GLY N 528 -28.96 -6.86 -26.43
C GLY N 528 -29.44 -5.61 -27.15
N MET O 1 -7.61 -9.14 38.56
CA MET O 1 -8.53 -9.00 37.43
C MET O 1 -8.61 -10.25 36.57
N MET O 2 -9.44 -11.18 37.00
CA MET O 2 -9.74 -12.35 36.20
C MET O 2 -10.75 -11.98 35.12
N PRO O 3 -10.48 -12.27 33.85
CA PRO O 3 -11.42 -11.88 32.79
C PRO O 3 -12.70 -12.71 32.81
N THR O 4 -13.78 -12.08 33.26
CA THR O 4 -15.08 -12.74 33.27
C THR O 4 -15.51 -13.03 31.84
N PRO O 5 -16.12 -14.19 31.58
CA PRO O 5 -16.58 -14.47 30.20
C PRO O 5 -17.51 -13.40 29.64
N VAL O 6 -18.38 -12.85 30.48
CA VAL O 6 -19.24 -11.72 30.09
C VAL O 6 -18.99 -10.60 31.08
N ILE O 7 -18.41 -9.51 30.60
CA ILE O 7 -18.07 -8.40 31.48
C ILE O 7 -19.34 -7.63 31.86
N LEU O 8 -19.27 -6.96 33.01
CA LEU O 8 -20.45 -6.31 33.58
C LEU O 8 -20.89 -5.12 32.74
N LEU O 9 -20.01 -4.12 32.60
CA LEU O 9 -20.32 -2.91 31.85
C LEU O 9 -19.79 -3.03 30.42
N LYS O 10 -20.03 -1.99 29.63
CA LYS O 10 -19.49 -1.96 28.28
C LYS O 10 -17.97 -1.92 28.30
N GLU O 11 -17.36 -2.56 27.31
CA GLU O 11 -15.92 -2.52 27.20
C GLU O 11 -15.44 -1.11 26.91
N GLY O 12 -14.28 -0.77 27.46
CA GLY O 12 -13.76 0.57 27.36
C GLY O 12 -14.26 1.53 28.41
N THR O 13 -15.07 1.06 29.35
CA THR O 13 -15.52 1.93 30.44
C THR O 13 -14.38 2.15 31.43
N ASP O 14 -14.11 3.41 31.74
CA ASP O 14 -13.01 3.79 32.62
C ASP O 14 -13.57 4.19 33.98
N SER O 15 -13.01 3.62 35.04
CA SER O 15 -13.44 3.92 36.40
C SER O 15 -12.22 4.19 37.25
N SER O 16 -12.23 5.34 37.94
CA SER O 16 -11.21 5.68 38.91
C SER O 16 -11.88 6.09 40.21
N GLN O 17 -11.46 5.50 41.31
CA GLN O 17 -12.11 5.72 42.59
C GLN O 17 -11.05 5.86 43.68
N GLY O 18 -11.50 6.37 44.83
CA GLY O 18 -10.65 6.48 45.99
C GLY O 18 -9.99 7.82 46.13
N ILE O 19 -8.97 7.85 47.00
CA ILE O 19 -8.21 9.07 47.22
C ILE O 19 -7.52 9.56 45.95
N PRO O 20 -6.86 8.71 45.16
CA PRO O 20 -6.13 9.24 43.99
C PRO O 20 -7.00 10.03 43.03
N GLN O 21 -8.24 9.61 42.80
CA GLN O 21 -9.07 10.35 41.85
C GLN O 21 -9.46 11.71 42.41
N LEU O 22 -9.68 11.80 43.71
CA LEU O 22 -9.99 13.09 44.31
C LEU O 22 -8.79 14.03 44.24
N VAL O 23 -7.59 13.48 44.48
CA VAL O 23 -6.38 14.28 44.36
C VAL O 23 -6.20 14.77 42.93
N SER O 24 -6.49 13.90 41.96
CA SER O 24 -6.42 14.30 40.55
C SER O 24 -7.43 15.39 40.25
N ASN O 25 -8.62 15.30 40.82
CA ASN O 25 -9.63 16.35 40.62
C ASN O 25 -9.13 17.68 41.16
N ILE O 26 -8.52 17.66 42.34
CA ILE O 26 -7.97 18.89 42.90
C ILE O 26 -6.89 19.46 41.98
N SER O 27 -6.03 18.59 41.45
CA SER O 27 -4.98 19.05 40.55
C SER O 27 -5.58 19.65 39.28
N ALA O 28 -6.63 19.05 38.75
CA ALA O 28 -7.29 19.60 37.57
C ALA O 28 -7.88 20.97 37.86
N CYS O 29 -8.48 21.14 39.04
CA CYS O 29 -9.00 22.46 39.40
C CYS O 29 -7.88 23.47 39.51
N GLN O 30 -6.72 23.05 40.04
CA GLN O 30 -5.57 23.94 40.06
C GLN O 30 -5.15 24.35 38.66
N VAL O 31 -5.15 23.39 37.73
CA VAL O 31 -4.76 23.68 36.35
C VAL O 31 -5.71 24.69 35.73
N ILE O 32 -7.01 24.53 35.99
CA ILE O 32 -7.98 25.48 35.45
C ILE O 32 -7.77 26.87 36.05
N ALA O 33 -7.51 26.92 37.36
CA ALA O 33 -7.33 28.22 38.01
C ALA O 33 -6.10 28.95 37.48
N GLU O 34 -5.00 28.24 37.27
CA GLU O 34 -3.78 28.93 36.87
C GLU O 34 -3.87 29.50 35.47
N ALA O 35 -4.90 29.14 34.69
CA ALA O 35 -5.08 29.70 33.36
C ALA O 35 -5.73 31.07 33.38
N VAL O 36 -6.15 31.56 34.54
CA VAL O 36 -6.82 32.85 34.63
C VAL O 36 -6.19 33.66 35.75
N ARG O 37 -5.11 33.14 36.33
CA ARG O 37 -4.50 33.79 37.49
C ARG O 37 -3.98 35.17 37.15
N THR O 38 -3.28 35.30 36.02
CA THR O 38 -2.60 36.54 35.70
C THR O 38 -3.55 37.66 35.30
N THR O 39 -4.84 37.37 35.12
CA THR O 39 -5.81 38.36 34.68
C THR O 39 -6.55 38.99 35.86
N LEU O 40 -5.89 39.13 37.01
CA LEU O 40 -6.52 39.62 38.22
C LEU O 40 -5.90 40.95 38.63
N GLY O 41 -6.74 41.96 38.84
CA GLY O 41 -6.31 43.21 39.40
C GLY O 41 -5.89 44.24 38.38
N PRO O 42 -5.57 45.44 38.85
CA PRO O 42 -5.18 46.52 37.92
C PRO O 42 -3.91 46.23 37.15
N ARG O 43 -3.09 45.30 37.61
CA ARG O 43 -1.91 44.87 36.86
C ARG O 43 -2.15 43.58 36.09
N GLY O 44 -3.39 43.15 35.97
CA GLY O 44 -3.68 41.93 35.24
C GLY O 44 -3.44 42.08 33.75
N MET O 45 -3.30 40.94 33.09
CA MET O 45 -3.01 40.89 31.66
C MET O 45 -4.18 40.26 30.92
N ASP O 46 -4.05 40.17 29.61
CA ASP O 46 -5.08 39.62 28.74
C ASP O 46 -4.62 38.28 28.17
N LYS O 47 -5.59 37.45 27.83
CA LYS O 47 -5.32 36.15 27.21
C LYS O 47 -5.86 36.17 25.79
N LEU O 48 -5.15 35.53 24.88
CA LEU O 48 -5.56 35.40 23.49
C LEU O 48 -5.78 33.92 23.19
N ILE O 49 -6.99 33.58 22.77
CA ILE O 49 -7.35 32.21 22.45
C ILE O 49 -7.79 32.16 20.99
N VAL O 50 -7.21 31.23 20.24
CA VAL O 50 -7.54 31.04 18.83
C VAL O 50 -8.32 29.73 18.72
N ASP O 51 -9.52 29.81 18.16
CA ASP O 51 -10.32 28.61 17.98
C ASP O 51 -9.83 27.84 16.76
N GLY O 52 -10.53 26.74 16.46
CA GLY O 52 -10.16 25.95 15.29
C GLY O 52 -10.30 26.72 13.99
N ARG O 53 -11.28 27.60 13.92
CA ARG O 53 -11.52 28.39 12.71
C ARG O 53 -10.47 29.49 12.51
N GLY O 54 -9.61 29.73 13.49
CA GLY O 54 -8.61 30.77 13.39
C GLY O 54 -9.07 32.15 13.79
N LYS O 55 -10.28 32.27 14.34
CA LYS O 55 -10.80 33.55 14.80
C LYS O 55 -10.40 33.74 16.25
N ALA O 56 -9.45 34.63 16.48
CA ALA O 56 -8.91 34.83 17.82
C ALA O 56 -9.83 35.72 18.65
N THR O 57 -9.73 35.56 19.97
CA THR O 57 -10.44 36.39 20.92
C THR O 57 -9.48 36.81 22.03
N ILE O 58 -9.59 38.06 22.45
CA ILE O 58 -8.74 38.63 23.48
C ILE O 58 -9.63 39.11 24.61
N SER O 59 -9.33 38.69 25.83
CA SER O 59 -10.18 39.04 26.95
C SER O 59 -9.41 39.06 28.25
N ASN O 60 -9.83 39.95 29.14
CA ASN O 60 -9.41 39.97 30.54
C ASN O 60 -10.44 39.35 31.45
N ASP O 61 -11.56 38.88 30.90
CA ASP O 61 -12.68 38.40 31.69
C ASP O 61 -12.54 36.91 31.94
N GLY O 62 -12.62 36.52 33.22
CA GLY O 62 -12.39 35.12 33.56
C GLY O 62 -13.41 34.18 32.94
N ALA O 63 -14.68 34.57 32.98
CA ALA O 63 -15.72 33.71 32.43
C ALA O 63 -15.53 33.51 30.93
N THR O 64 -15.18 34.57 30.22
CA THR O 64 -14.96 34.45 28.78
C THR O 64 -13.79 33.51 28.48
N ILE O 65 -12.68 33.68 29.21
CA ILE O 65 -11.52 32.82 29.00
C ILE O 65 -11.87 31.37 29.26
N LEU O 66 -12.58 31.10 30.36
CA LEU O 66 -12.92 29.73 30.71
C LEU O 66 -13.86 29.12 29.70
N LYS O 67 -14.83 29.89 29.20
CA LYS O 67 -15.73 29.38 28.17
C LYS O 67 -14.98 29.07 26.89
N LEU O 68 -14.04 29.92 26.51
CA LEU O 68 -13.28 29.69 25.29
C LEU O 68 -12.33 28.51 25.41
N LEU O 69 -12.00 28.09 26.63
CA LEU O 69 -11.21 26.88 26.83
C LEU O 69 -12.13 25.67 26.70
N ASP O 70 -11.69 24.67 25.94
CA ASP O 70 -12.49 23.46 25.75
C ASP O 70 -12.20 22.48 26.88
N VAL O 71 -12.69 22.84 28.07
CA VAL O 71 -12.48 22.01 29.25
C VAL O 71 -13.34 20.76 29.15
N VAL O 72 -12.71 19.60 29.30
CA VAL O 72 -13.42 18.33 29.26
C VAL O 72 -13.28 17.54 30.55
N HIS O 73 -12.40 17.93 31.46
CA HIS O 73 -12.28 17.24 32.73
C HIS O 73 -13.56 17.42 33.51
N PRO O 74 -14.21 16.35 33.95
CA PRO O 74 -15.50 16.50 34.64
C PRO O 74 -15.40 17.34 35.90
N ALA O 75 -14.33 17.20 36.67
CA ALA O 75 -14.20 17.99 37.89
C ALA O 75 -13.81 19.43 37.60
N ALA O 76 -13.08 19.66 36.51
CA ALA O 76 -12.67 21.02 36.18
C ALA O 76 -13.81 21.85 35.63
N LYS O 77 -14.80 21.21 34.99
CA LYS O 77 -15.92 21.95 34.43
C LYS O 77 -16.75 22.65 35.50
N THR O 78 -16.65 22.20 36.74
CA THR O 78 -17.38 22.87 37.82
C THR O 78 -16.90 24.30 38.00
N LEU O 79 -15.60 24.53 37.86
CA LEU O 79 -15.08 25.90 37.98
C LEU O 79 -15.62 26.78 36.86
N VAL O 80 -15.67 26.25 35.64
CA VAL O 80 -16.25 27.02 34.53
C VAL O 80 -17.72 27.31 34.80
N ASP O 81 -18.44 26.32 35.35
CA ASP O 81 -19.85 26.52 35.64
C ASP O 81 -20.05 27.60 36.69
N ILE O 82 -19.23 27.60 37.75
CA ILE O 82 -19.41 28.62 38.79
C ILE O 82 -18.97 29.98 38.27
N ALA O 83 -18.00 30.03 37.36
CA ALA O 83 -17.66 31.30 36.72
C ALA O 83 -18.84 31.84 35.93
N LYS O 84 -19.50 30.97 35.15
CA LYS O 84 -20.69 31.40 34.43
C LYS O 84 -21.78 31.85 35.39
N SER O 85 -21.95 31.14 36.50
CA SER O 85 -22.98 31.49 37.48
C SER O 85 -22.70 32.85 38.10
N GLN O 86 -21.44 33.12 38.45
CA GLN O 86 -21.07 34.42 38.99
C GLN O 86 -21.28 35.52 37.97
N ASP O 87 -20.96 35.25 36.70
CA ASP O 87 -21.22 36.23 35.65
C ASP O 87 -22.71 36.51 35.51
N ALA O 88 -23.53 35.47 35.59
CA ALA O 88 -24.97 35.65 35.44
C ALA O 88 -25.57 36.42 36.60
N GLU O 89 -25.25 36.02 37.83
CA GLU O 89 -25.90 36.64 38.98
C GLU O 89 -25.34 38.03 39.27
N VAL O 90 -24.03 38.21 39.18
CA VAL O 90 -23.38 39.46 39.55
C VAL O 90 -22.79 40.18 38.35
N GLY O 91 -21.98 39.48 37.57
CA GLY O 91 -21.34 40.06 36.40
C GLY O 91 -19.89 40.43 36.59
N ASP O 92 -19.42 40.52 37.83
CA ASP O 92 -18.02 40.80 38.12
C ASP O 92 -17.54 39.82 39.18
N GLY O 93 -16.24 39.53 39.15
CA GLY O 93 -15.68 38.56 40.06
C GLY O 93 -15.55 37.17 39.50
N THR O 94 -15.61 37.01 38.18
CA THR O 94 -15.53 35.69 37.58
C THR O 94 -14.15 35.06 37.73
N THR O 95 -13.14 35.85 38.07
CA THR O 95 -11.81 35.30 38.36
C THR O 95 -11.68 34.93 39.83
N SER O 96 -12.27 35.74 40.70
CA SER O 96 -12.18 35.50 42.13
C SER O 96 -12.83 34.18 42.51
N VAL O 97 -13.96 33.84 41.87
CA VAL O 97 -14.64 32.59 42.20
C VAL O 97 -13.73 31.40 41.92
N THR O 98 -13.12 31.37 40.74
CA THR O 98 -12.26 30.24 40.39
C THR O 98 -11.03 30.19 41.28
N LEU O 99 -10.40 31.34 41.53
CA LEU O 99 -9.23 31.35 42.39
C LEU O 99 -9.57 30.87 43.79
N LEU O 100 -10.69 31.32 44.35
CA LEU O 100 -11.08 30.91 45.69
C LEU O 100 -11.39 29.42 45.74
N ALA O 101 -12.12 28.90 44.75
CA ALA O 101 -12.46 27.49 44.76
C ALA O 101 -11.21 26.62 44.68
N ALA O 102 -10.32 26.95 43.74
CA ALA O 102 -9.10 26.17 43.63
C ALA O 102 -8.23 26.29 44.87
N GLU O 103 -8.22 27.46 45.51
CA GLU O 103 -7.41 27.60 46.71
C GLU O 103 -7.99 26.80 47.87
N PHE O 104 -9.32 26.76 48.00
CA PHE O 104 -9.93 25.88 48.99
C PHE O 104 -9.50 24.44 48.77
N LEU O 105 -9.60 23.98 47.52
CA LEU O 105 -9.26 22.59 47.23
C LEU O 105 -7.79 22.33 47.51
N LYS O 106 -6.91 23.25 47.12
CA LYS O 106 -5.49 23.07 47.37
C LYS O 106 -5.19 23.04 48.85
N GLN O 107 -5.86 23.88 49.63
CA GLN O 107 -5.63 23.91 51.06
C GLN O 107 -6.04 22.61 51.73
N VAL O 108 -7.17 22.02 51.32
CA VAL O 108 -7.61 20.78 51.94
C VAL O 108 -7.00 19.54 51.29
N LYS O 109 -6.23 19.69 50.22
CA LYS O 109 -5.59 18.54 49.60
C LYS O 109 -4.73 17.72 50.57
N PRO O 110 -3.85 18.31 51.38
CA PRO O 110 -3.05 17.47 52.30
C PRO O 110 -3.91 16.65 53.26
N TYR O 111 -5.01 17.22 53.75
CA TYR O 111 -5.87 16.47 54.66
C TYR O 111 -6.56 15.32 53.94
N VAL O 112 -6.95 15.53 52.68
CA VAL O 112 -7.53 14.45 51.91
C VAL O 112 -6.52 13.34 51.71
N GLU O 113 -5.27 13.71 51.44
CA GLU O 113 -4.24 12.70 51.17
C GLU O 113 -4.04 11.77 52.36
N GLU O 114 -4.27 12.26 53.58
CA GLU O 114 -4.04 11.46 54.78
C GLU O 114 -5.33 10.82 55.29
N GLY O 115 -6.31 10.60 54.43
CA GLY O 115 -7.46 9.79 54.79
C GLY O 115 -8.55 10.49 55.58
N LEU O 116 -8.55 11.82 55.63
CA LEU O 116 -9.62 12.52 56.31
C LEU O 116 -10.94 12.32 55.58
N HIS O 117 -12.01 12.13 56.33
CA HIS O 117 -13.31 11.87 55.73
C HIS O 117 -13.84 13.13 55.06
N PRO O 118 -14.18 13.09 53.78
CA PRO O 118 -14.59 14.32 53.08
C PRO O 118 -15.84 14.98 53.64
N GLN O 119 -16.71 14.25 54.33
CA GLN O 119 -17.89 14.87 54.92
C GLN O 119 -17.50 15.92 55.94
N ILE O 120 -16.42 15.67 56.69
CA ILE O 120 -15.94 16.65 57.66
C ILE O 120 -15.49 17.92 56.95
N ILE O 121 -14.77 17.77 55.84
CA ILE O 121 -14.33 18.93 55.08
C ILE O 121 -15.51 19.71 54.55
N ILE O 122 -16.54 19.00 54.08
CA ILE O 122 -17.72 19.67 53.54
C ILE O 122 -18.43 20.46 54.63
N ARG O 123 -18.60 19.84 55.80
CA ARG O 123 -19.24 20.54 56.91
C ARG O 123 -18.44 21.77 57.33
N ALA O 124 -17.12 21.63 57.37
CA ALA O 124 -16.28 22.76 57.75
C ALA O 124 -16.39 23.90 56.75
N PHE O 125 -16.38 23.57 55.45
CA PHE O 125 -16.55 24.61 54.44
C PHE O 125 -17.90 25.31 54.58
N ARG O 126 -18.97 24.55 54.81
CA ARG O 126 -20.28 25.17 54.93
C ARG O 126 -20.34 26.08 56.15
N THR O 127 -19.78 25.64 57.28
CA THR O 127 -19.78 26.48 58.48
C THR O 127 -19.00 27.77 58.22
N ALA O 128 -17.81 27.65 57.65
CA ALA O 128 -16.98 28.82 57.40
C ALA O 128 -17.65 29.77 56.42
N THR O 129 -18.29 29.24 55.38
CA THR O 129 -18.96 30.08 54.40
C THR O 129 -20.13 30.82 55.02
N GLN O 130 -20.92 30.15 55.85
CA GLN O 130 -22.02 30.83 56.52
C GLN O 130 -21.50 31.95 57.41
N LEU O 131 -20.44 31.68 58.18
CA LEU O 131 -19.89 32.71 59.04
C LEU O 131 -19.35 33.88 58.23
N ALA O 132 -18.67 33.60 57.12
CA ALA O 132 -18.09 34.67 56.31
C ALA O 132 -19.16 35.52 55.66
N VAL O 133 -20.24 34.90 55.17
CA VAL O 133 -21.32 35.66 54.57
C VAL O 133 -21.98 36.55 55.62
N ASN O 134 -22.21 36.00 56.81
CA ASN O 134 -22.79 36.83 57.87
C ASN O 134 -21.88 37.99 58.23
N LYS O 135 -20.57 37.75 58.28
CA LYS O 135 -19.63 38.83 58.57
C LYS O 135 -19.65 39.89 57.48
N ILE O 136 -19.73 39.48 56.22
CA ILE O 136 -19.80 40.44 55.12
C ILE O 136 -21.05 41.29 55.26
N LYS O 137 -22.18 40.66 55.54
CA LYS O 137 -23.42 41.42 55.71
C LYS O 137 -23.32 42.37 56.88
N GLU O 138 -22.64 41.96 57.95
CA GLU O 138 -22.58 42.78 59.16
C GLU O 138 -21.67 44.00 58.95
N ILE O 139 -20.49 43.80 58.37
CA ILE O 139 -19.49 44.87 58.33
C ILE O 139 -19.56 45.71 57.06
N ALA O 140 -20.41 45.35 56.10
CA ALA O 140 -20.53 46.13 54.89
C ALA O 140 -21.03 47.54 55.21
N VAL O 141 -20.41 48.54 54.60
CA VAL O 141 -20.73 49.93 54.86
C VAL O 141 -21.87 50.35 53.95
N THR O 142 -22.97 50.80 54.55
CA THR O 142 -24.12 51.32 53.82
C THR O 142 -24.41 52.73 54.32
N VAL O 143 -24.81 53.59 53.40
CA VAL O 143 -25.10 54.99 53.72
C VAL O 143 -26.61 55.18 53.65
N LYS O 144 -27.22 55.45 54.80
CA LYS O 144 -28.66 55.65 54.89
C LYS O 144 -29.00 57.14 54.88
N LYS O 145 -28.55 57.82 53.83
CA LYS O 145 -28.85 59.23 53.63
C LYS O 145 -29.77 59.49 52.44
N ALA O 146 -29.81 58.59 51.46
CA ALA O 146 -30.63 58.75 50.26
C ALA O 146 -30.31 60.07 49.56
N ASP O 147 -29.04 60.44 49.52
CA ASP O 147 -28.60 61.66 48.87
C ASP O 147 -28.22 61.33 47.42
N LYS O 148 -28.77 62.12 46.49
CA LYS O 148 -28.56 61.83 45.08
C LYS O 148 -27.10 61.99 44.69
N VAL O 149 -26.44 63.04 45.17
CA VAL O 149 -25.02 63.22 44.86
C VAL O 149 -24.19 62.09 45.48
N GLU O 150 -24.51 61.71 46.72
CA GLU O 150 -23.77 60.63 47.36
C GLU O 150 -23.98 59.32 46.63
N GLN O 151 -25.21 59.03 46.23
CA GLN O 151 -25.49 57.80 45.49
C GLN O 151 -24.76 57.79 44.16
N ARG O 152 -24.76 58.92 43.46
CA ARG O 152 -24.05 59.00 42.18
C ARG O 152 -22.56 58.79 42.37
N LYS O 153 -21.99 59.38 43.42
CA LYS O 153 -20.56 59.18 43.68
C LYS O 153 -20.26 57.73 44.02
N LEU O 154 -21.13 57.09 44.80
CA LEU O 154 -20.94 55.68 45.11
C LEU O 154 -20.96 54.83 43.85
N LEU O 155 -21.94 55.08 42.98
CA LEU O 155 -22.02 54.32 41.73
C LEU O 155 -20.79 54.55 40.87
N GLU O 156 -20.34 55.79 40.77
CA GLU O 156 -19.16 56.08 39.97
C GLU O 156 -17.92 55.40 40.52
N LYS O 157 -17.74 55.41 41.84
CA LYS O 157 -16.59 54.75 42.43
C LYS O 157 -16.64 53.24 42.21
N CYS O 158 -17.83 52.64 42.36
CA CYS O 158 -17.95 51.21 42.12
C CYS O 158 -17.64 50.86 40.66
N ALA O 159 -18.14 51.68 39.74
CA ALA O 159 -17.85 51.43 38.32
C ALA O 159 -16.37 51.59 38.03
N MET O 160 -15.73 52.59 38.63
CA MET O 160 -14.29 52.77 38.43
C MET O 160 -13.52 51.57 38.95
N THR O 161 -13.88 51.07 40.13
CA THR O 161 -13.20 49.90 40.67
C THR O 161 -13.41 48.69 39.77
N ALA O 162 -14.62 48.51 39.26
CA ALA O 162 -14.88 47.39 38.36
C ALA O 162 -14.11 47.53 37.06
N LEU O 163 -13.86 48.75 36.62
CA LEU O 163 -13.22 48.98 35.33
C LEU O 163 -11.71 49.05 35.41
N SER O 164 -11.13 49.22 36.60
CA SER O 164 -9.69 49.43 36.68
C SER O 164 -8.94 48.11 36.62
N SER O 165 -9.26 47.28 35.64
CA SER O 165 -8.48 46.10 35.34
C SER O 165 -8.43 45.79 33.85
N LYS O 166 -9.02 46.62 33.00
CA LYS O 166 -9.18 46.37 31.59
C LYS O 166 -8.34 47.33 30.78
N LEU O 167 -8.36 47.17 29.46
CA LEU O 167 -7.60 48.08 28.61
C LEU O 167 -8.20 49.47 28.55
N ILE O 168 -9.41 49.65 29.06
CA ILE O 168 -10.01 50.97 29.16
C ILE O 168 -9.77 51.60 30.53
N SER O 169 -8.82 51.07 31.30
CA SER O 169 -8.58 51.56 32.65
C SER O 169 -7.98 52.96 32.66
N GLN O 170 -7.31 53.37 31.59
CA GLN O 170 -6.75 54.73 31.55
C GLN O 170 -7.84 55.78 31.53
N GLN O 171 -8.93 55.51 30.82
CA GLN O 171 -10.09 56.40 30.77
C GLN O 171 -11.22 55.88 31.63
N LYS O 172 -10.87 55.31 32.79
CA LYS O 172 -11.88 54.66 33.62
C LYS O 172 -12.84 55.67 34.23
N ALA O 173 -12.36 56.86 34.56
CA ALA O 173 -13.27 57.88 35.10
C ALA O 173 -14.29 58.29 34.06
N PHE O 174 -13.83 58.54 32.83
CA PHE O 174 -14.71 58.91 31.73
C PHE O 174 -15.74 57.82 31.48
N PHE O 175 -15.28 56.58 31.36
CA PHE O 175 -16.19 55.48 31.07
C PHE O 175 -17.14 55.21 32.23
N ALA O 176 -16.69 55.35 33.47
CA ALA O 176 -17.57 55.13 34.61
C ALA O 176 -18.64 56.19 34.67
N LYS O 177 -18.30 57.45 34.39
CA LYS O 177 -19.32 58.48 34.33
C LYS O 177 -20.34 58.17 33.25
N MET O 178 -19.86 57.73 32.08
CA MET O 178 -20.80 57.38 31.00
C MET O 178 -21.70 56.23 31.40
N VAL O 179 -21.13 55.20 32.06
CA VAL O 179 -21.93 54.04 32.46
C VAL O 179 -22.97 54.43 33.48
N VAL O 180 -22.59 55.24 34.47
CA VAL O 180 -23.56 55.64 35.49
C VAL O 180 -24.69 56.46 34.86
N ASP O 181 -24.34 57.39 33.98
CA ASP O 181 -25.37 58.18 33.31
C ASP O 181 -26.28 57.30 32.47
N ALA O 182 -25.71 56.30 31.80
CA ALA O 182 -26.52 55.40 30.99
C ALA O 182 -27.48 54.59 31.85
N VAL O 183 -26.99 54.04 32.95
CA VAL O 183 -27.82 53.16 33.77
C VAL O 183 -28.91 53.96 34.46
N MET O 184 -28.61 55.17 34.91
CA MET O 184 -29.62 55.91 35.65
C MET O 184 -30.82 56.33 34.80
N MET O 185 -30.74 56.21 33.48
CA MET O 185 -31.89 56.55 32.66
C MET O 185 -32.86 55.40 32.46
N LEU O 186 -32.48 54.18 32.84
CA LEU O 186 -33.42 53.07 32.79
C LEU O 186 -34.46 53.21 33.90
N ASP O 187 -35.68 52.75 33.62
CA ASP O 187 -36.81 53.17 34.44
C ASP O 187 -36.93 52.36 35.74
N ASP O 188 -37.28 51.07 35.63
CA ASP O 188 -37.47 50.26 36.82
C ASP O 188 -36.89 48.86 36.74
N LEU O 189 -36.79 48.26 35.55
CA LEU O 189 -36.27 46.91 35.43
C LEU O 189 -34.79 46.88 35.07
N LEU O 190 -34.24 47.99 34.59
CA LEU O 190 -32.84 48.08 34.20
C LEU O 190 -32.48 46.98 33.22
N GLN O 191 -33.33 46.80 32.22
CA GLN O 191 -33.11 45.77 31.22
C GLN O 191 -31.90 46.11 30.37
N LEU O 192 -31.06 45.10 30.13
CA LEU O 192 -29.83 45.33 29.36
C LEU O 192 -30.13 45.69 27.92
N LYS O 193 -31.21 45.14 27.36
CA LYS O 193 -31.56 45.43 25.96
C LYS O 193 -31.93 46.88 25.73
N MET O 194 -32.20 47.64 26.79
CA MET O 194 -32.47 49.07 26.67
C MET O 194 -31.20 49.91 26.63
N ILE O 195 -30.04 49.29 26.72
CA ILE O 195 -28.76 49.99 26.58
C ILE O 195 -28.10 49.43 25.31
N GLY O 196 -28.26 50.14 24.21
CA GLY O 196 -27.60 49.73 22.98
C GLY O 196 -26.11 49.95 23.05
N ILE O 197 -25.37 49.08 22.37
CA ILE O 197 -23.92 49.17 22.30
C ILE O 197 -23.51 48.95 20.85
N LYS O 198 -23.05 50.03 20.20
CA LYS O 198 -22.62 49.98 18.82
C LYS O 198 -21.10 50.11 18.77
N LYS O 199 -20.46 49.24 17.99
CA LYS O 199 -19.02 49.27 17.83
C LYS O 199 -18.70 49.77 16.43
N VAL O 200 -18.01 50.91 16.36
CA VAL O 200 -17.62 51.51 15.09
C VAL O 200 -16.11 51.58 15.05
N GLN O 201 -15.52 50.91 14.08
CA GLN O 201 -14.07 50.79 14.00
C GLN O 201 -13.43 52.14 13.66
N GLY O 202 -12.24 52.35 14.18
CA GLY O 202 -11.51 53.57 13.93
C GLY O 202 -11.80 54.65 14.94
N GLY O 203 -10.76 55.35 15.39
CA GLY O 203 -10.92 56.41 16.36
C GLY O 203 -10.35 56.02 17.71
N ALA O 204 -10.08 57.04 18.52
CA ALA O 204 -9.52 56.83 19.84
C ALA O 204 -10.62 56.39 20.81
N LEU O 205 -10.19 55.86 21.96
CA LEU O 205 -11.15 55.46 22.99
C LEU O 205 -11.93 56.67 23.50
N GLU O 206 -11.25 57.81 23.64
CA GLU O 206 -11.92 59.02 24.12
C GLU O 206 -12.95 59.54 23.13
N ASP O 207 -12.96 59.03 21.90
CA ASP O 207 -14.01 59.39 20.95
C ASP O 207 -15.32 58.66 21.21
N SER O 208 -15.33 57.68 22.11
CA SER O 208 -16.56 56.99 22.45
C SER O 208 -17.53 57.99 23.07
N GLN O 209 -18.82 57.82 22.77
CA GLN O 209 -19.84 58.73 23.23
C GLN O 209 -21.08 57.98 23.65
N LEU O 210 -21.86 58.59 24.53
CA LEU O 210 -23.16 58.09 24.94
C LEU O 210 -24.21 59.07 24.45
N VAL O 211 -25.17 58.57 23.67
CA VAL O 211 -26.22 59.41 23.11
C VAL O 211 -27.46 59.27 23.98
N ALA O 212 -28.03 60.41 24.38
CA ALA O 212 -29.26 60.43 25.15
C ALA O 212 -30.45 60.26 24.21
N GLY O 213 -30.55 59.04 23.67
CA GLY O 213 -31.55 58.75 22.66
C GLY O 213 -31.32 57.39 22.05
N VAL O 214 -31.30 57.31 20.72
CA VAL O 214 -31.06 56.05 20.04
C VAL O 214 -30.29 56.34 18.77
N ALA O 215 -29.39 55.43 18.40
CA ALA O 215 -28.61 55.53 17.18
C ALA O 215 -28.43 54.14 16.60
N PHE O 216 -28.46 54.06 15.27
CA PHE O 216 -28.24 52.78 14.60
C PHE O 216 -27.71 53.04 13.20
N LYS O 217 -27.14 52.00 12.61
CA LYS O 217 -26.51 52.11 11.31
C LYS O 217 -27.56 52.28 10.21
N LYS O 218 -27.14 52.94 9.13
CA LYS O 218 -28.00 53.06 7.96
C LYS O 218 -28.21 51.70 7.32
N THR O 219 -29.44 51.42 6.92
CA THR O 219 -29.87 50.07 6.54
C THR O 219 -30.32 50.02 5.08
N PHE O 220 -29.36 49.80 4.19
CA PHE O 220 -29.61 49.48 2.77
C PHE O 220 -30.66 50.41 2.15
N SER O 221 -30.27 51.67 2.02
CA SER O 221 -31.10 52.63 1.33
C SER O 221 -31.30 52.25 -0.13
N TYR O 222 -32.48 52.52 -0.66
CA TYR O 222 -32.79 52.25 -2.06
C TYR O 222 -32.44 53.46 -2.91
N ALA O 223 -32.81 53.42 -4.18
CA ALA O 223 -32.57 54.55 -5.07
C ALA O 223 -33.46 55.72 -4.69
N GLY O 224 -32.94 56.92 -4.88
CA GLY O 224 -33.64 58.12 -4.49
C GLY O 224 -33.55 58.47 -3.03
N PHE O 225 -32.75 57.73 -2.26
CA PHE O 225 -32.61 58.03 -0.84
C PHE O 225 -31.76 59.27 -0.61
N GLU O 226 -30.73 59.46 -1.42
CA GLU O 226 -29.83 60.59 -1.23
C GLU O 226 -30.53 61.93 -1.47
N MET O 227 -31.71 61.93 -2.06
CA MET O 227 -32.45 63.16 -2.29
C MET O 227 -33.27 63.58 -1.07
N GLN O 228 -33.28 62.79 -0.01
CA GLN O 228 -34.01 63.13 1.20
C GLN O 228 -33.15 64.01 2.11
N PRO O 229 -33.75 64.98 2.80
CA PRO O 229 -32.98 65.77 3.76
C PRO O 229 -32.52 64.90 4.91
N LYS O 230 -31.38 65.28 5.49
CA LYS O 230 -30.71 64.48 6.51
C LYS O 230 -30.61 65.21 7.83
N LYS O 231 -31.50 66.15 8.10
CA LYS O 231 -31.52 66.84 9.38
C LYS O 231 -32.87 67.49 9.58
N TYR O 232 -33.47 67.28 10.74
CA TYR O 232 -34.75 67.86 11.10
C TYR O 232 -34.67 68.41 12.52
N HIS O 233 -35.29 69.57 12.74
CA HIS O 233 -35.16 70.26 14.02
C HIS O 233 -36.32 70.00 14.97
N ASN O 234 -37.38 69.35 14.53
CA ASN O 234 -38.41 68.83 15.43
C ASN O 234 -39.22 67.75 14.74
N PRO O 235 -38.59 66.66 14.32
CA PRO O 235 -39.32 65.66 13.53
C PRO O 235 -40.31 64.89 14.38
N LYS O 236 -41.35 64.40 13.73
CA LYS O 236 -42.26 63.42 14.30
C LYS O 236 -41.96 62.08 13.64
N ILE O 237 -41.77 61.05 14.45
CA ILE O 237 -41.27 59.76 13.96
C ILE O 237 -42.42 58.78 13.92
N ALA O 238 -42.58 58.12 12.77
CA ALA O 238 -43.64 57.14 12.56
C ALA O 238 -43.01 55.75 12.66
N LEU O 239 -43.04 55.18 13.86
CA LEU O 239 -42.54 53.82 14.05
C LEU O 239 -43.54 52.84 13.47
N LEU O 240 -43.10 52.02 12.51
CA LEU O 240 -44.00 51.17 11.77
C LEU O 240 -43.46 49.75 11.69
N ASN O 241 -44.37 48.81 11.60
CA ASN O 241 -44.08 47.43 11.19
C ASN O 241 -44.94 47.17 9.95
N VAL O 242 -44.47 47.65 8.81
CA VAL O 242 -45.24 47.66 7.57
C VAL O 242 -44.28 47.52 6.41
N GLU O 243 -44.66 46.73 5.42
CA GLU O 243 -43.89 46.60 4.19
C GLU O 243 -44.48 47.56 3.16
N LEU O 244 -43.76 48.65 2.89
CA LEU O 244 -44.22 49.66 1.95
C LEU O 244 -43.59 49.35 0.58
N GLU O 245 -44.15 48.34 -0.08
CA GLU O 245 -43.66 47.90 -1.37
C GLU O 245 -44.84 47.51 -2.25
N LEU O 246 -44.61 47.51 -3.55
CA LEU O 246 -45.57 46.95 -4.50
C LEU O 246 -45.41 45.43 -4.51
N LYS O 247 -46.44 44.72 -4.10
CA LYS O 247 -46.36 43.27 -3.98
C LYS O 247 -47.76 42.70 -4.10
N ALA O 248 -47.82 41.37 -4.12
CA ALA O 248 -49.11 40.70 -4.07
C ALA O 248 -49.81 41.02 -2.76
N GLU O 249 -51.13 41.18 -2.82
CA GLU O 249 -51.89 41.47 -1.61
C GLU O 249 -51.74 40.35 -0.60
N LYS O 250 -51.82 39.11 -1.06
CA LYS O 250 -51.55 37.95 -0.21
C LYS O 250 -50.88 36.88 -1.08
N ASP O 251 -50.12 36.00 -0.42
CA ASP O 251 -49.42 34.96 -1.15
C ASP O 251 -50.37 34.00 -1.85
N ASN O 252 -51.54 33.78 -1.27
CA ASN O 252 -52.54 32.90 -1.85
C ASN O 252 -53.62 33.65 -2.61
N ALA O 253 -53.43 34.95 -2.84
CA ALA O 253 -54.42 35.73 -3.59
C ALA O 253 -54.24 35.49 -5.08
N GLU O 254 -55.35 35.25 -5.77
CA GLU O 254 -55.34 35.11 -7.22
C GLU O 254 -56.39 36.02 -7.81
N ILE O 255 -56.00 36.80 -8.83
CA ILE O 255 -56.89 37.73 -9.48
C ILE O 255 -57.33 37.13 -10.81
N ARG O 256 -58.64 37.08 -11.03
CA ARG O 256 -59.21 36.50 -12.24
C ARG O 256 -60.07 37.57 -12.92
N VAL O 257 -59.64 38.02 -14.10
CA VAL O 257 -60.38 39.02 -14.86
C VAL O 257 -60.51 38.53 -16.30
N HIS O 258 -61.50 39.08 -17.00
CA HIS O 258 -61.75 38.72 -18.39
C HIS O 258 -61.99 39.93 -19.26
N THR O 259 -61.46 41.09 -18.87
CA THR O 259 -61.63 42.32 -19.64
C THR O 259 -60.39 43.19 -19.43
N VAL O 260 -59.95 43.85 -20.49
CA VAL O 260 -58.77 44.72 -20.39
C VAL O 260 -59.05 45.87 -19.45
N GLU O 261 -60.28 46.37 -19.42
CA GLU O 261 -60.64 47.41 -18.47
C GLU O 261 -60.41 46.95 -17.04
N ASP O 262 -60.79 45.71 -16.73
CA ASP O 262 -60.54 45.16 -15.41
C ASP O 262 -59.05 44.98 -15.15
N TYR O 263 -58.28 44.64 -16.19
CA TYR O 263 -56.83 44.55 -16.04
C TYR O 263 -56.23 45.89 -15.62
N GLN O 264 -56.60 46.95 -16.33
CA GLN O 264 -56.12 48.28 -15.97
C GLN O 264 -56.60 48.67 -14.58
N ALA O 265 -57.84 48.34 -14.25
CA ALA O 265 -58.38 48.67 -12.93
C ALA O 265 -57.60 47.94 -11.84
N ILE O 266 -57.22 46.69 -12.08
CA ILE O 266 -56.45 45.95 -11.09
C ILE O 266 -55.07 46.59 -10.88
N VAL O 267 -54.40 46.96 -11.97
CA VAL O 267 -53.10 47.60 -11.84
C VAL O 267 -53.21 48.90 -11.06
N ASP O 268 -54.20 49.72 -11.43
CA ASP O 268 -54.42 50.98 -10.72
C ASP O 268 -54.81 50.75 -9.27
N ALA O 269 -55.51 49.65 -8.98
CA ALA O 269 -55.89 49.36 -7.61
C ALA O 269 -54.67 49.02 -6.76
N GLU O 270 -53.74 48.24 -7.30
CA GLU O 270 -52.50 47.98 -6.56
C GLU O 270 -51.75 49.28 -6.29
N TRP O 271 -51.62 50.12 -7.33
CA TRP O 271 -50.93 51.39 -7.14
C TRP O 271 -51.65 52.25 -6.12
N ASN O 272 -52.98 52.25 -6.14
CA ASN O 272 -53.75 53.06 -5.22
C ASN O 272 -53.64 52.56 -3.80
N ILE O 273 -53.53 51.24 -3.61
CA ILE O 273 -53.31 50.71 -2.26
C ILE O 273 -51.99 51.24 -1.71
N LEU O 274 -50.92 51.12 -2.50
CA LEU O 274 -49.63 51.60 -2.01
C LEU O 274 -49.67 53.09 -1.73
N TYR O 275 -50.27 53.87 -2.65
CA TYR O 275 -50.31 55.31 -2.46
C TYR O 275 -51.21 55.71 -1.31
N ASP O 276 -52.24 54.91 -1.02
CA ASP O 276 -53.08 55.20 0.14
C ASP O 276 -52.30 55.01 1.44
N LYS O 277 -51.53 53.92 1.53
CA LYS O 277 -50.68 53.76 2.71
C LYS O 277 -49.71 54.92 2.85
N LEU O 278 -49.05 55.27 1.75
CA LEU O 278 -48.07 56.35 1.80
C LEU O 278 -48.72 57.68 2.15
N GLU O 279 -49.91 57.95 1.62
CA GLU O 279 -50.58 59.21 1.88
C GLU O 279 -51.04 59.29 3.33
N LYS O 280 -51.51 58.17 3.90
CA LYS O 280 -51.85 58.18 5.32
C LYS O 280 -50.62 58.47 6.17
N ILE O 281 -49.49 57.86 5.83
CA ILE O 281 -48.26 58.13 6.57
C ILE O 281 -47.89 59.60 6.47
N HIS O 282 -47.96 60.16 5.25
CA HIS O 282 -47.58 61.55 5.06
C HIS O 282 -48.52 62.50 5.79
N HIS O 283 -49.83 62.24 5.74
CA HIS O 283 -50.79 63.10 6.40
C HIS O 283 -50.81 62.90 7.91
N SER O 284 -50.15 61.86 8.42
CA SER O 284 -49.98 61.75 9.86
C SER O 284 -49.14 62.88 10.43
N GLY O 285 -48.43 63.61 9.59
CA GLY O 285 -47.58 64.69 10.03
C GLY O 285 -46.15 64.30 10.33
N ALA O 286 -45.82 63.02 10.24
CA ALA O 286 -44.46 62.58 10.54
C ALA O 286 -43.49 63.02 9.46
N LYS O 287 -42.23 63.15 9.84
CA LYS O 287 -41.15 63.48 8.92
C LYS O 287 -40.13 62.38 8.77
N VAL O 288 -39.91 61.57 9.80
CA VAL O 288 -39.01 60.44 9.76
C VAL O 288 -39.84 59.17 9.85
N VAL O 289 -39.63 58.25 8.91
CA VAL O 289 -40.38 57.01 8.85
C VAL O 289 -39.40 55.84 8.99
N LEU O 290 -39.63 54.99 9.99
CA LEU O 290 -38.82 53.81 10.20
C LEU O 290 -39.72 52.59 10.23
N SER O 291 -39.30 51.53 9.55
CA SER O 291 -40.10 50.32 9.45
C SER O 291 -39.25 49.10 9.79
N LYS O 292 -39.84 48.18 10.55
CA LYS O 292 -39.22 46.89 10.80
C LYS O 292 -39.15 46.05 9.53
N LEU O 293 -39.97 46.36 8.54
CA LEU O 293 -40.07 45.65 7.28
C LEU O 293 -39.50 46.48 6.15
N PRO O 294 -39.16 45.86 5.01
CA PRO O 294 -38.54 46.62 3.92
C PRO O 294 -39.43 47.74 3.41
N ILE O 295 -38.79 48.82 2.98
CA ILE O 295 -39.45 49.95 2.34
C ILE O 295 -38.89 50.05 0.93
N GLY O 296 -39.76 49.97 -0.07
CA GLY O 296 -39.34 49.88 -1.45
C GLY O 296 -38.84 51.18 -2.01
N ASP O 297 -38.35 51.10 -3.25
CA ASP O 297 -37.82 52.28 -3.92
C ASP O 297 -38.93 53.28 -4.23
N VAL O 298 -40.13 52.78 -4.55
CA VAL O 298 -41.25 53.67 -4.84
C VAL O 298 -41.58 54.52 -3.62
N ALA O 299 -41.65 53.88 -2.44
CA ALA O 299 -41.93 54.62 -1.22
C ALA O 299 -40.79 55.56 -0.87
N THR O 300 -39.54 55.14 -1.11
CA THR O 300 -38.40 56.01 -0.84
C THR O 300 -38.47 57.28 -1.68
N GLN O 301 -38.78 57.14 -2.98
CA GLN O 301 -38.89 58.30 -3.84
C GLN O 301 -40.10 59.15 -3.46
N TYR O 302 -41.20 58.50 -3.04
CA TYR O 302 -42.37 59.24 -2.59
C TYR O 302 -42.02 60.12 -1.39
N PHE O 303 -41.29 59.56 -0.43
CA PHE O 303 -40.91 60.31 0.75
C PHE O 303 -39.87 61.37 0.43
N ALA O 304 -38.99 61.10 -0.54
CA ALA O 304 -38.05 62.11 -0.98
C ALA O 304 -38.77 63.32 -1.58
N ASP O 305 -39.82 63.06 -2.38
CA ASP O 305 -40.58 64.14 -2.97
C ASP O 305 -41.30 64.98 -1.92
N ARG O 306 -41.51 64.44 -0.73
CA ARG O 306 -42.18 65.16 0.35
C ARG O 306 -41.20 65.68 1.40
N ASP O 307 -39.90 65.66 1.11
CA ASP O 307 -38.87 66.09 2.05
C ASP O 307 -38.95 65.30 3.35
N MET O 308 -39.14 63.99 3.23
CA MET O 308 -39.25 63.09 4.37
C MET O 308 -38.08 62.12 4.38
N PHE O 309 -37.88 61.48 5.53
CA PHE O 309 -36.81 60.50 5.69
C PHE O 309 -37.42 59.12 5.92
N CYS O 310 -36.88 58.13 5.23
CA CYS O 310 -37.36 56.76 5.35
C CYS O 310 -36.20 55.82 5.59
N ALA O 311 -36.47 54.74 6.32
CA ALA O 311 -35.46 53.72 6.60
C ALA O 311 -36.17 52.41 6.85
N GLY O 312 -35.84 51.39 6.06
CA GLY O 312 -36.46 50.09 6.18
C GLY O 312 -35.50 49.05 6.74
N ARG O 313 -36.06 47.90 7.10
CA ARG O 313 -35.32 46.79 7.68
C ARG O 313 -34.56 47.19 8.93
N VAL O 314 -35.11 48.13 9.69
CA VAL O 314 -34.49 48.50 10.96
C VAL O 314 -34.59 47.33 11.93
N PRO O 315 -33.51 46.96 12.60
CA PRO O 315 -33.58 45.81 13.53
C PRO O 315 -34.59 46.06 14.64
N GLU O 316 -35.18 44.97 15.12
CA GLU O 316 -36.27 45.08 16.08
C GLU O 316 -35.81 45.75 17.37
N GLU O 317 -34.61 45.41 17.85
CA GLU O 317 -34.10 46.01 19.07
C GLU O 317 -33.95 47.52 18.92
N ASP O 318 -33.45 47.96 17.75
CA ASP O 318 -33.32 49.39 17.51
C ASP O 318 -34.69 50.07 17.49
N LEU O 319 -35.69 49.42 16.92
CA LEU O 319 -37.03 49.99 16.93
C LEU O 319 -37.58 50.10 18.35
N LYS O 320 -37.35 49.09 19.18
CA LYS O 320 -37.81 49.16 20.57
C LYS O 320 -37.11 50.29 21.32
N ARG O 321 -35.80 50.44 21.10
CA ARG O 321 -35.07 51.53 21.73
C ARG O 321 -35.60 52.88 21.25
N THR O 322 -35.93 52.99 19.96
CA THR O 322 -36.49 54.23 19.44
C THR O 322 -37.85 54.51 20.08
N MET O 323 -38.66 53.47 20.26
CA MET O 323 -39.91 53.61 21.00
C MET O 323 -39.67 54.18 22.38
N MET O 324 -38.71 53.61 23.10
CA MET O 324 -38.48 54.03 24.48
C MET O 324 -37.93 55.43 24.55
N ALA O 325 -37.08 55.81 23.58
CA ALA O 325 -36.48 57.14 23.59
C ALA O 325 -37.46 58.22 23.17
N CYS O 326 -38.26 57.96 22.13
CA CYS O 326 -39.12 59.00 21.57
C CYS O 326 -40.53 58.97 22.14
N GLY O 327 -41.06 57.77 22.41
CA GLY O 327 -42.35 57.68 23.04
C GLY O 327 -43.51 57.52 22.09
N GLY O 328 -43.39 56.60 21.13
CA GLY O 328 -44.47 56.31 20.22
C GLY O 328 -44.99 54.91 20.39
N SER O 329 -45.32 54.26 19.28
CA SER O 329 -45.75 52.87 19.30
C SER O 329 -45.55 52.29 17.91
N ILE O 330 -45.03 51.07 17.86
CA ILE O 330 -44.82 50.39 16.59
C ILE O 330 -46.18 49.96 16.05
N GLN O 331 -46.56 50.51 14.91
CA GLN O 331 -47.87 50.26 14.33
C GLN O 331 -47.74 49.32 13.15
N THR O 332 -48.48 48.21 13.21
CA THR O 332 -48.53 47.30 12.08
C THR O 332 -49.54 47.74 11.03
N SER O 333 -50.43 48.68 11.37
CA SER O 333 -51.39 49.24 10.44
C SER O 333 -51.32 50.76 10.52
N VAL O 334 -51.51 51.40 9.36
CA VAL O 334 -51.40 52.85 9.27
C VAL O 334 -52.77 53.52 9.25
N ASN O 335 -53.84 52.77 9.49
CA ASN O 335 -55.18 53.34 9.38
C ASN O 335 -55.46 54.34 10.49
N ALA O 336 -54.81 54.21 11.64
CA ALA O 336 -54.99 55.13 12.76
C ALA O 336 -53.62 55.60 13.21
N LEU O 337 -53.08 56.61 12.53
CA LEU O 337 -51.81 57.20 12.90
C LEU O 337 -52.05 58.49 13.68
N SER O 338 -52.65 58.32 14.86
CA SER O 338 -52.93 59.47 15.71
C SER O 338 -51.64 60.02 16.30
N ALA O 339 -51.72 61.26 16.80
CA ALA O 339 -50.53 61.96 17.26
C ALA O 339 -49.86 61.27 18.43
N ASP O 340 -50.58 60.46 19.20
CA ASP O 340 -50.01 59.84 20.38
C ASP O 340 -49.07 58.68 20.03
N VAL O 341 -49.28 58.04 18.89
CA VAL O 341 -48.48 56.86 18.54
C VAL O 341 -47.26 57.30 17.73
N LEU O 342 -47.05 58.60 17.61
CA LEU O 342 -45.93 59.15 16.86
C LEU O 342 -44.81 59.54 17.81
N GLY O 343 -43.59 59.11 17.51
CA GLY O 343 -42.46 59.50 18.31
C GLY O 343 -42.08 60.95 18.10
N ARG O 344 -41.26 61.45 19.01
CA ARG O 344 -40.83 62.85 18.93
C ARG O 344 -39.45 62.99 19.57
N CYS O 345 -38.54 63.59 18.82
CA CYS O 345 -37.20 63.92 19.31
C CYS O 345 -36.84 65.31 18.82
N GLN O 346 -35.94 65.98 19.55
CA GLN O 346 -35.58 67.34 19.17
C GLN O 346 -34.81 67.38 17.86
N VAL O 347 -33.78 66.54 17.72
CA VAL O 347 -32.92 66.58 16.55
C VAL O 347 -32.71 65.17 16.03
N PHE O 348 -32.94 65.00 14.72
CA PHE O 348 -32.56 63.78 14.02
C PHE O 348 -31.52 64.15 12.97
N GLU O 349 -30.51 63.29 12.82
CA GLU O 349 -29.42 63.61 11.91
C GLU O 349 -28.71 62.33 11.50
N GLU O 350 -28.30 62.28 10.24
CA GLU O 350 -27.43 61.21 9.73
C GLU O 350 -26.04 61.77 9.53
N THR O 351 -25.05 61.14 10.16
CA THR O 351 -23.70 61.66 10.18
C THR O 351 -22.71 60.55 9.84
N GLN O 352 -21.50 60.98 9.48
CA GLN O 352 -20.40 60.07 9.20
C GLN O 352 -19.72 59.71 10.51
N ILE O 353 -19.61 58.41 10.79
CA ILE O 353 -18.96 57.91 12.00
C ILE O 353 -17.93 56.89 11.55
N GLY O 354 -16.69 57.34 11.35
CA GLY O 354 -15.58 56.44 11.11
C GLY O 354 -15.75 55.52 9.93
N GLY O 355 -16.15 56.06 8.79
CA GLY O 355 -16.34 55.23 7.61
C GLY O 355 -17.70 54.57 7.51
N GLU O 356 -18.64 54.92 8.38
CA GLU O 356 -19.99 54.40 8.32
C GLU O 356 -20.98 55.51 8.56
N ARG O 357 -22.22 55.29 8.12
CA ARG O 357 -23.30 56.24 8.28
C ARG O 357 -24.23 55.78 9.38
N TYR O 358 -24.56 56.68 10.30
CA TYR O 358 -25.41 56.36 11.43
C TYR O 358 -26.54 57.38 11.51
N ASN O 359 -27.69 56.94 12.00
CA ASN O 359 -28.83 57.80 12.23
C ASN O 359 -28.91 58.12 13.72
N PHE O 360 -28.94 59.40 14.04
CA PHE O 360 -28.89 59.87 15.42
C PHE O 360 -30.23 60.47 15.82
N PHE O 361 -30.79 59.98 16.91
CA PHE O 361 -32.00 60.54 17.51
C PHE O 361 -31.60 61.11 18.87
N THR O 362 -31.47 62.43 18.95
CA THR O 362 -31.01 63.08 20.17
C THR O 362 -32.05 64.05 20.67
N GLY O 363 -31.82 64.58 21.87
CA GLY O 363 -32.74 65.53 22.46
C GLY O 363 -34.01 64.94 23.00
N CYS O 364 -34.02 63.66 23.36
CA CYS O 364 -35.20 63.04 23.93
C CYS O 364 -35.26 63.34 25.42
N PRO O 365 -36.25 64.10 25.90
CA PRO O 365 -36.27 64.49 27.31
C PRO O 365 -36.84 63.40 28.21
N LYS O 366 -37.77 62.60 27.69
CA LYS O 366 -38.36 61.49 28.43
C LYS O 366 -37.72 60.17 28.06
N ALA O 367 -36.45 60.18 27.69
CA ALA O 367 -35.80 58.97 27.20
C ALA O 367 -35.62 57.97 28.33
N LYS O 368 -35.86 56.70 28.01
CA LYS O 368 -35.64 55.59 28.93
C LYS O 368 -34.65 54.59 28.35
N THR O 369 -33.74 55.07 27.52
CA THR O 369 -32.76 54.19 26.88
C THR O 369 -31.54 55.02 26.51
N CYS O 370 -30.51 54.32 26.04
CA CYS O 370 -29.27 54.95 25.62
C CYS O 370 -28.55 54.03 24.66
N THR O 371 -27.57 54.58 23.96
CA THR O 371 -26.79 53.79 23.02
C THR O 371 -25.32 54.17 23.16
N PHE O 372 -24.48 53.15 23.37
CA PHE O 372 -23.05 53.34 23.44
C PHE O 372 -22.46 53.21 22.04
N ILE O 373 -21.63 54.18 21.66
CA ILE O 373 -20.87 54.10 20.41
C ILE O 373 -19.41 53.99 20.79
N LEU O 374 -18.85 52.80 20.57
CA LEU O 374 -17.49 52.50 20.97
C LEU O 374 -16.55 52.60 19.79
N ARG O 375 -15.45 53.32 19.97
CA ARG O 375 -14.45 53.50 18.93
C ARG O 375 -13.18 52.75 19.32
N GLY O 376 -12.54 52.15 18.32
CA GLY O 376 -11.33 51.39 18.59
C GLY O 376 -10.62 51.06 17.29
N GLY O 377 -9.37 50.63 17.44
CA GLY O 377 -8.54 50.31 16.29
C GLY O 377 -8.69 48.91 15.74
N ALA O 378 -9.45 48.05 16.40
CA ALA O 378 -9.59 46.67 15.95
C ALA O 378 -10.88 46.09 16.49
N GLU O 379 -11.31 44.99 15.89
CA GLU O 379 -12.55 44.34 16.29
C GLU O 379 -12.47 43.85 17.74
N GLN O 380 -11.35 43.21 18.10
CA GLN O 380 -11.22 42.70 19.46
C GLN O 380 -11.05 43.84 20.46
N PHE O 381 -10.48 44.96 20.05
CA PHE O 381 -10.43 46.13 20.92
C PHE O 381 -11.82 46.55 21.35
N MET O 382 -12.72 46.71 20.38
CA MET O 382 -14.08 47.12 20.70
C MET O 382 -14.83 46.02 21.44
N GLU O 383 -14.55 44.75 21.13
CA GLU O 383 -15.19 43.66 21.85
C GLU O 383 -14.81 43.66 23.33
N GLU O 384 -13.52 43.83 23.61
CA GLU O 384 -13.08 43.87 25.01
C GLU O 384 -13.61 45.11 25.70
N THR O 385 -13.70 46.23 24.97
CA THR O 385 -14.33 47.41 25.55
C THR O 385 -15.78 47.14 25.91
N GLU O 386 -16.50 46.44 25.04
CA GLU O 386 -17.89 46.10 25.32
C GLU O 386 -18.01 45.20 26.53
N ARG O 387 -17.11 44.21 26.64
CA ARG O 387 -17.15 43.33 27.82
C ARG O 387 -16.89 44.11 29.10
N SER O 388 -15.91 45.02 29.07
CA SER O 388 -15.61 45.81 30.27
C SER O 388 -16.79 46.70 30.64
N LEU O 389 -17.40 47.34 29.65
CA LEU O 389 -18.57 48.17 29.93
C LEU O 389 -19.73 47.34 30.44
N HIS O 390 -19.87 46.10 29.97
CA HIS O 390 -20.91 45.23 30.50
C HIS O 390 -20.66 44.92 31.96
N ASP O 391 -19.40 44.66 32.33
CA ASP O 391 -19.07 44.44 33.74
C ASP O 391 -19.46 45.67 34.56
N ALA O 392 -19.08 46.86 34.08
CA ALA O 392 -19.41 48.08 34.81
C ALA O 392 -20.91 48.28 34.93
N ILE O 393 -21.65 48.01 33.85
CA ILE O 393 -23.09 48.18 33.85
C ILE O 393 -23.75 47.25 34.87
N MET O 394 -23.31 46.00 34.90
CA MET O 394 -23.86 45.05 35.86
C MET O 394 -23.57 45.48 37.29
N ILE O 395 -22.35 45.95 37.55
CA ILE O 395 -22.02 46.44 38.90
C ILE O 395 -22.92 47.61 39.27
N VAL O 396 -23.11 48.55 38.35
CA VAL O 396 -23.93 49.72 38.66
C VAL O 396 -25.37 49.32 38.90
N ARG O 397 -25.90 48.37 38.12
CA ARG O 397 -27.26 47.90 38.34
C ARG O 397 -27.41 47.30 39.73
N ARG O 398 -26.48 46.41 40.10
CA ARG O 398 -26.56 45.79 41.41
C ARG O 398 -26.44 46.82 42.52
N ALA O 399 -25.57 47.82 42.34
CA ALA O 399 -25.44 48.87 43.35
C ALA O 399 -26.70 49.72 43.45
N ILE O 400 -27.40 49.93 42.32
CA ILE O 400 -28.70 50.60 42.37
C ILE O 400 -29.66 49.78 43.22
N LYS O 401 -29.64 48.45 43.06
CA LYS O 401 -30.54 47.61 43.84
C LYS O 401 -30.29 47.77 45.33
N ASN O 402 -29.02 47.77 45.75
CA ASN O 402 -28.68 47.96 47.15
C ASN O 402 -27.28 48.53 47.25
N ASP O 403 -27.13 49.60 48.05
CA ASP O 403 -25.86 50.30 48.17
C ASP O 403 -25.17 49.86 49.45
N SER O 404 -24.56 48.67 49.38
CA SER O 404 -23.70 48.16 50.43
C SER O 404 -22.36 47.81 49.82
N VAL O 405 -21.28 48.38 50.36
CA VAL O 405 -19.97 48.26 49.76
C VAL O 405 -18.97 47.73 50.77
N VAL O 406 -17.94 47.06 50.26
CA VAL O 406 -16.80 46.62 51.03
C VAL O 406 -15.54 46.99 50.26
N ALA O 407 -14.53 47.45 50.97
CA ALA O 407 -13.30 47.87 50.30
C ALA O 407 -12.64 46.67 49.64
N GLY O 408 -12.17 46.88 48.42
CA GLY O 408 -11.54 45.83 47.63
C GLY O 408 -10.04 45.77 47.86
N GLY O 409 -9.34 45.24 46.87
CA GLY O 409 -7.90 45.08 46.96
C GLY O 409 -7.47 44.12 48.05
N GLY O 410 -8.23 43.07 48.28
CA GLY O 410 -7.89 42.08 49.28
C GLY O 410 -8.25 42.46 50.70
N ALA O 411 -8.84 43.63 50.93
CA ALA O 411 -9.17 44.04 52.28
C ALA O 411 -10.24 43.14 52.88
N ILE O 412 -11.31 42.89 52.14
CA ILE O 412 -12.41 42.09 52.66
C ILE O 412 -11.95 40.66 52.92
N GLU O 413 -11.16 40.09 52.01
CA GLU O 413 -10.65 38.75 52.22
C GLU O 413 -9.75 38.67 53.44
N MET O 414 -8.89 39.68 53.63
CA MET O 414 -8.03 39.68 54.81
C MET O 414 -8.85 39.76 56.10
N GLU O 415 -9.86 40.63 56.13
CA GLU O 415 -10.69 40.74 57.32
C GLU O 415 -11.43 39.44 57.59
N LEU O 416 -11.98 38.82 56.55
CA LEU O 416 -12.69 37.56 56.73
C LEU O 416 -11.75 36.46 57.20
N SER O 417 -10.52 36.43 56.67
CA SER O 417 -9.57 35.44 57.11
C SER O 417 -9.21 35.61 58.57
N LYS O 418 -9.01 36.86 59.00
CA LYS O 418 -8.73 37.12 60.41
C LYS O 418 -9.89 36.66 61.29
N TYR O 419 -11.12 37.00 60.87
CA TYR O 419 -12.29 36.60 61.66
C TYR O 419 -12.42 35.09 61.75
N LEU O 420 -12.20 34.41 60.63
CA LEU O 420 -12.35 32.95 60.62
C LEU O 420 -11.25 32.28 61.43
N ARG O 421 -10.03 32.81 61.39
CA ARG O 421 -8.97 32.26 62.23
C ARG O 421 -9.28 32.45 63.71
N ASP O 422 -9.77 33.64 64.06
CA ASP O 422 -10.12 33.89 65.46
C ASP O 422 -11.24 32.97 65.91
N TYR O 423 -12.20 32.69 65.03
CA TYR O 423 -13.25 31.74 65.37
C TYR O 423 -12.69 30.33 65.53
N SER O 424 -11.85 29.90 64.58
CA SER O 424 -11.33 28.54 64.59
C SER O 424 -10.43 28.28 65.78
N ARG O 425 -9.85 29.32 66.37
CA ARG O 425 -9.06 29.11 67.58
C ARG O 425 -9.91 28.67 68.77
N THR O 426 -11.24 28.74 68.66
CA THR O 426 -12.13 28.44 69.77
C THR O 426 -13.08 27.28 69.46
N ILE O 427 -12.55 26.21 68.85
CA ILE O 427 -13.35 25.01 68.61
C ILE O 427 -12.47 23.78 68.89
N PRO O 428 -13.12 22.61 69.13
CA PRO O 428 -12.39 21.40 69.54
C PRO O 428 -11.05 21.15 68.87
N GLY O 429 -11.01 21.09 67.53
CA GLY O 429 -9.74 20.93 66.87
C GLY O 429 -9.72 20.11 65.60
N LYS O 430 -10.72 19.24 65.38
CA LYS O 430 -10.85 18.63 64.06
C LYS O 430 -11.38 19.64 63.06
N GLN O 431 -12.40 20.40 63.44
CA GLN O 431 -12.91 21.47 62.59
C GLN O 431 -11.97 22.67 62.58
N GLN O 432 -11.13 22.81 63.61
CA GLN O 432 -10.25 23.96 63.69
C GLN O 432 -9.26 23.97 62.54
N LEU O 433 -8.67 22.80 62.23
CA LEU O 433 -7.71 22.74 61.14
C LEU O 433 -8.36 23.14 59.81
N LEU O 434 -9.57 22.64 59.55
CA LEU O 434 -10.19 22.91 58.26
C LEU O 434 -10.65 24.36 58.16
N ILE O 435 -11.17 24.93 59.25
CA ILE O 435 -11.57 26.33 59.19
C ILE O 435 -10.34 27.22 59.06
N GLY O 436 -9.24 26.86 59.72
CA GLY O 436 -8.01 27.59 59.51
C GLY O 436 -7.51 27.48 58.09
N ALA O 437 -7.67 26.31 57.46
CA ALA O 437 -7.31 26.16 56.06
C ALA O 437 -8.18 27.06 55.18
N TYR O 438 -9.47 27.15 55.50
CA TYR O 438 -10.35 28.06 54.76
C TYR O 438 -9.89 29.51 54.90
N ALA O 439 -9.55 29.91 56.13
CA ALA O 439 -9.08 31.27 56.35
C ALA O 439 -7.78 31.54 55.59
N LYS O 440 -6.86 30.57 55.59
CA LYS O 440 -5.62 30.73 54.84
C LYS O 440 -5.88 30.81 53.35
N ALA O 441 -6.83 30.01 52.85
CA ALA O 441 -7.16 30.05 51.43
C ALA O 441 -7.77 31.39 51.05
N LEU O 442 -8.44 32.05 51.99
CA LEU O 442 -9.00 33.37 51.69
C LEU O 442 -7.93 34.39 51.31
N GLU O 443 -6.68 34.14 51.67
CA GLU O 443 -5.59 35.07 51.39
C GLU O 443 -5.08 35.00 49.96
N ILE O 444 -5.73 34.23 49.08
CA ILE O 444 -5.23 34.08 47.72
C ILE O 444 -5.35 35.39 46.94
N ILE O 445 -6.41 36.17 47.20
CA ILE O 445 -6.69 37.36 46.40
C ILE O 445 -5.60 38.41 46.55
N PRO O 446 -5.27 38.89 47.75
CA PRO O 446 -4.16 39.86 47.84
C PRO O 446 -2.83 39.29 47.39
N ARG O 447 -2.59 38.00 47.64
CA ARG O 447 -1.35 37.39 47.18
C ARG O 447 -1.25 37.40 45.66
N GLN O 448 -2.35 37.05 44.99
CA GLN O 448 -2.35 37.09 43.52
C GLN O 448 -2.23 38.51 43.00
N LEU O 449 -2.86 39.47 43.69
CA LEU O 449 -2.70 40.87 43.30
C LEU O 449 -1.25 41.29 43.36
N CYS O 450 -0.57 40.98 44.47
CA CYS O 450 0.83 41.35 44.60
C CYS O 450 1.69 40.63 43.58
N ASP O 451 1.40 39.35 43.31
CA ASP O 451 2.16 38.61 42.32
C ASP O 451 2.01 39.22 40.93
N ASN O 452 0.79 39.58 40.56
CA ASN O 452 0.58 40.20 39.26
C ASN O 452 1.26 41.56 39.17
N ALA O 453 1.19 42.35 40.25
CA ALA O 453 1.83 43.65 40.24
C ALA O 453 3.35 43.55 40.29
N GLY O 454 3.89 42.40 40.68
CA GLY O 454 5.33 42.24 40.76
C GLY O 454 5.93 42.58 42.11
N PHE O 455 5.14 42.65 43.17
CA PHE O 455 5.69 42.94 44.48
C PHE O 455 6.26 41.67 45.10
N ASP O 456 6.72 41.80 46.35
CA ASP O 456 6.99 40.64 47.19
C ASP O 456 5.72 40.35 47.98
N ALA O 457 5.00 39.31 47.58
CA ALA O 457 3.69 39.04 48.16
C ALA O 457 3.77 38.76 49.66
N THR O 458 4.84 38.08 50.08
CA THR O 458 4.93 37.64 51.47
C THR O 458 4.97 38.82 52.44
N ASN O 459 5.80 39.83 52.13
CA ASN O 459 5.92 40.97 53.03
C ASN O 459 4.62 41.78 53.08
N ILE O 460 3.98 41.96 51.93
CA ILE O 460 2.71 42.68 51.91
C ILE O 460 1.66 41.93 52.70
N LEU O 461 1.64 40.60 52.57
CA LEU O 461 0.68 39.80 53.32
C LEU O 461 0.94 39.90 54.82
N ASN O 462 2.21 39.88 55.22
CA ASN O 462 2.54 40.02 56.64
C ASN O 462 2.08 41.38 57.16
N LYS O 463 2.34 42.44 56.40
CA LYS O 463 1.92 43.77 56.82
C LYS O 463 0.40 43.85 56.91
N LEU O 464 -0.30 43.28 55.94
CA LEU O 464 -1.76 43.29 55.96
C LEU O 464 -2.30 42.54 57.17
N ARG O 465 -1.74 41.37 57.46
CA ARG O 465 -2.19 40.60 58.60
C ARG O 465 -1.95 41.35 59.90
N ALA O 466 -0.77 41.97 60.03
CA ALA O 466 -0.48 42.74 61.23
C ALA O 466 -1.42 43.92 61.38
N ARG O 467 -1.71 44.62 60.27
CA ARG O 467 -2.62 45.76 60.34
C ARG O 467 -4.03 45.33 60.72
N HIS O 468 -4.49 44.21 60.17
CA HIS O 468 -5.84 43.76 60.47
C HIS O 468 -5.95 43.29 61.92
N ALA O 469 -4.98 42.52 62.38
CA ALA O 469 -5.02 42.05 63.77
C ALA O 469 -4.90 43.22 64.74
N GLN O 470 -4.03 44.17 64.45
CA GLN O 470 -3.85 45.32 65.33
C GLN O 470 -5.07 46.22 65.34
N GLY O 471 -5.78 46.30 64.22
CA GLY O 471 -6.94 47.16 64.12
C GLY O 471 -7.00 47.87 62.79
N GLY O 472 -8.14 47.79 62.13
CA GLY O 472 -8.31 48.37 60.82
C GLY O 472 -8.97 47.39 59.88
N THR O 473 -10.11 47.77 59.33
CA THR O 473 -10.96 46.84 58.60
C THR O 473 -10.72 46.86 57.10
N TRP O 474 -10.40 48.02 56.52
CA TRP O 474 -10.37 48.21 55.08
C TRP O 474 -8.96 48.46 54.58
N TYR O 475 -7.97 47.73 55.10
CA TYR O 475 -6.60 47.85 54.66
C TYR O 475 -6.31 46.75 53.64
N GLY O 476 -5.89 47.16 52.44
CA GLY O 476 -5.63 46.22 51.37
C GLY O 476 -4.42 46.57 50.54
N VAL O 477 -4.28 45.94 49.38
CA VAL O 477 -3.11 46.11 48.54
C VAL O 477 -3.20 47.46 47.83
N ASP O 478 -2.13 48.24 47.90
CA ASP O 478 -2.00 49.49 47.16
C ASP O 478 -1.01 49.25 46.04
N ILE O 479 -1.52 49.14 44.81
CA ILE O 479 -0.69 48.71 43.69
C ILE O 479 0.34 49.78 43.34
N ASN O 480 -0.10 51.03 43.24
CA ASN O 480 0.79 52.08 42.76
C ASN O 480 1.90 52.39 43.76
N ASN O 481 1.62 52.30 45.05
CA ASN O 481 2.56 52.72 46.08
C ASN O 481 3.43 51.58 46.60
N GLU O 482 3.35 50.39 46.01
CA GLU O 482 4.19 49.26 46.39
C GLU O 482 3.95 48.81 47.82
N ASP O 483 2.80 49.16 48.39
CA ASP O 483 2.60 49.00 49.83
C ASP O 483 1.12 48.73 50.09
N ILE O 484 0.71 48.90 51.34
CA ILE O 484 -0.68 48.72 51.75
C ILE O 484 -1.28 50.07 52.10
N ALA O 485 -2.60 50.14 52.03
CA ALA O 485 -3.30 51.39 52.32
C ALA O 485 -4.73 51.08 52.71
N ASP O 486 -5.38 52.06 53.32
CA ASP O 486 -6.79 51.94 53.66
C ASP O 486 -7.60 52.06 52.37
N ASN O 487 -8.04 50.92 51.84
CA ASN O 487 -8.70 50.90 50.55
C ASN O 487 -10.08 51.54 50.57
N PHE O 488 -10.67 51.78 51.73
CA PHE O 488 -11.93 52.49 51.76
C PHE O 488 -11.76 53.96 51.41
N GLU O 489 -10.74 54.61 51.98
CA GLU O 489 -10.42 55.98 51.61
C GLU O 489 -9.79 56.08 50.24
N ALA O 490 -9.28 54.98 49.69
CA ALA O 490 -8.78 54.97 48.32
C ALA O 490 -9.88 54.72 47.31
N PHE O 491 -11.12 54.58 47.77
CA PHE O 491 -12.29 54.41 46.90
C PHE O 491 -12.17 53.17 46.02
N VAL O 492 -11.57 52.12 46.57
CA VAL O 492 -11.61 50.80 45.94
C VAL O 492 -12.84 50.10 46.51
N TRP O 493 -13.99 50.40 45.92
CA TRP O 493 -15.27 49.96 46.43
C TRP O 493 -15.89 48.93 45.52
N GLU O 494 -16.41 47.85 46.10
CA GLU O 494 -17.18 46.87 45.36
C GLU O 494 -18.41 46.52 46.17
N PRO O 495 -19.53 46.20 45.51
CA PRO O 495 -20.74 45.84 46.24
C PRO O 495 -20.53 44.57 47.05
N ALA O 496 -21.19 44.51 48.20
CA ALA O 496 -21.03 43.35 49.08
C ALA O 496 -21.49 42.06 48.42
N MET O 497 -22.50 42.15 47.56
CA MET O 497 -23.03 40.93 46.95
C MET O 497 -22.02 40.27 46.03
N VAL O 498 -21.07 41.02 45.49
CA VAL O 498 -20.04 40.41 44.65
C VAL O 498 -19.25 39.39 45.45
N ARG O 499 -18.73 39.80 46.61
CA ARG O 499 -17.98 38.89 47.45
C ARG O 499 -18.87 37.83 48.07
N ILE O 500 -20.11 38.17 48.41
CA ILE O 500 -21.03 37.18 48.96
C ILE O 500 -21.24 36.04 47.97
N ASN O 501 -21.57 36.38 46.73
CA ASN O 501 -21.79 35.36 45.71
C ASN O 501 -20.50 34.61 45.41
N ALA O 502 -19.37 35.32 45.37
CA ALA O 502 -18.10 34.64 45.11
C ALA O 502 -17.83 33.57 46.15
N LEU O 503 -17.95 33.93 47.43
CA LEU O 503 -17.71 32.95 48.48
C LEU O 503 -18.71 31.81 48.42
N THR O 504 -19.99 32.12 48.20
CA THR O 504 -21.01 31.07 48.17
C THR O 504 -20.75 30.08 47.03
N ALA O 505 -20.48 30.60 45.83
CA ALA O 505 -20.26 29.73 44.69
C ALA O 505 -18.97 28.92 44.84
N ALA O 506 -17.90 29.55 45.33
CA ALA O 506 -16.66 28.83 45.51
C ALA O 506 -16.82 27.71 46.54
N SER O 507 -17.52 27.99 47.64
CA SER O 507 -17.75 26.97 48.65
C SER O 507 -18.60 25.83 48.09
N GLU O 508 -19.65 26.15 47.33
CA GLU O 508 -20.49 25.11 46.78
C GLU O 508 -19.71 24.23 45.80
N ALA O 509 -18.88 24.85 44.96
CA ALA O 509 -18.09 24.08 44.01
C ALA O 509 -17.07 23.20 44.73
N ALA O 510 -16.41 23.74 45.75
CA ALA O 510 -15.43 22.94 46.49
C ALA O 510 -16.09 21.76 47.17
N CYS O 511 -17.26 21.98 47.79
CA CYS O 511 -17.97 20.89 48.43
C CYS O 511 -18.41 19.84 47.41
N LEU O 512 -18.88 20.28 46.25
CA LEU O 512 -19.30 19.34 45.22
C LEU O 512 -18.12 18.50 44.73
N ILE O 513 -16.97 19.13 44.51
CA ILE O 513 -15.80 18.40 44.05
C ILE O 513 -15.34 17.41 45.11
N VAL O 514 -15.35 17.82 46.38
CA VAL O 514 -14.86 16.95 47.44
C VAL O 514 -15.80 15.77 47.63
N SER O 515 -17.11 15.98 47.50
CA SER O 515 -18.07 14.93 47.77
C SER O 515 -18.01 13.78 46.76
N VAL O 516 -17.30 13.93 45.66
CA VAL O 516 -17.25 12.89 44.63
C VAL O 516 -16.12 11.93 44.96
N ASP O 517 -16.42 10.62 44.94
CA ASP O 517 -15.44 9.60 45.24
C ASP O 517 -15.06 8.72 44.05
N GLU O 518 -15.90 8.66 43.02
CA GLU O 518 -15.62 7.82 41.87
C GLU O 518 -16.09 8.51 40.60
N THR O 519 -15.29 8.40 39.55
CA THR O 519 -15.63 8.91 38.23
C THR O 519 -15.71 7.75 37.25
N ILE O 520 -16.82 7.64 36.54
CA ILE O 520 -17.03 6.58 35.57
C ILE O 520 -17.34 7.23 34.22
N LYS O 521 -16.61 6.82 33.19
CA LYS O 521 -16.79 7.33 31.85
C LYS O 521 -17.22 6.21 30.92
N ASN O 522 -18.38 6.35 30.33
CA ASN O 522 -18.85 5.39 29.35
C ASN O 522 -18.18 5.64 28.00
N PRO O 523 -18.00 4.60 27.19
CA PRO O 523 -17.47 4.81 25.85
C PRO O 523 -18.42 5.66 25.02
N ARG O 524 -17.83 6.49 24.16
CA ARG O 524 -18.62 7.36 23.31
C ARG O 524 -19.39 6.55 22.27
N SER O 525 -20.54 7.08 21.87
CA SER O 525 -21.38 6.43 20.87
C SER O 525 -21.13 7.00 19.48
N ALA P 1 -3.11 -34.08 16.79
CA ALA P 1 -3.24 -34.12 18.24
C ALA P 1 -2.93 -32.75 18.85
N LEU P 2 -3.37 -31.70 18.18
CA LEU P 2 -3.11 -30.34 18.63
C LEU P 2 -4.35 -29.47 18.72
N HIS P 3 -5.53 -29.99 18.41
CA HIS P 3 -6.75 -29.20 18.46
C HIS P 3 -7.89 -30.04 19.01
N VAL P 4 -8.69 -29.44 19.88
CA VAL P 4 -9.86 -30.08 20.46
C VAL P 4 -11.06 -29.68 19.61
N PRO P 5 -11.69 -30.60 18.88
CA PRO P 5 -12.82 -30.23 18.04
C PRO P 5 -14.06 -29.94 18.88
N LYS P 6 -14.99 -29.22 18.26
CA LYS P 6 -16.26 -28.94 18.92
C LYS P 6 -17.05 -30.23 19.09
N ALA P 7 -17.71 -30.36 20.24
CA ALA P 7 -18.46 -31.57 20.51
C ALA P 7 -19.61 -31.71 19.53
N PRO P 8 -19.87 -32.91 19.02
CA PRO P 8 -20.98 -33.09 18.08
C PRO P 8 -22.32 -32.77 18.73
N GLY P 9 -23.22 -32.22 17.93
CA GLY P 9 -24.53 -31.85 18.42
C GLY P 9 -24.75 -30.35 18.46
N PHE P 10 -25.30 -29.85 19.56
CA PHE P 10 -25.66 -28.44 19.66
C PHE P 10 -24.43 -27.55 19.59
N ALA P 11 -23.30 -28.01 20.15
CA ALA P 11 -22.11 -27.19 20.17
C ALA P 11 -21.64 -26.83 18.77
N GLN P 12 -21.76 -27.78 17.83
CA GLN P 12 -21.37 -27.51 16.45
C GLN P 12 -22.40 -26.66 15.72
N MET P 13 -23.69 -26.81 16.04
CA MET P 13 -24.72 -26.05 15.36
C MET P 13 -24.85 -24.62 15.84
N LEU P 14 -24.14 -24.25 16.91
CA LEU P 14 -24.24 -22.90 17.43
C LEU P 14 -23.74 -21.89 16.39
N LYS P 15 -24.30 -20.68 16.45
CA LYS P 15 -23.98 -19.65 15.47
C LYS P 15 -22.56 -19.13 15.68
N GLU P 16 -22.15 -18.21 14.82
CA GLU P 16 -20.75 -17.80 14.78
C GLU P 16 -20.35 -16.99 16.01
N GLY P 17 -21.25 -16.14 16.50
CA GLY P 17 -20.90 -15.28 17.62
C GLY P 17 -21.70 -15.57 18.87
N ALA P 18 -22.58 -16.54 18.80
CA ALA P 18 -23.43 -16.87 19.94
C ALA P 18 -22.63 -17.55 21.03
N LYS P 19 -23.14 -17.44 22.26
CA LYS P 19 -22.53 -18.07 23.42
C LYS P 19 -23.57 -18.90 24.14
N HIS P 20 -23.12 -19.97 24.77
CA HIS P 20 -24.01 -20.87 25.49
C HIS P 20 -23.34 -21.27 26.80
N PHE P 21 -23.90 -20.84 27.92
CA PHE P 21 -23.42 -21.18 29.24
C PHE P 21 -24.45 -22.06 29.93
N SER P 22 -24.01 -23.20 30.47
CA SER P 22 -24.91 -24.14 31.11
C SER P 22 -24.27 -24.67 32.38
N GLY P 23 -25.11 -25.02 33.34
CA GLY P 23 -24.65 -25.59 34.59
C GLY P 23 -24.50 -24.56 35.68
N LEU P 24 -24.01 -25.03 36.83
CA LEU P 24 -23.83 -24.15 37.98
C LEU P 24 -22.69 -23.18 37.75
N GLU P 25 -21.48 -23.71 37.55
CA GLU P 25 -20.29 -22.86 37.47
C GLU P 25 -20.36 -21.91 36.28
N GLU P 26 -20.84 -22.40 35.14
CA GLU P 26 -20.83 -21.57 33.94
C GLU P 26 -21.87 -20.47 33.97
N ALA P 27 -23.03 -20.73 34.59
CA ALA P 27 -24.15 -19.79 34.52
C ALA P 27 -24.49 -19.16 35.86
N VAL P 28 -24.81 -19.96 36.87
CA VAL P 28 -25.35 -19.41 38.11
C VAL P 28 -24.30 -18.62 38.86
N TYR P 29 -23.09 -19.19 38.98
CA TYR P 29 -22.04 -18.49 39.70
C TYR P 29 -21.62 -17.22 38.97
N ARG P 30 -21.59 -17.27 37.64
CA ARG P 30 -21.26 -16.07 36.87
C ARG P 30 -22.30 -14.98 37.06
N ASN P 31 -23.59 -15.35 37.05
CA ASN P 31 -24.64 -14.37 37.28
C ASN P 31 -24.53 -13.76 38.67
N ILE P 32 -24.27 -14.60 39.67
CA ILE P 32 -24.13 -14.10 41.03
C ILE P 32 -22.94 -13.15 41.13
N GLN P 33 -21.83 -13.49 40.46
CA GLN P 33 -20.67 -12.60 40.48
C GLN P 33 -20.99 -11.26 39.84
N ALA P 34 -21.70 -11.27 38.71
CA ALA P 34 -22.03 -10.01 38.05
C ALA P 34 -22.93 -9.15 38.94
N CYS P 35 -23.93 -9.76 39.57
CA CYS P 35 -24.81 -9.00 40.45
C CYS P 35 -24.06 -8.45 41.65
N LYS P 36 -23.14 -9.24 42.21
CA LYS P 36 -22.33 -8.78 43.32
C LYS P 36 -21.46 -7.60 42.90
N GLU P 37 -20.90 -7.66 41.68
CA GLU P 37 -20.10 -6.55 41.20
C GLU P 37 -20.93 -5.28 41.07
N LEU P 38 -22.14 -5.39 40.53
CA LEU P 38 -23.01 -4.22 40.41
C LEU P 38 -23.33 -3.64 41.79
N ALA P 39 -23.64 -4.52 42.75
CA ALA P 39 -23.92 -4.06 44.10
C ALA P 39 -22.71 -3.34 44.69
N GLN P 40 -21.51 -3.85 44.44
CA GLN P 40 -20.32 -3.17 44.93
C GLN P 40 -20.15 -1.79 44.30
N THR P 41 -20.44 -1.68 42.99
CA THR P 41 -20.32 -0.37 42.35
C THR P 41 -21.26 0.64 42.99
N THR P 42 -22.48 0.23 43.32
CA THR P 42 -23.43 1.21 43.86
C THR P 42 -23.37 1.33 45.39
N ARG P 43 -22.64 0.44 46.08
CA ARG P 43 -22.71 0.37 47.54
C ARG P 43 -22.27 1.66 48.21
N THR P 44 -21.21 2.30 47.70
CA THR P 44 -20.60 3.41 48.43
C THR P 44 -21.47 4.65 48.48
N ALA P 45 -22.58 4.70 47.74
CA ALA P 45 -23.46 5.86 47.72
C ALA P 45 -24.66 5.70 48.65
N TYR P 46 -24.60 4.78 49.61
CA TYR P 46 -25.74 4.47 50.45
C TYR P 46 -25.69 5.25 51.75
N GLY P 47 -26.83 5.80 52.14
CA GLY P 47 -26.96 6.47 53.42
C GLY P 47 -26.61 7.95 53.36
N PRO P 48 -26.71 8.62 54.49
CA PRO P 48 -26.33 10.05 54.53
C PRO P 48 -24.88 10.28 54.17
N ASN P 49 -23.98 9.37 54.54
CA ASN P 49 -22.57 9.48 54.22
C ASN P 49 -22.24 8.92 52.85
N GLY P 50 -23.25 8.65 52.03
CA GLY P 50 -22.99 8.20 50.68
C GLY P 50 -22.28 9.27 49.87
N MET P 51 -21.46 8.82 48.92
CA MET P 51 -20.62 9.70 48.13
C MET P 51 -21.15 9.83 46.73
N ASN P 52 -21.18 11.06 46.21
CA ASN P 52 -21.62 11.28 44.85
C ASN P 52 -20.65 10.63 43.87
N LYS P 53 -21.19 10.20 42.73
CA LYS P 53 -20.39 9.62 41.65
C LYS P 53 -20.61 10.44 40.40
N MET P 54 -19.53 10.77 39.70
CA MET P 54 -19.62 11.52 38.46
C MET P 54 -19.64 10.52 37.30
N VAL P 55 -20.81 10.34 36.71
CA VAL P 55 -21.01 9.37 35.65
C VAL P 55 -21.22 10.11 34.34
N ILE P 56 -20.44 9.76 33.32
CA ILE P 56 -20.54 10.36 32.01
C ILE P 56 -21.09 9.30 31.06
N ASN P 57 -22.25 9.58 30.47
CA ASN P 57 -22.91 8.61 29.62
C ASN P 57 -22.28 8.62 28.24
N HIS P 58 -22.87 7.87 27.30
CA HIS P 58 -22.34 7.81 25.94
C HIS P 58 -22.53 9.10 25.17
N LEU P 59 -23.39 10.00 25.64
CA LEU P 59 -23.64 11.28 24.98
C LEU P 59 -22.82 12.41 25.56
N GLU P 60 -21.72 12.09 26.24
CA GLU P 60 -20.81 13.07 26.82
C GLU P 60 -21.48 13.97 27.86
N LYS P 61 -22.60 13.53 28.42
CA LYS P 61 -23.31 14.29 29.43
C LYS P 61 -22.85 13.86 30.82
N LEU P 62 -22.71 14.83 31.71
CA LEU P 62 -22.14 14.60 33.03
C LEU P 62 -23.24 14.50 34.07
N PHE P 63 -23.26 13.41 34.81
CA PHE P 63 -24.18 13.20 35.92
C PHE P 63 -23.36 13.03 37.20
N VAL P 64 -23.67 13.85 38.21
CA VAL P 64 -23.08 13.69 39.53
C VAL P 64 -24.21 13.58 40.54
N THR P 65 -24.22 12.48 41.28
CA THR P 65 -25.32 12.19 42.20
C THR P 65 -24.96 10.95 43.01
N ASN P 66 -25.77 10.68 44.02
CA ASN P 66 -25.73 9.42 44.75
C ASN P 66 -27.05 8.68 44.71
N ASP P 67 -27.97 9.09 43.84
CA ASP P 67 -29.21 8.37 43.64
C ASP P 67 -28.93 7.09 42.86
N ALA P 68 -29.22 5.94 43.47
CA ALA P 68 -28.82 4.67 42.87
C ALA P 68 -29.54 4.43 41.55
N ALA P 69 -30.82 4.76 41.47
CA ALA P 69 -31.56 4.53 40.24
C ALA P 69 -30.98 5.33 39.09
N THR P 70 -30.64 6.60 39.34
CA THR P 70 -30.05 7.43 38.30
C THR P 70 -28.70 6.88 37.86
N ILE P 71 -27.88 6.44 38.81
CA ILE P 71 -26.56 5.90 38.48
C ILE P 71 -26.71 4.65 37.61
N LEU P 72 -27.61 3.76 37.99
CA LEU P 72 -27.82 2.55 37.20
C LEU P 72 -28.37 2.88 35.83
N ARG P 73 -29.23 3.89 35.74
CA ARG P 73 -29.78 4.30 34.45
C ARG P 73 -28.67 4.82 33.54
N GLU P 74 -27.75 5.61 34.08
CA GLU P 74 -26.70 6.19 33.26
C GLU P 74 -25.54 5.24 32.98
N LEU P 75 -25.46 4.12 33.69
CA LEU P 75 -24.43 3.13 33.44
C LEU P 75 -24.88 2.19 32.33
N GLU P 76 -23.98 1.91 31.38
CA GLU P 76 -24.29 1.01 30.28
C GLU P 76 -24.05 -0.43 30.75
N VAL P 77 -25.02 -0.95 31.49
CA VAL P 77 -24.91 -2.30 32.01
C VAL P 77 -25.15 -3.30 30.88
N GLN P 78 -24.26 -4.27 30.75
CA GLN P 78 -24.34 -5.25 29.68
C GLN P 78 -24.69 -6.64 30.16
N HIS P 79 -24.23 -7.05 31.33
CA HIS P 79 -24.50 -8.41 31.79
C HIS P 79 -25.99 -8.57 32.05
N PRO P 80 -26.64 -9.57 31.45
CA PRO P 80 -28.10 -9.65 31.55
C PRO P 80 -28.64 -9.83 32.96
N ALA P 81 -27.92 -10.55 33.84
CA ALA P 81 -28.41 -10.70 35.21
C ALA P 81 -28.40 -9.37 35.94
N ALA P 82 -27.32 -8.60 35.79
CA ALA P 82 -27.30 -7.26 36.34
C ALA P 82 -28.36 -6.39 35.70
N LYS P 83 -28.66 -6.62 34.42
CA LYS P 83 -29.78 -5.92 33.79
C LYS P 83 -31.09 -6.23 34.51
N MET P 84 -31.30 -7.50 34.87
CA MET P 84 -32.50 -7.87 35.59
C MET P 84 -32.58 -7.17 36.95
N ILE P 85 -31.46 -7.13 37.66
CA ILE P 85 -31.45 -6.45 38.95
C ILE P 85 -31.72 -4.96 38.79
N VAL P 86 -31.19 -4.36 37.72
CA VAL P 86 -31.45 -2.95 37.45
C VAL P 86 -32.92 -2.72 37.14
N MET P 87 -33.54 -3.65 36.40
CA MET P 87 -34.98 -3.54 36.16
C MET P 87 -35.76 -3.60 37.46
N ALA P 88 -35.33 -4.48 38.39
CA ALA P 88 -35.97 -4.52 39.69
C ALA P 88 -35.84 -3.19 40.42
N SER P 89 -34.65 -2.60 40.39
CA SER P 89 -34.44 -1.32 41.05
C SER P 89 -35.30 -0.22 40.43
N HIS P 90 -35.39 -0.20 39.10
CA HIS P 90 -36.22 0.79 38.42
C HIS P 90 -37.69 0.60 38.74
N MET P 91 -38.13 -0.65 38.86
CA MET P 91 -39.50 -0.92 39.27
C MET P 91 -39.76 -0.39 40.67
N GLN P 92 -38.78 -0.58 41.57
CA GLN P 92 -38.93 -0.02 42.92
C GLN P 92 -39.02 1.50 42.88
N GLU P 93 -38.20 2.13 42.04
CA GLU P 93 -38.26 3.58 41.89
C GLU P 93 -39.63 4.03 41.38
N GLN P 94 -40.17 3.32 40.39
CA GLN P 94 -41.44 3.71 39.81
C GLN P 94 -42.59 3.49 40.79
N GLU P 95 -42.55 2.40 41.55
CA GLU P 95 -43.66 2.09 42.45
C GLU P 95 -43.67 3.00 43.66
N VAL P 96 -42.51 3.28 44.24
CA VAL P 96 -42.44 4.02 45.50
C VAL P 96 -41.75 5.36 45.30
N GLY P 97 -40.49 5.32 44.87
CA GLY P 97 -39.69 6.51 44.68
C GLY P 97 -38.39 6.55 45.45
N ASP P 98 -38.28 5.76 46.52
CA ASP P 98 -37.05 5.66 47.29
C ASP P 98 -36.84 4.20 47.65
N GLY P 99 -35.59 3.84 47.90
CA GLY P 99 -35.22 2.48 48.20
C GLY P 99 -34.54 1.72 47.10
N THR P 100 -34.15 2.39 46.01
CA THR P 100 -33.47 1.69 44.92
C THR P 100 -32.15 1.10 45.37
N ASN P 101 -31.38 1.87 46.13
CA ASN P 101 -30.12 1.35 46.66
C ASN P 101 -30.36 0.20 47.62
N PHE P 102 -31.40 0.28 48.42
CA PHE P 102 -31.73 -0.85 49.29
C PHE P 102 -32.04 -2.08 48.48
N VAL P 103 -32.81 -1.92 47.40
CA VAL P 103 -33.14 -3.07 46.55
C VAL P 103 -31.86 -3.69 46.00
N LEU P 104 -30.97 -2.86 45.48
CA LEU P 104 -29.75 -3.37 44.87
C LEU P 104 -28.88 -4.08 45.90
N VAL P 105 -28.70 -3.48 47.08
CA VAL P 105 -27.84 -4.05 48.10
C VAL P 105 -28.41 -5.36 48.62
N PHE P 106 -29.72 -5.38 48.91
CA PHE P 106 -30.34 -6.60 49.40
C PHE P 106 -30.27 -7.72 48.38
N ALA P 107 -30.52 -7.40 47.10
CA ALA P 107 -30.42 -8.44 46.07
C ALA P 107 -29.00 -8.97 45.96
N GLY P 108 -28.00 -8.08 46.02
CA GLY P 108 -26.63 -8.54 45.95
C GLY P 108 -26.25 -9.44 47.11
N ALA P 109 -26.64 -9.05 48.32
CA ALA P 109 -26.36 -9.88 49.49
C ALA P 109 -27.06 -11.23 49.39
N LEU P 110 -28.32 -11.22 48.95
CA LEU P 110 -29.06 -12.47 48.82
C LEU P 110 -28.40 -13.40 47.82
N LEU P 111 -27.94 -12.85 46.70
CA LEU P 111 -27.30 -13.70 45.69
C LEU P 111 -25.95 -14.21 46.16
N GLU P 112 -25.20 -13.39 46.89
CA GLU P 112 -23.93 -13.86 47.44
C GLU P 112 -24.15 -15.03 48.40
N LEU P 113 -25.11 -14.88 49.31
CA LEU P 113 -25.38 -15.95 50.26
C LEU P 113 -25.99 -17.16 49.58
N ALA P 114 -26.72 -16.95 48.49
CA ALA P 114 -27.22 -18.09 47.71
C ALA P 114 -26.07 -18.87 47.09
N GLU P 115 -25.06 -18.16 46.58
CA GLU P 115 -23.88 -18.85 46.07
C GLU P 115 -23.20 -19.65 47.18
N GLU P 116 -23.10 -19.05 48.37
CA GLU P 116 -22.51 -19.77 49.50
C GLU P 116 -23.28 -21.05 49.80
N LEU P 117 -24.61 -20.94 49.84
CA LEU P 117 -25.45 -22.11 50.13
C LEU P 117 -25.30 -23.18 49.06
N LEU P 118 -25.26 -22.77 47.80
CA LEU P 118 -25.07 -23.74 46.72
C LEU P 118 -23.73 -24.44 46.83
N ARG P 119 -22.71 -23.70 47.25
CA ARG P 119 -21.38 -24.30 47.39
C ARG P 119 -21.35 -25.30 48.54
N ILE P 120 -22.02 -25.00 49.65
CA ILE P 120 -21.97 -25.92 50.78
C ILE P 120 -22.81 -27.17 50.56
N GLY P 121 -23.69 -27.19 49.56
CA GLY P 121 -24.38 -28.42 49.23
C GLY P 121 -25.84 -28.33 48.86
N LEU P 122 -26.49 -27.20 49.15
CA LEU P 122 -27.92 -27.10 48.88
C LEU P 122 -28.19 -27.02 47.38
N SER P 123 -29.42 -27.35 47.00
CA SER P 123 -29.87 -27.23 45.63
C SER P 123 -30.54 -25.88 45.41
N VAL P 124 -30.68 -25.51 44.13
CA VAL P 124 -31.29 -24.23 43.80
C VAL P 124 -32.74 -24.18 44.28
N SER P 125 -33.47 -25.29 44.12
CA SER P 125 -34.86 -25.33 44.54
C SER P 125 -34.99 -25.08 46.03
N GLU P 126 -34.14 -25.70 46.84
CA GLU P 126 -34.20 -25.53 48.28
C GLU P 126 -33.90 -24.09 48.68
N VAL P 127 -32.89 -23.49 48.04
CA VAL P 127 -32.56 -22.09 48.35
C VAL P 127 -33.72 -21.18 47.98
N ILE P 128 -34.32 -21.40 46.82
CA ILE P 128 -35.44 -20.56 46.39
C ILE P 128 -36.62 -20.71 47.34
N GLU P 129 -36.94 -21.94 47.72
CA GLU P 129 -38.05 -22.15 48.65
C GLU P 129 -37.77 -21.50 50.00
N GLY P 130 -36.53 -21.61 50.47
CA GLY P 130 -36.18 -20.96 51.73
C GLY P 130 -36.31 -19.45 51.66
N TYR P 131 -35.83 -18.84 50.58
CA TYR P 131 -36.00 -17.40 50.43
C TYR P 131 -37.46 -17.01 50.36
N GLU P 132 -38.28 -17.78 49.66
CA GLU P 132 -39.71 -17.45 49.58
C GLU P 132 -40.35 -17.53 50.96
N ILE P 133 -40.04 -18.57 51.73
CA ILE P 133 -40.61 -18.69 53.08
C ILE P 133 -40.15 -17.53 53.94
N ALA P 134 -38.86 -17.18 53.85
CA ALA P 134 -38.34 -16.10 54.68
C ALA P 134 -38.91 -14.75 54.28
N CYS P 135 -39.15 -14.54 52.98
CA CYS P 135 -39.78 -13.31 52.54
C CYS P 135 -41.21 -13.20 53.05
N ARG P 136 -41.95 -14.32 53.02
CA ARG P 136 -43.28 -14.31 53.60
C ARG P 136 -43.24 -13.99 55.09
N LYS P 137 -42.28 -14.58 55.80
CA LYS P 137 -42.15 -14.30 57.22
C LYS P 137 -41.81 -12.84 57.47
N ALA P 138 -40.92 -12.26 56.65
CA ALA P 138 -40.55 -10.87 56.83
C ALA P 138 -41.74 -9.95 56.55
N HIS P 139 -42.52 -10.26 55.52
CA HIS P 139 -43.71 -9.45 55.23
C HIS P 139 -44.75 -9.58 56.33
N GLU P 140 -44.80 -10.74 56.99
CA GLU P 140 -45.69 -10.87 58.15
C GLU P 140 -45.18 -10.07 59.33
N ILE P 141 -43.86 -10.06 59.55
CA ILE P 141 -43.28 -9.41 60.71
C ILE P 141 -43.38 -7.89 60.59
N LEU P 142 -43.12 -7.37 59.39
CA LEU P 142 -42.94 -5.93 59.23
C LEU P 142 -44.06 -5.06 59.80
N PRO P 143 -45.34 -5.37 59.64
CA PRO P 143 -46.37 -4.51 60.23
C PRO P 143 -46.24 -4.36 61.74
N ASN P 144 -45.66 -5.34 62.42
CA ASN P 144 -45.45 -5.22 63.86
C ASN P 144 -44.30 -4.31 64.22
N LEU P 145 -43.48 -3.91 63.25
CA LEU P 145 -42.34 -3.05 63.50
C LEU P 145 -42.65 -1.57 63.34
N VAL P 146 -43.90 -1.22 63.04
CA VAL P 146 -44.25 0.18 62.86
C VAL P 146 -44.20 0.89 64.21
N CYS P 147 -43.50 2.01 64.25
CA CYS P 147 -43.30 2.76 65.49
C CYS P 147 -44.28 3.92 65.65
N CYS P 148 -44.61 4.61 64.56
CA CYS P 148 -45.55 5.72 64.64
C CYS P 148 -46.15 5.96 63.26
N SER P 149 -47.17 6.82 63.24
CA SER P 149 -47.89 7.16 62.02
C SER P 149 -47.82 8.65 61.77
N ALA P 150 -48.08 9.04 60.51
CA ALA P 150 -48.01 10.44 60.13
C ALA P 150 -49.05 11.27 60.87
N LYS P 151 -50.29 10.77 60.93
CA LYS P 151 -51.42 11.28 61.72
C LYS P 151 -51.77 12.73 61.42
N ASN P 152 -51.06 13.37 60.49
CA ASN P 152 -51.42 14.69 60.00
C ASN P 152 -50.57 15.05 58.79
N LEU P 153 -51.21 15.50 57.71
CA LEU P 153 -50.49 15.88 56.50
C LEU P 153 -50.79 17.30 56.07
N ARG P 154 -51.60 18.04 56.80
CA ARG P 154 -51.83 19.45 56.52
C ARG P 154 -50.94 20.37 57.35
N ASP P 155 -50.07 19.82 58.19
CA ASP P 155 -49.21 20.61 59.05
C ASP P 155 -47.84 20.75 58.40
N ILE P 156 -47.35 22.00 58.32
CA ILE P 156 -46.06 22.25 57.70
C ILE P 156 -44.95 21.62 58.51
N ASP P 157 -44.96 21.82 59.83
CA ASP P 157 -43.89 21.31 60.67
C ASP P 157 -43.87 19.79 60.69
N GLU P 158 -45.02 19.16 60.86
CA GLU P 158 -45.07 17.71 60.90
C GLU P 158 -44.61 17.10 59.58
N VAL P 159 -45.07 17.66 58.47
CA VAL P 159 -44.66 17.14 57.16
C VAL P 159 -43.17 17.34 56.95
N SER P 160 -42.64 18.49 57.35
CA SER P 160 -41.21 18.72 57.21
C SER P 160 -40.40 17.73 58.03
N SER P 161 -40.82 17.48 59.27
CA SER P 161 -40.12 16.50 60.10
C SER P 161 -40.20 15.11 59.49
N LEU P 162 -41.35 14.75 58.93
CA LEU P 162 -41.49 13.44 58.29
C LEU P 162 -40.58 13.32 57.08
N LEU P 163 -40.50 14.39 56.28
CA LEU P 163 -39.76 14.35 55.02
C LEU P 163 -38.27 14.57 55.20
N ARG P 164 -37.82 15.00 56.38
CA ARG P 164 -36.40 15.26 56.57
C ARG P 164 -35.56 14.01 56.34
N THR P 165 -36.02 12.86 56.84
CA THR P 165 -35.23 11.64 56.73
C THR P 165 -35.07 11.23 55.26
N SER P 166 -36.12 11.39 54.46
CA SER P 166 -36.06 10.97 53.07
C SER P 166 -35.01 11.76 52.29
N ILE P 167 -34.90 13.05 52.58
CA ILE P 167 -33.97 13.90 51.85
C ILE P 167 -32.78 14.24 52.72
N MET P 168 -32.47 13.36 53.67
CA MET P 168 -31.23 13.43 54.41
C MET P 168 -30.15 12.54 53.81
N SER P 169 -30.55 11.44 53.16
CA SER P 169 -29.58 10.61 52.44
C SER P 169 -28.93 11.39 51.31
N LYS P 170 -29.71 12.16 50.57
CA LYS P 170 -29.19 13.10 49.60
C LYS P 170 -29.17 14.49 50.23
N GLN P 171 -28.11 15.24 49.96
CA GLN P 171 -27.91 16.56 50.55
C GLN P 171 -27.91 16.48 52.07
N TYR P 172 -26.93 15.75 52.60
CA TYR P 172 -26.91 15.46 54.03
C TYR P 172 -26.74 16.72 54.86
N GLY P 173 -25.84 17.61 54.46
CA GLY P 173 -25.51 18.75 55.30
C GLY P 173 -26.66 19.72 55.47
N ASN P 174 -27.35 20.04 54.38
CA ASN P 174 -28.45 21.01 54.40
C ASN P 174 -29.75 20.34 53.97
N GLU P 175 -30.42 19.71 54.94
CA GLU P 175 -31.67 19.01 54.69
C GLU P 175 -32.87 19.65 55.36
N VAL P 176 -32.67 20.41 56.43
CA VAL P 176 -33.79 21.07 57.10
C VAL P 176 -34.43 22.10 56.18
N PHE P 177 -33.61 22.89 55.48
CA PHE P 177 -34.12 23.91 54.59
C PHE P 177 -34.88 23.30 53.42
N LEU P 178 -34.31 22.27 52.81
CA LEU P 178 -35.00 21.58 51.72
C LEU P 178 -36.26 20.90 52.22
N ALA P 179 -36.22 20.35 53.44
CA ALA P 179 -37.41 19.74 54.01
C ALA P 179 -38.52 20.76 54.17
N LYS P 180 -38.18 21.96 54.66
CA LYS P 180 -39.19 23.00 54.81
C LYS P 180 -39.76 23.42 53.46
N LEU P 181 -38.89 23.57 52.45
CA LEU P 181 -39.37 23.95 51.12
C LEU P 181 -40.34 22.92 50.57
N ILE P 182 -39.95 21.64 50.59
CA ILE P 182 -40.80 20.61 50.03
C ILE P 182 -42.07 20.45 50.85
N ALA P 183 -42.00 20.63 52.16
CA ALA P 183 -43.19 20.56 52.98
C ALA P 183 -44.18 21.65 52.61
N GLN P 184 -43.69 22.89 52.45
CA GLN P 184 -44.57 23.97 52.04
C GLN P 184 -45.19 23.70 50.67
N ALA P 185 -44.36 23.24 49.73
CA ALA P 185 -44.87 22.98 48.39
C ALA P 185 -45.93 21.88 48.40
N CYS P 186 -45.72 20.83 49.19
CA CYS P 186 -46.68 19.74 49.22
C CYS P 186 -47.95 20.13 49.95
N VAL P 187 -47.84 20.95 51.00
CA VAL P 187 -49.05 21.38 51.72
C VAL P 187 -49.87 22.34 50.87
N SER P 188 -49.23 23.11 50.00
CA SER P 188 -50.00 23.95 49.07
C SER P 188 -50.91 23.09 48.21
N ILE P 189 -50.36 22.02 47.63
CA ILE P 189 -51.10 20.97 46.94
C ILE P 189 -51.75 20.09 48.00
N PHE P 190 -52.45 19.03 47.57
CA PHE P 190 -53.12 18.10 48.47
C PHE P 190 -54.32 18.75 49.13
N PRO P 191 -55.40 18.97 48.38
CA PRO P 191 -56.60 19.60 48.94
C PRO P 191 -57.37 18.68 49.86
N ASP P 192 -58.57 19.09 50.24
CA ASP P 192 -59.41 18.28 51.11
C ASP P 192 -59.66 16.89 50.54
N SER P 193 -59.68 16.76 49.21
CA SER P 193 -59.71 15.43 48.60
C SER P 193 -58.41 14.71 48.88
N GLY P 194 -58.53 13.41 49.18
CA GLY P 194 -57.35 12.65 49.58
C GLY P 194 -56.34 12.42 48.48
N HIS P 195 -56.71 12.64 47.23
CA HIS P 195 -55.80 12.38 46.12
C HIS P 195 -54.71 13.44 46.07
N PHE P 196 -53.47 12.97 45.88
CA PHE P 196 -52.30 13.84 45.76
C PHE P 196 -51.60 13.53 44.45
N ASN P 197 -51.29 14.58 43.68
CA ASN P 197 -50.68 14.43 42.37
C ASN P 197 -49.24 14.90 42.43
N VAL P 198 -48.31 14.04 42.04
CA VAL P 198 -46.89 14.39 42.07
C VAL P 198 -46.59 15.45 41.02
N ASP P 199 -47.20 15.34 39.84
CA ASP P 199 -46.94 16.27 38.75
C ASP P 199 -47.38 17.69 39.06
N ASN P 200 -48.19 17.89 40.10
CA ASN P 200 -48.61 19.23 40.48
C ASN P 200 -47.48 20.05 41.10
N ILE P 201 -46.34 19.43 41.40
CA ILE P 201 -45.18 20.12 41.93
C ILE P 201 -44.19 20.30 40.78
N ARG P 202 -43.95 21.56 40.41
CA ARG P 202 -43.03 21.88 39.34
C ARG P 202 -41.74 22.45 39.92
N VAL P 203 -40.64 22.25 39.21
CA VAL P 203 -39.33 22.70 39.64
C VAL P 203 -38.74 23.57 38.55
N CYS P 204 -38.36 24.79 38.90
CA CYS P 204 -37.70 25.71 37.98
C CYS P 204 -36.27 25.92 38.45
N LYS P 205 -35.32 25.71 37.55
CA LYS P 205 -33.90 25.79 37.88
C LYS P 205 -33.34 27.08 37.29
N ILE P 206 -33.08 28.07 38.14
CA ILE P 206 -32.48 29.33 37.74
C ILE P 206 -31.13 29.43 38.42
N LEU P 207 -30.09 29.64 37.62
CA LEU P 207 -28.72 29.52 38.08
C LEU P 207 -28.20 30.81 38.68
N GLY P 208 -27.42 30.70 39.76
CA GLY P 208 -26.60 31.81 40.19
C GLY P 208 -26.46 32.14 41.67
N SER P 209 -27.50 31.97 42.48
CA SER P 209 -27.51 32.59 43.80
C SER P 209 -27.35 31.60 44.95
N GLY P 210 -26.88 30.39 44.68
CA GLY P 210 -26.70 29.42 45.74
C GLY P 210 -28.02 28.80 46.18
N ILE P 211 -28.00 27.51 46.53
CA ILE P 211 -29.25 26.80 46.76
C ILE P 211 -29.96 27.28 48.02
N SER P 212 -29.26 27.99 48.90
CA SER P 212 -29.92 28.50 50.10
C SER P 212 -30.95 29.58 49.77
N SER P 213 -30.89 30.16 48.58
CA SER P 213 -31.80 31.23 48.18
C SER P 213 -33.04 30.71 47.49
N SER P 214 -33.21 29.40 47.41
CA SER P 214 -34.39 28.83 46.76
C SER P 214 -35.65 29.17 47.55
N SER P 215 -36.78 29.15 46.86
CA SER P 215 -38.05 29.52 47.46
C SER P 215 -39.16 28.74 46.78
N VAL P 216 -40.37 28.84 47.36
CA VAL P 216 -41.55 28.16 46.86
C VAL P 216 -42.54 29.22 46.39
N LEU P 217 -43.04 29.05 45.17
CA LEU P 217 -43.99 29.98 44.58
C LEU P 217 -45.32 29.28 44.33
N HIS P 218 -46.41 29.89 44.78
CA HIS P 218 -47.75 29.34 44.57
C HIS P 218 -48.24 29.80 43.20
N GLY P 219 -47.82 29.05 42.18
CA GLY P 219 -48.16 29.37 40.81
C GLY P 219 -47.24 28.66 39.84
N MET P 220 -46.80 29.33 38.79
CA MET P 220 -45.87 28.75 37.85
C MET P 220 -44.90 29.81 37.35
N VAL P 221 -43.76 29.36 36.86
CA VAL P 221 -42.72 30.23 36.30
C VAL P 221 -42.35 29.69 34.93
N PHE P 222 -42.33 30.56 33.93
CA PHE P 222 -41.92 30.20 32.58
C PHE P 222 -40.72 31.03 32.18
N LYS P 223 -39.66 30.37 31.71
CA LYS P 223 -38.43 31.05 31.31
C LYS P 223 -38.60 31.59 29.89
N LYS P 224 -39.41 32.64 29.78
CA LYS P 224 -39.62 33.31 28.50
C LYS P 224 -40.05 34.74 28.78
N GLU P 225 -40.48 35.44 27.73
CA GLU P 225 -40.82 36.85 27.82
C GLU P 225 -42.20 37.08 27.24
N THR P 226 -42.71 38.29 27.45
CA THR P 226 -44.01 38.68 26.91
C THR P 226 -43.87 39.16 25.48
N GLU P 227 -44.87 38.84 24.67
CA GLU P 227 -44.84 39.26 23.27
C GLU P 227 -45.06 40.77 23.12
N GLY P 228 -45.96 41.33 23.91
CA GLY P 228 -46.40 42.70 23.76
C GLY P 228 -45.63 43.68 24.61
N ASP P 229 -46.22 44.85 24.80
CA ASP P 229 -45.62 45.93 25.58
C ASP P 229 -45.97 45.84 27.06
N VAL P 230 -47.19 45.40 27.38
CA VAL P 230 -47.60 45.27 28.77
C VAL P 230 -46.82 44.12 29.40
N THR P 231 -46.24 44.38 30.58
CA THR P 231 -45.37 43.41 31.23
C THR P 231 -45.74 43.15 32.69
N SER P 232 -46.87 43.66 33.16
CA SER P 232 -47.24 43.47 34.55
C SER P 232 -48.73 43.73 34.72
N VAL P 233 -49.42 42.80 35.36
CA VAL P 233 -50.83 42.93 35.67
C VAL P 233 -51.05 42.57 37.13
N LYS P 234 -51.82 43.38 37.85
CA LYS P 234 -52.04 43.17 39.27
C LYS P 234 -53.38 42.54 39.60
N ASP P 235 -54.29 42.44 38.64
CA ASP P 235 -55.59 41.81 38.87
C ASP P 235 -55.91 40.88 37.70
N ALA P 236 -54.97 39.99 37.39
CA ALA P 236 -54.98 39.26 36.13
C ALA P 236 -56.30 38.57 35.88
N LYS P 237 -56.67 38.50 34.61
CA LYS P 237 -57.90 37.92 34.09
C LYS P 237 -57.60 37.03 32.91
N ILE P 238 -56.65 36.11 33.10
CA ILE P 238 -56.09 35.32 32.01
C ILE P 238 -57.18 34.65 31.20
N ALA P 239 -57.09 34.77 29.88
CA ALA P 239 -57.92 34.03 28.94
C ALA P 239 -57.01 33.18 28.07
N VAL P 240 -57.16 31.86 28.17
CA VAL P 240 -56.24 30.92 27.54
C VAL P 240 -56.85 30.42 26.25
N TYR P 241 -56.05 30.42 25.18
CA TYR P 241 -56.45 29.91 23.88
C TYR P 241 -55.46 28.87 23.42
N SER P 242 -55.97 27.69 23.03
CA SER P 242 -55.12 26.66 22.47
C SER P 242 -54.83 26.87 20.98
N CYS P 243 -55.53 27.77 20.34
CA CYS P 243 -55.36 28.08 18.93
C CYS P 243 -54.37 29.23 18.76
N PRO P 244 -53.75 29.33 17.59
CA PRO P 244 -52.88 30.48 17.33
C PRO P 244 -53.66 31.79 17.42
N PHE P 245 -52.98 32.82 17.93
CA PHE P 245 -53.60 34.13 18.08
C PHE P 245 -53.58 34.87 16.75
N ASP P 246 -54.40 34.35 15.83
CA ASP P 246 -54.48 34.89 14.48
C ASP P 246 -55.84 34.52 13.91
N GLY P 247 -56.24 35.24 12.86
CA GLY P 247 -57.48 34.92 12.18
C GLY P 247 -57.49 33.50 11.65
N MET P 248 -58.51 32.74 12.04
CA MET P 248 -58.55 31.34 11.67
C MET P 248 -58.78 31.18 10.17
N ILE P 249 -58.15 30.15 9.60
CA ILE P 249 -58.17 29.91 8.17
C ILE P 249 -58.82 28.56 7.91
N THR P 250 -59.13 28.31 6.64
CA THR P 250 -59.76 27.06 6.24
C THR P 250 -58.80 25.89 6.45
N GLU P 251 -59.32 24.68 6.26
CA GLU P 251 -58.54 23.48 6.48
C GLU P 251 -58.17 22.74 5.21
N THR P 252 -58.96 22.85 4.15
CA THR P 252 -58.58 22.21 2.89
C THR P 252 -57.57 23.04 2.11
N LYS P 253 -58.01 24.21 1.64
CA LYS P 253 -57.15 25.13 0.92
C LYS P 253 -57.86 26.45 0.72
N GLY P 254 -57.23 27.55 1.09
CA GLY P 254 -57.85 28.84 0.94
C GLY P 254 -57.12 29.74 -0.03
N THR P 255 -57.82 30.20 -1.06
CA THR P 255 -57.27 31.16 -2.00
C THR P 255 -58.20 32.35 -2.10
N VAL P 256 -57.62 33.55 -2.11
CA VAL P 256 -58.38 34.79 -2.15
C VAL P 256 -58.68 35.09 -3.62
N LEU P 257 -59.92 34.86 -4.03
CA LEU P 257 -60.33 35.07 -5.42
C LEU P 257 -60.80 36.50 -5.56
N ILE P 258 -60.05 37.30 -6.32
CA ILE P 258 -60.36 38.70 -6.57
C ILE P 258 -60.83 38.84 -8.01
N LYS P 259 -61.98 39.47 -8.21
CA LYS P 259 -62.52 39.68 -9.54
C LYS P 259 -62.72 41.14 -9.91
N THR P 260 -62.69 42.05 -8.94
CA THR P 260 -62.85 43.47 -9.22
C THR P 260 -61.77 44.25 -8.45
N ALA P 261 -61.57 45.49 -8.87
CA ALA P 261 -60.60 46.34 -8.17
C ALA P 261 -61.05 46.65 -6.76
N GLU P 262 -62.36 46.83 -6.55
CA GLU P 262 -62.86 47.20 -5.23
C GLU P 262 -62.58 46.11 -4.21
N GLU P 263 -62.78 44.84 -4.60
CA GLU P 263 -62.47 43.75 -3.68
C GLU P 263 -61.01 43.72 -3.32
N LEU P 264 -60.13 43.95 -4.30
CA LEU P 264 -58.70 43.97 -4.03
C LEU P 264 -58.35 45.10 -3.07
N MET P 265 -58.95 46.27 -3.25
CA MET P 265 -58.62 47.40 -2.40
C MET P 265 -59.20 47.24 -0.99
N ASN P 266 -60.31 46.53 -0.85
CA ASN P 266 -60.97 46.42 0.44
C ASN P 266 -60.59 45.18 1.23
N PHE P 267 -59.92 44.20 0.60
CA PHE P 267 -59.70 42.92 1.27
C PHE P 267 -58.84 43.08 2.53
N SER P 268 -57.67 43.70 2.40
CA SER P 268 -56.77 43.80 3.54
C SER P 268 -57.38 44.65 4.65
N LYS P 269 -58.04 45.74 4.28
CA LYS P 269 -58.67 46.60 5.28
C LYS P 269 -59.77 45.85 6.02
N GLY P 270 -60.57 45.06 5.30
CA GLY P 270 -61.60 44.28 5.95
C GLY P 270 -61.04 43.23 6.87
N GLU P 271 -59.97 42.57 6.45
CA GLU P 271 -59.33 41.58 7.31
C GLU P 271 -58.80 42.21 8.59
N GLU P 272 -58.16 43.38 8.46
CA GLU P 272 -57.66 44.09 9.63
C GLU P 272 -58.80 44.51 10.55
N ASN P 273 -59.90 44.99 9.98
CA ASN P 273 -61.05 45.38 10.80
C ASN P 273 -61.62 44.17 11.54
N LEU P 274 -61.68 43.02 10.87
CA LEU P 274 -62.18 41.82 11.52
C LEU P 274 -61.29 41.42 12.69
N MET P 275 -59.97 41.45 12.49
CA MET P 275 -59.06 41.12 13.58
C MET P 275 -59.21 42.10 14.73
N ASP P 276 -59.34 43.39 14.42
CA ASP P 276 -59.52 44.39 15.46
C ASP P 276 -60.81 44.13 16.24
N ALA P 277 -61.89 43.79 15.53
CA ALA P 277 -63.15 43.51 16.20
C ALA P 277 -63.03 42.31 17.12
N GLN P 278 -62.35 41.25 16.66
CA GLN P 278 -62.19 40.07 17.51
C GLN P 278 -61.38 40.40 18.76
N VAL P 279 -60.28 41.14 18.61
CA VAL P 279 -59.45 41.45 19.76
C VAL P 279 -60.20 42.35 20.75
N LYS P 280 -60.93 43.34 20.23
CA LYS P 280 -61.70 44.20 21.12
C LYS P 280 -62.80 43.44 21.82
N ALA P 281 -63.43 42.48 21.14
CA ALA P 281 -64.44 41.65 21.78
C ALA P 281 -63.82 40.84 22.91
N ILE P 282 -62.62 40.31 22.70
CA ILE P 282 -61.91 39.61 23.77
C ILE P 282 -61.65 40.55 24.94
N ALA P 283 -61.16 41.75 24.64
CA ALA P 283 -60.78 42.67 25.70
C ALA P 283 -61.97 43.20 26.47
N ASP P 284 -63.14 43.30 25.84
CA ASP P 284 -64.30 43.88 26.49
C ASP P 284 -64.85 43.00 27.62
N THR P 285 -64.42 41.75 27.72
CA THR P 285 -64.83 40.89 28.81
C THR P 285 -64.05 41.13 30.08
N GLY P 286 -63.15 42.10 30.09
CA GLY P 286 -62.31 42.36 31.24
C GLY P 286 -61.00 41.62 31.23
N ALA P 287 -60.77 40.73 30.27
CA ALA P 287 -59.52 40.01 30.20
C ALA P 287 -58.37 40.96 29.91
N ASN P 288 -57.28 40.81 30.64
CA ASN P 288 -56.10 41.64 30.45
C ASN P 288 -54.84 40.83 30.25
N VAL P 289 -54.91 39.50 30.32
CA VAL P 289 -53.79 38.62 30.01
C VAL P 289 -54.31 37.55 29.06
N VAL P 290 -53.59 37.32 27.97
CA VAL P 290 -53.94 36.31 26.99
C VAL P 290 -52.78 35.35 26.84
N VAL P 291 -53.06 34.05 26.97
CA VAL P 291 -52.07 32.99 26.82
C VAL P 291 -52.49 32.15 25.62
N THR P 292 -51.60 32.02 24.65
CA THR P 292 -51.88 31.29 23.42
C THR P 292 -50.89 30.15 23.27
N GLY P 293 -51.38 29.01 22.82
CA GLY P 293 -50.54 27.87 22.53
C GLY P 293 -49.90 27.87 21.17
N GLY P 294 -50.22 28.84 20.32
CA GLY P 294 -49.66 28.90 18.99
C GLY P 294 -48.94 30.21 18.72
N LYS P 295 -48.68 30.51 17.46
CA LYS P 295 -47.99 31.73 17.09
C LYS P 295 -48.89 32.94 17.31
N VAL P 296 -48.27 34.12 17.25
CA VAL P 296 -48.98 35.38 17.42
C VAL P 296 -48.79 36.19 16.14
N ALA P 297 -49.90 36.53 15.49
CA ALA P 297 -49.83 37.33 14.28
C ALA P 297 -49.48 38.78 14.60
N ASP P 298 -48.92 39.47 13.61
CA ASP P 298 -48.48 40.84 13.82
C ASP P 298 -49.65 41.79 14.06
N MET P 299 -50.71 41.66 13.26
CA MET P 299 -51.88 42.50 13.46
C MET P 299 -52.52 42.24 14.81
N ALA P 300 -52.62 40.96 15.19
CA ALA P 300 -53.18 40.63 16.50
C ALA P 300 -52.34 41.21 17.63
N LEU P 301 -51.01 41.13 17.50
CA LEU P 301 -50.15 41.70 18.52
C LEU P 301 -50.31 43.21 18.60
N HIS P 302 -50.39 43.87 17.44
CA HIS P 302 -50.56 45.32 17.44
C HIS P 302 -51.87 45.73 18.10
N TYR P 303 -52.95 45.02 17.80
CA TYR P 303 -54.24 45.39 18.38
C TYR P 303 -54.29 45.04 19.86
N ALA P 304 -53.62 43.97 20.28
CA ALA P 304 -53.52 43.68 21.70
C ALA P 304 -52.74 44.78 22.43
N ASN P 305 -51.66 45.25 21.82
CA ASN P 305 -50.91 46.36 22.40
C ASN P 305 -51.75 47.62 22.47
N LYS P 306 -52.65 47.82 21.50
CA LYS P 306 -53.52 48.99 21.53
C LYS P 306 -54.47 48.94 22.72
N TYR P 307 -54.95 47.76 23.07
CA TYR P 307 -55.94 47.60 24.13
C TYR P 307 -55.33 47.19 25.46
N ASN P 308 -54.00 47.26 25.60
CA ASN P 308 -53.31 46.97 26.85
C ASN P 308 -53.62 45.56 27.34
N ILE P 309 -53.20 44.59 26.55
CA ILE P 309 -53.40 43.17 26.85
C ILE P 309 -52.04 42.49 26.86
N MET P 310 -51.77 41.74 27.92
CA MET P 310 -50.50 41.03 28.05
C MET P 310 -50.55 39.73 27.26
N LEU P 311 -49.54 39.50 26.44
CA LEU P 311 -49.45 38.30 25.61
C LEU P 311 -48.36 37.39 26.14
N VAL P 312 -48.70 36.11 26.33
CA VAL P 312 -47.74 35.08 26.68
C VAL P 312 -47.98 33.91 25.73
N ARG P 313 -46.91 33.39 25.13
CA ARG P 313 -47.00 32.31 24.16
C ARG P 313 -46.33 31.07 24.74
N LEU P 314 -47.13 30.06 25.04
CA LEU P 314 -46.63 28.82 25.61
C LEU P 314 -46.38 27.81 24.49
N ASN P 315 -45.13 27.33 24.40
CA ASN P 315 -44.77 26.44 23.31
C ASN P 315 -45.36 25.05 23.48
N SER P 316 -45.28 24.49 24.69
CA SER P 316 -45.67 23.12 24.94
C SER P 316 -47.09 23.05 25.46
N LYS P 317 -47.87 22.08 24.96
CA LYS P 317 -49.24 21.92 25.42
C LYS P 317 -49.30 21.48 26.86
N TRP P 318 -48.25 20.81 27.35
CA TRP P 318 -48.20 20.43 28.76
C TRP P 318 -48.20 21.67 29.64
N ASP P 319 -47.40 22.67 29.28
CA ASP P 319 -47.38 23.91 30.04
C ASP P 319 -48.72 24.62 29.96
N LEU P 320 -49.37 24.57 28.80
CA LEU P 320 -50.69 25.19 28.66
C LEU P 320 -51.70 24.53 29.59
N ARG P 321 -51.70 23.19 29.63
CA ARG P 321 -52.62 22.49 30.51
C ARG P 321 -52.32 22.79 31.98
N ARG P 322 -51.04 22.81 32.35
CA ARG P 322 -50.68 23.11 33.73
C ARG P 322 -51.10 24.51 34.11
N LEU P 323 -50.91 25.48 33.22
CA LEU P 323 -51.35 26.85 33.50
C LEU P 323 -52.86 26.92 33.64
N CYS P 324 -53.59 26.21 32.78
CA CYS P 324 -55.04 26.20 32.90
C CYS P 324 -55.46 25.63 34.25
N LYS P 325 -54.78 24.58 34.71
CA LYS P 325 -55.08 24.00 36.01
C LYS P 325 -54.79 25.00 37.13
N THR P 326 -53.65 25.68 37.07
CA THR P 326 -53.21 26.52 38.16
C THR P 326 -53.92 27.87 38.19
N VAL P 327 -54.56 28.28 37.10
CA VAL P 327 -55.26 29.55 37.03
C VAL P 327 -56.77 29.36 37.14
N GLY P 328 -57.29 28.30 36.56
CA GLY P 328 -58.72 28.06 36.53
C GLY P 328 -59.39 28.46 35.24
N ALA P 329 -58.69 28.38 34.11
CA ALA P 329 -59.24 28.74 32.82
C ALA P 329 -59.38 27.50 31.95
N THR P 330 -60.20 27.64 30.90
CA THR P 330 -60.43 26.58 29.93
C THR P 330 -59.79 26.97 28.61
N ALA P 331 -58.99 26.08 28.05
CA ALA P 331 -58.28 26.36 26.81
C ALA P 331 -59.27 26.40 25.66
N LEU P 332 -59.66 27.60 25.25
CA LEU P 332 -60.62 27.74 24.16
C LEU P 332 -59.98 27.35 22.83
N PRO P 333 -60.76 26.78 21.92
CA PRO P 333 -60.21 26.40 20.61
C PRO P 333 -60.35 27.45 19.53
N ARG P 334 -61.09 28.52 19.76
CA ARG P 334 -61.28 29.59 18.79
C ARG P 334 -60.92 30.92 19.43
N LEU P 335 -61.09 32.00 18.69
CA LEU P 335 -60.84 33.34 19.19
C LEU P 335 -62.07 34.00 19.79
N THR P 336 -63.05 33.21 20.22
CA THR P 336 -64.23 33.78 20.83
C THR P 336 -63.90 34.35 22.21
N PRO P 337 -64.55 35.42 22.61
CA PRO P 337 -64.36 35.94 23.97
C PRO P 337 -64.77 34.91 25.00
N PRO P 338 -64.07 34.82 26.11
CA PRO P 338 -64.37 33.78 27.10
C PRO P 338 -65.55 34.14 27.97
N VAL P 339 -66.39 33.15 28.26
CA VAL P 339 -67.49 33.32 29.19
C VAL P 339 -66.91 33.41 30.60
N LEU P 340 -67.72 33.83 31.56
CA LEU P 340 -67.20 34.06 32.91
C LEU P 340 -66.68 32.78 33.55
N GLU P 341 -67.21 31.62 33.18
CA GLU P 341 -66.71 30.38 33.74
C GLU P 341 -65.34 30.03 33.19
N GLU P 342 -65.11 30.24 31.90
CA GLU P 342 -63.86 29.87 31.26
C GLU P 342 -62.74 30.87 31.52
N MET P 343 -63.05 32.03 32.08
CA MET P 343 -62.04 33.04 32.32
C MET P 343 -61.20 32.67 33.53
N GLY P 344 -59.89 32.68 33.37
CA GLY P 344 -58.99 32.39 34.46
C GLY P 344 -58.67 33.62 35.29
N HIS P 345 -58.29 33.40 36.53
CA HIS P 345 -57.96 34.47 37.45
C HIS P 345 -56.67 34.16 38.18
N CYS P 346 -55.92 35.22 38.48
CA CYS P 346 -54.67 35.10 39.22
C CYS P 346 -54.43 36.41 39.95
N ASP P 347 -53.64 36.34 41.02
CA ASP P 347 -53.39 37.51 41.83
C ASP P 347 -52.43 38.48 41.15
N SER P 348 -51.45 37.99 40.42
CA SER P 348 -50.48 38.85 39.77
C SER P 348 -49.71 38.11 38.69
N VAL P 349 -49.65 38.70 37.48
CA VAL P 349 -48.83 38.19 36.40
C VAL P 349 -47.88 39.30 35.99
N TYR P 350 -46.59 38.99 35.95
CA TYR P 350 -45.61 40.03 35.66
C TYR P 350 -44.37 39.40 35.05
N LEU P 351 -43.55 40.23 34.42
CA LEU P 351 -42.27 39.84 33.88
C LEU P 351 -41.18 40.24 34.86
N SER P 352 -40.27 39.31 35.13
CA SER P 352 -39.18 39.57 36.06
C SER P 352 -37.94 38.84 35.58
N GLU P 353 -36.79 39.29 36.09
CA GLU P 353 -35.50 38.69 35.76
C GLU P 353 -34.88 38.14 37.03
N VAL P 354 -34.54 36.86 37.00
CA VAL P 354 -33.84 36.20 38.10
C VAL P 354 -32.49 35.75 37.58
N GLY P 355 -31.42 36.24 38.20
CA GLY P 355 -30.09 36.01 37.66
C GLY P 355 -29.91 36.77 36.36
N ASP P 356 -29.87 36.04 35.24
CA ASP P 356 -29.85 36.67 33.92
C ASP P 356 -30.93 36.14 33.00
N THR P 357 -31.91 35.40 33.53
CA THR P 357 -32.98 34.84 32.74
C THR P 357 -34.28 35.59 33.00
N GLN P 358 -34.96 35.99 31.94
CA GLN P 358 -36.25 36.63 32.07
C GLN P 358 -37.33 35.58 32.22
N VAL P 359 -38.20 35.76 33.21
CA VAL P 359 -39.26 34.80 33.49
C VAL P 359 -40.60 35.52 33.56
N VAL P 360 -41.66 34.77 33.30
CA VAL P 360 -43.03 35.25 33.48
C VAL P 360 -43.63 34.47 34.64
N VAL P 361 -44.15 35.19 35.63
CA VAL P 361 -44.59 34.60 36.88
C VAL P 361 -46.10 34.76 37.01
N PHE P 362 -46.78 33.67 37.30
CA PHE P 362 -48.21 33.66 37.58
C PHE P 362 -48.37 33.38 39.07
N LYS P 363 -48.48 34.44 39.86
CA LYS P 363 -48.34 34.36 41.31
C LYS P 363 -49.70 34.47 41.99
N HIS P 364 -49.99 33.52 42.88
CA HIS P 364 -51.18 33.54 43.71
C HIS P 364 -50.82 34.06 45.10
N GLU P 365 -51.63 35.00 45.61
CA GLU P 365 -51.43 35.44 46.98
C GLU P 365 -51.96 34.44 47.99
N LYS P 366 -53.02 33.70 47.63
CA LYS P 366 -53.58 32.72 48.54
C LYS P 366 -52.62 31.55 48.74
N GLU P 367 -52.73 30.91 49.89
CA GLU P 367 -51.93 29.72 50.20
C GLU P 367 -52.59 28.46 49.68
N ASP P 368 -52.92 28.47 48.39
CA ASP P 368 -53.66 27.37 47.77
C ASP P 368 -53.45 27.45 46.26
N GLY P 369 -53.88 26.41 45.59
CA GLY P 369 -53.77 26.32 44.15
C GLY P 369 -53.60 24.88 43.71
N ALA P 370 -53.98 24.60 42.47
CA ALA P 370 -53.84 23.26 41.94
C ALA P 370 -52.37 22.89 41.75
N ILE P 371 -51.54 23.85 41.36
CA ILE P 371 -50.14 23.59 41.02
C ILE P 371 -49.27 24.59 41.75
N SER P 372 -48.20 24.10 42.37
CA SER P 372 -47.20 24.94 43.03
C SER P 372 -45.84 24.62 42.45
N THR P 373 -44.96 25.62 42.44
CA THR P 373 -43.65 25.49 41.83
C THR P 373 -42.57 25.86 42.82
N ILE P 374 -41.41 25.24 42.66
CA ILE P 374 -40.23 25.51 43.48
C ILE P 374 -39.16 26.09 42.58
N VAL P 375 -38.67 27.28 42.94
CA VAL P 375 -37.61 27.93 42.18
C VAL P 375 -36.28 27.55 42.82
N LEU P 376 -35.49 26.74 42.11
CA LEU P 376 -34.22 26.27 42.63
C LEU P 376 -33.10 27.18 42.14
N ARG P 377 -32.33 27.71 43.08
CA ARG P 377 -31.12 28.45 42.75
C ARG P 377 -29.91 27.59 43.02
N GLY P 378 -28.76 28.05 42.54
CA GLY P 378 -27.53 27.30 42.74
C GLY P 378 -26.43 27.87 41.87
N SER P 379 -25.22 27.38 42.14
CA SER P 379 -24.03 27.84 41.44
C SER P 379 -23.59 26.90 40.33
N THR P 380 -24.30 25.79 40.11
CA THR P 380 -23.92 24.83 39.09
C THR P 380 -25.18 24.14 38.58
N ASP P 381 -25.17 23.80 37.30
CA ASP P 381 -26.28 23.05 36.74
C ASP P 381 -26.41 21.67 37.38
N ASN P 382 -25.28 20.98 37.56
CA ASN P 382 -25.32 19.66 38.15
C ASN P 382 -25.83 19.69 39.59
N LEU P 383 -25.43 20.71 40.34
CA LEU P 383 -25.92 20.84 41.71
C LEU P 383 -27.43 21.02 41.74
N MET P 384 -27.96 21.86 40.85
CA MET P 384 -29.40 22.04 40.80
C MET P 384 -30.11 20.77 40.37
N ASP P 385 -29.52 20.01 39.45
CA ASP P 385 -30.12 18.74 39.06
C ASP P 385 -30.18 17.77 40.24
N ASP P 386 -29.10 17.71 41.02
CA ASP P 386 -29.09 16.83 42.18
C ASP P 386 -30.12 17.28 43.22
N ILE P 387 -30.24 18.58 43.42
CA ILE P 387 -31.25 19.09 44.35
C ILE P 387 -32.65 18.75 43.85
N GLU P 388 -32.84 18.80 42.52
CA GLU P 388 -34.12 18.41 41.95
C GLU P 388 -34.41 16.94 42.20
N ARG P 389 -33.38 16.09 42.10
CA ARG P 389 -33.58 14.67 42.41
C ARG P 389 -33.98 14.49 43.87
N ALA P 390 -33.35 15.24 44.78
CA ALA P 390 -33.72 15.17 46.18
C ALA P 390 -35.16 15.63 46.38
N VAL P 391 -35.56 16.69 45.67
CA VAL P 391 -36.93 17.17 45.77
C VAL P 391 -37.91 16.11 45.27
N ASP P 392 -37.56 15.42 44.20
CA ASP P 392 -38.41 14.35 43.69
C ASP P 392 -38.54 13.24 44.73
N ASP P 393 -37.43 12.89 45.39
CA ASP P 393 -37.50 11.87 46.43
C ASP P 393 -38.42 12.31 47.56
N GLY P 394 -38.32 13.56 47.98
CA GLY P 394 -39.19 14.05 49.05
C GLY P 394 -40.66 14.06 48.65
N VAL P 395 -40.94 14.47 47.41
CA VAL P 395 -42.32 14.48 46.94
C VAL P 395 -42.88 13.06 46.87
N ASN P 396 -42.08 12.11 46.39
CA ASN P 396 -42.53 10.73 46.36
C ASN P 396 -42.76 10.20 47.76
N THR P 397 -41.93 10.61 48.72
CA THR P 397 -42.16 10.21 50.10
C THR P 397 -43.48 10.76 50.63
N PHE P 398 -43.78 12.01 50.30
CA PHE P 398 -45.07 12.58 50.71
C PHE P 398 -46.23 11.82 50.07
N LYS P 399 -46.09 11.46 48.80
CA LYS P 399 -47.13 10.68 48.14
C LYS P 399 -47.34 9.34 48.83
N VAL P 400 -46.24 8.66 49.18
CA VAL P 400 -46.34 7.38 49.86
C VAL P 400 -47.04 7.56 51.20
N LEU P 401 -46.69 8.62 51.92
CA LEU P 401 -47.34 8.89 53.21
C LEU P 401 -48.83 9.11 53.03
N THR P 402 -49.23 9.77 51.94
CA THR P 402 -50.65 9.90 51.65
C THR P 402 -51.27 8.52 51.41
N ARG P 403 -50.56 7.64 50.72
CA ARG P 403 -51.09 6.29 50.47
C ARG P 403 -51.12 5.47 51.75
N ASP P 404 -50.03 5.48 52.52
CA ASP P 404 -49.93 4.72 53.76
C ASP P 404 -49.16 5.53 54.78
N LYS P 405 -49.72 5.71 55.97
CA LYS P 405 -49.14 6.58 56.98
C LYS P 405 -48.22 5.87 57.95
N ARG P 406 -48.03 4.57 57.81
CA ARG P 406 -47.21 3.83 58.77
C ARG P 406 -45.73 4.04 58.48
N LEU P 407 -44.94 4.16 59.55
CA LEU P 407 -43.51 4.39 59.45
C LEU P 407 -42.77 3.38 60.34
N VAL P 408 -41.56 3.04 59.92
CA VAL P 408 -40.73 2.10 60.66
C VAL P 408 -39.41 2.78 61.01
N PRO P 409 -38.73 2.39 62.08
CA PRO P 409 -37.47 3.04 62.42
C PRO P 409 -36.42 2.82 61.36
N GLY P 410 -35.61 3.85 61.11
CA GLY P 410 -34.58 3.81 60.11
C GLY P 410 -33.20 3.57 60.70
N GLY P 411 -32.19 3.81 59.88
CA GLY P 411 -30.81 3.61 60.31
C GLY P 411 -30.49 2.16 60.61
N GLY P 412 -31.04 1.24 59.83
CA GLY P 412 -30.76 -0.17 60.00
C GLY P 412 -31.46 -0.83 61.15
N ALA P 413 -32.23 -0.09 61.96
CA ALA P 413 -32.92 -0.70 63.08
C ALA P 413 -33.94 -1.72 62.61
N THR P 414 -34.73 -1.35 61.59
CA THR P 414 -35.71 -2.28 61.07
C THR P 414 -35.04 -3.52 60.47
N GLU P 415 -33.93 -3.32 59.77
CA GLU P 415 -33.23 -4.45 59.18
C GLU P 415 -32.68 -5.39 60.25
N ILE P 416 -32.11 -4.83 61.31
CA ILE P 416 -31.61 -5.67 62.39
C ILE P 416 -32.73 -6.43 63.07
N GLU P 417 -33.86 -5.76 63.33
CA GLU P 417 -34.98 -6.44 63.96
C GLU P 417 -35.51 -7.56 63.07
N LEU P 418 -35.62 -7.30 61.76
CA LEU P 418 -36.07 -8.33 60.84
C LEU P 418 -35.10 -9.50 60.83
N ALA P 419 -33.79 -9.20 60.79
CA ALA P 419 -32.80 -10.28 60.78
C ALA P 419 -32.89 -11.11 62.04
N LYS P 420 -33.02 -10.47 63.20
CA LYS P 420 -33.09 -11.22 64.45
C LYS P 420 -34.32 -12.10 64.49
N GLN P 421 -35.48 -11.55 64.10
CA GLN P 421 -36.71 -12.34 64.18
C GLN P 421 -36.71 -13.47 63.17
N ILE P 422 -36.19 -13.23 61.97
CA ILE P 422 -36.15 -14.29 60.97
C ILE P 422 -35.17 -15.38 61.38
N THR P 423 -34.04 -14.99 61.98
CA THR P 423 -33.11 -16.00 62.49
C THR P 423 -33.75 -16.83 63.59
N SER P 424 -34.50 -16.18 64.48
CA SER P 424 -35.19 -16.92 65.53
C SER P 424 -36.20 -17.89 64.94
N TYR P 425 -36.95 -17.46 63.93
CA TYR P 425 -37.94 -18.33 63.33
C TYR P 425 -37.29 -19.50 62.59
N GLY P 426 -36.19 -19.24 61.88
CA GLY P 426 -35.57 -20.28 61.09
C GLY P 426 -34.96 -21.40 61.91
N GLU P 427 -34.56 -21.09 63.16
CA GLU P 427 -34.02 -22.13 64.02
C GLU P 427 -35.07 -23.18 64.35
N THR P 428 -36.31 -22.75 64.61
CA THR P 428 -37.37 -23.69 64.93
C THR P 428 -37.75 -24.54 63.72
N CYS P 429 -37.54 -24.03 62.52
CA CYS P 429 -37.92 -24.76 61.32
C CYS P 429 -36.90 -25.86 61.03
N PRO P 430 -37.31 -27.13 60.98
CA PRO P 430 -36.37 -28.19 60.61
C PRO P 430 -36.24 -28.31 59.11
N GLY P 431 -35.50 -29.30 58.64
CA GLY P 431 -35.31 -29.49 57.22
C GLY P 431 -34.18 -28.65 56.67
N LEU P 432 -33.96 -28.80 55.37
CA LEU P 432 -32.84 -28.12 54.71
C LEU P 432 -33.14 -26.66 54.38
N GLU P 433 -34.36 -26.20 54.59
CA GLU P 433 -34.68 -24.80 54.32
C GLU P 433 -34.24 -23.87 55.43
N GLN P 434 -33.80 -24.40 56.58
CA GLN P 434 -33.35 -23.54 57.67
C GLN P 434 -32.10 -22.78 57.28
N TYR P 435 -31.21 -23.41 56.50
CA TYR P 435 -30.01 -22.71 56.04
C TYR P 435 -30.38 -21.52 55.16
N ALA P 436 -31.31 -21.73 54.23
CA ALA P 436 -31.73 -20.63 53.37
C ALA P 436 -32.43 -19.53 54.16
N ILE P 437 -33.25 -19.90 55.14
CA ILE P 437 -33.91 -18.89 55.95
C ILE P 437 -32.89 -18.08 56.75
N LYS P 438 -31.89 -18.76 57.33
CA LYS P 438 -30.87 -18.05 58.08
C LYS P 438 -30.05 -17.14 57.18
N LYS P 439 -29.74 -17.58 55.97
CA LYS P 439 -29.02 -16.72 55.05
C LYS P 439 -29.86 -15.52 54.64
N PHE P 440 -31.15 -15.72 54.44
CA PHE P 440 -32.04 -14.59 54.15
C PHE P 440 -32.02 -13.58 55.29
N ALA P 441 -32.05 -14.07 56.53
CA ALA P 441 -31.96 -13.17 57.67
C ALA P 441 -30.62 -12.44 57.67
N GLU P 442 -29.53 -13.16 57.43
CA GLU P 442 -28.21 -12.54 57.47
C GLU P 442 -28.03 -11.52 56.36
N ALA P 443 -28.76 -11.67 55.26
CA ALA P 443 -28.65 -10.71 54.17
C ALA P 443 -29.14 -9.33 54.55
N PHE P 444 -29.94 -9.22 55.63
CA PHE P 444 -30.38 -7.92 56.09
C PHE P 444 -29.24 -7.12 56.72
N GLU P 445 -28.16 -7.79 57.13
CA GLU P 445 -27.04 -7.09 57.75
C GLU P 445 -26.32 -6.17 56.78
N ALA P 446 -26.52 -6.35 55.48
CA ALA P 446 -25.81 -5.53 54.51
C ALA P 446 -26.20 -4.07 54.59
N ILE P 447 -27.37 -3.75 55.14
CA ILE P 447 -27.81 -2.37 55.23
C ILE P 447 -27.06 -1.67 56.36
N PRO P 448 -27.12 -2.14 57.62
CA PRO P 448 -26.28 -1.49 58.63
C PRO P 448 -24.81 -1.59 58.34
N ARG P 449 -24.36 -2.67 57.68
CA ARG P 449 -22.95 -2.77 57.31
C ARG P 449 -22.58 -1.69 56.31
N ALA P 450 -23.41 -1.45 55.30
CA ALA P 450 -23.13 -0.39 54.35
C ALA P 450 -23.14 0.97 55.02
N LEU P 451 -24.09 1.20 55.92
CA LEU P 451 -24.15 2.48 56.63
C LEU P 451 -22.90 2.69 57.47
N ALA P 452 -22.47 1.67 58.21
CA ALA P 452 -21.28 1.79 59.04
C ALA P 452 -20.02 1.99 58.21
N GLU P 453 -19.91 1.27 57.09
CA GLU P 453 -18.75 1.43 56.23
C GLU P 453 -18.70 2.84 55.65
N ASN P 454 -19.84 3.35 55.20
CA ASN P 454 -19.85 4.69 54.62
C ASN P 454 -19.59 5.76 55.67
N SER P 455 -20.04 5.54 56.92
CA SER P 455 -19.78 6.50 57.97
C SER P 455 -18.35 6.47 58.47
N GLY P 456 -17.56 5.49 58.07
CA GLY P 456 -16.16 5.44 58.47
C GLY P 456 -15.87 4.71 59.76
N VAL P 457 -16.78 3.86 60.23
CA VAL P 457 -16.55 3.10 61.46
C VAL P 457 -16.45 1.62 61.12
N LYS P 458 -16.18 0.80 62.14
CA LYS P 458 -16.09 -0.64 61.95
C LYS P 458 -17.49 -1.24 61.93
N ALA P 459 -17.85 -1.89 60.84
CA ALA P 459 -19.20 -2.41 60.70
C ALA P 459 -19.49 -3.52 61.70
N ASN P 460 -18.50 -4.36 61.98
CA ASN P 460 -18.73 -5.50 62.86
C ASN P 460 -19.10 -5.06 64.27
N GLU P 461 -18.41 -4.05 64.80
CA GLU P 461 -18.74 -3.55 66.12
C GLU P 461 -20.16 -2.99 66.15
N VAL P 462 -20.54 -2.26 65.10
CA VAL P 462 -21.88 -1.69 65.03
C VAL P 462 -22.93 -2.79 65.02
N ILE P 463 -22.70 -3.84 64.22
CA ILE P 463 -23.68 -4.93 64.13
C ILE P 463 -23.77 -5.67 65.45
N SER P 464 -22.64 -5.91 66.11
CA SER P 464 -22.67 -6.58 67.41
C SER P 464 -23.44 -5.76 68.44
N LYS P 465 -23.19 -4.45 68.47
CA LYS P 465 -23.92 -3.59 69.39
C LYS P 465 -25.41 -3.59 69.07
N LEU P 466 -25.77 -3.59 67.80
CA LEU P 466 -27.18 -3.59 67.43
C LEU P 466 -27.87 -4.89 67.85
N TYR P 467 -27.22 -6.04 67.63
CA TYR P 467 -27.77 -7.29 68.13
C TYR P 467 -27.91 -7.28 69.65
N ALA P 468 -26.91 -6.78 70.36
CA ALA P 468 -27.03 -6.73 71.81
C ALA P 468 -28.25 -5.92 72.23
N VAL P 469 -28.33 -4.67 71.72
CA VAL P 469 -29.39 -3.76 72.15
C VAL P 469 -30.76 -4.32 71.80
N HIS P 470 -30.90 -4.86 70.59
CA HIS P 470 -32.15 -5.50 70.23
C HIS P 470 -32.40 -6.75 71.06
N GLN P 471 -31.36 -7.34 71.63
CA GLN P 471 -31.56 -8.49 72.50
C GLN P 471 -32.18 -8.10 73.84
N GLU P 472 -31.77 -6.95 74.42
CA GLU P 472 -32.49 -6.54 75.61
C GLU P 472 -33.95 -6.20 75.29
N GLY P 473 -34.22 -5.67 74.10
CA GLY P 473 -35.60 -5.46 73.71
C GLY P 473 -35.89 -4.09 73.13
N ASN P 474 -34.85 -3.33 72.80
CA ASN P 474 -35.02 -2.03 72.16
C ASN P 474 -34.97 -2.24 70.65
N LYS P 475 -36.13 -2.23 70.02
CA LYS P 475 -36.23 -2.48 68.58
C LYS P 475 -36.22 -1.20 67.76
N ASN P 476 -36.04 -0.04 68.38
CA ASN P 476 -36.01 1.24 67.70
C ASN P 476 -34.64 1.89 67.84
N VAL P 477 -33.58 1.10 67.71
CA VAL P 477 -32.22 1.57 67.91
C VAL P 477 -31.42 1.31 66.63
N GLY P 478 -30.81 2.37 66.10
CA GLY P 478 -29.95 2.26 64.94
C GLY P 478 -28.63 2.97 65.19
N LEU P 479 -27.74 2.87 64.21
CA LEU P 479 -26.41 3.44 64.37
C LEU P 479 -26.45 4.96 64.34
N ASP P 480 -25.55 5.57 65.09
CA ASP P 480 -25.45 7.03 65.17
C ASP P 480 -24.42 7.51 64.16
N ILE P 481 -24.86 8.34 63.23
CA ILE P 481 -23.96 8.86 62.20
C ILE P 481 -22.97 9.85 62.80
N GLU P 482 -23.44 10.76 63.64
CA GLU P 482 -22.57 11.82 64.14
C GLU P 482 -21.70 11.33 65.29
N ALA P 483 -20.95 10.25 65.06
CA ALA P 483 -20.01 9.73 66.05
C ALA P 483 -18.82 9.12 65.34
N GLU P 484 -17.63 9.41 65.85
CA GLU P 484 -16.40 8.85 65.29
C GLU P 484 -16.14 7.43 65.73
N VAL P 485 -16.82 6.96 66.77
CA VAL P 485 -16.65 5.62 67.31
C VAL P 485 -17.94 4.85 67.04
N PRO P 486 -17.89 3.54 66.78
CA PRO P 486 -19.13 2.78 66.63
C PRO P 486 -20.08 2.97 67.80
N ALA P 487 -21.23 3.58 67.54
CA ALA P 487 -22.21 3.85 68.58
C ALA P 487 -23.60 3.75 67.98
N VAL P 488 -24.59 3.52 68.85
CA VAL P 488 -25.98 3.39 68.45
C VAL P 488 -26.83 4.32 69.30
N LYS P 489 -28.02 4.63 68.78
CA LYS P 489 -28.95 5.50 69.49
C LYS P 489 -30.36 5.19 69.01
N ASP P 490 -31.33 5.62 69.82
CA ASP P 490 -32.73 5.42 69.47
C ASP P 490 -33.10 6.24 68.23
N MET P 491 -33.85 5.62 67.33
CA MET P 491 -34.25 6.28 66.10
C MET P 491 -35.65 6.86 66.14
N LEU P 492 -36.53 6.32 66.98
CA LEU P 492 -37.87 6.90 67.11
C LEU P 492 -37.79 8.32 67.67
N GLU P 493 -36.99 8.51 68.72
CA GLU P 493 -36.86 9.85 69.29
C GLU P 493 -36.00 10.77 68.43
N ALA P 494 -35.10 10.20 67.63
CA ALA P 494 -34.26 11.00 66.74
C ALA P 494 -34.99 11.40 65.46
N GLY P 495 -36.15 10.82 65.19
CA GLY P 495 -36.89 11.19 64.00
C GLY P 495 -36.37 10.61 62.71
N ILE P 496 -35.47 9.63 62.78
CA ILE P 496 -34.90 9.02 61.58
C ILE P 496 -35.83 7.85 61.22
N LEU P 497 -36.82 8.14 60.38
CA LEU P 497 -37.87 7.19 60.06
C LEU P 497 -38.02 7.08 58.56
N ASP P 498 -38.27 5.87 58.07
CA ASP P 498 -38.54 5.64 56.66
C ASP P 498 -39.87 4.93 56.51
N THR P 499 -40.50 5.13 55.34
CA THR P 499 -41.87 4.68 55.15
C THR P 499 -41.97 3.16 55.20
N TYR P 500 -43.05 2.67 55.81
CA TYR P 500 -43.30 1.24 55.86
C TYR P 500 -43.54 0.68 54.46
N LEU P 501 -44.31 1.39 53.65
CA LEU P 501 -44.64 0.89 52.32
C LEU P 501 -43.38 0.76 51.47
N GLY P 502 -42.47 1.73 51.58
CA GLY P 502 -41.22 1.64 50.83
C GLY P 502 -40.42 0.40 51.21
N LYS P 503 -40.32 0.12 52.51
CA LYS P 503 -39.60 -1.07 52.95
C LYS P 503 -40.27 -2.33 52.45
N TYR P 504 -41.60 -2.39 52.56
CA TYR P 504 -42.34 -3.57 52.11
C TYR P 504 -42.09 -3.84 50.64
N TRP P 505 -42.28 -2.82 49.80
CA TRP P 505 -42.12 -2.99 48.37
C TRP P 505 -40.66 -3.30 48.01
N ALA P 506 -39.72 -2.64 48.66
CA ALA P 506 -38.31 -2.89 48.36
C ALA P 506 -37.92 -4.32 48.69
N ILE P 507 -38.35 -4.82 49.84
CA ILE P 507 -38.02 -6.19 50.22
C ILE P 507 -38.64 -7.16 49.22
N LYS P 508 -39.91 -6.93 48.87
CA LYS P 508 -40.58 -7.83 47.94
C LYS P 508 -39.86 -7.86 46.60
N LEU P 509 -39.50 -6.69 46.08
CA LEU P 509 -38.90 -6.63 44.76
C LEU P 509 -37.49 -7.22 44.77
N ALA P 510 -36.70 -6.94 45.80
CA ALA P 510 -35.37 -7.52 45.87
C ALA P 510 -35.42 -9.04 45.97
N THR P 511 -36.33 -9.56 46.80
CA THR P 511 -36.46 -11.01 46.89
C THR P 511 -36.88 -11.61 45.56
N ASN P 512 -37.84 -10.98 44.88
CA ASN P 512 -38.28 -11.49 43.59
C ASN P 512 -37.16 -11.50 42.58
N ALA P 513 -36.36 -10.43 42.55
CA ALA P 513 -35.25 -10.36 41.61
C ALA P 513 -34.22 -11.44 41.88
N ALA P 514 -33.85 -11.62 43.16
CA ALA P 514 -32.87 -12.64 43.49
C ALA P 514 -33.37 -14.03 43.13
N VAL P 515 -34.63 -14.33 43.45
CA VAL P 515 -35.18 -15.64 43.13
C VAL P 515 -35.22 -15.84 41.62
N THR P 516 -35.63 -14.81 40.87
CA THR P 516 -35.71 -14.92 39.43
C THR P 516 -34.33 -15.17 38.82
N VAL P 517 -33.29 -14.52 39.35
CA VAL P 517 -31.94 -14.79 38.88
C VAL P 517 -31.55 -16.23 39.19
N LEU P 518 -31.88 -16.71 40.39
CA LEU P 518 -31.51 -18.07 40.77
C LEU P 518 -32.22 -19.11 39.90
N ARG P 519 -33.43 -18.81 39.44
CA ARG P 519 -34.17 -19.79 38.65
C ARG P 519 -33.51 -20.10 37.33
N VAL P 520 -32.68 -19.19 36.80
CA VAL P 520 -32.07 -19.39 35.50
C VAL P 520 -31.00 -20.47 35.60
N ASP P 521 -31.00 -21.39 34.65
CA ASP P 521 -30.00 -22.46 34.61
C ASP P 521 -29.16 -22.45 33.35
N GLN P 522 -29.67 -21.98 32.22
CA GLN P 522 -28.91 -21.92 30.98
C GLN P 522 -29.07 -20.54 30.36
N ILE P 523 -28.01 -20.10 29.68
CA ILE P 523 -27.99 -18.82 28.99
C ILE P 523 -27.57 -19.08 27.55
N ILE P 524 -28.40 -18.66 26.60
CA ILE P 524 -28.09 -18.75 25.18
C ILE P 524 -28.10 -17.33 24.64
N MET P 525 -26.91 -16.74 24.52
CA MET P 525 -26.78 -15.36 24.10
C MET P 525 -26.54 -15.30 22.59
N ALA P 526 -27.34 -14.49 21.91
CA ALA P 526 -27.15 -14.31 20.48
C ALA P 526 -25.93 -13.42 20.23
N LYS P 527 -25.54 -13.33 18.96
CA LYS P 527 -24.45 -12.45 18.60
C LYS P 527 -24.83 -11.01 18.89
N PRO P 528 -23.99 -10.24 19.58
CA PRO P 528 -24.37 -8.87 19.94
C PRO P 528 -24.71 -8.00 18.76
N ALA P 529 -24.02 -8.19 17.62
CA ALA P 529 -24.27 -7.42 16.41
C ALA P 529 -24.18 -5.92 16.67
N GLY P 530 -25.28 -5.21 16.45
CA GLY P 530 -25.30 -3.78 16.64
C GLY P 530 -26.25 -3.33 17.73
N GLY P 531 -27.38 -2.75 17.32
CA GLY P 531 -28.34 -2.22 18.25
C GLY P 531 -27.87 -0.97 18.96
N PRO P 532 -27.72 0.14 18.21
CA PRO P 532 -27.31 1.39 18.86
C PRO P 532 -28.30 1.87 19.91
N LYS P 533 -29.59 1.61 19.73
CA LYS P 533 -30.60 2.00 20.71
C LYS P 533 -31.28 0.77 21.31
N MET Q 1 -15.91 -34.57 -6.63
CA MET Q 1 -16.15 -35.86 -6.00
C MET Q 1 -17.46 -36.46 -6.49
N ALA Q 2 -18.57 -35.94 -5.99
CA ALA Q 2 -19.88 -36.40 -6.40
C ALA Q 2 -20.27 -35.76 -7.72
N ALA Q 3 -21.44 -36.14 -8.24
CA ALA Q 3 -21.92 -35.57 -9.49
C ALA Q 3 -22.18 -34.07 -9.35
N VAL Q 4 -22.81 -33.67 -8.25
CA VAL Q 4 -23.15 -32.26 -8.06
C VAL Q 4 -21.89 -31.41 -8.00
N LYS Q 5 -20.89 -31.86 -7.23
CA LYS Q 5 -19.65 -31.11 -7.14
C LYS Q 5 -18.92 -31.08 -8.48
N THR Q 6 -19.09 -32.12 -9.30
CA THR Q 6 -18.52 -32.10 -10.64
C THR Q 6 -19.18 -31.01 -11.49
N LEU Q 7 -20.51 -30.94 -11.47
CA LEU Q 7 -21.21 -29.92 -12.26
C LEU Q 7 -21.08 -28.54 -11.62
N ASN Q 8 -21.26 -28.47 -10.31
CA ASN Q 8 -21.17 -27.21 -9.57
C ASN Q 8 -20.05 -27.30 -8.54
N PRO Q 9 -18.87 -26.75 -8.83
CA PRO Q 9 -17.73 -26.94 -7.91
C PRO Q 9 -17.97 -26.41 -6.52
N LYS Q 10 -18.70 -25.32 -6.36
CA LYS Q 10 -18.93 -24.71 -5.05
C LYS Q 10 -20.23 -25.22 -4.41
N ALA Q 11 -20.38 -26.53 -4.33
CA ALA Q 11 -21.57 -27.15 -3.78
C ALA Q 11 -21.19 -28.07 -2.62
N GLU Q 12 -22.09 -28.16 -1.65
CA GLU Q 12 -21.90 -28.99 -0.47
C GLU Q 12 -22.87 -30.16 -0.52
N VAL Q 13 -22.35 -31.37 -0.43
CA VAL Q 13 -23.14 -32.59 -0.60
C VAL Q 13 -22.78 -33.58 0.50
N ALA Q 14 -23.81 -34.23 1.05
CA ALA Q 14 -23.64 -35.36 1.95
C ALA Q 14 -24.45 -36.52 1.40
N ARG Q 15 -23.80 -37.67 1.22
CA ARG Q 15 -24.40 -38.80 0.53
C ARG Q 15 -24.38 -40.05 1.38
N ALA Q 16 -25.39 -40.89 1.18
CA ALA Q 16 -25.47 -42.24 1.76
C ALA Q 16 -25.45 -42.12 3.28
N GLN Q 17 -24.54 -42.81 3.98
CA GLN Q 17 -24.52 -42.77 5.43
C GLN Q 17 -24.19 -41.39 5.97
N ALA Q 18 -23.56 -40.53 5.18
CA ALA Q 18 -23.27 -39.18 5.63
C ALA Q 18 -24.55 -38.40 5.90
N ALA Q 19 -25.54 -38.53 5.04
CA ALA Q 19 -26.81 -37.83 5.24
C ALA Q 19 -27.49 -38.29 6.53
N LEU Q 20 -27.54 -39.61 6.74
CA LEU Q 20 -28.14 -40.12 7.96
C LEU Q 20 -27.37 -39.64 9.19
N ALA Q 21 -26.04 -39.65 9.12
CA ALA Q 21 -25.25 -39.19 10.26
C ALA Q 21 -25.53 -37.72 10.54
N VAL Q 22 -25.59 -36.90 9.51
CA VAL Q 22 -25.83 -35.46 9.70
C VAL Q 22 -27.19 -35.23 10.34
N ASN Q 23 -28.23 -35.85 9.77
CA ASN Q 23 -29.57 -35.63 10.29
C ASN Q 23 -29.70 -36.13 11.72
N ILE Q 24 -29.15 -37.31 12.01
CA ILE Q 24 -29.28 -37.89 13.35
C ILE Q 24 -28.49 -37.06 14.36
N SER Q 25 -27.32 -36.55 13.96
CA SER Q 25 -26.56 -35.68 14.86
C SER Q 25 -27.34 -34.41 15.19
N ALA Q 26 -27.97 -33.80 14.18
CA ALA Q 26 -28.75 -32.60 14.45
C ALA Q 26 -29.92 -32.89 15.37
N ALA Q 27 -30.64 -33.99 15.11
CA ALA Q 27 -31.76 -34.35 15.96
C ALA Q 27 -31.30 -34.63 17.38
N ARG Q 28 -30.18 -35.32 17.54
CA ARG Q 28 -29.66 -35.61 18.86
C ARG Q 28 -29.26 -34.34 19.60
N GLY Q 29 -28.66 -33.39 18.90
CA GLY Q 29 -28.32 -32.13 19.55
C GLY Q 29 -29.55 -31.38 20.03
N LEU Q 30 -30.57 -31.29 19.17
CA LEU Q 30 -31.81 -30.62 19.59
C LEU Q 30 -32.44 -31.33 20.77
N GLN Q 31 -32.48 -32.66 20.74
CA GLN Q 31 -33.05 -33.41 21.84
C GLN Q 31 -32.26 -33.20 23.12
N ASP Q 32 -30.93 -33.19 23.01
CA ASP Q 32 -30.10 -33.00 24.20
C ASP Q 32 -30.33 -31.64 24.82
N VAL Q 33 -30.55 -30.61 24.00
CA VAL Q 33 -30.82 -29.30 24.57
C VAL Q 33 -32.20 -29.26 25.21
N LEU Q 34 -33.21 -29.82 24.54
CA LEU Q 34 -34.58 -29.71 25.02
C LEU Q 34 -34.95 -30.76 26.06
N ARG Q 35 -34.03 -31.67 26.41
CA ARG Q 35 -34.33 -32.64 27.47
C ARG Q 35 -34.76 -31.94 28.75
N THR Q 36 -34.07 -30.86 29.11
CA THR Q 36 -34.27 -30.25 30.42
C THR Q 36 -35.53 -29.40 30.51
N ASN Q 37 -36.25 -29.19 29.42
CA ASN Q 37 -37.51 -28.45 29.52
C ASN Q 37 -38.65 -29.29 30.06
N LEU Q 38 -38.65 -30.59 29.79
CA LEU Q 38 -39.82 -31.41 30.04
C LEU Q 38 -40.17 -31.47 31.52
N GLY Q 39 -41.46 -31.35 31.82
CA GLY Q 39 -41.95 -31.54 33.16
C GLY Q 39 -41.93 -30.29 33.98
N PRO Q 40 -42.72 -30.26 35.07
CA PRO Q 40 -42.69 -29.11 35.97
C PRO Q 40 -41.37 -28.92 36.68
N LYS Q 41 -40.53 -29.96 36.76
CA LYS Q 41 -39.23 -29.86 37.39
C LYS Q 41 -38.14 -29.43 36.43
N GLY Q 42 -38.49 -29.11 35.18
CA GLY Q 42 -37.49 -28.73 34.21
C GLY Q 42 -36.87 -27.39 34.53
N THR Q 43 -35.67 -27.19 33.99
CA THR Q 43 -34.89 -26.00 34.27
C THR Q 43 -35.31 -24.85 33.36
N MET Q 44 -35.26 -23.64 33.90
CA MET Q 44 -35.64 -22.45 33.15
C MET Q 44 -34.45 -21.94 32.35
N LYS Q 45 -34.70 -21.60 31.09
CA LYS Q 45 -33.66 -21.12 30.19
C LYS Q 45 -33.77 -19.62 30.01
N MET Q 46 -32.63 -18.99 29.76
CA MET Q 46 -32.55 -17.54 29.62
C MET Q 46 -32.00 -17.20 28.25
N LEU Q 47 -32.75 -16.37 27.52
CA LEU Q 47 -32.43 -16.06 26.13
C LEU Q 47 -32.19 -14.57 25.99
N VAL Q 48 -31.05 -14.21 25.41
CA VAL Q 48 -30.67 -12.82 25.19
C VAL Q 48 -30.58 -12.59 23.69
N SER Q 49 -31.32 -11.61 23.19
CA SER Q 49 -31.34 -11.33 21.77
C SER Q 49 -30.13 -10.50 21.37
N GLY Q 50 -30.02 -10.24 20.07
CA GLY Q 50 -28.92 -9.41 19.58
C GLY Q 50 -29.00 -7.99 20.13
N ALA Q 51 -30.21 -7.46 20.26
CA ALA Q 51 -30.40 -6.13 20.84
C ALA Q 51 -30.23 -6.11 22.34
N GLY Q 52 -30.16 -7.28 22.98
CA GLY Q 52 -30.02 -7.34 24.42
C GLY Q 52 -31.29 -7.62 25.20
N ASP Q 53 -32.40 -7.91 24.52
CA ASP Q 53 -33.64 -8.21 25.22
C ASP Q 53 -33.53 -9.54 25.94
N ILE Q 54 -34.01 -9.58 27.17
CA ILE Q 54 -33.93 -10.77 28.02
C ILE Q 54 -35.27 -11.47 28.02
N LYS Q 55 -35.24 -12.78 27.79
CA LYS Q 55 -36.45 -13.59 27.76
C LYS Q 55 -36.21 -14.85 28.57
N LEU Q 56 -36.99 -15.03 29.64
CA LEU Q 56 -36.97 -16.25 30.44
C LEU Q 56 -38.08 -17.16 29.93
N THR Q 57 -37.72 -18.38 29.54
CA THR Q 57 -38.71 -19.26 28.95
C THR Q 57 -38.42 -20.70 29.31
N LYS Q 58 -39.45 -21.52 29.15
CA LYS Q 58 -39.37 -22.96 29.28
C LYS Q 58 -40.07 -23.66 28.13
N ASP Q 59 -40.80 -22.92 27.29
CA ASP Q 59 -41.54 -23.49 26.18
C ASP Q 59 -40.59 -24.04 25.12
N GLY Q 60 -40.94 -25.21 24.58
CA GLY Q 60 -40.11 -25.81 23.55
C GLY Q 60 -40.10 -25.01 22.26
N ASN Q 61 -41.27 -24.56 21.82
CA ASN Q 61 -41.34 -23.79 20.58
C ASN Q 61 -40.64 -22.44 20.71
N VAL Q 62 -40.84 -21.77 21.83
CA VAL Q 62 -40.19 -20.49 22.07
C VAL Q 62 -38.68 -20.67 22.06
N LEU Q 63 -38.19 -21.71 22.75
CA LEU Q 63 -36.76 -21.97 22.78
C LEU Q 63 -36.23 -22.28 21.39
N LEU Q 64 -36.97 -23.07 20.61
CA LEU Q 64 -36.52 -23.41 19.26
C LEU Q 64 -36.42 -22.17 18.39
N HIS Q 65 -37.39 -21.26 18.50
CA HIS Q 65 -37.34 -20.05 17.69
C HIS Q 65 -36.16 -19.18 18.05
N GLU Q 66 -35.79 -19.13 19.32
CA GLU Q 66 -34.69 -18.30 19.79
C GLU Q 66 -33.36 -19.05 19.82
N MET Q 67 -33.30 -20.24 19.24
CA MET Q 67 -32.04 -20.94 19.09
C MET Q 67 -31.14 -20.19 18.12
N GLN Q 68 -29.84 -20.29 18.36
CA GLN Q 68 -28.84 -19.79 17.41
C GLN Q 68 -28.31 -20.93 16.54
N ILE Q 69 -29.22 -21.48 15.74
CA ILE Q 69 -28.96 -22.68 14.96
C ILE Q 69 -29.26 -22.40 13.49
N GLN Q 70 -28.42 -22.91 12.61
CA GLN Q 70 -28.64 -22.87 11.16
C GLN Q 70 -28.49 -24.25 10.56
N HIS Q 71 -29.14 -25.24 11.17
CA HIS Q 71 -29.02 -26.56 10.57
C HIS Q 71 -30.28 -26.91 9.79
N PRO Q 72 -30.15 -27.63 8.68
CA PRO Q 72 -31.36 -28.00 7.92
C PRO Q 72 -32.31 -28.90 8.69
N THR Q 73 -31.80 -29.97 9.30
CA THR Q 73 -32.67 -30.85 10.07
C THR Q 73 -33.29 -30.12 11.24
N ALA Q 74 -32.52 -29.23 11.87
CA ALA Q 74 -33.07 -28.39 12.92
C ALA Q 74 -34.20 -27.53 12.37
N SER Q 75 -34.05 -27.02 11.14
CA SER Q 75 -35.12 -26.22 10.55
C SER Q 75 -36.37 -27.05 10.32
N LEU Q 76 -36.21 -28.28 9.83
CA LEU Q 76 -37.37 -29.14 9.61
C LEU Q 76 -38.09 -29.43 10.92
N ILE Q 77 -37.34 -29.78 11.96
CA ILE Q 77 -37.95 -30.09 13.24
C ILE Q 77 -38.61 -28.85 13.84
N ALA Q 78 -37.99 -27.68 13.63
CA ALA Q 78 -38.59 -26.45 14.11
C ALA Q 78 -39.91 -26.17 13.40
N LYS Q 79 -39.97 -26.42 12.09
CA LYS Q 79 -41.22 -26.22 11.37
C LYS Q 79 -42.30 -27.17 11.89
N VAL Q 80 -41.94 -28.42 12.15
CA VAL Q 80 -42.92 -29.38 12.67
C VAL Q 80 -43.44 -28.92 14.04
N ALA Q 81 -42.52 -28.51 14.91
CA ALA Q 81 -42.93 -28.03 16.23
C ALA Q 81 -43.77 -26.75 16.13
N THR Q 82 -43.46 -25.89 15.16
CA THR Q 82 -44.26 -24.69 14.97
C THR Q 82 -45.69 -25.04 14.57
N ALA Q 83 -45.84 -26.02 13.67
CA ALA Q 83 -47.18 -26.47 13.31
C ALA Q 83 -47.91 -27.05 14.51
N GLN Q 84 -47.20 -27.86 15.31
CA GLN Q 84 -47.80 -28.43 16.51
C GLN Q 84 -48.29 -27.35 17.46
N ASP Q 85 -47.48 -26.32 17.67
CA ASP Q 85 -47.89 -25.20 18.50
C ASP Q 85 -49.08 -24.45 17.90
N ASP Q 86 -49.07 -24.27 16.58
CA ASP Q 86 -50.13 -23.51 15.93
C ASP Q 86 -51.49 -24.19 16.09
N ILE Q 87 -51.52 -25.51 15.95
CA ILE Q 87 -52.81 -26.20 15.98
C ILE Q 87 -53.23 -26.54 17.40
N THR Q 88 -52.41 -27.31 18.10
CA THR Q 88 -52.78 -27.81 19.42
C THR Q 88 -52.30 -26.93 20.57
N GLY Q 89 -51.23 -26.18 20.38
CA GLY Q 89 -50.77 -25.28 21.41
C GLY Q 89 -49.98 -25.90 22.52
N ASP Q 90 -49.61 -27.18 22.41
CA ASP Q 90 -48.84 -27.84 23.45
C ASP Q 90 -48.11 -29.03 22.85
N GLY Q 91 -47.11 -29.52 23.57
CA GLY Q 91 -46.41 -30.72 23.15
C GLY Q 91 -45.22 -30.49 22.25
N THR Q 92 -44.67 -29.28 22.21
CA THR Q 92 -43.52 -29.02 21.34
C THR Q 92 -42.27 -29.74 21.83
N THR Q 93 -41.99 -29.64 23.13
CA THR Q 93 -40.83 -30.33 23.68
C THR Q 93 -40.96 -31.83 23.52
N SER Q 94 -42.15 -32.37 23.79
CA SER Q 94 -42.39 -33.79 23.56
C SER Q 94 -42.20 -34.14 22.11
N ASN Q 95 -42.64 -33.28 21.19
CA ASN Q 95 -42.44 -33.50 19.77
C ASN Q 95 -40.96 -33.67 19.46
N VAL Q 96 -40.14 -32.72 19.91
CA VAL Q 96 -38.71 -32.78 19.61
C VAL Q 96 -38.08 -34.02 20.23
N LEU Q 97 -38.41 -34.30 21.49
CA LEU Q 97 -37.82 -35.45 22.16
C LEU Q 97 -38.17 -36.75 21.45
N ILE Q 98 -39.43 -36.90 21.05
CA ILE Q 98 -39.86 -38.15 20.42
C ILE Q 98 -39.22 -38.29 19.05
N ILE Q 99 -39.12 -37.20 18.30
CA ILE Q 99 -38.44 -37.28 17.00
C ILE Q 99 -36.98 -37.70 17.17
N GLY Q 100 -36.29 -37.06 18.12
CA GLY Q 100 -34.89 -37.40 18.34
C GLY Q 100 -34.70 -38.84 18.77
N GLU Q 101 -35.56 -39.32 19.68
CA GLU Q 101 -35.42 -40.70 20.14
C GLU Q 101 -35.78 -41.69 19.05
N LEU Q 102 -36.76 -41.36 18.21
CA LEU Q 102 -37.08 -42.22 17.07
C LEU Q 102 -35.87 -42.34 16.16
N LEU Q 103 -35.23 -41.21 15.85
CA LEU Q 103 -34.07 -41.26 14.98
C LEU Q 103 -32.92 -42.04 15.62
N LYS Q 104 -32.70 -41.85 16.92
CA LYS Q 104 -31.62 -42.56 17.60
C LYS Q 104 -31.87 -44.06 17.61
N GLN Q 105 -33.10 -44.48 17.93
CA GLN Q 105 -33.41 -45.90 17.95
C GLN Q 105 -33.30 -46.50 16.55
N ALA Q 106 -33.74 -45.76 15.53
CA ALA Q 106 -33.61 -46.25 14.16
C ALA Q 106 -32.15 -46.41 13.78
N ASP Q 107 -31.31 -45.45 14.15
CA ASP Q 107 -29.89 -45.56 13.84
C ASP Q 107 -29.26 -46.74 14.57
N LEU Q 108 -29.75 -47.05 15.78
CA LEU Q 108 -29.21 -48.17 16.54
C LEU Q 108 -29.29 -49.47 15.76
N TYR Q 109 -30.27 -49.61 14.86
CA TYR Q 109 -30.38 -50.77 14.00
C TYR Q 109 -29.79 -50.54 12.62
N ILE Q 110 -29.86 -49.32 12.11
CA ILE Q 110 -29.33 -49.04 10.77
C ILE Q 110 -27.82 -49.21 10.74
N SER Q 111 -27.14 -48.82 11.83
CA SER Q 111 -25.71 -49.01 11.91
C SER Q 111 -25.32 -50.49 11.87
N GLU Q 112 -26.26 -51.39 12.11
CA GLU Q 112 -26.04 -52.81 11.99
C GLU Q 112 -26.35 -53.33 10.60
N GLY Q 113 -26.32 -52.48 9.59
CA GLY Q 113 -26.53 -52.88 8.21
C GLY Q 113 -27.98 -52.95 7.77
N LEU Q 114 -28.93 -52.70 8.68
CA LEU Q 114 -30.33 -52.78 8.32
C LEU Q 114 -30.73 -51.59 7.46
N HIS Q 115 -31.60 -51.83 6.49
CA HIS Q 115 -32.04 -50.76 5.60
C HIS Q 115 -33.06 -49.87 6.31
N PRO Q 116 -33.03 -48.56 6.07
CA PRO Q 116 -34.01 -47.67 6.71
C PRO Q 116 -35.45 -47.95 6.32
N ARG Q 117 -35.69 -48.52 5.14
CA ARG Q 117 -37.05 -48.76 4.69
C ARG Q 117 -37.77 -49.72 5.61
N ILE Q 118 -37.09 -50.78 6.06
CA ILE Q 118 -37.69 -51.72 6.98
C ILE Q 118 -38.04 -51.03 8.30
N ILE Q 119 -37.15 -50.17 8.77
CA ILE Q 119 -37.41 -49.43 10.00
C ILE Q 119 -38.65 -48.56 9.84
N THR Q 120 -38.79 -47.88 8.71
CA THR Q 120 -39.96 -47.04 8.49
C THR Q 120 -41.24 -47.87 8.42
N GLU Q 121 -41.18 -49.05 7.80
CA GLU Q 121 -42.35 -49.92 7.78
C GLU Q 121 -42.75 -50.33 9.19
N GLY Q 122 -41.78 -50.71 10.01
CA GLY Q 122 -42.07 -51.00 11.39
C GLY Q 122 -42.64 -49.79 12.11
N PHE Q 123 -42.14 -48.60 11.78
CA PHE Q 123 -42.63 -47.37 12.40
C PHE Q 123 -44.11 -47.16 12.10
N GLU Q 124 -44.50 -47.34 10.83
CA GLU Q 124 -45.90 -47.09 10.49
C GLU Q 124 -46.81 -48.14 11.10
N ALA Q 125 -46.38 -49.40 11.13
CA ALA Q 125 -47.19 -50.43 11.78
C ALA Q 125 -47.37 -50.13 13.26
N ALA Q 126 -46.27 -49.75 13.93
CA ALA Q 126 -46.34 -49.42 15.34
C ALA Q 126 -47.20 -48.19 15.58
N LYS Q 127 -47.15 -47.22 14.67
CA LYS Q 127 -47.97 -46.03 14.82
C LYS Q 127 -49.45 -46.37 14.72
N GLU Q 128 -49.81 -47.25 13.78
CA GLU Q 128 -51.21 -47.67 13.69
C GLU Q 128 -51.65 -48.35 14.98
N LYS Q 129 -50.84 -49.28 15.48
CA LYS Q 129 -51.20 -49.98 16.71
C LYS Q 129 -51.30 -49.00 17.88
N ALA Q 130 -50.38 -48.05 17.95
CA ALA Q 130 -50.35 -47.09 19.04
C ALA Q 130 -51.57 -46.18 19.01
N LEU Q 131 -51.99 -45.77 17.81
CA LEU Q 131 -53.20 -44.96 17.70
C LEU Q 131 -54.42 -45.75 18.16
N GLN Q 132 -54.49 -47.03 17.80
CA GLN Q 132 -55.59 -47.85 18.28
C GLN Q 132 -55.58 -47.93 19.81
N PHE Q 133 -54.41 -48.14 20.40
CA PHE Q 133 -54.34 -48.22 21.85
C PHE Q 133 -54.71 -46.89 22.51
N LEU Q 134 -54.28 -45.78 21.93
CA LEU Q 134 -54.64 -44.47 22.48
C LEU Q 134 -56.15 -44.27 22.43
N GLU Q 135 -56.79 -44.68 21.33
CA GLU Q 135 -58.25 -44.65 21.30
C GLU Q 135 -58.84 -45.50 22.41
N GLU Q 136 -58.22 -46.65 22.69
CA GLU Q 136 -58.73 -47.52 23.75
C GLU Q 136 -58.61 -46.86 25.12
N VAL Q 137 -57.50 -46.14 25.37
CA VAL Q 137 -57.15 -45.75 26.73
C VAL Q 137 -57.67 -44.38 27.14
N LYS Q 138 -58.19 -43.58 26.20
CA LYS Q 138 -58.67 -42.25 26.54
C LYS Q 138 -59.86 -42.33 27.47
N VAL Q 139 -60.06 -41.27 28.25
CA VAL Q 139 -61.10 -41.22 29.28
C VAL Q 139 -62.13 -40.18 28.83
N SER Q 140 -63.19 -40.64 28.20
CA SER Q 140 -64.28 -39.75 27.83
C SER Q 140 -65.05 -39.36 29.09
N ARG Q 141 -65.28 -38.06 29.25
CA ARG Q 141 -65.86 -37.54 30.49
C ARG Q 141 -66.42 -36.14 30.22
N GLU Q 142 -67.63 -35.89 30.70
CA GLU Q 142 -68.13 -34.52 30.70
C GLU Q 142 -67.30 -33.69 31.66
N MET Q 143 -66.78 -32.57 31.19
CA MET Q 143 -65.80 -31.80 31.94
C MET Q 143 -66.46 -30.62 32.63
N ASP Q 144 -66.65 -30.76 33.94
CA ASP Q 144 -67.08 -29.66 34.79
C ASP Q 144 -65.86 -28.78 35.10
N ARG Q 145 -66.00 -27.88 36.06
CA ARG Q 145 -64.90 -26.97 36.39
C ARG Q 145 -63.69 -27.72 36.94
N GLU Q 146 -63.90 -28.81 37.66
CA GLU Q 146 -62.79 -29.49 38.33
C GLU Q 146 -61.81 -30.09 37.33
N THR Q 147 -62.33 -30.78 36.31
CA THR Q 147 -61.44 -31.39 35.33
C THR Q 147 -60.67 -30.34 34.54
N LEU Q 148 -61.33 -29.24 34.19
CA LEU Q 148 -60.64 -28.16 33.50
C LEU Q 148 -59.57 -27.54 34.39
N ILE Q 149 -59.85 -27.42 35.69
CA ILE Q 149 -58.85 -26.93 36.63
C ILE Q 149 -57.65 -27.86 36.64
N ASP Q 150 -57.90 -29.18 36.65
CA ASP Q 150 -56.81 -30.14 36.64
C ASP Q 150 -55.96 -30.03 35.38
N VAL Q 151 -56.61 -29.89 34.22
CA VAL Q 151 -55.86 -29.76 32.97
C VAL Q 151 -55.04 -28.48 32.95
N ALA Q 152 -55.66 -27.37 33.34
CA ALA Q 152 -54.95 -26.09 33.37
C ALA Q 152 -53.77 -26.14 34.32
N ARG Q 153 -53.93 -26.83 35.45
CA ARG Q 153 -52.80 -27.00 36.35
C ARG Q 153 -51.70 -27.82 35.70
N THR Q 154 -52.08 -28.93 35.04
CA THR Q 154 -51.08 -29.78 34.43
C THR Q 154 -50.28 -29.05 33.36
N SER Q 155 -50.86 -28.01 32.76
CA SER Q 155 -50.09 -27.22 31.81
C SER Q 155 -49.29 -26.10 32.49
N LEU Q 156 -49.96 -25.29 33.30
CA LEU Q 156 -49.32 -24.10 33.85
C LEU Q 156 -48.23 -24.44 34.85
N ARG Q 157 -48.38 -25.53 35.60
CA ARG Q 157 -47.32 -25.94 36.51
C ARG Q 157 -46.04 -26.25 35.74
N THR Q 158 -46.18 -26.88 34.57
CA THR Q 158 -45.02 -27.11 33.72
C THR Q 158 -44.48 -25.81 33.17
N LYS Q 159 -45.34 -24.81 32.97
CA LYS Q 159 -44.82 -23.58 32.37
C LYS Q 159 -44.22 -22.60 33.37
N VAL Q 160 -44.81 -22.41 34.55
CA VAL Q 160 -44.39 -21.35 35.45
C VAL Q 160 -44.28 -21.88 36.88
N HIS Q 161 -43.98 -20.98 37.79
CA HIS Q 161 -43.91 -21.24 39.23
C HIS Q 161 -45.25 -21.80 39.72
N ALA Q 162 -45.19 -22.58 40.79
CA ALA Q 162 -46.37 -23.29 41.28
C ALA Q 162 -47.47 -22.34 41.71
N GLU Q 163 -47.13 -21.29 42.47
CA GLU Q 163 -48.16 -20.37 42.93
C GLU Q 163 -48.74 -19.56 41.79
N LEU Q 164 -47.88 -19.09 40.89
CA LEU Q 164 -48.35 -18.40 39.70
C LEU Q 164 -49.24 -19.30 38.87
N ALA Q 165 -48.88 -20.58 38.76
CA ALA Q 165 -49.72 -21.54 38.06
C ALA Q 165 -51.08 -21.68 38.75
N ASP Q 166 -51.07 -21.69 40.08
CA ASP Q 166 -52.33 -21.83 40.81
C ASP Q 166 -53.26 -20.66 40.54
N VAL Q 167 -52.72 -19.45 40.48
CA VAL Q 167 -53.55 -18.29 40.14
C VAL Q 167 -54.03 -18.38 38.71
N LEU Q 168 -53.11 -18.68 37.79
CA LEU Q 168 -53.45 -18.69 36.37
C LEU Q 168 -54.46 -19.76 36.03
N THR Q 169 -54.51 -20.85 36.80
CA THR Q 169 -55.49 -21.90 36.53
C THR Q 169 -56.91 -21.36 36.70
N GLU Q 170 -57.18 -20.73 37.84
CA GLU Q 170 -58.50 -20.13 38.04
C GLU Q 170 -58.78 -19.09 36.98
N ALA Q 171 -57.78 -18.25 36.68
CA ALA Q 171 -58.00 -17.22 35.67
C ALA Q 171 -58.43 -17.82 34.33
N VAL Q 172 -57.67 -18.79 33.82
CA VAL Q 172 -57.91 -19.31 32.48
C VAL Q 172 -59.20 -20.12 32.44
N VAL Q 173 -59.44 -20.94 33.46
CA VAL Q 173 -60.66 -21.76 33.45
C VAL Q 173 -61.89 -20.88 33.51
N ASP Q 174 -61.87 -19.85 34.38
CA ASP Q 174 -63.02 -18.97 34.47
C ASP Q 174 -63.23 -18.22 33.16
N SER Q 175 -62.16 -17.75 32.52
CA SER Q 175 -62.31 -17.04 31.25
C SER Q 175 -62.92 -17.94 30.19
N ILE Q 176 -62.41 -19.17 30.06
CA ILE Q 176 -62.94 -20.07 29.03
C ILE Q 176 -64.41 -20.39 29.31
N LEU Q 177 -64.74 -20.68 30.57
CA LEU Q 177 -66.14 -20.96 30.89
C LEU Q 177 -67.02 -19.74 30.67
N ALA Q 178 -66.46 -18.55 30.77
CA ALA Q 178 -67.25 -17.34 30.54
C ALA Q 178 -67.54 -17.16 29.06
N ILE Q 179 -66.55 -17.34 28.18
CA ILE Q 179 -66.76 -17.09 26.77
C ILE Q 179 -67.32 -18.29 26.01
N LYS Q 180 -67.52 -19.42 26.69
CA LYS Q 180 -67.92 -20.64 26.00
C LYS Q 180 -69.43 -20.64 25.78
N LYS Q 181 -69.85 -20.62 24.51
CA LYS Q 181 -71.24 -20.81 24.17
C LYS Q 181 -71.55 -22.30 24.10
N GLN Q 182 -72.82 -22.64 24.30
CA GLN Q 182 -73.20 -24.04 24.32
C GLN Q 182 -73.04 -24.66 22.94
N ASP Q 183 -72.42 -25.84 22.91
CA ASP Q 183 -72.18 -26.65 21.70
C ASP Q 183 -71.72 -25.80 20.51
N GLU Q 184 -70.88 -24.81 20.77
CA GLU Q 184 -70.33 -23.96 19.72
C GLU Q 184 -68.82 -23.91 19.84
N PRO Q 185 -68.10 -23.75 18.73
CA PRO Q 185 -66.64 -23.65 18.81
C PRO Q 185 -66.23 -22.45 19.63
N ILE Q 186 -65.14 -22.62 20.39
CA ILE Q 186 -64.65 -21.57 21.27
C ILE Q 186 -63.80 -20.61 20.47
N ASP Q 187 -64.14 -19.32 20.53
CA ASP Q 187 -63.40 -18.28 19.82
C ASP Q 187 -62.41 -17.67 20.79
N LEU Q 188 -61.14 -18.06 20.67
CA LEU Q 188 -60.11 -17.55 21.57
C LEU Q 188 -59.78 -16.10 21.32
N PHE Q 189 -60.21 -15.52 20.19
CA PHE Q 189 -60.03 -14.09 19.97
C PHE Q 189 -60.85 -13.26 20.94
N MET Q 190 -61.86 -13.84 21.57
CA MET Q 190 -62.74 -13.09 22.46
C MET Q 190 -62.17 -12.93 23.86
N ILE Q 191 -60.99 -13.48 24.13
CA ILE Q 191 -60.32 -13.31 25.41
C ILE Q 191 -59.13 -12.40 25.16
N GLU Q 192 -59.28 -11.12 25.49
CA GLU Q 192 -58.19 -10.18 25.35
C GLU Q 192 -57.13 -10.43 26.41
N ILE Q 193 -55.87 -10.38 26.03
CA ILE Q 193 -54.75 -10.54 26.94
C ILE Q 193 -54.02 -9.21 27.00
N MET Q 194 -54.14 -8.52 28.13
CA MET Q 194 -53.55 -7.20 28.32
C MET Q 194 -52.48 -7.26 29.40
N GLU Q 195 -51.38 -6.56 29.16
CA GLU Q 195 -50.25 -6.53 30.06
C GLU Q 195 -50.14 -5.18 30.75
N MET Q 196 -50.09 -5.20 32.07
CA MET Q 196 -49.75 -4.02 32.85
C MET Q 196 -48.48 -4.31 33.65
N LYS Q 197 -47.69 -3.27 33.89
CA LYS Q 197 -46.35 -3.46 34.38
C LYS Q 197 -46.13 -2.79 35.73
N HIS Q 198 -47.02 -2.99 36.67
CA HIS Q 198 -46.80 -2.30 37.94
C HIS Q 198 -46.84 -3.21 39.16
N LYS Q 199 -47.75 -4.17 39.19
CA LYS Q 199 -47.93 -4.98 40.39
C LYS Q 199 -47.07 -6.23 40.30
N SER Q 200 -47.26 -7.16 41.23
CA SER Q 200 -46.49 -8.40 41.25
C SER Q 200 -47.09 -9.41 40.27
N GLU Q 201 -46.39 -10.53 40.12
CA GLU Q 201 -46.81 -11.55 39.16
C GLU Q 201 -48.12 -12.20 39.56
N THR Q 202 -48.36 -12.41 40.85
CA THR Q 202 -49.57 -13.07 41.30
C THR Q 202 -50.78 -12.15 41.30
N ASP Q 203 -50.60 -10.87 40.98
CA ASP Q 203 -51.72 -9.94 40.94
C ASP Q 203 -52.52 -10.03 39.64
N THR Q 204 -52.05 -10.82 38.67
CA THR Q 204 -52.82 -11.01 37.45
C THR Q 204 -54.14 -11.69 37.75
N SER Q 205 -55.18 -11.29 37.03
CA SER Q 205 -56.53 -11.75 37.36
C SER Q 205 -57.40 -11.67 36.11
N LEU Q 206 -58.68 -11.93 36.28
CA LEU Q 206 -59.66 -11.93 35.21
C LEU Q 206 -60.67 -10.81 35.45
N ILE Q 207 -60.95 -10.03 34.41
CA ILE Q 207 -61.95 -8.97 34.48
C ILE Q 207 -63.13 -9.39 33.62
N ARG Q 208 -64.30 -9.48 34.23
CA ARG Q 208 -65.52 -9.85 33.52
C ARG Q 208 -66.00 -8.65 32.70
N GLY Q 209 -65.19 -8.29 31.72
CA GLY Q 209 -65.46 -7.14 30.90
C GLY Q 209 -64.38 -6.93 29.86
N LEU Q 210 -63.93 -5.69 29.69
CA LEU Q 210 -62.90 -5.39 28.73
C LEU Q 210 -61.97 -4.31 29.27
N VAL Q 211 -60.72 -4.36 28.84
CA VAL Q 211 -59.71 -3.37 29.22
C VAL Q 211 -59.07 -2.83 27.94
N LEU Q 212 -59.03 -1.52 27.82
CA LEU Q 212 -58.47 -0.85 26.66
C LEU Q 212 -57.20 -0.11 27.05
N ASP Q 213 -56.18 -0.22 26.21
CA ASP Q 213 -54.87 0.36 26.48
C ASP Q 213 -54.80 1.84 26.15
N HIS Q 214 -55.95 2.51 25.99
CA HIS Q 214 -55.98 3.95 25.76
C HIS Q 214 -57.14 4.54 26.53
N GLY Q 215 -57.05 5.83 26.81
CA GLY Q 215 -58.09 6.52 27.55
C GLY Q 215 -58.61 7.74 26.83
N ALA Q 216 -59.46 8.52 27.49
CA ALA Q 216 -60.00 9.73 26.89
C ALA Q 216 -58.89 10.76 26.71
N ARG Q 217 -58.91 11.45 25.57
CA ARG Q 217 -57.89 12.42 25.23
C ARG Q 217 -58.22 13.83 25.70
N HIS Q 218 -59.39 14.04 26.30
CA HIS Q 218 -59.77 15.35 26.79
C HIS Q 218 -59.67 15.39 28.29
N PRO Q 219 -58.92 16.36 28.86
CA PRO Q 219 -58.77 16.40 30.31
C PRO Q 219 -60.06 16.67 31.06
N ASP Q 220 -61.08 17.21 30.39
CA ASP Q 220 -62.33 17.55 31.05
C ASP Q 220 -63.32 16.40 31.11
N MET Q 221 -63.05 15.28 30.44
CA MET Q 221 -63.97 14.17 30.47
C MET Q 221 -63.90 13.43 31.80
N LYS Q 222 -65.01 12.79 32.17
CA LYS Q 222 -65.10 12.12 33.45
C LYS Q 222 -64.14 10.94 33.53
N LYS Q 223 -63.46 10.79 34.66
CA LYS Q 223 -62.54 9.69 34.86
C LYS Q 223 -63.23 8.41 35.30
N ARG Q 224 -64.47 8.49 35.76
CA ARG Q 224 -65.17 7.31 36.27
C ARG Q 224 -66.67 7.54 36.17
N VAL Q 225 -67.36 6.67 35.44
CA VAL Q 225 -68.80 6.73 35.29
C VAL Q 225 -69.39 5.46 35.87
N GLU Q 226 -70.34 5.60 36.80
CA GLU Q 226 -70.88 4.44 37.49
C GLU Q 226 -71.78 3.63 36.56
N ASP Q 227 -72.89 4.21 36.13
CA ASP Q 227 -73.81 3.56 35.22
C ASP Q 227 -73.58 4.14 33.83
N ALA Q 228 -73.27 3.28 32.86
CA ALA Q 228 -72.80 3.74 31.57
C ALA Q 228 -73.54 3.03 30.44
N TYR Q 229 -73.94 3.81 29.44
CA TYR Q 229 -74.31 3.27 28.14
C TYR Q 229 -73.07 3.25 27.25
N ILE Q 230 -72.96 2.21 26.43
CA ILE Q 230 -71.79 2.01 25.58
C ILE Q 230 -72.23 2.16 24.13
N LEU Q 231 -71.53 3.02 23.40
CA LEU Q 231 -71.76 3.22 21.97
C LEU Q 231 -70.51 2.82 21.23
N THR Q 232 -70.55 1.66 20.58
CA THR Q 232 -69.44 1.17 19.77
C THR Q 232 -69.69 1.58 18.33
N CYS Q 233 -68.81 2.41 17.78
CA CYS Q 233 -69.00 2.96 16.45
C CYS Q 233 -67.70 2.88 15.66
N ASN Q 234 -67.84 2.83 14.34
CA ASN Q 234 -66.73 2.85 13.40
C ASN Q 234 -66.85 4.03 12.46
N VAL Q 235 -67.19 5.19 13.03
CA VAL Q 235 -67.43 6.40 12.25
C VAL Q 235 -66.37 7.43 12.63
N SER Q 236 -65.73 8.00 11.62
CA SER Q 236 -64.72 9.02 11.87
C SER Q 236 -65.39 10.31 12.30
N LEU Q 237 -65.03 10.81 13.47
CA LEU Q 237 -65.56 12.06 13.99
C LEU Q 237 -64.56 13.21 13.86
N GLU Q 238 -63.51 13.02 13.07
CA GLU Q 238 -62.53 14.08 12.83
C GLU Q 238 -62.76 14.67 11.44
N TYR Q 239 -61.96 15.69 11.12
CA TYR Q 239 -62.14 16.38 9.86
C TYR Q 239 -61.76 15.47 8.69
N GLU Q 240 -62.59 15.49 7.65
CA GLU Q 240 -62.38 14.66 6.48
C GLU Q 240 -62.26 15.55 5.25
N LYS Q 241 -61.25 15.28 4.43
CA LYS Q 241 -61.01 16.04 3.22
C LYS Q 241 -61.79 15.42 2.07
N THR Q 242 -62.35 16.26 1.21
CA THR Q 242 -63.15 15.78 0.10
C THR Q 242 -62.28 15.02 -0.89
N GLU Q 243 -62.84 13.93 -1.43
CA GLU Q 243 -62.09 13.06 -2.32
C GLU Q 243 -61.73 13.71 -3.65
N VAL Q 244 -62.40 14.79 -4.05
CA VAL Q 244 -62.26 15.28 -5.41
C VAL Q 244 -61.66 16.69 -5.43
N ASN Q 245 -60.77 16.97 -4.48
CA ASN Q 245 -59.92 18.17 -4.50
C ASN Q 245 -60.77 19.45 -4.56
N SER Q 246 -61.50 19.68 -3.49
CA SER Q 246 -62.41 20.83 -3.45
C SER Q 246 -61.70 22.18 -3.53
N GLY Q 247 -60.97 22.56 -2.49
CA GLY Q 247 -60.42 23.89 -2.44
C GLY Q 247 -61.48 24.94 -2.14
N PHE Q 248 -61.11 26.02 -1.45
CA PHE Q 248 -62.04 27.07 -1.06
C PHE Q 248 -61.65 28.37 -1.73
N PHE Q 249 -62.65 29.11 -2.22
CA PHE Q 249 -62.43 30.38 -2.89
C PHE Q 249 -63.31 31.43 -2.22
N TYR Q 250 -62.68 32.52 -1.78
CA TYR Q 250 -63.40 33.59 -1.09
C TYR Q 250 -62.78 34.92 -1.47
N LYS Q 251 -63.53 35.99 -1.25
CA LYS Q 251 -63.11 37.32 -1.62
C LYS Q 251 -62.99 38.29 -0.45
N SER Q 252 -63.27 37.85 0.76
CA SER Q 252 -63.21 38.74 1.91
C SER Q 252 -62.98 37.92 3.17
N ALA Q 253 -62.59 38.62 4.25
CA ALA Q 253 -62.37 37.95 5.52
C ALA Q 253 -63.67 37.37 6.07
N GLU Q 254 -64.77 38.10 5.92
CA GLU Q 254 -66.06 37.59 6.38
C GLU Q 254 -66.45 36.32 5.64
N GLU Q 255 -66.20 36.28 4.33
CA GLU Q 255 -66.48 35.06 3.57
C GLU Q 255 -65.60 33.92 4.05
N ARG Q 256 -64.33 34.20 4.36
CA ARG Q 256 -63.45 33.16 4.87
C ARG Q 256 -63.95 32.63 6.20
N GLU Q 257 -64.42 33.51 7.08
CA GLU Q 257 -64.95 33.05 8.36
C GLU Q 257 -66.20 32.21 8.16
N LYS Q 258 -67.08 32.61 7.24
CA LYS Q 258 -68.26 31.81 6.94
C LYS Q 258 -67.87 30.44 6.44
N LEU Q 259 -66.89 30.36 5.54
CA LEU Q 259 -66.46 29.08 5.01
C LEU Q 259 -65.84 28.22 6.09
N VAL Q 260 -65.06 28.83 6.98
CA VAL Q 260 -64.45 28.08 8.07
C VAL Q 260 -65.51 27.50 8.98
N LYS Q 261 -66.51 28.31 9.34
CA LYS Q 261 -67.57 27.82 10.20
C LYS Q 261 -68.42 26.75 9.51
N ALA Q 262 -68.55 26.83 8.19
CA ALA Q 262 -69.41 25.91 7.46
C ALA Q 262 -68.66 24.68 6.94
N GLU Q 263 -67.36 24.59 7.15
CA GLU Q 263 -66.62 23.42 6.72
C GLU Q 263 -66.65 22.29 7.75
N ARG Q 264 -67.20 22.53 8.93
CA ARG Q 264 -67.32 21.51 9.96
C ARG Q 264 -68.76 21.05 10.16
N LYS Q 265 -69.68 21.46 9.29
CA LYS Q 265 -71.08 21.11 9.46
C LYS Q 265 -71.29 19.60 9.35
N PHE Q 266 -70.56 18.95 8.45
CA PHE Q 266 -70.76 17.51 8.24
C PHE Q 266 -70.47 16.72 9.51
N ILE Q 267 -69.34 17.00 10.15
CA ILE Q 267 -68.98 16.28 11.38
C ILE Q 267 -69.89 16.72 12.53
N GLU Q 268 -70.23 18.00 12.58
CA GLU Q 268 -71.08 18.49 13.66
C GLU Q 268 -72.46 17.86 13.60
N ASP Q 269 -72.92 17.48 12.40
CA ASP Q 269 -74.21 16.79 12.31
C ASP Q 269 -74.17 15.45 13.03
N ARG Q 270 -73.10 14.69 12.82
CA ARG Q 270 -72.98 13.39 13.49
C ARG Q 270 -72.78 13.57 14.99
N VAL Q 271 -71.99 14.58 15.38
CA VAL Q 271 -71.79 14.83 16.80
C VAL Q 271 -73.11 15.19 17.46
N LYS Q 272 -73.91 16.03 16.80
CA LYS Q 272 -75.19 16.40 17.38
C LYS Q 272 -76.18 15.23 17.36
N LYS Q 273 -76.03 14.31 16.42
CA LYS Q 273 -76.83 13.08 16.49
C LYS Q 273 -76.50 12.29 17.74
N ILE Q 274 -75.20 12.16 18.04
CA ILE Q 274 -74.78 11.47 19.26
C ILE Q 274 -75.31 12.20 20.49
N ILE Q 275 -75.22 13.53 20.49
CA ILE Q 275 -75.68 14.31 21.62
C ILE Q 275 -77.19 14.14 21.82
N GLU Q 276 -77.95 14.18 20.73
CA GLU Q 276 -79.39 13.99 20.82
C GLU Q 276 -79.72 12.61 21.37
N LEU Q 277 -79.00 11.58 20.91
CA LEU Q 277 -79.23 10.24 21.45
C LEU Q 277 -78.95 10.20 22.94
N LYS Q 278 -77.85 10.81 23.37
CA LYS Q 278 -77.49 10.79 24.79
C LYS Q 278 -78.53 11.50 25.63
N ARG Q 279 -79.01 12.66 25.15
CA ARG Q 279 -80.01 13.40 25.91
C ARG Q 279 -81.34 12.67 25.94
N LYS Q 280 -81.67 11.93 24.88
CA LYS Q 280 -82.91 11.17 24.89
C LYS Q 280 -82.82 9.96 25.81
N VAL Q 281 -81.67 9.28 25.81
CA VAL Q 281 -81.53 8.05 26.60
C VAL Q 281 -81.48 8.36 28.08
N CYS Q 282 -80.68 9.35 28.48
CA CYS Q 282 -80.49 9.68 29.89
C CYS Q 282 -80.68 11.18 30.08
N GLY Q 283 -81.78 11.56 30.72
CA GLY Q 283 -82.04 12.95 31.04
C GLY Q 283 -81.48 13.43 32.35
N ASP Q 284 -80.89 12.55 33.15
CA ASP Q 284 -80.31 12.89 34.44
C ASP Q 284 -78.79 12.84 34.36
N SER Q 285 -78.14 13.06 35.50
CA SER Q 285 -76.71 12.92 35.63
C SER Q 285 -76.30 11.57 36.20
N ASP Q 286 -77.26 10.69 36.46
CA ASP Q 286 -76.95 9.39 37.05
C ASP Q 286 -76.14 8.54 36.07
N LYS Q 287 -76.63 8.39 34.85
CA LYS Q 287 -75.98 7.54 33.87
C LYS Q 287 -75.03 8.36 33.00
N GLY Q 288 -74.43 7.70 32.01
CA GLY Q 288 -73.53 8.39 31.11
C GLY Q 288 -73.25 7.57 29.87
N PHE Q 289 -72.66 8.22 28.88
CA PHE Q 289 -72.22 7.57 27.66
C PHE Q 289 -70.72 7.35 27.67
N VAL Q 290 -70.31 6.19 27.19
CA VAL Q 290 -68.94 5.92 26.80
C VAL Q 290 -68.97 5.60 25.31
N VAL Q 291 -68.29 6.40 24.51
CA VAL Q 291 -68.29 6.26 23.06
C VAL Q 291 -66.92 5.72 22.66
N ILE Q 292 -66.86 4.44 22.35
CA ILE Q 292 -65.63 3.84 21.86
C ILE Q 292 -65.67 3.88 20.34
N ASN Q 293 -64.70 4.56 19.75
CA ASN Q 293 -64.66 4.79 18.31
C ASN Q 293 -63.41 4.14 17.74
N GLN Q 294 -63.58 3.40 16.65
CA GLN Q 294 -62.43 2.79 15.99
C GLN Q 294 -61.61 3.82 15.24
N LYS Q 295 -62.23 4.91 14.80
CA LYS Q 295 -61.56 5.96 14.05
C LYS Q 295 -61.40 7.21 14.92
N GLY Q 296 -60.57 8.13 14.43
CA GLY Q 296 -60.16 9.25 15.25
C GLY Q 296 -61.27 10.25 15.50
N ILE Q 297 -61.03 11.12 16.48
CA ILE Q 297 -61.91 12.22 16.82
C ILE Q 297 -61.06 13.47 16.97
N ASP Q 298 -61.37 14.51 16.19
CA ASP Q 298 -60.62 15.74 16.26
C ASP Q 298 -60.97 16.50 17.54
N PRO Q 299 -60.09 17.41 17.98
CA PRO Q 299 -60.34 18.10 19.26
C PRO Q 299 -61.65 18.86 19.31
N PHE Q 300 -62.15 19.40 18.20
CA PHE Q 300 -63.42 20.09 18.22
C PHE Q 300 -64.55 19.16 18.64
N SER Q 301 -64.60 17.97 18.06
CA SER Q 301 -65.64 17.01 18.42
C SER Q 301 -65.44 16.51 19.84
N LEU Q 302 -64.19 16.35 20.28
CA LEU Q 302 -63.93 15.96 21.66
C LEU Q 302 -64.48 16.99 22.62
N ASP Q 303 -64.25 18.27 22.34
CA ASP Q 303 -64.77 19.34 23.19
C ASP Q 303 -66.30 19.35 23.18
N ALA Q 304 -66.90 19.19 22.00
CA ALA Q 304 -68.34 19.19 21.91
C ALA Q 304 -68.95 18.05 22.70
N LEU Q 305 -68.31 16.88 22.66
CA LEU Q 305 -68.81 15.74 23.43
C LEU Q 305 -68.60 15.94 24.92
N SER Q 306 -67.43 16.47 25.31
CA SER Q 306 -67.15 16.68 26.72
C SER Q 306 -68.08 17.71 27.34
N LYS Q 307 -68.53 18.69 26.56
CA LYS Q 307 -69.47 19.67 27.07
C LYS Q 307 -70.78 19.05 27.51
N GLU Q 308 -71.12 17.88 26.97
CA GLU Q 308 -72.35 17.19 27.31
C GLU Q 308 -72.14 16.05 28.28
N GLY Q 309 -70.97 15.97 28.92
CA GLY Q 309 -70.70 14.90 29.85
C GLY Q 309 -70.62 13.53 29.22
N ILE Q 310 -69.95 13.42 28.08
CA ILE Q 310 -69.76 12.16 27.39
C ILE Q 310 -68.27 11.88 27.31
N VAL Q 311 -67.86 10.70 27.77
CA VAL Q 311 -66.49 10.26 27.63
C VAL Q 311 -66.36 9.48 26.32
N ALA Q 312 -65.31 9.75 25.56
CA ALA Q 312 -65.14 9.17 24.24
C ALA Q 312 -63.72 8.65 24.07
N LEU Q 313 -63.60 7.48 23.46
CA LEU Q 313 -62.31 6.87 23.16
C LEU Q 313 -62.16 6.72 21.66
N ARG Q 314 -60.97 7.00 21.16
CA ARG Q 314 -60.70 6.98 19.72
C ARG Q 314 -59.61 5.98 19.41
N ARG Q 315 -59.61 5.52 18.15
CA ARG Q 315 -58.60 4.61 17.64
C ARG Q 315 -58.57 3.29 18.41
N ALA Q 316 -59.74 2.70 18.58
CA ALA Q 316 -59.83 1.39 19.20
C ALA Q 316 -59.41 0.31 18.22
N LYS Q 317 -59.07 -0.85 18.75
CA LYS Q 317 -58.66 -1.97 17.91
C LYS Q 317 -59.85 -2.55 17.17
N ARG Q 318 -59.58 -3.17 16.02
CA ARG Q 318 -60.65 -3.73 15.21
C ARG Q 318 -61.38 -4.84 15.95
N ARG Q 319 -60.64 -5.74 16.60
CA ARG Q 319 -61.27 -6.82 17.37
C ARG Q 319 -62.10 -6.28 18.51
N ASN Q 320 -61.79 -5.09 19.01
CA ASN Q 320 -62.53 -4.54 20.13
C ASN Q 320 -63.98 -4.24 19.77
N MET Q 321 -64.30 -4.05 18.49
CA MET Q 321 -65.70 -3.90 18.12
C MET Q 321 -66.49 -5.15 18.47
N GLU Q 322 -66.02 -6.30 18.01
CA GLU Q 322 -66.69 -7.56 18.35
C GLU Q 322 -66.62 -7.82 19.86
N ARG Q 323 -65.48 -7.51 20.48
CA ARG Q 323 -65.35 -7.75 21.91
C ARG Q 323 -66.36 -6.95 22.71
N LEU Q 324 -66.55 -5.68 22.36
CA LEU Q 324 -67.49 -4.85 23.10
C LEU Q 324 -68.93 -5.25 22.80
N THR Q 325 -69.24 -5.57 21.54
CA THR Q 325 -70.60 -5.99 21.23
C THR Q 325 -70.94 -7.31 21.92
N LEU Q 326 -69.94 -8.14 22.20
CA LEU Q 326 -70.17 -9.39 22.91
C LEU Q 326 -70.18 -9.22 24.42
N ALA Q 327 -69.45 -8.24 24.95
CA ALA Q 327 -69.42 -8.00 26.39
C ALA Q 327 -70.54 -7.06 26.81
N CYS Q 328 -70.55 -5.84 26.26
CA CYS Q 328 -71.54 -4.86 26.68
C CYS Q 328 -72.91 -5.15 26.09
N GLY Q 329 -72.95 -5.73 24.89
CA GLY Q 329 -74.21 -6.13 24.28
C GLY Q 329 -74.84 -5.14 23.33
N GLY Q 330 -74.09 -4.18 22.82
CA GLY Q 330 -74.61 -3.21 21.88
C GLY Q 330 -74.54 -3.70 20.45
N VAL Q 331 -74.57 -2.74 19.52
CA VAL Q 331 -74.43 -3.00 18.11
C VAL Q 331 -73.36 -2.07 17.55
N ALA Q 332 -72.36 -2.65 16.90
CA ALA Q 332 -71.32 -1.84 16.27
C ALA Q 332 -71.91 -1.10 15.08
N LEU Q 333 -71.66 0.21 15.01
CA LEU Q 333 -72.24 1.07 13.99
C LEU Q 333 -71.17 1.60 13.06
N ASN Q 334 -71.37 1.41 11.76
CA ASN Q 334 -70.52 2.02 10.76
C ASN Q 334 -71.07 3.35 10.26
N SER Q 335 -72.26 3.74 10.69
CA SER Q 335 -72.81 5.05 10.37
C SER Q 335 -73.91 5.37 11.36
N PHE Q 336 -74.18 6.66 11.54
CA PHE Q 336 -75.19 7.14 12.47
C PHE Q 336 -76.49 7.51 11.77
N ASP Q 337 -76.76 6.93 10.60
CA ASP Q 337 -77.95 7.31 9.84
C ASP Q 337 -79.23 7.02 10.63
N ASP Q 338 -79.32 5.83 11.22
CA ASP Q 338 -80.48 5.43 12.00
C ASP Q 338 -79.97 4.78 13.28
N LEU Q 339 -79.75 5.58 14.31
CA LEU Q 339 -79.29 5.10 15.60
C LEU Q 339 -80.42 5.26 16.62
N SER Q 340 -80.66 4.21 17.37
CA SER Q 340 -81.76 4.11 18.32
C SER Q 340 -81.23 3.58 19.63
N PRO Q 341 -81.91 3.86 20.75
CA PRO Q 341 -81.42 3.36 22.04
C PRO Q 341 -81.20 1.85 22.08
N ASP Q 342 -81.79 1.10 21.16
CA ASP Q 342 -81.63 -0.36 21.18
C ASP Q 342 -80.25 -0.82 20.73
N CYS Q 343 -79.47 0.04 20.09
CA CYS Q 343 -78.14 -0.33 19.64
C CYS Q 343 -77.05 0.02 20.65
N LEU Q 344 -77.43 0.49 21.83
CA LEU Q 344 -76.47 0.92 22.84
C LEU Q 344 -76.13 -0.24 23.77
N GLY Q 345 -74.84 -0.43 24.02
CA GLY Q 345 -74.39 -1.39 25.01
C GLY Q 345 -74.53 -0.85 26.41
N HIS Q 346 -74.28 -1.74 27.37
CA HIS Q 346 -74.39 -1.39 28.78
C HIS Q 346 -73.17 -1.90 29.54
N ALA Q 347 -72.77 -1.16 30.56
CA ALA Q 347 -71.66 -1.54 31.42
C ALA Q 347 -71.91 -0.98 32.81
N GLY Q 348 -71.74 -1.83 33.82
CA GLY Q 348 -72.03 -1.41 35.18
C GLY Q 348 -70.98 -0.53 35.82
N LEU Q 349 -69.83 -0.35 35.17
CA LEU Q 349 -68.79 0.52 35.69
C LEU Q 349 -67.72 0.76 34.64
N VAL Q 350 -67.37 2.02 34.40
CA VAL Q 350 -66.28 2.38 33.51
C VAL Q 350 -65.40 3.40 34.21
N TYR Q 351 -64.12 3.10 34.33
CA TYR Q 351 -63.18 4.03 34.95
C TYR Q 351 -61.83 3.91 34.25
N GLU Q 352 -61.01 4.94 34.43
CA GLU Q 352 -59.71 5.02 33.79
C GLU Q 352 -58.61 4.84 34.82
N TYR Q 353 -57.61 4.04 34.47
CA TYR Q 353 -56.45 3.82 35.30
C TYR Q 353 -55.23 4.40 34.60
N THR Q 354 -54.42 5.15 35.35
CA THR Q 354 -53.21 5.76 34.83
C THR Q 354 -51.99 5.03 35.37
N LEU Q 355 -51.10 4.63 34.47
CA LEU Q 355 -49.88 3.92 34.85
C LEU Q 355 -48.73 4.56 34.05
N GLY Q 356 -47.97 5.42 34.70
CA GLY Q 356 -46.91 6.14 34.02
C GLY Q 356 -47.45 7.05 32.94
N GLU Q 357 -47.02 6.83 31.70
CA GLU Q 357 -47.47 7.61 30.56
C GLU Q 357 -48.51 6.88 29.72
N GLU Q 358 -49.14 5.84 30.27
CA GLU Q 358 -50.14 5.05 29.56
C GLU Q 358 -51.46 5.12 30.30
N LYS Q 359 -52.55 5.22 29.54
CA LYS Q 359 -53.90 5.22 30.10
C LYS Q 359 -54.56 3.89 29.83
N PHE Q 360 -55.26 3.36 30.83
CA PHE Q 360 -56.02 2.13 30.70
C PHE Q 360 -57.46 2.39 31.10
N THR Q 361 -58.40 1.94 30.28
CA THR Q 361 -59.82 2.10 30.54
C THR Q 361 -60.43 0.75 30.83
N PHE Q 362 -61.16 0.66 31.95
CA PHE Q 362 -61.77 -0.57 32.40
C PHE Q 362 -63.27 -0.50 32.13
N ILE Q 363 -63.79 -1.48 31.39
CA ILE Q 363 -65.21 -1.61 31.11
C ILE Q 363 -65.65 -2.93 31.72
N GLU Q 364 -66.24 -2.87 32.91
CA GLU Q 364 -66.59 -4.10 33.61
C GLU Q 364 -67.99 -4.03 34.20
N LYS Q 365 -68.33 -5.02 35.03
CA LYS Q 365 -69.66 -5.16 35.63
C LYS Q 365 -70.74 -5.23 34.54
N CYS Q 366 -70.41 -5.90 33.45
CA CYS Q 366 -71.41 -6.13 32.40
C CYS Q 366 -72.44 -7.16 32.87
N ASN Q 367 -73.57 -7.19 32.17
CA ASN Q 367 -74.66 -8.07 32.57
C ASN Q 367 -74.22 -9.54 32.50
N ASN Q 368 -73.89 -10.02 31.30
CA ASN Q 368 -73.45 -11.40 31.11
C ASN Q 368 -72.45 -11.42 29.96
N PRO Q 369 -71.22 -11.02 30.22
CA PRO Q 369 -70.26 -10.84 29.13
C PRO Q 369 -69.90 -12.16 28.46
N ARG Q 370 -69.86 -12.14 27.13
CA ARG Q 370 -69.36 -13.26 26.34
C ARG Q 370 -67.94 -13.04 25.87
N SER Q 371 -67.29 -11.96 26.34
CA SER Q 371 -65.90 -11.70 26.01
C SER Q 371 -65.25 -11.03 27.22
N VAL Q 372 -64.17 -11.62 27.71
CA VAL Q 372 -63.50 -11.13 28.91
C VAL Q 372 -62.05 -10.81 28.59
N THR Q 373 -61.31 -10.32 29.58
CA THR Q 373 -59.92 -9.97 29.41
C THR Q 373 -59.10 -10.55 30.55
N LEU Q 374 -57.85 -10.90 30.24
CA LEU Q 374 -56.90 -11.44 31.21
C LEU Q 374 -55.81 -10.39 31.43
N LEU Q 375 -55.87 -9.71 32.56
CA LEU Q 375 -54.92 -8.65 32.86
C LEU Q 375 -53.65 -9.29 33.44
N ILE Q 376 -52.57 -9.22 32.68
CA ILE Q 376 -51.29 -9.75 33.12
C ILE Q 376 -50.51 -8.65 33.81
N LYS Q 377 -50.09 -8.91 35.05
CA LYS Q 377 -49.38 -7.93 35.85
C LYS Q 377 -48.06 -8.51 36.33
N GLY Q 378 -47.02 -7.68 36.33
CA GLY Q 378 -45.71 -8.12 36.76
C GLY Q 378 -44.74 -6.97 36.84
N PRO Q 379 -43.59 -7.19 37.48
CA PRO Q 379 -42.58 -6.13 37.62
C PRO Q 379 -41.59 -6.03 36.47
N ASN Q 380 -41.59 -6.98 35.54
CA ASN Q 380 -40.60 -7.01 34.48
C ASN Q 380 -41.29 -7.31 33.15
N LYS Q 381 -40.64 -6.91 32.06
CA LYS Q 381 -41.15 -7.24 30.75
C LYS Q 381 -41.04 -8.73 30.47
N HIS Q 382 -39.91 -9.34 30.82
CA HIS Q 382 -39.75 -10.77 30.58
C HIS Q 382 -40.71 -11.59 31.42
N THR Q 383 -41.03 -11.13 32.63
CA THR Q 383 -42.06 -11.79 33.42
C THR Q 383 -43.40 -11.76 32.69
N LEU Q 384 -43.74 -10.60 32.12
CA LEU Q 384 -45.00 -10.48 31.39
C LEU Q 384 -45.02 -11.39 30.18
N THR Q 385 -43.92 -11.46 29.43
CA THR Q 385 -43.87 -12.35 28.28
C THR Q 385 -44.01 -13.80 28.68
N GLN Q 386 -43.33 -14.20 29.76
CA GLN Q 386 -43.44 -15.58 30.22
C GLN Q 386 -44.85 -15.92 30.65
N ILE Q 387 -45.50 -15.01 31.38
CA ILE Q 387 -46.88 -15.26 31.81
C ILE Q 387 -47.80 -15.31 30.60
N LYS Q 388 -47.56 -14.46 29.60
CA LYS Q 388 -48.40 -14.47 28.41
C LYS Q 388 -48.29 -15.79 27.66
N ASP Q 389 -47.07 -16.30 27.51
CA ASP Q 389 -46.90 -17.59 26.85
C ASP Q 389 -47.56 -18.71 27.65
N ALA Q 390 -47.39 -18.69 28.97
CA ALA Q 390 -48.02 -19.71 29.80
C ALA Q 390 -49.54 -19.66 29.69
N VAL Q 391 -50.09 -18.44 29.65
CA VAL Q 391 -51.54 -18.29 29.55
C VAL Q 391 -52.03 -18.76 28.19
N ARG Q 392 -51.27 -18.51 27.13
CA ARG Q 392 -51.64 -19.03 25.83
C ARG Q 392 -51.69 -20.56 25.85
N ASP Q 393 -50.67 -21.18 26.46
CA ASP Q 393 -50.65 -22.64 26.53
C ASP Q 393 -51.83 -23.17 27.34
N GLY Q 394 -52.14 -22.52 28.47
CA GLY Q 394 -53.26 -22.97 29.28
C GLY Q 394 -54.59 -22.81 28.59
N LEU Q 395 -54.78 -21.68 27.90
CA LEU Q 395 -56.01 -21.47 27.15
C LEU Q 395 -56.17 -22.53 26.07
N ARG Q 396 -55.10 -22.80 25.33
CA ARG Q 396 -55.16 -23.84 24.30
C ARG Q 396 -55.49 -25.19 24.92
N ALA Q 397 -54.89 -25.51 26.06
CA ALA Q 397 -55.14 -26.80 26.69
C ALA Q 397 -56.59 -26.94 27.13
N VAL Q 398 -57.15 -25.89 27.75
CA VAL Q 398 -58.53 -25.97 28.20
C VAL Q 398 -59.48 -26.05 27.01
N LYS Q 399 -59.21 -25.27 25.97
CA LYS Q 399 -60.06 -25.34 24.78
C LYS Q 399 -59.99 -26.71 24.13
N ASN Q 400 -58.79 -27.29 24.07
CA ASN Q 400 -58.65 -28.63 23.51
C ASN Q 400 -59.42 -29.65 24.33
N ALA Q 401 -59.35 -29.54 25.66
CA ALA Q 401 -60.13 -30.45 26.49
C ALA Q 401 -61.62 -30.30 26.25
N ILE Q 402 -62.09 -29.05 26.13
CA ILE Q 402 -63.52 -28.83 25.89
C ILE Q 402 -63.93 -29.40 24.54
N ASP Q 403 -63.04 -29.31 23.55
CA ASP Q 403 -63.42 -29.70 22.19
C ASP Q 403 -63.83 -31.17 22.10
N ASP Q 404 -63.08 -32.04 22.77
CA ASP Q 404 -63.41 -33.46 22.81
C ASP Q 404 -63.48 -33.93 24.25
N GLY Q 405 -64.56 -34.62 24.61
CA GLY Q 405 -64.80 -34.98 25.98
C GLY Q 405 -63.76 -35.90 26.58
N CYS Q 406 -62.90 -36.47 25.76
CA CYS Q 406 -61.87 -37.37 26.26
C CYS Q 406 -60.68 -36.60 26.80
N VAL Q 407 -59.94 -37.23 27.70
CA VAL Q 407 -58.69 -36.70 28.24
C VAL Q 407 -57.81 -37.87 28.62
N VAL Q 408 -56.51 -37.69 28.47
CA VAL Q 408 -55.54 -38.77 28.55
C VAL Q 408 -54.73 -38.61 29.83
N PRO Q 409 -54.51 -39.68 30.60
CA PRO Q 409 -53.65 -39.57 31.78
C PRO Q 409 -52.23 -39.19 31.39
N GLY Q 410 -51.60 -38.37 32.23
CA GLY Q 410 -50.28 -37.84 31.97
C GLY Q 410 -49.19 -38.55 32.74
N ALA Q 411 -48.14 -37.81 33.07
CA ALA Q 411 -46.99 -38.31 33.82
C ALA Q 411 -46.30 -39.47 33.14
N GLY Q 412 -46.45 -39.59 31.82
CA GLY Q 412 -45.81 -40.65 31.08
C GLY Q 412 -46.52 -41.99 31.15
N ALA Q 413 -47.68 -42.07 31.82
CA ALA Q 413 -48.37 -43.35 31.94
C ALA Q 413 -48.81 -43.87 30.58
N VAL Q 414 -49.34 -42.97 29.74
CA VAL Q 414 -49.86 -43.40 28.45
C VAL Q 414 -48.74 -43.94 27.57
N GLU Q 415 -47.57 -43.29 27.58
CA GLU Q 415 -46.45 -43.79 26.78
C GLU Q 415 -45.98 -45.15 27.28
N VAL Q 416 -45.95 -45.36 28.59
CA VAL Q 416 -45.54 -46.66 29.12
C VAL Q 416 -46.51 -47.75 28.66
N ALA Q 417 -47.81 -47.48 28.79
CA ALA Q 417 -48.79 -48.47 28.38
C ALA Q 417 -48.75 -48.72 26.88
N MET Q 418 -48.54 -47.66 26.09
CA MET Q 418 -48.43 -47.80 24.65
C MET Q 418 -47.21 -48.64 24.27
N ALA Q 419 -46.08 -48.42 24.94
CA ALA Q 419 -44.89 -49.21 24.67
C ALA Q 419 -45.12 -50.67 25.01
N GLU Q 420 -45.77 -50.95 26.14
CA GLU Q 420 -46.05 -52.34 26.48
C GLU Q 420 -46.97 -52.99 25.46
N ALA Q 421 -48.01 -52.26 25.03
CA ALA Q 421 -48.92 -52.80 24.03
C ALA Q 421 -48.20 -53.07 22.72
N LEU Q 422 -47.31 -52.15 22.32
CA LEU Q 422 -46.54 -52.35 21.10
C LEU Q 422 -45.63 -53.55 21.20
N ILE Q 423 -45.00 -53.75 22.36
CA ILE Q 423 -44.15 -54.92 22.54
C ILE Q 423 -44.98 -56.19 22.44
N LYS Q 424 -46.18 -56.18 23.03
CA LYS Q 424 -47.06 -57.34 22.94
C LYS Q 424 -47.48 -57.60 21.49
N HIS Q 425 -47.74 -56.53 20.74
CA HIS Q 425 -48.19 -56.66 19.36
C HIS Q 425 -47.07 -56.99 18.38
N LYS Q 426 -45.81 -56.79 18.80
CA LYS Q 426 -44.68 -56.99 17.90
C LYS Q 426 -44.64 -58.35 17.21
N PRO Q 427 -44.89 -59.48 17.87
CA PRO Q 427 -44.84 -60.75 17.14
C PRO Q 427 -45.83 -60.84 15.99
N SER Q 428 -46.93 -60.09 16.04
CA SER Q 428 -47.92 -60.15 14.98
C SER Q 428 -47.41 -59.49 13.69
N VAL Q 429 -46.39 -58.65 13.77
CA VAL Q 429 -45.85 -58.00 12.58
C VAL Q 429 -44.92 -58.97 11.87
N LYS Q 430 -45.16 -59.18 10.58
CA LYS Q 430 -44.40 -60.15 9.81
C LYS Q 430 -43.15 -59.51 9.22
N GLY Q 431 -42.04 -60.22 9.30
CA GLY Q 431 -40.80 -59.77 8.72
C GLY Q 431 -39.88 -59.11 9.73
N ARG Q 432 -38.98 -58.30 9.19
CA ARG Q 432 -38.00 -57.57 9.99
C ARG Q 432 -38.54 -56.24 10.49
N ALA Q 433 -39.79 -55.91 10.18
CA ALA Q 433 -40.41 -54.70 10.70
C ALA Q 433 -40.63 -54.76 12.21
N GLN Q 434 -40.48 -55.94 12.81
CA GLN Q 434 -40.51 -56.02 14.27
C GLN Q 434 -39.39 -55.18 14.88
N LEU Q 435 -38.27 -55.05 14.18
CA LEU Q 435 -37.21 -54.16 14.67
C LEU Q 435 -37.69 -52.72 14.70
N GLY Q 436 -38.39 -52.27 13.66
CA GLY Q 436 -38.94 -50.93 13.67
C GLY Q 436 -39.99 -50.74 14.75
N VAL Q 437 -40.81 -51.77 14.99
CA VAL Q 437 -41.80 -51.69 16.05
C VAL Q 437 -41.13 -51.54 17.41
N GLN Q 438 -40.08 -52.32 17.64
CA GLN Q 438 -39.33 -52.21 18.90
C GLN Q 438 -38.70 -50.84 19.04
N ALA Q 439 -38.13 -50.32 17.95
CA ALA Q 439 -37.54 -48.99 17.99
C ALA Q 439 -38.59 -47.94 18.31
N PHE Q 440 -39.77 -48.06 17.73
CA PHE Q 440 -40.85 -47.12 18.00
C PHE Q 440 -41.28 -47.17 19.46
N ALA Q 441 -41.39 -48.38 20.02
CA ALA Q 441 -41.77 -48.49 21.43
C ALA Q 441 -40.72 -47.87 22.34
N ASP Q 442 -39.45 -48.17 22.07
CA ASP Q 442 -38.38 -47.60 22.89
C ASP Q 442 -38.34 -46.09 22.75
N ALA Q 443 -38.62 -45.57 21.56
CA ALA Q 443 -38.68 -44.12 21.38
C ALA Q 443 -39.82 -43.51 22.17
N LEU Q 444 -40.99 -44.17 22.17
CA LEU Q 444 -42.10 -43.69 22.99
C LEU Q 444 -41.72 -43.67 24.46
N LEU Q 445 -40.87 -44.60 24.89
CA LEU Q 445 -40.48 -44.66 26.29
C LEU Q 445 -39.62 -43.47 26.74
N ILE Q 446 -39.35 -42.50 25.87
CA ILE Q 446 -38.45 -41.41 26.25
C ILE Q 446 -39.09 -40.49 27.28
N ILE Q 447 -40.41 -40.31 27.24
CA ILE Q 447 -41.05 -39.33 28.12
C ILE Q 447 -40.87 -39.69 29.60
N PRO Q 448 -41.19 -40.89 30.06
CA PRO Q 448 -40.89 -41.21 31.47
C PRO Q 448 -39.41 -41.13 31.79
N LYS Q 449 -38.54 -41.50 30.84
CA LYS Q 449 -37.11 -41.39 31.06
C LYS Q 449 -36.72 -39.95 31.37
N VAL Q 450 -37.14 -39.02 30.52
CA VAL Q 450 -36.76 -37.63 30.70
C VAL Q 450 -37.40 -37.05 31.95
N LEU Q 451 -38.64 -37.45 32.25
CA LEU Q 451 -39.28 -36.96 33.47
C LEU Q 451 -38.52 -37.39 34.71
N ALA Q 452 -38.18 -38.68 34.79
CA ALA Q 452 -37.42 -39.17 35.94
C ALA Q 452 -36.05 -38.52 36.01
N GLN Q 453 -35.41 -38.32 34.86
CA GLN Q 453 -34.09 -37.70 34.85
C GLN Q 453 -34.16 -36.26 35.35
N ASN Q 454 -35.15 -35.51 34.91
CA ASN Q 454 -35.29 -34.12 35.36
C ASN Q 454 -35.63 -34.06 36.83
N SER Q 455 -36.42 -35.01 37.33
CA SER Q 455 -36.73 -35.01 38.74
C SER Q 455 -35.55 -35.39 39.61
N GLY Q 456 -34.45 -35.85 39.02
CA GLY Q 456 -33.25 -36.18 39.76
C GLY Q 456 -33.09 -37.65 40.08
N PHE Q 457 -34.11 -38.47 39.85
CA PHE Q 457 -34.03 -39.88 40.16
C PHE Q 457 -33.25 -40.63 39.10
N ASP Q 458 -32.92 -41.88 39.40
CA ASP Q 458 -32.28 -42.75 38.42
C ASP Q 458 -33.25 -43.04 37.29
N LEU Q 459 -32.71 -43.12 36.08
CA LEU Q 459 -33.56 -43.25 34.90
C LEU Q 459 -34.04 -44.69 34.71
N GLN Q 460 -33.10 -45.62 34.53
CA GLN Q 460 -33.47 -46.99 34.21
C GLN Q 460 -34.21 -47.66 35.36
N GLU Q 461 -33.76 -47.44 36.60
CA GLU Q 461 -34.43 -48.07 37.74
C GLU Q 461 -35.86 -47.57 37.90
N THR Q 462 -36.06 -46.26 37.75
CA THR Q 462 -37.42 -45.72 37.84
C THR Q 462 -38.29 -46.29 36.73
N LEU Q 463 -37.75 -46.36 35.51
CA LEU Q 463 -38.56 -46.86 34.40
C LEU Q 463 -38.92 -48.32 34.60
N VAL Q 464 -37.98 -49.15 35.08
CA VAL Q 464 -38.33 -50.55 35.28
C VAL Q 464 -39.34 -50.69 36.41
N LYS Q 465 -39.27 -49.83 37.43
CA LYS Q 465 -40.30 -49.86 38.47
C LYS Q 465 -41.66 -49.55 37.88
N ILE Q 466 -41.75 -48.50 37.06
CA ILE Q 466 -43.02 -48.12 36.47
C ILE Q 466 -43.56 -49.24 35.60
N GLN Q 467 -42.70 -49.82 34.75
CA GLN Q 467 -43.14 -50.85 33.84
C GLN Q 467 -43.58 -52.10 34.58
N ALA Q 468 -42.85 -52.49 35.62
CA ALA Q 468 -43.24 -53.66 36.40
C ALA Q 468 -44.58 -53.43 37.08
N GLU Q 469 -44.79 -52.23 37.65
CA GLU Q 469 -46.07 -51.94 38.28
C GLU Q 469 -47.21 -51.98 37.28
N HIS Q 470 -47.00 -51.41 36.09
CA HIS Q 470 -48.05 -51.41 35.08
C HIS Q 470 -48.35 -52.82 34.60
N SER Q 471 -47.32 -53.63 34.39
CA SER Q 471 -47.54 -54.99 33.93
C SER Q 471 -48.27 -55.82 34.98
N GLU Q 472 -47.89 -55.70 36.25
CA GLU Q 472 -48.52 -56.52 37.28
C GLU Q 472 -49.93 -56.04 37.62
N SER Q 473 -50.21 -54.75 37.46
CA SER Q 473 -51.51 -54.21 37.85
C SER Q 473 -52.42 -53.91 36.68
N GLY Q 474 -51.86 -53.54 35.52
CA GLY Q 474 -52.67 -53.15 34.39
C GLY Q 474 -53.17 -51.73 34.43
N GLN Q 475 -52.84 -50.98 35.47
CA GLN Q 475 -53.29 -49.61 35.60
C GLN Q 475 -52.38 -48.66 34.81
N LEU Q 476 -52.85 -47.43 34.65
CA LEU Q 476 -52.11 -46.40 33.93
C LEU Q 476 -51.28 -45.63 34.96
N VAL Q 477 -50.08 -46.13 35.24
CA VAL Q 477 -49.23 -45.56 36.26
C VAL Q 477 -48.17 -44.69 35.60
N GLY Q 478 -47.98 -43.48 36.12
CA GLY Q 478 -47.01 -42.56 35.63
C GLY Q 478 -45.85 -42.39 36.58
N VAL Q 479 -45.08 -41.33 36.37
CA VAL Q 479 -43.89 -41.03 37.16
C VAL Q 479 -44.24 -39.97 38.19
N ASP Q 480 -44.10 -40.32 39.46
CA ASP Q 480 -44.28 -39.35 40.54
C ASP Q 480 -43.00 -38.54 40.68
N LEU Q 481 -43.06 -37.26 40.32
CA LEU Q 481 -41.85 -36.45 40.26
C LEU Q 481 -41.29 -36.11 41.63
N ASN Q 482 -42.02 -36.40 42.71
CA ASN Q 482 -41.52 -36.11 44.05
C ASN Q 482 -40.80 -37.29 44.67
N THR Q 483 -41.30 -38.51 44.46
CA THR Q 483 -40.71 -39.70 45.05
C THR Q 483 -40.16 -40.70 44.05
N GLY Q 484 -40.53 -40.59 42.78
CA GLY Q 484 -40.08 -41.55 41.78
C GLY Q 484 -40.85 -42.85 41.74
N GLU Q 485 -41.83 -43.01 42.61
CA GLU Q 485 -42.63 -44.24 42.64
C GLU Q 485 -43.73 -44.19 41.60
N PRO Q 486 -44.24 -45.35 41.19
CA PRO Q 486 -45.40 -45.35 40.30
C PRO Q 486 -46.59 -44.67 40.94
N MET Q 487 -47.35 -43.95 40.13
CA MET Q 487 -48.50 -43.19 40.59
C MET Q 487 -49.59 -43.22 39.53
N VAL Q 488 -50.83 -43.39 39.97
CA VAL Q 488 -51.96 -43.46 39.06
C VAL Q 488 -52.29 -42.03 38.65
N ALA Q 489 -51.92 -41.66 37.41
CA ALA Q 489 -52.06 -40.27 36.98
C ALA Q 489 -53.52 -39.85 36.92
N ALA Q 490 -54.43 -40.79 36.65
CA ALA Q 490 -55.83 -40.44 36.56
C ALA Q 490 -56.38 -39.96 37.91
N GLU Q 491 -55.99 -40.62 38.99
CA GLU Q 491 -56.53 -40.28 40.30
C GLU Q 491 -55.95 -38.97 40.82
N VAL Q 492 -54.64 -38.77 40.65
CA VAL Q 492 -54.01 -37.55 41.13
C VAL Q 492 -54.54 -36.34 40.36
N GLY Q 493 -54.63 -36.46 39.04
CA GLY Q 493 -55.16 -35.37 38.25
C GLY Q 493 -54.18 -34.84 37.24
N VAL Q 494 -53.21 -35.65 36.84
CA VAL Q 494 -52.25 -35.26 35.81
C VAL Q 494 -52.82 -35.70 34.47
N TRP Q 495 -53.46 -34.76 33.78
CA TRP Q 495 -54.17 -35.05 32.55
C TRP Q 495 -53.46 -34.43 31.36
N ASP Q 496 -53.55 -35.11 30.22
CA ASP Q 496 -52.98 -34.64 28.97
C ASP Q 496 -54.06 -34.62 27.89
N ASN Q 497 -53.93 -33.69 26.96
CA ASN Q 497 -54.92 -33.56 25.90
C ASN Q 497 -54.79 -34.73 24.91
N TYR Q 498 -55.92 -35.34 24.61
CA TYR Q 498 -55.94 -36.46 23.68
C TYR Q 498 -55.51 -36.02 22.28
N CYS Q 499 -55.99 -34.85 21.86
CA CYS Q 499 -55.61 -34.33 20.54
C CYS Q 499 -54.10 -34.06 20.49
N VAL Q 500 -53.52 -33.60 21.59
CA VAL Q 500 -52.08 -33.36 21.62
C VAL Q 500 -51.32 -34.67 21.43
N LYS Q 501 -51.73 -35.73 22.10
CA LYS Q 501 -51.06 -37.01 21.93
C LYS Q 501 -51.20 -37.54 20.52
N LYS Q 502 -52.41 -37.43 19.95
CA LYS Q 502 -52.61 -37.91 18.58
C LYS Q 502 -51.75 -37.14 17.59
N GLN Q 503 -51.70 -35.81 17.74
CA GLN Q 503 -50.86 -35.00 16.87
C GLN Q 503 -49.39 -35.34 17.05
N LEU Q 504 -48.96 -35.56 18.29
CA LEU Q 504 -47.59 -35.98 18.54
C LEU Q 504 -47.26 -37.25 17.75
N LEU Q 505 -48.09 -38.27 17.91
CA LEU Q 505 -47.84 -39.53 17.22
C LEU Q 505 -47.74 -39.32 15.71
N HIS Q 506 -48.76 -38.69 15.13
CA HIS Q 506 -48.82 -38.55 13.68
C HIS Q 506 -47.62 -37.76 13.15
N SER Q 507 -47.40 -36.56 13.70
CA SER Q 507 -46.35 -35.70 13.18
C SER Q 507 -44.97 -36.29 13.40
N CYS Q 508 -44.70 -36.81 14.60
CA CYS Q 508 -43.39 -37.37 14.88
C CYS Q 508 -43.11 -38.56 13.97
N THR Q 509 -44.08 -39.46 13.79
CA THR Q 509 -43.86 -40.59 12.91
C THR Q 509 -43.62 -40.13 11.48
N VAL Q 510 -44.40 -39.17 11.01
CA VAL Q 510 -44.25 -38.72 9.62
C VAL Q 510 -42.87 -38.12 9.40
N ILE Q 511 -42.44 -37.23 10.29
CA ILE Q 511 -41.17 -36.54 10.09
C ILE Q 511 -40.01 -37.51 10.24
N ALA Q 512 -40.08 -38.43 11.21
CA ALA Q 512 -39.00 -39.40 11.36
C ALA Q 512 -38.91 -40.31 10.14
N THR Q 513 -40.06 -40.77 9.62
CA THR Q 513 -40.05 -41.59 8.43
C THR Q 513 -39.45 -40.84 7.25
N ASN Q 514 -39.82 -39.57 7.07
CA ASN Q 514 -39.30 -38.81 5.95
C ASN Q 514 -37.80 -38.57 6.09
N ILE Q 515 -37.32 -38.31 7.31
CA ILE Q 515 -35.90 -38.05 7.50
C ILE Q 515 -35.09 -39.32 7.27
N LEU Q 516 -35.56 -40.46 7.77
CA LEU Q 516 -34.81 -41.70 7.62
C LEU Q 516 -34.64 -42.08 6.16
N LEU Q 517 -35.58 -41.71 5.31
CA LEU Q 517 -35.51 -42.06 3.90
C LEU Q 517 -34.68 -41.08 3.08
N VAL Q 518 -34.14 -40.05 3.69
CA VAL Q 518 -33.31 -39.09 2.98
C VAL Q 518 -31.89 -39.66 2.86
N ASP Q 519 -31.37 -39.68 1.63
CA ASP Q 519 -30.03 -40.22 1.39
C ASP Q 519 -29.09 -39.21 0.76
N GLU Q 520 -29.49 -37.94 0.65
CA GLU Q 520 -28.60 -36.93 0.10
C GLU Q 520 -29.08 -35.55 0.51
N ILE Q 521 -28.13 -34.67 0.82
CA ILE Q 521 -28.39 -33.26 1.08
C ILE Q 521 -27.57 -32.45 0.08
N MET Q 522 -28.24 -31.56 -0.63
CA MET Q 522 -27.61 -30.77 -1.68
C MET Q 522 -27.79 -29.29 -1.41
N ARG Q 523 -26.75 -28.52 -1.69
CA ARG Q 523 -26.82 -27.06 -1.70
C ARG Q 523 -26.09 -26.61 -2.96
N ALA Q 524 -26.83 -26.52 -4.07
CA ALA Q 524 -26.24 -26.24 -5.37
C ALA Q 524 -27.03 -25.18 -6.12
N GLY Q 525 -27.74 -24.31 -5.40
CA GLY Q 525 -28.47 -23.24 -6.04
C GLY Q 525 -27.66 -22.00 -6.34
N MET Q 526 -26.41 -21.96 -5.91
CA MET Q 526 -25.58 -20.79 -6.11
C MET Q 526 -24.99 -20.79 -7.51
N SER Q 527 -24.52 -19.61 -7.94
CA SER Q 527 -23.93 -19.42 -9.25
C SER Q 527 -24.86 -19.86 -10.38
PB ADP R . 12.36 0.62 54.62
O1B ADP R . 12.13 2.10 54.48
O2B ADP R . 11.50 -0.24 53.73
O3B ADP R . 13.79 0.18 54.66
PA ADP R . 10.33 -0.16 56.41
O1A ADP R . 9.41 0.23 55.29
O2A ADP R . 10.40 -1.60 56.83
O3A ADP R . 11.84 0.32 56.10
O5' ADP R . 9.97 0.76 57.66
C5' ADP R . 8.77 0.51 58.38
C4' ADP R . 8.56 1.62 59.39
O4' ADP R . 7.60 1.19 60.34
C3' ADP R . 9.83 1.95 60.14
O3' ADP R . 10.20 3.30 59.88
C2' ADP R . 9.50 1.80 61.60
O2' ADP R . 9.75 3.04 62.28
C1' ADP R . 8.03 1.48 61.67
N9 ADP R . 7.84 0.26 62.50
C8 ADP R . 8.49 -0.89 62.35
N7 ADP R . 8.08 -1.80 63.27
C5 ADP R . 7.15 -1.21 64.04
C6 ADP R . 6.31 -1.61 65.18
N6 ADP R . 6.39 -2.84 65.72
N1 ADP R . 5.46 -0.69 65.68
C2 ADP R . 5.36 0.54 65.15
N3 ADP R . 6.09 0.97 64.11
C4 ADP R . 6.99 0.15 63.52
MG MG S . 12.54 -1.42 56.73
AL AF3 T . 13.37 -1.92 53.36
F1 AF3 T . 12.96 -2.37 54.99
F2 AF3 T . 15.07 -2.04 52.82
F3 AF3 T . 12.01 -1.69 52.34
PB ADP U . 42.47 39.13 -3.38
O1B ADP U . 41.47 39.58 -4.40
O2B ADP U . 42.45 37.64 -3.10
O3B ADP U . 43.84 39.71 -3.55
PA ADP U . 42.03 41.27 -1.54
O1A ADP U . 40.62 41.77 -1.41
O2A ADP U . 42.97 41.32 -0.36
O3A ADP U . 41.95 39.73 -2.00
O5' ADP U . 42.72 42.10 -2.72
C5' ADP U . 41.89 42.70 -3.71
C4' ADP U . 42.37 44.09 -4.11
O4' ADP U . 42.32 45.01 -3.01
C3' ADP U . 43.80 44.11 -4.60
O3' ADP U . 43.81 44.23 -6.02
C2' ADP U . 44.43 45.34 -3.99
O2' ADP U . 44.90 46.20 -5.03
C1' ADP U . 43.30 46.02 -3.24
N9 ADP U . 43.78 46.60 -1.97
C8 ADP U . 44.24 45.90 -0.91
N7 ADP U . 44.61 46.74 0.10
C5 ADP U . 44.38 47.99 -0.31
C6 ADP U . 44.53 49.34 0.25
N6 ADP U . 45.03 49.53 1.50
N1 ADP U . 44.17 50.40 -0.51
C2 ADP U . 43.68 50.23 -1.75
N3 ADP U . 43.51 49.03 -2.33
C4 ADP U . 43.84 47.90 -1.68
MG MG V . 43.94 39.88 -1.55
AL AF3 W . 42.33 36.70 -1.69
F1 AF3 W . 43.15 38.16 -1.28
F2 AF3 W . 43.14 35.14 -1.36
F3 AF3 W . 40.64 36.89 -1.84
PB ADP X . 30.15 33.36 35.85
O1B ADP X . 28.66 33.30 35.61
O2B ADP X . 30.95 32.39 35.02
O3B ADP X . 30.71 34.76 35.91
PA ADP X . 29.31 33.17 38.54
O1A ADP X . 27.91 32.85 38.14
O2A ADP X . 29.90 32.54 39.79
O3A ADP X . 30.32 32.80 37.34
O5' ADP X . 29.43 34.76 38.72
C5' ADP X . 28.53 35.65 38.07
C4' ADP X . 28.57 37.01 38.74
O4' ADP X . 27.94 36.98 40.02
C3' ADP X . 29.98 37.52 38.96
O3' ADP X . 30.23 38.63 38.10
C2' ADP X . 30.03 38.00 40.40
O2' ADP X . 30.46 39.36 40.44
C1' ADP X . 28.60 37.89 40.90
N9 ADP X . 28.57 37.39 42.29
C8 ADP X . 28.99 36.17 42.69
N7 ADP X . 28.83 36.03 44.03
C5 ADP X . 28.29 37.16 44.49
C6 ADP X . 27.86 37.66 45.82
N6 ADP X . 27.98 36.90 46.92
N1 ADP X . 27.33 38.90 45.88
C2 ADP X . 27.21 39.67 44.78
N3 ADP X . 27.58 39.27 43.56
C4 ADP X . 28.13 38.05 43.35
MG MG Y . 31.90 32.44 38.51
AL AF3 Z . 31.12 30.01 35.80
F1 AF3 Z . 29.78 30.46 34.79
F2 AF3 Z . 31.39 30.92 37.33
F3 AF3 Z . 32.21 28.92 35.08
PB ADP AA . 39.49 18.10 -37.92
O1B ADP AA . 38.23 18.89 -37.77
O2B ADP AA . 39.91 17.87 -39.35
O3B ADP AA . 39.56 16.89 -37.03
PA ADP AA . 40.57 20.67 -37.45
O1A ADP AA . 39.28 21.17 -36.85
O2A ADP AA . 41.89 21.18 -36.92
O3A ADP AA . 40.63 19.07 -37.33
O5' ADP AA . 40.55 20.98 -39.03
C5' ADP AA . 39.32 21.18 -39.72
C4' ADP AA . 39.57 21.77 -41.09
O4' ADP AA . 39.97 23.14 -40.98
C3' ADP AA . 40.66 21.06 -41.85
O3' ADP AA . 40.08 20.35 -42.95
C2' ADP AA . 41.56 22.14 -42.41
O2' ADP AA . 41.65 22.01 -43.82
C1' ADP AA . 40.85 23.44 -42.07
N9 ADP AA . 41.82 24.49 -41.67
C8 ADP AA . 42.67 24.43 -40.64
N7 ADP AA . 43.41 25.56 -40.55
C5 ADP AA . 43.03 26.38 -41.54
C6 ADP AA . 43.39 27.73 -42.01
N6 ADP AA . 44.36 28.45 -41.39
N1 ADP AA . 42.74 28.22 -43.09
C2 ADP AA . 41.78 27.51 -43.71
N3 ADP AA . 41.39 26.27 -43.32
C4 ADP AA . 41.97 25.67 -42.27
MG MG BA . 42.70 18.74 -37.25
AL AF3 CA . 40.34 17.82 -34.87
F1 AF3 CA . 41.79 18.26 -35.69
F2 AF3 CA . 40.16 16.13 -34.29
F3 AF3 CA . 39.08 18.98 -34.99
PB ADP DA . -3.47 -36.22 45.90
O1B ADP DA . -3.50 -34.72 45.88
O2B ADP DA . -2.67 -36.85 44.80
O3B ADP DA . -3.24 -36.80 47.26
PA ADP DA . -5.38 -38.19 45.49
O1A ADP DA . -6.14 -38.46 44.22
O2A ADP DA . -4.17 -39.00 45.88
O3A ADP DA . -4.98 -36.65 45.56
O5' ADP DA . -6.39 -38.24 46.73
C5' ADP DA . -5.89 -38.69 47.98
C4' ADP DA . -6.91 -38.42 49.08
O4' ADP DA . -8.01 -39.30 48.89
C3' ADP DA . -6.32 -38.71 50.44
O3' ADP DA . -6.35 -37.52 51.23
C2' ADP DA . -7.21 -39.74 51.07
O2' ADP DA . -7.65 -39.26 52.34
C1' ADP DA . -8.38 -39.89 50.13
N9 ADP DA . -8.68 -41.33 49.92
C8 ADP DA . -7.85 -42.22 49.36
N7 ADP DA . -8.42 -43.45 49.31
C5 ADP DA . -9.65 -43.33 49.85
C6 ADP DA . -10.79 -44.25 50.10
N6 ADP DA . -10.71 -45.55 49.76
N1 ADP DA . -11.88 -43.72 50.68
C2 ADP DA . -11.95 -42.43 51.02
N3 ADP DA . -10.97 -41.55 50.82
C4 ADP DA . -9.81 -41.93 50.24
MG MG EA . -2.38 -38.37 46.26
AL AF3 FA . -0.85 -37.32 43.38
F1 AF3 FA . -1.83 -35.91 43.10
F2 AF3 FA . -1.48 -38.58 44.49
F3 AF3 FA . 0.77 -37.15 42.88
PB ADP GA . 23.54 -17.61 -48.14
O1B ADP GA . 22.68 -16.51 -47.61
O2B ADP GA . 22.77 -18.64 -48.93
O3B ADP GA . 24.50 -18.17 -47.11
PA ADP GA . 24.22 -15.54 -49.96
O1A ADP GA . 23.65 -14.54 -48.99
O2A ADP GA . 25.47 -15.22 -50.73
O3A ADP GA . 24.51 -16.93 -49.22
O5' ADP GA . 23.10 -15.89 -51.05
C5' ADP GA . 23.16 -17.15 -51.71
C4' ADP GA . 22.66 -17.00 -53.14
O4' ADP GA . 23.21 -15.86 -53.78
C3' ADP GA . 23.07 -18.20 -53.97
O3' ADP GA . 21.93 -19.00 -54.26
C2' ADP GA . 23.61 -17.63 -55.26
O2' ADP GA . 22.89 -18.21 -56.36
C1' ADP GA . 23.33 -16.14 -55.18
N9 ADP GA . 24.43 -15.39 -55.82
C8 ADP GA . 25.68 -15.24 -55.35
N7 ADP GA . 26.43 -14.49 -56.20
C5 ADP GA . 25.66 -14.17 -57.24
C6 ADP GA . 25.82 -13.40 -58.50
N6 ADP GA . 27.00 -12.81 -58.81
N1 ADP GA . 24.75 -13.30 -59.32
C2 ADP GA . 23.58 -13.88 -59.02
N3 ADP GA . 23.37 -14.58 -57.90
C4 ADP GA . 24.34 -14.76 -56.99
MG MG HA . 26.52 -17.34 -49.44
AL AF3 IA . 24.92 -16.89 -46.08
F1 AF3 IA . 23.72 -15.66 -45.92
F2 AF3 IA . 25.90 -16.96 -47.59
F3 AF3 IA . 24.96 -18.02 -44.81
PB ADP JA . 5.63 -50.05 -29.34
O1B ADP JA . 4.97 -49.80 -28.01
O2B ADP JA . 6.84 -49.19 -29.60
O3B ADP JA . 5.80 -51.50 -29.68
PA ADP JA . 4.98 -49.49 -31.96
O1A ADP JA . 4.82 -48.07 -32.45
O2A ADP JA . 6.28 -50.23 -32.10
O3A ADP JA . 4.55 -49.55 -30.41
O5' ADP JA . 3.85 -50.40 -32.63
C5' ADP JA . 4.25 -51.67 -33.13
C4' ADP JA . 3.10 -52.37 -33.83
O4' ADP JA . 3.07 -51.95 -35.20
C3' ADP JA . 3.31 -53.86 -33.82
O3' ADP JA . 2.23 -54.49 -33.12
C2' ADP JA . 3.28 -54.30 -35.26
O2' ADP JA . 2.36 -55.37 -35.42
C1' ADP JA . 2.83 -53.08 -36.03
N9 ADP JA . 3.58 -52.95 -37.30
C8 ADP JA . 4.90 -52.75 -37.41
N7 ADP JA . 5.26 -52.69 -38.72
C5 ADP JA . 4.16 -52.85 -39.45
C6 ADP JA . 3.84 -52.88 -40.90
N6 ADP JA . 4.80 -52.73 -41.83
N1 ADP JA . 2.54 -53.07 -41.25
C2 ADP JA . 1.58 -53.23 -40.33
N3 ADP JA . 1.81 -53.21 -39.00
C4 ADP JA . 3.06 -53.02 -38.52
MG MG KA . 7.76 -50.63 -30.84
AL AF3 LA . 7.13 -48.42 -28.13
F1 AF3 LA . 6.89 -49.69 -26.98
F2 AF3 LA . 5.68 -47.67 -28.84
F3 AF3 LA . 8.63 -48.54 -28.94
PB ADP MA . -5.28 -57.74 11.33
O1B ADP MA . -5.51 -56.52 12.18
O2B ADP MA . -4.40 -57.49 10.14
O3B ADP MA . -4.98 -59.00 12.10
PA ADP MA . -6.87 -59.17 9.59
O1A ADP MA . -7.39 -58.55 8.32
O2A ADP MA . -5.62 -60.01 9.57
O3A ADP MA . -6.72 -58.04 10.72
O5' ADP MA . -8.04 -60.07 10.21
C5' ADP MA . -8.50 -61.20 9.48
C4' ADP MA . -9.57 -61.92 10.27
O4' ADP MA . -10.35 -62.70 9.36
C3' ADP MA . -8.97 -62.87 11.29
O3' ADP MA . -9.48 -62.52 12.58
C2' ADP MA . -9.46 -64.25 10.91
O2' ADP MA . -10.12 -64.84 12.03
C1' ADP MA . -10.45 -64.04 9.77
N9 ADP MA . -10.08 -64.90 8.63
C8 ADP MA . -8.87 -64.92 8.04
N7 ADP MA . -8.85 -65.80 7.01
C5 ADP MA . -10.07 -66.35 6.93
C6 ADP MA . -10.72 -67.36 6.07
N6 ADP MA . -10.03 -67.96 5.07
N1 ADP MA . -12.00 -67.66 6.32
C2 ADP MA . -12.68 -67.06 7.31
N3 ADP MA . -12.15 -66.15 8.14
C4 ADP MA . -10.87 -65.76 8.00
MG MG NA . -3.88 -59.43 10.26
AL AF3 OA . -2.52 -56.03 10.77
F1 AF3 OA . -3.86 -55.48 9.82
F2 AF3 OA . -0.88 -56.04 10.05
F3 AF3 OA . -2.87 -56.11 12.46
PB ADP PA . -25.79 -22.25 -45.90
O1B ADP PA . -26.98 -21.37 -46.17
O2B ADP PA . -25.48 -22.45 -44.44
O3B ADP PA . -24.58 -21.96 -46.75
PA ADP PA . -25.40 -24.98 -46.02
O1A ADP PA . -26.22 -25.87 -45.13
O2A ADP PA . -24.06 -24.49 -45.53
O3A ADP PA . -26.27 -23.69 -46.42
O5' ADP PA . -25.14 -25.68 -47.43
C5' ADP PA . -23.79 -26.00 -47.77
C4' ADP PA . -23.72 -26.67 -49.12
O4' ADP PA . -24.13 -28.03 -49.04
C3' ADP PA . -24.62 -26.00 -50.14
O3' ADP PA . -23.83 -25.26 -51.06
C2' ADP PA . -25.31 -27.14 -50.88
O2' ADP PA . -25.00 -27.07 -52.26
C1' ADP PA . -24.72 -28.40 -50.28
N9 ADP PA . -25.76 -29.43 -50.06
C8 ADP PA . -26.95 -29.24 -49.49
N7 ADP PA . -27.67 -30.39 -49.44
C5 ADP PA . -26.92 -31.34 -50.01
C6 ADP PA . -27.08 -32.78 -50.30
N6 ADP PA . -28.21 -33.44 -49.96
N1 ADP PA . -26.05 -33.42 -50.91
C2 ADP PA . -24.93 -32.77 -51.26
N3 ADP PA . -24.73 -31.47 -51.02
C4 ADP PA . -25.67 -30.71 -50.43
MG MG QA . -28.21 -23.16 -46.54
AL AF3 RA . -27.41 -21.17 -43.61
F1 AF3 RA . -28.34 -22.49 -44.21
F2 AF3 RA . -27.46 -19.62 -44.50
F3 AF3 RA . -26.14 -21.64 -42.55
PB ADP SA . 4.12 47.19 -34.16
O1B ADP SA . 4.30 48.68 -34.13
O2B ADP SA . 2.92 46.65 -33.45
O3B ADP SA . 5.39 46.42 -33.89
PA ADP SA . 4.91 46.56 -36.81
O1A ADP SA . 4.18 46.46 -38.12
O2A ADP SA . 5.77 45.40 -36.36
O3A ADP SA . 3.79 46.87 -35.70
O5' ADP SA . 5.84 47.86 -36.90
C5' ADP SA . 7.03 47.94 -36.13
C4' ADP SA . 8.01 48.96 -36.68
O4' ADP SA . 8.44 48.61 -37.99
C3' ADP SA . 7.42 50.35 -36.78
O3' ADP SA . 7.90 51.17 -35.72
C2' ADP SA . 7.92 50.90 -38.10
O2' ADP SA . 8.70 52.06 -37.87
C1' ADP SA . 8.78 49.81 -38.69
N9 ADP SA . 8.50 49.70 -40.15
C8 ADP SA . 7.38 49.19 -40.69
N7 ADP SA . 7.42 49.23 -42.03
C5 ADP SA . 8.60 49.80 -42.38
C6 ADP SA . 9.28 50.14 -43.64
N6 ADP SA . 8.70 49.88 -44.83
N1 ADP SA . 10.49 50.71 -43.55
C2 ADP SA . 11.08 50.96 -42.38
N3 ADP SA . 10.52 50.67 -41.19
C4 ADP SA . 9.30 50.10 -41.13
MG MG TA . 2.39 47.40 -36.99
AL AF3 UA . 2.15 45.33 -34.19
F1 AF3 UA . 1.80 46.01 -35.73
F2 AF3 UA . 0.78 44.71 -33.22
F3 AF3 UA . 3.79 44.84 -34.01
PB ADP VA . -5.69 13.52 -56.47
O1B ADP VA . -6.74 13.66 -57.53
O2B ADP VA . -6.13 13.99 -55.11
O3B ADP VA . -4.31 13.98 -56.87
PA ADP VA . -5.71 10.93 -57.53
O1A ADP VA . -7.17 10.85 -57.91
O2A ADP VA . -4.93 9.69 -57.20
O3A ADP VA . -5.57 11.94 -56.29
O5' ADP VA . -4.92 11.63 -58.75
C5' ADP VA . -3.51 11.56 -58.76
C4' ADP VA . -2.91 11.67 -60.16
O4' ADP VA . -3.05 10.46 -60.89
C3' ADP VA . -3.55 12.75 -61.01
O3' ADP VA . -2.71 13.91 -61.00
C2' ADP VA . -3.61 12.17 -62.41
O2' ADP VA . -2.80 12.96 -63.28
C1' ADP VA . -3.04 10.78 -62.28
N9 ADP VA . -3.84 9.81 -63.06
C8 ADP VA . -5.14 9.55 -62.90
N7 ADP VA . -5.58 8.62 -63.77
C5 ADP VA . -4.53 8.26 -64.53
C6 ADP VA . -4.31 7.31 -65.63
N6 ADP VA . -5.30 6.55 -66.13
N1 ADP VA . -3.05 7.24 -66.16
C2 ADP VA . -2.05 8.00 -65.67
N3 ADP VA . -2.20 8.87 -64.66
C4 ADP VA . -3.39 9.05 -64.06
MG MG WA . -8.54 13.04 -58.21
AL AF3 XA . -8.47 13.12 -54.58
F1 AF3 XA . -8.55 12.56 -56.21
F2 AF3 XA . -9.97 13.77 -53.83
F3 AF3 XA . -7.07 12.63 -53.73
PB ADP YA . 1.24 57.84 4.86
O1B ADP YA . 1.23 58.92 5.90
O2B ADP YA . 2.56 57.14 4.71
O3B ADP YA . 0.06 56.91 4.88
PA ADP YA . 2.30 59.12 2.57
O1A ADP YA . 1.71 59.92 1.44
O2A ADP YA . 3.20 57.95 2.26
O3A ADP YA . 1.06 58.63 3.47
O5' ADP YA . 3.12 60.15 3.50
C5' ADP YA . 4.25 59.68 4.23
C4' ADP YA . 4.99 60.84 4.88
O4' ADP YA . 5.78 61.56 3.94
C3' ADP YA . 4.06 61.86 5.52
O3' ADP YA . 4.08 61.69 6.94
C2' ADP YA . 4.63 63.20 5.16
O2' ADP YA . 4.98 63.90 6.36
C1' ADP YA . 5.88 62.92 4.34
N9 ADP YA . 5.94 63.80 3.17
C8 ADP YA . 5.03 63.87 2.18
N7 ADP YA . 5.40 64.79 1.25
C5 ADP YA . 6.56 65.33 1.64
C6 ADP YA . 7.50 66.35 1.12
N6 ADP YA . 7.25 66.99 -0.04
N1 ADP YA . 8.60 66.61 1.83
C2 ADP YA . 8.86 65.98 2.99
N3 ADP YA . 8.06 65.04 3.52
C4 ADP YA . 6.92 64.68 2.90
MG MG ZA . -0.36 59.77 2.63
AL AF3 AB . -1.00 56.22 2.75
F1 AF3 AB . -0.86 57.95 2.64
F2 AF3 AB . -2.57 55.47 2.31
F3 AF3 AB . 0.50 55.41 2.88
PB ADP BB . -40.90 -40.64 -12.75
O1B ADP BB . -41.30 -39.73 -11.62
O2B ADP BB . -39.81 -40.11 -13.63
O3B ADP BB . -42.04 -41.29 -13.49
PA ADP BB . -40.98 -42.61 -10.80
O1A ADP BB . -42.45 -42.33 -10.99
O2A ADP BB . -40.30 -42.33 -9.49
O3A ADP BB . -40.20 -41.86 -11.99
O5' ADP BB . -40.75 -44.13 -11.22
C5' ADP BB . -41.85 -44.84 -11.75
C4' ADP BB . -41.38 -46.11 -12.40
O4' ADP BB . -41.44 -47.17 -11.45
C3' ADP BB . -42.30 -46.48 -13.53
O3' ADP BB . -41.55 -46.67 -14.73
C2' ADP BB . -42.94 -47.80 -13.15
O2' ADP BB . -42.85 -48.71 -14.25
C1' ADP BB . -42.13 -48.29 -11.97
N9 ADP BB . -43.02 -48.83 -10.93
C8 ADP BB . -44.00 -48.15 -10.28
N7 ADP BB . -44.61 -48.95 -9.37
C5 ADP BB . -44.02 -50.15 -9.43
C6 ADP BB . -44.18 -51.45 -8.74
N6 ADP BB . -45.12 -51.63 -7.78
N1 ADP BB . -43.36 -52.45 -9.10
C2 ADP BB . -42.42 -52.29 -10.05
N3 ADP BB . -42.22 -51.14 -10.72
C4 ADP BB . -42.98 -50.06 -10.45
MG MG CB . -43.17 -40.79 -11.93
AL AF3 DB . -42.34 -37.58 -11.36
F1 AF3 DB . -43.20 -39.05 -11.07
F2 AF3 DB . -43.23 -36.03 -11.30
F3 AF3 DB . -40.64 -37.78 -11.42
PB ADP EB . -12.45 39.97 38.63
O1B ADP EB . -12.86 40.05 40.08
O2B ADP EB . -13.47 39.33 37.72
O3B ADP EB . -11.04 39.48 38.42
PA ADP EB . -11.15 42.46 38.28
O1A ADP EB . -11.57 43.80 37.74
O2A ADP EB . -9.93 41.79 37.69
O3A ADP EB . -12.42 41.49 38.14
O5' ADP EB . -10.90 42.65 39.86
C5' ADP EB . -10.12 41.70 40.59
C4' ADP EB . -9.66 42.30 41.91
O4' ADP EB . -8.87 43.47 41.72
C3' ADP EB . -10.83 42.72 42.80
O3' ADP EB . -10.94 41.81 43.88
C2' ADP EB . -10.45 44.08 43.34
O2' ADP EB . -10.46 44.05 44.77
C1' ADP EB . -9.03 44.32 42.84
N9 ADP EB . -8.84 45.74 42.48
C8 ADP EB . -9.50 46.41 41.52
N7 ADP EB . -9.08 47.70 41.46
C5 ADP EB . -8.15 47.86 42.40
C6 ADP EB . -7.29 48.97 42.86
N6 ADP EB . -7.37 50.20 42.31
N1 ADP EB . -6.43 48.73 43.87
C2 ADP EB . -6.34 47.52 44.44
N3 ADP EB . -7.08 46.46 44.06
C4 ADP EB . -7.99 46.57 43.07
MG MG FB . -13.75 42.92 37.95
AL AF3 GB . -13.29 39.97 36.17
F1 AF3 GB . -13.99 41.45 36.73
F2 AF3 GB . -14.27 38.89 35.13
F3 AF3 GB . -11.59 39.90 36.34
PB ADP HB . -32.30 4.60 48.99
O1B ADP HB . -32.42 5.87 48.19
O2B ADP HB . -32.16 3.36 48.15
O3B ADP HB . -33.28 4.48 50.12
PA ADP HB . -30.59 6.03 50.62
O1A ADP HB . -31.85 6.84 50.68
O2A ADP HB . -29.28 6.64 50.20
O3A ADP HB . -30.89 4.73 49.73
O5' ADP HB . -30.41 5.37 52.07
C5' ADP HB . -31.47 5.52 53.01
C4' ADP HB . -31.08 4.88 54.32
O4' ADP HB . -30.29 5.79 55.09
C3' ADP HB . -32.31 4.56 55.15
O3' ADP HB . -32.36 3.14 55.37
C2' ADP HB . -32.12 5.25 56.47
O2' ADP HB . -32.32 4.33 57.55
C1' ADP HB . -30.68 5.74 56.45
N9 ADP HB . -30.57 7.07 57.08
C8 ADP HB . -31.06 8.21 56.57
N7 ADP HB . -30.79 9.25 57.41
C5 ADP HB . -30.13 8.76 58.46
C6 ADP HB . -29.55 9.32 59.70
N6 ADP HB . -29.64 10.64 59.99
N1 ADP HB . -28.93 8.47 60.55
C2 ADP HB . -28.84 7.15 60.27
N3 ADP HB . -29.35 6.59 59.17
C4 ADP HB . -29.99 7.32 58.24
MG MG IB . -33.48 6.82 49.61
AL AF3 JB . -32.82 5.99 45.83
F1 AF3 JB . -33.75 4.60 46.27
F2 AF3 JB . -31.21 6.20 46.56
F3 AF3 JB . -33.76 7.23 45.11
PB ADP KB . -44.57 -29.64 26.17
O1B ADP KB . -44.37 -28.21 26.59
O2B ADP KB . -43.84 -30.01 24.90
O3B ADP KB . -45.98 -30.14 26.27
PA ADP KB . -44.20 -30.22 28.84
O1A ADP KB . -45.48 -29.44 28.90
O2A ADP KB . -42.98 -29.76 29.60
O3A ADP KB . -43.80 -30.47 27.31
O5' ADP KB . -44.52 -31.73 29.27
C5' ADP KB . -44.97 -32.01 30.58
C4' ADP KB . -45.08 -33.50 30.75
O4' ADP KB . -44.88 -33.82 32.11
C3' ADP KB . -46.46 -33.98 30.36
O3' ADP KB . -46.34 -35.01 29.37
C2' ADP KB . -47.07 -34.56 31.61
O2' ADP KB . -47.51 -35.90 31.35
C1' ADP KB . -45.96 -34.56 32.64
N9 ADP KB . -46.40 -33.89 33.88
C8 ADP KB . -46.93 -32.66 33.95
N7 ADP KB . -47.22 -32.34 35.23
C5 ADP KB . -46.89 -33.39 36.00
C6 ADP KB . -46.93 -33.72 37.44
N6 ADP KB . -47.41 -32.84 38.34
N1 ADP KB . -46.47 -34.93 37.82
C2 ADP KB . -45.98 -35.81 36.93
N3 ADP KB . -45.91 -35.58 35.62
C4 ADP KB . -46.34 -34.41 35.10
MG MG LB . -46.74 -28.50 27.66
AL AF3 MB . -45.23 -26.35 25.29
F1 AF3 MB . -46.06 -26.95 26.68
F2 AF3 MB . -45.97 -24.99 24.36
F3 AF3 MB . -43.60 -26.86 25.19
#